data_5N61
#
_entry.id   5N61
#
_cell.length_a   1.0
_cell.length_b   1.0
_cell.length_c   1.0
_cell.angle_alpha   90.0
_cell.angle_beta   90.0
_cell.angle_gamma   90.0
#
_symmetry.space_group_name_H-M   'P 1'
#
loop_
_entity.id
_entity.type
_entity.pdbx_description
1 polymer 'DNA-directed RNA polymerase I subunit RPA190'
2 polymer 'DNA-directed RNA polymerase I subunit RPA135'
3 polymer 'DNA-directed RNA polymerases I and III subunit RPAC1'
4 polymer 'DNA-directed RNA polymerase I subunit RPA14'
5 polymer 'DNA-directed RNA polymerases I, II, and III subunit RPABC1'
6 polymer 'DNA-directed RNA polymerases I, II, and III subunit RPABC2'
7 polymer 'DNA-directed RNA polymerase I subunit RPA43'
8 polymer 'DNA-directed RNA polymerases I, II, and III subunit RPABC3'
9 polymer 'DNA-directed RNA polymerase I subunit RPA12'
10 polymer 'DNA-directed RNA polymerases I, II, and III subunit RPABC5'
11 polymer 'DNA-directed RNA polymerases I and III subunit RPAC2'
12 polymer 'DNA-directed RNA polymerases I, II, and III subunit RPABC4'
13 polymer 'DNA-directed RNA polymerase I subunit RPA49'
14 polymer 'DNA-directed RNA polymerase I subunit RPA34'
15 polymer 'RNA polymerase I-specific transcription initiation factor RRN3'
16 polymer 'RNA polymerase I-specific transcription initiation factor RRN6'
17 polymer 'RNA polymerase I-specific transcription initiation factor RRN7'
18 polymer 'RNA polymerase I-specific transcription initiation factor RRN11'
19 polymer 'product RNA'
20 polymer 'template DNA'
21 polymer 'non-template DNA'
22 non-polymer 'ZINC ION'
23 non-polymer 'MAGNESIUM ION'
24 non-polymer 'SULFATE ION'
#
loop_
_entity_poly.entity_id
_entity_poly.type
_entity_poly.pdbx_seq_one_letter_code
_entity_poly.pdbx_strand_id
1 'polypeptide(L)'
;MDISKPVGSEITSVDFGILTAKEIRNLSAKQITNPTVLDNLGHPVSGGLYDLALGAFLRNLCSTCGLDEKFCPGHQGHIE
LPVPCYNPLFFNQLYIYLRASCLFCHHFRLKSVEVHRYACKLRLLQYGLIDESYKLDEITLGSLNSSMYTDDEAIEDNED
EMDGEGSKQSKDISSTLLNELKSKRSEYVDMAIAKALSDGRTTERGSFTATVNDERKKLVHEFHKKLLSRGKCDNCGMFS
PKFRKDGFTKIFETALNEKQITNNRVKGFIRQDMIKKQKQAKKLDGSNEASANDEESFDVGRNPTTRPKTGSTYILSTEV
KNILDTVFRKEQCVLQYVFHSRPNLSRKLVKADSFFMDVLVVPPTRFRLPSKLGEEVHENSQNQLLSKVLTTSLLIRDLN
DDLSKLQKDKVSLEDRRVIFSRLMNAFVTIQNDVNAFIDSTKAQGRTSGKVPIPGVKQALEKKEGLFRKHMMGKRVNYAA
RSVISPDPNIETNEIGVPPVFAVKLTYPEPVTAYNIAELRQAVINGPDKWPGATQIQNEDGSLVSLIGMSVEQRKALANQ
LLTPSSNVSTHTLNKKVYRHIKNRDVVLMNRQPTLHKASMMGHKVRVLPNEKTLRLHYANTGAYNADFDGDEMNMHFPQN
ENARAEALNLANTDSQYLTPTSGSPVRGLIQDHISAGVWLTSKDSFFTREQYQQYIYGCIRPEDGHTTRSKIVTLPPTIF
KPYPLWTGKQIITTVLLNVTPPDMPGINLISKNKIKNEYWGKGSLENEVLFKDGALLCGILDKSQYGASKYGIVHSLHEV
YGPEVAAKVLSVLGRLFTNYITATAFTCGMDDLRLTAEGNKWRTDILKTSVDTGREAAAEVTNLDKDTPADDPELLKRLQ
EILRDNNKSGILDAVTSSKVNAITSQVVSKCVPDGTMKKFPCNSMQAMALSGAKGSNVNVSQIMCLLGQQALEGRRVPVM
VSGKTLPSFKPYETDAMAGGYVKGRFYSGIKPQEYYFHCMAGREGLIDTAVKTSRSGYLQRCLTKQLEGVHVSYDNSIRD
ADGTLVQFMYGGDAIDITKESHMTQFEFCLDNYYALLKKYNPSALIEHLDVESALKYSKKTLKYRKKHSKEPHYKQSVKY
DPVLAKYNPAKYLGSVSENFQDKLESFLDKNSKLFKSSDGVNEKKFRALMQLKYMRSLINPGEAVGIIASQSVGEPSTQM
TLNTFHFAGHGAANVTLGIPRLREIVMTASAAIKTPQMTLPIWNDVSDEQADTFCKSISKVLLSEVIDKVIVTETTGTSN
TAGGNAARSYVIHMRFFDNNEYSEEYDVSKEELQNVISNQFIHLLEAAIVKEIKKQKRTTGPDIGVAVPRLQTDVANSSS
NSKRLEEDNDEEQSHKKTKQAVSYDEPDEDEIETMREAEKSSDEEGIDSDKESDSDSEDEDVDMNEQINKSIVEANNNMN
KVQRDRQSAIISHHRFITKYNFDDESGKWCEFKLELAADTEKLLMVNIVEEICRKSIIRQIPHIDRCVHPEPENGKRVLV
TEGVNFQAMWDQEAFIDVDGITSNDVAAVLKTYGVEAARNTIVNEINNVFSRYAISVSFRHLDLIADMMTRQGTYLAFNR
QGMETSTSSFMKMSYETTCQFLTKAVLDNEREQLDSPSARIVVGKLNNVGTGSFDVLAKVPNAA
;
A
2 'polypeptide(L)'
;MSKVIKPPGQARTADFRTLERESRFINPPKDKSAFPLLQEAVQPHIGSFNALTEGPDGGLLNLGVKDIGEKVIFDGKPLN
SEDEISNSGYLGNKLSVSVEQVSIAKPMSNDGVSSAVERKVYPSESRQRLTSYRGKLLLKLKWSVNNGEENLFEVRDCGG
LPVMLQSNRCHLNKMSPYELVQHKEESDEIGGYFIVNGIEKLIRMLIVQRRNHPMAIIRPSFANRGASYSHYGIQIRSVR
PDQTSQTNVLHYLNDGQVTFRFSWRKNEYLVPVVMILKALCHTSDREIFDGIIGNDVKDSFLTDRLELLLRGFKKRYPHL
QNRTQVLQYLGDKFRVVFQASPDQSDLEVGQEVLDRIVLVHLGKDGSQDKFRMLLFMIRKLYSLVAGECSPDNPDATQHQ
EVLLGGFLYGMILKEKIDEYLQNIIAQVRMDINRGMAINFKDKRYMSRVLMRVNENIGSKMQYFLSTGNLVSQSGLDLQQ
VSGYTVVAEKINFYRFISHFRMVHRGSFFAQLKTTTVRKLLPESWGFLCPVHTPDGSPCGLLNHFAHKCRISTQQSDVSR
IPSILYSLGVAPASHTFAAGPSLCCVQIDGKIIGWVSHEQGKIIADTLRYWKVEGKTPGLPIDLEIGYVPPSTRGQYPGL
YLFGGHSRMLRPVRYLPLDKEDIVGPFEQVYMNIAVTPQEIQNNVHTHVEFTPTNILSILANLTPFSDFNQSPRNMYQCQ
MGKQTMGTPGVALCHRSDNKLYRLQTGQTPIVKANLYDDYGMDNFPNGFNAVVAVISYTGYDMDDAMIINKSADERGFGY
GTMYKTEKVDLALNRNRGDPITQHFGFGNDEWPKEWLEKLDEDGLPYIGTYVEEGDPICAYFDDTLNKTKIKTYHSSEPA
YIEEVNLIGDESNKFQELQTVSIKYRIRRTPQIGDKFSSRHGQKGVCSRKWPTIDMPFSETGIQPDIIINPHAFPSRMTI
GMFVESLAGKAGALHGIAQDSTPWIFNEDDTPADYFGEQLAKAGYNYHGNEPMYSGATGEELRADIYVGVVYYQRLRHMV
NDKFQVRSTGPVNSLTMQPVKGRKRHGGIRVGEMERDALIGHGTSFLLQDRLLNSSDYTQASVCRECGSILTTQQSVPRI
GSISTVCCRRCSMRFEDAKKLLTKSEDGEKIFIDDSQIWEDGQGNKFVGGNETTTVAIPFVLKYLDSELSAMGIRLRYNV
EPK
;
B
3 'polypeptide(L)'
;MSNIVGIEYNRVTNTTSTDFPGFSKDAENEWNVEKFKKDFEVNISSLDAREANFDLINIDTSIANAFRRIMISEVPSVAA
EYVYFFNNTSVIQDEVLAHRIGLVPLKVDPDMLTWVDSNLPDDEKFTDENTIVLSLNVKCTRNPDAPKGSTDPKELYNNA
HVYARDLKFEPQGRQSTTFADCPVVPADPDILLAKLRPGQEISLKAHCILGIGGDHAKFSPVSTASYRLLPQINILQPIK
GESARRFQKCFPPGVIGIDEGSDEAYVKDARKDTVSREVLRYEEFADKVKLGRVRNHFIFNVESAGAMTPEEIFFKSVRI
LKNKAEYLKNCPITQ
;
C
4 'polypeptide(L)'
;MMKGSRRTGNNTATTLNTPVVIHATQLPQHVSTDEVLQFLESFIDEKENIIDSTTMNTISGNAADADAAAVANTSLNIDT
NLSSSISQLKRIQRDFKGLPPAQDFSAAPIQVSTTEKKETSIGVSATGGKKTTFADE
;
D
5 'polypeptide(L)'
;MDQENERNISRLWRAFRTVKEMVKDRGYFITQEEVELPLEDFKAKYCDSMGRPQRKMMSFQANPTEESISKFPDMGSLWV
EFCDEPSVGVKTMKTFVIHIQEKNFQTGIFVYQNNITPSAMKLVPSIPPATIETFNEAALVVNITHHELVPKHIRLSSDE
KRELLKRYRLKESQLPRIQRADPVALYLGLKRGEVVKIIRKSETSGRYASYRICM
;
E
6 'polypeptide(L)'
;MSDYEEAFNDGNENFEDFDVEHFSDEETYEEKPQFKDGETTDANGKTIVTGGNGPEDFQQHEQIRRKTLKEKAIPKDQRA
TTPYMTKYERARILGTRALQISMNAPVFVDLEGETDPLRIAMKELAEKKIPLVIRRYLPDGSFEDWSVEELIVDL
;
F
7 'polypeptide(L)'
;MSQVKRANENRETARFIKKHKKQVTNPIDEKNGTSNCIVRVPIALYVSLAPMYLENPLQGVMKQHLNPLVMKYNNKVGGV
VLGYEGLKILDADPLSKEDTSEKLIKITPDTPFGFTWCHVNLYVWQPQVGDVLEGYIFIQSASHIGLLIHDAFNASIKKN
NIPVDWTFVHNDVEEDADVINTDENNGNNNNEDNKDSNGGSNSLGKFSFGNRSLGHWVDSNGEPIDGKLRFTVRNVHTTG
RVVSVDGTLISDADEEGNGYNSSRSQAESLPIVSNKKIVFDDEVSIENKESHKELDLPEVKEDNGSEIVYEENTSESNDG
ESSDSD
;
G
8 'polypeptide(L)'
;MSNTLFDDIFQVSEVDPGRYNKVCRIEAASTTQDQCKLTLDINVELFPVAAQDSLTVTIASSLNLEDTPANDSSATRSWR
PPQAGDRSLADDYDYVMYGTAYKFEEVSKDLIAVYYSFGGLLMRLEGNYRNLNNLKQENAYLLIRR
;
H
9 'polypeptide(L)'
;MSVVGSLIFCLDCGDLLENPNAVLGSNVECSQCKAIYPKSQFSNLKVVTTTADDAFPSSLRAKKSVVKTSLKKNELKDGA
TIKEKCPQCGNEEMNYHTLQLRSADEGATVFYTCTSCGYKFRTNN
;
I
10 'polypeptide(L)' MIVPVRCFSCGKVVGDKWESYLNLLQEDELDEGTALSRLGLKRYCCRRMILTHVDLIEKFLRYNPLEKRD J
11 'polypeptide(L)'
;MTEDIEQKKTATEVTPQEPKHIQEEEEQDVDMTGDEEQEEEPDREKIKLLTQATSEDGTSASFQIVEEDHTLGNALRYVI
MKNPDVEFCGYSIPHPSENLLNIRIQTYGETTAVDALQKGLKDLMDLCDVVESKFTEKIKSM
;
K
12 'polypeptide(L)' MSREGFQIPTNLDAAAAGTSQARTATLKYICAECSSKLSLSRTDAVRCKDCGHRILLKARTKRLVQFEAR L
13 'polypeptide(L)'
;MSVKRSVSEIEIESVQDQPSVAVGSFFKGFRAPSDTTFDLYKKKKSEKDEFVLHGENERLEYEGYTDSSSQASNQYVVGL
FNPEKKSIQLYKAPVLVSKVVSKSSKNLRGPKIKSKSDTRPSALRNALGEAFGTKKAKKAIADLERNRIDSDKLTDSAID
IVDSVRTASKDLPTRAQLDEITSNDRPTPLANIDATDVEQIYPIESIIPKKELQFIRVSSILKEADKEKKLELFPYQNNS
KYVAKKLDSLTQPSQMTKLQLLYYLSLLLGVYENRRVNNKTKLLERLNSPPEILVDGILSRFTVIKPGQFGRSKDRSYFI
DPQNEDKILCYILAIIMHLDNFIVEITPLAHELNLKPSKVVSLFRVLGAIVKGATVAQAEAFGIPKSTAASYKIATMKVP
FKLPEMTRRGRGPRR
;
M
14 'polypeptide(L)'
;MSKLSKDYVSDSDSDDEVISNEFSIPDGFKKCKHLKNFPLNGDNKKKAKQQQVWLIKFPSNVDISKLKSLPVDFESSTTM
TIDKHDYKIMDDTDIESSLTQDNLSNMTLLVPSESKESLKIASTAKDNAPLQFDKVFSVSETAKIPAIDYSKVRVPRKDV
PKVEGLKLEHFATGYDAEDFHVAEEVKENKKEPKKRSHHDDEEESSEKKKKKKEKREKREKKDKKDKKKKHRD
;
N
15 'polypeptide(L)'
;MMAFENTSKRPPQDFVAPIDQKKRKVQFSDSTGLVTLQPEEIKDEVFSAAMYSRFVKSALDDLDKNDSTQIGIIANQVAL
PSKNPERINDKNLNILLDILSSNINRIESSRGTFLIQSIINFEKWWELPPHTLSKYIYFIKILCSSIPKWWQDVSMILVS
CFILPIKQTVCHHDMLKYFLRMIPSSMGFIDTYLAKFFPNKNDTRRKLVNYTSNLLKLRGYCSELGFQIWSLLIEKIISI
DVELQNELDELDDDVDDDDLEEVDLEDDDDLDDDSGDDDDENCGNSNEELRSGAADGSQSDSEDMDIIEGMDGTEEYNVE
LTQGIKELSTKLDSILTLVSTHVEEQVTPESLESGEGVGVFNTLTTLFKTHVLPTYYTRSIQYIMFHVSQQQLELMDSFL
VTLIDISFAVNEAAEKKIKSLQYLGSYIARAKKLSRTQIIFVASYLTSWLNRYVIEREEEVDQRGGMERFKHFYAAFQAL
CYIFCFRHNIFRDTDGNWECELDKFFQRMVISKFNPLKFCNENVMLMFARIAQQESVAYCFSIIENNNNERLRGIIGKAD
SDKKENSAQANTTSSSWSLATRQQFIDLQSYFPYDPLFLKNYKILMKEYYIEWSEASGEYESDGSDD
;
O
16 'polypeptide(L)'
;MSEGQIPSSDVLGSQLGVGVQGASLYCPQENYTTKKQEKPQWLRPVDDTLAEDALDLHIVVKSLLCDTAIRYISDDKVLQ
ESDADDDLITSDIDEDTDNQGDTSIVVNPVIPVVPKDVHFFKKVDVGNDSMFGVNCDTPVSFQDYIPSDLLRNLDDTLQE
STNSSRPMQDAFFWDPTVANRLDSQYIQTASDLRNYRDGTEIIAYASGKTGSVLNIAVLTRQNTLHLNRHNNVTSIELHS
PIKSIKIPGASESIGRRSNLVGIITENSFQIFRIESVHSRSCDVMVSSSEPLYFVEIDDLQVVDFAFNPWDLQQFAIIDI
KGNWSIGRIPKNFNNNNKRKLQLIDNLHGTIFDPEELSSWKRIEWFSHFQKILVFDRSKMIEIDFMNNWQTEVVQAKAWS
NIRDYKRIDDKNGILLTSREIIIVGASESNDPVRRISWKHDLDPDDTTLRITVQKVKKPDHILLVAFVYSMRHKRIYMHV
FSHRKANLFQSLGCSTVLEIPGGTPTGIETILTLDHIDDESRREEDADENFELVVDFLVKLRNSSEVYYYALSNTQNSEP
NKQETPIIVDHPEWASLFNNADEREKESIGALVSQIKLKERERISRVQNLIEHENSHDEDKYLQDLGYRLSIATNELLES
WQKTKDESILSGSLSHSKLKNLLENSDSFASIPEFSSLLDQFFQYYQDQDVTFIGFEKLLHLFLHEDVPGLDIFYNKLLQ
CWVLVSPQAELLTKEIVKDIIWSLARLEKPSLFEPIQNEISRSLSGPYQDIISSWDMDDINEEDESNEFNFDSQFSAPFN
GRPPFNLNSQSQIPTIKSSQSSGLARRKRILKTQSQKATPLSQSTQNLSVLPDSMTPAFTLMQPPSSQISFVNDSQPRNS
QKAKKKKKRIRGFG
;
P
17 'polypeptide(L)'
;MSTFIRGPICGTDNCPSRLWRIIDGRRTCQYGHVMEGDVEFNDDEDDLNGLGAGVITRRLNLTTNATGSFQSSQLTNSQL
LQQQQRQSHKKFKKLIGHEAKLLFLKSFQFILKRQIRWLITEMRFPKEFEHVAKIIWLKILKTINDQPQEELKLQLHMTS
TISILYLASTHLSLPVYTCDYIKWICTAKMPYFQASEILPKSWRIQLPNYYVSILEGSISPFNGQLYNKIALTCGMIHFK
EFFNSEISCQGLLLKLVMQCALPPEFYFYTKQVIEFEETDIRNLTLWERTDERHTGRVSNHAELRVLSYFMLTINWMLSF
DRDRQYPLKWILSLTESLTQRTTTSESIGRNIVKVVYPDKPTSSDYFQWSEEETLEFLKWMEKQFLPTQTKSLHNENGSM
EMTIDQKIARRKLYKIFPLDREANHDGEFNDSTHQLTFIEDLQERYAKQTPFFESNKIRDSLNYQEANPPARKEAIGRLL
THIASQLLVDFAISKEQLKDCISRIKNACLHRMN
;
Q
18 'polypeptide(L)'
;MFEVPITLTNRKFAQRRKLKYQYINYISRRFDRISKKSTTTDSLPTPENSAAENNDEEEGQNSEAGTYRRSVLQQKKRRR
ERHWRSVVGEIYSTTESETDSQEEETEEGGEHDTGIDKEDSDEERKFWKKYEKPEKSFEIWRTVSSQNKQPINKQKMTYH
NFKKIEKIPLRKMEIPLLHCTKENKLYFQSISRGLEPLKTSTSEVRNYRTRHIVTLTDLLHLNVSRHNWSLAYKIFATLI
RIPGVQIKSLWGIGVEILDNLSNSSSGLDFLQWMCQIYSSKSRFVQNINYRSIVPPFQTGSRTHTAKFAITYLWSSLINC
QKSMEPSSNIIDKPFDTENDLLQELIDKISEWVLTPPFMEDAEVWFIYASCHLLKADTLSRQFVNDNKNNDLIGLDRDIK
INQVIKHIHYVRTFLKICLDKGGFAVPSRLIENQLKSFESRLYGEAQDIQERDVANVYDSIDNSSVENSFGDVYETNAEF
LDTQLMDLSPEDNGLDEMHYSDEDSSE
;
R
19 'polyribonucleotide' CGCGA S
20 'polydeoxyribonucleotide'
;(DT)(DT)(DG)(DT)(DC)(DT)(DT)(DC)(DA)(DA)(DC)(DT)(DG)(DC)(DT)(DT)(DT)(DC)(DG)(DC)
(DG)(DN)(DN)(DN)(DN)(DN)(DA)(DT)(DG)(DC)(DA)(DT)(DG)(DC)(DA)(DT)(DG)(DC)(DA)(DT)
(DG)(DC)(DA)(DT)(DG)(DC)(DA)
;
T
21 'polydeoxyribonucleotide'
;(DT)(DG)(DC)(DA)(DT)(DG)(DC)(DA)(DT)(DG)(DC)(DA)(DT)(DG)(DC)(DA)(DT)(DG)(DC)(DA)
(DT)(DN)(DN)(DN)(DN)(DN)(DN)(DN)(DN)(DN)(DN)(DN)(DN)(DN)(DC)(DA)(DG)(DT)(DT)(DG)
(DA)(DA)(DG)(DA)(DC)(DA)(DA)
;
U
#
# COMPACT_ATOMS: atom_id res chain seq x y z
N MET A 1 2.81 16.34 32.52
CA MET A 1 4.24 16.47 32.34
C MET A 1 4.67 17.84 32.79
N ASP A 2 3.67 18.71 32.92
CA ASP A 2 3.91 20.08 33.32
C ASP A 2 4.51 20.14 34.71
N ILE A 3 5.50 21.01 34.89
CA ILE A 3 6.12 21.19 36.18
C ILE A 3 5.20 21.86 37.18
N SER A 4 4.09 22.44 36.73
CA SER A 4 3.20 23.15 37.63
C SER A 4 2.24 22.22 38.35
N LYS A 5 2.28 20.93 38.08
CA LYS A 5 1.41 19.96 38.74
C LYS A 5 2.30 18.96 39.44
N PRO A 6 2.92 19.35 40.55
CA PRO A 6 3.83 18.44 41.24
C PRO A 6 3.09 17.24 41.78
N VAL A 7 3.72 16.09 41.67
CA VAL A 7 3.16 14.83 42.15
C VAL A 7 3.87 14.49 43.45
N GLY A 8 3.13 14.61 44.55
CA GLY A 8 3.75 14.42 45.85
C GLY A 8 4.18 13.00 46.13
N SER A 9 3.23 12.08 46.05
CA SER A 9 3.55 10.71 46.39
C SER A 9 4.30 10.05 45.26
N GLU A 10 5.12 9.06 45.62
CA GLU A 10 5.89 8.34 44.61
C GLU A 10 5.86 6.87 44.94
N ILE A 11 6.09 6.05 43.92
CA ILE A 11 6.06 4.60 44.05
C ILE A 11 7.45 4.15 44.44
N THR A 12 7.58 3.59 45.64
CA THR A 12 8.87 3.09 46.08
C THR A 12 9.16 1.72 45.47
N SER A 13 8.20 0.81 45.54
CA SER A 13 8.43 -0.56 45.14
C SER A 13 7.11 -1.20 44.75
N VAL A 14 7.20 -2.29 44.00
CA VAL A 14 6.04 -3.00 43.52
C VAL A 14 6.06 -4.42 44.04
N ASP A 15 4.91 -4.87 44.50
CA ASP A 15 4.75 -6.21 45.02
C ASP A 15 3.94 -7.05 44.05
N PHE A 16 4.31 -8.30 43.91
CA PHE A 16 3.58 -9.24 43.07
C PHE A 16 2.69 -10.13 43.92
N GLY A 17 1.43 -10.17 43.56
CA GLY A 17 0.47 -11.02 44.25
C GLY A 17 -0.59 -11.48 43.29
N ILE A 18 -1.41 -12.37 43.76
CA ILE A 18 -2.48 -12.92 42.94
C ILE A 18 -3.81 -12.38 43.46
N LEU A 19 -4.68 -12.02 42.54
CA LEU A 19 -6.02 -11.59 42.91
C LEU A 19 -6.80 -12.80 43.42
N THR A 20 -7.35 -12.68 44.63
CA THR A 20 -8.22 -13.72 45.12
C THR A 20 -9.67 -13.36 44.81
N ALA A 21 -10.43 -14.37 44.39
CA ALA A 21 -11.82 -14.14 44.01
C ALA A 21 -12.58 -13.31 45.02
N LYS A 22 -12.38 -13.56 46.32
CA LYS A 22 -13.01 -12.74 47.34
C LYS A 22 -12.71 -11.26 47.13
N GLU A 23 -11.44 -10.93 46.91
CA GLU A 23 -11.10 -9.60 46.46
C GLU A 23 -11.83 -9.27 45.17
N ILE A 24 -11.71 -10.14 44.19
CA ILE A 24 -12.16 -9.83 42.84
C ILE A 24 -13.62 -9.42 42.84
N ARG A 25 -14.44 -10.13 43.60
CA ARG A 25 -15.84 -9.74 43.71
C ARG A 25 -15.99 -8.38 44.38
N ASN A 26 -15.32 -8.15 45.50
CA ASN A 26 -15.40 -6.86 46.16
C ASN A 26 -14.94 -5.73 45.26
N LEU A 27 -13.91 -5.97 44.44
CA LEU A 27 -13.34 -4.91 43.64
C LEU A 27 -13.92 -4.84 42.24
N SER A 28 -14.89 -5.69 41.92
CA SER A 28 -15.47 -5.65 40.59
C SER A 28 -16.65 -4.70 40.56
N ALA A 29 -16.58 -3.74 39.65
CA ALA A 29 -17.67 -2.81 39.47
C ALA A 29 -18.93 -3.45 38.93
N LYS A 30 -18.80 -4.59 38.25
CA LYS A 30 -19.96 -5.24 37.67
C LYS A 30 -19.65 -6.70 37.42
N GLN A 31 -20.69 -7.49 37.29
CA GLN A 31 -20.59 -8.84 36.76
C GLN A 31 -21.06 -8.84 35.31
N ILE A 32 -20.36 -9.60 34.48
CA ILE A 32 -20.76 -9.74 33.09
C ILE A 32 -21.25 -11.17 32.93
N THR A 33 -22.57 -11.33 32.84
CA THR A 33 -23.16 -12.63 32.60
C THR A 33 -23.61 -12.84 31.15
N ASN A 34 -23.52 -11.82 30.32
CA ASN A 34 -24.24 -11.86 29.05
C ASN A 34 -23.28 -11.85 27.88
N PRO A 35 -23.25 -12.92 27.07
CA PRO A 35 -22.43 -12.89 25.86
C PRO A 35 -22.83 -11.84 24.86
N THR A 36 -24.03 -11.28 25.00
CA THR A 36 -24.50 -10.29 24.03
C THR A 36 -23.65 -9.04 24.13
N VAL A 37 -23.42 -8.39 22.99
CA VAL A 37 -22.52 -7.25 22.93
C VAL A 37 -23.33 -5.96 22.82
N LEU A 38 -23.91 -5.73 21.64
CA LEU A 38 -24.63 -4.49 21.39
C LEU A 38 -26.06 -4.80 20.97
N ASP A 39 -26.97 -3.92 21.35
CA ASP A 39 -28.32 -4.02 20.85
C ASP A 39 -28.37 -3.58 19.39
N ASN A 40 -29.57 -3.58 18.83
CA ASN A 40 -29.73 -3.06 17.49
C ASN A 40 -29.50 -1.57 17.43
N LEU A 41 -29.87 -0.84 18.48
CA LEU A 41 -29.67 0.59 18.57
C LEU A 41 -28.20 0.96 18.73
N GLY A 42 -27.32 0.00 18.95
CA GLY A 42 -25.94 0.26 19.22
C GLY A 42 -25.63 0.51 20.68
N HIS A 43 -26.64 0.72 21.52
CA HIS A 43 -26.40 0.91 22.93
C HIS A 43 -25.74 -0.35 23.51
N PRO A 44 -24.85 -0.17 24.48
CA PRO A 44 -24.20 -1.34 25.10
C PRO A 44 -25.25 -2.20 25.79
N VAL A 45 -25.16 -3.50 25.58
CA VAL A 45 -26.07 -4.43 26.23
C VAL A 45 -25.68 -4.53 27.70
N SER A 46 -26.62 -4.19 28.58
CA SER A 46 -26.36 -4.34 30.00
C SER A 46 -26.03 -5.80 30.30
N GLY A 47 -25.09 -6.01 31.21
CA GLY A 47 -24.57 -7.34 31.44
C GLY A 47 -23.67 -7.85 30.34
N GLY A 48 -23.52 -7.10 29.25
CA GLY A 48 -22.61 -7.44 28.19
C GLY A 48 -21.25 -6.80 28.40
N LEU A 49 -20.31 -7.20 27.54
CA LEU A 49 -18.91 -6.79 27.72
C LEU A 49 -18.76 -5.27 27.72
N TYR A 50 -19.62 -4.57 27.01
CA TYR A 50 -19.56 -3.13 26.91
C TYR A 50 -20.44 -2.42 27.93
N ASP A 51 -21.00 -3.15 28.88
CA ASP A 51 -21.86 -2.54 29.87
C ASP A 51 -21.20 -1.30 30.46
N LEU A 52 -21.97 -0.22 30.53
CA LEU A 52 -21.42 1.06 30.95
C LEU A 52 -20.94 1.05 32.38
N ALA A 53 -21.20 -0.02 33.12
CA ALA A 53 -20.62 -0.14 34.45
C ALA A 53 -19.11 -0.30 34.40
N LEU A 54 -18.57 -0.70 33.25
CA LEU A 54 -17.13 -0.84 33.13
C LEU A 54 -16.48 0.48 32.76
N GLY A 55 -17.27 1.48 32.47
CA GLY A 55 -16.75 2.78 32.11
C GLY A 55 -17.69 3.45 31.15
N ALA A 56 -17.37 4.68 30.79
CA ALA A 56 -18.15 5.32 29.75
C ALA A 56 -17.85 4.68 28.40
N PHE A 57 -18.78 4.82 27.48
CA PHE A 57 -18.60 4.26 26.15
C PHE A 57 -19.36 5.10 25.16
N LEU A 58 -18.77 5.35 23.99
CA LEU A 58 -19.32 6.26 22.99
C LEU A 58 -19.69 7.56 23.69
N ARG A 59 -20.85 8.13 23.43
CA ARG A 59 -21.33 9.26 24.19
C ARG A 59 -21.99 8.84 25.49
N ASN A 60 -22.31 7.56 25.63
CA ASN A 60 -22.94 7.08 26.84
C ASN A 60 -22.03 7.29 28.03
N LEU A 61 -22.55 7.95 29.05
CA LEU A 61 -21.75 8.23 30.22
C LEU A 61 -21.47 6.95 31.00
N CYS A 62 -20.39 6.99 31.78
CA CYS A 62 -20.04 5.87 32.64
C CYS A 62 -21.17 5.61 33.62
N SER A 63 -21.47 4.33 33.84
CA SER A 63 -22.36 4.00 34.94
C SER A 63 -21.63 4.16 36.25
N THR A 64 -20.61 3.34 36.46
CA THR A 64 -19.82 3.36 37.68
C THR A 64 -19.23 4.73 37.99
N CYS A 65 -18.25 5.15 37.21
CA CYS A 65 -17.60 6.42 37.49
C CYS A 65 -18.54 7.59 37.28
N GLY A 66 -19.51 7.44 36.38
CA GLY A 66 -20.44 8.50 36.06
C GLY A 66 -19.88 9.53 35.11
N LEU A 67 -18.57 9.56 34.95
CA LEU A 67 -17.93 10.54 34.09
C LEU A 67 -18.14 10.18 32.62
N ASP A 68 -17.90 11.16 31.76
CA ASP A 68 -18.00 10.96 30.33
C ASP A 68 -16.85 10.08 29.86
N GLU A 69 -16.76 9.87 28.55
CA GLU A 69 -15.74 8.99 28.01
C GLU A 69 -14.35 9.55 28.24
N LYS A 70 -14.23 10.88 28.27
CA LYS A 70 -12.92 11.47 28.44
C LYS A 70 -12.37 11.22 29.84
N PHE A 71 -13.14 11.53 30.87
CA PHE A 71 -12.61 11.51 32.22
C PHE A 71 -12.86 10.22 32.97
N CYS A 72 -13.64 9.29 32.43
CA CYS A 72 -13.90 8.06 33.15
C CYS A 72 -12.72 7.13 32.97
N PRO A 73 -11.97 6.82 34.02
CA PRO A 73 -10.78 5.97 33.87
C PRO A 73 -11.11 4.59 33.34
N GLY A 74 -12.36 4.20 33.33
CA GLY A 74 -12.64 2.80 33.06
C GLY A 74 -12.65 2.00 34.33
N HIS A 75 -13.42 0.93 34.33
CA HIS A 75 -13.63 0.15 35.53
C HIS A 75 -13.67 -1.32 35.12
N GLN A 76 -13.07 -2.17 35.92
CA GLN A 76 -12.96 -3.56 35.51
C GLN A 76 -13.96 -4.44 36.26
N GLY A 77 -14.63 -5.30 35.49
CA GLY A 77 -15.64 -6.18 36.01
C GLY A 77 -15.18 -7.62 36.08
N HIS A 78 -16.06 -8.47 36.58
CA HIS A 78 -15.69 -9.86 36.78
C HIS A 78 -16.68 -10.75 36.05
N ILE A 79 -16.17 -11.90 35.60
CA ILE A 79 -17.00 -12.96 35.06
C ILE A 79 -16.90 -14.16 36.00
N GLU A 80 -18.00 -14.48 36.67
CA GLU A 80 -18.04 -15.63 37.55
C GLU A 80 -17.92 -16.90 36.71
N LEU A 81 -16.98 -17.77 37.02
CA LEU A 81 -16.84 -19.01 36.25
C LEU A 81 -17.57 -20.15 36.95
N PRO A 82 -18.45 -20.88 36.25
CA PRO A 82 -19.16 -21.97 36.91
C PRO A 82 -18.22 -22.99 37.50
N VAL A 83 -17.03 -23.14 36.93
CA VAL A 83 -16.09 -24.17 37.34
C VAL A 83 -14.77 -23.53 37.73
N PRO A 84 -14.10 -24.00 38.77
CA PRO A 84 -12.71 -23.59 39.00
C PRO A 84 -11.85 -24.05 37.84
N CYS A 85 -11.10 -23.12 37.29
CA CYS A 85 -10.30 -23.36 36.09
C CYS A 85 -8.82 -23.31 36.41
N TYR A 86 -8.07 -24.22 35.83
CA TYR A 86 -6.63 -24.26 36.06
C TYR A 86 -5.99 -23.01 35.50
N ASN A 87 -5.23 -22.32 36.34
CA ASN A 87 -4.58 -21.11 35.86
C ASN A 87 -3.46 -21.52 34.93
N PRO A 88 -3.58 -21.22 33.63
CA PRO A 88 -2.69 -21.82 32.64
C PRO A 88 -1.23 -21.49 32.87
N LEU A 89 -0.92 -20.24 33.23
CA LEU A 89 0.45 -19.87 33.50
C LEU A 89 1.07 -20.77 34.55
N PHE A 90 0.41 -20.92 35.68
CA PHE A 90 0.87 -21.78 36.75
C PHE A 90 0.77 -23.24 36.36
N PHE A 91 -0.35 -23.89 36.68
CA PHE A 91 -0.64 -25.22 36.17
C PHE A 91 0.50 -26.19 36.44
N ASN A 92 1.65 -25.96 35.80
CA ASN A 92 2.83 -26.76 36.11
C ASN A 92 3.09 -26.80 37.60
N GLN A 93 3.16 -25.63 38.23
CA GLN A 93 3.26 -25.58 39.68
C GLN A 93 2.12 -26.34 40.33
N LEU A 94 0.88 -26.04 39.93
CA LEU A 94 -0.22 -26.90 40.31
C LEU A 94 0.09 -28.35 40.05
N TYR A 95 0.47 -28.68 38.82
CA TYR A 95 0.77 -30.06 38.46
C TYR A 95 1.84 -30.65 39.37
N ILE A 96 2.94 -29.93 39.54
CA ILE A 96 4.03 -30.45 40.36
C ILE A 96 3.60 -30.64 41.80
N TYR A 97 3.16 -29.57 42.47
CA TYR A 97 2.77 -29.65 43.86
C TYR A 97 1.71 -30.70 44.10
N LEU A 98 0.77 -30.84 43.18
CA LEU A 98 -0.22 -31.90 43.30
C LEU A 98 0.46 -33.26 43.31
N ARG A 99 1.23 -33.56 42.26
CA ARG A 99 1.76 -34.89 42.04
C ARG A 99 2.58 -35.42 43.22
N ALA A 100 3.07 -34.55 44.10
CA ALA A 100 3.83 -35.00 45.25
C ALA A 100 2.98 -35.24 46.48
N SER A 101 1.66 -35.14 46.36
CA SER A 101 0.81 -35.16 47.54
C SER A 101 0.51 -36.58 47.99
N CYS A 102 0.38 -36.74 49.30
CA CYS A 102 -0.19 -37.94 49.91
C CYS A 102 -1.70 -37.80 49.95
N LEU A 103 -2.40 -38.74 49.35
CA LEU A 103 -3.85 -38.70 49.41
C LEU A 103 -4.39 -39.21 50.73
N PHE A 104 -3.51 -39.72 51.59
CA PHE A 104 -3.94 -40.42 52.79
C PHE A 104 -3.35 -39.76 54.01
N CYS A 105 -2.02 -39.75 54.10
CA CYS A 105 -1.36 -38.91 55.09
C CYS A 105 -1.56 -37.43 54.80
N HIS A 106 -2.17 -37.11 53.66
CA HIS A 106 -2.60 -35.74 53.33
C HIS A 106 -1.44 -34.75 53.42
N HIS A 107 -0.24 -35.23 53.18
CA HIS A 107 0.96 -34.42 53.19
C HIS A 107 1.67 -34.64 51.87
N PHE A 108 2.87 -34.08 51.77
CA PHE A 108 3.72 -34.53 50.69
C PHE A 108 4.20 -35.94 50.99
N ARG A 109 4.30 -36.74 49.94
CA ARG A 109 4.70 -38.12 50.14
C ARG A 109 6.11 -38.23 50.68
N LEU A 110 6.96 -37.25 50.43
CA LEU A 110 8.24 -37.16 51.11
C LEU A 110 8.01 -36.96 52.61
N LYS A 111 8.92 -37.51 53.41
CA LYS A 111 8.74 -37.48 54.85
C LYS A 111 8.79 -36.05 55.37
N SER A 112 8.06 -35.82 56.46
CA SER A 112 7.98 -34.49 57.03
C SER A 112 9.35 -33.94 57.42
N VAL A 113 10.20 -34.80 57.98
CA VAL A 113 11.48 -34.34 58.50
C VAL A 113 12.34 -33.80 57.38
N GLU A 114 12.58 -34.63 56.36
CA GLU A 114 13.36 -34.18 55.22
C GLU A 114 12.75 -32.96 54.55
N VAL A 115 11.46 -32.71 54.78
CA VAL A 115 10.92 -31.43 54.37
C VAL A 115 11.25 -30.36 55.40
N HIS A 116 11.13 -30.70 56.68
CA HIS A 116 11.32 -29.71 57.74
C HIS A 116 12.65 -28.99 57.65
N ARG A 117 13.66 -29.61 57.03
CA ARG A 117 14.92 -28.91 56.84
C ARG A 117 14.78 -27.81 55.80
N TYR A 118 14.24 -28.14 54.64
CA TYR A 118 13.91 -27.10 53.66
C TYR A 118 13.05 -26.02 54.31
N ALA A 119 12.02 -26.43 55.05
CA ALA A 119 11.23 -25.47 55.81
C ALA A 119 12.12 -24.55 56.62
N CYS A 120 13.17 -25.09 57.21
CA CYS A 120 14.10 -24.23 57.93
C CYS A 120 15.03 -23.50 56.97
N LYS A 121 15.53 -24.20 55.95
CA LYS A 121 16.55 -23.60 55.10
C LYS A 121 16.00 -22.41 54.32
N LEU A 122 14.92 -22.63 53.56
CA LEU A 122 14.31 -21.52 52.85
C LEU A 122 13.92 -20.41 53.80
N ARG A 123 13.54 -20.75 55.02
CA ARG A 123 13.30 -19.71 56.00
C ARG A 123 14.53 -18.87 56.25
N LEU A 124 15.70 -19.50 56.39
CA LEU A 124 16.93 -18.75 56.56
C LEU A 124 17.16 -17.80 55.40
N LEU A 125 16.95 -18.27 54.19
CA LEU A 125 17.29 -17.44 53.05
C LEU A 125 16.36 -16.25 52.89
N GLN A 126 15.13 -16.31 53.40
CA GLN A 126 14.36 -15.08 53.47
C GLN A 126 15.07 -14.02 54.27
N TYR A 127 15.81 -14.42 55.30
CA TYR A 127 16.70 -13.52 56.00
C TYR A 127 18.10 -13.54 55.41
N GLY A 128 18.28 -14.25 54.31
CA GLY A 128 19.50 -14.18 53.55
C GLY A 128 20.71 -14.76 54.22
N LEU A 129 20.55 -15.75 55.08
CA LEU A 129 21.70 -16.38 55.72
C LEU A 129 22.06 -17.59 54.89
N ILE A 130 23.12 -17.50 54.10
CA ILE A 130 23.46 -18.61 53.25
C ILE A 130 24.28 -19.64 53.99
N ASP A 131 25.24 -19.17 54.80
CA ASP A 131 26.07 -20.09 55.57
C ASP A 131 25.23 -21.02 56.41
N GLU A 132 24.50 -20.45 57.37
CA GLU A 132 23.76 -21.22 58.36
C GLU A 132 22.90 -22.29 57.74
N SER A 133 22.35 -22.04 56.56
CA SER A 133 21.62 -23.07 55.85
C SER A 133 22.45 -24.35 55.78
N TYR A 134 23.73 -24.21 55.47
CA TYR A 134 24.59 -25.39 55.46
C TYR A 134 24.88 -25.86 56.87
N LYS A 135 25.27 -24.94 57.75
CA LYS A 135 25.51 -25.33 59.14
C LYS A 135 24.28 -25.94 59.79
N LEU A 136 23.09 -25.68 59.25
CA LEU A 136 21.90 -26.37 59.71
C LEU A 136 22.02 -27.88 59.53
N ASP A 137 22.53 -28.31 58.37
CA ASP A 137 22.61 -29.74 58.09
C ASP A 137 23.51 -30.48 59.05
N GLU A 138 24.37 -29.78 59.78
CA GLU A 138 25.20 -30.40 60.79
C GLU A 138 24.40 -31.11 61.86
N ILE A 139 23.13 -30.76 62.02
CA ILE A 139 22.37 -31.16 63.18
C ILE A 139 21.98 -32.62 63.07
N THR A 140 22.40 -33.42 64.04
CA THR A 140 22.10 -34.84 64.22
C THR A 140 22.83 -35.27 65.49
N LEU A 141 22.41 -36.37 66.07
CA LEU A 141 23.13 -36.94 67.20
C LEU A 141 24.01 -38.08 66.72
N SER A 174 12.44 -43.47 65.04
CA SER A 174 11.74 -43.04 66.25
C SER A 174 11.28 -41.59 66.14
N SER A 175 10.00 -41.37 66.43
CA SER A 175 9.43 -40.03 66.30
C SER A 175 10.00 -39.06 67.34
N THR A 176 10.19 -39.52 68.58
CA THR A 176 10.74 -38.65 69.61
C THR A 176 12.06 -38.06 69.18
N LEU A 177 12.91 -38.87 68.55
CA LEU A 177 14.12 -38.35 67.93
C LEU A 177 13.79 -37.21 66.98
N LEU A 178 12.90 -37.45 66.02
CA LEU A 178 12.59 -36.43 65.03
C LEU A 178 12.06 -35.18 65.69
N ASN A 179 11.10 -35.32 66.58
CA ASN A 179 10.54 -34.18 67.28
C ASN A 179 11.64 -33.40 67.98
N GLU A 180 12.58 -34.11 68.60
CA GLU A 180 13.78 -33.44 69.09
C GLU A 180 14.53 -32.78 67.95
N LEU A 181 14.83 -33.53 66.89
CA LEU A 181 15.54 -32.98 65.74
C LEU A 181 14.80 -31.78 65.17
N LYS A 182 13.54 -31.98 64.82
CA LYS A 182 12.70 -30.89 64.33
C LYS A 182 12.74 -29.71 65.30
N SER A 183 12.70 -29.98 66.60
CA SER A 183 12.85 -28.91 67.56
C SER A 183 14.22 -28.28 67.49
N LYS A 184 15.28 -29.10 67.47
CA LYS A 184 16.62 -28.55 67.52
C LYS A 184 16.91 -27.71 66.28
N ARG A 185 16.51 -28.19 65.11
CA ARG A 185 16.66 -27.37 63.91
C ARG A 185 15.94 -26.04 64.08
N SER A 186 14.65 -26.09 64.38
CA SER A 186 13.87 -24.87 64.53
C SER A 186 14.49 -23.88 65.50
N GLU A 187 14.83 -24.33 66.71
CA GLU A 187 15.43 -23.42 67.67
C GLU A 187 16.77 -22.90 67.16
N TYR A 188 17.54 -23.76 66.49
CA TYR A 188 18.78 -23.30 65.86
C TYR A 188 18.49 -22.16 64.91
N VAL A 189 17.52 -22.35 64.03
CA VAL A 189 17.11 -21.28 63.12
C VAL A 189 16.75 -20.04 63.91
N ASP A 190 15.80 -20.19 64.83
CA ASP A 190 15.36 -19.06 65.64
C ASP A 190 16.52 -18.36 66.30
N MET A 191 17.45 -19.11 66.86
CA MET A 191 18.63 -18.51 67.45
C MET A 191 19.40 -17.69 66.42
N ALA A 192 19.71 -18.29 65.28
CA ALA A 192 20.54 -17.62 64.29
C ALA A 192 19.90 -16.33 63.80
N ILE A 193 18.68 -16.41 63.27
CA ILE A 193 18.03 -15.23 62.72
C ILE A 193 17.97 -14.12 63.76
N ALA A 194 17.57 -14.47 64.98
CA ALA A 194 17.66 -13.51 66.07
C ALA A 194 19.06 -12.95 66.20
N LYS A 195 20.05 -13.84 66.30
CA LYS A 195 21.44 -13.41 66.30
C LYS A 195 21.77 -12.63 65.03
N ALA A 196 21.24 -13.09 63.90
CA ALA A 196 21.45 -12.36 62.66
C ALA A 196 20.84 -10.97 62.75
N LEU A 197 19.63 -10.87 63.27
CA LEU A 197 19.04 -9.56 63.48
C LEU A 197 19.64 -8.84 64.65
N SER A 198 20.29 -9.56 65.58
CA SER A 198 20.92 -8.90 66.72
C SER A 198 21.82 -7.78 66.25
N ASP A 199 22.68 -8.08 65.28
CA ASP A 199 23.42 -7.05 64.58
C ASP A 199 22.68 -6.71 63.29
N GLY A 200 23.24 -5.81 62.49
CA GLY A 200 22.57 -5.34 61.31
C GLY A 200 22.73 -6.24 60.10
N ARG A 201 23.13 -7.48 60.32
CA ARG A 201 23.33 -8.39 59.21
C ARG A 201 22.07 -8.64 58.40
N THR A 202 20.89 -8.33 58.94
CA THR A 202 19.68 -8.57 58.20
C THR A 202 18.62 -7.57 58.63
N THR A 203 17.80 -7.15 57.69
CA THR A 203 16.62 -6.37 57.96
C THR A 203 15.51 -7.31 58.40
N GLU A 204 14.62 -6.80 59.27
CA GLU A 204 13.49 -7.60 59.67
C GLU A 204 12.63 -7.96 58.46
N ARG A 205 12.62 -7.08 57.46
CA ARG A 205 11.99 -7.40 56.18
C ARG A 205 12.71 -8.50 55.45
N GLY A 206 13.86 -8.94 55.95
CA GLY A 206 14.64 -9.96 55.29
C GLY A 206 15.64 -9.29 54.37
N SER A 207 16.82 -9.90 54.24
CA SER A 207 17.87 -9.37 53.38
C SER A 207 18.02 -10.31 52.19
N PHE A 208 17.79 -9.77 50.99
CA PHE A 208 17.66 -10.59 49.80
C PHE A 208 18.53 -10.00 48.71
N THR A 209 19.55 -10.75 48.29
CA THR A 209 20.40 -10.32 47.20
C THR A 209 20.43 -11.38 46.11
N ALA A 210 21.15 -11.09 45.02
CA ALA A 210 21.23 -12.02 43.92
C ALA A 210 21.86 -13.34 44.34
N THR A 211 23.00 -13.31 45.02
CA THR A 211 23.60 -14.54 45.50
C THR A 211 22.59 -15.31 46.34
N VAL A 212 21.91 -14.62 47.25
CA VAL A 212 20.80 -15.25 47.96
C VAL A 212 19.77 -15.75 46.97
N ASN A 213 19.31 -14.86 46.09
CA ASN A 213 18.33 -15.24 45.08
C ASN A 213 18.75 -16.45 44.29
N ASP A 214 20.05 -16.66 44.12
CA ASP A 214 20.50 -17.91 43.52
C ASP A 214 20.17 -19.10 44.41
N GLU A 215 20.65 -19.05 45.65
CA GLU A 215 20.53 -20.23 46.50
C GLU A 215 19.09 -20.65 46.67
N ARG A 216 18.19 -19.68 46.72
CA ARG A 216 16.78 -20.01 46.73
C ARG A 216 16.42 -20.85 45.51
N LYS A 217 16.73 -20.36 44.32
CA LYS A 217 16.41 -21.10 43.10
C LYS A 217 17.10 -22.45 43.09
N LYS A 218 18.15 -22.62 43.89
CA LYS A 218 18.80 -23.92 43.95
C LYS A 218 17.96 -24.90 44.74
N LEU A 219 17.75 -24.62 46.02
CA LEU A 219 16.91 -25.48 46.85
C LEU A 219 15.57 -25.73 46.19
N VAL A 220 14.84 -24.66 45.88
CA VAL A 220 13.51 -24.80 45.31
C VAL A 220 13.52 -25.76 44.15
N HIS A 221 14.44 -25.55 43.21
CA HIS A 221 14.57 -26.52 42.13
C HIS A 221 14.89 -27.90 42.65
N GLU A 222 15.94 -28.04 43.44
CA GLU A 222 16.27 -29.33 44.04
C GLU A 222 15.13 -29.90 44.86
N PHE A 223 14.63 -29.13 45.83
CA PHE A 223 13.54 -29.58 46.67
C PHE A 223 12.40 -30.18 45.87
N HIS A 224 12.04 -29.57 44.74
CA HIS A 224 11.06 -30.18 43.86
C HIS A 224 11.48 -31.57 43.41
N LYS A 225 12.73 -31.75 43.00
CA LYS A 225 13.17 -33.08 42.60
C LYS A 225 12.89 -34.12 43.68
N LYS A 226 13.35 -33.87 44.90
CA LYS A 226 13.08 -34.80 45.98
C LYS A 226 11.60 -34.98 46.24
N LEU A 227 10.76 -34.02 45.85
CA LEU A 227 9.32 -34.26 45.92
C LEU A 227 8.89 -35.23 44.84
N LEU A 228 9.36 -35.03 43.61
CA LEU A 228 8.95 -35.89 42.51
C LEU A 228 9.54 -37.29 42.61
N SER A 229 10.63 -37.47 43.34
CA SER A 229 11.24 -38.79 43.46
C SER A 229 10.47 -39.72 44.39
N ARG A 230 9.94 -39.19 45.49
CA ARG A 230 9.33 -40.02 46.52
C ARG A 230 8.21 -40.86 45.91
N GLY A 231 8.22 -42.17 46.21
CA GLY A 231 7.21 -43.08 45.67
C GLY A 231 6.16 -43.54 46.66
N LYS A 232 6.34 -43.24 47.94
CA LYS A 232 5.41 -43.64 48.98
C LYS A 232 5.30 -42.51 49.99
N CYS A 233 4.08 -42.22 50.44
CA CYS A 233 3.96 -41.30 51.55
C CYS A 233 4.70 -41.89 52.73
N ASP A 234 5.70 -41.15 53.21
CA ASP A 234 6.56 -41.67 54.25
C ASP A 234 5.93 -41.59 55.61
N ASN A 235 4.77 -40.96 55.71
CA ASN A 235 4.07 -40.82 56.98
C ASN A 235 3.09 -41.99 57.11
N CYS A 236 2.13 -42.06 56.20
CA CYS A 236 1.13 -43.12 56.22
C CYS A 236 1.68 -44.42 55.65
N GLY A 237 2.65 -44.34 54.75
CA GLY A 237 3.07 -45.51 54.01
C GLY A 237 2.16 -45.87 52.86
N MET A 238 1.10 -45.10 52.63
CA MET A 238 0.11 -45.40 51.62
C MET A 238 0.67 -45.06 50.25
N PHE A 239 -0.18 -45.07 49.22
CA PHE A 239 0.26 -44.77 47.87
C PHE A 239 -0.77 -43.89 47.17
N SER A 240 -0.35 -42.81 46.72
CA SER A 240 -1.18 -42.03 45.83
C SER A 240 -0.92 -42.46 44.39
N PRO A 241 -1.96 -42.51 43.55
CA PRO A 241 -1.76 -42.93 42.16
C PRO A 241 -1.10 -41.83 41.35
N LYS A 242 -0.58 -42.24 40.20
CA LYS A 242 0.02 -41.26 39.30
C LYS A 242 -1.05 -40.38 38.67
N PHE A 243 -0.62 -39.20 38.24
CA PHE A 243 -1.44 -38.29 37.49
C PHE A 243 -0.78 -38.04 36.14
N ARG A 244 -1.60 -37.75 35.14
CA ARG A 244 -1.10 -37.48 33.80
C ARG A 244 -1.86 -36.26 33.27
N LYS A 245 -1.12 -35.23 32.88
CA LYS A 245 -1.73 -33.97 32.52
C LYS A 245 -1.76 -33.82 31.00
N ASP A 246 -2.34 -32.71 30.56
CA ASP A 246 -2.39 -32.34 29.16
C ASP A 246 -2.02 -30.87 29.01
N GLY A 247 -1.32 -30.52 27.93
CA GLY A 247 -1.09 -29.13 27.64
C GLY A 247 -2.34 -28.30 27.55
N PHE A 248 -3.46 -28.95 27.23
CA PHE A 248 -4.78 -28.36 27.23
C PHE A 248 -5.42 -28.41 28.59
N THR A 249 -4.65 -28.78 29.61
CA THR A 249 -5.09 -28.80 31.00
C THR A 249 -6.22 -29.81 31.19
N LYS A 250 -5.85 -31.09 31.04
CA LYS A 250 -6.68 -32.20 31.46
C LYS A 250 -5.78 -33.17 32.20
N ILE A 251 -6.09 -33.40 33.47
CA ILE A 251 -5.24 -34.21 34.33
C ILE A 251 -5.87 -35.57 34.48
N PHE A 252 -5.18 -36.59 33.97
CA PHE A 252 -5.67 -37.95 34.00
C PHE A 252 -5.09 -38.71 35.19
N GLU A 253 -5.98 -39.15 36.07
CA GLU A 253 -5.61 -40.00 37.19
C GLU A 253 -5.42 -41.42 36.67
N THR A 254 -4.22 -41.95 36.86
CA THR A 254 -3.91 -43.31 36.47
C THR A 254 -3.93 -44.19 37.72
N ALA A 255 -4.63 -45.31 37.62
CA ALA A 255 -5.00 -46.09 38.80
C ALA A 255 -3.77 -46.72 39.46
N LEU A 256 -3.94 -47.09 40.73
CA LEU A 256 -2.87 -47.61 41.57
C LEU A 256 -2.33 -48.93 41.04
N ASN A 257 -1.10 -49.24 41.45
CA ASN A 257 -0.54 -50.55 41.23
C ASN A 257 -0.99 -51.52 42.31
N GLU A 258 -1.18 -52.78 41.89
CA GLU A 258 -1.80 -53.82 42.69
C GLU A 258 -1.26 -53.90 44.10
N LYS A 259 0.03 -54.26 44.21
CA LYS A 259 0.64 -54.47 45.52
C LYS A 259 0.47 -53.27 46.43
N GLN A 260 0.40 -52.08 45.84
CA GLN A 260 0.14 -50.91 46.66
C GLN A 260 -1.20 -51.03 47.36
N ILE A 261 -2.28 -51.26 46.59
CA ILE A 261 -3.59 -51.48 47.20
C ILE A 261 -3.48 -52.51 48.31
N THR A 262 -2.77 -53.60 48.02
CA THR A 262 -2.45 -54.56 49.07
C THR A 262 -1.83 -53.87 50.26
N ASN A 263 -0.64 -53.28 50.06
CA ASN A 263 -0.01 -52.56 51.16
C ASN A 263 -0.90 -51.45 51.69
N ASN A 264 -1.70 -50.83 50.81
CA ASN A 264 -2.63 -49.82 51.26
C ASN A 264 -3.61 -50.39 52.27
N ARG A 265 -4.34 -51.44 51.89
CA ARG A 265 -5.25 -52.06 52.84
C ARG A 265 -4.49 -52.72 53.98
N VAL A 266 -3.24 -53.11 53.74
CA VAL A 266 -2.38 -53.56 54.84
C VAL A 266 -2.19 -52.43 55.84
N LYS A 267 -1.71 -51.28 55.38
CA LYS A 267 -1.50 -50.17 56.30
C LYS A 267 -2.76 -49.34 56.51
N GLY A 268 -3.85 -49.68 55.83
CA GLY A 268 -5.11 -48.97 56.03
C GLY A 268 -5.79 -49.36 57.33
N SER A 312 -6.53 -43.24 33.94
CA SER A 312 -6.79 -42.54 32.69
C SER A 312 -8.11 -41.81 32.75
N THR A 313 -8.32 -41.08 33.83
CA THR A 313 -9.58 -40.38 34.03
C THR A 313 -9.31 -38.91 34.28
N TYR A 314 -9.89 -38.07 33.44
CA TYR A 314 -9.89 -36.65 33.77
C TYR A 314 -10.56 -36.44 35.13
N ILE A 315 -9.90 -35.68 35.97
CA ILE A 315 -10.35 -35.44 37.33
C ILE A 315 -10.96 -34.05 37.43
N LEU A 316 -11.97 -33.91 38.27
CA LEU A 316 -12.55 -32.62 38.54
C LEU A 316 -11.54 -31.68 39.19
N SER A 317 -11.43 -30.49 38.61
CA SER A 317 -10.64 -29.43 39.21
C SER A 317 -11.03 -29.24 40.67
N THR A 318 -12.33 -29.17 40.94
CA THR A 318 -12.81 -29.00 42.30
C THR A 318 -12.25 -30.07 43.22
N GLU A 319 -12.26 -31.32 42.76
CA GLU A 319 -11.63 -32.39 43.54
C GLU A 319 -10.17 -32.09 43.79
N VAL A 320 -9.43 -31.81 42.71
CA VAL A 320 -8.04 -31.35 42.85
C VAL A 320 -7.97 -30.18 43.81
N LYS A 321 -8.84 -29.20 43.60
CA LYS A 321 -8.89 -28.03 44.45
C LYS A 321 -9.12 -28.48 45.89
N ASN A 322 -9.94 -29.51 46.04
CA ASN A 322 -10.24 -30.06 47.36
C ASN A 322 -8.99 -30.73 47.92
N ILE A 323 -8.28 -31.46 47.05
CA ILE A 323 -7.06 -32.13 47.45
C ILE A 323 -6.09 -31.15 48.10
N LEU A 324 -5.70 -30.12 47.35
CA LEU A 324 -4.59 -29.29 47.78
C LEU A 324 -4.97 -28.45 48.98
N ASP A 325 -6.21 -27.99 49.02
CA ASP A 325 -6.71 -27.30 50.21
C ASP A 325 -6.40 -28.11 51.45
N THR A 326 -6.71 -29.40 51.43
CA THR A 326 -6.33 -30.28 52.52
C THR A 326 -4.83 -30.30 52.70
N VAL A 327 -4.09 -30.42 51.60
CA VAL A 327 -2.65 -30.43 51.66
C VAL A 327 -2.14 -29.18 52.35
N PHE A 328 -2.50 -28.02 51.82
CA PHE A 328 -1.92 -26.78 52.32
C PHE A 328 -2.28 -26.50 53.76
N ARG A 329 -3.44 -26.96 54.23
CA ARG A 329 -3.73 -26.81 55.64
C ARG A 329 -2.64 -27.47 56.49
N LYS A 330 -2.16 -28.63 56.05
CA LYS A 330 -1.06 -29.27 56.75
C LYS A 330 0.29 -28.70 56.33
N GLU A 331 0.45 -28.39 55.05
CA GLU A 331 1.75 -28.05 54.49
C GLU A 331 2.03 -26.56 54.48
N GLN A 332 1.16 -25.76 55.10
CA GLN A 332 1.36 -24.32 55.13
C GLN A 332 2.75 -23.95 55.64
N CYS A 333 3.22 -24.64 56.68
CA CYS A 333 4.43 -24.19 57.37
C CYS A 333 5.63 -24.18 56.43
N VAL A 334 5.72 -25.16 55.54
CA VAL A 334 6.81 -25.14 54.57
C VAL A 334 6.50 -24.19 53.42
N LEU A 335 5.30 -24.28 52.86
CA LEU A 335 5.00 -23.49 51.67
C LEU A 335 4.94 -22.01 51.98
N GLN A 336 4.61 -21.65 53.21
CA GLN A 336 4.72 -20.25 53.61
C GLN A 336 6.09 -19.72 53.26
N TYR A 337 7.12 -20.55 53.42
CA TYR A 337 8.47 -20.15 53.04
C TYR A 337 8.70 -20.32 51.55
N VAL A 338 8.15 -21.39 50.96
CA VAL A 338 8.44 -21.69 49.56
C VAL A 338 8.00 -20.55 48.65
N PHE A 339 6.82 -20.00 48.90
CA PHE A 339 6.23 -19.01 48.01
C PHE A 339 6.62 -17.59 48.37
N HIS A 340 7.49 -17.39 49.34
CA HIS A 340 7.88 -16.04 49.70
C HIS A 340 9.39 -15.96 49.79
N SER A 341 9.97 -15.20 48.88
CA SER A 341 11.40 -14.94 48.90
C SER A 341 11.79 -14.03 50.04
N ARG A 342 10.82 -13.42 50.70
CA ARG A 342 11.04 -12.57 51.85
C ARG A 342 10.19 -13.12 52.98
N PRO A 343 10.48 -12.74 54.22
CA PRO A 343 9.54 -13.04 55.30
C PRO A 343 8.16 -12.54 54.93
N ASN A 344 7.14 -13.30 55.28
CA ASN A 344 5.76 -12.90 55.06
C ASN A 344 5.32 -12.15 56.31
N LEU A 345 5.17 -10.84 56.18
CA LEU A 345 4.87 -10.01 57.33
C LEU A 345 3.38 -10.04 57.65
N SER A 346 2.54 -9.95 56.63
CA SER A 346 1.10 -10.06 56.80
C SER A 346 0.70 -11.42 57.37
N ARG A 347 1.54 -12.43 57.21
CA ARG A 347 1.28 -13.77 57.70
C ARG A 347 0.01 -14.33 57.04
N LYS A 348 -0.29 -13.80 55.86
CA LYS A 348 -1.40 -14.32 55.09
C LYS A 348 -1.09 -15.73 54.61
N LEU A 349 -1.98 -16.66 54.91
CA LEU A 349 -1.74 -18.05 54.59
C LEU A 349 -1.78 -18.25 53.09
N VAL A 350 -1.16 -19.34 52.64
CA VAL A 350 -1.18 -19.72 51.24
C VAL A 350 -2.45 -20.54 51.01
N LYS A 351 -3.23 -20.17 50.00
CA LYS A 351 -4.42 -20.91 49.63
C LYS A 351 -4.32 -21.35 48.18
N ALA A 352 -4.63 -22.62 47.96
CA ALA A 352 -4.53 -23.24 46.65
C ALA A 352 -5.38 -22.58 45.62
N ASP A 353 -6.33 -21.75 46.04
CA ASP A 353 -7.27 -21.14 45.10
C ASP A 353 -6.56 -20.41 43.99
N SER A 354 -5.29 -20.09 44.21
CA SER A 354 -4.46 -19.39 43.23
C SER A 354 -4.62 -20.00 41.84
N PHE A 355 -4.11 -21.22 41.70
CA PHE A 355 -4.09 -21.95 40.44
C PHE A 355 -5.44 -22.23 39.83
N PHE A 356 -6.49 -22.20 40.64
CA PHE A 356 -7.83 -22.47 40.14
C PHE A 356 -8.28 -21.53 39.02
N MET A 357 -7.93 -20.25 39.13
CA MET A 357 -8.34 -19.27 38.13
C MET A 357 -9.84 -19.36 37.93
N ASP A 358 -10.58 -18.98 38.97
CA ASP A 358 -12.04 -19.01 38.92
C ASP A 358 -12.60 -17.88 38.06
N VAL A 359 -13.01 -16.79 38.70
CA VAL A 359 -13.57 -15.64 38.00
C VAL A 359 -12.53 -14.92 37.16
N LEU A 360 -13.00 -14.24 36.12
CA LEU A 360 -12.13 -13.50 35.23
C LEU A 360 -12.42 -12.02 35.33
N VAL A 361 -11.35 -11.24 35.45
CA VAL A 361 -11.45 -9.79 35.54
C VAL A 361 -11.61 -9.23 34.14
N VAL A 362 -12.65 -8.44 33.94
CA VAL A 362 -12.96 -7.86 32.64
C VAL A 362 -12.18 -6.55 32.52
N PRO A 363 -11.22 -6.44 31.62
CA PRO A 363 -10.56 -5.17 31.39
C PRO A 363 -11.58 -4.09 31.12
N PRO A 364 -11.38 -2.89 31.68
CA PRO A 364 -12.34 -1.82 31.46
C PRO A 364 -12.59 -1.59 29.98
N THR A 365 -13.78 -1.09 29.70
CA THR A 365 -14.26 -0.99 28.32
C THR A 365 -13.22 -0.38 27.42
N ARG A 366 -12.52 0.64 27.90
CA ARG A 366 -11.64 1.42 27.05
C ARG A 366 -10.49 0.62 26.48
N PHE A 367 -10.03 -0.41 27.18
CA PHE A 367 -9.00 -1.25 26.60
C PHE A 367 -9.59 -2.30 25.67
N ARG A 368 -10.87 -2.58 25.82
CA ARG A 368 -11.56 -3.55 24.98
C ARG A 368 -12.29 -2.91 23.81
N LEU A 369 -12.07 -1.63 23.56
CA LEU A 369 -12.78 -0.91 22.51
C LEU A 369 -12.62 -1.60 21.17
N PRO A 370 -13.57 -1.42 20.25
CA PRO A 370 -13.47 -2.09 18.95
C PRO A 370 -12.30 -1.63 18.12
N SER A 371 -12.18 -2.16 16.92
CA SER A 371 -11.07 -1.83 16.03
C SER A 371 -11.63 -1.52 14.65
N LYS A 372 -11.43 -0.28 14.20
CA LYS A 372 -11.89 0.15 12.89
C LYS A 372 -10.72 0.09 11.91
N LEU A 373 -10.82 -0.80 10.94
CA LEU A 373 -9.84 -0.89 9.86
C LEU A 373 -10.40 -0.13 8.67
N GLY A 374 -9.77 0.99 8.34
CA GLY A 374 -10.43 1.93 7.45
C GLY A 374 -11.70 2.42 8.13
N GLU A 375 -12.80 2.47 7.38
CA GLU A 375 -14.10 2.66 8.02
C GLU A 375 -14.69 1.34 8.48
N GLU A 376 -14.14 0.22 8.03
CA GLU A 376 -14.58 -1.08 8.49
C GLU A 376 -14.20 -1.28 9.95
N VAL A 377 -15.19 -1.56 10.78
CA VAL A 377 -15.03 -1.63 12.23
C VAL A 377 -15.07 -3.10 12.65
N HIS A 378 -14.32 -3.43 13.69
CA HIS A 378 -14.32 -4.79 14.21
C HIS A 378 -14.26 -4.74 15.73
N GLU A 379 -15.03 -5.61 16.35
CA GLU A 379 -14.96 -5.75 17.79
C GLU A 379 -13.55 -6.14 18.21
N ASN A 380 -13.16 -5.70 19.40
CA ASN A 380 -11.88 -6.13 19.95
C ASN A 380 -11.81 -7.64 19.96
N SER A 381 -10.70 -8.16 19.46
CA SER A 381 -10.50 -9.60 19.41
C SER A 381 -10.62 -10.23 20.79
N GLN A 382 -10.09 -9.55 21.80
CA GLN A 382 -10.16 -10.10 23.16
C GLN A 382 -11.61 -10.25 23.61
N ASN A 383 -12.46 -9.30 23.23
CA ASN A 383 -13.88 -9.45 23.55
C ASN A 383 -14.43 -10.77 23.06
N GLN A 384 -14.05 -11.19 21.86
CA GLN A 384 -14.51 -12.47 21.35
C GLN A 384 -14.13 -13.61 22.28
N LEU A 385 -12.85 -13.66 22.66
CA LEU A 385 -12.39 -14.71 23.57
C LEU A 385 -13.13 -14.66 24.88
N LEU A 386 -13.48 -13.46 25.34
CA LEU A 386 -14.37 -13.34 26.49
C LEU A 386 -15.72 -13.94 26.19
N SER A 387 -16.31 -13.56 25.05
CA SER A 387 -17.65 -14.03 24.72
C SER A 387 -17.75 -15.55 24.79
N LYS A 388 -16.79 -16.24 24.19
CA LYS A 388 -16.82 -17.70 24.19
C LYS A 388 -16.97 -18.25 25.60
N VAL A 389 -16.20 -17.70 26.53
CA VAL A 389 -16.40 -18.08 27.93
C VAL A 389 -17.80 -17.73 28.38
N LEU A 390 -18.26 -16.51 28.08
CA LEU A 390 -19.61 -16.13 28.47
C LEU A 390 -20.65 -17.08 27.89
N THR A 391 -20.48 -17.46 26.62
CA THR A 391 -21.39 -18.43 26.03
C THR A 391 -21.33 -19.75 26.78
N THR A 392 -20.13 -20.34 26.85
CA THR A 392 -19.97 -21.60 27.55
C THR A 392 -20.39 -21.48 29.01
N SER A 393 -20.24 -20.29 29.59
CA SER A 393 -20.69 -20.08 30.97
C SER A 393 -22.17 -20.41 31.11
N LEU A 394 -23.04 -19.58 30.51
CA LEU A 394 -24.48 -19.81 30.64
C LEU A 394 -24.86 -21.20 30.18
N LEU A 395 -24.13 -21.75 29.22
CA LEU A 395 -24.37 -23.13 28.81
C LEU A 395 -24.36 -24.07 30.01
N ILE A 396 -23.18 -24.27 30.62
CA ILE A 396 -23.11 -25.16 31.77
C ILE A 396 -24.01 -24.68 32.89
N ARG A 397 -24.06 -23.36 33.12
CA ARG A 397 -25.03 -22.82 34.07
C ARG A 397 -26.41 -23.39 33.81
N ASP A 398 -26.94 -23.15 32.61
CA ASP A 398 -28.29 -23.62 32.31
C ASP A 398 -28.33 -25.14 32.21
N LEU A 399 -27.31 -25.74 31.60
CA LEU A 399 -27.33 -27.19 31.42
C LEU A 399 -27.33 -27.91 32.76
N ASN A 400 -26.32 -27.63 33.60
CA ASN A 400 -26.29 -28.21 34.94
C ASN A 400 -27.54 -27.88 35.74
N ASP A 401 -28.19 -26.76 35.43
CA ASP A 401 -29.44 -26.44 36.11
C ASP A 401 -30.51 -27.49 35.81
N ASP A 402 -30.60 -27.91 34.56
CA ASP A 402 -31.64 -28.86 34.18
C ASP A 402 -31.44 -30.22 34.83
N LEU A 403 -30.23 -30.78 34.72
CA LEU A 403 -29.95 -32.06 35.37
C LEU A 403 -30.22 -31.98 36.87
N SER A 404 -29.92 -30.83 37.47
CA SER A 404 -30.24 -30.63 38.88
C SER A 404 -31.74 -30.67 39.11
N LYS A 405 -32.52 -29.99 38.25
CA LYS A 405 -33.96 -30.09 38.32
C LYS A 405 -34.45 -31.52 38.09
N LEU A 406 -33.74 -32.29 37.27
CA LEU A 406 -34.14 -33.65 37.00
C LEU A 406 -34.01 -34.49 38.27
N GLN A 407 -35.11 -35.15 38.63
CA GLN A 407 -35.22 -35.93 39.86
C GLN A 407 -34.48 -37.24 39.66
N LYS A 408 -33.59 -37.56 40.61
CA LYS A 408 -32.72 -38.73 40.44
C LYS A 408 -33.52 -40.01 40.20
N ASP A 409 -34.72 -40.12 40.77
CA ASP A 409 -35.59 -41.23 40.40
C ASP A 409 -36.14 -41.05 39.00
N LYS A 410 -36.65 -39.85 38.69
CA LYS A 410 -37.04 -39.53 37.32
C LYS A 410 -35.84 -39.62 36.38
N VAL A 411 -34.65 -39.27 36.86
CA VAL A 411 -33.45 -39.46 36.05
C VAL A 411 -33.25 -40.94 35.80
N SER A 412 -33.19 -41.31 34.53
CA SER A 412 -32.70 -42.62 34.18
C SER A 412 -31.19 -42.66 34.39
N LEU A 413 -30.68 -43.83 34.75
CA LEU A 413 -29.23 -43.95 34.83
C LEU A 413 -28.60 -43.69 33.47
N GLU A 414 -29.40 -43.80 32.40
CA GLU A 414 -29.00 -43.29 31.10
C GLU A 414 -29.12 -41.77 31.04
N ASP A 415 -30.15 -41.20 31.67
CA ASP A 415 -30.28 -39.75 31.71
C ASP A 415 -29.08 -39.08 32.37
N ARG A 416 -28.31 -39.84 33.16
CA ARG A 416 -27.02 -39.35 33.60
C ARG A 416 -26.03 -39.29 32.44
N ARG A 417 -25.89 -40.41 31.72
CA ARG A 417 -24.84 -40.53 30.71
C ARG A 417 -25.04 -39.54 29.58
N VAL A 418 -26.28 -39.08 29.37
CA VAL A 418 -26.51 -38.08 28.34
C VAL A 418 -26.12 -36.69 28.83
N ILE A 419 -26.21 -36.43 30.13
CA ILE A 419 -25.92 -35.12 30.71
C ILE A 419 -24.68 -35.17 31.59
N PHE A 420 -24.72 -35.97 32.66
CA PHE A 420 -23.58 -36.04 33.58
C PHE A 420 -22.28 -36.33 32.84
N SER A 421 -22.34 -37.03 31.71
CA SER A 421 -21.17 -37.15 30.85
C SER A 421 -21.02 -35.94 29.94
N ARG A 422 -22.12 -35.23 29.66
CA ARG A 422 -22.04 -34.12 28.71
C ARG A 422 -21.29 -32.93 29.32
N LEU A 423 -21.55 -32.62 30.58
CA LEU A 423 -20.78 -31.60 31.27
C LEU A 423 -19.29 -31.91 31.23
N MET A 424 -18.96 -33.20 31.34
CA MET A 424 -17.56 -33.62 31.31
C MET A 424 -16.88 -33.27 30.01
N ASN A 425 -17.64 -32.83 29.00
CA ASN A 425 -17.02 -32.33 27.79
C ASN A 425 -16.81 -30.83 27.87
N ALA A 426 -17.88 -30.06 28.02
CA ALA A 426 -17.82 -28.60 28.06
C ALA A 426 -16.83 -28.10 29.10
N PHE A 427 -16.65 -28.86 30.17
CA PHE A 427 -15.62 -28.50 31.15
C PHE A 427 -14.26 -28.34 30.49
N VAL A 428 -13.96 -29.17 29.50
CA VAL A 428 -12.69 -29.00 28.79
C VAL A 428 -12.68 -27.68 28.02
N THR A 429 -13.76 -27.38 27.30
CA THR A 429 -13.83 -26.13 26.56
C THR A 429 -13.67 -24.93 27.47
N ILE A 430 -14.51 -24.84 28.51
CA ILE A 430 -14.43 -23.70 29.41
C ILE A 430 -13.04 -23.59 30.02
N GLN A 431 -12.42 -24.73 30.32
CA GLN A 431 -11.03 -24.71 30.74
C GLN A 431 -10.11 -24.32 29.60
N ASN A 432 -10.47 -24.70 28.37
CA ASN A 432 -9.67 -24.33 27.22
C ASN A 432 -9.90 -22.91 26.75
N ASP A 433 -11.15 -22.45 26.74
CA ASP A 433 -11.41 -21.04 26.44
C ASP A 433 -10.61 -20.12 27.32
N VAL A 434 -10.54 -20.40 28.62
CA VAL A 434 -9.58 -19.72 29.48
C VAL A 434 -8.20 -19.70 28.87
N ASN A 435 -7.69 -20.86 28.42
CA ASN A 435 -6.35 -20.88 27.83
C ASN A 435 -6.27 -19.93 26.64
N ALA A 436 -7.15 -20.11 25.67
CA ALA A 436 -7.17 -19.21 24.53
C ALA A 436 -7.22 -17.77 24.97
N PHE A 437 -8.10 -17.45 25.92
CA PHE A 437 -8.19 -16.09 26.43
C PHE A 437 -6.87 -15.60 26.99
N ILE A 438 -6.02 -16.49 27.44
CA ILE A 438 -4.72 -16.09 27.96
C ILE A 438 -3.63 -16.50 26.98
N ASP A 439 -3.37 -17.79 26.89
CA ASP A 439 -2.30 -18.31 26.05
C ASP A 439 -2.90 -19.04 24.86
N SER A 440 -2.71 -18.47 23.67
CA SER A 440 -3.10 -19.18 22.46
C SER A 440 -2.33 -20.48 22.30
N THR A 441 -1.10 -20.52 22.79
CA THR A 441 -0.32 -21.76 22.71
C THR A 441 -0.95 -22.88 23.53
N LYS A 442 -1.56 -22.53 24.66
CA LYS A 442 -2.26 -23.52 25.46
C LYS A 442 -3.68 -23.76 24.98
N ALA A 443 -4.07 -23.12 23.87
CA ALA A 443 -5.40 -23.26 23.30
C ALA A 443 -5.40 -24.36 22.24
N GLN A 444 -6.51 -25.08 22.18
CA GLN A 444 -6.69 -26.08 21.14
C GLN A 444 -6.77 -25.42 19.77
N GLY A 445 -6.34 -26.16 18.75
CA GLY A 445 -6.38 -25.62 17.41
C GLY A 445 -7.80 -25.51 16.88
N ARG A 446 -8.08 -24.36 16.27
CA ARG A 446 -9.38 -24.09 15.68
C ARG A 446 -9.29 -24.30 14.17
N THR A 447 -9.91 -25.38 13.70
CA THR A 447 -9.96 -25.75 12.28
C THR A 447 -8.56 -25.94 11.70
N SER A 448 -7.57 -26.18 12.56
CA SER A 448 -6.17 -26.32 12.18
C SER A 448 -5.78 -25.25 11.15
N GLY A 449 -5.84 -24.01 11.60
CA GLY A 449 -5.63 -22.88 10.73
C GLY A 449 -6.42 -21.68 11.22
N LYS A 450 -6.60 -20.72 10.32
CA LYS A 450 -7.30 -19.46 10.59
C LYS A 450 -6.51 -18.61 11.58
N VAL A 451 -5.43 -19.17 12.13
CA VAL A 451 -4.52 -18.58 13.11
C VAL A 451 -5.26 -18.41 14.43
N PRO A 452 -4.58 -18.51 15.56
CA PRO A 452 -5.20 -18.17 16.83
C PRO A 452 -5.28 -16.66 17.00
N ILE A 453 -6.35 -16.23 17.66
CA ILE A 453 -6.48 -14.84 18.04
C ILE A 453 -5.49 -14.58 19.18
N PRO A 454 -4.75 -13.48 19.13
CA PRO A 454 -3.73 -13.25 20.17
C PRO A 454 -4.35 -13.18 21.55
N GLY A 455 -3.80 -13.96 22.47
CA GLY A 455 -4.21 -13.93 23.85
C GLY A 455 -3.44 -12.87 24.62
N VAL A 456 -3.79 -12.75 25.90
CA VAL A 456 -3.15 -11.76 26.75
C VAL A 456 -1.66 -12.04 26.82
N LYS A 457 -1.30 -13.29 27.07
CA LYS A 457 0.11 -13.67 27.11
C LYS A 457 0.85 -13.27 25.85
N GLN A 458 0.19 -13.37 24.69
CA GLN A 458 0.85 -13.03 23.45
C GLN A 458 0.95 -11.53 23.24
N ALA A 459 0.09 -10.77 23.90
CA ALA A 459 0.19 -9.33 23.78
C ALA A 459 1.48 -8.80 24.42
N LEU A 460 1.94 -9.43 25.48
CA LEU A 460 3.08 -8.96 26.26
C LEU A 460 4.41 -9.41 25.65
N GLU A 461 4.46 -10.62 25.10
CA GLU A 461 5.75 -11.29 24.96
C GLU A 461 6.43 -11.14 23.61
N LYS A 462 5.93 -11.85 22.61
CA LYS A 462 6.74 -12.23 21.46
C LYS A 462 7.31 -11.00 20.76
N LYS A 463 8.64 -10.95 20.65
CA LYS A 463 9.34 -10.05 19.75
C LYS A 463 9.12 -8.60 20.14
N GLU A 464 8.11 -8.34 20.95
CA GLU A 464 7.99 -7.08 21.62
C GLU A 464 7.67 -7.39 23.10
N GLY A 465 6.54 -8.02 23.44
CA GLY A 465 5.32 -8.11 22.66
C GLY A 465 4.65 -6.80 23.01
N LEU A 466 4.90 -6.39 24.26
CA LEU A 466 4.50 -5.08 24.75
C LEU A 466 5.67 -4.36 25.40
N PHE A 467 6.26 -4.94 26.45
CA PHE A 467 7.34 -4.32 27.20
C PHE A 467 8.37 -3.71 26.28
N ARG A 468 8.85 -4.47 25.32
CA ARG A 468 9.67 -3.85 24.30
C ARG A 468 8.74 -3.65 23.12
N LYS A 469 7.88 -2.66 23.26
CA LYS A 469 7.27 -2.03 22.12
C LYS A 469 6.91 -0.65 22.61
N HIS A 470 6.01 -0.67 23.59
CA HIS A 470 5.43 0.49 24.21
C HIS A 470 6.03 0.84 25.56
N MET A 471 6.98 0.06 26.06
CA MET A 471 7.60 0.46 27.32
C MET A 471 9.08 0.74 27.16
N MET A 472 9.87 -0.28 26.85
CA MET A 472 11.29 -0.07 26.64
C MET A 472 11.57 0.92 25.53
N GLY A 473 10.59 1.17 24.66
CA GLY A 473 10.69 2.23 23.68
C GLY A 473 9.28 2.72 23.43
N LYS A 474 9.17 3.94 22.90
CA LYS A 474 7.87 4.55 22.72
C LYS A 474 7.91 5.53 21.57
N ARG A 475 6.75 5.87 21.05
CA ARG A 475 6.65 7.02 20.17
C ARG A 475 6.37 8.26 21.00
N VAL A 476 6.96 9.38 20.60
CA VAL A 476 7.07 10.51 21.50
C VAL A 476 6.46 11.76 20.90
N ASN A 477 6.60 12.85 21.64
CA ASN A 477 6.15 14.16 21.24
C ASN A 477 7.33 15.13 21.18
N TYR A 478 7.11 16.25 20.50
CA TYR A 478 8.16 17.23 20.30
C TYR A 478 9.40 16.58 19.71
N ALA A 479 9.15 15.78 18.69
CA ALA A 479 10.22 15.14 17.96
C ALA A 479 9.91 15.23 16.48
N ALA A 480 10.97 15.37 15.68
CA ALA A 480 10.82 15.56 14.25
C ALA A 480 11.86 14.74 13.53
N ARG A 481 11.42 14.00 12.51
CA ARG A 481 12.33 13.24 11.67
C ARG A 481 12.36 13.90 10.31
N SER A 482 13.55 14.04 9.76
CA SER A 482 13.69 14.66 8.45
C SER A 482 15.04 14.28 7.88
N VAL A 483 15.36 14.87 6.74
CA VAL A 483 16.57 14.51 6.02
C VAL A 483 17.68 15.51 6.35
N ILE A 484 18.86 14.98 6.63
CA ILE A 484 20.00 15.83 6.94
C ILE A 484 20.55 16.37 5.63
N SER A 485 21.15 17.55 5.71
CA SER A 485 21.83 18.15 4.59
C SER A 485 23.11 18.72 5.15
N PRO A 486 24.21 18.59 4.43
CA PRO A 486 25.46 19.17 4.95
C PRO A 486 25.39 20.69 4.84
N ASP A 487 25.62 21.35 5.96
CA ASP A 487 25.91 22.78 5.98
C ASP A 487 27.21 23.01 6.72
N PRO A 488 28.28 23.42 6.05
CA PRO A 488 29.52 23.73 6.77
C PRO A 488 29.45 25.03 7.54
N ASN A 489 28.52 25.92 7.21
CA ASN A 489 28.60 27.27 7.75
C ASN A 489 28.10 27.36 9.18
N ILE A 490 27.29 26.41 9.61
CA ILE A 490 26.87 26.46 11.01
C ILE A 490 28.02 25.96 11.85
N GLU A 491 27.90 26.09 13.17
CA GLU A 491 28.93 25.53 14.02
C GLU A 491 28.67 24.06 14.27
N THR A 492 29.75 23.34 14.57
CA THR A 492 29.63 21.91 14.80
C THR A 492 28.56 21.59 15.83
N ASN A 493 28.63 22.18 17.00
CA ASN A 493 27.62 21.97 18.03
C ASN A 493 26.24 22.42 17.59
N GLU A 494 26.12 23.25 16.56
CA GLU A 494 24.83 23.75 16.14
C GLU A 494 24.11 22.70 15.30
N ILE A 495 22.88 23.04 14.92
CA ILE A 495 22.10 22.24 14.01
C ILE A 495 21.20 23.16 13.19
N GLY A 496 21.13 22.90 11.89
CA GLY A 496 20.23 23.64 11.03
C GLY A 496 18.81 23.19 11.24
N VAL A 497 17.90 24.14 11.45
CA VAL A 497 16.50 23.80 11.59
C VAL A 497 15.66 24.45 10.50
N PRO A 498 14.97 23.67 9.69
CA PRO A 498 14.05 24.24 8.73
C PRO A 498 12.99 25.06 9.42
N PRO A 499 12.48 26.10 8.78
CA PRO A 499 11.43 26.91 9.43
C PRO A 499 10.20 26.10 9.73
N VAL A 500 9.92 25.09 8.90
CA VAL A 500 8.84 24.17 9.19
C VAL A 500 8.90 23.71 10.64
N PHE A 501 9.99 23.03 10.99
CA PHE A 501 10.12 22.56 12.37
C PHE A 501 10.17 23.73 13.33
N ALA A 502 10.76 24.85 12.92
CA ALA A 502 10.78 26.02 13.78
C ALA A 502 9.38 26.44 14.17
N VAL A 503 8.45 26.43 13.23
CA VAL A 503 7.07 26.79 13.53
C VAL A 503 6.37 25.78 14.42
N LYS A 504 6.53 24.49 14.17
CA LYS A 504 5.75 23.47 14.86
C LYS A 504 6.20 23.33 16.31
N LEU A 505 7.43 22.90 16.51
CA LEU A 505 7.94 22.57 17.84
C LEU A 505 7.77 23.75 18.78
N THR A 506 7.39 23.48 20.02
CA THR A 506 7.19 24.57 20.98
C THR A 506 7.49 24.22 22.42
N TYR A 507 8.41 24.95 23.03
CA TYR A 507 8.79 24.73 24.42
C TYR A 507 8.31 25.87 25.31
N PRO A 508 7.15 25.68 25.93
CA PRO A 508 6.57 26.70 26.81
C PRO A 508 7.55 27.15 27.90
N GLU A 509 7.65 28.44 28.12
CA GLU A 509 8.54 28.99 29.13
C GLU A 509 7.76 29.64 30.27
N PRO A 510 8.05 29.23 31.50
CA PRO A 510 7.38 29.77 32.68
C PRO A 510 7.41 31.30 32.70
N VAL A 511 6.25 31.92 32.53
CA VAL A 511 6.15 33.38 32.54
C VAL A 511 6.78 33.96 33.80
N THR A 512 7.86 34.71 33.63
CA THR A 512 8.55 35.32 34.75
C THR A 512 8.65 36.83 34.59
N ALA A 513 9.87 37.34 34.57
CA ALA A 513 10.09 38.77 34.41
C ALA A 513 10.96 38.99 33.19
N TYR A 514 12.20 38.54 33.30
CA TYR A 514 13.19 38.62 32.23
C TYR A 514 12.61 38.19 30.89
N ASN A 515 11.79 37.15 30.90
CA ASN A 515 11.24 36.62 29.66
C ASN A 515 10.07 37.41 29.11
N ILE A 516 9.32 38.12 29.95
CA ILE A 516 8.09 38.74 29.47
C ILE A 516 8.36 39.70 28.33
N ALA A 517 9.55 40.31 28.31
CA ALA A 517 9.88 41.17 27.18
C ALA A 517 9.85 40.43 25.87
N GLU A 518 10.31 39.19 25.85
CA GLU A 518 10.22 38.34 24.66
C GLU A 518 8.82 37.80 24.49
N LEU A 519 8.36 37.00 25.45
CA LEU A 519 7.15 36.22 25.30
C LEU A 519 5.99 37.05 24.80
N ARG A 520 5.87 38.31 25.22
CA ARG A 520 4.92 39.18 24.56
C ARG A 520 5.12 39.15 23.06
N GLN A 521 6.27 39.61 22.59
CA GLN A 521 6.53 39.61 21.17
C GLN A 521 6.44 38.20 20.61
N ALA A 522 6.86 37.21 21.39
CA ALA A 522 6.75 35.83 20.94
C ALA A 522 5.30 35.46 20.70
N VAL A 523 4.41 35.92 21.57
CA VAL A 523 2.98 35.71 21.33
C VAL A 523 2.53 36.54 20.15
N ILE A 524 2.85 37.81 20.15
CA ILE A 524 2.38 38.71 19.10
C ILE A 524 2.74 38.17 17.73
N ASN A 525 3.92 37.54 17.63
CA ASN A 525 4.39 37.10 16.32
C ASN A 525 3.42 36.14 15.67
N GLY A 526 2.97 35.13 16.41
CA GLY A 526 2.02 34.20 15.85
C GLY A 526 2.65 32.85 15.58
N PRO A 527 1.82 31.82 15.48
CA PRO A 527 2.35 30.53 15.05
C PRO A 527 2.86 30.60 13.63
N ASP A 528 2.39 31.58 12.87
CA ASP A 528 2.80 31.71 11.49
C ASP A 528 4.10 32.48 11.33
N LYS A 529 4.55 33.20 12.35
CA LYS A 529 5.71 34.08 12.20
C LYS A 529 6.73 33.74 13.27
N TRP A 530 7.86 33.24 12.84
CA TRP A 530 8.91 32.87 13.77
C TRP A 530 9.76 34.07 14.10
N PRO A 531 10.27 34.16 15.34
CA PRO A 531 9.97 33.31 16.49
C PRO A 531 8.53 33.52 16.90
N GLY A 532 7.76 32.45 17.01
CA GLY A 532 6.35 32.56 17.31
C GLY A 532 5.99 32.01 18.67
N ALA A 533 4.69 31.88 18.89
CA ALA A 533 4.16 31.16 20.04
C ALA A 533 2.83 30.58 19.61
N THR A 534 2.44 29.46 20.23
CA THR A 534 1.28 28.74 19.76
C THR A 534 0.16 28.75 20.78
N GLN A 535 0.39 28.18 21.95
CA GLN A 535 -0.66 28.12 22.95
C GLN A 535 -0.24 28.93 24.15
N ILE A 536 -1.14 29.02 25.11
CA ILE A 536 -0.85 29.64 26.39
C ILE A 536 -1.50 28.81 27.47
N GLN A 537 -0.72 28.39 28.45
CA GLN A 537 -1.27 27.64 29.57
C GLN A 537 -1.55 28.63 30.67
N ASN A 538 -2.82 28.79 31.01
CA ASN A 538 -3.15 29.64 32.14
C ASN A 538 -2.76 28.92 33.42
N GLU A 539 -2.92 29.60 34.55
CA GLU A 539 -2.46 29.02 35.80
C GLU A 539 -3.29 27.81 36.18
N ASP A 540 -4.57 27.80 35.81
CA ASP A 540 -5.42 26.67 36.10
C ASP A 540 -5.04 25.43 35.32
N GLY A 541 -4.14 25.56 34.36
CA GLY A 541 -3.80 24.47 33.46
C GLY A 541 -4.55 24.53 32.15
N SER A 542 -5.52 25.43 32.02
CA SER A 542 -6.24 25.57 30.77
C SER A 542 -5.31 26.08 29.68
N LEU A 543 -5.58 25.66 28.45
CA LEU A 543 -4.79 26.07 27.30
C LEU A 543 -5.63 27.00 26.44
N VAL A 544 -4.97 28.02 25.89
CA VAL A 544 -5.59 28.90 24.92
C VAL A 544 -4.72 28.90 23.69
N SER A 545 -5.25 28.38 22.59
CA SER A 545 -4.50 28.37 21.35
C SER A 545 -4.51 29.76 20.74
N LEU A 546 -3.42 30.11 20.10
CA LEU A 546 -3.30 31.36 19.38
C LEU A 546 -3.58 31.20 17.90
N ILE A 547 -3.91 29.98 17.47
CA ILE A 547 -3.95 29.68 16.05
C ILE A 547 -5.02 30.51 15.36
N GLY A 548 -6.27 30.38 15.81
CA GLY A 548 -7.36 31.00 15.10
C GLY A 548 -7.52 32.47 15.42
N MET A 549 -6.48 33.07 15.96
CA MET A 549 -6.56 34.46 16.41
C MET A 549 -5.78 35.38 15.48
N SER A 550 -6.43 36.49 15.14
CA SER A 550 -5.79 37.61 14.49
C SER A 550 -4.92 38.34 15.50
N VAL A 551 -4.20 39.36 15.03
CA VAL A 551 -3.09 39.90 15.82
C VAL A 551 -3.60 40.69 17.02
N GLU A 552 -4.69 41.42 16.83
CA GLU A 552 -5.09 42.41 17.80
C GLU A 552 -5.62 41.76 19.08
N GLN A 553 -6.69 40.99 18.97
CA GLN A 553 -7.22 40.33 20.17
C GLN A 553 -6.22 39.30 20.66
N ARG A 554 -5.19 39.05 19.87
CA ARG A 554 -4.05 38.30 20.35
C ARG A 554 -3.11 39.19 21.16
N LYS A 555 -2.82 40.38 20.64
CA LYS A 555 -2.09 41.37 21.42
C LYS A 555 -2.74 41.57 22.78
N ALA A 556 -4.05 41.36 22.83
CA ALA A 556 -4.74 41.32 24.12
C ALA A 556 -4.04 40.37 25.07
N LEU A 557 -4.06 39.08 24.74
CA LEU A 557 -3.44 38.07 25.60
C LEU A 557 -2.02 38.47 25.95
N ALA A 558 -1.25 38.92 24.97
CA ALA A 558 0.13 39.31 25.22
C ALA A 558 0.20 40.33 26.34
N ASN A 559 -0.54 41.43 26.20
CA ASN A 559 -0.59 42.40 27.28
C ASN A 559 -1.23 41.79 28.51
N GLN A 560 -2.32 41.07 28.30
CA GLN A 560 -3.06 40.46 29.40
C GLN A 560 -2.22 39.43 30.12
N LEU A 561 -1.13 39.00 29.48
CA LEU A 561 -0.45 37.79 29.90
C LEU A 561 -0.02 37.85 31.36
N LEU A 562 1.00 38.64 31.67
CA LEU A 562 1.48 38.69 33.03
C LEU A 562 0.60 39.61 33.84
N THR A 563 -0.07 39.05 34.83
CA THR A 563 -1.12 39.63 35.67
C THR A 563 -1.41 38.59 36.74
N PRO A 564 -1.82 38.99 37.91
CA PRO A 564 -2.21 38.00 38.91
C PRO A 564 -3.45 37.25 38.47
N SER A 565 -3.85 36.27 39.27
CA SER A 565 -5.12 35.58 39.09
C SER A 565 -5.77 35.38 40.45
N SER A 566 -7.01 35.84 40.55
CA SER A 566 -7.77 35.78 41.79
C SER A 566 -7.74 34.40 42.43
N ASN A 567 -7.82 33.35 41.64
CA ASN A 567 -7.87 31.99 42.15
C ASN A 567 -6.67 31.74 43.05
N VAL A 568 -6.96 31.25 44.25
CA VAL A 568 -5.95 31.18 45.29
C VAL A 568 -5.00 30.03 45.05
N SER A 569 -5.54 28.85 44.73
CA SER A 569 -4.69 27.70 44.48
C SER A 569 -3.68 27.96 43.38
N THR A 570 -3.93 28.96 42.54
CA THR A 570 -3.03 29.30 41.45
C THR A 570 -2.08 30.44 41.80
N HIS A 571 -2.12 30.96 43.02
CA HIS A 571 -1.26 32.08 43.33
C HIS A 571 0.21 31.71 43.23
N THR A 572 0.53 30.44 43.41
CA THR A 572 1.90 29.96 43.33
C THR A 572 2.42 29.87 41.92
N LEU A 573 1.56 30.07 40.92
CA LEU A 573 1.89 29.70 39.56
C LEU A 573 1.87 30.93 38.66
N ASN A 574 2.48 30.77 37.49
CA ASN A 574 2.49 31.80 36.48
C ASN A 574 2.11 31.18 35.15
N LYS A 575 1.61 31.99 34.24
CA LYS A 575 1.23 31.48 32.93
C LYS A 575 2.44 30.89 32.23
N LYS A 576 2.19 29.86 31.45
CA LYS A 576 3.19 29.27 30.57
C LYS A 576 2.80 29.55 29.15
N VAL A 577 3.78 29.90 28.34
CA VAL A 577 3.58 30.12 26.93
C VAL A 577 4.33 29.04 26.17
N TYR A 578 3.82 28.66 25.01
CA TYR A 578 4.48 27.67 24.16
C TYR A 578 5.12 28.40 22.99
N ARG A 579 6.37 28.83 23.17
CA ARG A 579 7.07 29.57 22.14
C ARG A 579 7.53 28.62 21.06
N HIS A 580 7.58 29.12 19.84
CA HIS A 580 8.34 28.38 18.84
C HIS A 580 9.76 28.19 19.34
N ILE A 581 10.35 27.07 18.94
CA ILE A 581 11.76 26.85 19.20
C ILE A 581 12.52 28.03 18.63
N LYS A 582 13.59 28.45 19.30
CA LYS A 582 14.39 29.55 18.79
C LYS A 582 15.87 29.25 18.97
N ASN A 583 16.72 30.08 18.36
CA ASN A 583 18.15 29.84 18.30
C ASN A 583 18.76 29.52 19.65
N ARG A 584 18.17 30.02 20.72
CA ARG A 584 18.64 29.72 22.05
C ARG A 584 18.50 28.26 22.44
N ASP A 585 17.53 27.55 21.88
CA ASP A 585 17.15 26.22 22.32
C ASP A 585 18.17 25.17 21.91
N VAL A 586 18.07 24.01 22.55
CA VAL A 586 18.90 22.86 22.23
C VAL A 586 17.98 21.70 21.89
N VAL A 587 18.33 20.93 20.87
CA VAL A 587 17.60 19.73 20.55
C VAL A 587 18.50 18.54 20.78
N LEU A 588 17.96 17.36 20.58
CA LEU A 588 18.71 16.12 20.76
C LEU A 588 18.57 15.33 19.47
N MET A 589 19.67 15.14 18.77
CA MET A 589 19.63 14.52 17.46
C MET A 589 19.95 13.04 17.55
N ASN A 590 19.29 12.27 16.70
CA ASN A 590 19.44 10.83 16.70
C ASN A 590 19.42 10.34 15.27
N ARG A 591 20.36 9.45 14.96
CA ARG A 591 20.34 8.73 13.70
C ARG A 591 20.24 7.24 13.99
N GLN A 592 19.13 6.64 13.60
CA GLN A 592 18.96 5.23 13.84
C GLN A 592 19.61 4.44 12.72
N PRO A 593 20.20 3.29 13.06
CA PRO A 593 20.23 2.69 14.39
C PRO A 593 21.21 3.40 15.28
N THR A 594 21.01 3.36 16.57
CA THR A 594 21.92 4.02 17.49
C THR A 594 22.83 2.94 18.05
N LEU A 595 24.07 2.94 17.58
CA LEU A 595 25.06 1.97 18.00
C LEU A 595 25.68 2.30 19.33
N HIS A 596 25.87 3.57 19.63
CA HIS A 596 26.56 4.01 20.82
C HIS A 596 26.11 5.42 21.12
N LYS A 597 26.29 5.83 22.38
CA LYS A 597 25.70 7.08 22.84
C LYS A 597 26.05 8.25 21.94
N ALA A 598 27.24 8.26 21.36
CA ALA A 598 27.59 9.37 20.48
C ALA A 598 26.68 9.47 19.29
N SER A 599 26.01 8.40 18.90
CA SER A 599 25.04 8.46 17.83
C SER A 599 23.81 9.26 18.20
N MET A 600 23.70 9.69 19.46
CA MET A 600 22.66 10.60 19.88
C MET A 600 23.27 11.76 20.66
N MET A 601 23.26 12.95 20.09
CA MET A 601 23.91 14.08 20.72
C MET A 601 22.97 15.27 20.79
N GLY A 602 23.27 16.18 21.71
CA GLY A 602 22.54 17.43 21.77
C GLY A 602 23.15 18.42 20.80
N HIS A 603 22.35 19.38 20.37
CA HIS A 603 22.80 20.37 19.42
C HIS A 603 22.16 21.71 19.72
N LYS A 604 22.97 22.75 19.74
CA LYS A 604 22.36 24.06 19.76
C LYS A 604 21.65 24.28 18.45
N VAL A 605 20.57 25.04 18.51
CA VAL A 605 19.68 25.21 17.37
C VAL A 605 20.03 26.50 16.67
N ARG A 606 20.27 26.40 15.38
CA ARG A 606 20.22 27.58 14.53
C ARG A 606 19.10 27.35 13.53
N VAL A 607 18.24 28.35 13.37
CA VAL A 607 17.02 28.18 12.60
C VAL A 607 17.33 28.59 11.18
N LEU A 608 17.34 27.69 10.35
CA LEU A 608 17.74 28.18 9.05
C LEU A 608 16.53 28.38 8.15
N PRO A 609 16.45 29.55 7.53
CA PRO A 609 15.37 29.81 6.59
C PRO A 609 15.51 28.98 5.33
N ASN A 610 14.43 28.95 4.58
CA ASN A 610 14.36 28.64 3.16
C ASN A 610 14.28 27.15 2.84
N GLU A 611 14.61 26.25 3.73
CA GLU A 611 14.66 24.86 3.31
C GLU A 611 13.99 23.94 4.31
N LYS A 612 13.64 22.74 3.83
CA LYS A 612 12.85 21.78 4.58
C LYS A 612 13.67 20.70 5.28
N THR A 613 14.99 20.76 5.22
CA THR A 613 15.82 19.67 5.71
C THR A 613 16.58 20.09 6.95
N LEU A 614 16.69 19.15 7.90
CA LEU A 614 17.69 19.32 8.93
C LEU A 614 19.05 19.44 8.28
N ARG A 615 19.93 20.23 8.87
CA ARG A 615 21.24 20.31 8.27
C ARG A 615 22.33 20.46 9.32
N LEU A 616 23.42 19.74 9.10
CA LEU A 616 24.47 19.53 10.07
C LEU A 616 25.77 20.09 9.57
N HIS A 617 26.69 20.32 10.51
CA HIS A 617 28.06 20.47 10.10
C HIS A 617 28.65 19.09 9.87
N TYR A 618 29.88 19.04 9.35
CA TYR A 618 30.43 17.75 9.00
C TYR A 618 31.00 17.01 10.18
N ALA A 619 31.56 17.74 11.15
CA ALA A 619 32.22 17.07 12.26
C ALA A 619 31.33 16.02 12.90
N ASN A 620 30.03 16.19 12.80
CA ASN A 620 29.09 15.26 13.41
C ASN A 620 28.95 13.97 12.64
N THR A 621 29.15 14.01 11.32
CA THR A 621 28.95 12.86 10.46
C THR A 621 29.64 11.62 10.96
N GLY A 622 30.93 11.69 11.27
CA GLY A 622 31.66 10.54 11.76
C GLY A 622 30.98 9.94 12.97
N ALA A 623 30.43 10.79 13.82
CA ALA A 623 29.74 10.30 15.01
C ALA A 623 28.43 9.64 14.65
N TYR A 624 27.49 10.44 14.12
CA TYR A 624 26.24 9.89 13.64
C TYR A 624 26.42 8.83 12.58
N ASN A 625 27.58 8.77 11.94
CA ASN A 625 27.80 7.87 10.82
C ASN A 625 26.72 8.11 9.77
N ALA A 626 26.80 9.28 9.14
CA ALA A 626 25.77 9.73 8.22
C ALA A 626 26.40 10.21 6.93
N ASP A 627 25.95 9.65 5.82
CA ASP A 627 26.60 9.85 4.53
C ASP A 627 25.96 10.93 3.68
N PHE A 628 24.86 11.51 4.15
CA PHE A 628 24.08 12.47 3.37
C PHE A 628 23.56 11.88 2.07
N ASP A 629 23.42 10.56 2.03
CA ASP A 629 22.68 9.91 0.95
C ASP A 629 21.34 9.52 1.54
N GLY A 630 20.32 10.33 1.25
CA GLY A 630 18.99 10.08 1.78
C GLY A 630 18.94 9.76 3.25
N ASP A 631 19.86 10.31 4.04
CA ASP A 631 19.93 9.99 5.46
C ASP A 631 18.85 10.79 6.17
N GLU A 632 18.27 10.18 7.19
CA GLU A 632 17.35 10.90 8.05
C GLU A 632 17.82 10.81 9.48
N MET A 633 17.50 11.82 10.28
CA MET A 633 17.81 11.80 11.69
C MET A 633 16.64 12.28 12.51
N ASN A 634 16.47 11.68 13.68
CA ASN A 634 15.38 12.06 14.56
C ASN A 634 15.82 13.21 15.43
N MET A 635 15.09 14.31 15.34
CA MET A 635 15.29 15.43 16.24
C MET A 635 14.34 15.29 17.41
N HIS A 636 14.87 15.35 18.62
CA HIS A 636 14.04 15.42 19.80
C HIS A 636 14.22 16.77 20.47
N PHE A 637 13.13 17.34 20.95
CA PHE A 637 13.17 18.64 21.60
C PHE A 637 12.71 18.50 23.04
N PRO A 638 13.66 18.52 23.97
CA PRO A 638 13.32 18.37 25.38
C PRO A 638 12.42 19.50 25.88
N GLN A 639 11.53 19.15 26.80
CA GLN A 639 10.46 20.06 27.16
C GLN A 639 10.69 20.81 28.46
N ASN A 640 11.76 20.54 29.20
CA ASN A 640 11.94 21.25 30.45
C ASN A 640 13.40 21.54 30.71
N GLU A 641 13.63 22.53 31.57
CA GLU A 641 14.98 23.03 31.77
C GLU A 641 15.89 21.94 32.33
N ASN A 642 15.36 21.07 33.19
CA ASN A 642 16.14 19.93 33.62
C ASN A 642 16.68 19.16 32.42
N ALA A 643 15.80 18.78 31.51
CA ALA A 643 16.26 18.05 30.33
C ALA A 643 17.32 18.83 29.59
N ARG A 644 16.95 19.98 29.03
CA ARG A 644 17.91 20.74 28.24
C ARG A 644 19.14 21.16 29.02
N ALA A 645 19.06 21.17 30.35
CA ALA A 645 20.29 21.37 31.09
C ALA A 645 21.30 20.28 30.79
N GLU A 646 20.82 19.05 30.70
CA GLU A 646 21.68 17.91 30.39
C GLU A 646 22.11 17.97 28.93
N ALA A 647 21.14 18.13 28.04
CA ALA A 647 21.42 18.22 26.62
C ALA A 647 22.46 19.28 26.32
N LEU A 648 22.53 20.32 27.13
CA LEU A 648 23.61 21.27 26.97
C LEU A 648 24.88 20.80 27.65
N ASN A 649 24.76 20.25 28.85
CA ASN A 649 25.95 20.01 29.65
C ASN A 649 26.44 18.57 29.66
N LEU A 650 25.69 17.62 29.12
CA LEU A 650 26.13 16.23 29.20
C LEU A 650 26.23 15.58 27.83
N ALA A 651 25.11 15.23 27.22
CA ALA A 651 25.17 14.76 25.85
C ALA A 651 25.31 15.97 24.96
N ASN A 652 26.46 16.04 24.31
CA ASN A 652 26.81 17.21 23.54
C ASN A 652 27.77 16.80 22.45
N THR A 653 27.76 17.58 21.38
CA THR A 653 28.82 17.49 20.42
C THR A 653 30.16 17.67 21.11
N ASP A 654 30.43 18.90 21.54
CA ASP A 654 31.72 19.23 22.12
C ASP A 654 32.05 18.37 23.33
N SER A 655 31.09 18.20 24.23
CA SER A 655 31.32 17.37 25.39
C SER A 655 31.75 15.98 24.96
N GLN A 656 31.26 15.53 23.82
CA GLN A 656 31.74 14.25 23.37
C GLN A 656 32.60 14.41 22.14
N TYR A 657 33.89 14.47 22.38
CA TYR A 657 34.85 14.50 21.30
C TYR A 657 35.48 13.13 21.12
N LEU A 658 35.19 12.18 21.99
CA LEU A 658 36.02 11.00 22.07
C LEU A 658 35.17 9.75 22.20
N THR A 659 35.61 8.69 21.54
CA THR A 659 35.03 7.39 21.81
C THR A 659 35.09 7.11 23.30
N PRO A 660 34.04 6.59 23.89
CA PRO A 660 34.22 5.87 25.15
C PRO A 660 34.97 4.58 24.93
N THR A 661 35.05 4.11 23.69
CA THR A 661 35.59 2.78 23.42
C THR A 661 37.10 2.79 23.53
N SER A 662 37.78 3.37 22.55
CA SER A 662 39.21 3.49 22.59
C SER A 662 39.69 4.83 23.11
N GLY A 663 38.77 5.74 23.40
CA GLY A 663 39.19 7.09 23.71
C GLY A 663 39.73 7.82 22.51
N SER A 664 39.14 7.64 21.34
CA SER A 664 39.71 8.24 20.15
C SER A 664 38.78 9.32 19.62
N PRO A 665 39.31 10.33 18.95
CA PRO A 665 38.44 11.38 18.44
C PRO A 665 37.47 10.83 17.42
N VAL A 666 36.19 11.09 17.64
CA VAL A 666 35.19 10.68 16.66
C VAL A 666 34.87 11.82 15.72
N ARG A 667 35.34 13.03 16.02
CA ARG A 667 34.91 14.20 15.30
C ARG A 667 36.09 14.82 14.58
N GLY A 668 35.82 15.42 13.44
CA GLY A 668 36.85 16.12 12.70
C GLY A 668 36.35 16.36 11.30
N LEU A 669 37.03 17.27 10.62
CA LEU A 669 36.64 17.58 9.27
C LEU A 669 36.93 16.38 8.38
N ILE A 670 36.26 16.32 7.24
CA ILE A 670 36.33 15.15 6.38
C ILE A 670 36.60 15.59 4.94
N GLN A 671 36.97 14.61 4.11
CA GLN A 671 36.93 14.75 2.67
C GLN A 671 37.57 16.05 2.20
N ASP A 672 36.75 16.93 1.62
CA ASP A 672 37.25 18.19 1.09
C ASP A 672 38.23 18.85 2.03
N HIS A 673 37.76 19.18 3.23
CA HIS A 673 38.57 19.91 4.19
C HIS A 673 39.94 19.30 4.41
N ILE A 674 40.08 17.99 4.40
CA ILE A 674 41.43 17.44 4.45
C ILE A 674 42.22 17.87 3.24
N SER A 675 41.72 17.55 2.05
CA SER A 675 42.43 17.90 0.83
C SER A 675 42.69 19.40 0.72
N ALA A 676 41.80 20.24 1.24
CA ALA A 676 42.10 21.65 1.28
C ALA A 676 43.32 21.97 2.12
N GLY A 677 43.36 21.47 3.35
CA GLY A 677 44.44 21.79 4.25
C GLY A 677 45.79 21.50 3.63
N VAL A 678 45.86 20.43 2.86
CA VAL A 678 47.10 20.14 2.17
C VAL A 678 47.47 21.27 1.25
N TRP A 679 46.61 21.58 0.29
CA TRP A 679 46.94 22.67 -0.63
C TRP A 679 47.06 24.00 0.08
N LEU A 680 46.57 24.09 1.31
CA LEU A 680 46.75 25.32 2.05
C LEU A 680 48.07 25.30 2.80
N THR A 681 48.24 24.35 3.70
CA THR A 681 49.48 24.20 4.44
C THR A 681 50.68 23.91 3.55
N SER A 682 50.47 23.61 2.28
CA SER A 682 51.57 23.37 1.37
C SER A 682 52.49 24.58 1.30
N LYS A 683 53.77 24.33 1.08
CA LYS A 683 54.73 25.43 0.94
C LYS A 683 54.37 26.31 -0.24
N ASP A 684 53.82 25.73 -1.30
CA ASP A 684 53.52 26.51 -2.49
C ASP A 684 52.48 27.58 -2.23
N SER A 685 51.88 27.57 -1.04
CA SER A 685 50.89 28.57 -0.70
C SER A 685 51.58 29.87 -0.30
N PHE A 686 51.12 30.98 -0.87
CA PHE A 686 51.49 32.30 -0.39
C PHE A 686 50.30 33.20 -0.64
N PHE A 687 50.15 34.21 0.19
CA PHE A 687 48.96 35.02 0.15
C PHE A 687 49.33 36.47 0.38
N THR A 688 48.67 37.36 -0.35
CA THR A 688 48.94 38.77 -0.19
C THR A 688 48.31 39.24 1.10
N ARG A 689 48.54 40.49 1.45
CA ARG A 689 47.89 41.04 2.62
C ARG A 689 46.39 40.99 2.47
N GLU A 690 45.90 41.11 1.24
CA GLU A 690 44.47 41.03 1.02
C GLU A 690 43.97 39.61 1.20
N GLN A 691 44.55 38.67 0.47
CA GLN A 691 44.11 37.28 0.60
C GLN A 691 44.25 36.81 2.03
N TYR A 692 45.38 37.11 2.65
CA TYR A 692 45.63 36.68 4.02
C TYR A 692 44.52 37.14 4.95
N GLN A 693 44.41 38.45 5.13
CA GLN A 693 43.37 39.01 5.98
C GLN A 693 41.99 38.50 5.64
N GLN A 694 41.66 38.37 4.36
CA GLN A 694 40.35 37.86 4.00
C GLN A 694 40.11 36.48 4.60
N TYR A 695 41.00 35.53 4.35
CA TYR A 695 40.78 34.17 4.83
C TYR A 695 40.64 34.13 6.33
N ILE A 696 41.42 34.95 7.03
CA ILE A 696 41.28 35.00 8.48
C ILE A 696 39.88 35.39 8.86
N TYR A 697 39.50 36.63 8.58
CA TYR A 697 38.16 37.07 8.93
C TYR A 697 37.10 36.31 8.17
N GLY A 698 37.49 35.56 7.14
CA GLY A 698 36.55 34.61 6.57
C GLY A 698 36.05 33.65 7.62
N CYS A 699 36.96 33.00 8.33
CA CYS A 699 36.59 31.97 9.29
C CYS A 699 36.47 32.47 10.72
N ILE A 700 36.92 33.67 11.02
CA ILE A 700 37.00 34.14 12.40
C ILE A 700 35.76 34.92 12.80
N ARG A 701 35.58 36.11 12.25
CA ARG A 701 34.41 36.87 12.61
C ARG A 701 34.33 37.16 14.11
N PRO A 702 35.12 38.10 14.62
CA PRO A 702 35.03 38.45 16.04
C PRO A 702 33.65 38.86 16.48
N GLU A 703 32.77 39.21 15.53
CA GLU A 703 31.39 39.53 15.86
C GLU A 703 30.75 38.46 16.71
N ASP A 704 31.22 37.23 16.62
CA ASP A 704 30.66 36.14 17.37
C ASP A 704 31.67 35.72 18.42
N GLY A 705 31.34 34.69 19.18
CA GLY A 705 32.24 34.27 20.23
C GLY A 705 33.56 33.74 19.75
N HIS A 706 33.78 33.78 18.44
CA HIS A 706 34.97 33.19 17.86
C HIS A 706 36.23 33.78 18.47
N THR A 707 36.37 35.08 18.39
CA THR A 707 37.61 35.75 18.80
C THR A 707 37.62 35.93 20.31
N THR A 708 38.68 35.46 20.93
CA THR A 708 38.89 35.72 22.34
C THR A 708 39.29 37.16 22.62
N ARG A 709 39.62 37.92 21.59
CA ARG A 709 40.17 39.25 21.73
C ARG A 709 39.21 40.29 21.20
N SER A 710 39.60 41.55 21.34
CA SER A 710 38.84 42.67 20.81
C SER A 710 39.13 42.90 19.33
N LYS A 711 40.33 42.58 18.87
CA LYS A 711 40.67 42.72 17.46
C LYS A 711 41.07 41.36 16.92
N ILE A 712 41.41 41.34 15.65
CA ILE A 712 41.98 40.17 15.02
C ILE A 712 43.47 40.41 14.87
N VAL A 713 44.26 39.67 15.63
CA VAL A 713 45.70 39.83 15.63
C VAL A 713 46.26 39.17 14.39
N THR A 714 47.11 39.88 13.67
CA THR A 714 47.68 39.39 12.43
C THR A 714 49.19 39.28 12.56
N LEU A 715 49.74 38.35 11.84
CA LEU A 715 51.17 38.13 11.88
C LEU A 715 51.86 38.96 10.83
N PRO A 716 53.15 39.24 11.01
CA PRO A 716 53.90 39.87 9.95
C PRO A 716 54.05 38.92 8.78
N PRO A 717 54.08 39.44 7.57
CA PRO A 717 54.26 38.58 6.40
C PRO A 717 55.60 37.87 6.46
N THR A 718 55.58 36.59 6.09
CA THR A 718 56.81 35.81 6.08
C THR A 718 57.86 36.43 5.19
N ILE A 719 57.49 36.90 4.01
CA ILE A 719 58.41 37.51 3.08
C ILE A 719 58.13 38.99 3.08
N PHE A 720 59.04 39.79 3.63
CA PHE A 720 58.85 41.22 3.52
C PHE A 720 59.21 41.72 2.14
N LYS A 721 60.45 41.57 1.74
CA LYS A 721 60.91 42.12 0.50
C LYS A 721 61.25 40.94 -0.38
N PRO A 722 61.00 41.07 -1.69
CA PRO A 722 60.43 42.21 -2.40
C PRO A 722 58.97 42.50 -2.07
N TYR A 723 58.18 41.46 -2.03
CA TYR A 723 56.73 41.60 -2.05
C TYR A 723 56.13 41.00 -0.80
N PRO A 724 55.53 41.77 0.09
CA PRO A 724 55.07 41.19 1.36
C PRO A 724 54.07 40.07 1.13
N LEU A 725 54.34 38.92 1.74
CA LEU A 725 53.49 37.76 1.58
C LEU A 725 53.44 36.94 2.86
N TRP A 726 52.33 36.24 3.03
CA TRP A 726 52.07 35.37 4.15
C TRP A 726 51.94 33.96 3.63
N THR A 727 52.66 33.02 4.23
CA THR A 727 52.56 31.66 3.75
C THR A 727 51.26 31.04 4.23
N GLY A 728 51.01 29.82 3.78
CA GLY A 728 49.83 29.13 4.22
C GLY A 728 49.90 28.80 5.70
N LYS A 729 50.97 28.15 6.11
CA LYS A 729 51.16 27.77 7.49
C LYS A 729 50.94 28.91 8.46
N GLN A 730 51.29 30.15 8.08
CA GLN A 730 50.96 31.25 8.95
C GLN A 730 49.47 31.38 9.18
N ILE A 731 48.65 31.15 8.15
CA ILE A 731 47.22 31.34 8.32
C ILE A 731 46.70 30.46 9.44
N ILE A 732 47.07 29.18 9.44
CA ILE A 732 46.75 28.33 10.57
C ILE A 732 47.23 28.97 11.86
N THR A 733 48.51 29.31 11.93
CA THR A 733 49.04 29.94 13.12
C THR A 733 48.23 31.16 13.49
N THR A 734 47.81 31.93 12.49
CA THR A 734 47.02 33.11 12.78
C THR A 734 45.73 32.75 13.47
N VAL A 735 45.04 31.72 12.99
CA VAL A 735 43.78 31.31 13.59
C VAL A 735 43.99 30.98 15.06
N LEU A 736 44.76 29.94 15.33
CA LEU A 736 45.01 29.53 16.70
C LEU A 736 45.37 30.72 17.56
N LEU A 737 46.22 31.59 17.05
CA LEU A 737 46.51 32.83 17.74
C LEU A 737 45.24 33.55 18.16
N ASN A 738 44.27 33.65 17.26
CA ASN A 738 43.08 34.41 17.57
C ASN A 738 42.14 33.66 18.51
N VAL A 739 41.91 32.37 18.23
CA VAL A 739 40.84 31.68 18.92
C VAL A 739 41.28 31.14 20.27
N THR A 740 42.58 31.08 20.54
CA THR A 740 43.01 30.60 21.84
C THR A 740 42.91 31.70 22.87
N PRO A 741 42.80 31.34 24.15
CA PRO A 741 42.79 32.36 25.18
C PRO A 741 44.06 33.18 25.14
N PRO A 742 43.94 34.50 25.16
CA PRO A 742 45.15 35.34 25.06
C PRO A 742 46.09 35.13 26.21
N ASP A 743 45.56 34.95 27.41
CA ASP A 743 46.35 34.78 28.61
C ASP A 743 47.19 33.52 28.58
N MET A 744 47.00 32.65 27.60
CA MET A 744 47.57 31.35 27.79
C MET A 744 48.59 31.09 26.70
N PRO A 745 49.71 30.44 27.01
CA PRO A 745 50.78 30.29 26.02
C PRO A 745 50.35 29.34 24.91
N GLY A 746 51.03 29.48 23.78
CA GLY A 746 50.66 28.70 22.62
C GLY A 746 50.95 27.22 22.78
N ILE A 747 50.20 26.42 22.04
CA ILE A 747 50.42 24.99 22.03
C ILE A 747 51.83 24.70 21.50
N ASN A 748 52.40 23.61 21.98
CA ASN A 748 53.68 23.12 21.50
C ASN A 748 53.50 21.65 21.19
N LEU A 749 53.67 21.29 19.92
CA LEU A 749 53.30 19.97 19.49
C LEU A 749 54.27 19.48 18.43
N ILE A 750 54.61 18.20 18.50
CA ILE A 750 55.41 17.53 17.49
C ILE A 750 54.64 16.28 17.08
N SER A 751 54.43 16.11 15.78
CA SER A 751 53.61 15.00 15.35
C SER A 751 53.96 14.67 13.90
N LYS A 752 53.53 13.49 13.46
CA LYS A 752 53.63 13.10 12.08
C LYS A 752 52.32 13.40 11.39
N ASN A 753 52.31 13.11 10.09
CA ASN A 753 51.09 13.07 9.31
C ASN A 753 51.22 11.91 8.33
N LYS A 754 50.18 11.69 7.54
CA LYS A 754 50.13 10.48 6.74
C LYS A 754 50.88 10.60 5.42
N ILE A 755 51.52 11.73 5.16
CA ILE A 755 52.26 11.95 3.92
C ILE A 755 53.75 11.85 4.18
N LYS A 756 54.41 10.92 3.50
CA LYS A 756 55.83 10.76 3.71
C LYS A 756 56.60 11.87 3.01
N ASN A 757 57.79 12.14 3.53
CA ASN A 757 58.60 13.23 3.01
C ASN A 757 58.81 13.10 1.52
N GLU A 758 59.13 11.90 1.06
CA GLU A 758 59.57 11.72 -0.32
C GLU A 758 58.64 12.34 -1.34
N TYR A 759 57.33 12.34 -1.09
CA TYR A 759 56.40 12.87 -2.07
C TYR A 759 56.70 14.30 -2.44
N TRP A 760 57.16 15.09 -1.48
CA TRP A 760 57.37 16.51 -1.75
C TRP A 760 58.65 16.72 -2.52
N GLY A 761 59.63 15.87 -2.29
CA GLY A 761 60.89 16.00 -2.98
C GLY A 761 62.03 15.53 -2.09
N LYS A 762 63.23 15.92 -2.47
CA LYS A 762 64.39 15.57 -1.67
C LYS A 762 64.49 16.51 -0.48
N GLY A 763 64.82 15.94 0.67
CA GLY A 763 65.19 16.74 1.83
C GLY A 763 64.06 17.53 2.45
N SER A 764 62.83 17.28 2.01
CA SER A 764 61.70 17.91 2.67
C SER A 764 61.35 17.16 3.94
N LEU A 765 61.06 17.90 5.01
CA LEU A 765 60.66 17.33 6.28
C LEU A 765 59.16 17.27 6.46
N GLU A 766 58.41 17.58 5.40
CA GLU A 766 57.02 17.98 5.56
C GLU A 766 56.17 16.91 6.22
N ASN A 767 56.67 15.67 6.33
CA ASN A 767 55.95 14.67 7.11
C ASN A 767 55.83 15.11 8.56
N GLU A 768 56.89 15.68 9.11
CA GLU A 768 56.93 16.04 10.51
C GLU A 768 56.12 17.30 10.76
N VAL A 769 55.14 17.21 11.65
CA VAL A 769 54.30 18.34 12.01
C VAL A 769 54.82 18.92 13.30
N LEU A 770 55.02 20.22 13.32
CA LEU A 770 55.63 20.88 14.47
C LEU A 770 54.90 22.16 14.78
N PHE A 771 54.39 22.26 16.00
CA PHE A 771 53.95 23.53 16.55
C PHE A 771 54.89 23.92 17.67
N LYS A 772 55.26 25.18 17.71
CA LYS A 772 55.99 25.72 18.83
C LYS A 772 55.28 27.00 19.25
N ASP A 773 54.76 27.00 20.47
CA ASP A 773 54.05 28.16 20.99
C ASP A 773 52.90 28.55 20.06
N GLY A 774 52.04 27.59 19.78
CA GLY A 774 50.89 27.86 18.95
C GLY A 774 51.18 28.36 17.57
N ALA A 775 52.34 28.06 17.02
CA ALA A 775 52.64 28.43 15.64
C ALA A 775 52.97 27.18 14.85
N LEU A 776 52.59 27.19 13.58
CA LEU A 776 52.85 26.07 12.71
C LEU A 776 54.16 26.31 11.99
N LEU A 777 55.19 25.58 12.38
CA LEU A 777 56.50 25.78 11.79
C LEU A 777 56.86 24.77 10.72
N CYS A 778 56.15 23.65 10.63
CA CYS A 778 56.60 22.61 9.72
C CYS A 778 55.47 21.65 9.42
N GLY A 779 55.58 20.96 8.31
CA GLY A 779 54.63 19.91 8.02
C GLY A 779 53.29 20.43 7.58
N ILE A 780 52.54 19.55 6.92
CA ILE A 780 51.23 19.92 6.43
C ILE A 780 50.14 19.22 7.23
N LEU A 781 49.07 19.94 7.47
CA LEU A 781 47.95 19.44 8.25
C LEU A 781 47.16 18.44 7.43
N ASP A 782 46.63 17.43 8.11
CA ASP A 782 46.30 16.18 7.48
C ASP A 782 45.06 15.61 8.17
N LYS A 783 44.49 14.55 7.58
CA LYS A 783 43.57 13.71 8.33
C LYS A 783 44.13 13.40 9.71
N SER A 784 45.38 12.99 9.79
CA SER A 784 45.97 12.71 11.07
C SER A 784 46.05 13.93 11.96
N GLN A 785 45.79 15.12 11.44
CA GLN A 785 45.86 16.30 12.28
C GLN A 785 44.48 16.79 12.67
N TYR A 786 43.78 17.45 11.75
CA TYR A 786 42.49 18.01 12.06
C TYR A 786 41.34 17.13 11.64
N GLY A 787 41.61 15.95 11.13
CA GLY A 787 40.60 14.93 11.01
C GLY A 787 40.34 14.36 12.38
N ALA A 788 39.77 13.17 12.42
CA ALA A 788 39.61 12.47 13.67
C ALA A 788 40.84 11.59 13.85
N SER A 789 41.73 11.98 14.75
CA SER A 789 42.92 11.18 15.00
C SER A 789 43.41 11.43 16.42
N LYS A 790 43.86 10.37 17.06
CA LYS A 790 44.52 10.50 18.34
C LYS A 790 45.83 11.25 18.16
N TYR A 791 46.14 12.09 19.15
CA TYR A 791 47.42 12.75 19.23
C TYR A 791 47.64 13.66 18.03
N GLY A 792 46.53 14.06 17.43
CA GLY A 792 46.53 15.11 16.45
C GLY A 792 46.57 16.46 17.11
N ILE A 793 46.41 17.49 16.31
CA ILE A 793 46.40 18.84 16.86
C ILE A 793 45.11 19.08 17.65
N VAL A 794 43.97 19.06 16.97
CA VAL A 794 42.71 19.22 17.65
C VAL A 794 42.59 18.33 18.88
N HIS A 795 43.06 17.09 18.81
CA HIS A 795 43.08 16.29 20.03
C HIS A 795 43.95 16.92 21.10
N SER A 796 44.99 17.65 20.70
CA SER A 796 45.80 18.30 21.70
C SER A 796 45.11 19.55 22.22
N LEU A 797 44.57 20.36 21.32
CA LEU A 797 43.77 21.49 21.74
C LEU A 797 42.68 21.09 22.69
N HIS A 798 41.88 20.09 22.31
CA HIS A 798 40.92 19.52 23.23
C HIS A 798 41.59 19.20 24.56
N GLU A 799 42.78 18.63 24.51
CA GLU A 799 43.47 18.31 25.74
C GLU A 799 43.91 19.56 26.47
N VAL A 800 44.68 20.42 25.80
CA VAL A 800 45.25 21.58 26.49
C VAL A 800 44.19 22.62 26.79
N TYR A 801 43.51 23.11 25.76
CA TYR A 801 42.65 24.26 25.91
C TYR A 801 41.23 23.91 26.29
N GLY A 802 40.91 22.63 26.41
CA GLY A 802 39.57 22.25 26.77
C GLY A 802 38.69 22.15 25.56
N PRO A 803 37.69 21.27 25.62
CA PRO A 803 36.94 20.92 24.41
C PRO A 803 36.32 22.10 23.71
N GLU A 804 35.83 23.09 24.45
CA GLU A 804 35.17 24.24 23.85
C GLU A 804 36.07 24.89 22.82
N VAL A 805 37.32 25.16 23.19
CA VAL A 805 38.26 25.70 22.23
C VAL A 805 38.41 24.76 21.05
N ALA A 806 38.60 23.48 21.32
CA ALA A 806 38.70 22.51 20.24
C ALA A 806 37.48 22.60 19.34
N ALA A 807 36.29 22.55 19.92
CA ALA A 807 35.08 22.67 19.14
C ALA A 807 35.10 23.91 18.27
N LYS A 808 35.41 25.07 18.86
CA LYS A 808 35.53 26.27 18.05
C LYS A 808 36.54 26.07 16.94
N VAL A 809 37.77 25.72 17.32
CA VAL A 809 38.81 25.49 16.33
C VAL A 809 38.31 24.57 15.23
N LEU A 810 37.71 23.45 15.61
CA LEU A 810 37.31 22.48 14.61
C LEU A 810 36.30 23.09 13.65
N SER A 811 35.48 24.00 14.14
CA SER A 811 34.54 24.67 13.25
C SER A 811 35.22 25.79 12.49
N VAL A 812 36.09 26.56 13.16
CA VAL A 812 36.73 27.69 12.50
C VAL A 812 37.50 27.22 11.29
N LEU A 813 38.23 26.12 11.44
CA LEU A 813 38.92 25.56 10.29
C LEU A 813 37.96 25.25 9.15
N GLY A 814 36.83 24.64 9.47
CA GLY A 814 35.86 24.31 8.45
C GLY A 814 35.53 25.50 7.60
N ARG A 815 35.16 26.61 8.22
CA ARG A 815 34.91 27.81 7.44
C ARG A 815 36.17 28.27 6.73
N LEU A 816 37.32 28.11 7.36
CA LEU A 816 38.55 28.51 6.70
C LEU A 816 38.74 27.74 5.40
N PHE A 817 38.83 26.42 5.50
CA PHE A 817 39.03 25.61 4.32
C PHE A 817 37.97 25.84 3.27
N THR A 818 36.70 25.85 3.66
CA THR A 818 35.64 26.15 2.71
C THR A 818 35.95 27.44 1.96
N ASN A 819 36.30 28.49 2.68
CA ASN A 819 36.68 29.73 2.01
C ASN A 819 37.85 29.48 1.08
N TYR A 820 38.90 28.84 1.59
CA TYR A 820 40.05 28.56 0.75
C TYR A 820 39.68 27.71 -0.45
N ILE A 821 38.84 26.70 -0.25
CA ILE A 821 38.33 25.93 -1.37
C ILE A 821 37.68 26.84 -2.38
N THR A 822 36.67 27.59 -1.95
CA THR A 822 35.97 28.48 -2.87
C THR A 822 36.94 29.37 -3.62
N ALA A 823 38.12 29.59 -3.05
CA ALA A 823 39.15 30.30 -3.79
C ALA A 823 39.81 29.41 -4.82
N THR A 824 40.51 28.37 -4.39
CA THR A 824 41.32 27.56 -5.28
C THR A 824 40.59 26.36 -5.85
N ALA A 825 39.42 26.03 -5.32
CA ALA A 825 38.69 24.83 -5.66
C ALA A 825 39.57 23.59 -5.56
N PHE A 826 39.29 22.61 -6.40
CA PHE A 826 39.94 21.31 -6.33
C PHE A 826 39.18 20.44 -7.32
N THR A 827 39.77 19.34 -7.77
CA THR A 827 39.10 18.53 -8.77
C THR A 827 39.93 17.30 -9.08
N CYS A 828 39.30 16.29 -9.68
CA CYS A 828 40.01 15.10 -10.12
C CYS A 828 39.55 14.75 -11.52
N GLY A 829 40.45 14.85 -12.49
CA GLY A 829 40.13 14.60 -13.88
C GLY A 829 40.68 13.28 -14.37
N MET A 830 40.26 12.93 -15.59
CA MET A 830 40.82 11.74 -16.24
C MET A 830 42.33 11.75 -16.21
N ASP A 831 42.94 12.87 -16.58
CA ASP A 831 44.38 13.00 -16.52
C ASP A 831 44.96 12.50 -15.21
N ASP A 832 44.29 12.74 -14.09
CA ASP A 832 44.80 12.26 -12.81
C ASP A 832 44.91 10.75 -12.78
N LEU A 833 44.21 10.06 -13.66
CA LEU A 833 44.14 8.61 -13.62
C LEU A 833 45.19 7.92 -14.49
N ARG A 834 45.89 8.66 -15.33
CA ARG A 834 46.73 8.03 -16.33
C ARG A 834 48.11 7.75 -15.78
N LEU A 835 48.64 6.59 -16.16
CA LEU A 835 50.07 6.37 -16.03
C LEU A 835 50.79 7.14 -17.13
N THR A 836 52.10 7.31 -16.94
CA THR A 836 52.89 7.82 -18.03
C THR A 836 52.99 6.76 -19.11
N ALA A 837 53.64 7.09 -20.20
CA ALA A 837 53.92 6.07 -21.20
C ALA A 837 54.78 4.97 -20.63
N GLU A 838 55.82 5.35 -19.89
CA GLU A 838 56.71 4.36 -19.31
C GLU A 838 56.00 3.53 -18.25
N GLY A 839 55.13 4.18 -17.48
CA GLY A 839 54.40 3.46 -16.46
C GLY A 839 53.65 2.27 -17.04
N ASN A 840 52.81 2.52 -18.05
CA ASN A 840 52.11 1.42 -18.69
C ASN A 840 53.07 0.37 -19.17
N LYS A 841 54.19 0.80 -19.77
CA LYS A 841 55.21 -0.15 -20.18
C LYS A 841 55.61 -1.05 -19.02
N TRP A 842 56.00 -0.45 -17.90
CA TRP A 842 56.27 -1.23 -16.70
C TRP A 842 55.10 -2.13 -16.38
N ARG A 843 53.91 -1.55 -16.34
CA ARG A 843 52.70 -2.31 -16.03
C ARG A 843 52.60 -3.55 -16.89
N THR A 844 52.50 -3.35 -18.21
CA THR A 844 52.42 -4.48 -19.13
C THR A 844 53.53 -5.49 -18.87
N ASP A 845 54.77 -5.03 -18.77
CA ASP A 845 55.88 -5.95 -18.66
C ASP A 845 55.73 -6.85 -17.44
N ILE A 846 55.43 -6.26 -16.29
CA ILE A 846 55.25 -7.07 -15.10
C ILE A 846 54.09 -8.03 -15.26
N LEU A 847 52.99 -7.57 -15.85
CA LEU A 847 51.87 -8.46 -16.10
C LEU A 847 52.29 -9.68 -16.92
N LYS A 848 53.11 -9.46 -17.94
CA LYS A 848 53.50 -10.57 -18.80
C LYS A 848 54.16 -11.69 -18.02
N THR A 849 54.79 -11.37 -16.90
CA THR A 849 55.37 -12.39 -16.05
C THR A 849 54.32 -13.23 -15.36
N SER A 850 53.08 -12.74 -15.25
CA SER A 850 52.02 -13.43 -14.53
C SER A 850 51.43 -14.59 -15.32
N VAL A 851 51.81 -14.75 -16.58
CA VAL A 851 51.18 -15.75 -17.43
C VAL A 851 51.28 -17.13 -16.81
N ASP A 852 52.48 -17.68 -16.77
CA ASP A 852 52.67 -19.05 -16.30
C ASP A 852 52.40 -19.19 -14.82
N THR A 853 52.20 -18.08 -14.11
CA THR A 853 52.06 -18.12 -12.65
C THR A 853 51.01 -19.12 -12.21
N GLY A 854 49.90 -19.16 -12.92
CA GLY A 854 48.87 -20.13 -12.56
C GLY A 854 49.37 -21.54 -12.68
N ARG A 855 49.96 -21.90 -13.82
CA ARG A 855 50.43 -23.25 -14.02
C ARG A 855 51.41 -23.65 -12.93
N GLU A 856 52.26 -22.71 -12.51
CA GLU A 856 53.25 -23.00 -11.49
C GLU A 856 52.63 -23.55 -10.21
N ALA A 857 51.72 -22.79 -9.62
CA ALA A 857 51.08 -23.22 -8.38
C ALA A 857 50.49 -24.62 -8.49
N ALA A 858 49.75 -24.89 -9.55
CA ALA A 858 49.25 -26.23 -9.77
C ALA A 858 50.34 -27.29 -9.71
N ALA A 859 51.39 -27.13 -10.51
CA ALA A 859 52.52 -28.04 -10.43
C ALA A 859 53.00 -28.21 -9.01
N GLU A 860 53.04 -27.11 -8.25
CA GLU A 860 53.43 -27.20 -6.86
C GLU A 860 52.40 -27.93 -6.03
N VAL A 861 51.13 -27.54 -6.13
CA VAL A 861 50.11 -28.18 -5.31
C VAL A 861 50.00 -29.66 -5.67
N THR A 862 50.05 -29.98 -6.95
CA THR A 862 49.98 -31.36 -7.38
C THR A 862 51.25 -32.13 -7.06
N ASN A 863 52.29 -31.47 -6.58
CA ASN A 863 53.57 -32.09 -6.28
C ASN A 863 54.20 -32.66 -7.56
N LEU A 864 53.76 -32.09 -8.68
CA LEU A 864 54.33 -32.47 -9.95
C LEU A 864 55.51 -31.58 -10.27
N ASP A 865 56.15 -31.85 -11.40
CA ASP A 865 57.27 -31.02 -11.82
C ASP A 865 56.81 -29.61 -12.11
N LYS A 866 57.61 -28.64 -11.67
CA LYS A 866 57.29 -27.24 -11.91
C LYS A 866 57.11 -26.94 -13.40
N ASP A 867 57.77 -27.68 -14.27
CA ASP A 867 57.73 -27.43 -15.69
C ASP A 867 56.68 -28.27 -16.41
N THR A 868 55.87 -29.00 -15.67
CA THR A 868 54.77 -29.74 -16.24
C THR A 868 53.93 -28.82 -17.12
N PRO A 869 53.74 -29.14 -18.39
CA PRO A 869 52.93 -28.28 -19.26
C PRO A 869 51.48 -28.27 -18.81
N ALA A 870 50.77 -27.25 -19.24
CA ALA A 870 49.41 -27.01 -18.74
C ALA A 870 48.50 -28.20 -19.03
N ASP A 871 48.76 -28.94 -20.09
CA ASP A 871 47.85 -29.95 -20.58
C ASP A 871 48.17 -31.36 -20.12
N ASP A 872 49.17 -31.53 -19.27
CA ASP A 872 49.56 -32.88 -18.86
C ASP A 872 48.37 -33.66 -18.34
N PRO A 873 48.18 -34.89 -18.78
CA PRO A 873 47.05 -35.68 -18.26
C PRO A 873 47.13 -35.88 -16.76
N GLU A 874 48.28 -36.30 -16.25
CA GLU A 874 48.41 -36.49 -14.81
C GLU A 874 48.23 -35.18 -14.08
N LEU A 875 48.69 -34.08 -14.68
CA LEU A 875 48.34 -32.77 -14.14
C LEU A 875 46.84 -32.61 -14.04
N LEU A 876 46.15 -32.74 -15.17
CA LEU A 876 44.71 -32.56 -15.18
C LEU A 876 44.03 -33.58 -14.29
N LYS A 877 44.45 -34.84 -14.37
CA LYS A 877 43.90 -35.87 -13.50
C LYS A 877 43.90 -35.42 -12.05
N ARG A 878 45.00 -34.84 -11.60
CA ARG A 878 45.03 -34.34 -10.23
C ARG A 878 44.17 -33.10 -10.09
N LEU A 879 44.30 -32.17 -11.04
CA LEU A 879 43.38 -31.04 -11.05
C LEU A 879 41.94 -31.50 -11.06
N GLN A 880 41.59 -32.43 -11.93
CA GLN A 880 40.26 -33.02 -11.88
C GLN A 880 39.98 -33.58 -10.50
N GLU A 881 40.96 -34.25 -9.90
CA GLU A 881 40.78 -34.77 -8.57
C GLU A 881 40.67 -33.68 -7.53
N ILE A 882 41.61 -32.73 -7.53
CA ILE A 882 41.57 -31.70 -6.51
C ILE A 882 40.30 -30.89 -6.59
N LEU A 883 39.69 -30.79 -7.76
CA LEU A 883 38.40 -30.13 -7.83
C LEU A 883 37.35 -30.86 -7.02
N ARG A 884 37.27 -32.19 -7.19
CA ARG A 884 36.24 -32.96 -6.50
C ARG A 884 36.34 -32.81 -5.00
N ASP A 885 37.56 -32.73 -4.46
CA ASP A 885 37.71 -32.43 -3.06
C ASP A 885 37.55 -30.93 -2.84
N ASN A 886 36.77 -30.59 -1.81
CA ASN A 886 36.65 -29.18 -1.46
C ASN A 886 37.88 -28.69 -0.70
N ASN A 887 38.37 -29.49 0.25
CA ASN A 887 39.48 -29.06 1.06
C ASN A 887 40.72 -28.80 0.22
N LYS A 888 41.18 -29.79 -0.52
CA LYS A 888 42.34 -29.59 -1.39
C LYS A 888 42.11 -28.42 -2.33
N SER A 889 40.90 -28.28 -2.84
CA SER A 889 40.60 -27.15 -3.71
C SER A 889 40.80 -25.84 -2.97
N GLY A 890 40.39 -25.78 -1.70
CA GLY A 890 40.69 -24.61 -0.91
C GLY A 890 42.16 -24.32 -0.83
N ILE A 891 42.99 -25.35 -0.87
CA ILE A 891 44.43 -25.16 -0.81
C ILE A 891 44.94 -24.50 -2.08
N LEU A 892 44.52 -25.01 -3.24
CA LEU A 892 45.03 -24.50 -4.49
C LEU A 892 44.81 -23.01 -4.63
N ASP A 893 43.63 -22.52 -4.23
CA ASP A 893 43.40 -21.09 -4.31
C ASP A 893 44.39 -20.34 -3.44
N ALA A 894 44.51 -20.73 -2.16
CA ALA A 894 45.43 -20.07 -1.26
C ALA A 894 46.82 -19.96 -1.85
N VAL A 895 47.38 -21.05 -2.33
CA VAL A 895 48.68 -20.99 -2.98
C VAL A 895 48.66 -19.99 -4.12
N THR A 896 47.84 -20.24 -5.13
CA THR A 896 47.80 -19.33 -6.27
C THR A 896 47.52 -17.90 -5.85
N SER A 897 46.53 -17.70 -4.99
CA SER A 897 46.23 -16.35 -4.52
C SER A 897 47.48 -15.67 -4.00
N SER A 898 48.31 -16.40 -3.26
CA SER A 898 49.59 -15.85 -2.85
C SER A 898 50.38 -15.34 -4.04
N LYS A 899 50.73 -16.25 -4.95
CA LYS A 899 51.66 -15.92 -6.01
C LYS A 899 51.18 -14.73 -6.83
N VAL A 900 49.91 -14.72 -7.20
CA VAL A 900 49.42 -13.61 -8.01
C VAL A 900 49.44 -12.32 -7.25
N ASN A 901 49.11 -12.34 -5.97
CA ASN A 901 49.17 -11.11 -5.19
C ASN A 901 50.58 -10.55 -5.15
N ALA A 902 51.58 -11.43 -5.05
CA ALA A 902 52.95 -10.98 -5.19
C ALA A 902 53.13 -10.20 -6.48
N ILE A 903 52.49 -10.66 -7.55
CA ILE A 903 52.60 -9.95 -8.81
C ILE A 903 51.95 -8.59 -8.71
N THR A 904 50.78 -8.53 -8.09
CA THR A 904 50.09 -7.25 -7.93
C THR A 904 51.00 -6.22 -7.29
N SER A 905 51.57 -6.57 -6.14
CA SER A 905 52.49 -5.68 -5.46
C SER A 905 53.58 -5.17 -6.36
N GLN A 906 54.28 -6.06 -7.06
CA GLN A 906 55.34 -5.65 -7.98
C GLN A 906 54.86 -4.57 -8.92
N VAL A 907 53.59 -4.63 -9.32
CA VAL A 907 53.06 -3.60 -10.20
C VAL A 907 52.88 -2.30 -9.45
N VAL A 908 51.97 -2.30 -8.47
CA VAL A 908 51.69 -1.09 -7.72
C VAL A 908 52.97 -0.47 -7.20
N SER A 909 53.87 -1.29 -6.66
CA SER A 909 55.15 -0.78 -6.22
C SER A 909 55.90 -0.11 -7.33
N LYS A 910 56.17 -0.82 -8.42
CA LYS A 910 56.95 -0.23 -9.50
C LYS A 910 56.22 0.91 -10.16
N CYS A 911 54.90 0.85 -10.28
CA CYS A 911 54.15 1.82 -11.07
C CYS A 911 53.88 3.10 -10.29
N VAL A 912 53.00 3.00 -9.31
CA VAL A 912 52.55 4.15 -8.55
C VAL A 912 53.50 4.44 -7.42
N PRO A 913 53.80 5.72 -7.18
CA PRO A 913 53.48 6.92 -7.96
C PRO A 913 54.30 7.06 -9.24
N ASP A 914 55.40 6.31 -9.30
CA ASP A 914 56.45 6.52 -10.28
C ASP A 914 55.94 6.70 -11.69
N GLY A 915 55.08 5.82 -12.18
CA GLY A 915 54.69 5.88 -13.57
C GLY A 915 53.47 6.74 -13.84
N THR A 916 52.93 7.36 -12.79
CA THR A 916 51.72 8.13 -12.95
C THR A 916 51.98 9.38 -13.77
N MET A 917 51.01 9.77 -14.59
CA MET A 917 51.26 10.88 -15.49
C MET A 917 51.33 12.21 -14.73
N LYS A 918 50.31 12.53 -13.94
CA LYS A 918 50.39 13.69 -13.06
C LYS A 918 50.84 13.22 -11.69
N LYS A 919 51.70 14.01 -11.07
CA LYS A 919 52.32 13.62 -9.81
C LYS A 919 51.69 14.37 -8.65
N PHE A 920 51.65 13.72 -7.50
CA PHE A 920 51.31 14.40 -6.28
C PHE A 920 52.25 15.57 -6.11
N PRO A 921 51.76 16.68 -5.59
CA PRO A 921 50.40 17.05 -5.22
C PRO A 921 49.50 17.30 -6.41
N CYS A 922 50.09 17.70 -7.53
CA CYS A 922 49.27 18.07 -8.68
C CYS A 922 48.28 16.97 -9.05
N ASN A 923 48.62 15.72 -8.78
CA ASN A 923 47.68 14.63 -8.99
C ASN A 923 46.67 14.63 -7.87
N SER A 924 45.39 14.76 -8.21
CA SER A 924 44.38 14.78 -7.16
C SER A 924 44.16 13.40 -6.58
N MET A 925 43.97 12.40 -7.44
CA MET A 925 43.65 11.07 -6.96
C MET A 925 44.63 10.61 -5.91
N GLN A 926 45.92 10.73 -6.18
CA GLN A 926 46.89 10.42 -5.14
C GLN A 926 46.70 11.32 -3.94
N ALA A 927 46.56 12.62 -4.17
CA ALA A 927 46.41 13.57 -3.07
C ALA A 927 45.27 13.19 -2.16
N MET A 928 44.23 12.56 -2.69
CA MET A 928 43.13 12.15 -1.83
C MET A 928 43.51 10.93 -1.00
N ALA A 929 43.83 9.82 -1.64
CA ALA A 929 44.22 8.63 -0.89
C ALA A 929 45.37 8.92 0.06
N LEU A 930 46.41 9.62 -0.42
CA LEU A 930 47.55 9.91 0.44
C LEU A 930 47.12 10.65 1.70
N SER A 931 46.48 11.80 1.52
CA SER A 931 46.06 12.60 2.66
C SER A 931 45.01 11.89 3.50
N GLY A 932 44.51 10.75 3.07
CA GLY A 932 43.47 10.08 3.81
C GLY A 932 42.18 10.83 3.67
N ALA A 933 42.15 11.80 2.77
CA ALA A 933 40.92 12.54 2.54
C ALA A 933 39.79 11.60 2.18
N LYS A 934 39.97 10.82 1.12
CA LYS A 934 39.01 9.77 0.83
C LYS A 934 39.71 8.69 0.02
N GLY A 935 39.29 7.46 0.20
CA GLY A 935 39.87 6.37 -0.55
C GLY A 935 41.15 5.86 0.08
N SER A 936 41.86 5.05 -0.68
CA SER A 936 43.01 4.35 -0.16
C SER A 936 43.95 4.00 -1.30
N ASN A 937 45.18 3.64 -0.95
CA ASN A 937 46.14 3.23 -1.96
C ASN A 937 45.62 2.08 -2.78
N VAL A 938 44.80 1.21 -2.15
CA VAL A 938 44.20 0.12 -2.89
C VAL A 938 43.38 0.66 -4.05
N ASN A 939 42.42 1.54 -3.75
CA ASN A 939 41.59 2.11 -4.80
C ASN A 939 42.43 2.68 -5.92
N VAL A 940 43.37 3.55 -5.59
CA VAL A 940 44.20 4.16 -6.61
C VAL A 940 44.92 3.09 -7.41
N SER A 941 45.37 2.03 -6.75
CA SER A 941 46.01 0.95 -7.48
C SER A 941 45.06 0.33 -8.48
N GLN A 942 43.89 -0.12 -8.03
CA GLN A 942 42.95 -0.79 -8.92
C GLN A 942 42.61 0.06 -10.11
N ILE A 943 42.51 1.36 -9.93
CA ILE A 943 42.28 2.25 -11.07
C ILE A 943 43.49 2.26 -11.97
N MET A 944 44.65 2.54 -11.41
CA MET A 944 45.81 2.83 -12.24
C MET A 944 46.72 1.63 -12.45
N CYS A 945 46.46 0.51 -11.80
CA CYS A 945 47.27 -0.69 -12.01
C CYS A 945 46.41 -1.85 -12.48
N LEU A 946 45.62 -2.47 -11.59
CA LEU A 946 44.88 -3.67 -11.94
C LEU A 946 44.06 -4.06 -10.73
N LEU A 947 43.04 -4.87 -10.97
CA LEU A 947 42.17 -5.28 -9.87
C LEU A 947 42.74 -6.44 -9.09
N GLY A 948 43.46 -7.32 -9.75
CA GLY A 948 44.05 -8.42 -9.04
C GLY A 948 43.01 -9.43 -8.63
N GLN A 949 43.48 -10.50 -8.01
CA GLN A 949 42.64 -11.65 -7.73
C GLN A 949 41.37 -11.25 -7.00
N GLN A 950 40.28 -11.88 -7.39
CA GLN A 950 38.99 -11.65 -6.76
C GLN A 950 38.77 -12.68 -5.67
N ALA A 951 38.80 -12.25 -4.43
CA ALA A 951 38.67 -13.15 -3.30
C ALA A 951 37.20 -13.46 -3.09
N LEU A 952 36.85 -14.74 -3.12
CA LEU A 952 35.49 -15.18 -2.87
C LEU A 952 35.56 -16.20 -1.74
N GLU A 953 34.96 -15.87 -0.60
CA GLU A 953 35.03 -16.73 0.58
C GLU A 953 36.47 -16.95 0.99
N GLY A 954 37.32 -15.97 0.69
CA GLY A 954 38.75 -16.18 0.80
C GLY A 954 39.33 -17.07 -0.28
N ARG A 955 38.51 -17.68 -1.12
CA ARG A 955 38.97 -18.49 -2.21
C ARG A 955 38.82 -17.74 -3.52
N ARG A 956 39.19 -18.39 -4.60
CA ARG A 956 39.07 -17.82 -5.92
C ARG A 956 37.67 -18.08 -6.44
N VAL A 957 37.46 -17.83 -7.73
CA VAL A 957 36.15 -18.00 -8.35
C VAL A 957 35.70 -19.45 -8.24
N PRO A 958 34.44 -19.72 -7.91
CA PRO A 958 33.98 -21.10 -7.86
C PRO A 958 34.03 -21.73 -9.24
N VAL A 959 33.99 -23.05 -9.27
CA VAL A 959 34.24 -23.79 -10.49
C VAL A 959 33.06 -24.68 -10.81
N MET A 960 32.55 -24.58 -12.03
CA MET A 960 31.51 -25.48 -12.48
C MET A 960 32.03 -26.91 -12.43
N VAL A 961 31.12 -27.86 -12.21
CA VAL A 961 31.52 -29.24 -12.05
C VAL A 961 32.33 -29.72 -13.25
N SER A 962 32.17 -29.08 -14.40
CA SER A 962 32.97 -29.37 -15.58
C SER A 962 34.44 -29.07 -15.38
N GLY A 963 34.80 -28.40 -14.30
CA GLY A 963 36.14 -27.90 -14.16
C GLY A 963 36.37 -26.61 -14.90
N LYS A 964 35.32 -25.92 -15.29
CA LYS A 964 35.42 -24.62 -15.92
C LYS A 964 34.98 -23.57 -14.91
N THR A 965 35.81 -22.56 -14.73
CA THR A 965 35.37 -21.43 -13.93
C THR A 965 34.32 -20.60 -14.63
N LEU A 966 34.10 -20.83 -15.90
CA LEU A 966 33.29 -19.93 -16.71
C LEU A 966 33.24 -20.51 -18.11
N PRO A 967 32.10 -20.42 -18.80
CA PRO A 967 31.97 -21.09 -20.10
C PRO A 967 33.08 -20.79 -21.08
N SER A 968 33.80 -19.69 -20.92
CA SER A 968 34.80 -19.31 -21.90
C SER A 968 36.18 -19.88 -21.59
N PHE A 969 36.31 -20.71 -20.56
CA PHE A 969 37.62 -21.23 -20.20
C PHE A 969 37.69 -22.72 -20.37
N LYS A 970 38.83 -23.19 -20.84
CA LYS A 970 39.09 -24.62 -20.93
C LYS A 970 38.85 -25.27 -19.58
N PRO A 971 38.25 -26.45 -19.53
CA PRO A 971 38.03 -27.11 -18.25
C PRO A 971 39.36 -27.41 -17.58
N TYR A 972 39.37 -27.31 -16.26
CA TYR A 972 40.58 -27.49 -15.47
C TYR A 972 41.70 -26.60 -16.03
N GLU A 973 41.43 -25.30 -16.00
CA GLU A 973 42.34 -24.32 -16.56
C GLU A 973 43.41 -24.01 -15.55
N THR A 974 44.65 -23.94 -16.01
CA THR A 974 45.75 -23.61 -15.12
C THR A 974 46.08 -22.14 -15.12
N ASP A 975 45.30 -21.32 -15.82
CA ASP A 975 45.63 -19.91 -15.89
C ASP A 975 45.03 -19.16 -14.70
N ALA A 976 45.81 -18.21 -14.19
CA ALA A 976 45.32 -17.37 -13.11
C ALA A 976 44.19 -16.48 -13.59
N MET A 977 44.33 -15.94 -14.80
CA MET A 977 43.25 -15.19 -15.41
C MET A 977 41.93 -15.91 -15.31
N ALA A 978 41.88 -17.18 -15.65
CA ALA A 978 40.63 -17.92 -15.54
C ALA A 978 40.20 -18.13 -14.10
N GLY A 979 41.14 -18.13 -13.16
CA GLY A 979 40.81 -18.33 -11.78
C GLY A 979 40.39 -17.08 -11.04
N GLY A 980 40.03 -16.01 -11.74
CA GLY A 980 39.58 -14.82 -11.09
C GLY A 980 40.63 -13.74 -10.94
N TYR A 981 41.87 -14.03 -11.29
CA TYR A 981 42.87 -12.99 -11.23
C TYR A 981 42.61 -11.99 -12.34
N VAL A 982 42.47 -10.72 -11.99
CA VAL A 982 42.01 -9.70 -12.91
C VAL A 982 43.17 -8.78 -13.23
N LYS A 983 43.64 -8.85 -14.47
CA LYS A 983 44.73 -7.99 -14.90
C LYS A 983 44.26 -6.64 -15.38
N GLY A 984 42.96 -6.46 -15.60
CA GLY A 984 42.43 -5.19 -16.05
C GLY A 984 42.39 -4.18 -14.94
N ARG A 985 42.30 -2.93 -15.33
CA ARG A 985 42.19 -1.82 -14.39
C ARG A 985 41.02 -0.95 -14.83
N PHE A 986 40.31 -0.40 -13.85
CA PHE A 986 39.12 0.37 -14.19
C PHE A 986 39.39 1.48 -15.17
N TYR A 987 40.53 2.14 -15.09
CA TYR A 987 40.85 3.14 -16.09
C TYR A 987 40.78 2.56 -17.50
N SER A 988 41.52 1.49 -17.75
CA SER A 988 41.53 0.88 -19.07
C SER A 988 40.29 0.05 -19.33
N GLY A 989 39.70 -0.53 -18.30
CA GLY A 989 38.57 -1.41 -18.46
C GLY A 989 38.93 -2.86 -18.20
N ILE A 990 37.88 -3.66 -18.05
CA ILE A 990 38.04 -5.06 -17.67
C ILE A 990 37.32 -5.95 -18.66
N LYS A 991 38.00 -7.03 -19.04
CA LYS A 991 37.44 -8.02 -19.93
C LYS A 991 36.15 -8.59 -19.35
N PRO A 992 35.26 -9.08 -20.18
CA PRO A 992 33.99 -9.64 -19.69
C PRO A 992 34.16 -10.70 -18.63
N GLN A 993 35.05 -11.67 -18.87
CA GLN A 993 35.29 -12.71 -17.89
C GLN A 993 35.64 -12.12 -16.53
N GLU A 994 36.66 -11.27 -16.50
CA GLU A 994 36.98 -10.45 -15.34
C GLU A 994 35.75 -9.78 -14.80
N TYR A 995 34.97 -9.16 -15.67
CA TYR A 995 33.81 -8.42 -15.22
C TYR A 995 32.86 -9.33 -14.47
N TYR A 996 32.49 -10.45 -15.09
CA TYR A 996 31.62 -11.41 -14.42
C TYR A 996 32.24 -11.87 -13.12
N PHE A 997 33.54 -12.14 -13.12
CA PHE A 997 34.25 -12.37 -11.87
C PHE A 997 34.05 -11.20 -10.93
N HIS A 998 34.36 -10.00 -11.40
CA HIS A 998 34.30 -8.87 -10.50
C HIS A 998 32.88 -8.61 -10.00
N CYS A 999 31.88 -9.04 -10.76
CA CYS A 999 30.52 -8.92 -10.26
C CYS A 999 30.28 -9.86 -9.08
N MET A 1000 30.95 -11.00 -9.08
CA MET A 1000 30.79 -11.93 -7.97
C MET A 1000 31.25 -11.30 -6.66
N ALA A 1001 32.51 -10.88 -6.64
CA ALA A 1001 33.03 -10.18 -5.47
C ALA A 1001 32.11 -9.07 -5.03
N GLY A 1002 31.57 -8.32 -5.99
CA GLY A 1002 30.62 -7.28 -5.64
C GLY A 1002 29.45 -7.82 -4.85
N ARG A 1003 28.80 -8.86 -5.37
CA ARG A 1003 27.66 -9.44 -4.68
C ARG A 1003 28.06 -9.94 -3.30
N GLU A 1004 29.25 -10.52 -3.19
CA GLU A 1004 29.70 -10.99 -1.88
C GLU A 1004 29.71 -9.86 -0.88
N GLY A 1005 30.25 -8.71 -1.26
CA GLY A 1005 30.25 -7.57 -0.37
C GLY A 1005 28.85 -7.16 0.05
N LEU A 1006 27.98 -6.94 -0.94
CA LEU A 1006 26.65 -6.42 -0.64
C LEU A 1006 25.89 -7.36 0.26
N ILE A 1007 25.93 -8.65 -0.03
CA ILE A 1007 25.30 -9.64 0.84
C ILE A 1007 25.85 -9.53 2.24
N ASP A 1008 27.17 -9.40 2.35
CA ASP A 1008 27.80 -9.34 3.66
C ASP A 1008 27.41 -8.08 4.41
N THR A 1009 27.28 -6.96 3.71
CA THR A 1009 26.83 -5.75 4.38
C THR A 1009 25.46 -5.91 5.00
N ALA A 1010 24.54 -6.56 4.30
CA ALA A 1010 23.20 -6.75 4.85
C ALA A 1010 23.23 -7.60 6.11
N VAL A 1011 23.93 -8.73 6.08
CA VAL A 1011 23.87 -9.63 7.21
C VAL A 1011 24.59 -9.06 8.43
N LYS A 1012 25.63 -8.26 8.23
CA LYS A 1012 26.32 -7.66 9.37
C LYS A 1012 25.39 -6.74 10.13
N THR A 1013 24.43 -6.13 9.45
CA THR A 1013 23.49 -5.24 10.13
C THR A 1013 22.76 -5.98 11.24
N SER A 1014 22.08 -7.07 10.91
CA SER A 1014 21.23 -7.74 11.88
C SER A 1014 22.05 -8.35 13.01
N ARG A 1015 23.09 -9.09 12.66
CA ARG A 1015 23.77 -9.97 13.60
C ARG A 1015 24.27 -9.24 14.84
N SER A 1016 25.20 -8.31 14.64
CA SER A 1016 25.76 -7.56 15.76
C SER A 1016 24.69 -6.83 16.57
N GLY A 1017 23.73 -6.20 15.90
CA GLY A 1017 22.71 -5.46 16.63
C GLY A 1017 22.00 -6.31 17.65
N TYR A 1018 21.80 -7.59 17.35
CA TYR A 1018 21.20 -8.46 18.35
C TYR A 1018 22.10 -8.66 19.54
N LEU A 1019 23.39 -8.81 19.30
CA LEU A 1019 24.33 -9.02 20.40
C LEU A 1019 24.26 -7.90 21.41
N GLN A 1020 24.49 -6.67 20.94
CA GLN A 1020 24.57 -5.53 21.84
C GLN A 1020 23.40 -5.48 22.81
N ARG A 1021 22.19 -5.73 22.35
CA ARG A 1021 21.04 -5.68 23.24
C ARG A 1021 21.19 -6.63 24.41
N CYS A 1022 21.77 -7.80 24.20
CA CYS A 1022 21.98 -8.72 25.31
C CYS A 1022 22.83 -8.09 26.39
N LEU A 1023 23.93 -7.45 26.00
CA LEU A 1023 24.80 -6.80 26.96
C LEU A 1023 24.08 -5.68 27.68
N THR A 1024 23.60 -4.70 26.93
CA THR A 1024 22.95 -3.54 27.52
C THR A 1024 21.90 -3.93 28.53
N LYS A 1025 21.01 -4.84 28.16
CA LYS A 1025 19.91 -5.20 29.03
C LYS A 1025 20.41 -5.62 30.39
N GLN A 1026 21.43 -6.45 30.43
CA GLN A 1026 21.92 -6.96 31.70
C GLN A 1026 22.85 -5.98 32.39
N LEU A 1027 23.62 -5.21 31.63
CA LEU A 1027 24.55 -4.26 32.23
C LEU A 1027 23.94 -2.90 32.46
N GLU A 1028 22.65 -2.73 32.19
CA GLU A 1028 22.05 -1.40 32.25
C GLU A 1028 22.23 -0.77 33.63
N GLY A 1029 22.15 -1.57 34.69
CA GLY A 1029 22.04 -1.05 36.03
C GLY A 1029 23.33 -0.81 36.76
N VAL A 1030 24.48 -1.04 36.13
CA VAL A 1030 25.75 -0.91 36.82
C VAL A 1030 25.90 0.49 37.39
N HIS A 1031 26.23 0.59 38.68
CA HIS A 1031 26.51 1.90 39.24
C HIS A 1031 27.81 1.92 40.03
N VAL A 1032 28.80 2.62 39.47
CA VAL A 1032 29.84 3.28 40.23
C VAL A 1032 29.16 4.15 41.28
N SER A 1033 29.58 4.00 42.50
CA SER A 1033 29.10 4.93 43.47
C SER A 1033 30.24 5.83 43.89
N TYR A 1034 29.91 6.78 44.75
CA TYR A 1034 30.90 7.76 45.13
C TYR A 1034 32.05 7.12 45.91
N ASP A 1035 31.92 5.85 46.26
CA ASP A 1035 33.03 5.04 46.73
C ASP A 1035 33.88 4.51 45.59
N ASN A 1036 33.47 4.77 44.35
CA ASN A 1036 34.20 4.36 43.16
C ASN A 1036 34.05 2.87 42.89
N SER A 1037 33.36 2.17 43.76
CA SER A 1037 33.11 0.78 43.48
C SER A 1037 32.01 0.62 42.44
N ILE A 1038 32.22 -0.30 41.52
CA ILE A 1038 31.21 -0.69 40.55
C ILE A 1038 30.13 -1.45 41.29
N ARG A 1039 28.87 -1.07 41.09
CA ARG A 1039 27.76 -1.78 41.72
C ARG A 1039 26.64 -1.95 40.71
N ASP A 1040 26.14 -3.17 40.57
CA ASP A 1040 24.91 -3.36 39.81
C ASP A 1040 23.77 -2.70 40.58
N ALA A 1041 22.72 -2.31 39.86
CA ALA A 1041 21.73 -1.36 40.37
C ALA A 1041 21.27 -1.71 41.77
N ASP A 1042 21.05 -2.99 42.04
CA ASP A 1042 20.67 -3.44 43.36
C ASP A 1042 21.70 -3.10 44.43
N GLY A 1043 22.89 -2.70 44.04
CA GLY A 1043 23.98 -2.48 44.96
C GLY A 1043 25.04 -3.54 44.90
N THR A 1044 24.75 -4.68 44.28
CA THR A 1044 25.72 -5.75 44.19
C THR A 1044 27.01 -5.26 43.57
N LEU A 1045 28.11 -5.48 44.26
CA LEU A 1045 29.40 -4.96 43.85
C LEU A 1045 29.95 -5.78 42.70
N VAL A 1046 30.61 -5.12 41.77
CA VAL A 1046 31.16 -5.78 40.60
C VAL A 1046 32.66 -5.60 40.62
N GLN A 1047 33.11 -4.34 40.54
CA GLN A 1047 34.51 -4.03 40.64
C GLN A 1047 34.70 -2.95 41.68
N PHE A 1048 35.83 -3.00 42.35
CA PHE A 1048 36.12 -1.95 43.32
C PHE A 1048 36.65 -0.70 42.65
N MET A 1049 37.39 -0.85 41.57
CA MET A 1049 37.90 0.29 40.83
C MET A 1049 37.60 0.06 39.37
N TYR A 1050 37.13 1.11 38.69
CA TYR A 1050 36.61 0.94 37.33
C TYR A 1050 37.59 0.24 36.41
N GLY A 1051 38.64 0.91 36.00
CA GLY A 1051 39.67 0.19 35.29
C GLY A 1051 40.56 -0.58 36.20
N GLY A 1052 40.31 -0.51 37.48
CA GLY A 1052 41.26 -0.91 38.50
C GLY A 1052 42.10 0.28 38.87
N ASP A 1053 42.27 1.18 37.91
CA ASP A 1053 42.77 2.52 38.17
C ASP A 1053 41.67 3.57 38.18
N ALA A 1054 40.44 3.19 37.86
CA ALA A 1054 39.30 4.09 37.90
C ALA A 1054 39.50 5.31 37.00
N ILE A 1055 40.36 5.17 36.01
CA ILE A 1055 40.70 6.27 35.11
C ILE A 1055 39.70 6.33 33.99
N ASP A 1056 39.08 7.50 33.84
CA ASP A 1056 38.15 7.71 32.76
C ASP A 1056 38.86 7.61 31.42
N ILE A 1057 38.33 6.74 30.57
CA ILE A 1057 38.95 6.51 29.28
C ILE A 1057 38.98 7.74 28.41
N THR A 1058 37.88 8.48 28.34
CA THR A 1058 37.86 9.67 27.50
C THR A 1058 38.91 10.68 27.96
N LYS A 1059 39.26 10.66 29.23
CA LYS A 1059 40.29 11.55 29.73
C LYS A 1059 41.65 10.87 29.86
N GLU A 1060 41.75 9.61 29.47
CA GLU A 1060 42.97 8.86 29.69
C GLU A 1060 44.06 9.18 28.67
N SER A 1061 43.69 9.75 27.53
CA SER A 1061 44.57 9.83 26.37
C SER A 1061 45.95 10.39 26.67
N HIS A 1062 46.04 11.69 26.90
CA HIS A 1062 47.32 12.35 27.01
C HIS A 1062 48.02 12.10 28.32
N MET A 1063 47.37 11.42 29.27
CA MET A 1063 47.99 11.13 30.54
C MET A 1063 49.35 10.49 30.37
N THR A 1064 49.41 9.40 29.63
CA THR A 1064 50.67 8.72 29.40
C THR A 1064 51.59 9.48 28.46
N GLN A 1065 51.15 10.61 27.92
CA GLN A 1065 52.01 11.41 27.08
C GLN A 1065 52.60 12.46 28.01
N PHE A 1066 53.81 12.20 28.49
CA PHE A 1066 54.43 13.11 29.43
C PHE A 1066 55.18 14.22 28.71
N GLU A 1067 55.93 13.83 27.69
CA GLU A 1067 56.67 14.78 26.90
C GLU A 1067 55.78 15.87 26.35
N PHE A 1068 54.58 15.52 25.90
CA PHE A 1068 53.63 16.55 25.54
C PHE A 1068 53.26 17.39 26.74
N CYS A 1069 52.91 16.75 27.85
CA CYS A 1069 52.58 17.48 29.06
C CYS A 1069 53.75 18.27 29.60
N LEU A 1070 54.98 17.78 29.42
CA LEU A 1070 56.13 18.59 29.79
C LEU A 1070 56.11 19.91 29.06
N ASP A 1071 56.04 19.87 27.73
CA ASP A 1071 55.71 21.06 27.01
C ASP A 1071 54.33 21.52 27.44
N ASN A 1072 54.02 22.78 27.24
CA ASN A 1072 52.70 23.29 27.54
C ASN A 1072 52.44 23.28 29.04
N TYR A 1073 53.42 22.83 29.85
CA TYR A 1073 53.24 22.79 31.29
C TYR A 1073 52.64 24.08 31.79
N TYR A 1074 53.23 25.20 31.42
CA TYR A 1074 52.71 26.49 31.81
C TYR A 1074 51.26 26.69 31.40
N ALA A 1075 50.82 26.02 30.34
CA ALA A 1075 49.43 26.05 29.95
C ALA A 1075 48.58 25.13 30.82
N LEU A 1076 48.86 23.83 30.79
CA LEU A 1076 48.16 22.91 31.67
C LEU A 1076 48.12 23.39 33.10
N LEU A 1077 49.24 23.91 33.60
CA LEU A 1077 49.27 24.45 34.95
C LEU A 1077 48.17 25.46 35.17
N LYS A 1078 47.90 26.29 34.18
CA LYS A 1078 46.78 27.21 34.26
C LYS A 1078 45.44 26.52 34.17
N LYS A 1079 45.34 25.43 33.41
CA LYS A 1079 44.09 24.70 33.31
C LYS A 1079 43.75 23.99 34.60
N TYR A 1080 44.67 23.16 35.10
CA TYR A 1080 44.39 22.42 36.31
C TYR A 1080 44.46 23.32 37.54
N ASN A 1081 45.36 24.29 37.52
CA ASN A 1081 45.41 25.31 38.57
C ASN A 1081 45.52 24.69 39.95
N PRO A 1082 46.68 24.11 40.29
CA PRO A 1082 46.81 23.43 41.58
C PRO A 1082 46.58 24.31 42.78
N SER A 1083 46.58 25.64 42.60
CA SER A 1083 46.52 26.55 43.73
C SER A 1083 45.29 26.32 44.60
N ALA A 1084 44.11 26.42 44.01
CA ALA A 1084 42.86 26.34 44.76
C ALA A 1084 42.66 24.98 45.42
N LEU A 1085 43.25 23.93 44.87
CA LEU A 1085 42.95 22.57 45.29
C LEU A 1085 43.79 22.11 46.48
N ILE A 1086 44.81 22.87 46.85
CA ILE A 1086 45.62 22.48 48.00
C ILE A 1086 44.77 22.38 49.26
N GLU A 1087 43.76 23.24 49.38
CA GLU A 1087 42.97 23.31 50.61
C GLU A 1087 42.22 22.01 50.86
N HIS A 1088 41.45 21.57 49.87
CA HIS A 1088 40.44 20.54 50.05
C HIS A 1088 41.02 19.14 49.95
N LEU A 1089 42.32 19.01 49.74
CA LEU A 1089 42.91 17.73 49.39
C LEU A 1089 44.01 17.36 50.36
N ASP A 1090 44.19 16.05 50.54
CA ASP A 1090 45.34 15.53 51.26
C ASP A 1090 46.41 15.19 50.22
N VAL A 1091 47.50 15.96 50.22
CA VAL A 1091 48.57 15.69 49.28
C VAL A 1091 49.47 14.58 49.80
N GLU A 1092 49.72 14.54 51.11
CA GLU A 1092 50.84 13.80 51.66
C GLU A 1092 50.56 12.32 51.79
N SER A 1093 49.55 11.96 52.60
CA SER A 1093 49.37 10.58 53.04
C SER A 1093 49.49 9.59 51.89
N ALA A 1094 48.94 9.94 50.73
CA ALA A 1094 49.13 9.09 49.56
C ALA A 1094 50.60 9.02 49.18
N LEU A 1095 51.27 10.17 49.09
CA LEU A 1095 52.66 10.19 48.64
C LEU A 1095 53.54 9.37 49.57
N LYS A 1096 53.37 9.53 50.87
CA LYS A 1096 54.10 8.70 51.82
C LYS A 1096 53.92 7.22 51.50
N TYR A 1097 52.67 6.75 51.58
CA TYR A 1097 52.40 5.34 51.35
C TYR A 1097 52.92 4.92 49.98
N SER A 1098 52.77 5.78 48.97
CA SER A 1098 53.26 5.46 47.64
C SER A 1098 54.74 5.13 47.67
N LYS A 1099 55.58 6.11 48.02
CA LYS A 1099 57.00 5.87 48.16
C LYS A 1099 57.29 4.69 49.07
N LYS A 1100 56.52 4.56 50.16
CA LYS A 1100 56.64 3.41 51.03
C LYS A 1100 56.45 2.11 50.26
N THR A 1101 55.49 2.12 49.33
CA THR A 1101 55.24 0.91 48.54
C THR A 1101 56.33 0.68 47.51
N LEU A 1102 56.65 1.70 46.73
CA LEU A 1102 57.53 1.51 45.58
C LEU A 1102 58.88 0.95 45.98
N LYS A 1103 59.38 1.36 47.14
CA LYS A 1103 60.61 0.78 47.68
C LYS A 1103 60.50 -0.72 47.71
N TYR A 1104 59.57 -1.23 48.53
CA TYR A 1104 59.39 -2.66 48.64
C TYR A 1104 58.92 -3.29 47.34
N ARG A 1105 58.25 -2.51 46.48
CA ARG A 1105 57.87 -3.02 45.16
C ARG A 1105 59.08 -3.52 44.41
N LYS A 1106 60.03 -2.64 44.13
CA LYS A 1106 61.25 -3.02 43.46
C LYS A 1106 62.05 -4.05 44.26
N LYS A 1107 61.74 -4.23 45.54
CA LYS A 1107 62.49 -5.18 46.36
C LYS A 1107 62.16 -6.60 45.94
N HIS A 1108 60.94 -7.04 46.16
CA HIS A 1108 60.50 -8.35 45.70
C HIS A 1108 59.82 -8.18 44.35
N SER A 1109 60.49 -8.64 43.30
CA SER A 1109 59.99 -8.51 41.94
C SER A 1109 60.09 -9.86 41.23
N LYS A 1110 61.32 -10.33 41.07
CA LYS A 1110 61.62 -11.53 40.31
C LYS A 1110 60.91 -12.78 40.82
N GLU A 1111 60.45 -12.80 42.07
CA GLU A 1111 59.75 -13.98 42.53
C GLU A 1111 58.36 -14.04 41.91
N PRO A 1112 57.82 -15.25 41.74
CA PRO A 1112 56.53 -15.38 41.09
C PRO A 1112 55.41 -14.77 41.92
N HIS A 1113 54.26 -14.57 41.27
CA HIS A 1113 53.12 -13.96 41.93
C HIS A 1113 52.72 -14.68 43.21
N TYR A 1114 52.86 -16.01 43.26
CA TYR A 1114 52.42 -16.72 44.45
C TYR A 1114 53.43 -16.61 45.58
N LYS A 1115 54.73 -16.74 45.28
CA LYS A 1115 55.73 -16.52 46.31
C LYS A 1115 55.83 -15.05 46.73
N GLN A 1116 55.32 -14.14 45.92
CA GLN A 1116 55.44 -12.73 46.23
C GLN A 1116 54.66 -12.38 47.48
N SER A 1117 55.33 -11.71 48.42
CA SER A 1117 54.72 -11.35 49.68
C SER A 1117 53.74 -10.19 49.48
N VAL A 1118 52.61 -10.26 50.18
CA VAL A 1118 51.47 -9.40 49.95
C VAL A 1118 51.48 -8.19 50.87
N LYS A 1119 52.60 -7.96 51.58
CA LYS A 1119 52.62 -7.19 52.82
C LYS A 1119 51.73 -5.95 52.79
N TYR A 1120 52.00 -5.02 51.90
CA TYR A 1120 51.11 -3.89 51.69
C TYR A 1120 50.31 -4.09 50.40
N ASP A 1121 49.13 -3.56 50.39
CA ASP A 1121 48.27 -3.51 49.23
C ASP A 1121 48.66 -2.34 48.34
N PRO A 1122 48.19 -2.30 47.10
CA PRO A 1122 48.48 -1.17 46.23
C PRO A 1122 47.90 0.13 46.78
N VAL A 1123 48.41 1.23 46.23
CA VAL A 1123 48.14 2.56 46.77
C VAL A 1123 46.64 2.82 46.82
N LEU A 1124 45.96 2.60 45.70
CA LEU A 1124 44.57 3.00 45.59
C LEU A 1124 43.68 2.28 46.58
N ALA A 1125 44.11 1.14 47.12
CA ALA A 1125 43.29 0.39 48.05
C ALA A 1125 42.97 1.22 49.29
N LYS A 1126 44.01 1.64 50.01
CA LYS A 1126 43.77 2.33 51.28
C LYS A 1126 43.38 3.77 51.05
N TYR A 1127 43.53 4.28 49.84
CA TYR A 1127 43.37 5.70 49.59
C TYR A 1127 42.48 5.96 48.39
N ASN A 1128 41.36 6.64 48.65
CA ASN A 1128 40.54 7.18 47.58
C ASN A 1128 41.38 8.10 46.72
N PRO A 1129 41.50 7.84 45.43
CA PRO A 1129 42.28 8.74 44.58
C PRO A 1129 41.67 10.11 44.44
N ALA A 1130 40.36 10.25 44.59
CA ALA A 1130 39.75 11.57 44.45
C ALA A 1130 40.11 12.48 45.59
N LYS A 1131 39.89 12.02 46.83
CA LYS A 1131 40.22 12.86 47.98
C LYS A 1131 41.72 13.05 48.11
N TYR A 1132 42.50 12.04 47.73
CA TYR A 1132 43.92 12.02 48.04
C TYR A 1132 44.73 12.27 46.78
N LEU A 1133 45.38 13.42 46.72
CA LEU A 1133 46.38 13.63 45.69
C LEU A 1133 47.54 12.67 45.89
N GLY A 1134 48.04 12.15 44.77
CA GLY A 1134 49.15 11.24 44.81
C GLY A 1134 48.75 9.78 44.86
N SER A 1135 47.52 9.46 45.25
CA SER A 1135 47.08 8.08 45.17
C SER A 1135 46.81 7.77 43.71
N VAL A 1136 47.58 6.83 43.16
CA VAL A 1136 47.71 6.69 41.72
C VAL A 1136 47.96 5.22 41.42
N SER A 1137 47.48 4.77 40.27
CA SER A 1137 47.81 3.43 39.81
C SER A 1137 49.31 3.25 39.79
N GLU A 1138 49.77 2.15 40.38
CA GLU A 1138 51.18 1.80 40.36
C GLU A 1138 51.75 1.85 38.95
N ASN A 1139 50.92 1.63 37.95
CA ASN A 1139 51.42 1.60 36.59
C ASN A 1139 51.82 3.00 36.16
N PHE A 1140 50.86 3.92 36.11
CA PHE A 1140 51.13 5.32 35.81
C PHE A 1140 52.28 5.86 36.63
N GLN A 1141 52.24 5.71 37.95
CA GLN A 1141 53.34 6.13 38.79
C GLN A 1141 54.69 5.65 38.27
N ASP A 1142 54.74 4.41 37.79
CA ASP A 1142 56.01 3.90 37.27
C ASP A 1142 56.38 4.58 35.98
N LYS A 1143 55.47 4.60 35.01
CA LYS A 1143 55.74 5.27 33.75
C LYS A 1143 56.21 6.69 34.00
N LEU A 1144 55.57 7.38 34.94
CA LEU A 1144 55.98 8.74 35.26
C LEU A 1144 57.43 8.79 35.68
N GLU A 1145 57.79 8.04 36.72
CA GLU A 1145 59.16 8.03 37.20
C GLU A 1145 60.12 7.58 36.12
N SER A 1146 59.86 6.43 35.50
CA SER A 1146 60.71 5.97 34.42
C SER A 1146 60.95 7.06 33.39
N PHE A 1147 59.88 7.71 32.94
CA PHE A 1147 60.04 8.89 32.11
C PHE A 1147 60.83 9.97 32.84
N LEU A 1148 60.32 10.41 33.98
CA LEU A 1148 60.90 11.54 34.67
C LEU A 1148 62.36 11.32 34.98
N ASP A 1149 62.77 10.08 35.14
CA ASP A 1149 64.19 9.79 35.37
C ASP A 1149 64.99 9.94 34.09
N LYS A 1150 64.70 9.10 33.10
CA LYS A 1150 65.52 9.06 31.90
C LYS A 1150 65.49 10.39 31.16
N ASN A 1151 64.40 11.13 31.29
CA ASN A 1151 64.28 12.44 30.67
C ASN A 1151 64.59 13.58 31.63
N SER A 1152 65.04 13.27 32.85
CA SER A 1152 65.40 14.31 33.80
C SER A 1152 66.39 15.29 33.24
N LYS A 1153 67.16 14.90 32.21
CA LYS A 1153 67.98 15.84 31.48
C LYS A 1153 67.19 17.07 31.08
N LEU A 1154 66.01 16.86 30.52
CA LEU A 1154 65.19 17.94 29.97
C LEU A 1154 64.78 18.95 31.02
N PHE A 1155 64.67 18.55 32.27
CA PHE A 1155 64.29 19.45 33.34
C PHE A 1155 65.37 20.46 33.67
N LYS A 1156 66.64 20.07 33.49
CA LYS A 1156 67.76 20.97 33.66
C LYS A 1156 68.00 21.81 32.42
N SER A 1157 68.30 21.16 31.29
CA SER A 1157 68.54 21.84 30.02
C SER A 1157 67.44 22.81 29.63
N SER A 1158 66.20 22.58 30.04
CA SER A 1158 65.10 23.49 29.74
C SER A 1158 65.04 24.58 30.80
N ASP A 1159 63.90 25.28 30.84
CA ASP A 1159 63.64 26.38 31.75
C ASP A 1159 63.96 26.05 33.20
N GLY A 1160 63.93 24.78 33.57
CA GLY A 1160 64.13 24.38 34.95
C GLY A 1160 62.88 24.04 35.70
N VAL A 1161 61.77 23.77 35.02
CA VAL A 1161 60.54 23.37 35.71
C VAL A 1161 60.86 22.16 36.59
N ASN A 1162 60.61 22.30 37.88
CA ASN A 1162 61.04 21.31 38.85
C ASN A 1162 60.28 20.03 38.68
N GLU A 1163 61.00 18.92 38.83
CA GLU A 1163 60.37 17.61 38.77
C GLU A 1163 59.16 17.56 39.67
N LYS A 1164 59.34 17.96 40.93
CA LYS A 1164 58.21 18.01 41.83
C LYS A 1164 57.09 18.86 41.27
N LYS A 1165 57.42 20.06 40.79
CA LYS A 1165 56.41 20.89 40.14
C LYS A 1165 55.69 20.12 39.05
N PHE A 1166 56.44 19.34 38.28
CA PHE A 1166 55.81 18.55 37.22
C PHE A 1166 55.13 17.33 37.79
N ARG A 1167 55.85 16.59 38.64
CA ARG A 1167 55.24 15.45 39.31
C ARG A 1167 53.94 15.84 39.97
N ALA A 1168 53.93 16.96 40.68
CA ALA A 1168 52.70 17.43 41.29
C ALA A 1168 51.61 17.71 40.27
N LEU A 1169 51.98 18.04 39.04
CA LEU A 1169 50.96 18.30 38.03
C LEU A 1169 50.33 17.00 37.57
N MET A 1170 51.13 16.12 37.00
CA MET A 1170 50.61 14.85 36.51
C MET A 1170 49.73 14.16 37.53
N GLN A 1171 50.20 14.00 38.76
CA GLN A 1171 49.36 13.47 39.80
C GLN A 1171 48.04 14.21 39.93
N LEU A 1172 48.07 15.54 39.87
CA LEU A 1172 46.82 16.28 39.83
C LEU A 1172 45.99 15.90 38.63
N LYS A 1173 46.59 15.96 37.44
CA LYS A 1173 45.89 15.54 36.25
C LYS A 1173 45.33 14.14 36.40
N TYR A 1174 46.17 13.20 36.83
CA TYR A 1174 45.72 11.85 37.07
C TYR A 1174 44.48 11.86 37.94
N MET A 1175 44.54 12.56 39.06
CA MET A 1175 43.38 12.64 39.93
C MET A 1175 42.22 13.34 39.24
N ARG A 1176 42.50 14.29 38.37
CA ARG A 1176 41.43 14.95 37.66
C ARG A 1176 40.87 14.11 36.52
N SER A 1177 41.56 13.04 36.15
CA SER A 1177 41.09 12.17 35.10
C SER A 1177 40.27 11.02 35.63
N LEU A 1178 40.00 11.02 36.92
CA LEU A 1178 39.27 9.91 37.50
C LEU A 1178 37.88 9.82 36.92
N ILE A 1179 37.31 8.64 37.04
CA ILE A 1179 35.96 8.42 36.56
C ILE A 1179 35.02 9.27 37.40
N ASN A 1180 33.85 9.59 36.87
CA ASN A 1180 32.87 10.31 37.66
C ASN A 1180 31.87 9.35 38.28
N PRO A 1181 31.66 9.40 39.59
CA PRO A 1181 30.66 8.54 40.21
C PRO A 1181 29.30 8.82 39.58
N GLY A 1182 28.59 7.74 39.24
CA GLY A 1182 27.27 7.83 38.67
C GLY A 1182 27.21 8.19 37.20
N GLU A 1183 28.05 7.62 36.35
CA GLU A 1183 27.83 7.61 34.91
C GLU A 1183 27.15 6.30 34.50
N ALA A 1184 27.22 5.93 33.21
CA ALA A 1184 26.90 4.55 32.84
C ALA A 1184 28.00 3.99 31.96
N VAL A 1185 28.85 3.13 32.54
CA VAL A 1185 29.82 2.35 31.80
C VAL A 1185 29.21 1.03 31.33
N GLY A 1186 28.31 0.46 32.11
CA GLY A 1186 27.65 -0.76 31.74
C GLY A 1186 27.08 -0.58 30.37
N ILE A 1187 26.44 0.56 30.15
CA ILE A 1187 26.00 0.90 28.81
C ILE A 1187 27.21 1.12 27.91
N ILE A 1188 28.16 1.93 28.39
CA ILE A 1188 29.38 2.16 27.62
C ILE A 1188 29.98 0.84 27.16
N ALA A 1189 30.45 0.04 28.12
CA ALA A 1189 31.09 -1.22 27.79
C ALA A 1189 30.23 -2.04 26.84
N SER A 1190 28.91 -1.96 27.00
CA SER A 1190 28.04 -2.59 26.04
C SER A 1190 28.19 -1.97 24.67
N GLN A 1191 27.98 -0.67 24.57
CA GLN A 1191 28.16 0.02 23.30
C GLN A 1191 29.60 -0.08 22.85
N SER A 1192 30.52 -0.08 23.82
CA SER A 1192 31.93 -0.14 23.48
C SER A 1192 32.28 -1.45 22.80
N VAL A 1193 31.59 -2.52 23.18
CA VAL A 1193 31.71 -3.77 22.42
C VAL A 1193 30.75 -3.76 21.24
N GLY A 1194 29.53 -3.28 21.46
CA GLY A 1194 28.49 -3.41 20.46
C GLY A 1194 28.84 -2.74 19.15
N GLU A 1195 29.26 -1.48 19.21
CA GLU A 1195 29.52 -0.76 17.98
C GLU A 1195 30.63 -1.42 17.16
N PRO A 1196 31.83 -1.64 17.71
CA PRO A 1196 32.90 -2.18 16.87
C PRO A 1196 32.59 -3.54 16.31
N SER A 1197 31.70 -4.29 16.94
CA SER A 1197 31.26 -5.54 16.34
C SER A 1197 30.66 -5.29 14.97
N THR A 1198 29.94 -4.19 14.81
CA THR A 1198 29.38 -3.85 13.52
C THR A 1198 30.49 -3.54 12.52
N GLN A 1199 31.67 -3.20 13.02
CA GLN A 1199 32.76 -2.88 12.12
C GLN A 1199 33.17 -4.11 11.32
N MET A 1200 33.19 -5.26 11.97
CA MET A 1200 33.42 -6.53 11.27
C MET A 1200 33.11 -7.69 12.18
N ALA A 1213 45.79 -23.87 12.26
CA ALA A 1213 44.99 -23.35 13.37
C ALA A 1213 43.54 -23.18 12.96
N ASN A 1214 43.23 -22.06 12.32
CA ASN A 1214 41.90 -21.77 11.82
C ASN A 1214 40.87 -21.85 12.96
N VAL A 1215 41.15 -21.06 13.98
CA VAL A 1215 40.31 -20.98 15.15
C VAL A 1215 39.05 -20.17 14.82
N THR A 1216 37.98 -20.38 15.59
CA THR A 1216 36.74 -19.64 15.41
C THR A 1216 36.97 -18.14 15.56
N LEU A 1217 36.42 -17.34 14.66
CA LEU A 1217 36.72 -15.93 14.67
C LEU A 1217 35.45 -15.09 14.67
N GLY A 1218 35.66 -13.78 14.70
CA GLY A 1218 34.58 -12.84 14.47
C GLY A 1218 33.48 -12.94 15.50
N ILE A 1219 32.39 -12.25 15.18
CA ILE A 1219 31.19 -12.25 16.00
C ILE A 1219 30.81 -13.65 16.46
N PRO A 1220 30.81 -14.67 15.58
CA PRO A 1220 30.48 -16.02 16.05
C PRO A 1220 31.31 -16.40 17.26
N ARG A 1221 32.62 -16.16 17.17
CA ARG A 1221 33.46 -16.37 18.34
C ARG A 1221 33.01 -15.48 19.50
N LEU A 1222 32.75 -14.22 19.19
CA LEU A 1222 32.37 -13.28 20.24
C LEU A 1222 31.03 -13.67 20.84
N ARG A 1223 30.04 -13.91 19.99
CA ARG A 1223 28.78 -14.49 20.43
C ARG A 1223 29.02 -15.71 21.29
N GLU A 1224 30.01 -16.52 20.90
CA GLU A 1224 30.21 -17.80 21.56
C GLU A 1224 30.66 -17.60 22.99
N ILE A 1225 31.45 -16.55 23.21
CA ILE A 1225 31.99 -16.28 24.54
C ILE A 1225 30.96 -15.56 25.39
N VAL A 1226 30.19 -14.69 24.77
CA VAL A 1226 29.38 -13.74 25.50
C VAL A 1226 27.93 -14.19 25.62
N MET A 1227 27.23 -14.31 24.50
CA MET A 1227 25.80 -14.63 24.59
C MET A 1227 25.62 -16.08 25.00
N THR A 1228 26.10 -17.02 24.18
CA THR A 1228 26.02 -18.42 24.58
C THR A 1228 26.78 -18.66 25.87
N ALA A 1229 28.02 -18.21 25.91
CA ALA A 1229 28.95 -18.58 26.96
C ALA A 1229 28.99 -20.09 27.12
N SER A 1230 29.01 -20.76 25.98
CA SER A 1230 28.93 -22.21 25.94
C SER A 1230 30.22 -22.81 26.47
N ALA A 1231 30.08 -23.86 27.25
CA ALA A 1231 31.24 -24.64 27.67
C ALA A 1231 31.93 -25.26 26.47
N ALA A 1232 31.19 -26.06 25.70
CA ALA A 1232 31.74 -26.67 24.50
C ALA A 1232 31.81 -25.64 23.38
N ILE A 1233 32.96 -25.53 22.74
CA ILE A 1233 33.13 -24.55 21.68
C ILE A 1233 33.52 -25.26 20.40
N LYS A 1234 33.68 -24.49 19.32
CA LYS A 1234 34.05 -25.07 18.05
C LYS A 1234 35.52 -25.44 18.02
N THR A 1235 36.37 -24.60 18.63
CA THR A 1235 37.79 -24.75 18.49
C THR A 1235 38.48 -24.74 19.85
N PRO A 1236 38.26 -25.72 20.69
CA PRO A 1236 39.00 -25.76 21.96
C PRO A 1236 40.48 -25.89 21.68
N GLN A 1237 41.30 -25.03 22.28
CA GLN A 1237 42.73 -25.06 22.01
C GLN A 1237 43.52 -24.93 23.29
N MET A 1238 44.69 -25.58 23.35
CA MET A 1238 45.56 -25.47 24.52
C MET A 1238 46.92 -24.88 24.14
N THR A 1239 47.20 -23.63 24.51
CA THR A 1239 48.48 -23.03 24.16
C THR A 1239 49.54 -23.60 25.08
N LEU A 1240 50.56 -24.21 24.50
CA LEU A 1240 51.49 -25.00 25.27
C LEU A 1240 52.88 -24.43 25.13
N PRO A 1241 53.28 -23.52 25.99
CA PRO A 1241 54.66 -23.04 25.97
C PRO A 1241 55.61 -24.18 26.24
N ILE A 1242 56.67 -24.28 25.46
CA ILE A 1242 57.72 -25.26 25.70
C ILE A 1242 58.97 -24.49 26.09
N TRP A 1243 59.83 -25.12 26.86
CA TRP A 1243 61.01 -24.46 27.40
C TRP A 1243 61.97 -24.21 26.22
N ASN A 1244 63.12 -23.62 26.46
CA ASN A 1244 64.18 -23.80 25.47
C ASN A 1244 65.21 -24.76 26.05
N ASP A 1245 64.91 -26.02 25.80
CA ASP A 1245 65.78 -27.17 25.93
C ASP A 1245 65.38 -28.09 24.79
N VAL A 1246 64.10 -28.48 24.83
CA VAL A 1246 63.46 -29.29 23.81
C VAL A 1246 63.72 -28.66 22.44
N SER A 1247 64.07 -29.51 21.48
CA SER A 1247 64.32 -29.06 20.12
C SER A 1247 63.03 -29.09 19.30
N ASP A 1248 63.05 -28.43 18.15
CA ASP A 1248 61.87 -28.39 17.29
C ASP A 1248 61.45 -29.80 16.95
N GLU A 1249 62.43 -30.64 16.64
CA GLU A 1249 62.18 -32.03 16.32
C GLU A 1249 61.58 -32.72 17.53
N GLN A 1250 62.15 -32.45 18.70
CA GLN A 1250 61.64 -33.04 19.94
C GLN A 1250 60.17 -32.65 20.10
N ALA A 1251 59.89 -31.36 19.95
CA ALA A 1251 58.53 -30.86 20.05
C ALA A 1251 57.61 -31.62 19.12
N ASP A 1252 57.99 -31.71 17.85
CA ASP A 1252 57.19 -32.43 16.85
C ASP A 1252 56.86 -33.84 17.33
N THR A 1253 57.88 -34.56 17.75
CA THR A 1253 57.70 -35.94 18.23
C THR A 1253 56.65 -35.98 19.33
N PHE A 1254 56.79 -35.10 20.31
CA PHE A 1254 55.85 -35.05 21.43
C PHE A 1254 54.43 -34.78 20.95
N CYS A 1255 54.30 -33.85 20.01
CA CYS A 1255 53.00 -33.50 19.45
C CYS A 1255 52.35 -34.71 18.78
N LYS A 1256 53.16 -35.46 18.03
CA LYS A 1256 52.66 -36.64 17.34
C LYS A 1256 52.29 -37.74 18.33
N SER A 1257 53.18 -38.00 19.28
CA SER A 1257 52.94 -39.02 20.29
C SER A 1257 51.66 -38.78 21.07
N ILE A 1258 51.48 -37.54 21.53
CA ILE A 1258 50.32 -37.19 22.34
C ILE A 1258 49.09 -36.75 21.55
N SER A 1259 49.10 -36.95 20.24
CA SER A 1259 47.97 -36.53 19.42
C SER A 1259 46.75 -37.47 19.39
N LYS A 1260 46.29 -37.73 18.18
CA LYS A 1260 45.13 -38.54 17.84
C LYS A 1260 45.59 -39.65 16.92
N VAL A 1261 45.22 -40.90 17.25
CA VAL A 1261 45.56 -42.00 16.38
C VAL A 1261 44.36 -42.91 16.21
N LEU A 1262 43.88 -43.00 14.98
CA LEU A 1262 42.74 -43.85 14.69
C LEU A 1262 43.16 -45.06 13.87
N LEU A 1263 42.47 -46.16 14.08
CA LEU A 1263 42.74 -47.34 13.28
C LEU A 1263 42.54 -47.07 11.81
N SER A 1264 41.47 -46.33 11.46
CA SER A 1264 41.24 -45.98 10.07
C SER A 1264 42.36 -45.13 9.50
N GLU A 1265 43.21 -44.53 10.34
CA GLU A 1265 44.32 -43.76 9.81
C GLU A 1265 45.30 -44.65 9.06
N VAL A 1266 45.67 -45.79 9.65
CA VAL A 1266 46.76 -46.60 9.14
C VAL A 1266 46.30 -47.65 8.16
N ILE A 1267 45.00 -47.90 8.06
CA ILE A 1267 44.49 -48.97 7.22
C ILE A 1267 44.63 -48.55 5.77
N ASP A 1268 45.33 -49.37 4.99
CA ASP A 1268 45.41 -49.14 3.55
C ASP A 1268 44.18 -49.65 2.81
N LYS A 1269 43.57 -50.72 3.31
CA LYS A 1269 42.49 -51.38 2.59
C LYS A 1269 41.97 -52.50 3.47
N VAL A 1270 40.73 -52.91 3.20
CA VAL A 1270 40.06 -53.96 3.94
C VAL A 1270 39.21 -54.77 2.97
N ILE A 1271 39.19 -56.08 3.13
CA ILE A 1271 38.50 -56.98 2.23
C ILE A 1271 37.61 -57.91 3.03
N VAL A 1272 36.35 -58.01 2.61
CA VAL A 1272 35.38 -58.87 3.26
C VAL A 1272 34.93 -59.91 2.25
N THR A 1273 35.04 -61.19 2.61
CA THR A 1273 34.71 -62.28 1.70
C THR A 1273 33.80 -63.26 2.42
N GLU A 1274 32.57 -63.40 1.95
CA GLU A 1274 31.62 -64.32 2.56
C GLU A 1274 31.96 -65.78 2.27
N ARG A 1288 27.21 -70.04 7.67
CA ARG A 1288 27.52 -68.88 6.84
C ARG A 1288 28.54 -67.98 7.51
N SER A 1289 29.64 -67.72 6.81
CA SER A 1289 30.77 -67.03 7.42
C SER A 1289 31.37 -66.05 6.43
N TYR A 1290 32.37 -65.31 6.91
CA TYR A 1290 33.14 -64.40 6.09
C TYR A 1290 34.45 -64.05 6.77
N VAL A 1291 35.39 -63.59 5.97
CA VAL A 1291 36.75 -63.28 6.40
C VAL A 1291 36.96 -61.79 6.25
N ILE A 1292 37.80 -61.24 7.10
CA ILE A 1292 38.15 -59.82 7.07
C ILE A 1292 39.65 -59.70 6.93
N HIS A 1293 40.09 -59.07 5.85
CA HIS A 1293 41.49 -58.72 5.66
C HIS A 1293 41.65 -57.24 5.94
N MET A 1294 42.81 -56.87 6.43
CA MET A 1294 43.15 -55.46 6.59
C MET A 1294 44.54 -55.26 6.04
N ARG A 1295 44.65 -54.48 4.97
CA ARG A 1295 45.95 -54.06 4.48
C ARG A 1295 46.28 -52.74 5.16
N PHE A 1296 47.38 -52.71 5.85
CA PHE A 1296 47.83 -51.49 6.52
C PHE A 1296 48.82 -50.78 5.63
N PHE A 1297 49.41 -49.72 6.15
CA PHE A 1297 50.63 -49.20 5.58
C PHE A 1297 51.78 -50.04 6.11
N ASP A 1298 53.00 -49.62 5.84
CA ASP A 1298 54.15 -50.40 6.26
C ASP A 1298 54.41 -50.17 7.74
N ASN A 1299 54.75 -51.25 8.46
CA ASN A 1299 54.89 -51.17 9.91
C ASN A 1299 55.84 -50.05 10.30
N ASN A 1300 56.92 -49.88 9.55
CA ASN A 1300 57.80 -48.75 9.81
C ASN A 1300 57.04 -47.44 9.70
N GLU A 1301 56.29 -47.26 8.62
CA GLU A 1301 55.69 -45.98 8.28
C GLU A 1301 54.89 -45.41 9.44
N TYR A 1302 53.76 -46.02 9.75
CA TYR A 1302 52.94 -45.50 10.84
C TYR A 1302 53.64 -45.55 12.19
N SER A 1303 54.28 -46.66 12.55
CA SER A 1303 55.00 -46.70 13.81
C SER A 1303 56.07 -45.63 13.85
N GLU A 1304 56.61 -45.27 12.69
CA GLU A 1304 57.29 -43.97 12.60
C GLU A 1304 56.28 -42.84 12.56
N GLU A 1305 55.33 -42.89 11.64
CA GLU A 1305 54.46 -41.75 11.40
C GLU A 1305 53.61 -41.42 12.61
N TYR A 1306 52.79 -42.37 13.04
CA TYR A 1306 51.93 -42.11 14.18
C TYR A 1306 52.49 -42.69 15.46
N ASP A 1307 53.67 -43.30 15.42
CA ASP A 1307 54.29 -43.90 16.60
C ASP A 1307 53.36 -44.95 17.21
N VAL A 1308 53.22 -46.06 16.51
CA VAL A 1308 52.27 -47.09 16.90
C VAL A 1308 52.97 -48.44 16.96
N SER A 1309 53.03 -49.00 18.15
CA SER A 1309 53.48 -50.37 18.34
C SER A 1309 52.43 -51.31 17.77
N LYS A 1310 52.88 -52.15 16.85
CA LYS A 1310 51.98 -53.13 16.25
C LYS A 1310 51.32 -54.01 17.31
N GLU A 1311 51.89 -54.04 18.50
CA GLU A 1311 51.36 -54.86 19.59
C GLU A 1311 50.11 -54.23 20.18
N GLU A 1312 50.26 -53.02 20.72
CA GLU A 1312 49.07 -52.25 21.05
C GLU A 1312 48.11 -52.22 19.88
N LEU A 1313 48.64 -51.98 18.68
CA LEU A 1313 47.85 -52.13 17.48
C LEU A 1313 47.16 -53.48 17.45
N GLN A 1314 47.93 -54.56 17.59
CA GLN A 1314 47.32 -55.86 17.85
C GLN A 1314 46.28 -55.76 18.95
N ASN A 1315 46.63 -55.15 20.07
CA ASN A 1315 45.69 -55.09 21.18
C ASN A 1315 44.49 -54.22 20.83
N VAL A 1316 44.74 -53.05 20.25
CA VAL A 1316 43.65 -52.20 19.77
C VAL A 1316 42.68 -53.02 18.96
N ILE A 1317 43.20 -53.82 18.04
CA ILE A 1317 42.35 -54.74 17.30
C ILE A 1317 41.84 -55.84 18.22
N SER A 1318 42.68 -56.30 19.15
CA SER A 1318 42.40 -57.53 19.87
C SER A 1318 41.07 -57.52 20.58
N ASN A 1319 40.83 -56.56 21.46
CA ASN A 1319 39.66 -56.68 22.33
C ASN A 1319 38.59 -55.64 22.01
N GLN A 1320 38.89 -54.37 22.29
CA GLN A 1320 37.90 -53.32 22.06
C GLN A 1320 37.31 -53.39 20.66
N PHE A 1321 38.17 -53.57 19.66
CA PHE A 1321 37.74 -53.44 18.28
C PHE A 1321 36.63 -54.43 17.96
N ILE A 1322 36.82 -55.68 18.35
CA ILE A 1322 35.81 -56.70 18.03
C ILE A 1322 34.56 -56.44 18.83
N HIS A 1323 34.71 -56.14 20.12
CA HIS A 1323 33.57 -55.86 20.96
C HIS A 1323 32.72 -54.76 20.34
N LEU A 1324 33.37 -53.69 19.88
CA LEU A 1324 32.68 -52.71 19.06
C LEU A 1324 32.00 -53.38 17.88
N LEU A 1325 32.76 -54.16 17.14
CA LEU A 1325 32.26 -54.76 15.91
C LEU A 1325 31.01 -55.60 16.17
N GLU A 1326 31.16 -56.67 16.94
CA GLU A 1326 30.04 -57.59 17.15
C GLU A 1326 28.82 -56.89 17.69
N ALA A 1327 29.02 -55.76 18.38
CA ALA A 1327 27.89 -55.07 19.02
C ALA A 1327 26.81 -54.72 18.01
N ALA A 1328 27.08 -53.78 17.11
CA ALA A 1328 26.06 -53.31 16.19
C ALA A 1328 25.55 -54.44 15.31
N ILE A 1329 26.41 -55.43 15.03
CA ILE A 1329 26.02 -56.55 14.20
C ILE A 1329 24.73 -57.18 14.70
N VAL A 1330 24.79 -57.82 15.87
CA VAL A 1330 23.60 -58.44 16.45
C VAL A 1330 22.52 -57.38 16.65
N LYS A 1331 22.95 -56.21 17.13
CA LYS A 1331 22.05 -55.06 17.22
C LYS A 1331 21.27 -54.84 15.94
N GLU A 1332 21.94 -54.82 14.80
CA GLU A 1332 21.22 -54.72 13.54
C GLU A 1332 20.41 -55.97 13.26
N ILE A 1333 20.96 -57.14 13.57
CA ILE A 1333 20.27 -58.39 13.26
C ILE A 1333 18.90 -58.41 13.89
N LYS A 1334 18.83 -58.24 15.21
CA LYS A 1334 17.54 -58.24 15.89
C LYS A 1334 16.71 -57.02 15.50
N LYS A 1335 17.38 -55.93 15.12
CA LYS A 1335 16.67 -54.74 14.65
C LYS A 1335 15.81 -55.06 13.44
N GLN A 1336 16.18 -56.08 12.68
CA GLN A 1336 15.52 -56.42 11.43
C GLN A 1336 14.22 -57.19 11.62
N LYS A 1337 13.88 -57.56 12.84
CA LYS A 1337 12.70 -58.38 13.09
C LYS A 1337 11.44 -57.52 13.19
N LYS A 1441 52.47 -70.80 15.82
CA LYS A 1441 51.76 -71.22 17.02
C LYS A 1441 51.61 -70.08 18.01
N VAL A 1442 52.54 -69.12 17.94
CA VAL A 1442 52.45 -67.93 18.78
C VAL A 1442 51.06 -67.31 18.63
N GLN A 1443 50.65 -67.09 17.39
CA GLN A 1443 49.28 -66.70 17.08
C GLN A 1443 48.27 -67.63 17.73
N ARG A 1444 48.49 -68.94 17.63
CA ARG A 1444 47.49 -69.93 17.97
C ARG A 1444 46.92 -69.69 19.37
N ASP A 1445 47.79 -69.56 20.37
CA ASP A 1445 47.33 -69.26 21.71
C ASP A 1445 46.58 -67.94 21.75
N ARG A 1446 47.23 -66.87 21.29
CA ARG A 1446 46.56 -65.59 21.15
C ARG A 1446 45.24 -65.75 20.42
N GLN A 1447 45.28 -66.36 19.24
CA GLN A 1447 44.05 -66.65 18.51
C GLN A 1447 43.07 -67.39 19.39
N SER A 1448 43.51 -68.47 20.03
CA SER A 1448 42.64 -69.22 20.92
C SER A 1448 42.07 -68.32 22.00
N ALA A 1449 42.92 -67.49 22.60
CA ALA A 1449 42.43 -66.51 23.56
C ALA A 1449 41.39 -65.61 22.93
N ILE A 1450 41.75 -64.97 21.81
CA ILE A 1450 40.84 -64.04 21.15
C ILE A 1450 39.51 -64.71 20.85
N ILE A 1451 39.57 -65.88 20.21
CA ILE A 1451 38.36 -66.61 19.89
C ILE A 1451 37.51 -66.82 21.12
N SER A 1452 38.14 -67.17 22.24
CA SER A 1452 37.40 -67.40 23.48
C SER A 1452 36.62 -66.15 23.88
N HIS A 1453 37.20 -64.98 23.68
CA HIS A 1453 36.58 -63.76 24.19
C HIS A 1453 35.27 -63.42 23.49
N HIS A 1454 35.00 -64.00 22.33
CA HIS A 1454 33.89 -63.54 21.52
C HIS A 1454 33.14 -64.72 20.94
N ARG A 1455 31.90 -64.46 20.54
CA ARG A 1455 31.08 -65.48 19.91
C ARG A 1455 31.42 -65.65 18.44
N PHE A 1456 31.65 -64.56 17.74
CA PHE A 1456 31.63 -64.58 16.29
C PHE A 1456 32.99 -64.75 15.66
N ILE A 1457 34.05 -64.84 16.45
CA ILE A 1457 35.38 -65.05 15.90
C ILE A 1457 35.63 -66.56 15.93
N THR A 1458 35.62 -67.19 14.78
CA THR A 1458 36.04 -68.58 14.72
C THR A 1458 37.47 -68.74 14.25
N LYS A 1459 38.09 -67.67 13.78
CA LYS A 1459 39.48 -67.71 13.33
C LYS A 1459 40.04 -66.32 13.49
N TYR A 1460 41.35 -66.25 13.67
CA TYR A 1460 42.04 -64.98 13.76
C TYR A 1460 43.45 -65.14 13.25
N ASN A 1461 43.99 -64.06 12.72
CA ASN A 1461 45.40 -64.01 12.40
C ASN A 1461 45.82 -62.56 12.36
N PHE A 1462 47.12 -62.34 12.35
CA PHE A 1462 47.63 -60.99 12.29
C PHE A 1462 49.04 -61.06 11.71
N ASP A 1463 49.53 -59.95 11.23
CA ASP A 1463 50.89 -59.93 10.73
C ASP A 1463 51.78 -59.62 11.92
N ASP A 1464 52.46 -60.64 12.42
CA ASP A 1464 53.24 -60.53 13.63
C ASP A 1464 54.68 -60.19 13.34
N GLU A 1465 55.02 -59.99 12.06
CA GLU A 1465 56.39 -59.64 11.68
C GLU A 1465 56.41 -58.33 10.91
N SER A 1466 55.94 -58.31 9.67
CA SER A 1466 55.92 -57.06 8.92
C SER A 1466 54.80 -56.15 9.37
N GLY A 1467 53.89 -56.65 10.22
CA GLY A 1467 52.79 -55.83 10.69
C GLY A 1467 51.89 -55.33 9.58
N LYS A 1468 52.08 -55.82 8.36
CA LYS A 1468 51.46 -55.21 7.20
C LYS A 1468 49.95 -55.44 7.17
N TRP A 1469 49.47 -56.53 7.75
CA TRP A 1469 48.08 -56.89 7.57
C TRP A 1469 47.50 -57.45 8.85
N CYS A 1470 46.18 -57.40 8.93
CA CYS A 1470 45.42 -58.10 9.95
C CYS A 1470 44.33 -58.87 9.23
N GLU A 1471 44.15 -60.13 9.60
CA GLU A 1471 43.23 -61.00 8.90
C GLU A 1471 42.53 -61.92 9.88
N PHE A 1472 41.21 -61.99 9.80
CA PHE A 1472 40.48 -62.90 10.66
C PHE A 1472 39.13 -63.18 10.05
N LYS A 1473 38.49 -64.23 10.54
CA LYS A 1473 37.27 -64.75 9.96
C LYS A 1473 36.18 -64.76 11.01
N LEU A 1474 34.97 -64.43 10.58
CA LEU A 1474 33.80 -64.46 11.46
C LEU A 1474 32.75 -65.37 10.86
N GLU A 1475 32.03 -66.07 11.74
CA GLU A 1475 30.96 -66.95 11.30
C GLU A 1475 29.63 -66.47 11.85
N LEU A 1476 28.56 -66.82 11.13
CA LEU A 1476 27.21 -66.47 11.54
C LEU A 1476 26.32 -67.67 11.26
N ALA A 1477 25.03 -67.53 11.57
CA ALA A 1477 24.09 -68.60 11.37
C ALA A 1477 23.98 -68.94 9.88
N ALA A 1478 23.74 -70.22 9.60
CA ALA A 1478 23.50 -70.63 8.22
C ALA A 1478 22.32 -69.89 7.62
N ASP A 1479 21.42 -69.40 8.47
CA ASP A 1479 20.38 -68.47 8.06
C ASP A 1479 20.68 -67.11 8.67
N THR A 1480 21.12 -66.18 7.83
CA THR A 1480 21.48 -64.84 8.29
C THR A 1480 21.35 -63.92 7.09
N GLU A 1481 21.15 -62.64 7.36
CA GLU A 1481 20.94 -61.66 6.31
C GLU A 1481 22.23 -61.43 5.55
N LYS A 1482 22.18 -60.60 4.53
CA LYS A 1482 23.35 -60.23 3.75
C LYS A 1482 24.04 -59.01 4.33
N LEU A 1483 23.63 -58.60 5.53
CA LEU A 1483 23.81 -57.23 6.00
C LEU A 1483 25.21 -56.70 5.74
N LEU A 1484 25.25 -55.43 5.34
CA LEU A 1484 26.47 -54.83 4.83
C LEU A 1484 27.58 -54.88 5.87
N MET A 1485 28.68 -55.52 5.52
CA MET A 1485 29.83 -55.63 6.42
C MET A 1485 30.74 -54.42 6.27
N VAL A 1486 31.24 -54.21 5.06
CA VAL A 1486 32.15 -53.11 4.77
C VAL A 1486 31.70 -51.81 5.40
N ASN A 1487 30.40 -51.51 5.34
CA ASN A 1487 29.92 -50.27 5.96
C ASN A 1487 30.05 -50.35 7.47
N ILE A 1488 29.71 -51.49 8.06
CA ILE A 1488 29.95 -51.67 9.49
C ILE A 1488 31.41 -51.49 9.80
N VAL A 1489 32.28 -52.13 9.01
CA VAL A 1489 33.70 -52.09 9.29
C VAL A 1489 34.25 -50.69 9.13
N GLU A 1490 34.00 -50.07 7.97
CA GLU A 1490 34.46 -48.71 7.77
C GLU A 1490 33.96 -47.78 8.87
N GLU A 1491 32.76 -48.03 9.37
CA GLU A 1491 32.27 -47.23 10.48
C GLU A 1491 33.10 -47.47 11.74
N ILE A 1492 33.37 -48.74 12.05
CA ILE A 1492 34.15 -49.03 13.24
C ILE A 1492 35.58 -48.54 13.11
N CYS A 1493 36.22 -48.82 11.98
CA CYS A 1493 37.62 -48.44 11.80
C CYS A 1493 37.85 -46.97 12.10
N ARG A 1494 36.93 -46.11 11.67
CA ARG A 1494 37.04 -44.70 11.99
C ARG A 1494 36.77 -44.41 13.46
N LYS A 1495 35.72 -44.97 14.04
CA LYS A 1495 35.52 -44.88 15.47
C LYS A 1495 36.68 -45.49 16.25
N SER A 1496 37.31 -46.53 15.72
CA SER A 1496 38.35 -47.25 16.44
C SER A 1496 39.51 -46.32 16.78
N ILE A 1497 39.88 -46.28 18.06
CA ILE A 1497 40.95 -45.39 18.49
C ILE A 1497 42.16 -46.20 18.88
N ILE A 1498 43.31 -45.82 18.33
CA ILE A 1498 44.55 -46.47 18.71
C ILE A 1498 45.11 -45.71 19.90
N ARG A 1499 45.53 -44.47 19.67
CA ARG A 1499 46.12 -43.64 20.71
C ARG A 1499 45.46 -42.27 20.67
N GLN A 1500 44.81 -41.90 21.76
CA GLN A 1500 44.25 -40.56 21.93
C GLN A 1500 44.45 -40.16 23.37
N ILE A 1501 44.71 -38.88 23.58
CA ILE A 1501 44.63 -38.30 24.90
C ILE A 1501 43.25 -37.69 25.03
N PRO A 1502 42.49 -38.04 26.07
CA PRO A 1502 41.07 -37.68 26.12
C PRO A 1502 40.84 -36.20 25.90
N HIS A 1503 39.90 -35.91 25.01
CA HIS A 1503 39.47 -34.59 24.58
C HIS A 1503 40.53 -33.90 23.74
N ILE A 1504 41.77 -34.38 23.75
CA ILE A 1504 42.79 -33.73 22.96
C ILE A 1504 42.96 -34.48 21.64
N ASP A 1505 42.67 -33.78 20.55
CA ASP A 1505 42.77 -34.38 19.22
C ASP A 1505 44.21 -34.35 18.70
N ARG A 1506 44.45 -33.57 17.66
CA ARG A 1506 45.78 -33.47 17.06
C ARG A 1506 46.32 -32.04 17.14
N CYS A 1507 47.53 -31.91 17.69
CA CYS A 1507 48.16 -30.61 17.82
C CYS A 1507 48.91 -30.23 16.55
N VAL A 1508 49.27 -28.96 16.42
CA VAL A 1508 49.97 -28.48 15.25
C VAL A 1508 51.07 -27.47 15.61
N HIS A 1509 52.26 -27.97 15.87
CA HIS A 1509 53.38 -27.12 16.22
C HIS A 1509 53.32 -25.90 15.33
N PRO A 1510 52.86 -24.77 15.81
CA PRO A 1510 52.75 -23.61 14.96
C PRO A 1510 54.10 -22.93 14.79
N GLU A 1511 54.10 -21.80 14.22
CA GLU A 1511 55.43 -21.23 14.18
C GLU A 1511 55.71 -20.44 15.45
N PRO A 1512 56.97 -20.47 15.88
CA PRO A 1512 57.33 -19.76 17.12
C PRO A 1512 57.15 -18.26 16.97
N GLU A 1513 55.90 -17.82 17.01
CA GLU A 1513 55.59 -16.43 16.79
C GLU A 1513 56.19 -15.57 17.88
N ASN A 1514 56.37 -14.28 17.55
CA ASN A 1514 56.68 -13.18 18.45
C ASN A 1514 57.70 -13.61 19.50
N GLY A 1515 58.68 -14.40 19.08
CA GLY A 1515 59.67 -14.94 19.97
C GLY A 1515 59.16 -15.99 20.93
N LYS A 1516 57.88 -16.33 20.90
CA LYS A 1516 57.30 -17.27 21.84
C LYS A 1516 57.17 -18.62 21.17
N ARG A 1517 57.61 -19.66 21.88
CA ARG A 1517 57.76 -20.99 21.32
C ARG A 1517 56.67 -21.87 21.92
N VAL A 1518 55.69 -22.25 21.09
CA VAL A 1518 54.43 -22.78 21.58
C VAL A 1518 53.98 -23.98 20.75
N LEU A 1519 53.41 -24.96 21.44
CA LEU A 1519 52.56 -25.97 20.81
C LEU A 1519 51.11 -25.58 20.96
N VAL A 1520 50.35 -25.76 19.88
CA VAL A 1520 48.91 -25.51 19.85
C VAL A 1520 48.22 -26.84 20.14
N THR A 1521 47.28 -26.85 21.09
CA THR A 1521 46.52 -28.05 21.47
C THR A 1521 45.08 -27.93 20.93
N GLU A 1522 44.61 -28.99 20.25
CA GLU A 1522 43.23 -29.08 19.71
C GLU A 1522 42.50 -29.83 20.83
N GLY A 1523 41.36 -29.33 21.30
CA GLY A 1523 40.85 -29.95 22.50
C GLY A 1523 41.55 -29.44 23.75
N VAL A 1524 40.98 -29.78 24.90
CA VAL A 1524 41.50 -29.31 26.18
C VAL A 1524 41.51 -30.46 27.18
N ASN A 1525 42.70 -30.86 27.62
CA ASN A 1525 42.86 -31.59 28.87
C ASN A 1525 44.11 -31.05 29.56
N PHE A 1526 43.94 -30.42 30.71
CA PHE A 1526 45.10 -29.86 31.37
C PHE A 1526 45.90 -30.94 32.09
N GLN A 1527 45.22 -31.76 32.88
CA GLN A 1527 45.89 -32.84 33.61
C GLN A 1527 46.74 -33.67 32.70
N ALA A 1528 46.24 -33.99 31.51
CA ALA A 1528 47.05 -34.66 30.51
C ALA A 1528 48.37 -33.93 30.32
N MET A 1529 48.31 -32.63 30.06
CA MET A 1529 49.53 -31.87 29.88
C MET A 1529 50.37 -31.84 31.14
N TRP A 1530 49.74 -31.96 32.30
CA TRP A 1530 50.48 -31.83 33.55
C TRP A 1530 51.51 -32.91 33.72
N ASP A 1531 51.28 -34.10 33.19
CA ASP A 1531 52.30 -35.13 33.16
C ASP A 1531 53.37 -34.84 32.13
N GLN A 1532 53.15 -33.88 31.25
CA GLN A 1532 54.02 -33.65 30.13
C GLN A 1532 55.04 -32.57 30.38
N GLU A 1533 55.05 -32.00 31.59
CA GLU A 1533 55.87 -30.82 31.84
C GLU A 1533 57.35 -31.09 31.65
N ALA A 1534 57.75 -32.35 31.50
CA ALA A 1534 59.11 -32.65 31.13
C ALA A 1534 59.56 -31.84 29.93
N PHE A 1535 58.64 -31.49 29.04
CA PHE A 1535 58.94 -30.63 27.91
C PHE A 1535 58.29 -29.27 28.06
N ILE A 1536 56.97 -29.21 27.96
CA ILE A 1536 56.21 -27.96 27.96
C ILE A 1536 56.28 -27.32 29.33
N ASP A 1537 55.96 -26.03 29.38
CA ASP A 1537 55.77 -25.38 30.67
C ASP A 1537 54.30 -25.38 31.04
N VAL A 1538 53.97 -26.16 32.07
CA VAL A 1538 52.58 -26.21 32.51
C VAL A 1538 52.08 -24.89 33.04
N ASP A 1539 52.94 -24.09 33.66
CA ASP A 1539 52.49 -22.83 34.24
C ASP A 1539 52.17 -21.79 33.17
N GLY A 1540 52.52 -22.08 31.92
CA GLY A 1540 52.22 -21.16 30.85
C GLY A 1540 51.06 -21.61 29.99
N ILE A 1541 50.48 -22.76 30.35
CA ILE A 1541 49.37 -23.31 29.58
C ILE A 1541 48.20 -22.33 29.62
N THR A 1542 47.71 -21.95 28.46
CA THR A 1542 46.50 -21.16 28.34
C THR A 1542 45.57 -21.84 27.36
N SER A 1543 44.29 -21.56 27.50
CA SER A 1543 43.28 -22.26 26.72
C SER A 1543 42.44 -21.28 25.94
N ASN A 1544 41.74 -21.82 24.95
CA ASN A 1544 40.71 -21.10 24.24
C ASN A 1544 39.34 -21.38 24.82
N ASP A 1545 39.25 -22.20 25.86
CA ASP A 1545 37.98 -22.56 26.47
C ASP A 1545 37.89 -22.02 27.87
N VAL A 1546 36.99 -21.06 28.07
CA VAL A 1546 36.77 -20.50 29.40
C VAL A 1546 36.36 -21.59 30.38
N ALA A 1547 35.19 -22.18 30.17
CA ALA A 1547 34.60 -23.06 31.16
C ALA A 1547 35.57 -24.15 31.59
N ALA A 1548 36.39 -24.64 30.66
CA ALA A 1548 37.44 -25.56 31.04
C ALA A 1548 38.36 -24.94 32.07
N VAL A 1549 38.84 -23.73 31.80
CA VAL A 1549 39.73 -23.08 32.75
C VAL A 1549 39.04 -22.87 34.07
N LEU A 1550 37.85 -22.29 34.06
CA LEU A 1550 37.06 -22.17 35.27
C LEU A 1550 37.00 -23.48 36.04
N LYS A 1551 36.79 -24.59 35.33
CA LYS A 1551 36.78 -25.87 36.00
C LYS A 1551 38.14 -26.19 36.58
N THR A 1552 39.20 -25.92 35.83
CA THR A 1552 40.55 -26.30 36.25
C THR A 1552 41.18 -25.24 37.15
N TYR A 1553 41.45 -24.06 36.60
CA TYR A 1553 42.15 -23.04 37.36
C TYR A 1553 41.22 -22.06 38.06
N GLY A 1554 39.92 -22.22 37.94
CA GLY A 1554 39.00 -21.42 38.70
C GLY A 1554 38.70 -20.09 38.06
N VAL A 1555 37.77 -19.39 38.70
CA VAL A 1555 37.15 -18.20 38.12
C VAL A 1555 38.16 -17.17 37.65
N GLU A 1556 39.12 -16.82 38.50
CA GLU A 1556 40.03 -15.74 38.16
C GLU A 1556 40.77 -16.01 36.87
N ALA A 1557 41.46 -17.14 36.80
CA ALA A 1557 42.11 -17.50 35.55
C ALA A 1557 41.12 -17.52 34.41
N ALA A 1558 39.94 -18.12 34.62
CA ALA A 1558 38.90 -18.08 33.60
C ALA A 1558 38.61 -16.65 33.20
N ARG A 1559 38.42 -15.78 34.17
CA ARG A 1559 38.16 -14.38 33.87
C ARG A 1559 39.31 -13.79 33.06
N ASN A 1560 40.52 -13.90 33.57
CA ASN A 1560 41.67 -13.42 32.82
C ASN A 1560 41.70 -14.01 31.42
N THR A 1561 41.30 -15.26 31.28
CA THR A 1561 41.24 -15.87 29.95
C THR A 1561 40.26 -15.12 29.07
N ILE A 1562 39.12 -14.72 29.63
CA ILE A 1562 38.09 -14.06 28.84
C ILE A 1562 38.63 -12.80 28.20
N VAL A 1563 39.11 -11.87 29.03
CA VAL A 1563 39.65 -10.62 28.50
C VAL A 1563 40.68 -10.90 27.43
N ASN A 1564 41.56 -11.87 27.69
CA ASN A 1564 42.51 -12.28 26.68
C ASN A 1564 41.82 -12.75 25.41
N GLU A 1565 40.82 -13.62 25.53
CA GLU A 1565 40.17 -14.15 24.34
C GLU A 1565 39.43 -13.07 23.58
N ILE A 1566 38.54 -12.36 24.26
CA ILE A 1566 37.84 -11.27 23.59
C ILE A 1566 38.81 -10.36 22.89
N ASN A 1567 39.88 -9.98 23.57
CA ASN A 1567 40.84 -9.06 22.96
C ASN A 1567 41.34 -9.63 21.65
N ASN A 1568 41.61 -10.93 21.61
CA ASN A 1568 42.07 -11.56 20.38
C ASN A 1568 41.15 -11.26 19.22
N VAL A 1569 39.84 -11.26 19.46
CA VAL A 1569 38.90 -10.95 18.39
C VAL A 1569 39.20 -9.57 17.83
N PHE A 1570 38.97 -8.54 18.62
CA PHE A 1570 39.24 -7.17 18.20
C PHE A 1570 40.68 -6.96 17.80
N SER A 1571 41.62 -7.69 18.39
CA SER A 1571 42.98 -7.65 17.89
C SER A 1571 43.03 -8.03 16.42
N ARG A 1572 42.49 -9.20 16.08
CA ARG A 1572 42.53 -9.67 14.71
C ARG A 1572 41.95 -8.67 13.74
N TYR A 1573 40.90 -7.97 14.12
CA TYR A 1573 40.33 -6.97 13.24
C TYR A 1573 41.00 -5.63 13.38
N ALA A 1574 42.09 -5.55 14.14
CA ALA A 1574 42.87 -4.34 14.33
C ALA A 1574 42.12 -3.30 15.13
N ILE A 1575 40.89 -3.59 15.56
CA ILE A 1575 40.09 -2.60 16.25
C ILE A 1575 40.72 -2.43 17.64
N SER A 1576 40.23 -1.47 18.41
CA SER A 1576 40.86 -1.16 19.69
C SER A 1576 39.78 -0.96 20.74
N VAL A 1577 39.87 -1.73 21.82
CA VAL A 1577 38.92 -1.63 22.91
C VAL A 1577 39.70 -1.61 24.21
N SER A 1578 39.48 -0.57 25.00
CA SER A 1578 40.19 -0.45 26.27
C SER A 1578 39.78 -1.57 27.21
N PHE A 1579 40.77 -2.20 27.83
CA PHE A 1579 40.50 -3.31 28.72
C PHE A 1579 39.46 -3.01 29.77
N ARG A 1580 39.36 -1.75 30.20
CA ARG A 1580 38.37 -1.39 31.20
C ARG A 1580 37.00 -1.91 30.86
N HIS A 1581 36.61 -1.85 29.59
CA HIS A 1581 35.34 -2.45 29.20
C HIS A 1581 35.38 -3.95 29.43
N LEU A 1582 36.36 -4.60 28.83
CA LEU A 1582 36.48 -6.04 28.97
C LEU A 1582 36.59 -6.45 30.43
N ASP A 1583 37.31 -5.68 31.22
CA ASP A 1583 37.33 -5.93 32.66
C ASP A 1583 35.93 -5.91 33.22
N LEU A 1584 35.16 -4.88 32.88
CA LEU A 1584 33.79 -4.77 33.38
C LEU A 1584 32.98 -5.99 33.02
N ILE A 1585 33.03 -6.41 31.75
CA ILE A 1585 32.24 -7.55 31.33
C ILE A 1585 32.70 -8.82 32.01
N ALA A 1586 34.00 -9.11 31.90
CA ALA A 1586 34.53 -10.31 32.53
C ALA A 1586 34.19 -10.36 34.00
N ASP A 1587 34.49 -9.29 34.73
CA ASP A 1587 34.11 -9.21 36.14
C ASP A 1587 32.62 -9.43 36.32
N MET A 1588 31.81 -9.03 35.36
CA MET A 1588 30.38 -9.27 35.48
C MET A 1588 30.03 -10.74 35.31
N MET A 1589 30.46 -11.38 34.21
CA MET A 1589 30.07 -12.76 33.98
C MET A 1589 30.55 -13.68 35.10
N THR A 1590 31.55 -13.24 35.84
CA THR A 1590 32.08 -14.04 36.93
C THR A 1590 31.47 -13.67 38.27
N ARG A 1591 30.53 -12.73 38.29
CA ARG A 1591 30.01 -12.21 39.55
C ARG A 1591 29.55 -13.31 40.48
N GLN A 1592 29.00 -14.40 39.95
CA GLN A 1592 28.60 -15.52 40.77
C GLN A 1592 29.73 -16.49 41.01
N GLY A 1593 30.93 -16.19 40.55
CA GLY A 1593 32.01 -17.12 40.65
C GLY A 1593 31.95 -18.25 39.66
N THR A 1594 30.86 -18.36 38.92
CA THR A 1594 30.77 -19.23 37.78
C THR A 1594 30.88 -18.38 36.52
N TYR A 1595 30.80 -19.05 35.39
CA TYR A 1595 30.89 -18.39 34.10
C TYR A 1595 29.48 -18.26 33.57
N LEU A 1596 28.96 -17.04 33.56
CA LEU A 1596 27.57 -16.78 33.27
C LEU A 1596 27.42 -16.08 31.94
N ALA A 1597 26.47 -16.54 31.15
CA ALA A 1597 26.17 -15.94 29.87
C ALA A 1597 25.42 -14.63 30.06
N PHE A 1598 25.40 -13.80 29.03
CA PHE A 1598 24.52 -12.66 29.01
C PHE A 1598 23.14 -13.00 28.48
N ASN A 1599 22.92 -14.25 28.13
CA ASN A 1599 21.63 -14.64 27.57
C ASN A 1599 20.62 -14.78 28.70
N ARG A 1600 19.45 -15.29 28.35
CA ARG A 1600 18.39 -15.56 29.32
C ARG A 1600 18.91 -16.33 30.53
N GLN A 1601 19.72 -17.36 30.28
CA GLN A 1601 20.08 -18.27 31.35
C GLN A 1601 20.79 -17.56 32.49
N GLY A 1602 21.90 -16.93 32.20
CA GLY A 1602 22.65 -16.23 33.23
C GLY A 1602 21.82 -15.16 33.89
N MET A 1603 20.97 -14.51 33.10
CA MET A 1603 20.14 -13.43 33.62
C MET A 1603 19.16 -13.91 34.67
N GLU A 1604 18.94 -15.23 34.75
CA GLU A 1604 17.96 -15.77 35.70
C GLU A 1604 18.19 -15.25 37.10
N THR A 1605 19.40 -15.34 37.61
CA THR A 1605 19.71 -15.05 39.00
C THR A 1605 19.50 -13.59 39.37
N SER A 1606 19.25 -12.73 38.39
CA SER A 1606 19.12 -11.31 38.68
C SER A 1606 17.95 -11.06 39.62
N THR A 1607 18.09 -10.00 40.41
CA THR A 1607 17.05 -9.67 41.37
C THR A 1607 15.89 -8.93 40.72
N SER A 1608 16.17 -7.97 39.85
CA SER A 1608 15.10 -7.16 39.26
C SER A 1608 14.34 -7.98 38.24
N SER A 1609 13.03 -8.08 38.45
CA SER A 1609 12.21 -8.90 37.56
C SER A 1609 11.98 -8.21 36.22
N PHE A 1610 11.54 -6.96 36.25
CA PHE A 1610 11.19 -6.24 35.04
C PHE A 1610 12.28 -6.33 33.98
N MET A 1611 13.54 -6.19 34.36
CA MET A 1611 14.61 -6.42 33.41
C MET A 1611 14.45 -7.79 32.78
N LYS A 1612 14.57 -8.85 33.59
CA LYS A 1612 14.28 -10.18 33.10
C LYS A 1612 12.95 -10.22 32.39
N MET A 1613 11.91 -9.70 33.03
CA MET A 1613 10.56 -9.79 32.51
C MET A 1613 10.42 -9.14 31.15
N SER A 1614 11.17 -8.09 30.87
CA SER A 1614 11.11 -7.42 29.58
C SER A 1614 12.18 -7.89 28.62
N TYR A 1615 13.02 -8.84 29.00
CA TYR A 1615 14.10 -9.23 28.10
C TYR A 1615 13.63 -10.22 27.05
N GLU A 1616 13.35 -11.46 27.45
CA GLU A 1616 12.83 -12.40 26.47
C GLU A 1616 11.50 -13.00 26.85
N THR A 1617 11.51 -13.97 27.75
CA THR A 1617 10.29 -14.68 28.08
C THR A 1617 9.65 -14.04 29.31
N THR A 1618 8.51 -13.39 29.09
CA THR A 1618 7.91 -12.61 30.15
C THR A 1618 7.27 -13.50 31.21
N CYS A 1619 6.24 -14.24 30.82
CA CYS A 1619 5.49 -15.05 31.77
C CYS A 1619 6.35 -15.96 32.60
N GLN A 1620 7.18 -16.79 31.98
CA GLN A 1620 8.03 -17.70 32.73
C GLN A 1620 8.79 -17.00 33.83
N PHE A 1621 9.37 -15.83 33.56
CA PHE A 1621 9.84 -14.98 34.63
C PHE A 1621 8.69 -14.46 35.48
N LEU A 1622 7.73 -13.82 34.83
CA LEU A 1622 6.58 -13.28 35.56
C LEU A 1622 5.95 -14.33 36.45
N THR A 1623 5.83 -15.55 35.94
CA THR A 1623 5.33 -16.65 36.77
C THR A 1623 6.17 -16.79 38.02
N LYS A 1624 7.44 -17.20 37.84
CA LYS A 1624 8.37 -17.28 38.95
C LYS A 1624 8.33 -16.03 39.81
N ALA A 1625 8.26 -14.86 39.17
CA ALA A 1625 8.16 -13.61 39.89
C ALA A 1625 6.99 -13.62 40.86
N VAL A 1626 5.82 -14.03 40.42
CA VAL A 1626 4.67 -14.04 41.31
C VAL A 1626 4.80 -15.15 42.33
N LEU A 1627 5.25 -16.33 41.89
CA LEU A 1627 5.36 -17.48 42.76
C LEU A 1627 6.11 -17.18 44.04
N ASP A 1628 7.11 -16.31 43.99
CA ASP A 1628 7.81 -15.92 45.20
C ASP A 1628 7.17 -14.73 45.88
N ASN A 1629 6.04 -14.26 45.36
CA ASN A 1629 5.44 -13.03 45.84
C ASN A 1629 6.47 -11.91 45.81
N GLU A 1630 7.24 -11.89 44.73
CA GLU A 1630 8.44 -11.10 44.73
C GLU A 1630 8.12 -9.62 44.77
N ARG A 1631 8.67 -8.96 45.78
CA ARG A 1631 8.75 -7.53 45.86
C ARG A 1631 9.84 -7.06 44.92
N GLU A 1632 9.52 -6.10 44.05
CA GLU A 1632 10.54 -5.52 43.20
C GLU A 1632 10.80 -4.11 43.71
N GLN A 1633 12.06 -3.82 44.01
CA GLN A 1633 12.42 -2.61 44.73
C GLN A 1633 12.80 -1.48 43.81
N LEU A 1634 12.69 -1.66 42.50
CA LEU A 1634 12.84 -0.58 41.53
C LEU A 1634 14.24 0.03 41.60
N ASP A 1635 15.18 -0.77 41.12
CA ASP A 1635 16.57 -0.36 41.01
C ASP A 1635 17.01 -0.26 39.56
N SER A 1636 16.97 -1.37 38.83
CA SER A 1636 17.39 -1.38 37.45
C SER A 1636 16.60 -0.36 36.65
N PRO A 1637 17.23 0.30 35.68
CA PRO A 1637 16.51 1.29 34.88
C PRO A 1637 15.30 0.71 34.21
N SER A 1638 15.42 -0.43 33.55
CA SER A 1638 14.28 -1.07 32.93
C SER A 1638 13.10 -1.19 33.88
N ALA A 1639 13.32 -1.68 35.09
CA ALA A 1639 12.31 -1.56 36.12
C ALA A 1639 11.85 -0.12 36.28
N ARG A 1640 12.75 0.75 36.74
CA ARG A 1640 12.40 2.16 36.93
C ARG A 1640 11.75 2.68 35.67
N ILE A 1641 12.26 2.24 34.53
CA ILE A 1641 11.75 2.65 33.25
C ILE A 1641 10.26 2.38 33.17
N VAL A 1642 9.88 1.15 33.50
CA VAL A 1642 8.48 0.73 33.47
C VAL A 1642 7.62 1.60 34.37
N VAL A 1643 7.98 1.66 35.65
CA VAL A 1643 7.22 2.45 36.61
C VAL A 1643 7.09 3.90 36.15
N GLY A 1644 8.21 4.49 35.74
CA GLY A 1644 8.20 5.85 35.28
C GLY A 1644 8.88 6.78 36.27
N LYS A 1645 9.81 6.24 37.04
CA LYS A 1645 10.53 7.03 38.01
C LYS A 1645 11.81 7.60 37.38
N LEU A 1646 12.69 8.11 38.22
CA LEU A 1646 14.02 8.49 37.76
C LEU A 1646 14.92 7.26 37.71
N ASN A 1647 16.08 7.41 37.08
CA ASN A 1647 17.04 6.32 36.97
C ASN A 1647 18.28 6.57 37.82
N ASN A 1648 19.13 5.57 37.93
CA ASN A 1648 20.35 5.68 38.72
C ASN A 1648 21.59 5.75 37.82
N VAL A 1649 21.38 6.23 36.60
CA VAL A 1649 22.47 6.36 35.64
C VAL A 1649 23.51 7.38 36.11
N GLY A 1650 23.05 8.61 36.35
CA GLY A 1650 23.92 9.68 36.79
C GLY A 1650 23.16 10.90 37.24
N THR A 1651 22.57 11.62 36.28
CA THR A 1651 21.80 12.82 36.58
C THR A 1651 20.66 12.52 37.55
N GLY A 1652 20.69 11.32 38.12
CA GLY A 1652 19.66 10.92 39.06
C GLY A 1652 20.23 10.20 40.27
N SER A 1653 21.51 10.40 40.52
CA SER A 1653 22.19 9.77 41.65
C SER A 1653 22.11 10.64 42.90
N PHE A 1654 22.50 11.90 42.76
CA PHE A 1654 22.48 12.84 43.87
C PHE A 1654 21.15 13.59 43.94
N ASP A 1655 20.67 13.83 45.15
CA ASP A 1655 19.41 14.54 45.35
C ASP A 1655 19.65 16.04 45.54
N VAL A 1656 18.79 16.85 44.93
CA VAL A 1656 18.90 18.28 45.03
C VAL A 1656 18.06 18.67 46.22
N LEU A 1657 18.68 19.29 47.21
CA LEU A 1657 17.98 19.76 48.38
C LEU A 1657 18.19 21.26 48.51
N ALA A 1658 17.09 21.99 48.64
CA ALA A 1658 17.16 23.43 48.75
C ALA A 1658 17.59 23.82 50.17
N LYS A 1659 17.77 25.11 50.36
CA LYS A 1659 18.03 25.65 51.68
C LYS A 1659 17.06 26.79 51.91
N VAL A 1660 17.06 27.37 53.10
CA VAL A 1660 15.96 28.21 53.57
C VAL A 1660 16.39 28.91 54.84
N PRO A 1661 15.98 30.14 55.04
CA PRO A 1661 16.20 30.78 56.34
C PRO A 1661 15.24 30.24 57.39
N ASN A 1662 15.40 30.70 58.63
CA ASN A 1662 14.57 30.24 59.73
C ASN A 1662 14.77 31.09 60.97
N THR B 13 29.40 3.58 -33.59
CA THR B 13 28.80 4.73 -32.94
C THR B 13 27.37 4.92 -33.39
N ALA B 14 26.44 4.88 -32.44
CA ALA B 14 25.04 5.06 -32.78
C ALA B 14 24.77 6.52 -33.08
N ASP B 15 23.52 6.81 -33.42
CA ASP B 15 23.07 8.16 -33.69
C ASP B 15 21.75 8.41 -32.99
N PHE B 16 21.29 9.65 -33.13
CA PHE B 16 20.05 10.07 -32.49
C PHE B 16 18.83 9.63 -33.27
N ARG B 17 18.93 9.52 -34.59
CA ARG B 17 17.83 9.11 -35.44
C ARG B 17 16.64 10.07 -35.25
N THR B 18 17.00 11.31 -34.96
CA THR B 18 16.01 12.29 -34.53
C THR B 18 14.87 12.42 -35.53
N LEU B 19 15.19 12.57 -36.82
CA LEU B 19 14.14 12.55 -37.81
C LEU B 19 13.38 11.24 -37.76
N GLU B 20 14.12 10.13 -37.88
CA GLU B 20 13.51 8.81 -37.75
C GLU B 20 12.70 8.73 -36.46
N ARG B 21 13.22 9.29 -35.37
CA ARG B 21 12.45 9.39 -34.14
C ARG B 21 11.12 10.08 -34.37
N GLU B 22 11.16 11.37 -34.67
CA GLU B 22 9.95 12.17 -34.65
C GLU B 22 8.93 11.66 -35.64
N SER B 23 9.37 11.26 -36.84
CA SER B 23 8.44 10.67 -37.79
C SER B 23 7.65 9.54 -37.14
N ARG B 24 8.28 8.80 -36.24
CA ARG B 24 7.57 7.75 -35.54
C ARG B 24 6.54 8.32 -34.58
N PHE B 25 6.96 9.22 -33.69
CA PHE B 25 6.00 9.82 -32.76
C PHE B 25 4.83 10.41 -33.51
N ILE B 26 5.12 11.18 -34.56
CA ILE B 26 4.07 11.78 -35.35
C ILE B 26 3.18 10.68 -35.91
N ASN B 27 3.72 9.84 -36.76
CA ASN B 27 2.95 8.75 -37.30
C ASN B 27 3.40 7.46 -36.68
N PRO B 28 2.66 6.90 -35.73
CA PRO B 28 3.00 5.58 -35.23
C PRO B 28 2.78 4.55 -36.31
N PRO B 29 3.49 3.43 -36.26
CA PRO B 29 3.40 2.46 -37.34
C PRO B 29 2.01 1.84 -37.42
N LYS B 30 1.48 1.81 -38.63
CA LYS B 30 0.20 1.17 -38.89
C LYS B 30 0.33 -0.32 -39.15
N ASP B 31 1.53 -0.88 -39.05
CA ASP B 31 1.76 -2.29 -39.33
C ASP B 31 2.22 -3.03 -38.08
N LYS B 32 3.39 -2.70 -37.54
CA LYS B 32 3.92 -3.41 -36.39
C LYS B 32 4.91 -2.50 -35.67
N SER B 33 5.17 -2.86 -34.41
CA SER B 33 6.07 -2.07 -33.59
C SER B 33 7.44 -1.97 -34.23
N ALA B 34 8.11 -0.86 -33.98
CA ALA B 34 9.46 -0.68 -34.46
C ALA B 34 10.51 -1.16 -33.47
N PHE B 35 10.10 -1.75 -32.36
CA PHE B 35 11.03 -2.18 -31.31
C PHE B 35 10.75 -3.64 -31.02
N PRO B 36 11.11 -4.54 -31.92
CA PRO B 36 10.73 -5.95 -31.74
C PRO B 36 11.31 -6.55 -30.49
N LEU B 37 12.60 -6.29 -30.22
CA LEU B 37 13.22 -6.78 -29.00
C LEU B 37 12.36 -6.47 -27.79
N LEU B 38 11.82 -5.26 -27.72
CA LEU B 38 11.00 -4.89 -26.60
C LEU B 38 9.86 -5.89 -26.39
N GLN B 39 9.22 -6.31 -27.46
CA GLN B 39 8.25 -7.38 -27.36
C GLN B 39 8.87 -8.69 -26.94
N GLU B 40 9.90 -9.14 -27.66
CA GLU B 40 10.54 -10.40 -27.36
C GLU B 40 10.99 -10.49 -25.92
N ALA B 41 11.23 -9.36 -25.27
CA ALA B 41 11.48 -9.36 -23.84
C ALA B 41 10.34 -9.95 -23.04
N VAL B 42 9.12 -9.43 -23.22
CA VAL B 42 7.98 -9.89 -22.47
C VAL B 42 7.49 -11.24 -22.94
N GLN B 43 8.00 -11.72 -24.07
CA GLN B 43 7.52 -12.95 -24.67
C GLN B 43 7.30 -14.09 -23.71
N PRO B 44 8.15 -14.34 -22.71
CA PRO B 44 7.85 -15.44 -21.78
C PRO B 44 6.46 -15.42 -21.20
N HIS B 45 5.97 -14.27 -20.78
CA HIS B 45 4.64 -14.24 -20.20
C HIS B 45 3.58 -14.56 -21.24
N ILE B 46 3.54 -13.78 -22.31
CA ILE B 46 2.55 -14.02 -23.36
C ILE B 46 2.72 -15.41 -23.93
N GLY B 47 3.95 -15.79 -24.26
CA GLY B 47 4.19 -17.13 -24.74
C GLY B 47 3.59 -18.17 -23.82
N SER B 48 3.71 -17.96 -22.52
CA SER B 48 3.06 -18.87 -21.58
C SER B 48 1.55 -18.76 -21.69
N PHE B 49 1.02 -17.55 -21.53
CA PHE B 49 -0.41 -17.41 -21.37
C PHE B 49 -1.16 -17.84 -22.62
N ASN B 50 -0.68 -17.42 -23.79
CA ASN B 50 -1.31 -17.90 -25.01
C ASN B 50 -1.28 -19.41 -25.08
N ALA B 51 -0.20 -20.03 -24.61
CA ALA B 51 -0.09 -21.47 -24.71
C ALA B 51 -1.16 -22.19 -23.94
N LEU B 52 -1.87 -21.51 -23.04
CA LEU B 52 -2.97 -22.15 -22.34
C LEU B 52 -4.02 -22.65 -23.31
N THR B 53 -4.39 -21.81 -24.27
CA THR B 53 -5.41 -22.16 -25.25
C THR B 53 -4.85 -22.63 -26.57
N GLU B 54 -3.53 -22.62 -26.74
CA GLU B 54 -2.97 -22.80 -28.06
C GLU B 54 -2.09 -24.04 -28.10
N GLY B 55 -1.45 -24.27 -29.24
CA GLY B 55 -0.75 -25.50 -29.47
C GLY B 55 -1.65 -26.45 -30.22
N PRO B 56 -1.07 -27.29 -31.09
CA PRO B 56 -1.90 -28.14 -31.95
C PRO B 56 -2.81 -29.07 -31.18
N ASP B 57 -2.50 -29.28 -29.91
CA ASP B 57 -3.16 -30.23 -29.05
C ASP B 57 -4.37 -29.65 -28.32
N GLY B 58 -4.73 -28.42 -28.62
CA GLY B 58 -5.90 -27.80 -28.03
C GLY B 58 -5.61 -26.97 -26.81
N GLY B 59 -4.35 -26.71 -26.50
CA GLY B 59 -4.11 -25.85 -25.38
C GLY B 59 -3.96 -26.61 -24.08
N LEU B 60 -3.17 -26.02 -23.18
CA LEU B 60 -2.89 -26.65 -21.90
C LEU B 60 -4.16 -26.99 -21.14
N LEU B 61 -5.07 -26.03 -21.02
CA LEU B 61 -6.29 -26.27 -20.26
C LEU B 61 -7.02 -27.49 -20.77
N ASN B 62 -7.36 -27.49 -22.05
CA ASN B 62 -8.06 -28.63 -22.62
C ASN B 62 -7.28 -29.90 -22.42
N LEU B 63 -5.96 -29.81 -22.32
CA LEU B 63 -5.20 -30.96 -21.89
C LEU B 63 -5.29 -31.13 -20.39
N GLY B 64 -5.28 -30.02 -19.65
CA GLY B 64 -5.34 -30.13 -18.21
C GLY B 64 -6.63 -30.77 -17.73
N VAL B 65 -7.76 -30.25 -18.19
CA VAL B 65 -9.05 -30.82 -17.84
C VAL B 65 -9.13 -32.28 -18.23
N LYS B 66 -8.55 -32.64 -19.38
CA LYS B 66 -8.53 -34.03 -19.82
C LYS B 66 -7.89 -34.93 -18.78
N ASP B 67 -6.98 -34.40 -17.96
CA ASP B 67 -6.38 -35.21 -16.92
C ASP B 67 -7.32 -35.45 -15.76
N ILE B 68 -8.12 -34.45 -15.39
CA ILE B 68 -8.98 -34.60 -14.23
C ILE B 68 -9.89 -35.80 -14.38
N GLY B 69 -10.58 -35.92 -15.51
CA GLY B 69 -11.40 -37.10 -15.73
C GLY B 69 -12.68 -37.03 -14.92
N GLU B 70 -13.32 -38.19 -14.77
CA GLU B 70 -14.66 -38.28 -14.20
C GLU B 70 -14.63 -38.05 -12.71
N LYS B 71 -15.81 -37.70 -12.19
CA LYS B 71 -16.10 -37.74 -10.77
C LYS B 71 -17.36 -38.57 -10.57
N VAL B 72 -17.22 -39.68 -9.86
CA VAL B 72 -18.26 -40.71 -9.81
C VAL B 72 -18.91 -40.70 -8.45
N ILE B 73 -20.24 -40.73 -8.44
CA ILE B 73 -21.00 -40.89 -7.22
C ILE B 73 -22.16 -41.82 -7.53
N PHE B 74 -22.66 -42.50 -6.50
CA PHE B 74 -23.70 -43.49 -6.65
C PHE B 74 -24.94 -43.08 -5.87
N ASP B 75 -26.09 -43.14 -6.55
CA ASP B 75 -27.36 -42.91 -5.88
C ASP B 75 -27.63 -43.94 -4.80
N GLY B 76 -27.39 -45.21 -5.09
CA GLY B 76 -27.59 -46.25 -4.09
C GLY B 76 -28.95 -46.92 -4.14
N LYS B 77 -29.68 -46.76 -5.24
CA LYS B 77 -30.98 -47.39 -5.38
C LYS B 77 -30.81 -48.89 -5.54
N PRO B 78 -31.53 -49.72 -4.80
CA PRO B 78 -31.25 -51.16 -4.84
C PRO B 78 -31.69 -51.83 -6.14
N LEU B 79 -32.63 -51.24 -6.88
CA LEU B 79 -33.23 -51.83 -8.07
C LEU B 79 -34.11 -53.03 -7.73
N ASN B 80 -33.99 -53.55 -6.50
CA ASN B 80 -34.75 -54.70 -6.04
C ASN B 80 -34.49 -55.93 -6.92
N SER B 81 -33.26 -56.41 -6.82
CA SER B 81 -32.81 -57.58 -7.57
C SER B 81 -33.56 -58.83 -7.14
N ASN B 87 -27.25 -56.73 0.59
CA ASN B 87 -26.98 -58.07 0.09
C ASN B 87 -26.58 -58.03 -1.37
N SER B 88 -27.43 -57.41 -2.19
CA SER B 88 -27.14 -57.26 -3.62
C SER B 88 -25.97 -56.30 -3.80
N GLY B 89 -25.04 -56.66 -4.69
CA GLY B 89 -23.90 -55.80 -4.96
C GLY B 89 -24.19 -54.65 -5.89
N TYR B 90 -25.46 -54.38 -6.18
CA TYR B 90 -25.83 -53.30 -7.08
C TYR B 90 -25.86 -51.99 -6.30
N LEU B 91 -25.08 -51.02 -6.76
CA LEU B 91 -24.89 -49.76 -6.05
C LEU B 91 -25.80 -48.64 -6.54
N GLY B 92 -26.71 -48.92 -7.46
CA GLY B 92 -27.58 -47.91 -8.02
C GLY B 92 -27.02 -47.32 -9.29
N ASN B 93 -27.59 -46.20 -9.67
CA ASN B 93 -27.10 -45.50 -10.85
C ASN B 93 -25.75 -44.88 -10.59
N LYS B 94 -24.90 -44.92 -11.60
CA LYS B 94 -23.57 -44.35 -11.56
C LYS B 94 -23.54 -43.01 -12.28
N LEU B 95 -23.34 -41.96 -11.51
CA LEU B 95 -23.17 -40.62 -12.06
C LEU B 95 -21.72 -40.44 -12.45
N SER B 96 -21.49 -39.99 -13.68
CA SER B 96 -20.16 -39.70 -14.18
C SER B 96 -20.09 -38.20 -14.46
N VAL B 97 -19.28 -37.50 -13.70
CA VAL B 97 -19.13 -36.05 -13.85
C VAL B 97 -17.72 -35.75 -14.33
N SER B 98 -17.62 -35.21 -15.53
CA SER B 98 -16.34 -34.84 -16.08
C SER B 98 -16.54 -33.68 -17.03
N VAL B 99 -15.54 -32.81 -17.11
CA VAL B 99 -15.63 -31.67 -18.03
C VAL B 99 -15.11 -32.18 -19.36
N GLU B 100 -15.18 -31.35 -20.40
CA GLU B 100 -14.89 -31.82 -21.74
C GLU B 100 -13.85 -30.95 -22.39
N GLN B 101 -14.18 -29.69 -22.64
CA GLN B 101 -13.22 -28.72 -23.12
C GLN B 101 -13.53 -27.38 -22.50
N VAL B 102 -12.49 -26.55 -22.39
CA VAL B 102 -12.60 -25.27 -21.72
C VAL B 102 -12.27 -24.18 -22.71
N SER B 103 -13.03 -23.10 -22.67
CA SER B 103 -12.79 -21.95 -23.53
C SER B 103 -12.81 -20.69 -22.69
N ILE B 104 -12.15 -19.67 -23.18
CA ILE B 104 -12.07 -18.38 -22.52
C ILE B 104 -12.52 -17.32 -23.49
N ALA B 105 -13.65 -16.70 -23.22
CA ALA B 105 -14.15 -15.65 -24.09
C ALA B 105 -13.31 -14.41 -23.88
N LYS B 106 -13.06 -13.68 -24.96
CA LYS B 106 -12.40 -12.41 -24.82
C LYS B 106 -13.28 -11.46 -24.01
N PRO B 107 -12.70 -10.45 -23.39
CA PRO B 107 -13.51 -9.55 -22.54
C PRO B 107 -14.57 -8.87 -23.38
N MET B 108 -15.80 -8.98 -22.92
CA MET B 108 -16.93 -8.42 -23.66
C MET B 108 -17.86 -7.74 -22.67
N SER B 109 -18.46 -6.65 -23.11
CA SER B 109 -19.41 -5.92 -22.29
C SER B 109 -20.79 -6.15 -22.87
N ASN B 110 -21.60 -6.91 -22.16
CA ASN B 110 -23.03 -6.88 -22.40
C ASN B 110 -23.62 -5.65 -21.73
N ASP B 111 -24.69 -5.12 -22.31
CA ASP B 111 -25.33 -3.94 -21.77
C ASP B 111 -26.48 -4.40 -20.88
N GLY B 112 -26.28 -4.28 -19.56
CA GLY B 112 -27.30 -4.71 -18.61
C GLY B 112 -27.77 -6.12 -18.93
N VAL B 113 -29.09 -6.28 -18.91
CA VAL B 113 -29.75 -7.52 -19.33
C VAL B 113 -30.09 -7.41 -20.80
N SER B 114 -30.94 -8.32 -21.28
CA SER B 114 -31.52 -8.38 -22.62
C SER B 114 -30.57 -9.01 -23.63
N SER B 115 -29.34 -9.35 -23.25
CA SER B 115 -28.35 -9.88 -24.18
C SER B 115 -28.23 -8.99 -25.42
N ALA B 116 -28.35 -7.69 -25.20
CA ALA B 116 -28.11 -6.74 -26.28
C ALA B 116 -26.72 -6.96 -26.84
N VAL B 117 -26.58 -6.74 -28.15
CA VAL B 117 -25.36 -7.12 -28.86
C VAL B 117 -24.17 -6.48 -28.15
N GLU B 118 -23.23 -7.32 -27.72
CA GLU B 118 -22.20 -6.91 -26.80
C GLU B 118 -21.13 -6.09 -27.51
N ARG B 119 -20.38 -5.32 -26.73
CA ARG B 119 -19.26 -4.58 -27.24
C ARG B 119 -17.98 -5.11 -26.62
N LYS B 120 -16.92 -5.05 -27.42
CA LYS B 120 -15.60 -5.42 -26.93
C LYS B 120 -15.17 -4.45 -25.85
N VAL B 121 -14.27 -4.91 -24.98
CA VAL B 121 -13.83 -4.13 -23.84
C VAL B 121 -12.34 -3.89 -23.97
N TYR B 122 -11.97 -2.67 -24.10
CA TYR B 122 -10.55 -2.40 -24.17
C TYR B 122 -10.02 -2.06 -22.79
N PRO B 123 -8.81 -2.51 -22.47
CA PRO B 123 -8.30 -2.36 -21.11
C PRO B 123 -8.33 -0.93 -20.61
N SER B 124 -8.11 0.05 -21.50
CA SER B 124 -8.23 1.43 -21.10
C SER B 124 -9.50 1.68 -20.32
N GLU B 125 -10.59 1.04 -20.72
CA GLU B 125 -11.80 1.09 -19.92
C GLU B 125 -11.59 0.43 -18.56
N SER B 126 -11.13 -0.81 -18.54
CA SER B 126 -10.91 -1.50 -17.27
C SER B 126 -10.03 -0.71 -16.33
N ARG B 127 -8.97 -0.07 -16.84
CA ARG B 127 -8.16 0.77 -15.97
C ARG B 127 -9.00 1.88 -15.36
N GLN B 128 -9.64 2.68 -16.21
CA GLN B 128 -10.35 3.85 -15.71
C GLN B 128 -11.48 3.46 -14.80
N ARG B 129 -12.23 2.42 -15.13
CA ARG B 129 -13.27 1.97 -14.22
C ARG B 129 -12.71 1.31 -12.98
N LEU B 130 -11.39 1.11 -12.91
CA LEU B 130 -10.75 0.51 -11.75
C LEU B 130 -11.34 -0.86 -11.45
N THR B 131 -11.64 -1.61 -12.49
CA THR B 131 -12.14 -2.96 -12.33
C THR B 131 -11.09 -3.90 -12.89
N SER B 132 -11.37 -5.19 -12.77
CA SER B 132 -10.52 -6.14 -13.46
C SER B 132 -10.82 -6.09 -14.95
N TYR B 133 -9.84 -6.50 -15.73
CA TYR B 133 -10.03 -6.72 -17.15
C TYR B 133 -10.13 -8.22 -17.31
N ARG B 134 -11.33 -8.72 -17.55
CA ARG B 134 -11.55 -10.15 -17.48
C ARG B 134 -12.32 -10.63 -18.68
N GLY B 135 -11.98 -11.81 -19.16
CA GLY B 135 -12.78 -12.50 -20.13
C GLY B 135 -13.66 -13.52 -19.43
N LYS B 136 -14.71 -13.93 -20.11
CA LYS B 136 -15.59 -14.92 -19.52
C LYS B 136 -14.98 -16.30 -19.65
N LEU B 137 -15.22 -17.13 -18.65
CA LEU B 137 -14.70 -18.49 -18.61
C LEU B 137 -15.83 -19.47 -18.89
N LEU B 138 -15.60 -20.39 -19.81
CA LEU B 138 -16.64 -21.30 -20.25
C LEU B 138 -16.16 -22.73 -20.17
N LEU B 139 -17.06 -23.62 -19.76
CA LEU B 139 -16.77 -25.03 -19.57
C LEU B 139 -17.82 -25.88 -20.27
N LYS B 140 -17.39 -26.73 -21.18
CA LYS B 140 -18.28 -27.71 -21.79
C LYS B 140 -18.22 -28.92 -20.88
N LEU B 141 -19.34 -29.21 -20.24
CA LEU B 141 -19.39 -30.17 -19.15
C LEU B 141 -20.21 -31.38 -19.54
N LYS B 142 -19.60 -32.56 -19.46
CA LYS B 142 -20.29 -33.80 -19.75
C LYS B 142 -20.84 -34.38 -18.46
N TRP B 143 -22.15 -34.40 -18.34
CA TRP B 143 -22.87 -34.98 -17.21
C TRP B 143 -23.31 -36.36 -17.64
N SER B 144 -22.65 -37.39 -17.13
CA SER B 144 -22.89 -38.72 -17.64
C SER B 144 -23.43 -39.61 -16.53
N VAL B 145 -24.31 -40.53 -16.94
CA VAL B 145 -24.94 -41.45 -16.02
C VAL B 145 -24.66 -42.87 -16.50
N ASN B 146 -24.25 -43.71 -15.56
CA ASN B 146 -24.11 -45.14 -15.82
C ASN B 146 -23.16 -45.41 -16.97
N ASN B 147 -21.97 -44.84 -16.89
CA ASN B 147 -20.90 -45.12 -17.86
C ASN B 147 -21.34 -44.78 -19.27
N GLY B 148 -21.82 -43.56 -19.46
CA GLY B 148 -22.23 -43.11 -20.78
C GLY B 148 -23.53 -43.71 -21.26
N GLU B 149 -24.18 -44.53 -20.44
CA GLU B 149 -25.54 -44.96 -20.79
C GLU B 149 -26.42 -43.75 -21.01
N GLU B 150 -26.28 -42.76 -20.16
CA GLU B 150 -26.91 -41.46 -20.35
C GLU B 150 -25.91 -40.39 -20.00
N ASN B 151 -25.74 -39.41 -20.89
CA ASN B 151 -24.80 -38.33 -20.68
C ASN B 151 -25.43 -37.03 -21.11
N LEU B 152 -24.95 -35.94 -20.51
CA LEU B 152 -25.50 -34.61 -20.75
C LEU B 152 -24.36 -33.63 -20.98
N PHE B 153 -24.33 -33.01 -22.15
CA PHE B 153 -23.42 -31.92 -22.41
C PHE B 153 -24.08 -30.60 -22.05
N GLU B 154 -23.48 -29.89 -21.11
CA GLU B 154 -23.97 -28.55 -20.83
C GLU B 154 -22.81 -27.62 -20.58
N VAL B 155 -22.81 -26.53 -21.33
CA VAL B 155 -21.80 -25.48 -21.18
C VAL B 155 -22.17 -24.64 -19.98
N ARG B 156 -21.16 -24.23 -19.23
CA ARG B 156 -21.38 -23.40 -18.06
C ARG B 156 -20.50 -22.15 -18.15
N ASP B 157 -20.68 -21.29 -17.16
CA ASP B 157 -19.87 -20.10 -17.00
C ASP B 157 -19.37 -20.06 -15.57
N CYS B 158 -18.07 -20.17 -15.39
CA CYS B 158 -17.46 -20.14 -14.07
C CYS B 158 -17.09 -18.74 -13.63
N GLY B 159 -17.49 -17.73 -14.38
CA GLY B 159 -17.21 -16.36 -14.02
C GLY B 159 -16.18 -15.74 -14.92
N GLY B 160 -16.14 -14.41 -14.88
CA GLY B 160 -15.20 -13.66 -15.68
C GLY B 160 -13.79 -13.89 -15.19
N LEU B 161 -12.91 -14.24 -16.12
CA LEU B 161 -11.54 -14.62 -15.82
C LEU B 161 -10.60 -13.51 -16.24
N PRO B 162 -9.73 -13.01 -15.36
CA PRO B 162 -8.76 -12.00 -15.76
C PRO B 162 -7.90 -12.50 -16.91
N VAL B 163 -7.56 -11.59 -17.82
CA VAL B 163 -6.85 -11.94 -19.03
C VAL B 163 -5.57 -11.11 -19.13
N MET B 164 -4.49 -11.75 -19.52
CA MET B 164 -3.24 -11.04 -19.76
C MET B 164 -3.38 -10.10 -20.95
N LEU B 165 -2.93 -8.88 -20.76
CA LEU B 165 -2.94 -7.92 -21.84
C LEU B 165 -2.02 -8.38 -22.95
N GLN B 166 -2.30 -7.94 -24.16
CA GLN B 166 -1.54 -8.31 -25.35
C GLN B 166 -1.44 -9.81 -25.53
N SER B 167 -2.44 -10.56 -25.08
CA SER B 167 -2.44 -11.99 -25.29
C SER B 167 -3.54 -12.34 -26.28
N ASN B 168 -3.61 -13.62 -26.63
CA ASN B 168 -4.56 -14.02 -27.66
C ASN B 168 -5.99 -13.74 -27.26
N ARG B 169 -6.28 -13.67 -25.97
CA ARG B 169 -7.61 -13.30 -25.52
C ARG B 169 -7.75 -11.81 -25.23
N CYS B 170 -6.68 -11.05 -25.31
CA CYS B 170 -6.78 -9.61 -25.18
C CYS B 170 -7.17 -9.01 -26.52
N HIS B 171 -8.20 -8.17 -26.51
CA HIS B 171 -8.62 -7.52 -27.74
C HIS B 171 -7.49 -6.74 -28.37
N LEU B 172 -6.60 -6.17 -27.56
CA LEU B 172 -5.49 -5.39 -28.08
C LEU B 172 -4.55 -6.21 -28.95
N ASN B 173 -4.66 -7.53 -28.92
CA ASN B 173 -3.69 -8.36 -29.61
C ASN B 173 -3.63 -7.99 -31.07
N LYS B 174 -2.46 -8.12 -31.66
CA LYS B 174 -2.24 -8.00 -33.09
C LYS B 174 -2.44 -6.58 -33.58
N MET B 175 -2.84 -5.65 -32.73
CA MET B 175 -3.08 -4.30 -33.20
C MET B 175 -1.76 -3.60 -33.52
N SER B 176 -1.73 -3.02 -34.63
CA SER B 176 -0.55 -2.23 -34.94
C SER B 176 -0.49 -1.03 -34.01
N PRO B 177 0.72 -0.55 -33.72
CA PRO B 177 0.85 0.59 -32.81
C PRO B 177 -0.09 1.72 -33.12
N TYR B 178 -0.26 2.04 -34.40
CA TYR B 178 -1.20 3.08 -34.76
C TYR B 178 -2.59 2.79 -34.21
N GLU B 179 -2.96 1.52 -34.14
CA GLU B 179 -4.26 1.16 -33.62
C GLU B 179 -4.34 1.28 -32.12
N LEU B 180 -3.33 0.81 -31.40
CA LEU B 180 -3.31 0.97 -29.96
C LEU B 180 -3.54 2.42 -29.56
N VAL B 181 -2.86 3.35 -30.22
CA VAL B 181 -3.11 4.75 -29.98
C VAL B 181 -4.57 5.07 -30.21
N GLN B 182 -5.17 4.51 -31.26
CA GLN B 182 -6.58 4.74 -31.48
C GLN B 182 -7.41 4.22 -30.33
N HIS B 183 -7.04 3.09 -29.78
CA HIS B 183 -7.75 2.50 -28.65
C HIS B 183 -7.20 2.97 -27.33
N LYS B 184 -6.31 3.95 -27.37
CA LYS B 184 -5.79 4.61 -26.18
C LYS B 184 -5.03 3.62 -25.31
N GLU B 185 -3.93 3.12 -25.86
CA GLU B 185 -2.92 2.40 -25.13
C GLU B 185 -1.58 3.01 -25.50
N GLU B 186 -0.59 2.77 -24.67
CA GLU B 186 0.74 3.26 -24.99
C GLU B 186 1.15 2.71 -26.33
N SER B 187 1.66 3.58 -27.19
CA SER B 187 1.90 3.21 -28.59
C SER B 187 2.64 1.89 -28.68
N ASP B 188 3.59 1.67 -27.80
CA ASP B 188 4.38 0.45 -27.76
C ASP B 188 3.86 -0.57 -26.75
N GLU B 189 2.69 -0.34 -26.16
CA GLU B 189 2.28 -1.08 -24.98
C GLU B 189 2.52 -2.57 -25.12
N ILE B 190 3.23 -3.13 -24.15
CA ILE B 190 3.69 -4.50 -24.20
C ILE B 190 2.77 -5.48 -23.52
N GLY B 191 1.77 -5.01 -22.79
CA GLY B 191 0.87 -5.91 -22.10
C GLY B 191 1.64 -6.90 -21.25
N GLY B 192 1.16 -8.14 -21.22
CA GLY B 192 1.87 -9.14 -20.48
C GLY B 192 1.49 -9.21 -19.02
N TYR B 193 0.47 -8.49 -18.60
CA TYR B 193 0.12 -8.43 -17.20
C TYR B 193 -1.40 -8.41 -17.06
N PHE B 194 -1.85 -8.36 -15.82
CA PHE B 194 -3.24 -8.46 -15.47
C PHE B 194 -3.72 -7.16 -14.87
N ILE B 195 -4.88 -6.70 -15.30
CA ILE B 195 -5.55 -5.59 -14.67
C ILE B 195 -6.56 -6.19 -13.69
N VAL B 196 -6.36 -5.94 -12.42
CA VAL B 196 -7.24 -6.46 -11.39
C VAL B 196 -7.70 -5.28 -10.54
N ASN B 197 -9.00 -5.00 -10.57
CA ASN B 197 -9.56 -3.89 -9.82
C ASN B 197 -8.87 -2.58 -10.20
N GLY B 198 -8.43 -2.48 -11.45
CA GLY B 198 -7.65 -1.37 -11.91
C GLY B 198 -6.19 -1.46 -11.58
N ILE B 199 -5.82 -2.31 -10.62
CA ILE B 199 -4.42 -2.52 -10.32
C ILE B 199 -3.83 -3.49 -11.34
N GLU B 200 -2.62 -3.20 -11.77
CA GLU B 200 -1.92 -4.02 -12.74
C GLU B 200 -1.06 -5.01 -11.98
N LYS B 201 -1.41 -6.28 -12.07
CA LYS B 201 -0.71 -7.35 -11.41
C LYS B 201 -0.07 -8.25 -12.45
N LEU B 202 0.94 -8.99 -12.03
CA LEU B 202 1.54 -9.99 -12.89
C LEU B 202 2.10 -11.09 -12.01
N ILE B 203 2.22 -12.26 -12.59
CA ILE B 203 2.79 -13.39 -11.88
C ILE B 203 4.28 -13.43 -12.15
N ARG B 204 5.08 -13.14 -11.14
CA ARG B 204 6.51 -13.09 -11.33
C ARG B 204 7.05 -14.50 -11.42
N MET B 205 7.96 -14.70 -12.36
CA MET B 205 8.46 -16.03 -12.67
C MET B 205 9.31 -16.56 -11.55
N LEU B 206 9.23 -17.86 -11.33
CA LEU B 206 10.03 -18.49 -10.30
C LEU B 206 11.05 -19.42 -10.94
N ILE B 207 11.86 -20.03 -10.10
CA ILE B 207 12.87 -20.98 -10.53
C ILE B 207 12.57 -22.29 -9.84
N VAL B 208 12.33 -23.32 -10.63
CA VAL B 208 12.04 -24.63 -10.08
C VAL B 208 13.02 -25.62 -10.66
N GLN B 209 13.13 -26.79 -10.05
CA GLN B 209 14.06 -27.79 -10.52
C GLN B 209 13.83 -28.10 -11.99
N ARG B 210 14.92 -28.40 -12.70
CA ARG B 210 14.81 -28.85 -14.08
C ARG B 210 13.86 -30.02 -14.16
N ARG B 211 12.85 -29.89 -15.03
CA ARG B 211 11.86 -30.94 -15.20
C ARG B 211 12.41 -32.07 -16.08
N ASN B 212 11.85 -33.26 -15.90
CA ASN B 212 12.26 -34.43 -16.67
C ASN B 212 13.77 -34.62 -16.66
N HIS B 213 14.36 -34.59 -15.46
CA HIS B 213 15.80 -34.77 -15.32
C HIS B 213 16.16 -35.20 -13.89
N PRO B 214 16.66 -36.43 -13.77
CA PRO B 214 17.04 -36.96 -12.46
C PRO B 214 18.04 -36.07 -11.74
N MET B 215 17.83 -35.86 -10.45
CA MET B 215 18.72 -35.00 -9.66
C MET B 215 19.26 -35.75 -8.44
N ALA B 216 20.57 -35.97 -8.41
CA ALA B 216 21.21 -36.66 -7.31
C ALA B 216 21.42 -35.60 -6.27
N ILE B 217 20.55 -35.65 -5.27
CA ILE B 217 20.50 -34.68 -4.21
C ILE B 217 21.17 -35.25 -2.97
N ILE B 218 21.86 -34.39 -2.24
CA ILE B 218 22.32 -34.70 -0.91
C ILE B 218 21.79 -33.60 0.00
N ARG B 219 20.88 -33.96 0.89
CA ARG B 219 20.39 -32.98 1.83
C ARG B 219 20.32 -33.63 3.20
N PRO B 220 20.72 -32.89 4.24
CA PRO B 220 20.59 -33.44 5.59
C PRO B 220 19.16 -33.66 5.98
N SER B 221 18.25 -32.82 5.48
CA SER B 221 16.83 -32.97 5.78
C SER B 221 16.34 -34.39 5.51
N PHE B 222 16.88 -35.06 4.50
CA PHE B 222 16.51 -36.44 4.28
C PHE B 222 16.78 -37.31 5.49
N ALA B 223 18.01 -37.32 6.00
CA ALA B 223 18.33 -38.13 7.17
C ALA B 223 17.40 -37.80 8.33
N ASN B 224 17.01 -36.54 8.46
CA ASN B 224 16.11 -36.13 9.52
C ASN B 224 14.75 -36.83 9.45
N ARG B 225 14.37 -37.32 8.29
CA ARG B 225 13.01 -37.82 8.12
C ARG B 225 12.79 -39.15 8.81
N GLY B 226 13.85 -39.80 9.28
CA GLY B 226 13.70 -41.11 9.88
C GLY B 226 15.05 -41.59 10.37
N ALA B 227 15.04 -42.78 10.97
CA ALA B 227 16.24 -43.30 11.60
C ALA B 227 17.28 -43.70 10.56
N SER B 228 16.91 -44.55 9.62
CA SER B 228 17.86 -45.12 8.68
C SER B 228 17.98 -44.31 7.40
N TYR B 229 17.27 -43.20 7.30
CA TYR B 229 17.45 -42.33 6.15
C TYR B 229 18.87 -41.77 6.10
N SER B 230 19.52 -41.94 4.96
CA SER B 230 20.71 -41.20 4.68
C SER B 230 20.33 -39.77 4.32
N HIS B 231 21.34 -38.96 4.03
CA HIS B 231 21.15 -37.66 3.43
C HIS B 231 21.17 -37.73 1.91
N TYR B 232 21.49 -38.88 1.34
CA TYR B 232 21.46 -39.06 -0.09
C TYR B 232 20.02 -39.07 -0.61
N GLY B 233 19.87 -38.77 -1.88
CA GLY B 233 18.58 -38.95 -2.52
C GLY B 233 18.66 -38.63 -4.00
N ILE B 234 17.73 -39.23 -4.74
CA ILE B 234 17.48 -38.88 -6.13
C ILE B 234 16.13 -38.20 -6.18
N GLN B 235 16.12 -36.91 -6.43
CA GLN B 235 14.90 -36.16 -6.62
C GLN B 235 14.69 -35.96 -8.10
N ILE B 236 13.46 -36.18 -8.55
CA ILE B 236 13.05 -35.79 -9.89
C ILE B 236 11.76 -35.02 -9.80
N ARG B 237 11.64 -33.97 -10.59
CA ARG B 237 10.43 -33.16 -10.65
C ARG B 237 9.76 -33.44 -12.00
N SER B 238 8.75 -34.30 -11.98
CA SER B 238 8.06 -34.71 -13.19
C SER B 238 6.81 -33.86 -13.35
N VAL B 239 6.59 -33.43 -14.59
CA VAL B 239 5.51 -32.52 -14.87
C VAL B 239 4.74 -33.04 -16.06
N ARG B 240 3.44 -33.21 -15.88
CA ARG B 240 2.58 -33.76 -16.91
C ARG B 240 2.55 -32.78 -18.07
N PRO B 241 2.14 -33.21 -19.26
CA PRO B 241 1.98 -32.24 -20.35
C PRO B 241 1.05 -31.11 -19.98
N ASP B 242 0.21 -31.31 -18.98
CA ASP B 242 -0.70 -30.29 -18.49
C ASP B 242 -0.01 -29.31 -17.57
N GLN B 243 1.29 -29.48 -17.37
CA GLN B 243 2.14 -28.60 -16.60
C GLN B 243 1.95 -28.77 -15.10
N THR B 244 1.02 -29.61 -14.71
CA THR B 244 1.01 -30.05 -13.32
C THR B 244 2.31 -30.78 -13.03
N SER B 245 2.93 -30.43 -11.92
CA SER B 245 4.22 -30.95 -11.56
C SER B 245 4.09 -31.93 -10.40
N GLN B 246 4.76 -33.06 -10.53
CA GLN B 246 4.71 -34.10 -9.51
C GLN B 246 6.12 -34.53 -9.16
N THR B 247 6.45 -34.42 -7.89
CA THR B 247 7.78 -34.78 -7.40
C THR B 247 7.79 -36.22 -6.92
N ASN B 248 8.83 -36.95 -7.29
CA ASN B 248 9.06 -38.29 -6.80
C ASN B 248 10.50 -38.37 -6.35
N VAL B 249 10.71 -38.78 -5.11
CA VAL B 249 12.04 -38.75 -4.53
C VAL B 249 12.39 -40.13 -4.02
N LEU B 250 13.63 -40.53 -4.23
CA LEU B 250 14.13 -41.82 -3.75
C LEU B 250 15.12 -41.56 -2.62
N HIS B 251 14.74 -41.90 -1.41
CA HIS B 251 15.64 -41.84 -0.29
C HIS B 251 16.38 -43.16 -0.16
N TYR B 252 17.68 -43.09 -0.02
CA TYR B 252 18.50 -44.26 0.24
C TYR B 252 18.58 -44.44 1.74
N LEU B 253 18.05 -45.55 2.24
CA LEU B 253 18.13 -45.83 3.66
C LEU B 253 19.43 -46.51 3.99
N ASN B 254 19.94 -46.22 5.18
CA ASN B 254 21.26 -46.71 5.54
C ASN B 254 21.30 -48.22 5.64
N ASP B 255 20.16 -48.84 5.91
CA ASP B 255 20.10 -50.28 5.99
C ASP B 255 20.20 -50.96 4.64
N GLY B 256 20.11 -50.19 3.56
CA GLY B 256 20.07 -50.72 2.22
C GLY B 256 18.71 -50.68 1.57
N GLN B 257 17.69 -50.24 2.29
CA GLN B 257 16.37 -50.06 1.69
C GLN B 257 16.32 -48.76 0.93
N VAL B 258 15.43 -48.70 -0.06
CA VAL B 258 15.22 -47.50 -0.86
C VAL B 258 13.74 -47.18 -0.84
N THR B 259 13.37 -46.10 -0.19
CA THR B 259 11.97 -45.76 -0.03
C THR B 259 11.58 -44.67 -1.01
N PHE B 260 10.74 -45.04 -1.96
CA PHE B 260 10.11 -44.08 -2.84
C PHE B 260 9.27 -43.13 -2.01
N ARG B 261 9.51 -41.84 -2.19
CA ARG B 261 8.68 -40.84 -1.54
C ARG B 261 7.93 -40.06 -2.59
N PHE B 262 6.66 -39.80 -2.34
CA PHE B 262 5.91 -38.87 -3.16
C PHE B 262 5.06 -38.00 -2.25
N SER B 263 4.31 -37.10 -2.87
CA SER B 263 3.46 -36.20 -2.13
C SER B 263 2.08 -36.19 -2.74
N TRP B 264 1.05 -36.13 -1.90
CA TRP B 264 -0.31 -36.03 -2.38
C TRP B 264 -1.14 -35.30 -1.36
N ARG B 265 -2.05 -34.44 -1.82
CA ARG B 265 -2.91 -33.65 -0.95
C ARG B 265 -2.11 -33.01 0.18
N LYS B 266 -0.98 -32.41 -0.15
CA LYS B 266 -0.11 -31.80 0.84
C LYS B 266 0.37 -32.81 1.86
N ASN B 267 0.49 -34.07 1.45
CA ASN B 267 0.93 -35.09 2.37
C ASN B 267 1.97 -35.95 1.68
N GLU B 268 2.97 -36.35 2.45
CA GLU B 268 4.06 -37.15 1.95
C GLU B 268 3.76 -38.61 2.21
N TYR B 269 4.17 -39.46 1.29
CA TYR B 269 3.92 -40.89 1.43
C TYR B 269 5.14 -41.64 0.97
N LEU B 270 5.29 -42.86 1.50
CA LEU B 270 6.51 -43.61 1.32
C LEU B 270 6.18 -45.00 0.81
N VAL B 271 6.94 -45.47 -0.15
CA VAL B 271 6.71 -46.80 -0.71
C VAL B 271 8.05 -47.49 -0.90
N PRO B 272 8.14 -48.78 -0.59
CA PRO B 272 9.32 -49.55 -1.02
C PRO B 272 9.39 -49.53 -2.53
N VAL B 273 10.56 -49.18 -3.04
CA VAL B 273 10.67 -48.97 -4.47
C VAL B 273 10.39 -50.25 -5.25
N VAL B 274 10.84 -51.40 -4.72
CA VAL B 274 10.62 -52.65 -5.42
C VAL B 274 9.14 -52.90 -5.62
N MET B 275 8.32 -52.53 -4.63
CA MET B 275 6.88 -52.61 -4.81
C MET B 275 6.46 -51.95 -6.11
N ILE B 276 7.00 -50.77 -6.37
CA ILE B 276 6.54 -50.03 -7.55
C ILE B 276 7.05 -50.66 -8.82
N LEU B 277 8.31 -51.11 -8.85
CA LEU B 277 8.82 -51.74 -10.06
C LEU B 277 7.94 -52.91 -10.47
N LYS B 278 7.60 -53.78 -9.52
CA LYS B 278 6.66 -54.83 -9.84
C LYS B 278 5.28 -54.27 -10.15
N ALA B 279 4.95 -53.10 -9.62
CA ALA B 279 3.65 -52.53 -9.90
C ALA B 279 3.56 -52.04 -11.34
N LEU B 280 4.63 -51.45 -11.85
CA LEU B 280 4.58 -50.88 -13.20
C LEU B 280 4.41 -51.96 -14.24
N CYS B 281 5.33 -52.90 -14.29
CA CYS B 281 5.33 -53.90 -15.33
C CYS B 281 5.48 -55.27 -14.72
N HIS B 282 4.80 -56.23 -15.33
CA HIS B 282 5.11 -57.61 -15.02
C HIS B 282 6.57 -57.87 -15.31
N THR B 283 7.29 -58.36 -14.31
CA THR B 283 8.72 -58.53 -14.46
C THR B 283 9.22 -59.55 -13.48
N SER B 284 10.39 -60.10 -13.79
CA SER B 284 11.06 -61.06 -12.94
C SER B 284 12.13 -60.32 -12.16
N ASP B 285 12.33 -60.75 -10.92
CA ASP B 285 13.38 -60.15 -10.09
C ASP B 285 14.70 -60.11 -10.84
N ARG B 286 15.09 -61.24 -11.44
CA ARG B 286 16.28 -61.29 -12.25
C ARG B 286 16.33 -60.14 -13.24
N GLU B 287 15.20 -59.82 -13.85
CA GLU B 287 15.20 -58.76 -14.84
C GLU B 287 15.50 -57.41 -14.22
N ILE B 288 14.97 -57.15 -13.03
CA ILE B 288 15.28 -55.91 -12.33
C ILE B 288 16.77 -55.80 -12.08
N PHE B 289 17.32 -56.78 -11.36
CA PHE B 289 18.76 -56.82 -11.15
C PHE B 289 19.52 -56.66 -12.45
N ASP B 290 19.24 -57.50 -13.42
CA ASP B 290 19.90 -57.37 -14.72
C ASP B 290 19.62 -56.02 -15.34
N GLY B 291 18.47 -55.43 -15.04
CA GLY B 291 18.11 -54.15 -15.62
C GLY B 291 18.89 -53.00 -15.03
N ILE B 292 19.51 -53.20 -13.88
CA ILE B 292 20.34 -52.16 -13.29
C ILE B 292 21.81 -52.44 -13.51
N ILE B 293 22.28 -53.55 -12.99
CA ILE B 293 23.70 -53.82 -12.99
C ILE B 293 24.24 -53.91 -14.40
N GLY B 294 23.45 -54.42 -15.33
CA GLY B 294 23.94 -54.57 -16.68
C GLY B 294 25.16 -55.46 -16.70
N ASN B 295 26.27 -54.94 -17.21
CA ASN B 295 27.51 -55.68 -17.32
C ASN B 295 28.38 -55.53 -16.08
N ASP B 296 27.89 -54.88 -15.03
CA ASP B 296 28.68 -54.51 -13.88
C ASP B 296 28.75 -55.60 -12.81
N VAL B 297 28.25 -56.80 -13.11
CA VAL B 297 28.15 -57.87 -12.13
C VAL B 297 29.46 -58.12 -11.41
N LYS B 298 30.58 -57.70 -12.00
CA LYS B 298 31.87 -57.84 -11.34
C LYS B 298 31.91 -57.06 -10.02
N ASP B 299 30.95 -56.16 -9.81
CA ASP B 299 30.95 -55.40 -8.58
C ASP B 299 30.30 -56.19 -7.45
N SER B 300 30.90 -56.11 -6.27
CA SER B 300 30.22 -56.54 -5.06
C SER B 300 29.28 -55.48 -4.54
N PHE B 301 29.74 -54.22 -4.51
CA PHE B 301 29.02 -53.15 -3.83
C PHE B 301 27.55 -53.09 -4.19
N LEU B 302 27.24 -52.96 -5.47
CA LEU B 302 25.86 -52.85 -5.92
C LEU B 302 25.06 -54.09 -5.58
N THR B 303 25.54 -55.25 -6.00
CA THR B 303 24.89 -56.51 -5.65
C THR B 303 24.59 -56.57 -4.17
N ASP B 304 25.58 -56.23 -3.35
CA ASP B 304 25.39 -56.19 -1.91
C ASP B 304 24.26 -55.23 -1.55
N ARG B 305 24.33 -54.01 -2.07
CA ARG B 305 23.24 -53.07 -1.86
C ARG B 305 21.95 -53.62 -2.42
N LEU B 306 22.03 -54.30 -3.56
CA LEU B 306 20.82 -54.65 -4.30
C LEU B 306 20.10 -55.81 -3.66
N GLU B 307 20.82 -56.88 -3.31
CA GLU B 307 20.14 -58.06 -2.80
C GLU B 307 19.35 -57.73 -1.54
N LEU B 308 19.93 -56.92 -0.65
CA LEU B 308 19.18 -56.47 0.51
C LEU B 308 17.91 -55.74 0.11
N LEU B 309 17.85 -55.19 -1.09
CA LEU B 309 16.63 -54.52 -1.52
C LEU B 309 15.60 -55.52 -2.01
N LEU B 310 16.04 -56.55 -2.72
CA LEU B 310 15.11 -57.57 -3.19
C LEU B 310 14.66 -58.47 -2.05
N ARG B 311 15.60 -59.17 -1.43
CA ARG B 311 15.31 -59.90 -0.21
C ARG B 311 14.58 -59.00 0.78
N GLY B 312 14.82 -57.70 0.71
CA GLY B 312 14.02 -56.77 1.49
C GLY B 312 12.56 -56.80 1.12
N PHE B 313 12.24 -56.67 -0.17
CA PHE B 313 10.84 -56.65 -0.55
C PHE B 313 10.18 -58.00 -0.31
N LYS B 314 10.86 -59.08 -0.70
CA LYS B 314 10.41 -60.37 -0.25
C LYS B 314 10.51 -60.43 1.26
N LYS B 315 9.71 -61.31 1.86
CA LYS B 315 9.68 -61.59 3.30
C LYS B 315 9.28 -60.35 4.09
N ARG B 316 9.30 -59.19 3.45
CA ARG B 316 8.49 -58.08 3.93
C ARG B 316 7.07 -58.26 3.48
N TYR B 317 6.90 -58.62 2.20
CA TYR B 317 5.57 -58.83 1.64
C TYR B 317 5.52 -60.13 0.84
N PRO B 318 5.33 -61.24 1.54
CA PRO B 318 5.27 -62.55 0.89
C PRO B 318 3.89 -62.83 0.31
N HIS B 319 2.89 -62.03 0.70
CA HIS B 319 1.54 -62.21 0.21
C HIS B 319 1.26 -61.31 -1.00
N LEU B 320 2.10 -61.44 -2.03
CA LEU B 320 1.95 -60.64 -3.23
C LEU B 320 2.69 -61.29 -4.41
N GLN B 321 2.08 -62.31 -5.00
CA GLN B 321 2.68 -63.01 -6.13
C GLN B 321 1.98 -62.64 -7.43
N ASN B 322 2.02 -61.35 -7.76
CA ASN B 322 1.40 -60.87 -8.98
C ASN B 322 1.38 -59.35 -8.96
N ARG B 323 1.81 -58.79 -10.08
CA ARG B 323 1.62 -57.36 -10.32
C ARG B 323 0.21 -56.93 -9.96
N THR B 324 -0.78 -57.77 -10.29
CA THR B 324 -2.14 -57.48 -9.89
C THR B 324 -2.26 -57.37 -8.39
N GLN B 325 -1.84 -58.40 -7.68
CA GLN B 325 -1.85 -58.37 -6.22
C GLN B 325 -1.19 -57.11 -5.69
N VAL B 326 -0.07 -56.73 -6.27
CA VAL B 326 0.58 -55.49 -5.90
C VAL B 326 -0.37 -54.33 -6.09
N LEU B 327 -0.87 -54.16 -7.32
CA LEU B 327 -1.82 -53.10 -7.61
C LEU B 327 -2.97 -53.10 -6.61
N GLN B 328 -3.57 -54.28 -6.41
CA GLN B 328 -4.59 -54.40 -5.38
C GLN B 328 -4.09 -53.87 -4.05
N TYR B 329 -2.89 -54.30 -3.64
CA TYR B 329 -2.38 -53.86 -2.36
C TYR B 329 -2.27 -52.35 -2.29
N LEU B 330 -1.76 -51.74 -3.36
CA LEU B 330 -1.67 -50.29 -3.39
C LEU B 330 -3.03 -49.64 -3.26
N GLY B 331 -3.94 -49.98 -4.17
CA GLY B 331 -5.29 -49.48 -4.06
C GLY B 331 -5.86 -49.66 -2.67
N ASP B 332 -5.63 -50.82 -2.07
CA ASP B 332 -6.09 -51.08 -0.72
C ASP B 332 -5.68 -49.95 0.22
N LYS B 333 -4.44 -49.50 0.10
CA LYS B 333 -3.98 -48.44 0.98
C LYS B 333 -4.54 -47.09 0.58
N PHE B 334 -4.39 -46.72 -0.68
CA PHE B 334 -4.62 -45.34 -1.10
C PHE B 334 -6.02 -45.09 -1.60
N ARG B 335 -6.84 -46.13 -1.76
CA ARG B 335 -8.23 -45.91 -2.14
C ARG B 335 -8.88 -44.90 -1.23
N VAL B 336 -8.59 -45.00 0.07
CA VAL B 336 -8.96 -43.93 0.99
C VAL B 336 -8.36 -42.62 0.56
N VAL B 337 -7.07 -42.63 0.24
CA VAL B 337 -6.34 -41.38 -0.01
C VAL B 337 -6.92 -40.69 -1.23
N PHE B 338 -7.02 -41.41 -2.34
CA PHE B 338 -7.44 -40.76 -3.57
C PHE B 338 -8.93 -40.64 -3.70
N GLN B 339 -9.69 -41.07 -2.70
CA GLN B 339 -11.14 -40.91 -2.70
C GLN B 339 -11.74 -41.69 -3.86
N ALA B 340 -11.23 -42.89 -4.08
CA ALA B 340 -11.66 -43.69 -5.21
C ALA B 340 -13.13 -44.08 -5.06
N SER B 341 -13.83 -44.06 -6.18
CA SER B 341 -15.24 -44.38 -6.18
C SER B 341 -15.46 -45.84 -5.78
N PRO B 342 -16.56 -46.13 -5.08
CA PRO B 342 -16.73 -47.46 -4.50
C PRO B 342 -16.71 -48.59 -5.52
N ASP B 343 -16.93 -48.30 -6.80
CA ASP B 343 -16.88 -49.36 -7.81
C ASP B 343 -15.46 -49.75 -8.15
N GLN B 344 -14.51 -48.87 -7.92
CA GLN B 344 -13.16 -49.09 -8.42
C GLN B 344 -12.42 -50.10 -7.57
N SER B 345 -11.99 -51.18 -8.21
CA SER B 345 -11.25 -52.21 -7.49
C SER B 345 -9.88 -51.67 -7.09
N ASP B 346 -9.35 -52.19 -5.99
CA ASP B 346 -8.00 -51.81 -5.60
C ASP B 346 -7.00 -52.16 -6.68
N LEU B 347 -7.29 -53.20 -7.46
CA LEU B 347 -6.57 -53.38 -8.72
C LEU B 347 -6.70 -52.15 -9.60
N GLU B 348 -7.93 -51.71 -9.83
CA GLU B 348 -8.14 -50.54 -10.67
C GLU B 348 -7.49 -49.31 -10.07
N VAL B 349 -7.78 -49.03 -8.80
CA VAL B 349 -7.22 -47.86 -8.14
C VAL B 349 -5.71 -47.91 -8.19
N GLY B 350 -5.13 -49.07 -7.89
CA GLY B 350 -3.69 -49.22 -7.96
C GLY B 350 -3.12 -48.72 -9.26
N GLN B 351 -3.71 -49.15 -10.38
CA GLN B 351 -3.28 -48.65 -11.67
C GLN B 351 -3.31 -47.14 -11.77
N GLU B 352 -4.32 -46.50 -11.19
CA GLU B 352 -4.35 -45.06 -11.20
C GLU B 352 -3.20 -44.46 -10.40
N VAL B 353 -2.97 -45.00 -9.20
CA VAL B 353 -1.96 -44.43 -8.32
C VAL B 353 -0.66 -44.25 -9.06
N LEU B 354 -0.17 -45.33 -9.68
CA LEU B 354 0.97 -45.23 -10.56
C LEU B 354 0.75 -44.17 -11.62
N ASP B 355 -0.38 -44.21 -12.31
CA ASP B 355 -0.60 -43.28 -13.42
C ASP B 355 -0.65 -41.84 -12.94
N ARG B 356 -1.12 -41.62 -11.73
CA ARG B 356 -1.28 -40.27 -11.24
C ARG B 356 -0.11 -39.81 -10.38
N ILE B 357 0.89 -40.66 -10.16
CA ILE B 357 2.01 -40.26 -9.33
C ILE B 357 3.34 -40.54 -10.01
N VAL B 358 3.62 -41.81 -10.28
CA VAL B 358 4.97 -42.18 -10.63
C VAL B 358 5.34 -41.61 -11.98
N LEU B 359 6.36 -40.76 -12.00
CA LEU B 359 7.00 -40.28 -13.23
C LEU B 359 5.96 -39.80 -14.23
N VAL B 360 5.09 -38.90 -13.77
CA VAL B 360 3.92 -38.52 -14.54
C VAL B 360 4.24 -38.11 -15.97
N HIS B 361 5.38 -37.46 -16.19
CA HIS B 361 5.66 -36.93 -17.52
C HIS B 361 5.74 -38.02 -18.57
N LEU B 362 5.93 -39.26 -18.17
CA LEU B 362 5.97 -40.36 -19.13
C LEU B 362 4.58 -40.83 -19.54
N GLY B 363 3.54 -40.23 -18.97
CA GLY B 363 2.19 -40.55 -19.37
C GLY B 363 1.75 -41.92 -18.89
N LYS B 364 0.45 -42.16 -19.01
CA LYS B 364 -0.12 -43.43 -18.60
C LYS B 364 0.48 -44.62 -19.34
N ASP B 365 1.02 -44.39 -20.54
CA ASP B 365 1.56 -45.46 -21.34
C ASP B 365 3.07 -45.62 -21.16
N GLY B 366 3.67 -44.79 -20.31
CA GLY B 366 5.09 -44.92 -20.06
C GLY B 366 5.39 -46.03 -19.08
N SER B 367 4.39 -46.86 -18.80
CA SER B 367 4.55 -47.93 -17.83
C SER B 367 5.81 -48.73 -18.12
N GLN B 368 6.04 -49.05 -19.39
CA GLN B 368 7.26 -49.77 -19.73
C GLN B 368 8.45 -48.84 -19.74
N ASP B 369 8.24 -47.55 -20.02
CA ASP B 369 9.32 -46.58 -19.92
C ASP B 369 9.61 -46.23 -18.47
N LYS B 370 8.57 -45.89 -17.71
CA LYS B 370 8.75 -45.54 -16.31
C LYS B 370 9.59 -46.58 -15.60
N PHE B 371 9.31 -47.85 -15.88
CA PHE B 371 10.12 -48.92 -15.33
C PHE B 371 11.60 -48.69 -15.58
N ARG B 372 11.98 -48.45 -16.83
CA ARG B 372 13.38 -48.21 -17.14
C ARG B 372 13.90 -46.99 -16.41
N MET B 373 13.26 -45.85 -16.61
CA MET B 373 13.66 -44.64 -15.90
C MET B 373 13.82 -44.89 -14.42
N LEU B 374 12.89 -45.62 -13.83
CA LEU B 374 12.98 -45.83 -12.41
C LEU B 374 14.18 -46.69 -12.05
N LEU B 375 14.47 -47.70 -12.88
CA LEU B 375 15.74 -48.41 -12.71
C LEU B 375 16.90 -47.44 -12.81
N PHE B 376 16.85 -46.55 -13.80
CA PHE B 376 17.95 -45.64 -14.03
C PHE B 376 18.29 -44.85 -12.79
N MET B 377 17.28 -44.31 -12.12
CA MET B 377 17.52 -43.58 -10.88
C MET B 377 18.23 -44.46 -9.87
N ILE B 378 17.64 -45.60 -9.57
CA ILE B 378 18.24 -46.51 -8.60
C ILE B 378 19.69 -46.77 -8.95
N ARG B 379 19.95 -47.06 -10.22
CA ARG B 379 21.33 -47.15 -10.68
C ARG B 379 22.11 -45.91 -10.26
N LYS B 380 21.61 -44.74 -10.63
CA LYS B 380 22.26 -43.50 -10.27
C LYS B 380 22.33 -43.33 -8.77
N LEU B 381 21.25 -43.61 -8.05
CA LEU B 381 21.24 -43.41 -6.61
C LEU B 381 22.38 -44.16 -5.94
N TYR B 382 22.45 -45.47 -6.16
CA TYR B 382 23.57 -46.21 -5.59
C TYR B 382 24.89 -45.60 -5.99
N SER B 383 25.03 -45.22 -7.26
CA SER B 383 26.24 -44.55 -7.67
C SER B 383 26.50 -43.31 -6.84
N LEU B 384 25.49 -42.46 -6.63
CA LEU B 384 25.63 -41.36 -5.69
C LEU B 384 26.05 -41.85 -4.32
N VAL B 385 25.35 -42.84 -3.77
CA VAL B 385 25.75 -43.43 -2.50
C VAL B 385 27.16 -43.97 -2.60
N ALA B 386 27.48 -44.62 -3.72
CA ALA B 386 28.84 -45.08 -3.93
C ALA B 386 29.80 -43.94 -4.16
N GLY B 387 29.31 -42.72 -4.27
CA GLY B 387 30.17 -41.58 -4.51
C GLY B 387 30.82 -41.56 -5.87
N GLU B 388 30.39 -42.42 -6.78
CA GLU B 388 31.02 -42.46 -8.09
C GLU B 388 30.60 -41.26 -8.93
N CYS B 389 29.47 -40.65 -8.61
CA CYS B 389 29.01 -39.46 -9.28
C CYS B 389 28.81 -38.35 -8.26
N SER B 390 29.16 -37.15 -8.64
CA SER B 390 29.04 -36.03 -7.72
C SER B 390 27.57 -35.70 -7.48
N PRO B 391 27.26 -35.09 -6.35
CA PRO B 391 25.90 -34.61 -6.12
C PRO B 391 25.58 -33.45 -7.04
N ASP B 392 24.29 -33.15 -7.13
CA ASP B 392 23.85 -32.09 -8.03
C ASP B 392 23.34 -30.90 -7.24
N ASN B 393 23.91 -29.73 -7.49
CA ASN B 393 23.48 -28.53 -6.82
C ASN B 393 22.12 -28.10 -7.34
N PRO B 394 21.08 -28.14 -6.52
CA PRO B 394 19.80 -27.57 -6.96
C PRO B 394 19.89 -26.10 -7.21
N ASP B 395 20.66 -25.37 -6.41
CA ASP B 395 20.84 -23.95 -6.64
C ASP B 395 21.47 -23.69 -7.99
N ALA B 396 22.29 -24.61 -8.47
CA ALA B 396 22.99 -24.43 -9.72
C ALA B 396 21.99 -24.25 -10.87
N THR B 397 22.14 -23.14 -11.59
CA THR B 397 21.31 -22.91 -12.76
C THR B 397 21.36 -24.06 -13.73
N GLN B 398 22.45 -24.83 -13.74
CA GLN B 398 22.51 -26.06 -14.49
C GLN B 398 21.23 -26.84 -14.31
N HIS B 399 20.93 -27.23 -13.08
CA HIS B 399 19.63 -27.86 -12.85
C HIS B 399 18.71 -26.83 -12.23
N GLN B 400 17.96 -26.16 -13.09
CA GLN B 400 16.91 -25.21 -12.72
C GLN B 400 16.07 -25.01 -13.98
N GLU B 401 14.86 -24.51 -13.78
CA GLU B 401 14.09 -24.02 -14.90
C GLU B 401 13.12 -22.96 -14.41
N VAL B 402 12.89 -21.99 -15.23
CA VAL B 402 11.95 -20.92 -14.89
C VAL B 402 10.55 -21.47 -14.97
N LEU B 403 9.71 -21.08 -14.04
CA LEU B 403 8.29 -21.44 -14.08
C LEU B 403 7.52 -20.22 -14.57
N LEU B 404 7.01 -20.29 -15.78
CA LEU B 404 6.32 -19.17 -16.38
C LEU B 404 5.04 -18.84 -15.61
N GLY B 405 4.61 -17.59 -15.76
CA GLY B 405 3.40 -17.15 -15.12
C GLY B 405 2.20 -17.85 -15.70
N GLY B 406 2.05 -17.80 -17.02
CA GLY B 406 0.91 -18.41 -17.66
C GLY B 406 0.71 -19.85 -17.25
N PHE B 407 1.78 -20.64 -17.30
CA PHE B 407 1.66 -22.03 -16.92
C PHE B 407 1.17 -22.17 -15.49
N LEU B 408 1.76 -21.44 -14.56
CA LEU B 408 1.23 -21.42 -13.21
C LEU B 408 -0.24 -21.03 -13.20
N TYR B 409 -0.58 -19.94 -13.87
CA TYR B 409 -1.94 -19.47 -13.90
C TYR B 409 -2.88 -20.52 -14.45
N GLY B 410 -2.39 -21.40 -15.30
CA GLY B 410 -3.18 -22.52 -15.75
C GLY B 410 -3.28 -23.57 -14.67
N MET B 411 -2.16 -23.88 -14.04
CA MET B 411 -2.16 -24.89 -12.99
C MET B 411 -3.23 -24.60 -11.96
N ILE B 412 -3.19 -23.40 -11.39
CA ILE B 412 -4.18 -22.99 -10.41
C ILE B 412 -5.57 -23.21 -10.97
N LEU B 413 -5.79 -22.75 -12.19
CA LEU B 413 -7.09 -22.89 -12.82
C LEU B 413 -7.52 -24.35 -12.87
N LYS B 414 -6.62 -25.22 -13.33
CA LYS B 414 -6.90 -26.64 -13.30
C LYS B 414 -7.30 -27.11 -11.91
N GLU B 415 -6.60 -26.66 -10.88
CA GLU B 415 -7.00 -27.03 -9.53
C GLU B 415 -8.41 -26.60 -9.23
N LYS B 416 -8.71 -25.32 -9.45
CA LYS B 416 -10.05 -24.83 -9.16
C LYS B 416 -11.11 -25.62 -9.91
N ILE B 417 -10.88 -25.89 -11.19
CA ILE B 417 -11.78 -26.77 -11.93
C ILE B 417 -11.89 -28.12 -11.23
N ASP B 418 -10.76 -28.70 -10.87
CA ASP B 418 -10.80 -29.99 -10.19
C ASP B 418 -11.63 -29.90 -8.92
N GLU B 419 -11.27 -28.98 -8.03
CA GLU B 419 -12.06 -28.80 -6.82
C GLU B 419 -13.50 -28.47 -7.14
N TYR B 420 -13.75 -27.80 -8.25
CA TYR B 420 -15.12 -27.50 -8.64
C TYR B 420 -15.93 -28.77 -8.82
N LEU B 421 -15.39 -29.74 -9.54
CA LEU B 421 -16.09 -31.00 -9.68
C LEU B 421 -16.33 -31.63 -8.32
N GLN B 422 -15.30 -31.63 -7.47
CA GLN B 422 -15.48 -32.07 -6.10
C GLN B 422 -16.65 -31.38 -5.45
N ASN B 423 -16.76 -30.06 -5.64
CA ASN B 423 -17.87 -29.33 -5.06
C ASN B 423 -19.20 -29.87 -5.55
N ILE B 424 -19.29 -30.20 -6.84
CA ILE B 424 -20.52 -30.76 -7.38
C ILE B 424 -20.86 -32.07 -6.68
N ILE B 425 -19.93 -33.03 -6.74
CA ILE B 425 -20.16 -34.33 -6.12
C ILE B 425 -20.55 -34.17 -4.66
N ALA B 426 -19.90 -33.23 -3.97
CA ALA B 426 -20.26 -32.95 -2.59
C ALA B 426 -21.71 -32.49 -2.49
N GLN B 427 -22.11 -31.58 -3.37
CA GLN B 427 -23.51 -31.15 -3.40
C GLN B 427 -24.44 -32.34 -3.55
N VAL B 428 -24.06 -33.30 -4.39
CA VAL B 428 -24.93 -34.44 -4.64
C VAL B 428 -24.97 -35.36 -3.44
N ARG B 429 -23.80 -35.72 -2.91
CA ARG B 429 -23.78 -36.63 -1.76
C ARG B 429 -24.58 -36.07 -0.61
N MET B 430 -24.37 -34.80 -0.27
CA MET B 430 -25.23 -34.18 0.73
C MET B 430 -26.68 -34.26 0.31
N ASP B 431 -26.97 -33.99 -0.96
CA ASP B 431 -28.32 -34.16 -1.45
C ASP B 431 -28.75 -35.62 -1.36
N ILE B 432 -27.80 -36.55 -1.49
CA ILE B 432 -28.12 -37.96 -1.29
C ILE B 432 -28.35 -38.22 0.19
N ASN B 433 -27.32 -38.01 1.00
CA ASN B 433 -27.43 -38.26 2.43
C ASN B 433 -28.58 -37.49 3.07
N ARG B 434 -29.07 -36.43 2.42
CA ARG B 434 -30.33 -35.85 2.84
C ARG B 434 -31.50 -36.77 2.53
N GLY B 435 -31.27 -37.81 1.75
CA GLY B 435 -32.33 -38.69 1.32
C GLY B 435 -33.25 -38.11 0.28
N MET B 436 -33.02 -36.87 -0.13
CA MET B 436 -33.92 -36.22 -1.07
C MET B 436 -34.02 -37.03 -2.36
N ALA B 437 -35.21 -36.99 -2.96
CA ALA B 437 -35.43 -37.67 -4.22
C ALA B 437 -34.48 -37.15 -5.28
N ILE B 438 -33.83 -38.06 -5.98
CA ILE B 438 -32.74 -37.72 -6.88
C ILE B 438 -32.87 -38.55 -8.15
N ASN B 439 -32.87 -37.88 -9.29
CA ASN B 439 -32.76 -38.55 -10.58
C ASN B 439 -31.57 -37.97 -11.29
N PHE B 440 -30.53 -38.79 -11.49
CA PHE B 440 -29.39 -38.38 -12.28
C PHE B 440 -29.77 -38.05 -13.70
N LYS B 441 -30.59 -38.87 -14.34
CA LYS B 441 -31.04 -38.63 -15.70
C LYS B 441 -31.86 -37.36 -15.81
N ASP B 442 -32.41 -36.85 -14.72
CA ASP B 442 -33.22 -35.65 -14.73
C ASP B 442 -32.32 -34.48 -15.11
N LYS B 443 -32.71 -33.76 -16.17
CA LYS B 443 -31.96 -32.59 -16.57
C LYS B 443 -32.21 -31.43 -15.62
N ARG B 444 -33.46 -31.23 -15.22
CA ARG B 444 -33.75 -30.18 -14.26
C ARG B 444 -33.04 -30.44 -12.94
N TYR B 445 -32.98 -31.70 -12.52
CA TYR B 445 -32.24 -32.01 -11.31
C TYR B 445 -30.79 -31.61 -11.44
N MET B 446 -30.18 -31.92 -12.58
CA MET B 446 -28.83 -31.46 -12.87
C MET B 446 -28.70 -29.97 -12.62
N SER B 447 -29.54 -29.19 -13.29
CA SER B 447 -29.57 -27.76 -13.05
C SER B 447 -29.83 -27.44 -11.60
N ARG B 448 -30.81 -28.12 -10.99
CA ARG B 448 -31.11 -27.92 -9.58
C ARG B 448 -29.85 -28.06 -8.73
N VAL B 449 -28.99 -29.00 -9.09
CA VAL B 449 -27.73 -29.15 -8.37
C VAL B 449 -26.82 -27.96 -8.64
N LEU B 450 -26.54 -27.70 -9.92
CA LEU B 450 -25.54 -26.70 -10.26
C LEU B 450 -25.93 -25.34 -9.77
N MET B 451 -27.20 -24.96 -9.93
CA MET B 451 -27.66 -23.68 -9.42
C MET B 451 -27.38 -23.59 -7.92
N ARG B 452 -27.64 -24.67 -7.19
CA ARG B 452 -27.25 -24.70 -5.79
C ARG B 452 -25.74 -24.72 -5.65
N VAL B 453 -25.03 -25.40 -6.54
CA VAL B 453 -23.58 -25.39 -6.50
C VAL B 453 -23.08 -23.96 -6.71
N ASN B 454 -21.99 -23.63 -6.04
CA ASN B 454 -21.33 -22.35 -6.24
C ASN B 454 -20.28 -22.55 -7.32
N GLU B 455 -20.55 -21.99 -8.50
CA GLU B 455 -19.53 -21.90 -9.53
C GLU B 455 -19.26 -20.42 -9.80
N ASN B 456 -18.18 -19.92 -9.24
CA ASN B 456 -17.46 -18.80 -9.83
C ASN B 456 -15.99 -19.13 -9.67
N ILE B 457 -15.33 -19.47 -10.76
CA ILE B 457 -13.90 -19.66 -10.69
C ILE B 457 -13.17 -18.33 -10.87
N GLY B 458 -13.60 -17.55 -11.85
CA GLY B 458 -12.93 -16.31 -12.19
C GLY B 458 -12.67 -15.46 -10.97
N SER B 459 -13.69 -15.28 -10.15
CA SER B 459 -13.51 -14.54 -8.90
C SER B 459 -12.38 -15.14 -8.08
N LYS B 460 -12.37 -16.47 -7.93
CA LYS B 460 -11.30 -17.10 -7.18
C LYS B 460 -9.95 -16.81 -7.82
N MET B 461 -9.85 -16.96 -9.13
CA MET B 461 -8.62 -16.57 -9.80
C MET B 461 -8.35 -15.09 -9.59
N GLN B 462 -9.34 -14.25 -9.87
CA GLN B 462 -9.20 -12.83 -9.56
C GLN B 462 -8.81 -12.62 -8.11
N TYR B 463 -9.37 -13.41 -7.20
CA TYR B 463 -8.91 -13.36 -5.83
C TYR B 463 -7.42 -13.65 -5.75
N PHE B 464 -6.98 -14.69 -6.45
CA PHE B 464 -5.57 -15.03 -6.45
C PHE B 464 -4.72 -13.85 -6.85
N LEU B 465 -4.88 -13.38 -8.08
CA LEU B 465 -4.09 -12.27 -8.58
C LEU B 465 -4.06 -11.10 -7.61
N SER B 466 -5.19 -10.82 -6.97
CA SER B 466 -5.22 -9.78 -5.97
C SER B 466 -4.31 -10.13 -4.81
N THR B 467 -4.54 -11.27 -4.18
CA THR B 467 -3.79 -11.63 -2.99
C THR B 467 -2.48 -12.34 -3.27
N GLY B 468 -2.30 -12.88 -4.47
CA GLY B 468 -1.18 -13.74 -4.73
C GLY B 468 -1.08 -14.92 -3.78
N ASN B 469 -2.19 -15.33 -3.19
CA ASN B 469 -2.17 -16.43 -2.25
C ASN B 469 -2.69 -17.69 -2.90
N LEU B 470 -1.80 -18.64 -3.12
CA LEU B 470 -2.16 -19.91 -3.73
C LEU B 470 -2.98 -20.70 -2.74
N VAL B 471 -4.18 -21.10 -3.17
CA VAL B 471 -5.07 -21.92 -2.37
C VAL B 471 -5.39 -23.16 -3.19
N SER B 472 -4.93 -24.30 -2.72
CA SER B 472 -5.12 -25.54 -3.48
C SER B 472 -5.10 -26.71 -2.52
N GLN B 473 -5.70 -27.81 -2.95
CA GLN B 473 -5.60 -29.07 -2.23
C GLN B 473 -4.19 -29.59 -2.15
N SER B 474 -3.46 -29.54 -3.26
CA SER B 474 -2.05 -29.88 -3.27
C SER B 474 -1.26 -28.62 -3.55
N GLY B 475 -0.03 -28.57 -3.03
CA GLY B 475 0.77 -27.39 -3.19
C GLY B 475 1.30 -27.16 -4.59
N LEU B 476 0.85 -27.94 -5.56
CA LEU B 476 1.33 -27.86 -6.93
C LEU B 476 2.82 -28.11 -7.02
N ASP B 477 3.37 -28.82 -6.05
CA ASP B 477 4.80 -28.98 -5.91
C ASP B 477 5.47 -27.61 -5.86
N LEU B 478 4.91 -26.74 -5.03
CA LEU B 478 5.44 -25.40 -4.83
C LEU B 478 5.73 -25.22 -3.36
N GLN B 479 6.97 -24.88 -3.04
CA GLN B 479 7.36 -24.76 -1.64
C GLN B 479 6.58 -23.67 -0.94
N GLN B 480 6.68 -22.43 -1.45
CA GLN B 480 6.03 -21.32 -0.77
C GLN B 480 4.55 -21.28 -1.10
N VAL B 481 3.77 -20.64 -0.22
CA VAL B 481 2.32 -20.59 -0.39
C VAL B 481 1.85 -19.33 -1.09
N SER B 482 2.70 -18.32 -1.23
CA SER B 482 2.21 -17.03 -1.72
C SER B 482 3.36 -16.18 -2.24
N GLY B 483 3.03 -14.93 -2.55
CA GLY B 483 3.98 -14.02 -3.13
C GLY B 483 4.09 -14.22 -4.62
N TYR B 484 3.09 -14.89 -5.18
CA TYR B 484 3.08 -15.25 -6.58
C TYR B 484 2.75 -14.08 -7.49
N THR B 485 1.98 -13.12 -7.00
CA THR B 485 1.63 -11.95 -7.80
C THR B 485 2.38 -10.76 -7.25
N VAL B 486 2.67 -9.80 -8.12
CA VAL B 486 3.37 -8.59 -7.72
C VAL B 486 2.85 -7.45 -8.58
N VAL B 487 2.70 -6.28 -7.96
CA VAL B 487 2.11 -5.16 -8.67
C VAL B 487 3.05 -4.69 -9.76
N ALA B 488 2.52 -4.46 -10.95
CA ALA B 488 3.30 -3.81 -11.99
C ALA B 488 3.51 -2.37 -11.59
N GLU B 489 4.77 -1.95 -11.52
CA GLU B 489 5.09 -0.59 -11.13
C GLU B 489 5.51 0.20 -12.36
N LYS B 490 4.80 1.26 -12.65
CA LYS B 490 5.06 2.07 -13.82
C LYS B 490 5.96 3.25 -13.56
N ILE B 491 6.58 3.32 -12.37
CA ILE B 491 7.27 4.51 -11.88
C ILE B 491 8.04 5.17 -13.00
N ASN B 492 9.09 4.53 -13.44
CA ASN B 492 9.71 4.84 -14.71
C ASN B 492 9.30 3.74 -15.68
N PHE B 493 9.85 3.80 -16.87
CA PHE B 493 9.63 2.68 -17.77
C PHE B 493 10.48 1.48 -17.38
N TYR B 494 11.69 1.73 -16.90
CA TYR B 494 12.59 0.64 -16.59
C TYR B 494 12.00 -0.27 -15.53
N ARG B 495 11.62 0.28 -14.40
CA ARG B 495 11.01 -0.55 -13.38
C ARG B 495 9.85 -1.34 -13.91
N PHE B 496 9.04 -0.74 -14.77
CA PHE B 496 7.96 -1.48 -15.38
C PHE B 496 8.46 -2.71 -16.12
N ILE B 497 9.24 -2.53 -17.17
CA ILE B 497 9.82 -3.66 -17.88
C ILE B 497 10.69 -4.53 -16.98
N SER B 498 11.26 -3.97 -15.93
CA SER B 498 12.09 -4.75 -15.03
C SER B 498 11.34 -5.97 -14.52
N HIS B 499 10.04 -5.84 -14.30
CA HIS B 499 9.29 -6.95 -13.76
C HIS B 499 9.32 -8.14 -14.68
N PHE B 500 9.17 -7.92 -15.97
CA PHE B 500 8.97 -9.03 -16.88
C PHE B 500 10.26 -9.80 -17.13
N ARG B 501 11.41 -9.25 -16.78
CA ARG B 501 12.65 -10.00 -16.83
C ARG B 501 13.05 -10.51 -15.47
N MET B 502 12.24 -10.25 -14.45
CA MET B 502 12.51 -10.62 -13.08
C MET B 502 12.23 -12.09 -12.84
N VAL B 503 13.02 -12.70 -11.97
CA VAL B 503 12.78 -14.07 -11.51
C VAL B 503 13.48 -14.23 -10.19
N HIS B 504 13.05 -15.20 -9.41
CA HIS B 504 13.75 -15.53 -8.17
C HIS B 504 13.34 -16.91 -7.71
N ARG B 505 13.96 -17.35 -6.62
CA ARG B 505 13.80 -18.72 -6.17
C ARG B 505 12.53 -18.90 -5.34
N GLY B 506 11.89 -17.83 -4.94
CA GLY B 506 10.75 -17.93 -4.07
C GLY B 506 11.09 -17.49 -2.66
N SER B 507 10.07 -17.03 -1.94
CA SER B 507 10.28 -16.45 -0.62
C SER B 507 10.74 -17.47 0.42
N PHE B 508 10.44 -18.75 0.22
CA PHE B 508 10.94 -19.74 1.16
C PHE B 508 12.45 -19.68 1.28
N PHE B 509 13.14 -19.56 0.15
CA PHE B 509 14.59 -19.42 0.17
C PHE B 509 15.03 -18.06 0.67
N ALA B 510 14.14 -17.07 0.70
CA ALA B 510 14.51 -15.78 1.24
C ALA B 510 14.81 -15.83 2.72
N GLN B 511 14.09 -16.66 3.48
CA GLN B 511 14.27 -16.74 4.92
C GLN B 511 15.40 -17.66 5.33
N LEU B 512 15.93 -18.46 4.41
CA LEU B 512 17.01 -19.36 4.76
C LEU B 512 18.22 -18.59 5.25
N LYS B 513 18.78 -19.06 6.35
CA LYS B 513 19.96 -18.43 6.94
C LYS B 513 21.17 -18.53 6.02
N THR B 514 21.28 -19.61 5.26
CA THR B 514 22.41 -19.78 4.35
C THR B 514 22.30 -18.80 3.20
N THR B 515 23.42 -18.18 2.85
CA THR B 515 23.49 -17.26 1.73
C THR B 515 23.99 -17.92 0.46
N THR B 516 24.35 -19.21 0.51
CA THR B 516 24.87 -19.88 -0.67
C THR B 516 23.88 -19.84 -1.83
N VAL B 517 22.59 -19.75 -1.51
CA VAL B 517 21.55 -19.70 -2.54
C VAL B 517 21.60 -18.39 -3.32
N ARG B 518 22.17 -17.36 -2.70
CA ARG B 518 22.28 -16.05 -3.34
C ARG B 518 23.67 -15.83 -3.92
N LYS B 519 24.36 -16.92 -4.23
CA LYS B 519 25.69 -16.86 -4.80
C LYS B 519 25.64 -16.69 -6.32
N LEU B 520 26.61 -15.95 -6.86
CA LEU B 520 26.67 -15.72 -8.29
C LEU B 520 27.35 -16.87 -9.02
N LEU B 521 26.65 -17.99 -9.12
CA LEU B 521 27.18 -19.18 -9.78
C LEU B 521 27.59 -18.86 -11.22
N PRO B 522 28.75 -19.35 -11.63
CA PRO B 522 29.26 -19.12 -12.98
C PRO B 522 28.36 -19.75 -14.04
N GLU B 523 27.42 -20.59 -13.59
CA GLU B 523 26.51 -21.26 -14.51
C GLU B 523 25.46 -20.32 -15.06
N SER B 524 25.31 -19.14 -14.48
CA SER B 524 24.32 -18.18 -14.93
C SER B 524 24.79 -17.40 -16.12
N TRP B 525 25.99 -17.69 -16.61
CA TRP B 525 26.58 -16.91 -17.68
C TRP B 525 25.62 -16.81 -18.85
N GLY B 526 25.34 -15.59 -19.27
CA GLY B 526 24.47 -15.33 -20.38
C GLY B 526 23.01 -15.57 -20.13
N PHE B 527 22.64 -16.08 -18.96
CA PHE B 527 21.23 -16.32 -18.64
C PHE B 527 20.75 -15.32 -17.60
N LEU B 528 21.11 -15.52 -16.33
CA LEU B 528 20.80 -14.54 -15.32
C LEU B 528 21.85 -13.44 -15.37
N CYS B 529 21.39 -12.21 -15.52
CA CYS B 529 22.32 -11.11 -15.55
C CYS B 529 23.06 -11.01 -14.23
N PRO B 530 24.39 -11.02 -14.24
CA PRO B 530 25.11 -10.92 -12.97
C PRO B 530 24.95 -9.57 -12.32
N VAL B 531 24.84 -8.52 -13.10
CA VAL B 531 24.88 -7.17 -12.55
C VAL B 531 23.58 -6.83 -11.87
N HIS B 532 22.46 -7.14 -12.49
CA HIS B 532 21.20 -6.56 -12.06
C HIS B 532 20.56 -7.46 -11.01
N THR B 533 20.61 -6.99 -9.77
CA THR B 533 19.84 -7.55 -8.68
C THR B 533 19.59 -6.41 -7.70
N PRO B 534 18.51 -6.47 -6.93
CA PRO B 534 18.35 -5.51 -5.84
C PRO B 534 19.40 -5.75 -4.78
N ASP B 535 19.55 -4.79 -3.88
CA ASP B 535 20.47 -4.97 -2.77
C ASP B 535 19.69 -5.28 -1.50
N GLY B 536 20.39 -5.43 -0.39
CA GLY B 536 19.72 -5.72 0.85
C GLY B 536 19.24 -7.15 0.92
N SER B 537 18.10 -7.38 1.55
CA SER B 537 17.60 -8.74 1.70
C SER B 537 17.28 -9.41 0.36
N PRO B 538 16.63 -8.77 -0.62
CA PRO B 538 16.36 -9.48 -1.88
C PRO B 538 17.60 -9.76 -2.68
N CYS B 539 18.72 -9.13 -2.36
CA CYS B 539 19.94 -9.33 -3.11
C CYS B 539 20.25 -10.81 -3.22
N GLY B 540 20.63 -11.25 -4.40
CA GLY B 540 20.90 -12.63 -4.65
C GLY B 540 19.68 -13.48 -4.89
N LEU B 541 18.49 -12.94 -4.67
CA LEU B 541 17.29 -13.70 -4.95
C LEU B 541 16.66 -13.23 -6.24
N LEU B 542 16.17 -12.00 -6.25
CA LEU B 542 15.65 -11.45 -7.49
C LEU B 542 16.75 -11.39 -8.50
N ASN B 543 16.50 -11.96 -9.66
CA ASN B 543 17.47 -11.99 -10.72
C ASN B 543 16.77 -11.51 -11.97
N HIS B 544 17.56 -11.21 -12.99
CA HIS B 544 16.97 -10.76 -14.23
C HIS B 544 17.69 -11.43 -15.38
N PHE B 545 16.91 -11.84 -16.37
CA PHE B 545 17.50 -12.61 -17.45
C PHE B 545 18.37 -11.71 -18.31
N ALA B 546 19.51 -12.25 -18.71
CA ALA B 546 20.30 -11.56 -19.73
C ALA B 546 19.40 -11.29 -20.93
N HIS B 547 19.46 -10.07 -21.42
CA HIS B 547 18.38 -9.58 -22.27
C HIS B 547 18.17 -10.43 -23.51
N LYS B 548 19.12 -11.28 -23.88
CA LYS B 548 18.91 -12.22 -24.97
C LYS B 548 18.32 -13.52 -24.51
N CYS B 549 18.32 -13.80 -23.21
CA CYS B 549 17.76 -15.05 -22.69
C CYS B 549 16.30 -15.17 -23.12
N ARG B 550 15.95 -16.31 -23.68
CA ARG B 550 14.58 -16.61 -24.04
C ARG B 550 14.11 -17.80 -23.24
N ILE B 551 12.81 -17.92 -23.09
CA ILE B 551 12.27 -19.06 -22.38
C ILE B 551 11.41 -19.87 -23.34
N SER B 552 11.55 -21.19 -23.28
CA SER B 552 10.76 -22.03 -24.17
C SER B 552 9.33 -22.10 -23.63
N THR B 553 8.42 -21.52 -24.41
CA THR B 553 7.04 -21.40 -23.96
C THR B 553 6.21 -22.56 -24.47
N GLN B 554 6.77 -23.33 -25.40
CA GLN B 554 6.01 -24.45 -25.93
C GLN B 554 6.90 -25.68 -25.99
N GLN B 555 6.31 -26.77 -26.40
CA GLN B 555 7.06 -28.00 -26.55
C GLN B 555 7.87 -27.89 -27.84
N SER B 556 8.73 -28.87 -28.12
CA SER B 556 9.30 -29.04 -29.43
C SER B 556 9.05 -30.47 -29.85
N ASP B 557 8.92 -30.69 -31.15
CA ASP B 557 8.56 -32.01 -31.61
C ASP B 557 9.76 -32.93 -31.48
N VAL B 558 9.60 -33.98 -30.69
CA VAL B 558 10.63 -35.00 -30.52
C VAL B 558 10.36 -36.22 -31.37
N SER B 559 9.30 -36.20 -32.17
CA SER B 559 8.84 -37.42 -32.84
C SER B 559 9.97 -38.16 -33.51
N ARG B 560 10.70 -37.49 -34.39
CA ARG B 560 11.73 -38.15 -35.17
C ARG B 560 13.08 -38.16 -34.50
N ILE B 561 13.21 -37.55 -33.32
CA ILE B 561 14.47 -37.63 -32.59
C ILE B 561 14.91 -39.07 -32.41
N PRO B 562 14.10 -39.96 -31.83
CA PRO B 562 14.57 -41.34 -31.68
C PRO B 562 14.99 -41.96 -33.00
N SER B 563 14.17 -41.77 -34.04
CA SER B 563 14.56 -42.22 -35.37
C SER B 563 15.96 -41.74 -35.70
N ILE B 564 16.22 -40.45 -35.47
CA ILE B 564 17.58 -39.95 -35.64
C ILE B 564 18.52 -40.68 -34.71
N LEU B 565 18.17 -40.76 -33.43
CA LEU B 565 19.05 -41.39 -32.46
C LEU B 565 19.29 -42.84 -32.78
N TYR B 566 18.24 -43.64 -32.89
CA TYR B 566 18.44 -45.05 -33.17
C TYR B 566 19.28 -45.24 -34.42
N SER B 567 19.03 -44.43 -35.45
CA SER B 567 19.90 -44.42 -36.61
C SER B 567 21.34 -44.14 -36.25
N LEU B 568 21.59 -43.31 -35.25
CA LEU B 568 22.96 -42.90 -34.93
C LEU B 568 23.68 -43.92 -34.07
N GLY B 569 23.09 -45.07 -33.81
CA GLY B 569 23.75 -46.10 -33.04
C GLY B 569 23.24 -46.32 -31.65
N VAL B 570 22.17 -45.64 -31.26
CA VAL B 570 21.63 -45.83 -29.93
C VAL B 570 21.05 -47.23 -29.81
N ALA B 571 21.53 -47.99 -28.85
CA ALA B 571 20.93 -49.28 -28.58
C ALA B 571 19.59 -49.08 -27.91
N PRO B 572 18.52 -49.60 -28.50
CA PRO B 572 17.18 -49.37 -27.95
C PRO B 572 17.09 -49.79 -26.50
N ALA B 573 16.55 -48.88 -25.68
CA ALA B 573 16.30 -49.23 -24.29
C ALA B 573 15.32 -50.38 -24.17
N SER B 574 14.47 -50.56 -25.17
CA SER B 574 13.54 -51.68 -25.19
C SER B 574 14.23 -52.99 -24.91
N HIS B 575 15.37 -53.23 -25.55
CA HIS B 575 16.14 -54.43 -25.39
C HIS B 575 17.55 -54.01 -25.01
N THR B 576 18.47 -54.96 -25.06
CA THR B 576 19.88 -54.68 -24.82
C THR B 576 20.05 -54.06 -23.42
N PHE B 577 19.79 -54.90 -22.44
CA PHE B 577 19.95 -54.48 -21.06
C PHE B 577 21.39 -54.10 -20.78
N ALA B 578 21.57 -52.93 -20.18
CA ALA B 578 22.83 -52.40 -19.74
C ALA B 578 22.53 -51.06 -19.09
N ALA B 579 23.45 -50.61 -18.25
CA ALA B 579 23.18 -49.43 -17.43
C ALA B 579 24.40 -49.05 -16.63
N GLY B 580 24.33 -47.92 -15.94
CA GLY B 580 25.44 -47.46 -15.15
C GLY B 580 26.26 -46.42 -15.85
N PRO B 581 26.92 -45.56 -15.06
CA PRO B 581 27.74 -44.50 -15.65
C PRO B 581 28.84 -45.04 -16.53
N SER B 582 29.13 -46.33 -16.47
CA SER B 582 30.18 -46.90 -17.31
C SER B 582 29.98 -46.59 -18.78
N LEU B 583 28.76 -46.31 -19.19
CA LEU B 583 28.48 -45.96 -20.57
C LEU B 583 27.34 -44.97 -20.62
N CYS B 584 27.37 -44.14 -21.66
CA CYS B 584 26.44 -43.03 -21.78
C CYS B 584 24.99 -43.51 -21.82
N CYS B 585 24.12 -42.67 -21.30
CA CYS B 585 22.68 -42.87 -21.41
C CYS B 585 22.11 -41.79 -22.30
N VAL B 586 21.03 -42.10 -23.01
CA VAL B 586 20.41 -41.17 -23.93
C VAL B 586 18.97 -40.98 -23.52
N GLN B 587 18.58 -39.73 -23.29
CA GLN B 587 17.26 -39.43 -22.80
C GLN B 587 16.65 -38.27 -23.56
N ILE B 588 15.33 -38.24 -23.55
CA ILE B 588 14.58 -37.13 -24.11
C ILE B 588 13.54 -36.72 -23.09
N ASP B 589 13.65 -35.49 -22.59
CA ASP B 589 12.69 -34.96 -21.64
C ASP B 589 12.42 -35.93 -20.51
N GLY B 590 13.45 -36.66 -20.09
CA GLY B 590 13.25 -37.70 -19.12
C GLY B 590 12.64 -38.97 -19.65
N LYS B 591 12.99 -39.37 -20.85
CA LYS B 591 12.61 -40.68 -21.36
C LYS B 591 13.85 -41.34 -21.94
N ILE B 592 14.20 -42.51 -21.42
CA ILE B 592 15.41 -43.20 -21.85
C ILE B 592 15.17 -43.68 -23.26
N ILE B 593 15.98 -43.22 -24.19
CA ILE B 593 15.93 -43.80 -25.52
C ILE B 593 16.79 -45.04 -25.61
N GLY B 594 17.99 -44.98 -25.05
CA GLY B 594 18.87 -46.14 -25.10
C GLY B 594 20.25 -45.76 -24.59
N TRP B 595 21.19 -46.65 -24.86
CA TRP B 595 22.52 -46.58 -24.26
C TRP B 595 23.58 -46.59 -25.34
N VAL B 596 24.66 -45.86 -25.12
CA VAL B 596 25.82 -45.88 -26.00
C VAL B 596 27.05 -45.74 -25.14
N SER B 597 28.19 -46.13 -25.70
CA SER B 597 29.45 -45.80 -25.07
C SER B 597 29.62 -44.30 -25.07
N HIS B 598 30.33 -43.81 -24.05
CA HIS B 598 30.56 -42.38 -23.93
C HIS B 598 31.16 -41.81 -25.19
N GLU B 599 32.26 -42.42 -25.64
CA GLU B 599 32.94 -42.00 -26.86
C GLU B 599 31.98 -41.84 -28.01
N GLN B 600 31.04 -42.77 -28.14
CA GLN B 600 30.02 -42.63 -29.16
C GLN B 600 29.15 -41.41 -28.91
N GLY B 601 28.59 -41.31 -27.71
CA GLY B 601 27.72 -40.21 -27.39
C GLY B 601 28.30 -38.86 -27.68
N LYS B 602 29.54 -38.62 -27.26
CA LYS B 602 30.19 -37.36 -27.59
C LYS B 602 30.21 -37.13 -29.08
N ILE B 603 30.51 -38.17 -29.85
CA ILE B 603 30.41 -38.07 -31.30
C ILE B 603 28.98 -37.79 -31.71
N ILE B 604 28.04 -38.38 -31.00
CA ILE B 604 26.63 -38.22 -31.36
C ILE B 604 26.18 -36.80 -31.05
N ALA B 605 26.19 -36.45 -29.77
CA ALA B 605 25.76 -35.12 -29.35
C ALA B 605 26.38 -34.04 -30.19
N ASP B 606 27.68 -34.14 -30.47
CA ASP B 606 28.30 -33.19 -31.39
C ASP B 606 27.60 -33.22 -32.74
N THR B 607 27.58 -34.39 -33.37
CA THR B 607 26.92 -34.51 -34.67
C THR B 607 25.51 -33.97 -34.62
N LEU B 608 24.75 -34.42 -33.64
CA LEU B 608 23.38 -33.95 -33.50
C LEU B 608 23.35 -32.43 -33.37
N ARG B 609 24.17 -31.89 -32.47
CA ARG B 609 24.34 -30.44 -32.37
C ARG B 609 24.60 -29.82 -33.72
N TYR B 610 25.45 -30.44 -34.52
CA TYR B 610 25.71 -29.91 -35.85
C TYR B 610 24.44 -29.89 -36.69
N TRP B 611 23.79 -31.04 -36.84
CA TRP B 611 22.55 -31.05 -37.60
C TRP B 611 21.54 -30.07 -37.05
N LYS B 612 21.47 -29.95 -35.73
CA LYS B 612 20.51 -29.03 -35.14
C LYS B 612 20.65 -27.65 -35.73
N VAL B 613 21.86 -27.12 -35.72
CA VAL B 613 22.10 -25.80 -36.30
C VAL B 613 21.91 -25.85 -37.80
N GLU B 614 22.45 -26.89 -38.45
CA GLU B 614 22.32 -27.01 -39.89
C GLU B 614 20.88 -26.88 -40.33
N GLY B 615 19.97 -27.54 -39.63
CA GLY B 615 18.56 -27.36 -39.87
C GLY B 615 17.99 -28.17 -41.02
N LYS B 616 18.84 -28.65 -41.92
CA LYS B 616 18.36 -29.43 -43.04
C LYS B 616 17.68 -30.72 -42.62
N THR B 617 18.16 -31.36 -41.56
CA THR B 617 17.48 -32.52 -41.01
C THR B 617 16.15 -32.08 -40.43
N PRO B 618 15.03 -32.61 -40.91
CA PRO B 618 13.74 -32.22 -40.36
C PRO B 618 13.46 -32.90 -39.04
N GLY B 619 12.59 -32.25 -38.25
CA GLY B 619 12.21 -32.80 -36.97
C GLY B 619 13.25 -32.61 -35.90
N LEU B 620 14.09 -31.60 -36.03
CA LEU B 620 15.19 -31.35 -35.10
C LEU B 620 15.32 -29.85 -34.90
N PRO B 621 14.46 -29.28 -34.07
CA PRO B 621 14.43 -27.82 -33.92
C PRO B 621 15.60 -27.33 -33.09
N ILE B 622 16.09 -26.14 -33.47
CA ILE B 622 17.27 -25.58 -32.84
C ILE B 622 17.13 -25.40 -31.34
N ASP B 623 15.93 -25.11 -30.85
CA ASP B 623 15.74 -24.84 -29.43
C ASP B 623 16.03 -26.05 -28.55
N LEU B 624 16.14 -27.23 -29.13
CA LEU B 624 16.42 -28.42 -28.35
C LEU B 624 17.76 -28.32 -27.65
N GLU B 625 17.77 -28.49 -26.34
CA GLU B 625 19.02 -28.60 -25.62
C GLU B 625 19.65 -29.95 -25.89
N ILE B 626 20.97 -29.97 -25.87
CA ILE B 626 21.71 -31.20 -26.00
C ILE B 626 22.65 -31.29 -24.81
N GLY B 627 22.35 -32.22 -23.92
CA GLY B 627 22.89 -32.14 -22.58
C GLY B 627 24.10 -33.01 -22.34
N TYR B 628 24.88 -33.30 -23.38
CA TYR B 628 25.92 -34.32 -23.25
C TYR B 628 26.76 -34.08 -22.02
N VAL B 629 26.90 -35.12 -21.22
CA VAL B 629 27.71 -35.05 -20.01
C VAL B 629 28.86 -36.01 -20.19
N PRO B 630 30.07 -35.52 -20.41
CA PRO B 630 31.20 -36.41 -20.57
C PRO B 630 31.46 -37.16 -19.28
N PRO B 631 31.85 -38.42 -19.36
CA PRO B 631 32.20 -39.15 -18.14
C PRO B 631 33.41 -38.52 -17.50
N SER B 632 33.50 -38.65 -16.18
CA SER B 632 34.55 -38.01 -15.44
C SER B 632 34.77 -38.76 -14.15
N THR B 633 35.70 -38.28 -13.34
CA THR B 633 36.02 -38.92 -12.08
C THR B 633 35.20 -38.26 -10.99
N ARG B 634 34.23 -39.01 -10.46
CA ARG B 634 33.37 -38.53 -9.39
C ARG B 634 32.69 -37.22 -9.78
N GLY B 635 32.57 -36.99 -11.07
CA GLY B 635 31.90 -35.82 -11.58
C GLY B 635 30.40 -36.02 -11.57
N GLN B 636 29.71 -35.17 -12.32
CA GLN B 636 28.29 -35.35 -12.48
C GLN B 636 28.01 -36.66 -13.17
N TYR B 637 26.88 -37.27 -12.87
CA TYR B 637 26.54 -38.54 -13.47
C TYR B 637 26.50 -38.36 -14.98
N PRO B 638 27.22 -39.17 -15.73
CA PRO B 638 27.32 -38.91 -17.17
C PRO B 638 26.01 -39.12 -17.88
N GLY B 639 26.01 -38.90 -19.17
CA GLY B 639 24.84 -39.20 -19.97
C GLY B 639 24.75 -38.25 -21.14
N LEU B 640 23.66 -38.43 -21.88
CA LEU B 640 23.31 -37.53 -22.96
C LEU B 640 21.85 -37.16 -22.79
N TYR B 641 21.58 -35.88 -22.65
CA TYR B 641 20.25 -35.44 -22.28
C TYR B 641 19.74 -34.45 -23.32
N LEU B 642 18.46 -34.58 -23.65
CA LEU B 642 17.82 -33.70 -24.63
C LEU B 642 16.52 -33.15 -24.06
N PHE B 643 16.53 -31.87 -23.71
CA PHE B 643 15.35 -31.24 -23.13
C PHE B 643 14.66 -30.26 -24.08
N GLY B 644 13.60 -30.73 -24.74
CA GLY B 644 12.85 -29.91 -25.65
C GLY B 644 11.63 -29.27 -25.04
N GLY B 645 11.33 -29.54 -23.78
CA GLY B 645 10.07 -29.14 -23.22
C GLY B 645 9.97 -27.65 -22.97
N HIS B 646 8.89 -27.31 -22.28
CA HIS B 646 8.56 -25.95 -21.91
C HIS B 646 9.54 -25.44 -20.87
N SER B 647 9.56 -24.13 -20.70
CA SER B 647 10.17 -23.51 -19.53
C SER B 647 11.64 -23.85 -19.42
N ARG B 648 12.34 -23.68 -20.53
CA ARG B 648 13.78 -23.83 -20.58
C ARG B 648 14.37 -22.48 -20.90
N MET B 649 15.61 -22.25 -20.49
CA MET B 649 16.18 -20.90 -20.43
C MET B 649 16.88 -20.46 -21.70
N LEU B 650 16.58 -21.12 -22.81
CA LEU B 650 17.43 -21.10 -23.99
C LEU B 650 17.95 -19.71 -24.34
N ARG B 651 19.22 -19.64 -24.71
CA ARG B 651 19.82 -18.37 -25.09
C ARG B 651 20.62 -18.58 -26.36
N PRO B 652 20.75 -17.54 -27.17
CA PRO B 652 21.47 -17.68 -28.45
C PRO B 652 22.97 -17.67 -28.26
N VAL B 653 23.65 -18.44 -29.11
CA VAL B 653 25.09 -18.30 -29.27
C VAL B 653 25.40 -18.42 -30.75
N ARG B 654 26.66 -18.30 -31.09
CA ARG B 654 27.12 -18.43 -32.47
C ARG B 654 27.91 -19.72 -32.56
N TYR B 655 27.69 -20.49 -33.61
CA TYR B 655 28.25 -21.83 -33.71
C TYR B 655 29.41 -21.82 -34.70
N LEU B 656 30.58 -22.17 -34.22
CA LEU B 656 31.84 -22.00 -34.91
C LEU B 656 32.07 -22.87 -36.14
N PRO B 657 31.73 -24.16 -36.12
CA PRO B 657 31.97 -24.96 -37.33
C PRO B 657 31.30 -24.39 -38.56
N LEU B 658 30.04 -24.04 -38.44
CA LEU B 658 29.37 -23.18 -39.40
C LEU B 658 29.60 -21.75 -38.95
N ASP B 659 28.88 -20.80 -39.51
CA ASP B 659 28.61 -19.58 -38.77
C ASP B 659 27.11 -19.39 -38.82
N LYS B 660 26.46 -19.65 -37.69
CA LYS B 660 25.02 -19.53 -37.57
C LYS B 660 24.69 -19.41 -36.10
N GLU B 661 23.51 -18.88 -35.83
CA GLU B 661 23.01 -18.84 -34.47
C GLU B 661 22.77 -20.24 -33.97
N ASP B 662 23.22 -20.52 -32.75
CA ASP B 662 22.85 -21.71 -32.03
C ASP B 662 22.14 -21.28 -30.75
N ILE B 663 21.36 -22.19 -30.19
CA ILE B 663 20.64 -21.93 -28.95
C ILE B 663 21.19 -22.88 -27.91
N VAL B 664 21.37 -22.37 -26.70
CA VAL B 664 22.06 -23.12 -25.65
C VAL B 664 21.28 -22.98 -24.36
N GLY B 665 21.01 -24.11 -23.73
CA GLY B 665 20.44 -24.13 -22.42
C GLY B 665 21.51 -24.09 -21.36
N PRO B 666 21.14 -23.70 -20.14
CA PRO B 666 22.13 -23.65 -19.07
C PRO B 666 22.73 -25.00 -18.78
N PHE B 667 21.91 -26.03 -18.66
CA PHE B 667 22.39 -27.37 -18.36
C PHE B 667 23.52 -27.80 -19.28
N GLU B 668 23.35 -27.59 -20.58
CA GLU B 668 24.34 -27.98 -21.56
C GLU B 668 25.48 -26.98 -21.66
N GLN B 669 25.30 -25.78 -21.11
CA GLN B 669 26.34 -24.76 -21.21
C GLN B 669 27.59 -25.18 -20.48
N VAL B 670 27.41 -25.81 -19.31
CA VAL B 670 28.52 -26.09 -18.40
C VAL B 670 29.67 -26.76 -19.14
N TYR B 671 29.37 -27.72 -20.01
CA TYR B 671 30.40 -28.49 -20.67
C TYR B 671 30.87 -27.89 -21.97
N MET B 672 30.16 -26.91 -22.51
CA MET B 672 30.48 -26.36 -23.81
C MET B 672 31.47 -25.23 -23.67
N ASN B 673 32.52 -25.27 -24.46
CA ASN B 673 33.52 -24.23 -24.46
C ASN B 673 33.05 -23.16 -25.43
N ILE B 674 32.79 -21.96 -24.91
CA ILE B 674 32.20 -20.89 -25.69
C ILE B 674 33.08 -19.67 -25.53
N ALA B 675 33.78 -19.27 -26.59
CA ALA B 675 34.60 -18.10 -26.48
C ALA B 675 33.71 -16.88 -26.36
N VAL B 676 34.20 -15.88 -25.63
CA VAL B 676 33.42 -14.66 -25.49
C VAL B 676 33.49 -13.85 -26.77
N THR B 677 34.68 -13.45 -27.16
CA THR B 677 34.88 -12.69 -28.37
C THR B 677 35.65 -13.53 -29.36
N PRO B 678 35.46 -13.30 -30.66
CA PRO B 678 36.19 -14.07 -31.67
C PRO B 678 37.69 -14.09 -31.43
N GLN B 679 38.26 -13.01 -30.94
CA GLN B 679 39.70 -12.93 -30.73
C GLN B 679 40.18 -13.96 -29.72
N GLU B 680 39.30 -14.43 -28.85
CA GLU B 680 39.69 -15.39 -27.83
C GLU B 680 39.46 -16.83 -28.25
N ILE B 681 39.02 -17.06 -29.48
CA ILE B 681 38.79 -18.42 -29.93
C ILE B 681 40.12 -19.15 -29.98
N GLN B 682 40.18 -20.31 -29.34
CA GLN B 682 41.37 -21.14 -29.36
C GLN B 682 41.13 -22.36 -30.22
N ASN B 683 42.19 -22.80 -30.88
CA ASN B 683 42.08 -23.97 -31.74
C ASN B 683 41.64 -25.18 -30.93
N ASN B 684 40.66 -25.90 -31.46
CA ASN B 684 40.19 -27.15 -30.89
C ASN B 684 39.69 -26.98 -29.47
N VAL B 685 39.27 -25.78 -29.11
CA VAL B 685 38.79 -25.54 -27.76
C VAL B 685 37.33 -25.14 -27.82
N HIS B 686 37.05 -24.01 -28.44
CA HIS B 686 35.71 -23.46 -28.41
C HIS B 686 34.92 -23.98 -29.61
N THR B 687 33.73 -24.50 -29.34
CA THR B 687 32.79 -24.84 -30.37
C THR B 687 31.82 -23.71 -30.66
N HIS B 688 31.79 -22.70 -29.81
CA HIS B 688 30.82 -21.63 -29.94
C HIS B 688 31.46 -20.33 -29.52
N VAL B 689 30.81 -19.24 -29.87
CA VAL B 689 31.23 -17.93 -29.42
C VAL B 689 29.99 -17.10 -29.15
N GLU B 690 30.05 -16.29 -28.11
CA GLU B 690 29.00 -15.32 -27.87
C GLU B 690 28.95 -14.35 -29.05
N PHE B 691 27.74 -13.97 -29.45
CA PHE B 691 27.64 -12.92 -30.45
C PHE B 691 28.31 -11.65 -29.97
N THR B 692 27.72 -11.01 -28.98
CA THR B 692 28.29 -9.86 -28.31
C THR B 692 28.37 -10.20 -26.83
N PRO B 693 29.41 -9.78 -26.16
CA PRO B 693 29.49 -10.03 -24.73
C PRO B 693 28.36 -9.34 -24.00
N THR B 694 27.74 -8.34 -24.64
CA THR B 694 26.60 -7.65 -24.06
C THR B 694 25.39 -8.55 -23.90
N ASN B 695 25.41 -9.72 -24.52
CA ASN B 695 24.29 -10.62 -24.42
C ASN B 695 24.12 -11.20 -23.03
N ILE B 696 25.06 -10.99 -22.13
CA ILE B 696 25.02 -11.62 -20.83
C ILE B 696 24.44 -10.67 -19.80
N LEU B 697 23.95 -9.52 -20.25
CA LEU B 697 23.56 -8.46 -19.33
C LEU B 697 22.07 -8.19 -19.40
N SER B 698 21.56 -7.63 -18.32
CA SER B 698 20.19 -7.14 -18.26
C SER B 698 19.98 -5.99 -19.22
N ILE B 699 18.71 -5.71 -19.47
CA ILE B 699 18.35 -4.47 -20.14
C ILE B 699 19.10 -3.31 -19.52
N LEU B 700 18.73 -2.95 -18.30
CA LEU B 700 19.37 -1.82 -17.63
C LEU B 700 20.86 -1.99 -17.55
N ALA B 701 21.33 -3.19 -17.24
CA ALA B 701 22.77 -3.43 -17.20
C ALA B 701 23.41 -2.93 -18.48
N ASN B 702 22.85 -3.30 -19.62
CA ASN B 702 23.41 -2.85 -20.89
C ASN B 702 23.32 -1.34 -21.01
N LEU B 703 22.36 -0.73 -20.31
CA LEU B 703 22.14 0.70 -20.49
C LEU B 703 23.15 1.54 -19.74
N THR B 704 23.67 1.05 -18.64
CA THR B 704 24.66 1.81 -17.90
C THR B 704 25.88 2.06 -18.76
N PRO B 705 26.23 3.31 -19.03
CA PRO B 705 27.33 3.60 -19.95
C PRO B 705 28.66 3.18 -19.35
N PHE B 706 29.47 2.51 -20.15
CA PHE B 706 30.83 2.13 -19.79
C PHE B 706 30.83 1.36 -18.48
N SER B 707 29.74 0.64 -18.25
CA SER B 707 29.58 -0.06 -17.00
C SER B 707 30.76 -0.95 -16.69
N ASP B 708 31.53 -1.37 -17.68
CA ASP B 708 32.76 -2.08 -17.43
C ASP B 708 33.79 -1.24 -16.69
N PHE B 709 33.74 0.08 -16.83
CA PHE B 709 34.69 0.91 -16.11
C PHE B 709 34.27 1.14 -14.68
N ASN B 710 33.00 1.05 -14.37
CA ASN B 710 32.57 1.26 -13.00
C ASN B 710 32.89 0.05 -12.13
N GLN B 711 32.94 0.29 -10.84
CA GLN B 711 33.04 -0.81 -9.89
C GLN B 711 31.73 -1.59 -9.88
N SER B 712 31.84 -2.92 -9.80
CA SER B 712 30.64 -3.73 -9.96
C SER B 712 29.57 -3.42 -8.92
N PRO B 713 29.86 -3.36 -7.63
CA PRO B 713 28.80 -2.98 -6.68
C PRO B 713 28.20 -1.65 -7.00
N ARG B 714 28.91 -0.80 -7.71
CA ARG B 714 28.36 0.50 -8.01
C ARG B 714 27.37 0.42 -9.15
N ASN B 715 27.73 -0.28 -10.21
CA ASN B 715 26.76 -0.54 -11.27
C ASN B 715 25.51 -1.16 -10.69
N MET B 716 25.71 -2.12 -9.79
CA MET B 716 24.60 -2.87 -9.24
C MET B 716 23.59 -1.95 -8.58
N TYR B 717 24.04 -0.83 -8.04
CA TYR B 717 23.11 0.19 -7.57
C TYR B 717 22.36 0.80 -8.73
N GLN B 718 23.05 1.09 -9.82
CA GLN B 718 22.42 1.78 -10.92
C GLN B 718 21.15 1.07 -11.35
N CYS B 719 21.26 -0.21 -11.65
CA CYS B 719 20.09 -1.01 -11.99
C CYS B 719 18.99 -0.79 -10.98
N GLN B 720 19.35 -0.69 -9.71
CA GLN B 720 18.36 -0.41 -8.69
C GLN B 720 17.99 1.06 -8.65
N MET B 721 18.94 1.95 -8.95
CA MET B 721 18.60 3.35 -9.00
C MET B 721 17.72 3.65 -10.20
N GLY B 722 18.11 3.16 -11.37
CA GLY B 722 17.33 3.36 -12.57
C GLY B 722 15.88 3.00 -12.40
N LYS B 723 15.59 1.93 -11.68
CA LYS B 723 14.22 1.52 -11.43
C LYS B 723 13.49 2.47 -10.50
N GLN B 724 14.20 3.30 -9.75
CA GLN B 724 13.58 4.23 -8.83
C GLN B 724 13.43 5.62 -9.38
N THR B 725 13.89 5.88 -10.60
CA THR B 725 13.95 7.24 -11.09
C THR B 725 12.55 7.80 -11.31
N MET B 726 12.48 9.11 -11.40
CA MET B 726 11.26 9.76 -11.85
C MET B 726 11.43 9.89 -13.35
N GLY B 727 10.72 9.05 -14.10
CA GLY B 727 10.90 8.95 -15.52
C GLY B 727 9.70 9.44 -16.29
N THR B 728 9.57 8.96 -17.50
CA THR B 728 8.31 9.06 -18.19
C THR B 728 7.63 7.71 -18.08
N PRO B 729 6.59 7.58 -17.27
CA PRO B 729 5.94 6.28 -17.14
C PRO B 729 5.29 5.84 -18.42
N GLY B 730 4.77 6.78 -19.20
CA GLY B 730 4.05 6.44 -20.41
C GLY B 730 3.29 7.63 -20.91
N VAL B 731 2.79 7.49 -22.13
CA VAL B 731 2.08 8.58 -22.81
C VAL B 731 0.58 8.51 -22.61
N ALA B 732 0.06 7.43 -22.04
CA ALA B 732 -1.37 7.23 -21.91
C ALA B 732 -1.95 7.95 -20.71
N LEU B 733 -1.14 8.77 -20.04
CA LEU B 733 -1.48 9.29 -18.72
C LEU B 733 -2.90 9.81 -18.65
N CYS B 734 -3.31 10.62 -19.62
CA CYS B 734 -4.65 11.16 -19.60
C CYS B 734 -5.71 10.08 -19.47
N HIS B 735 -5.54 8.94 -20.12
CA HIS B 735 -6.52 7.88 -20.06
C HIS B 735 -6.19 6.81 -19.02
N ARG B 736 -5.11 6.99 -18.28
CA ARG B 736 -4.72 6.02 -17.27
C ARG B 736 -5.06 6.56 -15.88
N SER B 737 -5.75 5.73 -15.10
CA SER B 737 -6.25 6.13 -13.79
C SER B 737 -5.34 5.72 -12.64
N ASP B 738 -4.14 5.20 -12.93
CA ASP B 738 -3.32 4.57 -11.91
C ASP B 738 -3.11 5.50 -10.71
N ASN B 739 -3.00 4.88 -9.55
CA ASN B 739 -3.11 5.59 -8.28
C ASN B 739 -2.08 6.71 -8.16
N LYS B 740 -0.83 6.35 -7.93
CA LYS B 740 0.21 7.33 -7.62
C LYS B 740 1.27 7.24 -8.70
N LEU B 741 1.47 8.33 -9.43
CA LEU B 741 2.26 8.31 -10.65
C LEU B 741 3.20 9.50 -10.69
N TYR B 742 4.43 9.24 -11.12
CA TYR B 742 5.48 10.24 -11.23
C TYR B 742 5.82 10.46 -12.69
N ARG B 743 6.05 11.71 -13.08
CA ARG B 743 6.57 11.92 -14.40
C ARG B 743 7.57 13.07 -14.40
N LEU B 744 8.72 12.82 -14.99
CA LEU B 744 9.69 13.86 -15.28
C LEU B 744 9.16 14.72 -16.40
N GLN B 745 9.15 16.03 -16.19
CA GLN B 745 8.53 16.89 -17.19
C GLN B 745 9.30 16.90 -18.49
N THR B 746 10.60 17.15 -18.44
CA THR B 746 11.39 17.19 -19.67
C THR B 746 12.50 16.17 -19.57
N GLY B 747 12.43 15.15 -20.42
CA GLY B 747 13.50 14.18 -20.57
C GLY B 747 14.40 14.57 -21.73
N GLN B 748 15.57 13.95 -21.73
CA GLN B 748 16.49 14.13 -22.84
C GLN B 748 17.07 12.79 -23.21
N THR B 749 17.29 12.59 -24.50
CA THR B 749 18.04 11.43 -24.92
C THR B 749 19.45 11.55 -24.40
N PRO B 750 19.93 10.60 -23.63
CA PRO B 750 21.31 10.64 -23.20
C PRO B 750 22.24 10.65 -24.40
N ILE B 751 23.15 11.62 -24.44
CA ILE B 751 24.17 11.62 -25.48
C ILE B 751 24.97 10.33 -25.41
N VAL B 752 25.56 10.06 -24.26
CA VAL B 752 26.26 8.81 -24.06
C VAL B 752 25.23 7.71 -23.98
N LYS B 753 25.43 6.65 -24.76
CA LYS B 753 24.34 5.74 -25.05
C LYS B 753 24.91 4.37 -25.39
N ALA B 754 24.11 3.35 -25.14
CA ALA B 754 24.40 2.03 -25.67
C ALA B 754 23.43 1.75 -26.79
N ASN B 755 23.91 1.01 -27.80
CA ASN B 755 23.10 0.82 -28.99
C ASN B 755 21.74 0.22 -28.64
N LEU B 756 21.70 -0.64 -27.63
CA LEU B 756 20.44 -1.24 -27.22
C LEU B 756 19.41 -0.21 -26.80
N TYR B 757 19.86 0.93 -26.26
CA TYR B 757 18.94 1.99 -25.89
C TYR B 757 18.00 2.32 -27.03
N ASP B 758 18.49 2.31 -28.25
CA ASP B 758 17.63 2.55 -29.39
C ASP B 758 16.87 1.28 -29.77
N ASP B 759 17.53 0.13 -29.65
CA ASP B 759 16.88 -1.12 -30.02
C ASP B 759 15.69 -1.39 -29.14
N TYR B 760 15.91 -1.46 -27.83
CA TYR B 760 14.79 -1.51 -26.90
C TYR B 760 13.96 -0.24 -26.94
N GLY B 761 14.46 0.80 -27.58
CA GLY B 761 13.67 1.99 -27.80
C GLY B 761 13.31 2.72 -26.54
N MET B 762 14.27 2.91 -25.63
CA MET B 762 13.97 3.72 -24.47
C MET B 762 13.69 5.16 -24.85
N ASP B 763 13.93 5.52 -26.11
CA ASP B 763 13.55 6.82 -26.62
C ASP B 763 12.14 7.19 -26.23
N ASN B 764 11.19 6.29 -26.38
CA ASN B 764 9.82 6.59 -26.04
C ASN B 764 9.63 6.95 -24.58
N PHE B 765 10.63 6.74 -23.73
CA PHE B 765 10.49 6.99 -22.30
C PHE B 765 11.78 7.57 -21.76
N PRO B 766 12.02 8.85 -22.03
CA PRO B 766 13.24 9.47 -21.49
C PRO B 766 13.22 9.41 -19.98
N ASN B 767 14.29 8.89 -19.41
CA ASN B 767 14.35 8.69 -17.97
C ASN B 767 15.06 9.82 -17.25
N GLY B 768 15.60 10.79 -17.97
CA GLY B 768 16.35 11.84 -17.31
C GLY B 768 16.84 12.84 -18.33
N PHE B 769 17.83 13.60 -17.93
CA PHE B 769 18.29 14.76 -18.67
C PHE B 769 19.81 14.78 -18.71
N ASN B 770 20.36 15.53 -19.64
CA ASN B 770 21.80 15.67 -19.68
C ASN B 770 22.21 16.98 -19.02
N ALA B 771 23.11 16.86 -18.04
CA ALA B 771 23.45 18.00 -17.22
C ALA B 771 24.91 18.34 -17.40
N VAL B 772 25.19 19.64 -17.51
CA VAL B 772 26.56 20.11 -17.54
C VAL B 772 27.10 19.99 -16.13
N VAL B 773 28.13 19.18 -15.94
CA VAL B 773 28.59 18.79 -14.63
C VAL B 773 30.07 19.12 -14.47
N ALA B 774 30.41 19.75 -13.36
CA ALA B 774 31.78 20.00 -12.98
C ALA B 774 32.11 19.09 -11.81
N VAL B 775 33.15 18.30 -11.95
CA VAL B 775 33.66 17.52 -10.84
C VAL B 775 34.65 18.41 -10.14
N ILE B 776 34.28 18.88 -8.95
CA ILE B 776 35.03 19.94 -8.29
C ILE B 776 34.64 19.93 -6.83
N SER B 777 35.51 20.49 -6.00
CA SER B 777 35.17 20.82 -4.63
C SER B 777 35.16 22.35 -4.57
N TYR B 778 33.97 22.91 -4.39
CA TYR B 778 33.86 24.36 -4.47
C TYR B 778 33.00 24.89 -3.33
N THR B 779 31.72 24.52 -3.35
CA THR B 779 30.79 25.12 -2.41
C THR B 779 31.00 24.60 -1.00
N GLY B 780 31.52 23.40 -0.88
CA GLY B 780 31.69 22.78 0.41
C GLY B 780 30.41 22.22 1.00
N TYR B 781 29.27 22.56 0.41
CA TYR B 781 27.98 22.09 0.89
C TYR B 781 27.71 20.66 0.41
N ASP B 782 28.41 20.27 -0.63
CA ASP B 782 28.31 18.93 -1.19
C ASP B 782 29.49 18.10 -0.70
N MET B 783 29.46 17.73 0.56
CA MET B 783 30.56 16.95 1.14
C MET B 783 30.23 15.46 1.23
N ASP B 784 29.28 15.11 2.08
CA ASP B 784 28.88 13.72 2.27
C ASP B 784 28.11 13.19 1.07
N ASP B 785 26.78 13.32 1.09
CA ASP B 785 25.99 12.86 -0.04
C ASP B 785 26.47 13.57 -1.30
N ALA B 786 26.55 14.89 -1.19
CA ALA B 786 27.02 15.78 -2.27
C ALA B 786 26.19 15.92 -3.54
N MET B 787 25.58 17.09 -3.72
CA MET B 787 24.75 17.35 -4.89
C MET B 787 24.49 18.84 -5.05
N ILE B 788 25.33 19.60 -5.74
CA ILE B 788 24.98 21.01 -5.87
C ILE B 788 24.31 21.29 -7.21
N ILE B 789 23.16 21.94 -7.16
CA ILE B 789 22.41 22.28 -8.36
C ILE B 789 22.53 23.77 -8.59
N ASN B 790 22.88 24.15 -9.82
CA ASN B 790 22.77 25.55 -10.19
C ASN B 790 21.35 26.03 -9.98
N LYS B 791 21.20 27.09 -9.19
CA LYS B 791 19.88 27.61 -8.91
C LYS B 791 19.16 28.07 -10.15
N SER B 792 19.73 29.02 -10.88
CA SER B 792 19.12 29.46 -12.12
C SER B 792 18.84 28.32 -13.06
N ALA B 793 19.78 27.40 -13.24
CA ALA B 793 19.51 26.24 -14.09
C ALA B 793 18.21 25.58 -13.69
N ASP B 794 18.02 25.36 -12.40
CA ASP B 794 16.77 24.78 -11.93
C ASP B 794 15.58 25.60 -12.40
N GLU B 795 15.56 26.88 -12.06
CA GLU B 795 14.40 27.71 -12.35
C GLU B 795 14.09 27.77 -13.83
N ARG B 796 15.00 27.29 -14.66
CA ARG B 796 14.74 27.19 -16.08
C ARG B 796 13.98 25.93 -16.41
N GLY B 797 13.56 25.17 -15.41
CA GLY B 797 12.70 24.04 -15.63
C GLY B 797 13.46 22.74 -15.51
N PHE B 798 14.76 22.86 -15.24
CA PHE B 798 15.66 21.74 -15.13
C PHE B 798 15.14 20.74 -14.12
N GLY B 799 15.00 19.48 -14.53
CA GLY B 799 14.65 18.41 -13.62
C GLY B 799 13.28 18.51 -13.00
N TYR B 800 12.44 19.38 -13.55
CA TYR B 800 11.11 19.57 -13.00
C TYR B 800 10.30 18.30 -13.13
N GLY B 801 9.76 17.81 -12.02
CA GLY B 801 8.93 16.63 -12.04
C GLY B 801 7.47 16.92 -11.78
N THR B 802 6.63 15.90 -11.80
CA THR B 802 5.24 16.00 -11.38
C THR B 802 4.77 14.65 -10.86
N MET B 803 3.94 14.68 -9.82
CA MET B 803 3.38 13.47 -9.25
C MET B 803 1.86 13.49 -9.41
N TYR B 804 1.29 12.38 -9.84
CA TYR B 804 -0.15 12.24 -9.98
C TYR B 804 -0.68 11.22 -8.99
N LYS B 805 -1.45 11.68 -8.01
CA LYS B 805 -2.19 10.81 -7.11
C LYS B 805 -3.64 10.84 -7.59
N THR B 806 -4.15 9.68 -7.96
CA THR B 806 -5.53 9.58 -8.42
C THR B 806 -6.37 9.03 -7.27
N GLU B 807 -7.34 9.81 -6.83
CA GLU B 807 -8.16 9.45 -5.69
C GLU B 807 -9.57 9.09 -6.14
N LYS B 808 -10.07 7.97 -5.63
CA LYS B 808 -11.39 7.45 -5.92
C LYS B 808 -12.31 7.76 -4.76
N VAL B 809 -13.37 8.51 -5.04
CA VAL B 809 -14.37 8.82 -4.02
C VAL B 809 -15.65 8.06 -4.34
N ASP B 810 -15.97 7.08 -3.51
CA ASP B 810 -17.21 6.32 -3.62
C ASP B 810 -18.01 6.54 -2.35
N LEU B 811 -19.19 7.10 -2.49
CA LEU B 811 -20.10 7.22 -1.37
C LEU B 811 -21.12 6.09 -1.32
N ALA B 812 -21.07 5.17 -2.29
CA ALA B 812 -21.98 4.03 -2.30
C ALA B 812 -21.37 2.79 -1.69
N LEU B 813 -20.12 2.85 -1.24
CA LEU B 813 -19.49 1.67 -0.66
C LEU B 813 -20.27 1.16 0.54
N ASN B 814 -20.60 2.05 1.47
CA ASN B 814 -21.42 1.72 2.63
C ASN B 814 -22.70 0.98 2.27
N ARG B 815 -23.36 1.39 1.20
CA ARG B 815 -24.60 0.76 0.76
C ARG B 815 -24.45 -0.76 0.72
N ASN B 816 -25.58 -1.45 0.60
CA ASN B 816 -25.58 -2.91 0.55
C ASN B 816 -26.22 -3.42 -0.74
N ARG B 817 -25.88 -2.77 -1.85
CA ARG B 817 -26.40 -3.13 -3.16
C ARG B 817 -27.91 -3.28 -3.17
N GLY B 818 -28.61 -2.25 -2.69
CA GLY B 818 -30.07 -2.28 -2.64
C GLY B 818 -30.62 -1.38 -1.56
N ASP B 819 -29.82 -1.17 -0.51
CA ASP B 819 -30.24 -0.32 0.60
C ASP B 819 -30.67 1.05 0.12
N PRO B 820 -31.09 1.13 -1.14
CA PRO B 820 -31.54 2.40 -1.73
C PRO B 820 -30.47 3.47 -1.59
N ILE B 821 -30.42 4.37 -2.57
CA ILE B 821 -29.36 5.37 -2.61
C ILE B 821 -29.57 6.37 -1.50
N THR B 822 -28.58 6.47 -0.63
CA THR B 822 -28.66 7.41 0.49
C THR B 822 -28.27 8.81 0.06
N GLN B 823 -27.21 8.94 -0.72
CA GLN B 823 -26.53 10.21 -0.92
C GLN B 823 -26.32 10.48 -2.39
N HIS B 824 -26.13 11.75 -2.71
CA HIS B 824 -26.04 12.19 -4.09
C HIS B 824 -24.94 13.22 -4.19
N PHE B 825 -24.06 13.05 -5.16
CA PHE B 825 -23.04 14.07 -5.38
C PHE B 825 -23.78 15.34 -5.73
N GLY B 826 -23.59 16.37 -4.94
CA GLY B 826 -24.18 17.66 -5.26
C GLY B 826 -24.52 18.38 -3.98
N PHE B 827 -24.98 19.60 -4.16
CA PHE B 827 -25.49 20.37 -3.03
C PHE B 827 -26.92 19.97 -2.74
N GLY B 828 -27.31 20.15 -1.48
CA GLY B 828 -28.71 20.11 -1.11
C GLY B 828 -29.29 21.50 -1.00
N ASN B 829 -30.61 21.55 -1.02
CA ASN B 829 -31.32 22.80 -0.82
C ASN B 829 -31.07 23.42 0.54
N ASP B 830 -30.44 22.69 1.45
CA ASP B 830 -30.18 23.18 2.79
C ASP B 830 -29.12 24.27 2.74
N GLU B 831 -28.77 24.81 3.90
CA GLU B 831 -27.74 25.82 3.97
C GLU B 831 -26.37 25.16 3.92
N TRP B 832 -25.46 25.75 3.17
CA TRP B 832 -24.09 25.26 3.10
C TRP B 832 -23.17 26.45 2.86
N PRO B 833 -21.91 26.36 3.28
CA PRO B 833 -21.11 27.58 3.50
C PRO B 833 -21.06 28.54 2.33
N LYS B 834 -21.30 28.08 1.11
CA LYS B 834 -21.40 28.87 -0.11
C LYS B 834 -20.02 29.27 -0.64
N GLU B 835 -18.97 29.20 0.15
CA GLU B 835 -17.64 29.32 -0.43
C GLU B 835 -17.27 28.08 -1.23
N TRP B 836 -17.96 26.96 -0.97
CA TRP B 836 -17.74 25.74 -1.71
C TRP B 836 -17.89 25.96 -3.21
N LEU B 837 -18.72 26.93 -3.58
CA LEU B 837 -18.83 27.34 -4.98
C LEU B 837 -17.49 27.63 -5.61
N GLU B 838 -16.54 28.17 -4.84
CA GLU B 838 -15.23 28.48 -5.41
C GLU B 838 -14.53 27.21 -5.88
N LYS B 839 -14.31 26.26 -4.97
CA LYS B 839 -13.70 25.00 -5.37
C LYS B 839 -14.64 24.15 -6.19
N LEU B 840 -15.83 23.87 -5.68
CA LEU B 840 -16.70 22.87 -6.25
C LEU B 840 -17.58 23.45 -7.33
N ASP B 841 -17.83 22.65 -8.36
CA ASP B 841 -18.71 23.08 -9.43
C ASP B 841 -20.16 22.95 -8.98
N GLU B 842 -21.07 23.40 -9.83
CA GLU B 842 -22.48 23.47 -9.49
C GLU B 842 -23.08 22.10 -9.20
N ASP B 843 -22.47 21.04 -9.68
CA ASP B 843 -22.95 19.69 -9.43
C ASP B 843 -22.31 19.05 -8.21
N GLY B 844 -21.49 19.77 -7.47
CA GLY B 844 -20.80 19.24 -6.33
C GLY B 844 -19.43 18.69 -6.63
N LEU B 845 -19.11 18.61 -7.82
CA LEU B 845 -17.76 18.19 -8.17
C LEU B 845 -16.84 19.39 -8.26
N PRO B 846 -15.54 19.21 -8.11
CA PRO B 846 -14.62 20.33 -8.25
C PRO B 846 -14.35 20.66 -9.72
N TYR B 847 -14.05 21.93 -9.96
CA TYR B 847 -13.67 22.35 -11.29
C TYR B 847 -12.31 21.78 -11.63
N ILE B 848 -12.19 21.27 -12.85
CA ILE B 848 -10.92 20.81 -13.37
C ILE B 848 -9.89 21.92 -13.26
N GLY B 849 -8.67 21.57 -12.91
CA GLY B 849 -7.58 22.53 -12.86
C GLY B 849 -7.59 23.44 -11.66
N THR B 850 -8.54 23.27 -10.76
CA THR B 850 -8.62 24.17 -9.62
C THR B 850 -7.53 23.85 -8.60
N TYR B 851 -6.84 24.89 -8.16
CA TYR B 851 -5.83 24.78 -7.13
C TYR B 851 -6.50 24.25 -5.87
N VAL B 852 -5.78 23.48 -5.09
CA VAL B 852 -6.31 22.86 -3.88
C VAL B 852 -5.24 22.86 -2.81
N GLU B 853 -5.64 23.12 -1.59
CA GLU B 853 -4.79 22.94 -0.42
C GLU B 853 -5.59 22.17 0.61
N GLU B 854 -4.91 21.72 1.66
CA GLU B 854 -5.53 20.79 2.59
C GLU B 854 -6.79 21.37 3.20
N GLY B 855 -7.79 20.51 3.41
CA GLY B 855 -9.05 20.93 3.95
C GLY B 855 -9.99 21.54 2.93
N ASP B 856 -9.53 21.84 1.78
CA ASP B 856 -10.45 22.40 0.82
C ASP B 856 -11.43 21.34 0.34
N PRO B 857 -12.62 21.78 -0.08
CA PRO B 857 -13.61 20.81 -0.56
C PRO B 857 -13.09 20.10 -1.79
N ILE B 858 -13.05 18.78 -1.73
CA ILE B 858 -12.84 18.01 -2.95
C ILE B 858 -14.14 17.48 -3.54
N CYS B 859 -15.24 17.52 -2.78
CA CYS B 859 -16.51 17.03 -3.30
C CYS B 859 -17.63 17.59 -2.44
N ALA B 860 -18.82 17.64 -3.03
CA ALA B 860 -20.01 18.00 -2.27
C ALA B 860 -21.06 16.93 -2.50
N TYR B 861 -21.39 16.22 -1.44
CA TYR B 861 -22.42 15.19 -1.55
C TYR B 861 -23.50 15.51 -0.53
N PHE B 862 -24.72 15.61 -1.01
CA PHE B 862 -25.84 15.80 -0.13
C PHE B 862 -26.26 14.46 0.45
N ASP B 863 -26.60 14.44 1.72
CA ASP B 863 -27.07 13.25 2.38
C ASP B 863 -28.56 13.37 2.64
N ASP B 864 -29.29 12.30 2.35
CA ASP B 864 -30.73 12.30 2.61
C ASP B 864 -31.03 12.06 4.09
N THR B 865 -30.39 11.04 4.67
CA THR B 865 -30.63 10.70 6.06
C THR B 865 -30.41 11.91 6.93
N LEU B 866 -29.17 12.38 7.00
CA LEU B 866 -28.89 13.55 7.81
C LEU B 866 -29.49 14.82 7.21
N ASN B 867 -30.04 14.73 5.99
CA ASN B 867 -30.61 15.89 5.32
C ASN B 867 -29.60 17.04 5.28
N LYS B 868 -28.33 16.68 5.16
CA LYS B 868 -27.24 17.63 5.16
C LYS B 868 -26.55 17.63 3.81
N THR B 869 -25.91 18.75 3.51
CA THR B 869 -24.97 18.82 2.40
C THR B 869 -23.59 18.66 3.02
N LYS B 870 -22.99 17.50 2.83
CA LYS B 870 -21.69 17.22 3.42
C LYS B 870 -20.64 17.26 2.32
N ILE B 871 -19.40 17.02 2.74
CA ILE B 871 -18.25 17.43 1.96
C ILE B 871 -17.11 16.46 2.22
N LYS B 872 -16.36 16.15 1.18
CA LYS B 872 -15.06 15.53 1.33
C LYS B 872 -14.01 16.63 1.17
N THR B 873 -12.94 16.53 1.95
CA THR B 873 -11.92 17.56 1.93
C THR B 873 -10.56 16.95 1.58
N TYR B 874 -9.66 17.81 1.16
CA TYR B 874 -8.36 17.37 0.69
C TYR B 874 -7.46 17.09 1.88
N HIS B 875 -7.04 15.83 2.01
CA HIS B 875 -6.34 15.39 3.20
C HIS B 875 -4.88 15.81 3.19
N SER B 876 -4.20 15.63 2.08
CA SER B 876 -2.76 15.85 2.04
C SER B 876 -2.45 17.30 2.38
N SER B 877 -1.34 17.49 3.08
CA SER B 877 -0.87 18.83 3.38
C SER B 877 -0.27 19.53 2.19
N GLU B 878 0.20 18.77 1.21
CA GLU B 878 0.85 19.35 0.05
C GLU B 878 -0.21 19.79 -0.95
N PRO B 879 -0.22 21.06 -1.34
CA PRO B 879 -1.28 21.54 -2.21
C PRO B 879 -1.19 20.90 -3.57
N ALA B 880 -2.33 20.45 -4.07
CA ALA B 880 -2.39 19.75 -5.33
C ALA B 880 -3.30 20.52 -6.26
N TYR B 881 -3.42 20.00 -7.47
CA TYR B 881 -4.30 20.54 -8.49
C TYR B 881 -5.32 19.49 -8.84
N ILE B 882 -6.43 19.93 -9.40
CA ILE B 882 -7.44 19.02 -9.88
C ILE B 882 -7.09 18.68 -11.31
N GLU B 883 -6.67 17.44 -11.52
CA GLU B 883 -6.16 17.06 -12.82
C GLU B 883 -7.30 16.55 -13.68
N GLU B 884 -7.89 15.44 -13.28
CA GLU B 884 -9.03 14.89 -13.98
C GLU B 884 -10.11 14.48 -13.00
N VAL B 885 -11.33 14.49 -13.48
CA VAL B 885 -12.50 14.06 -12.73
C VAL B 885 -13.23 13.06 -13.61
N ASN B 886 -13.49 11.88 -13.09
CA ASN B 886 -14.07 10.83 -13.91
C ASN B 886 -15.40 10.39 -13.35
N LEU B 887 -16.46 10.68 -14.08
CA LEU B 887 -17.79 10.24 -13.72
C LEU B 887 -17.90 8.79 -14.14
N ILE B 888 -18.14 7.91 -13.18
CA ILE B 888 -18.16 6.49 -13.43
C ILE B 888 -19.55 5.97 -13.16
N GLY B 889 -20.27 5.61 -14.21
CA GLY B 889 -21.51 4.90 -14.05
C GLY B 889 -21.26 3.44 -13.81
N ASP B 890 -22.35 2.68 -13.68
CA ASP B 890 -22.23 1.26 -13.38
C ASP B 890 -23.10 0.45 -14.33
N GLU B 891 -22.77 -0.83 -14.43
CA GLU B 891 -23.52 -1.80 -15.22
C GLU B 891 -24.81 -2.10 -14.48
N SER B 892 -25.49 -3.18 -14.87
CA SER B 892 -26.85 -3.49 -14.44
C SER B 892 -27.81 -2.40 -14.94
N ASN B 893 -27.90 -2.36 -16.27
CA ASN B 893 -28.90 -1.66 -17.08
C ASN B 893 -29.32 -0.33 -16.46
N LYS B 894 -28.38 0.60 -16.40
CA LYS B 894 -28.59 1.98 -15.97
C LYS B 894 -29.40 2.10 -14.70
N PHE B 895 -30.33 3.06 -14.68
CA PHE B 895 -31.22 3.44 -13.57
C PHE B 895 -30.40 3.89 -12.37
N GLN B 896 -29.08 3.73 -12.44
CA GLN B 896 -28.19 4.02 -11.33
C GLN B 896 -27.53 5.37 -11.61
N GLU B 897 -27.70 6.32 -10.70
CA GLU B 897 -27.09 7.63 -10.86
C GLU B 897 -25.62 7.53 -10.50
N LEU B 898 -24.95 8.67 -10.41
CA LEU B 898 -23.50 8.66 -10.21
C LEU B 898 -23.23 8.34 -8.75
N GLN B 899 -22.62 7.19 -8.50
CA GLN B 899 -22.21 6.83 -7.16
C GLN B 899 -20.72 6.91 -6.90
N THR B 900 -19.90 7.15 -7.92
CA THR B 900 -18.47 7.05 -7.71
C THR B 900 -17.73 7.95 -8.70
N VAL B 901 -16.68 8.59 -8.20
CA VAL B 901 -15.81 9.41 -9.03
C VAL B 901 -14.37 9.13 -8.64
N SER B 902 -13.51 9.07 -9.64
CA SER B 902 -12.07 9.02 -9.41
C SER B 902 -11.51 10.37 -9.78
N ILE B 903 -10.49 10.82 -9.06
CA ILE B 903 -9.92 12.14 -9.29
C ILE B 903 -8.41 12.05 -9.30
N LYS B 904 -7.82 12.45 -10.42
CA LYS B 904 -6.39 12.70 -10.49
C LYS B 904 -6.09 14.02 -9.81
N TYR B 905 -5.12 14.01 -8.92
CA TYR B 905 -4.53 15.25 -8.44
C TYR B 905 -3.20 15.42 -9.14
N ARG B 906 -2.92 16.63 -9.56
CA ARG B 906 -1.60 16.97 -10.06
C ARG B 906 -0.87 17.64 -8.93
N ILE B 907 0.39 17.26 -8.73
CA ILE B 907 1.22 17.81 -7.67
C ILE B 907 2.52 18.27 -8.26
N ARG B 908 2.82 19.55 -8.10
CA ARG B 908 4.08 20.06 -8.61
C ARG B 908 5.22 19.47 -7.83
N ARG B 909 6.24 19.03 -8.54
CA ARG B 909 7.47 18.54 -7.94
C ARG B 909 8.60 19.34 -8.53
N THR B 910 9.33 20.02 -7.71
CA THR B 910 10.50 20.68 -8.24
C THR B 910 11.69 20.06 -7.54
N PRO B 911 12.92 20.38 -7.94
CA PRO B 911 14.08 19.80 -7.27
C PRO B 911 14.36 20.51 -5.96
N GLN B 912 13.55 20.20 -4.95
CA GLN B 912 13.73 20.76 -3.63
C GLN B 912 15.01 20.23 -3.02
N ILE B 913 15.53 20.97 -2.05
CA ILE B 913 16.71 20.52 -1.32
C ILE B 913 16.34 19.24 -0.59
N GLY B 914 17.17 18.22 -0.72
CA GLY B 914 16.85 16.95 -0.14
C GLY B 914 16.42 15.92 -1.17
N ASP B 915 16.46 16.30 -2.44
CA ASP B 915 16.01 15.39 -3.48
C ASP B 915 17.16 14.58 -4.04
N LYS B 916 17.08 13.26 -3.90
CA LYS B 916 18.11 12.38 -4.42
C LYS B 916 18.16 12.48 -5.93
N PHE B 917 19.34 12.75 -6.46
CA PHE B 917 19.60 12.51 -7.87
C PHE B 917 20.64 11.42 -8.04
N SER B 918 20.86 11.06 -9.29
CA SER B 918 21.89 10.10 -9.61
C SER B 918 22.28 10.23 -11.05
N SER B 919 23.50 9.80 -11.34
CA SER B 919 23.95 9.58 -12.70
C SER B 919 23.53 8.20 -13.11
N ARG B 920 23.94 7.80 -14.29
CA ARG B 920 23.75 6.41 -14.66
C ARG B 920 24.84 5.52 -14.09
N HIS B 921 25.80 6.08 -13.37
CA HIS B 921 26.92 5.31 -12.87
C HIS B 921 26.75 4.89 -11.42
N GLY B 922 25.61 5.17 -10.82
CA GLY B 922 25.39 4.74 -9.46
C GLY B 922 25.85 5.74 -8.42
N GLN B 923 26.08 6.98 -8.81
CA GLN B 923 26.42 8.03 -7.86
C GLN B 923 25.11 8.62 -7.42
N LYS B 924 24.72 8.36 -6.19
CA LYS B 924 23.48 8.90 -5.67
C LYS B 924 23.83 9.99 -4.69
N GLY B 925 23.14 11.11 -4.79
CA GLY B 925 23.37 12.16 -3.83
C GLY B 925 22.14 13.01 -3.65
N VAL B 926 22.04 13.58 -2.47
CA VAL B 926 21.02 14.54 -2.12
C VAL B 926 21.44 15.88 -2.67
N CYS B 927 20.51 16.60 -3.28
CA CYS B 927 20.77 17.98 -3.58
C CYS B 927 21.08 18.72 -2.29
N SER B 928 22.23 19.37 -2.26
CA SER B 928 22.69 20.02 -1.04
C SER B 928 22.10 21.42 -0.92
N ARG B 929 22.40 22.29 -1.89
CA ARG B 929 21.71 23.55 -1.98
C ARG B 929 21.54 23.94 -3.44
N LYS B 930 20.40 24.54 -3.77
CA LYS B 930 20.29 25.27 -5.03
C LYS B 930 21.28 26.42 -4.98
N TRP B 931 22.12 26.47 -5.92
CA TRP B 931 23.23 27.36 -5.66
C TRP B 931 23.12 28.60 -6.52
N PRO B 932 23.18 29.79 -5.93
CA PRO B 932 23.02 31.01 -6.73
C PRO B 932 23.97 30.99 -7.91
N THR B 933 23.41 31.21 -9.09
CA THR B 933 24.17 30.92 -10.30
C THR B 933 25.42 31.77 -10.40
N ILE B 934 25.36 33.01 -9.94
CA ILE B 934 26.55 33.84 -10.00
C ILE B 934 27.65 33.26 -9.15
N ASP B 935 27.29 32.55 -8.09
CA ASP B 935 28.31 31.96 -7.25
C ASP B 935 28.84 30.66 -7.82
N MET B 936 28.12 30.05 -8.75
CA MET B 936 28.62 28.82 -9.37
C MET B 936 29.78 29.16 -10.31
N PRO B 937 30.97 28.62 -10.03
CA PRO B 937 32.14 28.91 -10.87
C PRO B 937 31.76 28.77 -12.33
N PHE B 938 32.26 29.67 -13.14
CA PHE B 938 31.82 29.76 -14.52
C PHE B 938 32.99 29.47 -15.44
N SER B 939 32.69 28.86 -16.56
CA SER B 939 33.70 28.37 -17.47
C SER B 939 34.48 29.52 -18.07
N GLU B 940 35.64 29.17 -18.62
CA GLU B 940 36.26 30.03 -19.61
C GLU B 940 35.25 30.49 -20.64
N THR B 941 34.36 29.60 -21.03
CA THR B 941 33.33 29.89 -22.00
C THR B 941 32.20 30.73 -21.46
N GLY B 942 31.97 30.71 -20.15
CA GLY B 942 30.81 31.34 -19.58
C GLY B 942 29.68 30.41 -19.22
N ILE B 943 29.95 29.12 -19.10
CA ILE B 943 28.92 28.12 -18.85
C ILE B 943 29.00 27.72 -17.39
N GLN B 944 28.05 28.15 -16.59
CA GLN B 944 28.07 27.62 -15.25
C GLN B 944 27.53 26.19 -15.24
N PRO B 945 28.13 25.30 -14.46
CA PRO B 945 27.66 23.93 -14.41
C PRO B 945 26.22 23.86 -13.95
N ASP B 946 25.53 22.82 -14.41
CA ASP B 946 24.19 22.58 -13.93
C ASP B 946 24.24 21.91 -12.57
N ILE B 947 25.16 20.97 -12.41
CA ILE B 947 25.31 20.20 -11.19
C ILE B 947 26.78 20.20 -10.83
N ILE B 948 27.08 20.19 -9.54
CA ILE B 948 28.46 20.17 -9.09
C ILE B 948 28.66 19.00 -8.15
N ILE B 949 29.31 17.95 -8.63
CA ILE B 949 29.55 16.77 -7.82
C ILE B 949 30.96 16.77 -7.25
N ASN B 950 31.06 16.57 -5.94
CA ASN B 950 32.35 16.55 -5.26
C ASN B 950 33.31 15.58 -5.92
N PRO B 951 34.55 16.03 -6.12
CA PRO B 951 35.57 15.20 -6.75
C PRO B 951 36.11 14.13 -5.80
N HIS B 952 35.87 14.31 -4.51
CA HIS B 952 36.33 13.36 -3.49
C HIS B 952 35.49 12.09 -3.51
N ALA B 953 34.24 12.22 -3.95
CA ALA B 953 33.33 11.08 -4.01
C ALA B 953 33.62 10.20 -5.22
N PHE B 954 34.81 9.61 -5.25
CA PHE B 954 35.21 8.74 -6.35
C PHE B 954 36.12 7.64 -5.86
N PRO B 955 37.42 7.87 -5.91
CA PRO B 955 38.32 6.79 -5.46
C PRO B 955 37.64 5.81 -4.54
N SER B 956 36.78 6.25 -3.65
CA SER B 956 36.10 5.27 -2.82
C SER B 956 35.08 4.48 -3.62
N ARG B 957 34.31 5.15 -4.46
CA ARG B 957 33.29 4.44 -5.22
C ARG B 957 33.82 3.86 -6.52
N MET B 958 35.02 4.24 -6.94
CA MET B 958 35.70 3.54 -8.03
C MET B 958 34.88 3.58 -9.31
N THR B 959 34.19 4.67 -9.56
CA THR B 959 33.37 4.77 -10.77
C THR B 959 34.16 5.58 -11.76
N ILE B 960 34.78 4.90 -12.72
CA ILE B 960 35.47 5.61 -13.78
C ILE B 960 34.54 6.02 -14.89
N GLY B 961 33.58 5.16 -15.25
CA GLY B 961 32.73 5.44 -16.38
C GLY B 961 32.12 6.81 -16.34
N MET B 962 31.94 7.36 -15.15
CA MET B 962 31.37 8.70 -15.07
C MET B 962 32.36 9.73 -15.60
N PHE B 963 33.63 9.63 -15.23
CA PHE B 963 34.63 10.48 -15.85
C PHE B 963 34.60 10.31 -17.35
N VAL B 964 34.61 9.07 -17.82
CA VAL B 964 34.57 8.83 -19.25
C VAL B 964 33.34 9.44 -19.86
N GLU B 965 32.16 9.13 -19.33
CA GLU B 965 30.95 9.77 -19.80
C GLU B 965 31.08 11.28 -19.81
N SER B 966 31.65 11.85 -18.75
CA SER B 966 31.86 13.29 -18.71
C SER B 966 32.59 13.77 -19.94
N LEU B 967 33.64 13.05 -20.35
CA LEU B 967 34.28 13.36 -21.62
C LEU B 967 33.29 13.23 -22.76
N ALA B 968 32.90 12.01 -23.07
CA ALA B 968 32.11 11.72 -24.25
C ALA B 968 30.88 12.61 -24.33
N GLY B 969 30.19 12.78 -23.21
CA GLY B 969 29.03 13.64 -23.19
C GLY B 969 29.37 14.99 -23.76
N LYS B 970 30.42 15.62 -23.21
CA LYS B 970 30.90 16.86 -23.81
C LYS B 970 31.29 16.65 -25.25
N ALA B 971 32.10 15.62 -25.50
CA ALA B 971 32.57 15.35 -26.86
C ALA B 971 31.43 15.29 -27.85
N GLY B 972 30.36 14.59 -27.52
CA GLY B 972 29.22 14.53 -28.40
C GLY B 972 28.61 15.90 -28.60
N ALA B 973 28.28 16.57 -27.49
CA ALA B 973 27.55 17.83 -27.58
C ALA B 973 28.29 18.84 -28.44
N LEU B 974 29.61 18.73 -28.52
CA LEU B 974 30.35 19.64 -29.37
C LEU B 974 30.13 19.30 -30.82
N HIS B 975 30.57 18.12 -31.23
CA HIS B 975 30.49 17.74 -32.63
C HIS B 975 29.06 17.46 -33.05
N GLY B 976 28.13 17.43 -32.11
CA GLY B 976 26.80 16.95 -32.38
C GLY B 976 26.77 15.52 -32.83
N ILE B 977 27.35 14.60 -32.07
CA ILE B 977 27.29 13.21 -32.47
C ILE B 977 27.20 12.31 -31.25
N ALA B 978 26.31 11.33 -31.34
CA ALA B 978 26.03 10.42 -30.24
C ALA B 978 27.25 9.53 -30.01
N GLN B 979 27.44 9.09 -28.77
CA GLN B 979 28.64 8.36 -28.42
C GLN B 979 28.26 7.02 -27.80
N ASP B 980 28.63 5.94 -28.47
CA ASP B 980 28.25 4.61 -28.05
C ASP B 980 29.00 4.23 -26.79
N SER B 981 28.26 3.94 -25.74
CA SER B 981 28.82 3.52 -24.46
C SER B 981 28.80 2.02 -24.27
N THR B 982 28.41 1.27 -25.27
CA THR B 982 28.26 -0.16 -25.11
C THR B 982 29.50 -0.77 -24.47
N PRO B 983 29.34 -1.59 -23.46
CA PRO B 983 30.52 -2.13 -22.76
C PRO B 983 31.37 -2.99 -23.66
N TRP B 984 32.66 -2.99 -23.37
CA TRP B 984 33.65 -3.81 -24.05
C TRP B 984 33.72 -3.49 -25.55
N ILE B 985 33.50 -2.22 -25.90
CA ILE B 985 33.89 -1.76 -27.22
C ILE B 985 35.29 -1.18 -27.22
N PHE B 986 35.90 -1.03 -26.07
CA PHE B 986 37.28 -0.58 -25.93
C PHE B 986 38.13 -1.69 -25.38
N ASN B 987 39.39 -1.38 -25.14
CA ASN B 987 40.34 -2.34 -24.58
C ASN B 987 41.48 -1.56 -23.95
N GLU B 988 42.42 -2.28 -23.35
CA GLU B 988 43.59 -1.60 -22.84
C GLU B 988 44.41 -0.98 -23.94
N ASP B 989 44.25 -1.45 -25.17
CA ASP B 989 45.00 -0.87 -26.28
C ASP B 989 44.37 0.44 -26.73
N ASP B 990 43.06 0.47 -26.82
CA ASP B 990 42.32 1.68 -27.15
C ASP B 990 41.48 2.08 -25.94
N THR B 991 41.90 3.10 -25.26
CA THR B 991 41.09 3.57 -24.16
C THR B 991 40.15 4.67 -24.64
N PRO B 992 39.02 4.83 -23.97
CA PRO B 992 38.15 5.96 -24.29
C PRO B 992 38.81 7.29 -24.00
N ALA B 993 39.57 7.36 -22.91
CA ALA B 993 40.28 8.59 -22.60
C ALA B 993 41.08 9.04 -23.80
N ASP B 994 41.92 8.16 -24.32
CA ASP B 994 42.61 8.47 -25.56
C ASP B 994 41.62 8.74 -26.67
N TYR B 995 40.53 7.99 -26.71
CA TYR B 995 39.59 8.14 -27.81
C TYR B 995 38.88 9.49 -27.75
N PHE B 996 38.17 9.77 -26.66
CA PHE B 996 37.33 10.95 -26.68
C PHE B 996 38.15 12.22 -26.61
N GLY B 997 39.10 12.30 -25.68
CA GLY B 997 39.94 13.48 -25.61
C GLY B 997 40.50 13.85 -26.96
N GLU B 998 40.89 12.85 -27.75
CA GLU B 998 41.27 13.09 -29.12
C GLU B 998 40.24 13.92 -29.84
N GLN B 999 38.96 13.61 -29.65
CA GLN B 999 37.92 14.41 -30.27
C GLN B 999 37.89 15.80 -29.67
N LEU B 1000 37.87 15.90 -28.34
CA LEU B 1000 37.93 17.19 -27.69
C LEU B 1000 39.07 18.05 -28.19
N ALA B 1001 40.26 17.47 -28.32
CA ALA B 1001 41.35 18.21 -28.91
C ALA B 1001 40.96 18.75 -30.28
N LYS B 1002 40.47 17.88 -31.15
CA LYS B 1002 40.02 18.34 -32.45
C LYS B 1002 38.86 19.30 -32.35
N ALA B 1003 38.19 19.35 -31.21
CA ALA B 1003 37.15 20.33 -30.99
C ALA B 1003 37.69 21.62 -30.42
N GLY B 1004 38.96 21.64 -30.05
CA GLY B 1004 39.54 22.77 -29.38
C GLY B 1004 39.22 22.86 -27.91
N TYR B 1005 39.25 21.74 -27.21
CA TYR B 1005 39.25 21.75 -25.75
C TYR B 1005 40.43 20.96 -25.22
N ASN B 1006 40.55 20.94 -23.90
CA ASN B 1006 41.62 20.21 -23.26
C ASN B 1006 41.44 18.74 -23.57
N TYR B 1007 42.50 18.13 -24.09
CA TYR B 1007 42.47 16.71 -24.39
C TYR B 1007 42.08 15.87 -23.20
N HIS B 1008 42.26 16.40 -22.00
CA HIS B 1008 41.83 15.71 -20.79
C HIS B 1008 40.47 16.17 -20.32
N GLY B 1009 39.84 17.09 -21.03
CA GLY B 1009 38.53 17.56 -20.66
C GLY B 1009 38.53 18.57 -19.53
N ASN B 1010 39.65 18.75 -18.85
CA ASN B 1010 39.70 19.76 -17.81
C ASN B 1010 39.46 21.12 -18.42
N GLU B 1011 38.98 22.04 -17.60
CA GLU B 1011 38.69 23.33 -18.17
C GLU B 1011 39.14 24.47 -17.28
N PRO B 1012 39.63 25.55 -17.87
CA PRO B 1012 39.89 26.76 -17.10
C PRO B 1012 38.59 27.31 -16.59
N MET B 1013 38.53 27.60 -15.30
CA MET B 1013 37.36 28.25 -14.75
C MET B 1013 37.76 29.26 -13.70
N TYR B 1014 36.77 29.96 -13.20
CA TYR B 1014 36.97 31.10 -12.32
C TYR B 1014 35.99 30.98 -11.17
N SER B 1015 36.47 31.16 -9.95
CA SER B 1015 35.58 31.10 -8.82
C SER B 1015 34.50 32.16 -8.94
N GLY B 1016 33.25 31.73 -8.87
CA GLY B 1016 32.15 32.65 -9.09
C GLY B 1016 32.10 33.73 -8.05
N ALA B 1017 32.65 33.46 -6.87
CA ALA B 1017 32.68 34.46 -5.81
C ALA B 1017 33.83 35.43 -6.03
N THR B 1018 35.06 34.93 -5.93
CA THR B 1018 36.22 35.81 -6.05
C THR B 1018 36.36 36.38 -7.45
N GLY B 1019 36.06 35.59 -8.46
CA GLY B 1019 36.34 35.96 -9.81
C GLY B 1019 37.71 35.56 -10.28
N GLU B 1020 38.63 35.31 -9.35
CA GLU B 1020 39.94 34.84 -9.74
C GLU B 1020 39.86 33.44 -10.31
N GLU B 1021 40.87 33.08 -11.07
CA GLU B 1021 40.93 31.76 -11.66
C GLU B 1021 41.18 30.72 -10.59
N LEU B 1022 40.56 29.56 -10.75
CA LEU B 1022 40.83 28.50 -9.82
C LEU B 1022 42.27 28.04 -9.99
N ARG B 1023 42.78 27.37 -8.95
CA ARG B 1023 44.18 26.96 -8.95
C ARG B 1023 44.54 26.24 -10.23
N ALA B 1024 43.71 25.32 -10.67
CA ALA B 1024 43.99 24.53 -11.85
C ALA B 1024 42.73 24.33 -12.67
N ASP B 1025 42.92 23.87 -13.90
CA ASP B 1025 41.78 23.51 -14.72
C ASP B 1025 40.96 22.45 -13.99
N ILE B 1026 39.65 22.57 -14.07
CA ILE B 1026 38.79 21.63 -13.37
C ILE B 1026 38.00 20.87 -14.42
N TYR B 1027 37.53 19.70 -14.04
CA TYR B 1027 37.09 18.70 -15.00
C TYR B 1027 35.59 18.81 -15.18
N VAL B 1028 35.18 19.26 -16.36
CA VAL B 1028 33.77 19.49 -16.65
C VAL B 1028 33.36 18.56 -17.77
N GLY B 1029 32.11 18.11 -17.73
CA GLY B 1029 31.56 17.32 -18.79
C GLY B 1029 30.06 17.32 -18.74
N VAL B 1030 29.46 16.60 -19.67
CA VAL B 1030 28.02 16.55 -19.80
C VAL B 1030 27.60 15.15 -19.46
N VAL B 1031 26.96 14.98 -18.32
CA VAL B 1031 26.58 13.67 -17.83
C VAL B 1031 25.07 13.60 -17.69
N TYR B 1032 24.51 12.48 -18.12
CA TYR B 1032 23.08 12.24 -18.08
C TYR B 1032 22.69 11.91 -16.65
N TYR B 1033 21.71 12.63 -16.12
CA TYR B 1033 21.29 12.47 -14.74
C TYR B 1033 19.87 11.98 -14.64
N GLN B 1034 19.57 11.43 -13.49
CA GLN B 1034 18.27 10.84 -13.22
C GLN B 1034 17.74 11.41 -11.90
N ARG B 1035 16.63 12.14 -11.97
CA ARG B 1035 15.98 12.52 -10.74
C ARG B 1035 15.20 11.33 -10.22
N LEU B 1036 15.36 11.05 -8.94
CA LEU B 1036 14.75 9.87 -8.37
C LEU B 1036 13.40 10.22 -7.76
N ARG B 1037 12.83 9.21 -7.12
CA ARG B 1037 11.77 9.36 -6.14
C ARG B 1037 12.42 9.80 -4.85
N HIS B 1038 11.72 9.63 -3.74
CA HIS B 1038 12.29 9.86 -2.42
C HIS B 1038 12.55 11.33 -2.18
N MET B 1039 11.79 12.17 -2.85
CA MET B 1039 11.82 13.59 -2.58
C MET B 1039 11.53 13.83 -1.11
N VAL B 1040 12.23 14.81 -0.53
CA VAL B 1040 12.11 15.04 0.90
C VAL B 1040 10.67 15.34 1.30
N ASN B 1041 9.92 16.03 0.43
CA ASN B 1041 8.53 16.34 0.76
C ASN B 1041 7.76 15.10 1.12
N ASP B 1042 8.16 13.96 0.57
CA ASP B 1042 7.51 12.72 0.93
C ASP B 1042 7.91 12.27 2.32
N LYS B 1043 9.12 12.57 2.74
CA LYS B 1043 9.68 12.02 3.96
C LYS B 1043 10.05 13.15 4.91
N PHE B 1044 9.24 13.34 5.95
CA PHE B 1044 9.59 14.05 7.17
C PHE B 1044 8.32 14.21 8.01
N GLN B 1045 8.46 14.45 9.30
CA GLN B 1045 7.31 14.84 10.09
C GLN B 1045 7.79 15.38 11.42
N VAL B 1046 6.85 15.87 12.21
CA VAL B 1046 7.18 16.57 13.43
C VAL B 1046 6.03 16.45 14.43
N ARG B 1047 6.38 16.36 15.71
CA ARG B 1047 5.50 16.75 16.81
C ARG B 1047 4.09 16.19 16.66
N SER B 1048 3.90 14.90 16.97
CA SER B 1048 2.57 14.32 16.79
C SER B 1048 1.83 14.28 18.12
N THR B 1049 0.91 15.23 18.24
CA THR B 1049 -0.06 15.33 19.31
C THR B 1049 -1.23 14.42 19.05
N GLY B 1050 -1.76 14.53 17.84
CA GLY B 1050 -3.08 14.05 17.52
C GLY B 1050 -3.37 12.60 17.89
N PRO B 1051 -2.56 11.68 17.42
CA PRO B 1051 -3.01 10.29 17.42
C PRO B 1051 -3.28 9.70 18.79
N VAL B 1052 -2.32 9.84 19.72
CA VAL B 1052 -2.45 9.38 21.10
C VAL B 1052 -3.18 8.04 21.15
N ASN B 1053 -2.50 6.98 20.74
CA ASN B 1053 -3.13 5.67 20.63
C ASN B 1053 -3.91 5.30 21.89
N SER B 1054 -5.09 4.73 21.68
CA SER B 1054 -6.07 4.63 22.75
C SER B 1054 -5.58 3.73 23.88
N LEU B 1055 -4.86 2.66 23.55
CA LEU B 1055 -4.40 1.75 24.58
C LEU B 1055 -3.32 2.40 25.43
N THR B 1056 -2.28 2.92 24.79
CA THR B 1056 -1.12 3.38 25.52
C THR B 1056 -1.13 4.88 25.78
N MET B 1057 -2.10 5.60 25.23
CA MET B 1057 -2.09 7.06 25.28
C MET B 1057 -0.75 7.60 24.79
N GLN B 1058 -0.31 7.09 23.65
CA GLN B 1058 0.95 7.45 23.04
C GLN B 1058 0.71 7.73 21.57
N PRO B 1059 1.58 8.55 20.97
CA PRO B 1059 1.45 8.91 19.55
C PRO B 1059 1.41 7.68 18.65
N VAL B 1060 1.71 7.89 17.38
CA VAL B 1060 1.70 6.82 16.38
C VAL B 1060 2.55 7.21 15.17
N LYS B 1061 2.80 6.25 14.28
CA LYS B 1061 3.59 6.50 13.09
C LYS B 1061 3.19 7.81 12.42
N GLY B 1062 4.16 8.51 11.86
CA GLY B 1062 3.92 9.77 11.20
C GLY B 1062 3.13 9.61 9.91
N ARG B 1063 3.76 9.00 8.91
CA ARG B 1063 3.14 8.77 7.60
C ARG B 1063 2.49 10.03 7.04
N LYS B 1064 1.19 10.16 7.25
CA LYS B 1064 0.44 11.31 6.76
C LYS B 1064 -0.82 11.56 7.57
N ARG B 1065 -0.82 11.07 8.81
CA ARG B 1065 -1.95 11.23 9.70
C ARG B 1065 -1.58 12.03 10.95
N HIS B 1066 -0.30 12.33 11.08
CA HIS B 1066 0.21 13.09 12.23
C HIS B 1066 0.58 12.19 13.40
N GLY B 1067 1.61 11.36 13.19
CA GLY B 1067 2.07 10.45 14.22
C GLY B 1067 3.16 11.07 15.08
N GLY B 1068 4.34 10.45 15.06
CA GLY B 1068 5.47 10.94 15.84
C GLY B 1068 6.77 10.27 15.46
N ILE B 1069 7.55 9.90 16.48
CA ILE B 1069 8.83 9.26 16.26
C ILE B 1069 9.02 8.23 17.36
N ARG B 1070 9.29 7.00 16.96
CA ARG B 1070 9.57 5.95 17.93
C ARG B 1070 10.97 6.18 18.46
N VAL B 1071 11.17 5.90 19.75
CA VAL B 1071 12.49 5.96 20.33
C VAL B 1071 13.13 4.58 20.23
N GLY B 1072 12.89 3.73 21.21
CA GLY B 1072 13.40 2.38 21.16
C GLY B 1072 14.59 2.16 22.07
N GLU B 1073 14.93 0.88 22.25
CA GLU B 1073 15.92 0.52 23.25
C GLU B 1073 17.30 1.04 22.91
N MET B 1074 17.80 0.72 21.71
CA MET B 1074 19.13 1.18 21.35
C MET B 1074 19.24 2.68 21.50
N GLU B 1075 18.13 3.38 21.31
CA GLU B 1075 18.11 4.82 21.57
C GLU B 1075 17.97 5.09 23.05
N ARG B 1076 17.11 4.34 23.73
CA ARG B 1076 17.06 4.40 25.18
C ARG B 1076 18.42 4.17 25.80
N ASP B 1077 19.08 3.08 25.45
CA ASP B 1077 20.39 2.74 25.98
C ASP B 1077 21.36 3.89 25.91
N ALA B 1078 21.42 4.59 24.77
CA ALA B 1078 22.30 5.73 24.65
C ALA B 1078 22.06 6.75 25.74
N LEU B 1079 20.81 7.19 25.89
CA LEU B 1079 20.45 8.15 26.92
C LEU B 1079 21.16 7.76 28.20
N ILE B 1080 20.94 6.53 28.64
CA ILE B 1080 21.60 6.04 29.84
C ILE B 1080 23.11 6.18 29.68
N GLY B 1081 23.63 5.68 28.57
CA GLY B 1081 25.04 5.76 28.30
C GLY B 1081 25.47 7.09 27.73
N HIS B 1082 24.60 7.69 26.92
CA HIS B 1082 24.89 8.98 26.31
C HIS B 1082 25.26 10.02 27.36
N GLY B 1083 24.46 10.10 28.42
CA GLY B 1083 24.71 11.05 29.49
C GLY B 1083 23.50 11.93 29.77
N THR B 1084 22.75 12.25 28.72
CA THR B 1084 21.57 13.09 28.86
C THR B 1084 20.39 12.31 29.45
N SER B 1085 20.61 11.91 30.70
CA SER B 1085 19.72 11.04 31.49
C SER B 1085 18.45 11.63 32.05
N PHE B 1086 18.55 12.79 32.68
CA PHE B 1086 17.36 13.43 33.19
C PHE B 1086 16.57 13.73 31.92
N LEU B 1087 17.21 14.45 31.01
CA LEU B 1087 16.60 14.81 29.74
C LEU B 1087 16.05 13.57 29.06
N LEU B 1088 16.91 12.60 28.82
CA LEU B 1088 16.51 11.35 28.17
C LEU B 1088 15.22 10.79 28.76
N GLN B 1089 15.24 10.53 30.06
CA GLN B 1089 14.08 9.97 30.75
C GLN B 1089 12.84 10.84 30.57
N ASP B 1090 12.96 12.13 30.85
CA ASP B 1090 11.86 13.06 30.73
C ASP B 1090 11.27 12.97 29.35
N ARG B 1091 12.12 13.08 28.34
CA ARG B 1091 11.69 13.00 26.95
C ARG B 1091 10.86 11.74 26.72
N LEU B 1092 11.44 10.59 27.07
CA LEU B 1092 10.72 9.33 26.90
C LEU B 1092 9.35 9.38 27.54
N LEU B 1093 9.30 9.70 28.83
CA LEU B 1093 8.04 9.76 29.55
C LEU B 1093 7.01 10.67 28.89
N ASN B 1094 7.40 11.88 28.56
CA ASN B 1094 6.47 12.84 27.98
C ASN B 1094 6.05 12.53 26.55
N SER B 1095 6.92 11.85 25.81
CA SER B 1095 6.60 11.46 24.44
C SER B 1095 6.00 10.05 24.40
N SER B 1096 5.72 9.46 25.55
CA SER B 1096 5.14 8.13 25.56
C SER B 1096 3.95 7.98 26.50
N ASP B 1097 3.58 9.00 27.25
CA ASP B 1097 2.42 8.76 28.10
C ASP B 1097 2.79 9.10 29.53
N TYR B 1098 2.27 10.20 30.00
CA TYR B 1098 2.48 10.60 31.38
C TYR B 1098 1.20 11.20 31.86
N THR B 1099 0.61 10.68 32.92
CA THR B 1099 -0.48 11.49 33.39
C THR B 1099 -0.32 11.85 34.84
N GLN B 1100 -0.95 11.04 35.68
CA GLN B 1100 -0.83 10.94 37.12
C GLN B 1100 -2.08 10.16 37.48
N ALA B 1101 -2.14 9.53 38.63
CA ALA B 1101 -3.29 8.67 38.84
C ALA B 1101 -3.57 8.45 40.31
N SER B 1102 -4.81 8.10 40.62
CA SER B 1102 -5.12 7.78 42.00
C SER B 1102 -4.69 6.35 42.31
N VAL B 1103 -4.06 6.15 43.45
CA VAL B 1103 -3.71 4.84 43.94
C VAL B 1103 -4.14 4.75 45.39
N CYS B 1104 -4.62 3.58 45.78
CA CYS B 1104 -4.98 3.42 47.17
C CYS B 1104 -3.69 3.22 47.95
N ARG B 1105 -3.38 4.13 48.87
CA ARG B 1105 -2.20 3.92 49.69
C ARG B 1105 -2.44 2.78 50.66
N GLU B 1106 -3.68 2.29 50.70
CA GLU B 1106 -3.98 1.10 51.48
C GLU B 1106 -4.02 -0.13 50.57
N CYS B 1107 -4.98 -0.19 49.64
CA CYS B 1107 -5.08 -1.37 48.79
C CYS B 1107 -3.98 -1.42 47.75
N GLY B 1108 -3.16 -0.38 47.66
CA GLY B 1108 -1.97 -0.42 46.82
C GLY B 1108 -2.25 -0.73 45.37
N SER B 1109 -3.31 -0.16 44.81
CA SER B 1109 -3.67 -0.46 43.44
C SER B 1109 -4.00 0.81 42.69
N ILE B 1110 -3.71 0.80 41.39
CA ILE B 1110 -4.14 1.89 40.52
C ILE B 1110 -5.57 1.72 40.05
N LEU B 1111 -6.02 0.50 39.81
CA LEU B 1111 -7.27 0.29 39.09
C LEU B 1111 -8.49 0.44 39.98
N THR B 1112 -8.43 -0.06 41.20
CA THR B 1112 -9.61 -0.08 42.05
C THR B 1112 -10.11 1.30 42.41
N THR B 1113 -9.36 2.35 42.08
CA THR B 1113 -9.79 3.69 42.42
C THR B 1113 -10.85 4.19 41.45
N GLN B 1114 -11.72 5.06 41.94
CA GLN B 1114 -12.73 5.67 41.09
C GLN B 1114 -13.19 6.96 41.76
N GLN B 1115 -13.88 7.79 40.98
CA GLN B 1115 -14.54 8.95 41.53
C GLN B 1115 -15.73 8.54 42.40
N SER B 1116 -16.13 9.46 43.26
CA SER B 1116 -17.36 9.32 44.03
C SER B 1116 -18.44 10.14 43.34
N VAL B 1117 -19.66 9.61 43.33
CA VAL B 1117 -20.80 10.39 42.85
C VAL B 1117 -21.34 11.13 44.06
N PRO B 1118 -21.18 12.45 44.13
CA PRO B 1118 -21.44 13.17 45.37
C PRO B 1118 -22.89 13.63 45.47
N ARG B 1119 -23.21 14.18 46.64
CA ARG B 1119 -24.46 14.88 46.85
C ARG B 1119 -24.37 16.32 46.39
N ILE B 1120 -25.54 16.89 46.08
CA ILE B 1120 -25.65 18.35 46.08
C ILE B 1120 -25.18 18.86 47.43
N GLY B 1121 -24.38 19.92 47.40
CA GLY B 1121 -23.71 20.41 48.58
C GLY B 1121 -22.43 19.66 48.91
N SER B 1122 -22.03 18.72 48.07
CA SER B 1122 -20.84 17.91 48.32
C SER B 1122 -20.05 17.76 47.03
N ILE B 1123 -18.72 17.88 47.13
CA ILE B 1123 -17.86 17.68 45.97
C ILE B 1123 -17.56 16.20 45.80
N SER B 1124 -17.40 15.78 44.56
CA SER B 1124 -16.96 14.42 44.29
C SER B 1124 -15.54 14.23 44.79
N THR B 1125 -15.16 12.96 44.97
CA THR B 1125 -13.82 12.65 45.42
C THR B 1125 -13.46 11.24 44.99
N VAL B 1126 -12.19 10.92 45.06
CA VAL B 1126 -11.73 9.61 44.66
C VAL B 1126 -11.78 8.66 45.86
N CYS B 1127 -12.16 7.42 45.60
CA CYS B 1127 -12.10 6.39 46.61
C CYS B 1127 -11.68 5.08 45.98
N CYS B 1128 -11.10 4.20 46.78
CA CYS B 1128 -10.62 2.91 46.31
C CYS B 1128 -11.71 1.86 46.54
N ARG B 1129 -12.08 1.17 45.48
CA ARG B 1129 -13.13 0.17 45.56
C ARG B 1129 -12.78 -1.00 46.45
N ARG B 1130 -11.56 -1.55 46.31
CA ARG B 1130 -11.20 -2.72 47.11
C ARG B 1130 -11.32 -2.43 48.60
N CYS B 1131 -10.78 -1.30 49.04
CA CYS B 1131 -10.78 -0.99 50.46
C CYS B 1131 -12.09 -0.36 50.93
N SER B 1132 -13.08 -0.27 50.05
CA SER B 1132 -14.37 0.29 50.42
C SER B 1132 -15.36 -0.85 50.68
N MET B 1133 -16.26 -0.59 51.63
CA MET B 1133 -17.23 -1.59 52.05
C MET B 1133 -18.65 -1.10 51.79
N ARG B 1134 -19.56 -2.06 51.69
CA ARG B 1134 -20.98 -1.76 51.64
C ARG B 1134 -21.44 -1.15 52.97
N PHE B 1135 -22.08 0.01 52.87
CA PHE B 1135 -22.51 0.73 54.06
C PHE B 1135 -23.36 -0.11 54.99
N GLU B 1136 -24.09 -1.08 54.44
CA GLU B 1136 -24.88 -1.98 55.26
C GLU B 1136 -24.07 -2.60 56.38
N ASP B 1137 -22.79 -2.90 56.11
CA ASP B 1137 -21.98 -3.65 57.05
C ASP B 1137 -21.64 -2.85 58.30
N ALA B 1138 -21.51 -1.54 58.17
CA ALA B 1138 -21.12 -0.72 59.31
C ALA B 1138 -22.16 -0.78 60.42
N LYS B 1139 -23.41 -0.43 60.12
CA LYS B 1139 -24.45 -0.42 61.14
C LYS B 1139 -24.67 -1.79 61.76
N LYS B 1140 -24.15 -2.85 61.13
CA LYS B 1140 -24.27 -4.18 61.70
C LYS B 1140 -23.48 -4.32 63.00
N LEU B 1141 -22.43 -3.53 63.17
CA LEU B 1141 -21.59 -3.62 64.36
C LEU B 1141 -20.66 -2.43 64.48
N ILE B 1151 -21.36 3.12 69.30
CA ILE B 1151 -20.47 3.03 68.14
C ILE B 1151 -21.17 3.62 66.92
N PHE B 1152 -20.56 4.60 66.29
CA PHE B 1152 -21.18 5.31 65.17
C PHE B 1152 -20.17 5.52 64.06
N ILE B 1153 -20.68 5.70 62.84
CA ILE B 1153 -19.87 5.69 61.64
C ILE B 1153 -19.63 7.13 61.18
N ASP B 1154 -18.41 7.41 60.73
CA ASP B 1154 -18.07 8.76 60.34
C ASP B 1154 -18.85 9.19 59.10
N ASP B 1155 -19.33 10.43 59.16
CA ASP B 1155 -20.13 11.03 58.09
C ASP B 1155 -19.43 10.95 56.74
N SER B 1156 -18.14 11.29 56.71
CA SER B 1156 -17.45 11.41 55.43
C SER B 1156 -17.10 10.07 54.82
N GLN B 1157 -16.84 9.06 55.65
CA GLN B 1157 -16.42 7.76 55.15
C GLN B 1157 -17.40 7.16 54.16
N ILE B 1158 -18.67 7.50 54.25
CA ILE B 1158 -19.65 7.02 53.29
C ILE B 1158 -19.41 7.73 51.96
N TRP B 1159 -19.51 6.98 50.87
CA TRP B 1159 -19.49 7.60 49.56
C TRP B 1159 -20.26 6.72 48.60
N GLU B 1160 -20.82 7.34 47.57
CA GLU B 1160 -21.80 6.72 46.70
C GLU B 1160 -21.26 6.57 45.29
N ASP B 1161 -21.45 5.38 44.72
CA ASP B 1161 -20.98 5.08 43.38
C ASP B 1161 -21.93 5.67 42.34
N GLY B 1162 -21.74 5.29 41.08
CA GLY B 1162 -22.62 5.74 40.03
C GLY B 1162 -24.04 5.25 40.22
N GLN B 1163 -24.17 4.12 40.91
CA GLN B 1163 -25.47 3.61 41.30
C GLN B 1163 -25.91 4.10 42.67
N GLY B 1164 -25.18 5.03 43.25
CA GLY B 1164 -25.55 5.61 44.52
C GLY B 1164 -25.33 4.73 45.72
N ASN B 1165 -24.55 3.66 45.58
CA ASN B 1165 -24.39 2.73 46.67
C ASN B 1165 -23.41 3.30 47.69
N LYS B 1166 -23.90 3.49 48.91
CA LYS B 1166 -23.09 4.03 49.98
C LYS B 1166 -21.93 3.08 50.25
N PHE B 1167 -20.72 3.60 50.17
CA PHE B 1167 -19.52 2.85 50.49
C PHE B 1167 -18.77 3.51 51.63
N VAL B 1168 -18.26 2.68 52.53
CA VAL B 1168 -17.50 3.11 53.68
C VAL B 1168 -16.06 2.68 53.46
N GLY B 1169 -15.12 3.56 53.77
CA GLY B 1169 -13.71 3.26 53.61
C GLY B 1169 -13.27 3.35 52.17
N GLY B 1170 -12.05 2.87 51.94
CA GLY B 1170 -11.46 2.95 50.62
C GLY B 1170 -11.17 4.38 50.22
N ASN B 1171 -11.04 5.26 51.20
CA ASN B 1171 -10.88 6.69 50.97
C ASN B 1171 -9.42 7.11 50.93
N GLU B 1172 -8.49 6.18 51.02
CA GLU B 1172 -7.07 6.51 51.05
C GLU B 1172 -6.54 6.47 49.63
N THR B 1173 -6.21 7.63 49.09
CA THR B 1173 -5.70 7.72 47.73
C THR B 1173 -4.69 8.84 47.66
N THR B 1174 -3.79 8.73 46.69
CA THR B 1174 -2.86 9.80 46.37
C THR B 1174 -2.98 10.05 44.88
N THR B 1175 -2.09 10.89 44.36
CA THR B 1175 -1.84 10.98 42.94
C THR B 1175 -0.37 10.66 42.70
N VAL B 1176 -0.12 9.68 41.84
CA VAL B 1176 1.23 9.31 41.48
C VAL B 1176 1.37 9.39 39.97
N ALA B 1177 2.54 9.84 39.55
CA ALA B 1177 2.82 10.08 38.14
C ALA B 1177 3.39 8.82 37.53
N ILE B 1178 2.67 8.23 36.59
CA ILE B 1178 3.12 6.99 35.97
C ILE B 1178 2.94 7.11 34.47
N PRO B 1179 3.62 6.30 33.68
CA PRO B 1179 3.24 6.16 32.28
C PRO B 1179 1.86 5.54 32.21
N PHE B 1180 1.10 5.93 31.19
CA PHE B 1180 -0.26 5.42 31.11
C PHE B 1180 -0.25 3.93 30.84
N VAL B 1181 0.71 3.46 30.04
CA VAL B 1181 0.71 2.06 29.67
C VAL B 1181 0.81 1.17 30.90
N LEU B 1182 1.49 1.64 31.94
CA LEU B 1182 1.53 0.91 33.19
C LEU B 1182 0.13 0.50 33.63
N LYS B 1183 -0.81 1.43 33.52
CA LYS B 1183 -2.20 1.08 33.83
C LYS B 1183 -2.66 -0.07 32.96
N TYR B 1184 -2.63 0.11 31.64
CA TYR B 1184 -2.96 -0.96 30.73
C TYR B 1184 -2.26 -2.26 31.08
N LEU B 1185 -0.97 -2.18 31.43
CA LEU B 1185 -0.27 -3.37 31.84
C LEU B 1185 -0.95 -4.07 33.01
N ASP B 1186 -1.20 -3.34 34.08
CA ASP B 1186 -1.96 -3.89 35.20
C ASP B 1186 -3.26 -4.50 34.73
N SER B 1187 -3.99 -3.79 33.88
CA SER B 1187 -5.23 -4.32 33.34
C SER B 1187 -5.02 -5.74 32.82
N GLU B 1188 -3.97 -5.96 32.07
CA GLU B 1188 -3.66 -7.29 31.57
C GLU B 1188 -3.34 -8.26 32.69
N LEU B 1189 -2.39 -7.93 33.56
CA LEU B 1189 -2.06 -8.82 34.66
C LEU B 1189 -3.24 -9.05 35.58
N SER B 1190 -4.10 -8.06 35.75
CA SER B 1190 -5.33 -8.29 36.48
C SER B 1190 -6.16 -9.37 35.81
N ALA B 1191 -6.22 -9.37 34.49
CA ALA B 1191 -6.96 -10.42 33.78
C ALA B 1191 -6.40 -11.79 34.13
N MET B 1192 -5.08 -11.90 34.19
CA MET B 1192 -4.44 -13.13 34.63
C MET B 1192 -4.60 -13.37 36.12
N GLY B 1193 -5.22 -12.45 36.85
CA GLY B 1193 -5.44 -12.64 38.26
C GLY B 1193 -4.25 -12.20 39.10
N ILE B 1194 -3.31 -11.50 38.49
CA ILE B 1194 -2.06 -11.14 39.15
C ILE B 1194 -2.16 -9.72 39.67
N ARG B 1195 -2.09 -9.59 40.99
CA ARG B 1195 -2.16 -8.30 41.63
C ARG B 1195 -0.81 -7.63 41.61
N LEU B 1196 -0.80 -6.33 41.34
CA LEU B 1196 0.38 -5.50 41.49
C LEU B 1196 0.13 -4.51 42.62
N ARG B 1197 0.79 -4.73 43.74
CA ARG B 1197 0.67 -3.82 44.87
C ARG B 1197 1.77 -2.80 44.76
N TYR B 1198 1.41 -1.53 44.75
CA TYR B 1198 2.38 -0.45 44.59
C TYR B 1198 2.64 0.20 45.93
N ASN B 1199 3.87 0.06 46.41
CA ASN B 1199 4.25 0.62 47.69
C ASN B 1199 4.55 2.09 47.47
N VAL B 1200 3.87 2.95 48.20
CA VAL B 1200 3.86 4.38 47.91
C VAL B 1200 4.35 5.15 49.11
N GLU B 1201 5.24 6.09 48.87
CA GLU B 1201 5.56 7.08 49.87
C GLU B 1201 5.09 8.43 49.42
N PRO B 1202 4.75 9.30 50.37
CA PRO B 1202 4.82 9.06 51.81
C PRO B 1202 3.73 8.12 52.32
N LYS B 1203 4.07 7.24 53.24
CA LYS B 1203 3.07 6.38 53.87
C LYS B 1203 2.11 7.22 54.69
N TRP C 31 48.32 53.99 -3.50
CA TRP C 31 47.33 53.88 -4.58
C TRP C 31 46.40 55.08 -4.54
N ASN C 32 45.56 55.22 -5.57
CA ASN C 32 44.66 56.35 -5.72
C ASN C 32 43.80 56.08 -6.94
N VAL C 33 42.68 56.79 -7.03
CA VAL C 33 41.79 56.65 -8.16
C VAL C 33 42.48 57.12 -9.44
N GLU C 34 43.28 58.17 -9.34
CA GLU C 34 44.00 58.65 -10.52
C GLU C 34 44.96 57.60 -11.03
N LYS C 35 45.72 56.98 -10.13
CA LYS C 35 46.57 55.87 -10.51
C LYS C 35 45.79 54.78 -11.22
N PHE C 36 44.49 54.70 -10.94
CA PHE C 36 43.60 53.80 -11.66
C PHE C 36 43.11 54.45 -12.95
N LYS C 37 42.39 55.56 -12.83
CA LYS C 37 41.83 56.24 -13.99
C LYS C 37 42.87 56.46 -15.07
N LYS C 38 44.12 56.68 -14.67
CA LYS C 38 45.19 56.76 -15.65
C LYS C 38 45.41 55.43 -16.34
N ASP C 39 45.50 54.34 -15.58
CA ASP C 39 45.88 53.04 -16.12
C ASP C 39 44.73 52.29 -16.77
N PHE C 40 43.52 52.43 -16.25
CA PHE C 40 42.40 51.63 -16.72
C PHE C 40 42.10 51.91 -18.18
N GLU C 41 41.83 50.86 -18.94
CA GLU C 41 41.64 50.99 -20.37
C GLU C 41 40.66 49.94 -20.87
N VAL C 42 39.86 50.35 -21.85
CA VAL C 42 38.81 49.52 -22.44
C VAL C 42 39.12 49.29 -23.90
N ASN C 43 38.87 48.07 -24.37
CA ASN C 43 38.92 47.77 -25.78
C ASN C 43 37.67 47.02 -26.17
N ILE C 44 36.88 47.61 -27.05
CA ILE C 44 35.66 46.97 -27.53
C ILE C 44 36.04 46.22 -28.80
N SER C 45 36.04 44.90 -28.72
CA SER C 45 36.34 44.11 -29.89
C SER C 45 35.20 44.17 -30.89
N SER C 46 33.98 43.93 -30.42
CA SER C 46 32.82 43.98 -31.29
C SER C 46 31.60 44.26 -30.46
N LEU C 47 30.55 44.75 -31.12
CA LEU C 47 29.30 45.02 -30.46
C LEU C 47 28.17 44.70 -31.41
N ASP C 48 27.12 44.09 -30.87
CA ASP C 48 25.93 43.76 -31.63
C ASP C 48 24.73 43.99 -30.74
N ALA C 49 23.56 44.11 -31.37
CA ALA C 49 22.33 44.22 -30.61
C ALA C 49 22.14 43.06 -29.64
N ARG C 50 22.82 41.94 -29.84
CA ARG C 50 22.72 40.81 -28.93
C ARG C 50 24.01 40.60 -28.14
N GLU C 51 25.10 40.22 -28.80
CA GLU C 51 26.35 40.02 -28.09
C GLU C 51 27.28 41.19 -28.34
N ALA C 52 27.98 41.60 -27.28
CA ALA C 52 29.02 42.59 -27.40
C ALA C 52 30.23 42.09 -26.63
N ASN C 53 31.31 41.85 -27.35
CA ASN C 53 32.51 41.34 -26.72
C ASN C 53 33.53 42.45 -26.66
N PHE C 54 33.93 42.80 -25.44
CA PHE C 54 34.91 43.87 -25.29
C PHE C 54 35.90 43.47 -24.21
N ASP C 55 36.87 44.34 -23.99
CA ASP C 55 37.96 44.05 -23.08
C ASP C 55 38.14 45.17 -22.07
N LEU C 56 38.51 44.79 -20.85
CA LEU C 56 38.72 45.74 -19.77
C LEU C 56 40.10 45.53 -19.17
N ILE C 57 40.96 46.51 -19.32
CA ILE C 57 42.34 46.39 -18.92
C ILE C 57 42.56 47.24 -17.68
N ASN C 58 43.37 46.73 -16.75
CA ASN C 58 43.76 47.45 -15.55
C ASN C 58 42.58 47.70 -14.62
N ILE C 59 41.66 46.75 -14.56
CA ILE C 59 40.63 46.71 -13.54
C ILE C 59 40.85 45.42 -12.77
N ASP C 60 40.29 45.35 -11.57
CA ASP C 60 40.83 44.40 -10.61
C ASP C 60 39.80 43.35 -10.22
N THR C 61 40.20 42.08 -10.29
CA THR C 61 39.27 40.95 -10.32
C THR C 61 38.18 41.07 -9.28
N SER C 62 38.51 41.56 -8.09
CA SER C 62 37.50 41.81 -7.08
C SER C 62 36.35 42.61 -7.66
N ILE C 63 36.67 43.60 -8.48
CA ILE C 63 35.63 44.40 -9.11
C ILE C 63 34.98 43.61 -10.22
N ALA C 64 35.75 43.38 -11.30
CA ALA C 64 35.18 42.92 -12.55
C ALA C 64 34.20 41.77 -12.34
N ASN C 65 34.62 40.75 -11.59
CA ASN C 65 33.71 39.68 -11.19
C ASN C 65 32.42 40.23 -10.59
N ALA C 66 32.51 40.77 -9.38
CA ALA C 66 31.35 41.39 -8.77
C ALA C 66 30.70 42.34 -9.76
N PHE C 67 31.52 43.10 -10.45
CA PHE C 67 31.04 44.01 -11.47
C PHE C 67 30.32 43.26 -12.58
N ARG C 68 30.89 42.14 -13.00
CA ARG C 68 30.16 41.22 -13.87
C ARG C 68 28.81 40.85 -13.27
N ARG C 69 28.83 40.14 -12.14
CA ARG C 69 27.67 39.32 -11.80
C ARG C 69 26.50 40.18 -11.36
N ILE C 70 26.73 41.48 -11.20
CA ILE C 70 25.60 42.39 -11.14
C ILE C 70 24.80 42.29 -12.43
N MET C 71 25.52 42.07 -13.54
CA MET C 71 24.87 42.02 -14.83
C MET C 71 24.17 40.69 -15.03
N ILE C 72 24.60 39.64 -14.33
CA ILE C 72 23.90 38.37 -14.43
C ILE C 72 22.69 38.36 -13.52
N SER C 73 22.66 39.24 -12.54
CA SER C 73 21.59 39.14 -11.54
C SER C 73 20.79 40.42 -11.45
N GLU C 74 21.37 41.44 -10.82
CA GLU C 74 20.58 42.53 -10.29
C GLU C 74 20.22 43.56 -11.34
N VAL C 75 20.66 43.37 -12.57
CA VAL C 75 20.17 44.26 -13.62
C VAL C 75 18.74 43.87 -13.89
N PRO C 76 17.78 44.73 -13.59
CA PRO C 76 16.38 44.32 -13.66
C PRO C 76 15.90 44.28 -15.10
N SER C 77 14.93 43.43 -15.36
CA SER C 77 14.28 43.43 -16.66
C SER C 77 12.88 42.86 -16.55
N VAL C 78 12.05 43.14 -17.55
CA VAL C 78 10.66 42.73 -17.52
C VAL C 78 10.56 41.25 -17.80
N ALA C 79 9.68 40.58 -17.07
CA ALA C 79 9.33 39.19 -17.37
C ALA C 79 7.92 38.95 -16.90
N ALA C 80 7.22 38.08 -17.61
CA ALA C 80 5.90 37.66 -17.17
C ALA C 80 6.02 36.99 -15.81
N GLU C 81 5.10 37.32 -14.90
CA GLU C 81 5.20 36.78 -13.57
C GLU C 81 3.95 36.05 -13.14
N TYR C 82 2.84 36.76 -13.05
CA TYR C 82 1.58 36.14 -12.67
C TYR C 82 0.82 35.74 -13.92
N VAL C 83 0.37 34.49 -13.93
CA VAL C 83 -0.33 33.94 -15.07
C VAL C 83 -1.72 33.52 -14.64
N TYR C 84 -2.72 34.07 -15.32
CA TYR C 84 -4.11 33.76 -15.06
C TYR C 84 -4.63 32.96 -16.23
N PHE C 85 -4.92 31.69 -15.99
CA PHE C 85 -5.58 30.85 -16.96
C PHE C 85 -7.08 31.05 -16.86
N PHE C 86 -7.69 31.51 -17.94
CA PHE C 86 -9.13 31.35 -18.01
C PHE C 86 -9.46 29.93 -18.43
N ASN C 87 -8.73 29.38 -19.39
CA ASN C 87 -8.83 27.95 -19.65
C ASN C 87 -7.52 27.45 -20.21
N ASN C 88 -7.15 26.25 -19.78
CA ASN C 88 -6.16 25.42 -20.46
C ASN C 88 -6.77 24.06 -20.70
N THR C 89 -7.08 23.75 -21.94
CA THR C 89 -7.47 22.41 -22.33
C THR C 89 -6.34 21.64 -22.96
N SER C 90 -5.14 22.21 -23.02
CA SER C 90 -4.08 21.58 -23.78
C SER C 90 -3.62 20.32 -23.08
N VAL C 91 -2.66 19.65 -23.70
CA VAL C 91 -2.04 18.52 -23.04
C VAL C 91 -1.02 18.98 -22.01
N ILE C 92 -0.42 20.14 -22.23
CA ILE C 92 0.55 20.69 -21.30
C ILE C 92 -0.18 21.09 -20.04
N GLN C 93 0.22 20.54 -18.91
CA GLN C 93 -0.41 20.96 -17.67
C GLN C 93 -0.02 22.40 -17.36
N ASP C 94 -0.86 23.02 -16.55
CA ASP C 94 -0.84 24.47 -16.37
C ASP C 94 0.50 24.99 -15.93
N GLU C 95 0.88 24.69 -14.69
CA GLU C 95 2.05 25.28 -14.09
C GLU C 95 3.28 25.19 -14.98
N VAL C 96 3.42 24.13 -15.77
CA VAL C 96 4.49 24.07 -16.74
C VAL C 96 4.34 25.19 -17.75
N LEU C 97 3.21 25.22 -18.45
CA LEU C 97 2.98 26.27 -19.41
C LEU C 97 3.03 27.63 -18.76
N ALA C 98 2.74 27.71 -17.46
CA ALA C 98 2.90 28.96 -16.76
C ALA C 98 4.33 29.46 -16.89
N HIS C 99 5.26 28.80 -16.22
CA HIS C 99 6.62 29.31 -16.23
C HIS C 99 7.24 29.19 -17.61
N ARG C 100 6.83 28.20 -18.38
CA ARG C 100 7.24 28.14 -19.76
C ARG C 100 6.95 29.43 -20.49
N ILE C 101 5.88 30.13 -20.13
CA ILE C 101 5.73 31.49 -20.62
C ILE C 101 6.72 32.40 -19.95
N GLY C 102 6.82 32.33 -18.63
CA GLY C 102 7.68 33.25 -17.91
C GLY C 102 9.08 33.32 -18.48
N LEU C 103 9.59 32.23 -19.03
CA LEU C 103 10.95 32.24 -19.52
C LEU C 103 11.06 32.97 -20.85
N VAL C 104 9.93 33.33 -21.45
CA VAL C 104 9.93 34.04 -22.72
C VAL C 104 10.46 35.45 -22.52
N PRO C 105 11.52 35.84 -23.21
CA PRO C 105 12.00 37.21 -23.12
C PRO C 105 10.99 38.17 -23.72
N LEU C 106 11.18 39.44 -23.41
CA LEU C 106 10.37 40.49 -23.99
C LEU C 106 11.26 41.62 -24.47
N LYS C 107 10.92 42.22 -25.59
CA LYS C 107 11.64 43.41 -26.02
C LYS C 107 10.87 44.57 -25.40
N VAL C 108 11.40 45.12 -24.33
CA VAL C 108 10.80 46.19 -23.55
C VAL C 108 11.94 46.96 -22.90
N ASP C 109 11.82 48.26 -22.83
CA ASP C 109 12.79 48.95 -22.01
C ASP C 109 12.27 48.95 -20.58
N PRO C 110 12.89 48.23 -19.66
CA PRO C 110 12.45 48.28 -18.26
C PRO C 110 12.40 49.68 -17.70
N ASP C 111 13.17 50.62 -18.26
CA ASP C 111 13.07 52.01 -17.87
C ASP C 111 11.67 52.57 -18.08
N MET C 112 10.90 52.00 -18.99
CA MET C 112 9.54 52.44 -19.20
C MET C 112 8.58 51.89 -18.16
N LEU C 113 9.09 51.11 -17.22
CA LEU C 113 8.21 50.46 -16.27
C LEU C 113 8.72 50.79 -14.86
N THR C 114 7.88 50.54 -13.88
CA THR C 114 8.21 50.82 -12.48
C THR C 114 8.10 49.56 -11.66
N TRP C 115 8.66 49.60 -10.46
CA TRP C 115 8.68 48.43 -9.61
C TRP C 115 7.29 48.15 -9.07
N VAL C 116 7.16 47.06 -8.34
CA VAL C 116 5.88 46.60 -7.82
C VAL C 116 6.02 46.32 -6.34
N ASP C 117 5.36 47.11 -5.52
CA ASP C 117 5.35 46.90 -4.08
C ASP C 117 4.54 45.65 -3.77
N SER C 118 5.10 44.78 -2.94
CA SER C 118 4.40 43.58 -2.51
C SER C 118 3.44 43.84 -1.36
N ASN C 119 3.64 44.93 -0.62
CA ASN C 119 2.79 45.20 0.54
C ASN C 119 1.40 45.63 0.12
N LEU C 120 1.26 46.10 -1.13
CA LEU C 120 -0.02 46.59 -1.59
C LEU C 120 -1.00 45.44 -1.72
N PRO C 121 -2.29 45.72 -1.63
CA PRO C 121 -3.29 44.71 -1.96
C PRO C 121 -3.28 44.42 -3.44
N ASP C 122 -3.65 43.19 -3.78
CA ASP C 122 -3.48 42.69 -5.14
C ASP C 122 -4.08 43.61 -6.18
N ASP C 123 -5.28 44.12 -5.94
CA ASP C 123 -5.87 45.09 -6.85
C ASP C 123 -4.95 46.28 -7.07
N GLU C 124 -4.42 46.85 -5.99
CA GLU C 124 -3.49 47.96 -6.09
C GLU C 124 -2.11 47.52 -6.49
N LYS C 125 -1.76 46.26 -6.21
CA LYS C 125 -0.41 45.77 -6.46
C LYS C 125 0.01 45.98 -7.90
N PHE C 126 -0.94 46.00 -8.82
CA PHE C 126 -0.66 46.10 -10.25
C PHE C 126 -1.21 47.43 -10.74
N THR C 127 -0.48 48.06 -11.64
CA THR C 127 -0.94 49.25 -12.32
C THR C 127 -0.58 49.15 -13.78
N ASP C 128 -0.94 50.19 -14.53
CA ASP C 128 -0.32 50.34 -15.84
C ASP C 128 1.16 50.67 -15.74
N GLU C 129 1.57 51.34 -14.67
CA GLU C 129 2.97 51.67 -14.49
C GLU C 129 3.74 50.51 -13.87
N ASN C 130 3.02 49.61 -13.20
CA ASN C 130 3.66 48.44 -12.64
C ASN C 130 3.85 47.35 -13.68
N THR C 131 2.84 47.10 -14.48
CA THR C 131 2.64 45.78 -15.06
C THR C 131 2.30 45.91 -16.54
N ILE C 132 2.81 44.96 -17.31
CA ILE C 132 2.42 44.79 -18.70
C ILE C 132 1.55 43.56 -18.78
N VAL C 133 0.37 43.71 -19.39
CA VAL C 133 -0.60 42.64 -19.49
C VAL C 133 -0.43 41.96 -20.82
N LEU C 134 -0.31 40.64 -20.80
CA LEU C 134 -0.28 39.84 -22.00
C LEU C 134 -1.41 38.83 -21.96
N SER C 135 -2.15 38.76 -23.05
CA SER C 135 -3.25 37.83 -23.15
C SER C 135 -2.89 36.78 -24.19
N LEU C 136 -3.43 35.58 -24.00
CA LEU C 136 -3.23 34.52 -24.97
C LEU C 136 -4.55 33.78 -25.15
N ASN C 137 -5.03 33.70 -26.38
CA ASN C 137 -6.25 32.97 -26.68
C ASN C 137 -6.05 32.17 -27.95
N VAL C 138 -6.11 30.85 -27.84
CA VAL C 138 -6.00 29.98 -29.00
C VAL C 138 -6.94 28.80 -28.82
N LYS C 139 -7.74 28.51 -29.85
CA LYS C 139 -8.41 27.24 -30.00
C LYS C 139 -7.79 26.51 -31.18
N CYS C 140 -7.64 25.20 -31.04
CA CYS C 140 -7.13 24.39 -32.13
C CYS C 140 -8.30 23.70 -32.79
N THR C 141 -8.36 23.79 -34.11
CA THR C 141 -9.42 23.19 -34.90
C THR C 141 -8.81 22.46 -36.07
N ARG C 142 -9.39 21.31 -36.42
CA ARG C 142 -8.90 20.56 -37.55
C ARG C 142 -9.17 21.30 -38.84
N ASN C 143 -8.13 21.49 -39.63
CA ASN C 143 -8.32 22.11 -40.93
C ASN C 143 -8.99 21.10 -41.83
N PRO C 144 -10.20 21.36 -42.32
CA PRO C 144 -10.83 20.40 -43.23
C PRO C 144 -10.13 20.30 -44.57
N ASP C 145 -9.31 21.28 -44.92
CA ASP C 145 -8.61 21.32 -46.19
C ASP C 145 -7.47 20.33 -46.27
N ALA C 146 -7.23 19.59 -45.20
CA ALA C 146 -6.06 18.73 -45.11
C ALA C 146 -5.96 17.83 -46.34
N PRO C 147 -4.85 17.87 -47.06
CA PRO C 147 -4.68 16.97 -48.20
C PRO C 147 -4.44 15.55 -47.71
N LYS C 148 -5.53 14.85 -47.45
CA LYS C 148 -5.49 13.59 -46.71
C LYS C 148 -4.41 12.68 -47.26
N GLY C 149 -3.72 12.01 -46.34
CA GLY C 149 -2.44 11.42 -46.65
C GLY C 149 -1.36 12.43 -46.37
N SER C 150 -1.64 13.35 -45.46
CA SER C 150 -0.69 14.39 -45.07
C SER C 150 -0.30 14.22 -43.62
N THR C 151 1.00 14.20 -43.37
CA THR C 151 1.52 14.18 -42.00
C THR C 151 1.56 15.58 -41.39
N ASP C 152 1.84 16.60 -42.19
CA ASP C 152 2.14 17.91 -41.64
C ASP C 152 1.03 18.45 -40.75
N PRO C 153 1.29 18.65 -39.47
CA PRO C 153 0.25 19.20 -38.60
C PRO C 153 -0.09 20.64 -38.91
N LYS C 154 0.83 21.40 -39.51
CA LYS C 154 0.53 22.77 -39.85
C LYS C 154 -0.68 22.84 -40.78
N GLU C 155 -0.73 21.98 -41.78
CA GLU C 155 -1.86 21.92 -42.68
C GLU C 155 -3.01 21.08 -42.13
N LEU C 156 -2.72 19.99 -41.44
CA LEU C 156 -3.81 19.18 -40.88
C LEU C 156 -4.69 19.99 -39.95
N TYR C 157 -4.10 20.89 -39.18
CA TYR C 157 -4.79 21.53 -38.08
C TYR C 157 -4.73 23.03 -38.25
N ASN C 158 -5.58 23.72 -37.51
CA ASN C 158 -5.54 25.17 -37.43
C ASN C 158 -5.05 25.55 -36.05
N ASN C 159 -3.95 26.30 -36.01
CA ASN C 159 -3.38 26.79 -34.77
C ASN C 159 -2.89 25.63 -33.91
N ALA C 160 -2.33 24.61 -34.56
CA ALA C 160 -1.81 23.48 -33.82
C ALA C 160 -0.63 23.88 -32.96
N HIS C 161 0.16 24.83 -33.42
CA HIS C 161 1.34 25.29 -32.68
C HIS C 161 1.12 26.69 -32.15
N VAL C 162 1.47 26.87 -30.88
CA VAL C 162 1.37 28.15 -30.21
C VAL C 162 2.76 28.74 -30.18
N TYR C 163 2.90 29.96 -30.66
CA TYR C 163 4.20 30.62 -30.73
C TYR C 163 4.23 31.82 -29.82
N ALA C 164 5.45 32.21 -29.44
CA ALA C 164 5.62 33.44 -28.69
C ALA C 164 4.93 34.61 -29.35
N ARG C 165 5.08 34.74 -30.67
CA ARG C 165 4.47 35.86 -31.37
C ARG C 165 2.97 35.91 -31.21
N ASP C 166 2.36 34.85 -30.71
CA ASP C 166 0.92 34.79 -30.53
C ASP C 166 0.46 35.56 -29.30
N LEU C 167 1.35 35.79 -28.34
CA LEU C 167 0.99 36.52 -27.14
C LEU C 167 0.50 37.90 -27.52
N LYS C 168 -0.67 38.27 -27.06
CA LYS C 168 -1.14 39.61 -27.36
C LYS C 168 -0.87 40.56 -26.20
N PHE C 169 -0.35 41.71 -26.55
CA PHE C 169 -0.14 42.80 -25.60
C PHE C 169 -1.44 43.57 -25.44
N GLU C 170 -1.85 43.77 -24.21
CA GLU C 170 -3.01 44.58 -23.97
C GLU C 170 -2.61 45.86 -23.27
N PRO C 171 -2.68 47.01 -23.93
CA PRO C 171 -2.35 48.26 -23.26
C PRO C 171 -3.27 48.49 -22.08
N GLN C 172 -2.76 49.22 -21.10
CA GLN C 172 -3.56 49.59 -19.94
C GLN C 172 -3.32 51.06 -19.66
N GLY C 173 -4.39 51.85 -19.63
CA GLY C 173 -4.25 53.24 -19.28
C GLY C 173 -3.23 53.93 -20.16
N ARG C 174 -2.24 54.54 -19.51
CA ARG C 174 -1.24 55.31 -20.23
C ARG C 174 -0.39 54.43 -21.13
N GLN C 175 -0.27 53.14 -20.81
CA GLN C 175 0.49 52.24 -21.65
C GLN C 175 0.05 52.35 -23.11
N SER C 176 -1.25 52.49 -23.34
CA SER C 176 -1.77 52.74 -24.67
C SER C 176 -0.99 53.84 -25.36
N THR C 177 -0.72 54.91 -24.64
CA THR C 177 0.14 55.98 -25.15
C THR C 177 1.59 55.55 -25.13
N THR C 178 2.11 55.23 -23.94
CA THR C 178 3.53 55.00 -23.76
C THR C 178 4.09 54.01 -24.78
N PHE C 179 3.49 52.85 -24.90
CA PHE C 179 4.12 51.79 -25.67
C PHE C 179 3.76 51.82 -27.14
N ALA C 180 3.00 52.82 -27.59
CA ALA C 180 2.74 52.95 -29.01
C ALA C 180 4.02 52.96 -29.83
N ASP C 181 5.10 53.52 -29.28
CA ASP C 181 6.37 53.53 -29.99
C ASP C 181 6.85 52.10 -30.25
N CYS C 182 7.06 51.33 -29.19
CA CYS C 182 7.60 49.99 -29.28
C CYS C 182 6.67 49.05 -28.53
N PRO C 183 5.62 48.57 -29.17
CA PRO C 183 4.67 47.68 -28.49
C PRO C 183 5.37 46.43 -27.99
N VAL C 184 4.86 45.90 -26.88
CA VAL C 184 5.54 44.79 -26.22
C VAL C 184 5.52 43.58 -27.13
N VAL C 185 6.69 43.00 -27.36
CA VAL C 185 6.80 41.82 -28.21
C VAL C 185 7.71 40.82 -27.53
N PRO C 186 7.41 39.53 -27.57
CA PRO C 186 8.40 38.54 -27.17
C PRO C 186 9.65 38.71 -28.00
N ALA C 187 10.80 38.75 -27.33
CA ALA C 187 12.04 39.04 -28.03
C ALA C 187 12.34 38.04 -29.12
N ASP C 188 11.84 36.81 -29.01
CA ASP C 188 12.04 35.78 -30.03
C ASP C 188 10.68 35.29 -30.48
N PRO C 189 10.04 35.99 -31.41
CA PRO C 189 8.63 35.72 -31.70
C PRO C 189 8.32 34.28 -32.02
N ASP C 190 9.32 33.53 -32.46
CA ASP C 190 9.10 32.17 -32.92
C ASP C 190 9.32 31.14 -31.84
N ILE C 191 9.54 31.55 -30.60
CA ILE C 191 9.57 30.61 -29.51
C ILE C 191 8.29 29.80 -29.51
N LEU C 192 8.44 28.48 -29.48
CA LEU C 192 7.31 27.57 -29.47
C LEU C 192 6.84 27.41 -28.04
N LEU C 193 5.60 27.81 -27.79
CA LEU C 193 5.08 27.65 -26.44
C LEU C 193 4.39 26.30 -26.29
N ALA C 194 3.25 26.12 -26.95
CA ALA C 194 2.50 24.88 -26.79
C ALA C 194 2.13 24.35 -28.16
N LYS C 195 1.83 23.06 -28.18
CA LYS C 195 1.25 22.40 -29.33
C LYS C 195 -0.17 22.00 -29.00
N LEU C 196 -1.04 22.02 -30.00
CA LEU C 196 -2.45 21.80 -29.75
C LEU C 196 -3.03 20.88 -30.81
N ARG C 197 -4.06 20.16 -30.40
CA ARG C 197 -4.85 19.30 -31.27
C ARG C 197 -6.26 19.83 -31.30
N PRO C 198 -7.01 19.53 -32.35
CA PRO C 198 -8.33 20.13 -32.49
C PRO C 198 -9.21 19.90 -31.28
N GLY C 199 -10.05 20.88 -30.99
CA GLY C 199 -10.89 20.84 -29.80
C GLY C 199 -10.20 21.36 -28.56
N GLN C 200 -8.89 21.47 -28.57
CA GLN C 200 -8.14 21.93 -27.42
C GLN C 200 -7.88 23.42 -27.55
N GLU C 201 -7.95 24.11 -26.41
CA GLU C 201 -7.76 25.55 -26.42
C GLU C 201 -6.94 25.97 -25.22
N ILE C 202 -6.38 27.17 -25.31
CA ILE C 202 -5.72 27.82 -24.19
C ILE C 202 -6.12 29.29 -24.19
N SER C 203 -6.64 29.75 -23.06
CA SER C 203 -7.05 31.13 -22.93
C SER C 203 -6.54 31.67 -21.61
N LEU C 204 -5.71 32.70 -21.66
CA LEU C 204 -5.04 33.12 -20.44
C LEU C 204 -4.65 34.58 -20.55
N LYS C 205 -4.42 35.18 -19.39
CA LYS C 205 -3.78 36.48 -19.29
C LYS C 205 -2.63 36.34 -18.33
N ALA C 206 -1.50 36.92 -18.68
CA ALA C 206 -0.31 36.90 -17.84
C ALA C 206 0.09 38.32 -17.53
N HIS C 207 0.88 38.50 -16.48
CA HIS C 207 1.31 39.83 -16.08
C HIS C 207 2.82 39.92 -16.06
N CYS C 208 3.33 40.98 -16.68
CA CYS C 208 4.76 41.19 -16.81
C CYS C 208 5.16 42.29 -15.86
N ILE C 209 6.23 42.07 -15.11
CA ILE C 209 6.67 43.05 -14.13
C ILE C 209 8.18 43.15 -14.16
N LEU C 210 8.73 44.03 -13.33
CA LEU C 210 10.17 44.10 -13.18
C LEU C 210 10.62 43.17 -12.07
N GLY C 211 11.68 42.44 -12.36
CA GLY C 211 12.35 41.65 -11.35
C GLY C 211 13.81 41.58 -11.75
N ILE C 212 14.64 41.19 -10.80
CA ILE C 212 16.06 41.04 -11.05
C ILE C 212 16.35 39.57 -11.25
N GLY C 213 17.29 39.28 -12.14
CA GLY C 213 17.70 37.90 -12.32
C GLY C 213 18.06 37.23 -11.01
N GLY C 214 18.64 37.98 -10.09
CA GLY C 214 18.92 37.43 -8.78
C GLY C 214 17.69 36.87 -8.12
N ASP C 215 16.55 37.54 -8.27
CA ASP C 215 15.30 37.01 -7.73
C ASP C 215 15.00 35.66 -8.35
N HIS C 216 14.69 35.66 -9.64
CA HIS C 216 14.39 34.42 -10.34
C HIS C 216 15.15 34.40 -11.65
N ALA C 217 15.50 33.19 -12.09
CA ALA C 217 16.35 33.00 -13.25
C ALA C 217 15.85 33.70 -14.49
N LYS C 218 14.57 34.01 -14.59
CA LYS C 218 14.12 34.76 -15.75
C LYS C 218 13.95 36.21 -15.35
N PHE C 219 15.04 36.96 -15.39
CA PHE C 219 14.96 38.39 -15.56
C PHE C 219 16.16 38.87 -16.35
N SER C 220 17.33 38.75 -15.73
CA SER C 220 18.53 39.38 -16.19
C SER C 220 18.78 39.02 -17.63
N PRO C 221 18.81 39.98 -18.49
CA PRO C 221 18.68 39.68 -19.91
C PRO C 221 20.02 39.37 -20.52
N VAL C 222 20.81 38.52 -19.87
CA VAL C 222 22.12 38.18 -20.41
C VAL C 222 22.08 37.06 -21.43
N SER C 223 21.33 35.98 -21.19
CA SER C 223 21.39 34.77 -22.00
C SER C 223 22.76 34.14 -21.85
N THR C 224 23.68 34.91 -21.31
CA THR C 224 24.91 34.57 -20.61
C THR C 224 25.65 35.87 -20.39
N ALA C 225 26.55 35.87 -19.42
CA ALA C 225 27.53 36.93 -19.30
C ALA C 225 28.72 36.35 -18.58
N SER C 226 29.91 36.76 -18.96
CA SER C 226 31.10 36.15 -18.39
C SER C 226 32.31 36.96 -18.80
N TYR C 227 33.47 36.46 -18.41
CA TYR C 227 34.71 37.01 -18.89
C TYR C 227 35.77 35.93 -18.87
N ARG C 228 36.97 36.35 -19.25
CA ARG C 228 38.14 35.49 -19.20
C ARG C 228 39.35 36.41 -19.19
N LEU C 229 40.53 35.83 -19.05
CA LEU C 229 41.74 36.61 -18.88
C LEU C 229 42.56 36.48 -20.14
N LEU C 230 43.30 37.48 -20.44
CA LEU C 230 44.13 37.33 -21.61
C LEU C 230 45.15 36.24 -21.35
N PRO C 231 45.18 35.25 -22.19
CA PRO C 231 46.12 34.13 -22.01
C PRO C 231 47.56 34.51 -22.32
N GLN C 232 48.33 34.78 -21.29
CA GLN C 232 49.58 35.53 -21.36
C GLN C 232 50.69 34.76 -22.06
N ILE C 233 50.35 33.75 -22.85
CA ILE C 233 51.27 32.74 -23.35
C ILE C 233 52.59 33.35 -23.81
N ASN C 234 53.68 32.78 -23.32
CA ASN C 234 55.01 33.31 -23.60
C ASN C 234 55.97 32.15 -23.83
N ILE C 235 57.00 32.42 -24.63
CA ILE C 235 57.92 31.40 -25.09
C ILE C 235 59.22 31.57 -24.32
N LEU C 236 59.79 30.46 -23.86
CA LEU C 236 60.99 30.47 -23.06
C LEU C 236 62.27 30.38 -23.88
N GLN C 237 62.17 30.11 -25.17
CA GLN C 237 63.33 29.97 -26.03
C GLN C 237 62.89 29.74 -27.46
N PRO C 238 63.62 30.23 -28.45
CA PRO C 238 63.13 30.23 -29.83
C PRO C 238 62.78 28.83 -30.30
N ILE C 239 61.74 28.76 -31.14
CA ILE C 239 61.23 27.51 -31.68
C ILE C 239 60.98 27.71 -33.16
N LYS C 240 61.57 26.85 -33.98
CA LYS C 240 61.48 26.98 -35.42
C LYS C 240 61.60 25.60 -36.03
N GLY C 241 61.76 25.56 -37.35
CA GLY C 241 61.77 24.28 -38.02
C GLY C 241 60.38 23.67 -38.04
N GLU C 242 60.33 22.35 -38.16
CA GLU C 242 59.07 21.65 -38.00
C GLU C 242 58.42 21.99 -36.66
N SER C 243 59.23 22.21 -35.62
CA SER C 243 58.69 22.53 -34.31
C SER C 243 57.70 23.67 -34.38
N ALA C 244 58.09 24.81 -34.92
CA ALA C 244 57.17 25.93 -35.04
C ALA C 244 55.86 25.50 -35.66
N ARG C 245 55.93 24.78 -36.77
CA ARG C 245 54.73 24.23 -37.38
C ARG C 245 53.99 23.31 -36.42
N ARG C 246 54.66 22.28 -35.91
CA ARG C 246 54.07 21.49 -34.85
C ARG C 246 53.57 22.38 -33.72
N PHE C 247 54.38 23.33 -33.29
CA PHE C 247 53.95 24.26 -32.26
C PHE C 247 52.71 25.01 -32.69
N GLN C 248 52.78 25.66 -33.84
CA GLN C 248 51.63 26.45 -34.29
C GLN C 248 50.36 25.62 -34.31
N LYS C 249 50.46 24.35 -34.68
CA LYS C 249 49.30 23.48 -34.69
C LYS C 249 48.71 23.26 -33.31
N CYS C 250 49.50 23.39 -32.25
CA CYS C 250 49.02 23.10 -30.91
C CYS C 250 48.05 24.14 -30.39
N PHE C 251 47.84 25.22 -31.11
CA PHE C 251 46.98 26.31 -30.68
C PHE C 251 45.93 26.59 -31.74
N PRO C 252 44.88 27.31 -31.37
CA PRO C 252 43.96 27.81 -32.37
C PRO C 252 44.72 28.57 -33.44
N PRO C 253 44.28 28.46 -34.69
CA PRO C 253 45.01 29.10 -35.79
C PRO C 253 45.07 30.60 -35.59
N GLY C 254 46.06 31.21 -36.24
CA GLY C 254 46.26 32.65 -36.16
C GLY C 254 46.84 33.12 -34.86
N VAL C 255 46.86 32.28 -33.83
CA VAL C 255 47.46 32.68 -32.57
C VAL C 255 48.97 32.76 -32.71
N ILE C 256 49.55 31.73 -33.29
CA ILE C 256 50.99 31.62 -33.40
C ILE C 256 51.41 31.98 -34.81
N GLY C 257 52.08 33.12 -34.96
CA GLY C 257 52.76 33.42 -36.18
C GLY C 257 54.13 32.77 -36.21
N ILE C 258 54.53 32.30 -37.38
CA ILE C 258 55.88 31.84 -37.62
C ILE C 258 56.60 32.94 -38.38
N ASP C 259 57.53 33.61 -37.69
CA ASP C 259 58.22 34.72 -38.31
C ASP C 259 59.01 34.25 -39.52
N GLU C 260 58.79 34.92 -40.64
CA GLU C 260 59.40 34.54 -41.91
C GLU C 260 60.86 34.98 -41.91
N GLY C 261 61.72 34.07 -42.34
CA GLY C 261 63.14 34.27 -42.45
C GLY C 261 63.91 33.95 -41.19
N SER C 262 63.28 34.07 -40.02
CA SER C 262 63.77 33.40 -38.83
C SER C 262 63.11 32.06 -38.60
N ASP C 263 62.00 31.79 -39.28
CA ASP C 263 61.28 30.53 -39.17
C ASP C 263 60.75 30.32 -37.76
N GLU C 264 61.09 31.20 -36.84
CA GLU C 264 60.75 31.01 -35.45
C GLU C 264 59.31 31.42 -35.19
N ALA C 265 58.73 30.82 -34.14
CA ALA C 265 57.34 31.07 -33.82
C ALA C 265 57.20 32.27 -32.90
N TYR C 266 56.22 33.10 -33.18
CA TYR C 266 55.92 34.24 -32.34
C TYR C 266 54.43 34.28 -32.12
N VAL C 267 54.01 34.67 -30.92
CA VAL C 267 52.60 34.88 -30.67
C VAL C 267 52.11 36.03 -31.55
N LYS C 268 51.08 35.76 -32.33
CA LYS C 268 50.48 36.82 -33.16
C LYS C 268 49.51 37.60 -32.29
N ASP C 269 48.42 36.94 -31.86
CA ASP C 269 47.58 37.48 -30.80
C ASP C 269 47.15 36.33 -29.91
N ALA C 270 47.29 36.52 -28.60
CA ALA C 270 46.85 35.49 -27.67
C ALA C 270 45.36 35.52 -27.46
N ARG C 271 44.72 36.66 -27.65
CA ARG C 271 43.31 36.81 -27.35
C ARG C 271 42.45 35.79 -28.09
N LYS C 272 42.93 35.27 -29.21
CA LYS C 272 42.19 34.23 -29.91
C LYS C 272 42.32 32.86 -29.26
N ASP C 273 43.16 32.73 -28.24
CA ASP C 273 43.43 31.40 -27.70
C ASP C 273 42.32 30.93 -26.76
N THR C 274 42.01 29.65 -26.84
CA THR C 274 41.06 29.00 -25.95
C THR C 274 41.70 28.31 -24.77
N VAL C 275 43.03 28.36 -24.67
CA VAL C 275 43.75 27.75 -23.56
C VAL C 275 43.41 26.27 -23.51
N SER C 276 43.76 25.54 -24.55
CA SER C 276 43.60 24.10 -24.51
C SER C 276 44.69 23.43 -23.72
N ARG C 277 45.80 24.14 -23.48
CA ARG C 277 46.99 23.53 -22.89
C ARG C 277 47.41 22.30 -23.66
N GLU C 278 47.17 22.31 -24.97
CA GLU C 278 47.53 21.15 -25.78
C GLU C 278 49.03 20.99 -25.87
N VAL C 279 49.76 22.10 -25.91
CA VAL C 279 51.22 22.06 -25.92
C VAL C 279 51.71 21.13 -24.81
N LEU C 280 51.14 21.29 -23.62
CA LEU C 280 51.65 20.60 -22.46
C LEU C 280 51.62 19.09 -22.63
N ARG C 281 50.90 18.59 -23.63
CA ARG C 281 50.92 17.16 -23.90
C ARG C 281 52.15 16.74 -24.65
N TYR C 282 52.77 17.65 -25.40
CA TYR C 282 53.93 17.35 -26.21
C TYR C 282 55.18 17.70 -25.42
N GLU C 283 55.97 16.69 -25.10
CA GLU C 283 57.11 16.90 -24.22
C GLU C 283 58.13 17.83 -24.86
N GLU C 284 58.32 17.74 -26.17
CA GLU C 284 59.30 18.59 -26.84
C GLU C 284 59.10 20.05 -26.50
N PHE C 285 57.86 20.52 -26.54
CA PHE C 285 57.55 21.91 -26.26
C PHE C 285 57.32 22.16 -24.78
N ALA C 286 57.17 21.10 -23.99
CA ALA C 286 56.74 21.26 -22.61
C ALA C 286 57.63 22.20 -21.82
N ASP C 287 58.94 22.15 -22.04
CA ASP C 287 59.81 23.06 -21.33
C ASP C 287 59.84 24.45 -21.97
N LYS C 288 59.51 24.55 -23.24
CA LYS C 288 59.83 25.74 -24.00
C LYS C 288 58.82 26.86 -23.83
N VAL C 289 57.62 26.59 -23.32
CA VAL C 289 56.57 27.58 -23.24
C VAL C 289 55.87 27.49 -21.90
N LYS C 290 55.60 28.65 -21.31
CA LYS C 290 54.70 28.75 -20.18
C LYS C 290 53.37 29.32 -20.65
N LEU C 291 52.29 28.82 -20.09
CA LEU C 291 50.96 29.31 -20.36
C LEU C 291 50.46 30.02 -19.12
N GLY C 292 49.95 31.23 -19.30
CA GLY C 292 49.46 31.96 -18.15
C GLY C 292 48.40 32.95 -18.56
N ARG C 293 47.81 33.57 -17.55
CA ARG C 293 46.88 34.66 -17.73
C ARG C 293 47.59 35.95 -17.39
N VAL C 294 47.18 37.03 -18.04
CA VAL C 294 47.71 38.31 -17.61
C VAL C 294 47.04 38.63 -16.29
N ARG C 295 47.45 39.69 -15.65
CA ARG C 295 46.96 39.99 -14.32
C ARG C 295 45.63 40.72 -14.33
N ASN C 296 45.63 42.00 -14.66
CA ASN C 296 44.40 42.76 -14.67
C ASN C 296 44.09 43.04 -16.15
N HIS C 297 43.12 42.31 -16.66
CA HIS C 297 42.65 42.45 -18.03
C HIS C 297 41.54 41.44 -18.16
N PHE C 298 40.57 41.71 -19.02
CA PHE C 298 39.40 40.89 -19.03
C PHE C 298 38.78 40.92 -20.40
N ILE C 299 38.18 39.82 -20.80
CA ILE C 299 37.46 39.77 -22.05
C ILE C 299 36.02 39.53 -21.67
N PHE C 300 35.19 40.56 -21.75
CA PHE C 300 33.78 40.38 -21.50
C PHE C 300 33.10 39.90 -22.76
N ASN C 301 32.47 38.74 -22.69
CA ASN C 301 31.52 38.32 -23.68
C ASN C 301 30.14 38.43 -23.06
N VAL C 302 29.38 39.39 -23.52
CA VAL C 302 28.05 39.64 -22.99
C VAL C 302 27.05 39.48 -24.11
N GLU C 303 26.23 38.45 -24.02
CA GLU C 303 25.10 38.29 -24.91
C GLU C 303 23.91 39.02 -24.31
N SER C 304 22.74 38.79 -24.88
CA SER C 304 21.55 39.39 -24.32
C SER C 304 20.35 38.52 -24.61
N ALA C 305 19.34 38.65 -23.76
CA ALA C 305 18.04 38.08 -24.05
C ALA C 305 17.28 38.86 -25.10
N GLY C 306 17.83 39.98 -25.55
CA GLY C 306 17.21 40.80 -26.56
C GLY C 306 16.49 42.01 -26.02
N ALA C 307 16.28 42.07 -24.71
CA ALA C 307 15.62 43.24 -24.14
C ALA C 307 16.48 44.48 -24.25
N MET C 308 17.79 44.35 -24.07
CA MET C 308 18.66 45.52 -24.06
C MET C 308 19.96 45.18 -24.76
N THR C 309 20.51 46.16 -25.45
CA THR C 309 21.84 45.98 -26.00
C THR C 309 22.83 45.82 -24.85
N PRO C 310 23.89 45.04 -25.02
CA PRO C 310 24.76 44.74 -23.88
C PRO C 310 25.34 45.98 -23.22
N GLU C 311 25.86 46.92 -24.00
CA GLU C 311 26.39 48.14 -23.40
C GLU C 311 25.32 48.88 -22.64
N GLU C 312 24.09 48.90 -23.16
CA GLU C 312 22.96 49.40 -22.40
C GLU C 312 22.86 48.69 -21.07
N ILE C 313 22.95 47.37 -21.07
CA ILE C 313 23.04 46.64 -19.83
C ILE C 313 24.28 47.06 -19.07
N PHE C 314 25.42 47.04 -19.76
CA PHE C 314 26.69 47.23 -19.08
C PHE C 314 26.75 48.58 -18.39
N PHE C 315 26.06 49.58 -18.93
CA PHE C 315 25.85 50.81 -18.18
C PHE C 315 25.20 50.50 -16.84
N LYS C 316 24.07 49.82 -16.88
CA LYS C 316 23.36 49.51 -15.64
C LYS C 316 24.23 48.70 -14.70
N SER C 317 25.04 47.80 -15.25
CA SER C 317 26.05 47.13 -14.43
C SER C 317 26.86 48.13 -13.63
N VAL C 318 27.59 49.02 -14.30
CA VAL C 318 28.21 50.13 -13.61
C VAL C 318 27.19 50.86 -12.76
N ARG C 319 26.12 51.32 -13.40
CA ARG C 319 25.18 52.21 -12.73
C ARG C 319 24.72 51.61 -11.42
N ILE C 320 24.26 50.36 -11.44
CA ILE C 320 23.78 49.74 -10.22
C ILE C 320 24.84 49.70 -9.15
N LEU C 321 26.04 49.23 -9.49
CA LEU C 321 27.08 49.11 -8.48
C LEU C 321 27.33 50.46 -7.82
N LYS C 322 27.61 51.48 -8.63
CA LYS C 322 27.65 52.83 -8.11
C LYS C 322 26.41 53.13 -7.27
N ASN C 323 25.23 52.81 -7.78
CA ASN C 323 24.04 53.08 -7.01
C ASN C 323 23.98 52.31 -5.71
N LYS C 324 24.70 51.20 -5.57
CA LYS C 324 24.77 50.58 -4.25
C LYS C 324 25.50 51.47 -3.28
N ALA C 325 26.74 51.85 -3.60
CA ALA C 325 27.53 52.64 -2.69
C ALA C 325 26.84 53.96 -2.38
N GLU C 326 26.54 54.74 -3.41
CA GLU C 326 25.91 56.03 -3.19
C GLU C 326 24.68 55.89 -2.33
N TYR C 327 23.94 54.81 -2.52
CA TYR C 327 22.90 54.49 -1.56
C TYR C 327 23.47 54.24 -0.18
N LEU C 328 24.41 53.32 -0.07
CA LEU C 328 24.92 52.94 1.25
C LEU C 328 25.67 54.08 1.93
N LYS C 329 26.48 54.83 1.20
CA LYS C 329 27.12 56.01 1.77
C LYS C 329 26.10 56.89 2.48
N ASN C 330 24.92 57.00 1.92
CA ASN C 330 23.93 57.91 2.48
C ASN C 330 23.14 57.25 3.59
N CYS C 331 23.35 55.96 3.79
CA CYS C 331 22.61 55.28 4.84
C CYS C 331 23.22 55.61 6.20
N PRO C 332 22.42 55.95 7.18
CA PRO C 332 22.93 56.08 8.54
C PRO C 332 23.31 54.72 9.10
N ILE C 333 24.44 54.67 9.78
CA ILE C 333 24.95 53.44 10.34
C ILE C 333 24.45 53.37 11.77
N THR C 334 23.52 52.46 12.01
CA THR C 334 22.84 52.40 13.30
C THR C 334 23.69 51.65 14.31
N GLN C 335 23.62 52.10 15.56
CA GLN C 335 24.36 51.48 16.63
C GLN C 335 23.77 50.12 16.94
N THR D 12 -9.45 22.65 41.97
CA THR D 12 -9.97 22.10 43.21
C THR D 12 -8.84 21.86 44.20
N ALA D 13 -8.75 20.62 44.66
CA ALA D 13 -7.71 20.24 45.60
C ALA D 13 -6.56 19.60 44.85
N THR D 14 -5.38 20.22 44.91
CA THR D 14 -4.18 19.70 44.29
C THR D 14 -3.07 19.66 45.32
N THR D 15 -1.93 19.12 44.93
CA THR D 15 -0.79 19.11 45.83
C THR D 15 -0.32 20.51 46.15
N LEU D 16 -0.63 21.49 45.31
CA LEU D 16 -0.32 22.87 45.63
C LEU D 16 -1.03 23.34 46.89
N ASN D 17 -2.36 23.30 46.89
CA ASN D 17 -3.14 23.82 47.97
C ASN D 17 -3.41 22.81 49.07
N THR D 18 -3.10 21.54 48.87
CA THR D 18 -3.53 20.53 49.80
C THR D 18 -2.32 19.74 50.31
N PRO D 19 -2.31 19.38 51.59
CA PRO D 19 -1.28 18.45 52.06
C PRO D 19 -1.43 17.10 51.38
N VAL D 20 -0.30 16.43 51.20
CA VAL D 20 -0.35 15.10 50.62
C VAL D 20 -0.96 14.12 51.61
N VAL D 21 -0.50 14.14 52.85
CA VAL D 21 -1.02 13.25 53.88
C VAL D 21 -0.87 13.93 55.22
N ILE D 22 -1.78 13.64 56.13
CA ILE D 22 -1.81 14.28 57.44
C ILE D 22 -2.01 13.21 58.50
N HIS D 23 -1.29 13.35 59.60
CA HIS D 23 -1.42 12.41 60.71
C HIS D 23 -1.36 13.16 62.02
N ALA D 24 -2.25 12.81 62.93
CA ALA D 24 -2.10 13.26 64.30
C ALA D 24 -0.94 12.52 64.93
N THR D 25 0.01 13.27 65.45
CA THR D 25 1.17 12.68 66.09
C THR D 25 0.88 12.17 67.49
N GLN D 26 -0.09 12.75 68.18
CA GLN D 26 -0.40 12.38 69.55
C GLN D 26 -1.90 12.37 69.74
N LEU D 27 -2.33 11.83 70.87
CA LEU D 27 -3.71 12.03 71.28
C LEU D 27 -3.97 13.51 71.53
N PRO D 28 -5.10 14.02 71.09
CA PRO D 28 -5.34 15.47 71.16
C PRO D 28 -5.54 15.93 72.59
N GLN D 29 -5.21 17.20 72.84
CA GLN D 29 -5.24 17.76 74.17
C GLN D 29 -6.29 18.86 74.27
N HIS D 30 -7.26 18.67 75.15
CA HIS D 30 -8.25 19.71 75.40
C HIS D 30 -7.57 20.93 75.98
N VAL D 31 -8.21 22.08 75.81
CA VAL D 31 -7.60 23.37 76.09
C VAL D 31 -8.55 24.21 76.93
N SER D 32 -7.97 25.04 77.80
CA SER D 32 -8.76 26.00 78.54
C SER D 32 -9.13 27.17 77.65
N THR D 33 -10.25 27.81 77.98
CA THR D 33 -10.68 28.98 77.22
C THR D 33 -9.59 30.03 77.17
N ASP D 34 -8.90 30.25 78.29
CA ASP D 34 -7.80 31.20 78.31
C ASP D 34 -6.80 30.90 77.22
N GLU D 35 -6.30 29.66 77.17
CA GLU D 35 -5.48 29.23 76.05
C GLU D 35 -6.15 29.56 74.73
N VAL D 36 -7.42 29.16 74.59
CA VAL D 36 -8.19 29.52 73.42
C VAL D 36 -8.18 31.03 73.22
N LEU D 37 -8.49 31.76 74.29
CA LEU D 37 -8.37 33.21 74.23
C LEU D 37 -6.96 33.62 73.84
N GLN D 38 -5.96 33.17 74.59
CA GLN D 38 -4.58 33.46 74.22
C GLN D 38 -4.32 33.13 72.77
N PHE D 39 -4.69 31.92 72.35
CA PHE D 39 -4.55 31.55 70.95
C PHE D 39 -5.28 32.54 70.05
N LEU D 40 -6.61 32.53 70.10
CA LEU D 40 -7.40 33.37 69.21
C LEU D 40 -6.89 34.80 69.22
N GLU D 41 -6.53 35.30 70.40
CA GLU D 41 -5.84 36.58 70.46
C GLU D 41 -4.61 36.53 69.59
N SER D 42 -3.61 35.77 70.04
CA SER D 42 -2.33 35.70 69.32
C SER D 42 -2.54 35.31 67.87
N PHE D 43 -3.37 34.30 67.62
CA PHE D 43 -3.55 33.82 66.26
C PHE D 43 -4.06 34.92 65.35
N ILE D 44 -5.20 35.50 65.70
CA ILE D 44 -5.75 36.58 64.87
C ILE D 44 -4.79 37.74 64.81
N ASP D 45 -4.17 38.09 65.93
CA ASP D 45 -3.18 39.15 65.95
C ASP D 45 -2.09 38.89 64.93
N GLU D 46 -1.55 37.68 64.94
CA GLU D 46 -0.47 37.33 64.02
C GLU D 46 -0.93 37.41 62.58
N LYS D 47 -2.24 37.30 62.36
CA LYS D 47 -2.78 37.34 60.99
C LYS D 47 -2.94 38.74 60.46
N GLU D 48 -2.62 39.75 61.28
CA GLU D 48 -2.69 41.13 60.84
C GLU D 48 -1.54 41.95 61.41
N THR D 80 -5.52 35.60 51.32
CA THR D 80 -6.63 36.50 51.59
C THR D 80 -7.82 35.71 52.12
N ASN D 81 -7.91 34.42 51.77
CA ASN D 81 -8.90 33.55 52.38
C ASN D 81 -8.82 33.63 53.90
N LEU D 82 -7.63 33.96 54.40
CA LEU D 82 -7.48 34.31 55.79
C LEU D 82 -8.54 35.29 56.26
N SER D 83 -8.86 36.29 55.43
CA SER D 83 -9.81 37.33 55.85
C SER D 83 -11.17 36.74 56.17
N SER D 84 -11.75 35.99 55.24
CA SER D 84 -13.09 35.47 55.43
C SER D 84 -13.21 34.61 56.67
N SER D 85 -12.22 33.79 56.96
CA SER D 85 -12.34 32.87 58.09
C SER D 85 -12.12 33.57 59.43
N ILE D 86 -11.09 34.41 59.54
CA ILE D 86 -10.88 35.10 60.81
C ILE D 86 -12.10 35.93 61.18
N SER D 87 -12.85 36.40 60.19
CA SER D 87 -14.13 37.04 60.47
C SER D 87 -14.97 36.19 61.39
N GLN D 88 -15.05 34.89 61.10
CA GLN D 88 -15.70 33.97 62.03
C GLN D 88 -15.02 33.99 63.37
N LEU D 89 -13.70 33.86 63.37
CA LEU D 89 -12.95 33.76 64.61
C LEU D 89 -13.23 34.94 65.53
N LYS D 90 -13.25 36.15 64.98
CA LYS D 90 -13.62 37.31 65.77
C LYS D 90 -14.95 37.08 66.48
N ARG D 91 -15.96 36.64 65.73
CA ARG D 91 -17.22 36.27 66.35
C ARG D 91 -17.03 35.13 67.35
N ILE D 92 -16.11 34.22 67.05
CA ILE D 92 -15.92 33.09 67.94
C ILE D 92 -15.27 33.54 69.24
N GLN D 93 -14.24 34.38 69.16
CA GLN D 93 -13.69 34.93 70.39
C GLN D 93 -14.67 35.89 71.05
N ARG D 94 -15.48 36.58 70.25
CA ARG D 94 -16.50 37.46 70.82
C ARG D 94 -17.43 36.67 71.71
N ASP D 95 -17.67 35.41 71.39
CA ASP D 95 -18.38 34.52 72.30
C ASP D 95 -17.73 34.54 73.68
N PHE D 96 -16.42 34.36 73.72
CA PHE D 96 -15.73 34.24 74.99
C PHE D 96 -15.35 35.61 75.54
N GLU E 4 55.59 -49.17 35.71
CA GLU E 4 56.54 -48.07 35.67
C GLU E 4 56.30 -47.13 36.83
N ASN E 5 56.85 -47.50 37.98
CA ASN E 5 56.74 -46.67 39.18
C ASN E 5 57.33 -45.29 38.98
N GLU E 6 58.22 -45.13 38.01
CA GLU E 6 58.99 -43.89 37.88
C GLU E 6 58.07 -42.68 37.80
N ARG E 7 57.17 -42.68 36.82
CA ARG E 7 56.18 -41.61 36.78
C ARG E 7 55.38 -41.56 38.06
N ASN E 8 54.82 -42.70 38.48
CA ASN E 8 54.10 -42.75 39.74
C ASN E 8 54.91 -42.13 40.86
N ILE E 9 56.17 -42.54 41.00
CA ILE E 9 57.04 -41.87 41.95
C ILE E 9 57.13 -40.39 41.65
N SER E 10 57.53 -40.04 40.43
CA SER E 10 57.66 -38.63 40.07
C SER E 10 56.36 -37.89 40.31
N ARG E 11 55.28 -38.36 39.69
CA ARG E 11 53.99 -37.72 39.85
C ARG E 11 53.63 -37.59 41.32
N LEU E 12 53.78 -38.66 42.09
CA LEU E 12 53.50 -38.56 43.51
C LEU E 12 54.36 -37.49 44.15
N TRP E 13 55.68 -37.62 44.05
CA TRP E 13 56.57 -36.56 44.50
C TRP E 13 56.13 -35.22 43.95
N ARG E 14 55.81 -35.17 42.67
CA ARG E 14 55.42 -33.90 42.06
C ARG E 14 54.17 -33.36 42.74
N ALA E 15 53.13 -34.18 42.85
CA ALA E 15 51.94 -33.76 43.56
C ALA E 15 52.25 -33.50 45.02
N PHE E 16 52.97 -34.43 45.66
CA PHE E 16 53.34 -34.26 47.05
C PHE E 16 53.99 -32.92 47.33
N ARG E 17 54.79 -32.42 46.40
CA ARG E 17 55.29 -31.07 46.51
C ARG E 17 54.16 -30.06 46.66
N THR E 18 53.22 -30.08 45.72
CA THR E 18 52.12 -29.12 45.73
C THR E 18 51.45 -29.05 47.09
N VAL E 19 51.29 -30.20 47.74
CA VAL E 19 50.63 -30.23 49.03
C VAL E 19 51.31 -29.30 50.01
N LYS E 20 52.61 -29.51 50.24
CA LYS E 20 53.34 -28.63 51.13
C LYS E 20 53.21 -27.19 50.69
N GLU E 21 53.37 -26.95 49.40
CA GLU E 21 53.16 -25.62 48.85
C GLU E 21 51.84 -25.06 49.32
N MET E 22 50.77 -25.83 49.19
CA MET E 22 49.47 -25.41 49.68
C MET E 22 49.54 -25.15 51.18
N VAL E 23 49.97 -26.15 51.95
CA VAL E 23 49.94 -26.02 53.40
C VAL E 23 50.76 -24.83 53.86
N LYS E 24 51.95 -24.66 53.28
CA LYS E 24 52.67 -23.40 53.49
C LYS E 24 51.77 -22.23 53.15
N ASP E 25 51.37 -22.11 51.87
CA ASP E 25 50.48 -21.05 51.45
C ASP E 25 49.25 -20.93 52.31
N ARG E 26 48.68 -22.05 52.74
CA ARG E 26 47.50 -21.97 53.58
C ARG E 26 47.84 -21.44 54.96
N GLY E 27 49.11 -21.22 55.25
CA GLY E 27 49.53 -20.49 56.44
C GLY E 27 50.20 -21.33 57.51
N TYR E 28 50.17 -22.65 57.39
CA TYR E 28 50.81 -23.47 58.40
C TYR E 28 52.32 -23.36 58.26
N PHE E 29 53.04 -24.01 59.15
CA PHE E 29 54.49 -23.89 59.21
C PHE E 29 55.13 -25.07 58.49
N ILE E 30 55.85 -24.77 57.42
CA ILE E 30 56.65 -25.76 56.70
C ILE E 30 57.95 -25.09 56.28
N THR E 31 59.07 -25.77 56.53
CA THR E 31 60.36 -25.23 56.15
C THR E 31 60.48 -25.18 54.63
N GLN E 32 61.14 -24.14 54.15
CA GLN E 32 61.25 -23.92 52.72
C GLN E 32 61.84 -25.13 52.02
N GLU E 33 62.82 -25.76 52.65
CA GLU E 33 63.50 -26.90 52.03
C GLU E 33 62.60 -28.12 52.02
N GLU E 34 61.72 -28.23 53.01
CA GLU E 34 60.75 -29.31 53.01
C GLU E 34 59.89 -29.26 51.76
N VAL E 35 59.58 -28.04 51.29
CA VAL E 35 58.99 -27.88 49.98
C VAL E 35 59.91 -28.35 48.87
N GLU E 36 61.21 -28.14 49.03
CA GLU E 36 62.17 -28.29 47.96
C GLU E 36 62.70 -29.69 47.82
N LEU E 37 62.13 -30.64 48.55
CA LEU E 37 62.62 -32.00 48.61
C LEU E 37 62.83 -32.57 47.21
N PRO E 38 64.04 -33.01 46.87
CA PRO E 38 64.27 -33.59 45.56
C PRO E 38 63.67 -34.98 45.46
N LEU E 39 63.52 -35.42 44.22
CA LEU E 39 62.87 -36.70 43.96
C LEU E 39 63.56 -37.84 44.70
N GLU E 40 64.89 -37.85 44.67
CA GLU E 40 65.64 -38.97 45.24
C GLU E 40 65.46 -39.03 46.74
N ASP E 41 65.72 -37.90 47.42
CA ASP E 41 65.52 -37.86 48.85
C ASP E 41 64.09 -38.23 49.20
N PHE E 42 63.14 -37.73 48.42
CA PHE E 42 61.76 -38.20 48.51
C PHE E 42 61.71 -39.71 48.44
N LYS E 43 62.31 -40.28 47.39
CA LYS E 43 62.45 -41.72 47.32
C LYS E 43 63.26 -42.26 48.47
N ALA E 44 64.39 -41.62 48.78
CA ALA E 44 65.16 -42.02 49.95
C ALA E 44 64.28 -42.04 51.19
N LYS E 45 63.59 -40.92 51.46
CA LYS E 45 62.76 -40.90 52.66
C LYS E 45 61.53 -41.77 52.51
N TYR E 46 60.71 -41.51 51.50
CA TYR E 46 59.37 -42.04 51.46
C TYR E 46 59.24 -43.34 50.70
N CYS E 47 60.27 -43.73 49.96
CA CYS E 47 60.30 -45.06 49.37
C CYS E 47 61.16 -45.96 50.22
N ASP E 48 60.67 -47.16 50.47
CA ASP E 48 61.47 -48.25 50.99
C ASP E 48 62.36 -48.75 49.86
N SER E 49 63.04 -49.87 50.04
CA SER E 49 63.76 -50.42 48.90
C SER E 49 62.70 -51.31 48.23
N MET E 50 62.02 -50.70 47.28
CA MET E 50 60.98 -51.32 46.47
C MET E 50 61.07 -50.76 45.07
N GLY E 51 60.93 -49.44 45.02
CA GLY E 51 60.40 -48.72 43.88
C GLY E 51 59.04 -48.14 44.16
N ARG E 52 58.43 -48.50 45.29
CA ARG E 52 57.13 -47.98 45.68
C ARG E 52 57.22 -47.21 47.00
N PRO E 53 56.92 -45.92 46.98
CA PRO E 53 56.87 -45.15 48.23
C PRO E 53 55.72 -45.61 49.11
N GLN E 54 55.78 -45.18 50.37
CA GLN E 54 54.75 -45.49 51.35
C GLN E 54 53.96 -44.24 51.68
N ARG E 55 52.71 -44.21 51.24
CA ARG E 55 51.81 -43.12 51.57
C ARG E 55 51.82 -42.80 53.06
N LYS E 56 51.83 -43.83 53.89
CA LYS E 56 51.66 -43.62 55.32
C LYS E 56 52.81 -42.84 55.93
N MET E 57 54.04 -43.19 55.59
CA MET E 57 55.19 -42.42 56.05
C MET E 57 55.20 -41.02 55.49
N MET E 58 54.44 -40.78 54.43
CA MET E 58 54.33 -39.46 53.83
C MET E 58 53.39 -38.55 54.60
N SER E 59 52.27 -39.07 55.06
CA SER E 59 51.30 -38.28 55.82
C SER E 59 51.96 -37.69 57.06
N PHE E 60 51.51 -36.50 57.44
CA PHE E 60 52.18 -35.79 58.52
C PHE E 60 51.22 -34.77 59.12
N GLN E 61 51.61 -34.24 60.27
CA GLN E 61 50.93 -33.14 60.92
C GLN E 61 51.59 -31.82 60.54
N ALA E 62 50.78 -30.79 60.39
CA ALA E 62 51.27 -29.44 60.17
C ALA E 62 50.69 -28.52 61.24
N ASN E 63 51.41 -27.45 61.53
CA ASN E 63 51.01 -26.52 62.57
C ASN E 63 51.05 -25.10 62.06
N PRO E 64 50.20 -24.23 62.59
CA PRO E 64 50.16 -22.85 62.11
C PRO E 64 51.42 -22.11 62.49
N THR E 65 51.71 -21.08 61.72
CA THR E 65 52.77 -20.16 62.10
C THR E 65 52.22 -19.18 63.11
N GLU E 66 53.10 -18.32 63.61
CA GLU E 66 52.69 -17.28 64.55
C GLU E 66 51.68 -16.37 63.90
N GLU E 67 52.13 -15.68 62.85
CA GLU E 67 51.27 -14.76 62.13
C GLU E 67 49.94 -15.40 61.79
N SER E 68 49.98 -16.64 61.31
CA SER E 68 48.76 -17.41 61.14
C SER E 68 47.94 -17.36 62.42
N ILE E 69 48.48 -17.89 63.51
CA ILE E 69 47.75 -17.92 64.77
C ILE E 69 47.36 -16.50 65.18
N SER E 70 48.32 -15.58 65.17
CA SER E 70 48.03 -14.22 65.57
C SER E 70 46.91 -13.65 64.73
N LYS E 71 46.95 -13.88 63.42
CA LYS E 71 45.89 -13.36 62.57
C LYS E 71 44.65 -14.22 62.62
N PHE E 72 44.81 -15.54 62.65
CA PHE E 72 43.68 -16.47 62.67
C PHE E 72 43.78 -17.25 63.96
N PRO E 73 43.35 -16.68 65.09
CA PRO E 73 43.46 -17.41 66.35
C PRO E 73 42.78 -18.75 66.31
N ASP E 74 41.68 -18.87 65.58
CA ASP E 74 40.94 -20.11 65.54
C ASP E 74 41.64 -21.18 64.73
N MET E 75 42.72 -20.84 64.03
CA MET E 75 43.46 -21.83 63.26
C MET E 75 44.15 -22.79 64.21
N GLY E 76 43.86 -24.07 64.08
CA GLY E 76 44.50 -25.10 64.86
C GLY E 76 45.43 -25.95 64.03
N SER E 77 45.78 -27.11 64.57
CA SER E 77 46.72 -28.01 63.92
C SER E 77 46.09 -28.69 62.71
N LEU E 78 46.93 -28.99 61.74
CA LEU E 78 46.52 -29.67 60.53
C LEU E 78 47.11 -31.06 60.46
N TRP E 79 46.32 -32.01 60.02
CA TRP E 79 46.83 -33.33 59.69
C TRP E 79 46.71 -33.55 58.19
N VAL E 80 47.81 -33.99 57.60
CA VAL E 80 47.86 -34.38 56.19
C VAL E 80 47.81 -35.89 56.15
N GLU E 81 47.05 -36.43 55.19
CA GLU E 81 46.92 -37.88 55.11
C GLU E 81 46.86 -38.32 53.66
N PHE E 82 47.51 -39.44 53.37
CA PHE E 82 47.40 -40.09 52.08
C PHE E 82 46.73 -41.44 52.26
N CYS E 83 46.08 -41.91 51.21
CA CYS E 83 45.42 -43.20 51.24
C CYS E 83 46.23 -44.19 50.41
N ASP E 84 46.83 -45.18 51.07
CA ASP E 84 47.61 -46.14 50.32
C ASP E 84 46.74 -46.97 49.39
N GLU E 85 45.57 -47.39 49.85
CA GLU E 85 44.64 -48.12 49.02
C GLU E 85 44.07 -47.20 47.96
N PRO E 86 43.89 -47.65 46.72
CA PRO E 86 43.11 -46.83 45.78
C PRO E 86 41.69 -46.61 46.26
N SER E 87 41.00 -47.67 46.63
CA SER E 87 39.69 -47.50 47.22
C SER E 87 39.81 -46.77 48.54
N VAL E 88 38.83 -45.90 48.81
CA VAL E 88 38.73 -45.23 50.09
C VAL E 88 37.64 -45.94 50.87
N GLY E 89 38.05 -46.70 51.88
CA GLY E 89 37.14 -47.46 52.69
C GLY E 89 36.38 -46.54 53.63
N VAL E 90 35.09 -46.83 53.76
CA VAL E 90 34.31 -46.18 54.81
C VAL E 90 34.97 -46.39 56.15
N LYS E 91 35.50 -47.59 56.39
CA LYS E 91 36.31 -47.83 57.57
C LYS E 91 37.63 -47.08 57.50
N THR E 92 38.29 -47.12 56.33
CA THR E 92 39.46 -46.27 56.14
C THR E 92 39.13 -44.83 56.48
N MET E 93 38.04 -44.32 55.92
CA MET E 93 37.50 -43.05 56.37
C MET E 93 37.30 -43.06 57.88
N LYS E 94 36.53 -44.03 58.38
CA LYS E 94 36.28 -44.14 59.81
C LYS E 94 37.59 -44.19 60.59
N THR E 95 38.57 -44.94 60.08
CA THR E 95 39.89 -44.95 60.68
C THR E 95 40.46 -43.55 60.74
N PHE E 96 40.56 -42.89 59.59
CA PHE E 96 41.14 -41.56 59.53
C PHE E 96 40.30 -40.56 60.30
N VAL E 97 38.98 -40.60 60.11
CA VAL E 97 38.11 -39.62 60.75
C VAL E 97 38.31 -39.62 62.26
N ILE E 98 38.11 -40.78 62.89
CA ILE E 98 38.25 -40.86 64.33
C ILE E 98 39.69 -40.52 64.72
N HIS E 99 40.64 -40.96 63.90
CA HIS E 99 42.04 -40.61 64.10
C HIS E 99 42.21 -39.11 64.29
N ILE E 100 41.47 -38.32 63.51
CA ILE E 100 41.57 -36.87 63.65
C ILE E 100 41.01 -36.43 65.00
N GLN E 101 39.77 -36.79 65.28
CA GLN E 101 39.16 -36.38 66.53
C GLN E 101 39.94 -36.88 67.73
N GLU E 102 40.36 -38.15 67.71
CA GLU E 102 41.19 -38.69 68.78
C GLU E 102 42.38 -37.79 69.04
N LYS E 103 43.15 -37.49 68.01
CA LYS E 103 44.29 -36.62 68.18
C LYS E 103 43.90 -35.15 68.15
N ASN E 104 42.63 -34.85 67.92
CA ASN E 104 42.12 -33.50 68.03
C ASN E 104 42.86 -32.54 67.10
N PHE E 105 42.62 -32.71 65.81
CA PHE E 105 43.13 -31.76 64.83
C PHE E 105 42.05 -30.76 64.47
N GLN E 106 42.46 -29.52 64.27
CA GLN E 106 41.55 -28.54 63.68
C GLN E 106 41.01 -29.02 62.36
N THR E 107 41.89 -29.47 61.47
CA THR E 107 41.51 -29.87 60.14
C THR E 107 42.36 -31.06 59.71
N GLY E 108 41.73 -32.05 59.11
CA GLY E 108 42.43 -33.08 58.41
C GLY E 108 42.45 -32.81 56.92
N ILE E 109 43.41 -33.41 56.24
CA ILE E 109 43.46 -33.40 54.78
C ILE E 109 43.81 -34.80 54.33
N PHE E 110 42.96 -35.38 53.50
CA PHE E 110 43.05 -36.79 53.15
C PHE E 110 43.15 -36.87 51.63
N VAL E 111 44.28 -37.32 51.13
CA VAL E 111 44.53 -37.32 49.70
C VAL E 111 44.34 -38.75 49.22
N TYR E 112 43.24 -38.98 48.53
CA TYR E 112 42.94 -40.28 47.96
C TYR E 112 43.68 -40.47 46.65
N GLN E 113 43.89 -41.72 46.28
CA GLN E 113 44.54 -42.03 45.02
C GLN E 113 43.59 -41.82 43.85
N ASN E 114 42.51 -42.60 43.79
CA ASN E 114 41.60 -42.54 42.66
C ASN E 114 40.16 -42.27 43.09
N ASN E 115 39.54 -43.15 43.88
CA ASN E 115 38.11 -43.02 44.12
C ASN E 115 37.77 -43.24 45.59
N ILE E 116 36.58 -42.80 45.96
CA ILE E 116 36.11 -42.82 47.34
C ILE E 116 34.72 -43.47 47.37
N THR E 117 34.47 -44.26 48.39
CA THR E 117 33.12 -44.73 48.64
C THR E 117 32.23 -43.55 49.03
N PRO E 118 31.20 -43.26 48.23
CA PRO E 118 30.30 -42.16 48.57
C PRO E 118 29.66 -42.31 49.94
N SER E 119 29.60 -43.52 50.49
CA SER E 119 29.18 -43.68 51.87
C SER E 119 30.15 -42.95 52.80
N ALA E 120 31.46 -43.12 52.56
CA ALA E 120 32.43 -42.33 53.30
C ALA E 120 32.26 -40.84 53.03
N MET E 121 31.83 -40.47 51.82
CA MET E 121 31.54 -39.07 51.55
C MET E 121 30.51 -38.52 52.51
N LYS E 122 29.44 -39.28 52.78
CA LYS E 122 28.49 -38.89 53.79
C LYS E 122 29.15 -38.70 55.15
N LEU E 123 30.22 -39.45 55.43
CA LEU E 123 30.91 -39.35 56.69
C LEU E 123 31.99 -38.29 56.68
N VAL E 124 32.12 -37.52 55.60
CA VAL E 124 33.06 -36.40 55.59
C VAL E 124 32.65 -35.34 56.61
N PRO E 125 31.40 -34.84 56.63
CA PRO E 125 30.98 -33.91 57.68
C PRO E 125 30.69 -34.63 58.99
N SER E 126 31.62 -35.47 59.42
CA SER E 126 31.37 -36.31 60.59
C SER E 126 31.49 -35.52 61.87
N ILE E 127 32.61 -34.80 62.04
CA ILE E 127 32.95 -34.28 63.35
C ILE E 127 33.21 -32.77 63.30
N PRO E 128 32.20 -31.95 63.05
CA PRO E 128 32.37 -30.52 63.27
C PRO E 128 32.75 -30.25 64.72
N PRO E 129 33.47 -29.16 64.99
CA PRO E 129 33.94 -28.12 64.08
C PRO E 129 35.04 -28.60 63.15
N ALA E 130 35.77 -29.61 63.57
CA ALA E 130 36.87 -30.13 62.76
C ALA E 130 36.37 -30.52 61.38
N THR E 131 37.19 -30.18 60.38
CA THR E 131 36.81 -30.39 58.99
C THR E 131 37.83 -31.23 58.26
N ILE E 132 37.40 -31.76 57.11
CA ILE E 132 38.16 -32.71 56.33
C ILE E 132 38.24 -32.19 54.91
N GLU E 133 39.39 -32.37 54.27
CA GLU E 133 39.58 -31.99 52.88
C GLU E 133 40.16 -33.16 52.11
N THR E 134 39.59 -33.42 50.94
CA THR E 134 39.95 -34.59 50.16
C THR E 134 40.38 -34.18 48.77
N PHE E 135 41.59 -34.58 48.40
CA PHE E 135 42.15 -34.24 47.10
C PHE E 135 42.58 -35.51 46.36
N ASN E 136 42.46 -35.46 45.06
CA ASN E 136 43.00 -36.50 44.19
C ASN E 136 44.50 -36.30 44.09
N GLU E 137 45.25 -37.37 44.32
CA GLU E 137 46.68 -37.34 44.06
C GLU E 137 46.98 -36.83 42.66
N ALA E 138 46.23 -37.26 41.66
CA ALA E 138 46.46 -36.79 40.30
C ALA E 138 46.01 -35.35 40.13
N ALA E 139 45.03 -34.90 40.90
CA ALA E 139 44.64 -33.50 40.81
C ALA E 139 45.73 -32.56 41.25
N LEU E 140 46.63 -33.00 42.11
CA LEU E 140 47.63 -32.13 42.70
C LEU E 140 48.94 -32.14 41.95
N VAL E 141 49.00 -32.83 40.82
CA VAL E 141 50.26 -33.01 40.10
C VAL E 141 50.94 -31.66 39.90
N VAL E 142 50.17 -30.64 39.60
CA VAL E 142 50.71 -29.31 39.37
C VAL E 142 49.94 -28.33 40.26
N ASN E 143 50.67 -27.59 41.08
CA ASN E 143 50.06 -26.49 41.80
C ASN E 143 49.49 -25.50 40.81
N ILE E 144 48.20 -25.21 40.97
CA ILE E 144 47.54 -24.31 40.04
C ILE E 144 47.90 -22.87 40.34
N THR E 145 48.08 -22.52 41.61
CA THR E 145 48.36 -21.14 41.98
C THR E 145 49.61 -20.64 41.29
N HIS E 146 50.48 -21.55 40.88
CA HIS E 146 51.69 -21.11 40.21
C HIS E 146 51.42 -20.64 38.80
N HIS E 147 50.31 -21.04 38.21
CA HIS E 147 50.06 -20.65 36.84
C HIS E 147 49.91 -19.14 36.72
N GLU E 148 50.36 -18.61 35.60
CA GLU E 148 50.43 -17.17 35.42
C GLU E 148 49.08 -16.50 35.42
N LEU E 149 48.05 -17.13 34.86
CA LEU E 149 46.72 -16.57 34.90
C LEU E 149 46.18 -16.47 36.31
N VAL E 150 46.46 -17.45 37.17
CA VAL E 150 45.94 -17.47 38.52
C VAL E 150 46.62 -16.35 39.30
N PRO E 151 45.89 -15.36 39.77
CA PRO E 151 46.49 -14.31 40.60
C PRO E 151 46.70 -14.80 42.02
N LYS E 152 47.49 -14.04 42.75
CA LYS E 152 47.68 -14.32 44.17
C LYS E 152 46.36 -14.24 44.90
N HIS E 153 46.15 -15.15 45.84
CA HIS E 153 44.92 -15.19 46.63
C HIS E 153 45.27 -15.10 48.10
N ILE E 154 44.51 -14.31 48.85
CA ILE E 154 44.78 -14.13 50.26
C ILE E 154 43.49 -14.22 51.04
N ARG E 155 43.42 -15.19 51.94
CA ARG E 155 42.30 -15.31 52.85
C ARG E 155 42.46 -14.26 53.95
N LEU E 156 41.33 -13.72 54.40
CA LEU E 156 41.33 -12.55 55.26
C LEU E 156 40.87 -12.90 56.66
N SER E 157 41.39 -12.17 57.65
CA SER E 157 40.88 -12.31 59.00
C SER E 157 39.47 -11.75 59.07
N SER E 158 38.68 -12.34 59.96
CA SER E 158 37.34 -11.81 60.19
C SER E 158 37.38 -10.32 60.48
N ASP E 159 38.36 -9.90 61.27
CA ASP E 159 38.60 -8.48 61.45
C ASP E 159 38.78 -7.77 60.13
N GLU E 160 39.69 -8.26 59.28
CA GLU E 160 39.92 -7.63 58.00
C GLU E 160 38.64 -7.56 57.19
N LYS E 161 37.93 -8.69 57.11
CA LYS E 161 36.66 -8.73 56.41
C LYS E 161 35.72 -7.63 56.87
N ARG E 162 35.59 -7.46 58.19
CA ARG E 162 34.82 -6.35 58.72
C ARG E 162 35.30 -5.03 58.14
N GLU E 163 36.60 -4.77 58.27
CA GLU E 163 37.14 -3.49 57.80
C GLU E 163 36.76 -3.25 56.36
N LEU E 164 36.83 -4.29 55.54
CA LEU E 164 36.41 -4.18 54.15
C LEU E 164 34.97 -3.75 54.04
N LEU E 165 34.05 -4.59 54.50
CA LEU E 165 32.64 -4.28 54.43
C LEU E 165 32.35 -2.89 54.99
N LYS E 166 32.76 -2.64 56.22
CA LYS E 166 32.56 -1.34 56.82
C LYS E 166 33.14 -0.23 55.96
N ARG E 167 34.16 -0.55 55.14
CA ARG E 167 34.69 0.46 54.25
C ARG E 167 33.76 0.70 53.08
N TYR E 168 33.27 -0.37 52.45
CA TYR E 168 32.37 -0.24 51.33
C TYR E 168 30.90 -0.26 51.71
N ARG E 169 30.59 -0.51 52.97
CA ARG E 169 29.21 -0.52 53.44
C ARG E 169 28.38 -1.51 52.61
N LEU E 170 28.72 -2.79 52.79
CA LEU E 170 28.11 -3.87 52.04
C LEU E 170 27.47 -4.88 52.96
N LYS E 171 26.46 -5.55 52.43
CA LYS E 171 26.08 -6.83 52.98
C LYS E 171 27.02 -7.89 52.39
N GLU E 172 27.34 -8.88 53.22
CA GLU E 172 28.32 -9.87 52.82
C GLU E 172 28.07 -10.45 51.45
N SER E 173 26.81 -10.61 51.07
CA SER E 173 26.46 -11.30 49.84
C SER E 173 26.57 -10.41 48.61
N GLN E 174 26.80 -9.12 48.79
CA GLN E 174 26.91 -8.22 47.64
C GLN E 174 28.28 -8.22 47.02
N LEU E 175 29.22 -9.00 47.56
CA LEU E 175 30.51 -9.15 46.94
C LEU E 175 30.41 -10.08 45.75
N PRO E 176 31.35 -9.99 44.81
CA PRO E 176 31.45 -11.03 43.79
C PRO E 176 31.72 -12.36 44.45
N ARG E 177 30.95 -13.36 44.06
CA ARG E 177 31.04 -14.66 44.69
C ARG E 177 32.21 -15.45 44.14
N ILE E 178 32.77 -16.30 44.98
CA ILE E 178 33.67 -17.35 44.54
C ILE E 178 33.10 -18.68 45.01
N GLN E 179 32.90 -19.60 44.08
CA GLN E 179 32.30 -20.87 44.43
C GLN E 179 33.17 -21.62 45.41
N ARG E 180 32.54 -22.25 46.40
CA ARG E 180 33.31 -23.01 47.37
C ARG E 180 33.97 -24.21 46.72
N ALA E 181 33.46 -24.64 45.57
CA ALA E 181 34.07 -25.72 44.82
C ALA E 181 35.16 -25.25 43.88
N ASP E 182 35.45 -23.96 43.85
CA ASP E 182 36.54 -23.45 43.05
C ASP E 182 37.84 -24.08 43.49
N PRO E 183 38.64 -24.64 42.57
CA PRO E 183 39.90 -25.25 42.98
C PRO E 183 40.73 -24.38 43.88
N VAL E 184 40.85 -23.08 43.57
CA VAL E 184 41.56 -22.19 44.47
C VAL E 184 40.99 -22.21 45.88
N ALA E 185 39.68 -22.04 46.02
CA ALA E 185 39.06 -22.20 47.33
C ALA E 185 39.39 -23.55 47.92
N LEU E 186 39.16 -24.62 47.17
CA LEU E 186 39.66 -25.92 47.54
C LEU E 186 41.13 -25.86 47.91
N TYR E 187 41.92 -25.18 47.10
CA TYR E 187 43.34 -25.08 47.39
C TYR E 187 43.58 -24.32 48.67
N LEU E 188 42.78 -23.32 48.96
CA LEU E 188 42.93 -22.62 50.23
C LEU E 188 42.10 -23.22 51.34
N GLY E 189 41.18 -24.12 51.02
CA GLY E 189 40.33 -24.68 52.05
C GLY E 189 39.47 -23.62 52.69
N LEU E 190 38.69 -22.92 51.88
CA LEU E 190 37.87 -21.81 52.37
C LEU E 190 36.57 -22.32 52.97
N LYS E 191 36.25 -21.83 54.17
CA LYS E 191 34.90 -21.97 54.65
C LYS E 191 33.99 -20.99 53.92
N ARG E 192 32.70 -21.27 53.93
CA ARG E 192 31.75 -20.30 53.40
C ARG E 192 31.79 -19.04 54.23
N GLY E 193 31.34 -17.95 53.65
CA GLY E 193 31.40 -16.67 54.33
C GLY E 193 32.78 -16.15 54.59
N GLU E 194 33.80 -16.75 53.98
CA GLU E 194 35.16 -16.22 54.05
C GLU E 194 35.42 -15.38 52.81
N VAL E 195 36.15 -14.29 52.99
CA VAL E 195 36.42 -13.36 51.92
C VAL E 195 37.92 -13.35 51.67
N VAL E 196 38.31 -13.35 50.41
CA VAL E 196 39.72 -13.47 50.03
C VAL E 196 40.13 -12.24 49.24
N LYS E 197 41.35 -11.79 49.47
CA LYS E 197 41.93 -10.75 48.65
C LYS E 197 42.58 -11.37 47.43
N ILE E 198 42.30 -10.82 46.27
CA ILE E 198 42.88 -11.26 45.01
C ILE E 198 43.63 -10.10 44.42
N ILE E 199 44.92 -10.28 44.21
CA ILE E 199 45.76 -9.24 43.62
C ILE E 199 45.79 -9.50 42.13
N ARG E 200 45.15 -8.62 41.38
CA ARG E 200 45.10 -8.74 39.94
C ARG E 200 46.18 -7.84 39.37
N LYS E 201 46.96 -8.37 38.44
CA LYS E 201 47.95 -7.57 37.75
C LYS E 201 47.26 -7.04 36.51
N SER E 202 46.96 -5.77 36.52
CA SER E 202 46.37 -5.18 35.33
C SER E 202 47.45 -4.96 34.28
N GLU E 203 47.03 -5.04 33.03
CA GLU E 203 47.90 -4.50 31.99
C GLU E 203 47.72 -3.00 31.89
N THR E 204 46.51 -2.52 32.16
CA THR E 204 46.27 -1.09 32.19
C THR E 204 46.92 -0.47 33.41
N SER E 205 46.42 -0.81 34.60
CA SER E 205 47.04 -0.42 35.84
C SER E 205 48.13 -1.43 36.19
N GLY E 206 48.65 -1.30 37.40
CA GLY E 206 49.59 -2.27 37.94
C GLY E 206 48.87 -3.35 38.70
N ARG E 207 49.52 -3.84 39.75
CA ARG E 207 48.86 -4.72 40.69
C ARG E 207 47.58 -4.07 41.18
N TYR E 208 46.50 -4.83 41.17
CA TYR E 208 45.19 -4.33 41.49
C TYR E 208 44.50 -5.34 42.40
N ALA E 209 44.12 -4.88 43.58
CA ALA E 209 43.53 -5.74 44.60
C ALA E 209 42.05 -5.88 44.30
N SER E 210 41.51 -7.07 44.51
CA SER E 210 40.08 -7.32 44.42
C SER E 210 39.69 -8.34 45.45
N TYR E 211 38.39 -8.62 45.53
CA TYR E 211 37.87 -9.42 46.63
C TYR E 211 36.80 -10.36 46.12
N ARG E 212 36.62 -11.45 46.85
CA ARG E 212 35.63 -12.47 46.56
C ARG E 212 35.21 -13.10 47.87
N ILE E 213 33.95 -13.52 47.92
CA ILE E 213 33.41 -14.15 49.11
C ILE E 213 33.01 -15.57 48.79
N CYS E 214 33.41 -16.50 49.65
CA CYS E 214 33.22 -17.92 49.42
C CYS E 214 31.81 -18.31 49.82
N MET E 215 31.11 -18.98 48.91
CA MET E 215 29.78 -19.49 49.19
C MET E 215 29.65 -20.92 48.71
N PRO F 55 -2.43 7.21 66.41
CA PRO F 55 -1.38 8.23 66.38
C PRO F 55 -0.06 7.72 66.94
N GLU F 56 -0.13 6.86 67.95
CA GLU F 56 1.08 6.30 68.55
C GLU F 56 1.82 5.44 67.53
N ASP F 57 1.06 4.67 66.73
CA ASP F 57 1.67 3.92 65.64
C ASP F 57 2.32 4.86 64.64
N PHE F 58 1.73 6.02 64.42
CA PHE F 58 2.38 7.02 63.56
C PHE F 58 3.56 7.66 64.29
N GLN F 59 3.34 8.07 65.54
CA GLN F 59 4.44 8.54 66.36
C GLN F 59 5.54 7.49 66.47
N GLN F 60 5.20 6.24 66.21
CA GLN F 60 6.21 5.19 66.24
C GLN F 60 7.15 5.30 65.05
N HIS F 61 6.65 5.10 63.84
CA HIS F 61 7.57 5.06 62.71
C HIS F 61 8.11 6.44 62.38
N GLU F 62 7.58 7.49 63.01
CA GLU F 62 8.30 8.76 62.98
C GLU F 62 9.57 8.68 63.80
N GLN F 63 9.49 8.08 64.99
CA GLN F 63 10.70 7.79 65.75
C GLN F 63 11.57 6.79 65.00
N ILE F 64 10.94 5.88 64.26
CA ILE F 64 11.70 4.95 63.44
C ILE F 64 12.29 5.67 62.24
N ARG F 65 11.54 6.64 61.69
CA ARG F 65 12.05 7.43 60.59
C ARG F 65 13.36 8.10 60.96
N ARG F 66 13.41 8.74 62.12
CA ARG F 66 14.64 9.39 62.56
C ARG F 66 15.79 8.39 62.66
N LYS F 67 15.60 7.34 63.46
CA LYS F 67 16.69 6.46 63.83
C LYS F 67 17.41 5.92 62.60
N THR F 68 16.67 5.33 61.67
CA THR F 68 17.27 4.87 60.43
C THR F 68 17.90 6.04 59.68
N LEU F 69 17.16 7.13 59.54
CA LEU F 69 17.68 8.27 58.80
C LEU F 69 18.78 8.98 59.58
N LYS F 70 18.85 8.73 60.89
CA LYS F 70 20.06 9.08 61.63
C LYS F 70 21.21 8.19 61.20
N GLU F 71 20.95 6.89 61.08
CA GLU F 71 21.99 5.95 60.68
C GLU F 71 22.51 6.27 59.29
N LYS F 72 21.62 6.69 58.40
CA LYS F 72 21.98 6.88 57.00
C LYS F 72 22.66 8.22 56.74
N ALA F 73 22.76 9.08 57.73
CA ALA F 73 23.42 10.36 57.51
C ALA F 73 24.91 10.25 57.82
N ILE F 74 25.74 10.86 56.99
CA ILE F 74 27.19 10.88 57.26
C ILE F 74 27.60 12.27 57.73
N PRO F 75 28.23 12.38 58.89
CA PRO F 75 28.61 13.70 59.40
C PRO F 75 29.63 14.39 58.50
N LYS F 76 29.69 15.71 58.68
CA LYS F 76 30.56 16.55 57.86
C LYS F 76 31.99 16.02 57.85
N ASP F 77 32.58 15.87 59.03
CA ASP F 77 33.94 15.33 59.12
C ASP F 77 34.02 13.96 58.48
N GLN F 78 32.93 13.21 58.56
CA GLN F 78 32.95 11.82 58.14
C GLN F 78 32.77 11.72 56.63
N ARG F 79 32.63 12.87 55.96
CA ARG F 79 32.19 12.85 54.58
C ARG F 79 33.37 12.52 53.69
N ALA F 80 33.29 11.36 53.02
CA ALA F 80 34.46 10.74 52.40
C ALA F 80 34.56 10.94 50.89
N THR F 81 33.57 11.57 50.26
CA THR F 81 33.57 11.51 48.81
C THR F 81 34.30 12.71 48.21
N THR F 82 34.30 12.74 46.89
CA THR F 82 35.16 13.67 46.18
C THR F 82 34.77 15.11 46.48
N PRO F 83 35.75 15.99 46.67
CA PRO F 83 35.43 17.40 46.86
C PRO F 83 34.95 18.05 45.59
N TYR F 84 35.18 17.42 44.45
CA TYR F 84 34.78 17.98 43.18
C TYR F 84 33.29 17.82 42.93
N MET F 85 32.77 18.67 42.06
CA MET F 85 31.43 18.48 41.56
C MET F 85 31.45 17.55 40.37
N THR F 86 30.74 16.43 40.47
CA THR F 86 30.73 15.51 39.35
C THR F 86 30.10 16.19 38.14
N LYS F 87 30.53 15.74 36.97
CA LYS F 87 29.97 16.27 35.74
C LYS F 87 28.45 16.25 35.76
N TYR F 88 27.87 15.26 36.44
CA TYR F 88 26.42 15.16 36.52
C TYR F 88 25.84 16.16 37.50
N GLU F 89 26.38 16.18 38.72
CA GLU F 89 25.91 17.09 39.73
C GLU F 89 25.83 18.50 39.18
N ARG F 90 26.81 18.90 38.38
CA ARG F 90 26.76 20.22 37.78
C ARG F 90 25.50 20.38 36.94
N ALA F 91 25.19 19.39 36.11
CA ALA F 91 24.01 19.50 35.26
C ALA F 91 22.77 19.72 36.09
N ARG F 92 22.39 18.73 36.89
CA ARG F 92 21.11 18.79 37.60
C ARG F 92 20.97 20.02 38.45
N ILE F 93 22.03 20.43 39.16
CA ILE F 93 22.02 21.72 39.82
C ILE F 93 21.57 22.80 38.86
N LEU F 94 22.32 23.03 37.79
CA LEU F 94 21.87 23.99 36.79
C LEU F 94 20.43 23.74 36.40
N GLY F 95 20.05 22.50 36.18
CA GLY F 95 18.69 22.23 35.80
C GLY F 95 17.72 22.63 36.89
N THR F 96 17.87 22.05 38.08
CA THR F 96 16.93 22.35 39.15
C THR F 96 16.89 23.83 39.44
N ARG F 97 18.05 24.45 39.62
CA ARG F 97 18.06 25.88 39.84
C ARG F 97 17.36 26.62 38.72
N ALA F 98 17.53 26.18 37.48
CA ALA F 98 16.85 26.85 36.38
C ALA F 98 15.34 26.78 36.51
N LEU F 99 14.79 25.61 36.80
CA LEU F 99 13.36 25.51 37.01
C LEU F 99 12.89 26.52 38.04
N GLN F 100 13.48 26.50 39.21
CA GLN F 100 13.07 27.42 40.25
C GLN F 100 13.17 28.86 39.79
N ILE F 101 14.28 29.23 39.17
CA ILE F 101 14.41 30.58 38.63
C ILE F 101 13.27 30.86 37.67
N SER F 102 12.88 29.87 36.88
CA SER F 102 11.77 30.08 35.96
C SER F 102 10.45 30.28 36.69
N MET F 103 10.28 29.67 37.85
CA MET F 103 9.04 29.76 38.59
C MET F 103 8.99 30.91 39.56
N ASN F 104 9.87 31.90 39.40
CA ASN F 104 9.90 33.08 40.26
C ASN F 104 10.46 32.74 41.64
N ALA F 105 11.42 31.84 41.68
CA ALA F 105 12.18 31.73 42.89
C ALA F 105 13.03 32.98 43.06
N PRO F 106 13.44 33.30 44.28
CA PRO F 106 14.31 34.45 44.48
C PRO F 106 15.64 34.25 43.76
N VAL F 107 16.17 35.33 43.21
CA VAL F 107 17.37 35.28 42.38
C VAL F 107 18.41 36.18 43.03
N PHE F 108 19.55 35.59 43.37
CA PHE F 108 20.54 36.30 44.17
C PHE F 108 21.41 37.23 43.33
N VAL F 109 21.65 36.89 42.08
CA VAL F 109 22.56 37.68 41.24
C VAL F 109 21.72 38.44 40.21
N ASP F 110 22.23 39.61 39.82
CA ASP F 110 21.56 40.42 38.81
C ASP F 110 21.44 39.65 37.51
N LEU F 111 20.35 39.89 36.79
CA LEU F 111 20.13 39.18 35.54
C LEU F 111 20.96 39.78 34.42
N GLU F 112 20.99 41.12 34.35
CA GLU F 112 21.79 41.83 33.36
C GLU F 112 21.37 41.46 31.93
N GLY F 113 20.08 41.22 31.76
CA GLY F 113 19.53 40.95 30.45
C GLY F 113 19.51 39.50 30.05
N GLU F 114 19.48 38.57 31.00
CA GLU F 114 19.38 37.15 30.68
C GLU F 114 17.93 36.75 30.66
N THR F 115 17.41 36.43 29.48
CA THR F 115 16.05 35.93 29.39
C THR F 115 16.02 34.41 29.49
N ASP F 116 17.17 33.81 29.67
CA ASP F 116 17.26 32.37 29.72
C ASP F 116 17.54 31.92 31.14
N PRO F 117 16.58 31.28 31.83
CA PRO F 117 16.85 30.86 33.19
C PRO F 117 18.07 29.98 33.31
N LEU F 118 18.37 29.20 32.28
CA LEU F 118 19.51 28.30 32.39
C LEU F 118 20.81 29.06 32.33
N ARG F 119 20.89 30.09 31.49
CA ARG F 119 22.04 30.99 31.58
C ARG F 119 22.14 31.59 32.96
N ILE F 120 21.02 32.00 33.53
CA ILE F 120 21.01 32.55 34.87
C ILE F 120 21.59 31.54 35.86
N ALA F 121 21.07 30.32 35.84
CA ALA F 121 21.61 29.28 36.70
C ALA F 121 23.11 29.16 36.54
N MET F 122 23.59 29.10 35.30
CA MET F 122 25.02 29.14 35.08
C MET F 122 25.64 30.37 35.71
N LYS F 123 24.97 31.51 35.62
CA LYS F 123 25.55 32.74 36.12
C LYS F 123 25.69 32.73 37.63
N GLU F 124 24.70 32.18 38.33
CA GLU F 124 24.87 32.01 39.78
C GLU F 124 26.01 31.08 40.10
N LEU F 125 26.07 29.94 39.40
CA LEU F 125 27.05 28.93 39.72
C LEU F 125 28.47 29.46 39.69
N ALA F 126 28.75 30.41 38.79
CA ALA F 126 30.05 31.06 38.83
C ALA F 126 30.29 31.73 40.17
N GLU F 127 29.24 32.25 40.80
CA GLU F 127 29.36 32.92 42.07
C GLU F 127 29.05 32.02 43.25
N LYS F 128 28.64 30.78 42.99
CA LYS F 128 28.27 29.83 44.04
C LYS F 128 27.17 30.41 44.93
N LYS F 129 26.35 31.26 44.33
CA LYS F 129 25.20 31.82 45.03
C LYS F 129 24.01 30.89 45.00
N ILE F 130 24.15 29.70 44.42
CA ILE F 130 23.05 28.75 44.32
C ILE F 130 22.76 28.15 45.69
N PRO F 131 21.53 28.20 46.13
CA PRO F 131 21.22 27.71 47.48
C PRO F 131 20.77 26.26 47.50
N LEU F 132 21.59 25.32 47.07
CA LEU F 132 21.16 23.94 47.05
C LEU F 132 22.10 23.08 47.86
N VAL F 133 21.71 21.81 48.01
CA VAL F 133 22.53 20.81 48.68
C VAL F 133 22.37 19.51 47.91
N ILE F 134 23.49 18.91 47.53
CA ILE F 134 23.49 17.60 46.89
C ILE F 134 23.56 16.54 47.97
N ARG F 135 22.75 15.51 47.84
CA ARG F 135 22.78 14.39 48.76
C ARG F 135 23.27 13.16 48.02
N ARG F 136 24.50 12.76 48.30
CA ARG F 136 25.14 11.69 47.57
C ARG F 136 24.86 10.37 48.25
N TYR F 137 24.17 9.48 47.55
CA TYR F 137 23.80 8.18 48.09
C TYR F 137 24.93 7.19 47.86
N LEU F 138 25.48 6.65 48.95
CA LEU F 138 26.23 5.43 48.82
C LEU F 138 25.24 4.31 48.51
N PRO F 139 25.71 3.19 47.98
CA PRO F 139 24.77 2.15 47.54
C PRO F 139 23.95 1.58 48.67
N ASP F 140 24.49 1.54 49.88
CA ASP F 140 23.74 1.04 51.02
C ASP F 140 22.48 1.84 51.29
N GLY F 141 22.44 3.09 50.83
CA GLY F 141 21.40 4.03 51.18
C GLY F 141 21.84 5.10 52.15
N SER F 142 22.93 4.89 52.88
CA SER F 142 23.49 5.96 53.70
C SER F 142 24.00 7.01 52.73
N PHE F 143 23.78 8.28 53.06
CA PHE F 143 24.12 9.32 52.12
C PHE F 143 25.05 10.33 52.75
N GLU F 144 25.50 11.27 51.92
CA GLU F 144 26.20 12.43 52.39
C GLU F 144 25.40 13.64 52.00
N ASP F 145 25.85 14.80 52.45
CA ASP F 145 25.24 16.06 52.09
C ASP F 145 26.32 17.08 51.81
N TRP F 146 26.36 17.56 50.58
CA TRP F 146 27.35 18.55 50.17
C TRP F 146 26.62 19.83 49.86
N SER F 147 26.95 20.90 50.56
CA SER F 147 26.50 22.20 50.12
C SER F 147 27.05 22.43 48.73
N VAL F 148 26.31 23.14 47.88
CA VAL F 148 26.86 23.48 46.58
C VAL F 148 28.19 24.20 46.69
N GLU F 149 28.19 25.38 47.29
CA GLU F 149 29.38 26.21 47.42
C GLU F 149 30.58 25.49 48.00
N GLU F 150 30.39 24.48 48.85
CA GLU F 150 31.55 23.82 49.42
C GLU F 150 32.12 22.78 48.48
N LEU F 151 31.51 22.60 47.32
CA LEU F 151 31.89 21.51 46.45
C LEU F 151 32.61 22.08 45.24
N ILE F 152 33.82 21.60 44.98
CA ILE F 152 34.68 22.23 43.99
C ILE F 152 34.14 22.04 42.58
N VAL F 153 33.94 23.15 41.88
CA VAL F 153 33.47 23.09 40.51
C VAL F 153 34.63 22.66 39.62
N ASP F 154 34.31 21.96 38.54
CA ASP F 154 35.24 21.55 37.48
C ASP F 154 36.73 21.57 37.82
N ALA G 14 -13.32 -10.19 65.32
CA ALA G 14 -12.59 -10.90 64.28
C ALA G 14 -11.67 -9.96 63.52
N ARG G 15 -12.25 -9.15 62.65
CA ARG G 15 -11.51 -8.15 61.89
C ARG G 15 -11.90 -6.77 62.40
N PHE G 16 -10.90 -5.97 62.76
CA PHE G 16 -11.15 -4.63 63.31
C PHE G 16 -10.80 -3.60 62.23
N ILE G 17 -11.84 -2.98 61.67
CA ILE G 17 -11.66 -1.71 60.97
C ILE G 17 -11.98 -0.55 61.89
N LYS G 18 -12.29 -0.82 63.15
CA LYS G 18 -12.69 0.21 64.09
C LYS G 18 -11.46 0.89 64.68
N LYS G 19 -10.28 0.49 64.22
CA LYS G 19 -9.02 1.10 64.63
C LYS G 19 -8.97 2.58 64.25
N HIS G 20 -9.87 3.03 63.38
CA HIS G 20 -10.17 4.45 63.23
C HIS G 20 -11.37 4.79 64.12
N LYS G 21 -11.09 5.49 65.21
CA LYS G 21 -12.11 5.98 66.13
C LYS G 21 -11.51 7.10 66.96
N LYS G 22 -12.37 7.94 67.53
CA LYS G 22 -11.88 8.95 68.46
C LYS G 22 -11.97 8.40 69.88
N GLN G 23 -10.81 8.13 70.47
CA GLN G 23 -10.75 7.63 71.85
C GLN G 23 -10.69 8.78 72.85
N VAL G 24 -10.52 9.99 72.37
CA VAL G 24 -10.66 11.18 73.21
C VAL G 24 -12.14 11.55 73.27
N THR G 25 -12.64 11.74 74.49
CA THR G 25 -14.03 12.11 74.65
C THR G 25 -14.11 13.49 75.30
N ASN G 26 -15.04 14.30 74.82
CA ASN G 26 -15.16 15.66 75.33
C ASN G 26 -15.69 15.62 76.75
N PRO G 27 -14.88 15.96 77.75
CA PRO G 27 -15.35 15.87 79.13
C PRO G 27 -16.26 17.03 79.48
N ILE G 28 -17.27 16.73 80.30
CA ILE G 28 -18.22 17.75 80.71
C ILE G 28 -17.51 18.73 81.64
N ASP G 29 -17.56 20.00 81.28
CA ASP G 29 -16.71 21.00 81.89
C ASP G 29 -17.28 21.44 83.23
N GLU G 30 -16.51 22.26 83.94
CA GLU G 30 -16.95 22.90 85.16
C GLU G 30 -16.17 24.22 85.25
N LYS G 31 -16.81 25.30 85.64
CA LYS G 31 -18.20 25.31 86.07
C LYS G 31 -19.12 25.59 84.90
N ASN G 32 -19.85 24.54 84.51
CA ASN G 32 -20.75 24.54 83.36
C ASN G 32 -21.29 23.13 83.20
N GLY G 33 -22.27 22.96 82.33
CA GLY G 33 -22.78 21.63 82.08
C GLY G 33 -22.35 21.07 80.74
N THR G 34 -21.62 21.87 79.97
CA THR G 34 -21.21 21.45 78.64
C THR G 34 -19.86 20.78 78.66
N SER G 35 -19.36 20.47 77.47
CA SER G 35 -18.07 19.82 77.29
C SER G 35 -17.24 20.64 76.32
N ASN G 36 -15.92 20.58 76.48
CA ASN G 36 -15.03 21.26 75.56
C ASN G 36 -14.78 20.37 74.35
N CYS G 37 -15.25 20.82 73.19
CA CYS G 37 -14.93 20.14 71.94
C CYS G 37 -13.77 20.79 71.23
N ILE G 38 -13.27 21.90 71.73
CA ILE G 38 -12.04 22.49 71.21
C ILE G 38 -10.87 21.74 71.82
N VAL G 39 -9.90 21.40 70.99
CA VAL G 39 -8.83 20.50 71.41
C VAL G 39 -7.58 20.81 70.61
N ARG G 40 -6.42 20.61 71.24
CA ARG G 40 -5.13 20.79 70.60
C ARG G 40 -4.61 19.42 70.20
N VAL G 41 -4.37 19.24 68.91
CA VAL G 41 -3.79 18.01 68.38
C VAL G 41 -2.46 18.34 67.72
N PRO G 42 -1.35 17.82 68.20
CA PRO G 42 -0.10 17.89 67.43
C PRO G 42 -0.23 16.95 66.23
N ILE G 43 0.15 17.43 65.06
CA ILE G 43 0.04 16.63 63.86
C ILE G 43 1.30 16.72 63.04
N ALA G 44 1.40 15.82 62.07
CA ALA G 44 2.44 15.86 61.06
C ALA G 44 1.79 15.80 59.70
N LEU G 45 2.10 16.79 58.87
CA LEU G 45 1.61 16.84 57.50
C LEU G 45 2.80 16.87 56.56
N TYR G 46 2.60 16.39 55.36
CA TYR G 46 3.63 16.38 54.33
C TYR G 46 3.14 17.19 53.15
N VAL G 47 3.77 18.34 52.92
CA VAL G 47 3.21 19.30 51.98
C VAL G 47 4.27 19.73 50.98
N SER G 48 3.86 20.65 50.13
CA SER G 48 4.67 21.16 49.04
C SER G 48 5.01 22.61 49.31
N LEU G 49 6.09 23.08 48.69
CA LEU G 49 6.53 24.45 48.87
C LEU G 49 6.83 25.06 47.51
N ALA G 50 6.08 26.09 47.15
CA ALA G 50 6.29 26.74 45.87
C ALA G 50 7.68 27.34 45.80
N PRO G 51 8.26 27.42 44.60
CA PRO G 51 9.62 27.95 44.47
C PRO G 51 9.75 29.37 44.92
N MET G 52 8.69 30.17 44.86
CA MET G 52 8.83 31.56 45.27
C MET G 52 9.04 31.69 46.76
N TYR G 53 8.54 30.75 47.56
CA TYR G 53 8.61 30.88 49.00
C TYR G 53 9.88 30.30 49.59
N LEU G 54 10.83 29.89 48.74
CA LEU G 54 12.05 29.30 49.25
C LEU G 54 12.79 30.24 50.21
N GLU G 55 12.50 31.54 50.17
CA GLU G 55 13.03 32.43 51.18
C GLU G 55 12.04 32.70 52.31
N ASN G 56 10.82 32.21 52.22
CA ASN G 56 9.84 32.36 53.28
C ASN G 56 9.07 31.07 53.45
N PRO G 57 9.77 29.98 53.75
CA PRO G 57 9.10 28.67 53.72
C PRO G 57 7.95 28.56 54.69
N LEU G 58 8.14 29.00 55.93
CA LEU G 58 7.01 29.07 56.85
C LEU G 58 5.91 29.95 56.28
N GLN G 59 6.27 31.14 55.82
CA GLN G 59 5.28 32.04 55.26
C GLN G 59 4.54 31.40 54.11
N GLY G 60 5.26 30.65 53.28
CA GLY G 60 4.61 30.00 52.16
C GLY G 60 3.63 28.93 52.59
N VAL G 61 4.11 27.96 53.37
CA VAL G 61 3.27 26.83 53.76
C VAL G 61 1.94 27.31 54.30
N MET G 62 1.98 28.32 55.17
CA MET G 62 0.75 28.91 55.67
C MET G 62 -0.17 29.31 54.52
N LYS G 63 0.28 30.25 53.69
CA LYS G 63 -0.51 30.63 52.52
C LYS G 63 -0.78 29.46 51.61
N GLN G 64 0.17 28.55 51.48
CA GLN G 64 0.02 27.47 50.51
C GLN G 64 -0.87 26.34 51.00
N HIS G 65 -0.82 26.03 52.28
CA HIS G 65 -1.54 24.87 52.82
C HIS G 65 -2.39 25.19 54.02
N LEU G 66 -1.78 25.68 55.09
CA LEU G 66 -2.50 25.89 56.35
C LEU G 66 -3.73 26.76 56.15
N ASN G 67 -3.52 28.01 55.76
CA ASN G 67 -4.59 29.01 55.72
C ASN G 67 -5.88 28.49 55.12
N PRO G 68 -5.88 27.76 54.00
CA PRO G 68 -7.13 27.16 53.52
C PRO G 68 -7.79 26.26 54.54
N LEU G 69 -7.02 25.51 55.32
CA LEU G 69 -7.63 24.61 56.30
C LEU G 69 -8.34 25.35 57.40
N VAL G 70 -8.02 26.62 57.62
CA VAL G 70 -8.55 27.37 58.75
C VAL G 70 -10.06 27.42 58.65
N MET G 71 -10.74 27.01 59.71
CA MET G 71 -12.19 27.03 59.80
C MET G 71 -12.86 26.27 58.67
N LYS G 72 -12.36 25.06 58.40
CA LYS G 72 -13.06 24.10 57.57
C LYS G 72 -12.94 22.76 58.25
N TYR G 73 -13.89 21.88 57.96
CA TYR G 73 -13.84 20.57 58.59
C TYR G 73 -12.70 19.75 58.00
N ASN G 74 -12.20 18.82 58.80
CA ASN G 74 -11.21 17.86 58.33
C ASN G 74 -11.58 16.48 58.85
N ASN G 75 -11.33 15.47 58.02
CA ASN G 75 -11.63 14.10 58.41
C ASN G 75 -10.64 13.57 59.42
N LYS G 76 -9.35 13.73 59.14
CA LYS G 76 -8.31 13.24 60.04
C LYS G 76 -8.57 13.66 61.48
N VAL G 77 -8.50 14.96 61.75
CA VAL G 77 -8.83 15.45 63.09
C VAL G 77 -10.30 15.30 63.41
N GLY G 78 -11.14 15.09 62.40
CA GLY G 78 -12.56 14.91 62.66
C GLY G 78 -13.23 16.16 63.22
N GLY G 79 -12.73 17.32 62.85
CA GLY G 79 -13.34 18.54 63.32
C GLY G 79 -13.07 19.68 62.37
N VAL G 80 -13.51 20.86 62.76
CA VAL G 80 -13.22 22.08 62.01
C VAL G 80 -11.97 22.70 62.59
N VAL G 81 -11.06 23.13 61.71
CA VAL G 81 -9.79 23.66 62.15
C VAL G 81 -9.99 25.07 62.65
N LEU G 82 -9.73 25.29 63.93
CA LEU G 82 -9.86 26.63 64.48
C LEU G 82 -8.61 27.46 64.18
N GLY G 83 -7.47 26.80 64.09
CA GLY G 83 -6.24 27.51 63.83
C GLY G 83 -5.06 26.60 64.12
N TYR G 84 -3.87 27.17 64.01
CA TYR G 84 -2.67 26.36 64.12
C TYR G 84 -1.61 27.10 64.92
N GLU G 85 -0.81 26.33 65.65
CA GLU G 85 0.32 26.84 66.40
C GLU G 85 1.54 25.96 66.18
N GLY G 86 2.71 26.55 66.44
CA GLY G 86 3.95 25.81 66.42
C GLY G 86 4.22 25.13 65.11
N LEU G 87 4.20 25.90 64.03
CA LEU G 87 4.58 25.34 62.73
C LEU G 87 6.08 25.08 62.71
N LYS G 88 6.44 23.82 62.50
CA LYS G 88 7.84 23.44 62.48
C LYS G 88 8.13 22.65 61.21
N ILE G 89 8.97 23.20 60.38
CA ILE G 89 9.45 22.49 59.21
C ILE G 89 10.54 21.53 59.67
N LEU G 90 10.48 20.30 59.17
CA LEU G 90 11.43 19.27 59.58
C LEU G 90 12.60 19.29 58.61
N ASP G 91 13.76 19.71 59.09
CA ASP G 91 14.95 19.72 58.25
C ASP G 91 15.25 18.31 57.79
N ALA G 92 15.54 18.17 56.50
CA ALA G 92 15.91 16.86 55.98
C ALA G 92 17.12 16.28 56.70
N ASP G 93 18.16 17.08 56.91
CA ASP G 93 19.32 16.59 57.63
C ASP G 93 18.96 16.29 59.08
N PRO G 94 19.07 15.03 59.50
CA PRO G 94 18.93 14.72 60.92
C PRO G 94 20.07 15.29 61.76
N LEU G 95 21.27 15.35 61.20
CA LEU G 95 22.43 15.81 61.92
C LEU G 95 22.33 17.26 62.37
N SER G 96 21.79 18.12 61.52
CA SER G 96 21.65 19.52 61.86
C SER G 96 20.83 19.67 63.14
N LYS G 97 21.37 20.46 64.07
CA LYS G 97 20.65 20.76 65.28
C LYS G 97 19.40 21.55 64.96
N GLU G 98 18.39 21.42 65.81
CA GLU G 98 17.12 22.08 65.57
C GLU G 98 17.24 23.60 65.62
N ASP G 99 18.40 24.11 66.01
CA ASP G 99 18.61 25.55 66.06
C ASP G 99 18.95 26.14 64.69
N THR G 100 19.50 25.32 63.79
CA THR G 100 20.04 25.81 62.53
C THR G 100 19.02 26.62 61.75
N SER G 101 19.40 27.81 61.32
CA SER G 101 18.55 28.69 60.52
C SER G 101 18.36 28.19 59.10
N GLU G 102 19.21 27.30 58.62
CA GLU G 102 19.08 26.71 57.30
C GLU G 102 18.58 25.29 57.44
N LYS G 103 17.52 24.97 56.73
CA LYS G 103 17.00 23.61 56.70
C LYS G 103 16.95 23.14 55.26
N LEU G 104 16.84 21.84 55.09
CA LEU G 104 16.93 21.22 53.79
C LEU G 104 15.58 20.70 53.37
N ILE G 105 15.22 20.93 52.12
CA ILE G 105 13.95 20.49 51.58
C ILE G 105 14.24 19.67 50.33
N LYS G 106 13.79 18.43 50.32
CA LYS G 106 14.00 17.60 49.15
C LYS G 106 13.17 18.14 48.00
N ILE G 107 13.81 18.46 46.92
CA ILE G 107 13.13 18.93 45.72
C ILE G 107 12.60 17.71 45.00
N THR G 108 11.45 17.85 44.39
CA THR G 108 10.91 16.77 43.60
C THR G 108 11.88 16.46 42.46
N PRO G 109 12.15 15.20 42.19
CA PRO G 109 13.05 14.87 41.08
C PRO G 109 12.64 15.54 39.80
N ASP G 110 11.34 15.49 39.51
CA ASP G 110 10.85 16.00 38.24
C ASP G 110 10.65 17.51 38.26
N THR G 111 10.14 18.05 39.35
CA THR G 111 9.63 19.42 39.40
C THR G 111 10.35 20.20 40.48
N PRO G 112 10.39 21.53 40.36
CA PRO G 112 11.09 22.35 41.35
C PRO G 112 10.41 22.40 42.70
N PHE G 113 9.13 22.04 42.78
CA PHE G 113 8.43 22.09 44.05
C PHE G 113 9.10 21.21 45.08
N GLY G 114 9.41 21.80 46.22
CA GLY G 114 9.87 21.02 47.34
C GLY G 114 8.74 20.42 48.12
N PHE G 115 8.97 19.21 48.60
CA PHE G 115 8.04 18.55 49.50
C PHE G 115 8.74 18.30 50.82
N THR G 116 7.98 18.36 51.90
CA THR G 116 8.55 18.29 53.23
C THR G 116 7.51 17.87 54.24
N TRP G 117 7.99 17.41 55.38
CA TRP G 117 7.14 17.21 56.53
C TRP G 117 7.16 18.43 57.43
N CYS G 118 6.02 18.74 58.01
CA CYS G 118 5.92 19.84 58.95
C CYS G 118 5.10 19.42 60.16
N HIS G 119 5.58 19.78 61.34
CA HIS G 119 4.84 19.58 62.56
C HIS G 119 4.15 20.88 62.95
N VAL G 120 2.90 20.76 63.37
CA VAL G 120 2.10 21.91 63.75
C VAL G 120 1.03 21.45 64.73
N ASN G 121 0.59 22.38 65.56
CA ASN G 121 -0.44 22.11 66.56
C ASN G 121 -1.74 22.74 66.10
N LEU G 122 -2.78 21.93 65.94
CA LEU G 122 -4.08 22.41 65.54
C LEU G 122 -5.03 22.50 66.72
N TYR G 123 -5.64 23.66 66.88
CA TYR G 123 -6.81 23.81 67.73
C TYR G 123 -8.02 23.51 66.89
N VAL G 124 -8.78 22.50 67.30
CA VAL G 124 -9.88 22.01 66.51
C VAL G 124 -11.05 21.78 67.44
N TRP G 125 -12.22 22.22 67.01
CA TRP G 125 -13.45 21.97 67.74
C TRP G 125 -14.06 20.69 67.21
N GLN G 126 -14.11 19.66 68.05
CA GLN G 126 -14.54 18.32 67.66
C GLN G 126 -15.76 17.90 68.46
N PRO G 127 -16.92 18.22 67.99
CA PRO G 127 -18.13 17.71 68.64
C PRO G 127 -18.26 16.22 68.44
N GLN G 128 -18.51 15.49 69.51
CA GLN G 128 -18.84 14.07 69.39
C GLN G 128 -20.32 13.88 69.66
N VAL G 129 -20.77 12.63 69.59
CA VAL G 129 -22.15 12.33 69.88
C VAL G 129 -22.34 12.21 71.38
N GLY G 130 -23.42 12.77 71.90
CA GLY G 130 -23.68 12.84 73.32
C GLY G 130 -23.06 14.04 73.98
N ASP G 131 -22.35 14.87 73.24
CA ASP G 131 -21.75 16.05 73.82
C ASP G 131 -22.82 17.08 74.18
N VAL G 132 -22.59 17.79 75.27
CA VAL G 132 -23.50 18.83 75.76
C VAL G 132 -22.97 20.17 75.30
N LEU G 133 -23.83 20.95 74.65
CA LEU G 133 -23.42 22.22 74.07
C LEU G 133 -24.51 23.27 74.24
N GLU G 134 -24.13 24.53 74.02
CA GLU G 134 -25.05 25.65 74.05
C GLU G 134 -24.94 26.44 72.76
N GLY G 135 -26.02 27.12 72.39
CA GLY G 135 -26.00 28.02 71.27
C GLY G 135 -27.25 28.89 71.25
N TYR G 136 -27.10 30.07 70.66
CA TYR G 136 -28.17 31.04 70.53
C TYR G 136 -29.15 30.54 69.48
N ILE G 137 -30.36 31.08 69.50
CA ILE G 137 -31.36 30.67 68.52
C ILE G 137 -31.66 31.84 67.59
N PHE G 138 -31.22 31.74 66.35
CA PHE G 138 -31.53 32.74 65.35
C PHE G 138 -32.95 32.61 64.82
N ILE G 139 -33.45 31.39 64.67
CA ILE G 139 -34.81 31.14 64.18
C ILE G 139 -35.43 29.98 64.93
N GLN G 140 -36.64 30.17 65.43
CA GLN G 140 -37.47 29.08 65.93
C GLN G 140 -38.47 28.78 64.82
N SER G 141 -38.32 27.64 64.17
CA SER G 141 -39.21 27.26 63.08
C SER G 141 -40.34 26.41 63.62
N ALA G 142 -41.27 26.06 62.75
CA ALA G 142 -42.25 25.05 63.09
C ALA G 142 -41.64 23.67 63.19
N SER G 143 -40.68 23.37 62.32
CA SER G 143 -39.99 22.10 62.29
C SER G 143 -38.86 21.97 63.29
N HIS G 144 -38.07 23.01 63.51
CA HIS G 144 -36.83 22.80 64.23
C HIS G 144 -36.50 24.03 65.04
N ILE G 145 -35.28 24.03 65.57
CA ILE G 145 -34.69 25.17 66.26
C ILE G 145 -33.26 25.32 65.77
N GLY G 146 -32.95 26.49 65.21
CA GLY G 146 -31.62 26.76 64.71
C GLY G 146 -30.70 27.27 65.80
N LEU G 147 -29.43 26.89 65.70
CA LEU G 147 -28.43 27.24 66.69
C LEU G 147 -27.11 27.62 66.04
N LEU G 148 -26.65 28.82 66.32
CA LEU G 148 -25.25 29.19 66.09
C LEU G 148 -24.47 28.76 67.31
N ILE G 149 -23.52 27.87 67.12
CA ILE G 149 -22.66 27.44 68.22
C ILE G 149 -21.41 28.31 68.19
N HIS G 150 -21.18 29.04 69.28
CA HIS G 150 -20.08 30.00 69.36
C HIS G 150 -20.17 31.04 68.27
N ASP G 151 -21.38 31.32 67.79
CA ASP G 151 -21.62 32.31 66.73
C ASP G 151 -20.92 31.89 65.43
N ALA G 152 -20.67 30.59 65.30
CA ALA G 152 -20.01 30.09 64.10
C ALA G 152 -20.72 28.85 63.58
N PHE G 153 -20.67 27.78 64.36
CA PHE G 153 -21.18 26.47 63.95
C PHE G 153 -22.69 26.49 63.95
N ASN G 154 -23.27 26.10 62.82
CA ASN G 154 -24.72 26.11 62.68
C ASN G 154 -25.28 24.75 63.08
N ALA G 155 -26.14 24.76 64.10
CA ALA G 155 -26.74 23.54 64.63
C ALA G 155 -28.25 23.62 64.51
N SER G 156 -28.88 22.45 64.54
CA SER G 156 -30.32 22.36 64.37
C SER G 156 -30.84 21.24 65.26
N ILE G 157 -32.02 21.44 65.85
CA ILE G 157 -32.65 20.44 66.70
C ILE G 157 -33.96 20.03 66.04
N LYS G 158 -34.10 18.73 65.79
CA LYS G 158 -35.20 18.23 64.98
C LYS G 158 -36.50 18.22 65.78
N LYS G 159 -37.60 18.17 65.05
CA LYS G 159 -38.94 18.21 65.64
C LYS G 159 -39.17 17.02 66.56
N ASN G 160 -39.04 15.82 66.02
CA ASN G 160 -39.16 14.59 66.79
C ASN G 160 -38.19 14.60 67.97
N ASN G 161 -36.97 15.07 67.74
CA ASN G 161 -36.01 15.28 68.82
C ASN G 161 -36.51 16.24 69.88
N ILE G 162 -37.16 17.32 69.50
CA ILE G 162 -37.85 18.16 70.46
C ILE G 162 -38.91 17.32 71.17
N PRO G 163 -39.01 17.38 72.50
CA PRO G 163 -40.06 16.63 73.19
C PRO G 163 -41.43 17.13 72.76
N VAL G 164 -42.34 16.18 72.49
CA VAL G 164 -43.61 16.50 71.85
C VAL G 164 -44.43 17.46 72.68
N ASP G 165 -44.29 17.40 74.00
CA ASP G 165 -45.03 18.28 74.90
C ASP G 165 -44.82 19.75 74.61
N TRP G 166 -43.74 20.12 73.92
CA TRP G 166 -43.53 21.51 73.55
C TRP G 166 -44.30 21.84 72.28
N THR G 167 -44.60 23.13 72.10
CA THR G 167 -45.38 23.55 70.95
C THR G 167 -44.71 24.73 70.26
N PHE G 168 -45.18 25.01 69.06
CA PHE G 168 -44.76 26.15 68.28
C PHE G 168 -46.00 26.93 67.86
N VAL G 169 -45.92 28.26 67.97
CA VAL G 169 -47.05 29.13 67.73
C VAL G 169 -46.65 30.19 66.70
N HIS G 170 -47.54 31.14 66.47
CA HIS G 170 -47.27 32.25 65.57
C HIS G 170 -47.43 33.59 66.28
N GLY G 215 -43.34 32.29 63.60
CA GLY G 215 -43.73 32.40 65.00
C GLY G 215 -42.62 32.06 65.98
N HIS G 216 -42.97 31.39 67.07
CA HIS G 216 -41.94 31.01 68.05
C HIS G 216 -42.39 29.77 68.80
N TRP G 217 -41.42 28.96 69.21
CA TRP G 217 -41.70 27.75 69.97
C TRP G 217 -42.22 28.08 71.36
N VAL G 218 -42.82 27.06 71.97
CA VAL G 218 -43.35 27.15 73.33
C VAL G 218 -42.99 25.86 74.05
N ASP G 219 -42.38 25.99 75.22
CA ASP G 219 -41.83 24.84 75.93
C ASP G 219 -42.94 24.13 76.72
N SER G 220 -42.55 23.20 77.60
CA SER G 220 -43.51 22.57 78.49
C SER G 220 -44.09 23.57 79.48
N ASN G 221 -43.24 24.39 80.11
CA ASN G 221 -43.68 25.41 81.04
C ASN G 221 -44.48 26.50 80.37
N GLY G 222 -44.56 26.49 79.04
CA GLY G 222 -45.33 27.48 78.31
C GLY G 222 -44.54 28.66 77.80
N GLU G 223 -43.34 28.84 78.26
CA GLU G 223 -42.78 30.02 77.65
C GLU G 223 -42.08 29.68 76.35
N PRO G 224 -41.94 30.64 75.45
CA PRO G 224 -40.97 30.48 74.38
C PRO G 224 -39.57 30.46 74.95
N ILE G 225 -38.66 29.91 74.17
CA ILE G 225 -37.28 29.78 74.59
C ILE G 225 -36.42 30.68 73.73
N ASP G 226 -35.30 31.13 74.29
CA ASP G 226 -34.56 32.21 73.66
C ASP G 226 -33.06 32.03 73.86
N GLY G 227 -32.30 32.52 72.88
CA GLY G 227 -30.86 32.68 73.06
C GLY G 227 -30.15 31.38 73.27
N LYS G 228 -29.14 31.42 74.14
CA LYS G 228 -28.34 30.24 74.42
C LYS G 228 -29.21 29.09 74.89
N LEU G 229 -28.96 27.92 74.32
CA LEU G 229 -29.76 26.73 74.59
C LEU G 229 -28.85 25.53 74.79
N ARG G 230 -28.98 24.88 75.94
CA ARG G 230 -28.28 23.63 76.23
C ARG G 230 -28.95 22.52 75.44
N PHE G 231 -28.14 21.64 74.86
CA PHE G 231 -28.66 20.54 74.07
C PHE G 231 -27.61 19.45 73.98
N THR G 232 -28.07 18.25 73.65
CA THR G 232 -27.20 17.10 73.50
C THR G 232 -27.05 16.75 72.03
N VAL G 233 -25.82 16.52 71.61
CA VAL G 233 -25.51 16.31 70.20
C VAL G 233 -26.05 14.96 69.76
N ARG G 234 -26.75 14.96 68.63
CA ARG G 234 -27.12 13.71 67.97
C ARG G 234 -26.08 13.30 66.94
N ASN G 235 -25.92 14.11 65.89
CA ASN G 235 -24.95 13.81 64.85
C ASN G 235 -24.25 15.08 64.43
N VAL G 236 -23.16 14.93 63.69
CA VAL G 236 -22.44 16.03 63.10
C VAL G 236 -22.37 15.77 61.60
N HIS G 237 -22.90 16.69 60.81
CA HIS G 237 -22.97 16.47 59.38
C HIS G 237 -21.90 17.27 58.66
N THR G 238 -20.87 16.57 58.21
CA THR G 238 -19.83 17.19 57.40
C THR G 238 -19.96 16.92 55.92
N THR G 239 -20.94 16.11 55.51
CA THR G 239 -21.11 15.78 54.10
C THR G 239 -21.31 17.00 53.22
N GLY G 240 -22.21 17.89 53.62
CA GLY G 240 -22.33 19.16 52.93
C GLY G 240 -21.04 19.94 53.01
N ARG G 241 -20.96 20.99 52.21
CA ARG G 241 -19.79 21.85 52.21
C ARG G 241 -19.49 22.35 53.62
N VAL G 242 -20.53 22.45 54.45
CA VAL G 242 -20.41 23.04 55.77
C VAL G 242 -20.69 21.98 56.81
N VAL G 243 -20.19 22.23 58.02
CA VAL G 243 -20.57 21.39 59.14
C VAL G 243 -22.02 21.65 59.49
N SER G 244 -22.72 20.59 59.88
CA SER G 244 -24.06 20.73 60.43
C SER G 244 -24.14 19.90 61.69
N VAL G 245 -24.35 20.56 62.82
CA VAL G 245 -24.38 19.90 64.12
C VAL G 245 -25.82 19.53 64.43
N ASP G 246 -26.07 18.25 64.59
CA ASP G 246 -27.40 17.75 64.96
C ASP G 246 -27.43 17.55 66.46
N GLY G 247 -28.21 18.39 67.14
CA GLY G 247 -28.42 18.24 68.57
C GLY G 247 -29.78 17.67 68.89
N THR G 248 -30.01 17.29 70.14
CA THR G 248 -31.31 16.81 70.58
C THR G 248 -31.50 17.13 72.06
N LEU G 249 -32.76 17.41 72.41
CA LEU G 249 -33.13 17.82 73.76
C LEU G 249 -33.64 16.66 74.59
N ILE G 250 -33.65 15.46 74.05
CA ILE G 250 -34.21 14.31 74.72
C ILE G 250 -33.15 13.25 74.95
N ASN H 3 69.95 45.07 14.12
CA ASN H 3 71.35 44.68 14.24
C ASN H 3 71.56 43.32 13.59
N THR H 4 72.81 43.03 13.22
CA THR H 4 73.14 41.83 12.47
C THR H 4 73.65 40.75 13.40
N LEU H 5 72.97 39.61 13.42
CA LEU H 5 73.50 38.47 14.17
C LEU H 5 74.54 37.73 13.37
N PHE H 6 74.37 37.65 12.05
CA PHE H 6 75.24 36.82 11.24
C PHE H 6 75.19 37.27 9.79
N ASP H 7 76.25 36.97 9.04
CA ASP H 7 76.26 37.17 7.61
C ASP H 7 77.35 36.30 7.00
N ASP H 8 77.25 36.11 5.68
CA ASP H 8 78.31 35.46 4.92
C ASP H 8 77.93 35.40 3.44
N ILE H 9 78.89 35.03 2.61
CA ILE H 9 78.68 34.84 1.18
C ILE H 9 78.64 33.35 0.91
N PHE H 10 77.50 32.87 0.47
CA PHE H 10 77.37 31.46 0.13
C PHE H 10 77.23 31.32 -1.37
N GLN H 11 77.90 30.32 -1.91
CA GLN H 11 77.69 29.92 -3.30
C GLN H 11 76.72 28.76 -3.31
N VAL H 12 75.76 28.81 -4.22
CA VAL H 12 74.68 27.83 -4.23
C VAL H 12 75.20 26.53 -4.81
N SER H 13 75.11 25.47 -4.03
CA SER H 13 75.49 24.17 -4.54
C SER H 13 74.40 23.57 -5.41
N GLU H 14 73.14 23.71 -4.99
CA GLU H 14 72.05 23.04 -5.65
C GLU H 14 70.76 23.83 -5.52
N VAL H 15 69.95 23.82 -6.56
CA VAL H 15 68.60 24.35 -6.54
C VAL H 15 67.66 23.21 -6.90
N ASP H 16 66.89 22.75 -5.93
CA ASP H 16 65.92 21.69 -6.18
C ASP H 16 64.50 22.20 -5.93
N PRO H 17 63.69 22.39 -6.96
CA PRO H 17 62.29 22.73 -6.71
C PRO H 17 61.50 21.57 -6.14
N GLY H 18 61.98 20.34 -6.31
CA GLY H 18 61.16 19.21 -5.93
C GLY H 18 59.81 19.28 -6.63
N ARG H 19 58.78 18.82 -5.93
CA ARG H 19 57.45 18.91 -6.50
C ARG H 19 56.87 20.30 -6.37
N TYR H 20 57.54 21.21 -5.68
CA TYR H 20 57.07 22.56 -5.56
C TYR H 20 57.41 23.32 -6.83
N ASN H 21 56.46 24.09 -7.33
CA ASN H 21 56.77 24.99 -8.43
C ASN H 21 57.38 26.30 -7.94
N LYS H 22 56.83 26.87 -6.87
CA LYS H 22 57.23 28.20 -6.43
C LYS H 22 58.37 28.23 -5.43
N VAL H 23 58.78 27.09 -4.89
CA VAL H 23 59.79 27.05 -3.84
C VAL H 23 60.91 26.14 -4.29
N CYS H 24 62.13 26.47 -3.91
CA CYS H 24 63.28 25.64 -4.22
C CYS H 24 64.17 25.47 -3.00
N ARG H 25 64.31 24.23 -2.57
CA ARG H 25 65.28 23.90 -1.54
C ARG H 25 66.65 24.20 -2.09
N ILE H 26 67.40 25.02 -1.37
CA ILE H 26 68.67 25.51 -1.85
C ILE H 26 69.78 25.09 -0.90
N GLU H 27 70.76 24.38 -1.44
CA GLU H 27 71.92 23.92 -0.70
C GLU H 27 73.07 24.83 -1.08
N ALA H 28 73.71 25.43 -0.09
CA ALA H 28 74.78 26.36 -0.36
C ALA H 28 75.77 26.32 0.79
N ALA H 29 77.03 26.55 0.48
CA ALA H 29 78.08 26.48 1.46
C ALA H 29 78.80 27.82 1.51
N SER H 30 79.55 28.02 2.59
CA SER H 30 80.28 29.25 2.78
C SER H 30 81.48 29.30 1.86
N THR H 31 81.54 30.33 1.03
CA THR H 31 82.79 30.66 0.38
C THR H 31 83.90 30.93 1.39
N THR H 32 83.57 31.62 2.47
CA THR H 32 84.57 31.97 3.47
C THR H 32 84.88 30.81 4.41
N GLN H 33 83.85 30.12 4.88
CA GLN H 33 84.04 29.11 5.91
C GLN H 33 83.90 27.72 5.33
N ASP H 34 84.68 26.80 5.87
CA ASP H 34 84.54 25.41 5.45
C ASP H 34 83.42 24.71 6.19
N GLN H 35 83.28 24.96 7.48
CA GLN H 35 82.27 24.28 8.26
C GLN H 35 80.89 24.92 8.13
N CYS H 36 80.76 26.02 7.41
CA CYS H 36 79.49 26.72 7.31
C CYS H 36 78.85 26.40 5.97
N LYS H 37 77.69 25.76 6.02
CA LYS H 37 76.90 25.50 4.83
C LYS H 37 75.43 25.68 5.18
N LEU H 38 74.67 26.10 4.19
CA LEU H 38 73.30 26.51 4.42
C LEU H 38 72.34 25.70 3.57
N THR H 39 71.37 25.08 4.22
CA THR H 39 70.25 24.46 3.53
C THR H 39 69.05 25.35 3.74
N LEU H 40 68.48 25.86 2.66
CA LEU H 40 67.38 26.81 2.77
C LEU H 40 66.38 26.61 1.66
N ASP H 41 65.11 26.73 2.01
CA ASP H 41 64.03 26.78 1.04
C ASP H 41 63.76 28.24 0.71
N ILE H 42 63.52 28.53 -0.56
CA ILE H 42 63.33 29.90 -1.00
C ILE H 42 62.25 29.94 -2.05
N ASN H 43 61.43 30.99 -1.98
CA ASN H 43 60.56 31.30 -3.11
C ASN H 43 61.46 31.64 -4.29
N VAL H 44 61.33 30.86 -5.35
CA VAL H 44 62.14 31.12 -6.54
C VAL H 44 61.41 32.05 -7.50
N GLU H 45 60.11 32.24 -7.32
CA GLU H 45 59.36 33.06 -8.25
C GLU H 45 59.59 34.53 -7.98
N LEU H 46 59.73 34.90 -6.71
CA LEU H 46 60.13 36.26 -6.39
C LEU H 46 61.63 36.44 -6.49
N PHE H 47 62.41 35.48 -6.00
CA PHE H 47 63.87 35.62 -5.98
C PHE H 47 64.47 34.44 -6.72
N PRO H 48 64.63 34.57 -8.03
CA PRO H 48 65.16 33.45 -8.81
C PRO H 48 66.58 33.12 -8.38
N VAL H 49 66.91 31.84 -8.45
CA VAL H 49 68.23 31.37 -8.05
C VAL H 49 68.68 30.29 -9.01
N ALA H 50 69.93 30.36 -9.43
CA ALA H 50 70.54 29.31 -10.24
C ALA H 50 71.65 28.67 -9.44
N ALA H 51 71.96 27.43 -9.79
CA ALA H 51 73.06 26.76 -9.12
C ALA H 51 74.36 27.50 -9.41
N GLN H 52 75.32 27.32 -8.50
CA GLN H 52 76.64 27.94 -8.54
C GLN H 52 76.59 29.44 -8.36
N ASP H 53 75.41 30.05 -8.30
CA ASP H 53 75.34 31.45 -7.94
C ASP H 53 75.87 31.64 -6.52
N SER H 54 76.38 32.83 -6.26
CA SER H 54 76.88 33.20 -4.95
C SER H 54 75.97 34.30 -4.42
N LEU H 55 75.67 34.24 -3.13
CA LEU H 55 74.67 35.09 -2.53
C LEU H 55 75.20 35.73 -1.26
N THR H 56 74.76 36.96 -1.02
CA THR H 56 75.07 37.64 0.24
C THR H 56 73.95 37.32 1.21
N VAL H 57 74.29 36.62 2.25
CA VAL H 57 73.34 36.21 3.26
C VAL H 57 73.59 37.02 4.52
N THR H 58 72.53 37.51 5.13
CA THR H 58 72.65 38.20 6.40
C THR H 58 71.42 37.89 7.24
N ILE H 59 71.65 37.49 8.47
CA ILE H 59 70.58 37.29 9.44
C ILE H 59 70.59 38.47 10.40
N ALA H 60 69.43 39.11 10.53
CA ALA H 60 69.32 40.32 11.32
C ALA H 60 68.32 40.13 12.44
N SER H 61 68.74 40.50 13.63
CA SER H 61 67.84 40.52 14.77
C SER H 61 66.69 41.50 14.61
N SER H 62 66.81 42.46 13.71
CA SER H 62 65.76 43.44 13.48
C SER H 62 66.09 44.22 12.21
N LEU H 63 65.29 45.24 11.93
CA LEU H 63 65.47 46.05 10.74
C LEU H 63 65.49 47.52 11.14
N ASN H 64 66.64 48.17 11.00
CA ASN H 64 66.81 49.54 11.42
C ASN H 64 67.86 50.27 10.58
N SER H 78 54.83 44.07 15.26
CA SER H 78 53.96 45.20 14.93
C SER H 78 54.21 45.62 13.49
N TRP H 79 54.28 44.65 12.59
CA TRP H 79 54.62 44.96 11.20
C TRP H 79 53.54 45.83 10.57
N ARG H 80 53.95 46.60 9.59
CA ARG H 80 53.04 47.47 8.88
C ARG H 80 53.52 47.57 7.44
N PRO H 81 52.61 47.74 6.48
CA PRO H 81 53.03 47.98 5.11
C PRO H 81 54.01 49.13 5.04
N PRO H 82 54.98 49.05 4.15
CA PRO H 82 55.97 50.13 4.05
C PRO H 82 55.30 51.42 3.63
N GLN H 83 55.87 52.53 4.10
CA GLN H 83 55.38 53.83 3.71
C GLN H 83 56.51 54.66 3.16
N ALA H 84 56.22 55.89 2.73
CA ALA H 84 57.26 56.76 2.24
C ALA H 84 58.24 57.09 3.35
N GLY H 85 59.52 57.13 2.99
CA GLY H 85 60.54 57.46 3.97
C GLY H 85 60.67 56.42 5.07
N ASP H 86 60.63 55.15 4.70
CA ASP H 86 60.83 54.06 5.65
C ASP H 86 62.10 53.32 5.25
N ARG H 87 63.12 53.39 6.09
CA ARG H 87 64.39 52.74 5.80
C ARG H 87 64.66 51.65 6.81
N SER H 88 64.73 50.42 6.32
CA SER H 88 65.10 49.29 7.16
C SER H 88 66.42 48.76 6.65
N LEU H 89 66.95 47.77 7.34
CA LEU H 89 68.14 47.11 6.85
C LEU H 89 67.84 46.36 5.56
N ALA H 90 66.57 45.99 5.36
CA ALA H 90 66.19 45.22 4.19
C ALA H 90 66.43 45.96 2.89
N ASP H 91 66.56 47.28 2.95
CA ASP H 91 66.75 48.08 1.74
C ASP H 91 67.99 47.66 0.98
N ASP H 92 68.87 46.90 1.60
CA ASP H 92 70.12 46.48 0.99
C ASP H 92 70.03 45.11 0.36
N TYR H 93 68.87 44.49 0.38
CA TYR H 93 68.76 43.09 0.03
C TYR H 93 67.59 42.85 -0.90
N ASP H 94 67.81 41.93 -1.84
CA ASP H 94 66.77 41.61 -2.80
C ASP H 94 65.62 40.86 -2.16
N TYR H 95 65.93 39.97 -1.21
CA TYR H 95 64.96 39.01 -0.71
C TYR H 95 65.06 38.99 0.81
N VAL H 96 63.95 39.23 1.47
CA VAL H 96 63.95 39.34 2.93
C VAL H 96 62.79 38.57 3.52
N MET H 97 63.10 37.60 4.37
CA MET H 97 62.08 36.84 5.06
C MET H 97 62.13 37.17 6.53
N TYR H 98 61.27 36.49 7.29
CA TYR H 98 61.18 36.65 8.73
C TYR H 98 60.78 35.30 9.30
N GLY H 99 61.34 34.94 10.45
CA GLY H 99 61.11 33.59 10.91
C GLY H 99 61.59 33.37 12.32
N THR H 100 61.70 32.10 12.68
CA THR H 100 61.95 31.71 14.06
C THR H 100 62.84 30.49 14.07
N ALA H 101 63.78 30.46 15.01
CA ALA H 101 64.64 29.30 15.16
C ALA H 101 63.97 28.35 16.14
N TYR H 102 63.49 27.24 15.65
CA TYR H 102 62.80 26.28 16.49
C TYR H 102 63.71 25.19 17.04
N LYS H 103 64.92 25.03 16.50
CA LYS H 103 65.76 23.98 17.04
C LYS H 103 67.23 24.34 16.89
N PHE H 104 68.01 24.01 17.90
CA PHE H 104 69.45 24.07 17.86
C PHE H 104 70.00 22.68 18.08
N GLU H 105 71.11 22.37 17.42
CA GLU H 105 71.82 21.17 17.74
C GLU H 105 73.26 21.32 17.28
N GLU H 106 74.14 20.56 17.90
CA GLU H 106 75.54 20.51 17.52
C GLU H 106 75.82 19.18 16.87
N VAL H 107 76.05 19.21 15.56
CA VAL H 107 76.40 17.96 14.88
C VAL H 107 77.71 17.43 15.43
N SER H 108 78.67 18.32 15.70
CA SER H 108 79.89 17.94 16.39
C SER H 108 80.23 19.07 17.36
N LYS H 109 81.42 18.96 17.95
CA LYS H 109 81.88 19.93 18.93
C LYS H 109 81.87 21.35 18.38
N ASP H 110 82.73 21.61 17.40
CA ASP H 110 83.00 22.96 16.95
C ASP H 110 81.94 23.51 16.02
N LEU H 111 80.97 22.71 15.62
CA LEU H 111 79.96 23.19 14.70
C LEU H 111 78.57 22.88 15.19
N ILE H 112 77.65 23.77 14.86
CA ILE H 112 76.30 23.78 15.40
C ILE H 112 75.34 23.82 14.22
N ALA H 113 74.13 23.31 14.42
CA ALA H 113 73.07 23.43 13.45
C ALA H 113 71.92 24.18 14.10
N VAL H 114 71.41 25.19 13.42
CA VAL H 114 70.23 25.91 13.88
C VAL H 114 69.16 25.74 12.82
N TYR H 115 67.92 25.66 13.26
CA TYR H 115 66.79 25.44 12.37
C TYR H 115 65.83 26.61 12.50
N TYR H 116 65.77 27.42 11.46
CA TYR H 116 64.75 28.44 11.35
C TYR H 116 63.63 27.95 10.47
N SER H 117 62.41 28.34 10.81
CA SER H 117 61.26 28.13 9.95
C SER H 117 60.73 29.50 9.60
N PHE H 118 60.76 29.85 8.33
CA PHE H 118 60.23 31.11 7.87
C PHE H 118 58.87 30.80 7.29
N GLY H 119 57.82 31.15 8.03
CA GLY H 119 56.46 30.87 7.59
C GLY H 119 56.31 29.45 7.09
N GLY H 120 57.08 28.53 7.65
CA GLY H 120 57.12 27.17 7.15
C GLY H 120 58.26 26.87 6.21
N LEU H 121 58.92 27.89 5.69
CA LEU H 121 60.10 27.67 4.85
C LEU H 121 61.27 27.35 5.76
N LEU H 122 61.88 26.20 5.57
CA LEU H 122 62.85 25.72 6.52
C LEU H 122 64.24 26.20 6.17
N MET H 123 65.00 26.54 7.21
CA MET H 123 66.40 26.87 7.09
C MET H 123 67.20 25.99 8.02
N ARG H 124 68.10 25.21 7.46
CA ARG H 124 69.14 24.55 8.25
C ARG H 124 70.41 25.34 8.05
N LEU H 125 70.81 26.07 9.06
CA LEU H 125 72.05 26.81 9.03
C LEU H 125 73.05 26.09 9.92
N GLU H 126 74.17 25.70 9.33
CA GLU H 126 75.20 24.96 10.02
C GLU H 126 76.52 25.66 9.80
N GLY H 127 77.31 25.73 10.86
CA GLY H 127 78.55 26.46 10.79
C GLY H 127 79.33 26.29 12.07
N ASN H 128 80.35 27.12 12.23
CA ASN H 128 81.26 26.89 13.33
C ASN H 128 80.56 27.22 14.65
N TYR H 129 81.25 26.91 15.74
CA TYR H 129 80.68 27.19 17.04
C TYR H 129 80.68 28.68 17.33
N ARG H 130 81.84 29.30 17.25
CA ARG H 130 81.99 30.72 17.49
C ARG H 130 81.36 31.57 16.40
N ASN H 131 81.23 31.01 15.21
CA ASN H 131 80.72 31.75 14.07
C ASN H 131 79.23 31.99 14.27
N LEU H 132 78.47 30.91 14.34
CA LEU H 132 77.05 30.95 14.61
C LEU H 132 76.72 31.50 15.99
N ASN H 133 77.73 31.67 16.85
CA ASN H 133 77.49 31.81 18.27
C ASN H 133 76.51 32.91 18.63
N ASN H 134 76.45 33.96 17.80
CA ASN H 134 75.55 35.07 18.12
C ASN H 134 74.09 34.64 18.11
N LEU H 135 73.76 33.68 17.25
CA LEU H 135 72.37 33.29 17.06
C LEU H 135 71.81 32.65 18.33
N LYS H 136 70.57 32.97 18.64
CA LYS H 136 69.86 32.33 19.74
C LYS H 136 68.44 32.00 19.30
N GLN H 137 67.69 31.40 20.20
CA GLN H 137 66.39 30.82 19.86
C GLN H 137 65.38 31.94 20.01
N GLU H 138 64.89 32.42 18.87
CA GLU H 138 64.41 33.79 18.77
C GLU H 138 63.56 33.90 17.51
N ASN H 139 63.05 35.10 17.26
CA ASN H 139 62.60 35.47 15.94
C ASN H 139 63.71 36.22 15.23
N ALA H 140 63.97 35.84 14.00
CA ALA H 140 65.05 36.48 13.27
C ALA H 140 64.51 37.04 11.96
N TYR H 141 65.39 37.71 11.25
CA TYR H 141 65.13 38.11 9.87
C TYR H 141 66.16 37.43 9.00
N LEU H 142 65.79 37.18 7.76
CA LEU H 142 66.73 36.66 6.79
C LEU H 142 66.85 37.68 5.66
N LEU H 143 68.06 38.12 5.40
CA LEU H 143 68.28 39.16 4.42
C LEU H 143 69.22 38.62 3.36
N ILE H 144 68.80 38.68 2.10
CA ILE H 144 69.57 38.13 1.00
C ILE H 144 69.60 39.15 -0.12
N ARG H 145 70.80 39.44 -0.58
CA ARG H 145 70.98 40.02 -1.90
C ARG H 145 71.91 39.12 -2.67
N ARG H 146 71.83 39.19 -3.98
CA ARG H 146 72.63 38.35 -4.84
C ARG H 146 74.11 38.68 -4.67
N SER I 2 20.65 -67.05 -13.00
CA SER I 2 20.15 -67.93 -11.96
C SER I 2 20.75 -67.60 -10.61
N VAL I 3 21.95 -68.12 -10.36
CA VAL I 3 22.64 -67.90 -9.10
C VAL I 3 23.89 -67.10 -9.37
N VAL I 4 23.89 -65.84 -8.94
CA VAL I 4 25.02 -64.94 -9.14
C VAL I 4 25.21 -64.12 -7.87
N GLY I 5 26.42 -64.14 -7.31
CA GLY I 5 26.77 -63.27 -6.21
C GLY I 5 25.82 -63.34 -5.05
N SER I 6 25.60 -64.53 -4.51
CA SER I 6 24.71 -64.82 -3.39
C SER I 6 23.25 -64.68 -3.76
N LEU I 7 22.94 -64.22 -4.97
CA LEU I 7 21.57 -64.18 -5.45
C LEU I 7 21.27 -65.49 -6.15
N ILE I 8 20.04 -65.99 -6.01
CA ILE I 8 19.63 -67.26 -6.61
C ILE I 8 18.32 -67.03 -7.35
N PHE I 9 18.33 -67.26 -8.65
CA PHE I 9 17.13 -67.05 -9.45
C PHE I 9 16.71 -68.34 -10.12
N CYS I 10 15.40 -68.61 -10.07
CA CYS I 10 14.82 -69.61 -10.93
C CYS I 10 15.15 -69.29 -12.38
N LEU I 11 15.29 -70.32 -13.20
CA LEU I 11 15.42 -70.06 -14.63
C LEU I 11 14.08 -70.02 -15.33
N ASP I 12 13.01 -70.44 -14.68
CA ASP I 12 11.69 -70.34 -15.28
C ASP I 12 11.11 -69.02 -14.81
N CYS I 13 10.71 -68.97 -13.55
CA CYS I 13 10.46 -67.71 -12.89
C CYS I 13 11.78 -66.97 -12.77
N GLY I 14 11.71 -65.66 -12.57
CA GLY I 14 12.88 -64.91 -12.18
C GLY I 14 12.96 -64.66 -10.70
N ASP I 15 12.29 -65.45 -9.88
CA ASP I 15 12.25 -65.22 -8.45
C ASP I 15 13.66 -65.24 -7.89
N LEU I 16 13.86 -64.47 -6.83
CA LEU I 16 15.06 -64.57 -6.03
C LEU I 16 14.83 -65.62 -4.96
N LEU I 17 15.79 -66.50 -4.75
CA LEU I 17 15.55 -67.67 -3.93
C LEU I 17 16.27 -67.57 -2.60
N GLU I 18 15.70 -68.21 -1.59
CA GLU I 18 16.10 -67.98 -0.20
C GLU I 18 17.37 -68.75 0.14
N ASN I 19 17.68 -68.82 1.43
CA ASN I 19 18.72 -69.70 1.92
C ASN I 19 18.51 -71.10 1.38
N PRO I 20 19.48 -71.66 0.65
CA PRO I 20 19.37 -73.07 0.27
C PRO I 20 19.19 -73.98 1.46
N ASN I 21 19.88 -73.70 2.57
CA ASN I 21 19.78 -74.53 3.75
C ASN I 21 18.48 -74.31 4.51
N ALA I 22 17.85 -73.15 4.37
CA ALA I 22 16.56 -72.92 5.01
C ALA I 22 15.54 -73.99 4.67
N VAL I 23 15.52 -74.47 3.42
CA VAL I 23 14.63 -75.55 3.03
C VAL I 23 15.08 -76.81 3.75
N LEU I 24 14.15 -77.46 4.45
CA LEU I 24 14.46 -78.74 5.07
C LEU I 24 14.87 -79.76 4.02
N GLY I 25 14.01 -79.99 3.04
CA GLY I 25 14.34 -80.91 1.98
C GLY I 25 15.51 -80.42 1.14
N SER I 26 16.06 -81.33 0.38
CA SER I 26 17.26 -81.12 -0.43
C SER I 26 16.96 -80.50 -1.75
N ASN I 27 15.74 -80.07 -2.02
CA ASN I 27 15.43 -79.42 -3.27
C ASN I 27 15.00 -77.99 -3.01
N VAL I 28 15.33 -77.12 -3.96
CA VAL I 28 14.94 -75.71 -3.88
C VAL I 28 13.95 -75.42 -5.01
N GLU I 29 12.72 -75.07 -4.62
CA GLU I 29 11.66 -74.84 -5.59
C GLU I 29 11.40 -73.36 -5.74
N CYS I 30 11.19 -72.92 -6.99
CA CYS I 30 10.78 -71.54 -7.23
C CYS I 30 9.48 -71.25 -6.49
N SER I 31 9.34 -69.99 -6.06
CA SER I 31 8.07 -69.59 -5.49
C SER I 31 7.04 -69.25 -6.54
N GLN I 32 7.44 -68.62 -7.65
CA GLN I 32 6.50 -68.21 -8.69
C GLN I 32 6.29 -69.38 -9.64
N CYS I 33 7.30 -69.76 -10.42
CA CYS I 33 7.17 -70.84 -11.37
C CYS I 33 7.09 -72.20 -10.71
N LYS I 34 7.41 -72.30 -9.43
CA LYS I 34 7.47 -73.58 -8.75
C LYS I 34 8.48 -74.51 -9.39
N ALA I 35 9.47 -73.94 -10.09
CA ALA I 35 10.53 -74.77 -10.62
C ALA I 35 11.43 -75.26 -9.50
N ILE I 36 11.71 -76.54 -9.51
CA ILE I 36 12.44 -77.19 -8.43
C ILE I 36 13.90 -77.32 -8.83
N TYR I 37 14.79 -76.88 -7.94
CA TYR I 37 16.20 -77.16 -8.04
C TYR I 37 16.58 -78.03 -6.87
N PRO I 38 17.66 -78.82 -6.97
CA PRO I 38 18.26 -79.40 -5.77
C PRO I 38 18.66 -78.32 -4.79
N LYS I 39 18.94 -78.72 -3.55
CA LYS I 39 19.33 -77.75 -2.55
C LYS I 39 20.69 -77.19 -2.92
N SER I 40 21.70 -78.04 -2.86
CA SER I 40 23.05 -77.63 -3.19
C SER I 40 23.43 -78.29 -4.51
N GLN I 41 23.48 -77.48 -5.56
CA GLN I 41 24.26 -77.78 -6.73
C GLN I 41 25.66 -77.21 -6.58
N PHE I 42 25.87 -76.48 -5.49
CA PHE I 42 27.02 -75.61 -5.27
C PHE I 42 27.19 -75.43 -3.77
N SER I 43 28.44 -75.26 -3.34
CA SER I 43 28.67 -74.74 -2.01
C SER I 43 28.33 -73.26 -2.00
N ASN I 44 28.09 -72.72 -0.81
CA ASN I 44 27.80 -71.29 -0.72
C ASN I 44 28.92 -70.48 -1.37
N LEU I 45 28.54 -69.64 -2.32
CA LEU I 45 29.52 -69.01 -3.17
C LEU I 45 30.22 -67.87 -2.43
N LYS I 46 31.36 -67.46 -2.96
CA LYS I 46 32.37 -66.75 -2.18
C LYS I 46 31.97 -65.33 -1.80
N VAL I 47 31.61 -64.48 -2.77
CA VAL I 47 31.24 -63.09 -2.51
C VAL I 47 32.39 -62.33 -1.86
N VAL I 48 33.43 -62.02 -2.64
CA VAL I 48 34.45 -61.11 -2.15
C VAL I 48 33.89 -59.69 -2.18
N THR I 49 34.16 -58.93 -1.12
CA THR I 49 33.77 -57.53 -1.07
C THR I 49 34.94 -56.72 -0.53
N THR I 50 35.39 -55.74 -1.30
CA THR I 50 36.49 -54.89 -0.91
C THR I 50 35.94 -53.57 -0.41
N THR I 51 36.55 -53.04 0.64
CA THR I 51 36.23 -51.71 1.12
C THR I 51 36.74 -50.69 0.11
N ALA I 52 36.03 -49.58 -0.01
CA ALA I 52 36.41 -48.59 -0.99
C ALA I 52 37.61 -47.79 -0.49
N ASP I 53 38.11 -46.91 -1.35
CA ASP I 53 39.19 -46.00 -1.00
C ASP I 53 38.67 -44.64 -0.62
N ASP I 54 37.37 -44.41 -0.74
CA ASP I 54 36.77 -43.14 -0.37
C ASP I 54 37.01 -42.85 1.11
N ALA I 55 36.95 -43.89 1.94
CA ALA I 55 36.98 -43.66 3.36
C ALA I 55 38.42 -43.48 3.84
N PHE I 56 38.53 -43.19 5.12
CA PHE I 56 39.74 -43.10 5.92
C PHE I 56 40.56 -41.87 5.55
N PRO I 57 41.27 -41.29 6.49
CA PRO I 57 42.41 -40.44 6.17
C PRO I 57 43.66 -41.29 6.24
N SER I 58 44.84 -40.72 6.07
CA SER I 58 46.03 -41.56 6.11
C SER I 58 47.26 -40.69 6.28
N SER I 59 48.40 -41.37 6.40
CA SER I 59 49.67 -40.79 5.97
C SER I 59 49.86 -40.94 4.46
N LEU I 60 49.72 -42.17 3.96
CA LEU I 60 50.15 -42.45 2.59
C LEU I 60 49.14 -41.99 1.56
N ARG I 61 47.86 -42.33 1.75
CA ARG I 61 46.84 -41.81 0.86
C ARG I 61 46.75 -40.29 0.97
N ALA I 62 47.07 -39.74 2.14
CA ALA I 62 47.33 -38.32 2.26
C ALA I 62 48.52 -37.89 1.42
N LYS I 63 49.46 -38.79 1.14
CA LYS I 63 50.56 -38.52 0.22
C LYS I 63 50.25 -39.02 -1.18
N LYS I 64 50.23 -40.34 -1.37
CA LYS I 64 49.98 -40.93 -2.68
C LYS I 64 48.51 -40.80 -3.05
N MET J 1 9.36 16.70 -22.53
CA MET J 1 8.03 16.72 -23.11
C MET J 1 7.99 17.61 -24.33
N ILE J 2 8.44 18.85 -24.16
CA ILE J 2 8.44 19.82 -25.24
C ILE J 2 9.75 20.57 -25.18
N VAL J 3 10.05 21.32 -26.22
CA VAL J 3 11.32 22.02 -26.34
C VAL J 3 11.52 22.92 -25.13
N PRO J 4 12.60 22.76 -24.37
CA PRO J 4 12.88 23.70 -23.30
C PRO J 4 13.07 25.08 -23.88
N VAL J 5 12.64 26.09 -23.13
CA VAL J 5 12.68 27.44 -23.68
C VAL J 5 14.08 28.03 -23.62
N ARG J 6 14.81 27.78 -22.54
CA ARG J 6 16.14 28.35 -22.37
C ARG J 6 17.14 27.24 -22.14
N CYS J 7 18.37 27.44 -22.57
CA CYS J 7 19.43 26.56 -22.12
C CYS J 7 19.58 26.67 -20.63
N PHE J 8 19.53 25.54 -19.95
CA PHE J 8 19.70 25.55 -18.50
C PHE J 8 20.94 26.32 -18.10
N SER J 9 22.11 25.83 -18.47
CA SER J 9 23.35 26.50 -18.14
C SER J 9 23.40 27.91 -18.73
N CYS J 10 23.47 28.02 -20.05
CA CYS J 10 23.69 29.30 -20.70
C CYS J 10 22.64 30.31 -20.28
N GLY J 11 21.40 29.87 -20.16
CA GLY J 11 20.28 30.79 -20.06
C GLY J 11 19.82 31.31 -21.40
N LYS J 12 20.60 31.06 -22.45
CA LYS J 12 20.23 31.46 -23.80
C LYS J 12 18.90 30.83 -24.18
N VAL J 13 18.16 31.49 -25.07
CA VAL J 13 16.80 31.08 -25.38
C VAL J 13 16.89 30.10 -26.53
N VAL J 14 16.64 28.83 -26.22
CA VAL J 14 16.75 27.76 -27.19
C VAL J 14 15.39 27.32 -27.70
N GLY J 15 14.31 27.89 -27.17
CA GLY J 15 12.99 27.31 -27.37
C GLY J 15 12.50 27.35 -28.80
N ASP J 16 12.85 28.38 -29.55
CA ASP J 16 12.35 28.56 -30.91
C ASP J 16 13.05 27.67 -31.93
N LYS J 17 14.35 27.47 -31.78
CA LYS J 17 15.17 26.90 -32.84
C LYS J 17 14.77 25.49 -33.23
N TRP J 18 14.00 24.80 -32.39
CA TRP J 18 13.70 23.40 -32.63
C TRP J 18 13.09 23.17 -33.99
N GLU J 19 11.96 23.81 -34.28
CA GLU J 19 11.31 23.62 -35.56
C GLU J 19 12.28 23.80 -36.70
N SER J 20 12.99 24.92 -36.70
CA SER J 20 14.01 25.16 -37.72
C SER J 20 15.06 24.06 -37.70
N TYR J 21 15.43 23.57 -36.52
CA TYR J 21 16.42 22.51 -36.46
C TYR J 21 15.96 21.28 -37.22
N LEU J 22 14.80 20.75 -36.85
CA LEU J 22 14.23 19.66 -37.63
C LEU J 22 14.22 19.99 -39.11
N ASN J 23 13.77 21.19 -39.45
CA ASN J 23 13.80 21.64 -40.83
C ASN J 23 15.18 21.43 -41.44
N LEU J 24 16.23 21.80 -40.71
CA LEU J 24 17.58 21.66 -41.25
C LEU J 24 17.92 20.21 -41.52
N LEU J 25 17.84 19.37 -40.49
CA LEU J 25 18.07 17.95 -40.69
C LEU J 25 17.20 17.40 -41.81
N GLN J 26 15.96 17.85 -41.88
CA GLN J 26 15.04 17.30 -42.86
C GLN J 26 15.39 17.78 -44.26
N GLU J 27 15.14 19.06 -44.52
CA GLU J 27 15.34 19.59 -45.86
C GLU J 27 16.81 19.54 -46.25
N ASP J 28 17.66 20.21 -45.48
CA ASP J 28 19.03 20.39 -45.90
C ASP J 28 19.86 19.14 -45.71
N GLU J 29 19.35 18.16 -44.97
CA GLU J 29 20.06 16.91 -44.74
C GLU J 29 21.45 17.15 -44.21
N LEU J 30 21.56 18.15 -43.32
CA LEU J 30 22.83 18.47 -42.71
C LEU J 30 23.19 17.37 -41.73
N ASP J 31 24.33 17.49 -41.08
CA ASP J 31 24.62 16.63 -39.96
C ASP J 31 23.92 17.21 -38.75
N GLU J 32 24.07 16.54 -37.62
CA GLU J 32 23.62 17.15 -36.38
C GLU J 32 24.53 18.29 -35.98
N GLY J 33 25.83 18.18 -36.31
CA GLY J 33 26.78 19.20 -35.87
C GLY J 33 26.53 20.55 -36.53
N THR J 34 26.55 20.58 -37.86
CA THR J 34 26.50 21.86 -38.55
C THR J 34 25.20 22.60 -38.27
N ALA J 35 24.07 21.90 -38.34
CA ALA J 35 22.79 22.55 -38.13
C ALA J 35 22.81 23.36 -36.84
N LEU J 36 23.22 22.72 -35.75
CA LEU J 36 23.35 23.44 -34.49
C LEU J 36 24.25 24.65 -34.66
N SER J 37 25.47 24.43 -35.13
CA SER J 37 26.35 25.54 -35.46
C SER J 37 25.70 26.53 -36.40
N ARG J 38 24.90 26.06 -37.35
CA ARG J 38 24.23 26.99 -38.24
C ARG J 38 23.12 27.74 -37.52
N LEU J 39 22.41 27.08 -36.62
CA LEU J 39 21.45 27.78 -35.79
C LEU J 39 22.10 28.77 -34.86
N GLY J 40 23.43 28.78 -34.78
CA GLY J 40 24.09 29.66 -33.85
C GLY J 40 24.14 29.12 -32.45
N LEU J 41 24.35 27.82 -32.28
CA LEU J 41 24.57 27.25 -30.96
C LEU J 41 26.06 26.97 -30.82
N LYS J 42 26.73 27.77 -30.02
CA LYS J 42 28.17 27.62 -29.82
C LYS J 42 28.46 26.82 -28.56
N ARG J 43 28.08 27.35 -27.41
CA ARG J 43 28.28 26.65 -26.16
C ARG J 43 27.62 25.29 -26.21
N TYR J 44 28.40 24.26 -25.89
CA TYR J 44 27.79 22.95 -25.78
C TYR J 44 26.77 22.90 -24.66
N CYS J 45 26.77 23.90 -23.78
CA CYS J 45 25.59 24.17 -22.97
C CYS J 45 24.33 24.16 -23.81
N CYS J 46 24.18 25.16 -24.64
CA CYS J 46 22.93 25.32 -25.36
C CYS J 46 22.81 24.35 -26.52
N ARG J 47 23.88 23.65 -26.87
CA ARG J 47 23.76 22.66 -27.91
C ARG J 47 23.01 21.43 -27.42
N ARG J 48 23.34 20.93 -26.24
CA ARG J 48 22.69 19.73 -25.75
C ARG J 48 21.19 19.92 -25.62
N MET J 49 20.72 21.13 -25.39
CA MET J 49 19.30 21.37 -25.22
C MET J 49 18.54 20.86 -26.44
N ILE J 50 18.81 21.45 -27.59
CA ILE J 50 18.24 20.93 -28.83
C ILE J 50 18.75 19.53 -29.12
N LEU J 51 20.06 19.35 -29.07
CA LEU J 51 20.64 18.12 -29.60
C LEU J 51 20.03 16.90 -28.96
N THR J 52 20.11 16.80 -27.64
CA THR J 52 19.58 15.68 -26.90
C THR J 52 18.08 15.65 -26.86
N HIS J 53 17.42 16.69 -27.36
CA HIS J 53 16.02 16.89 -27.04
C HIS J 53 15.17 15.76 -27.54
N VAL J 54 14.02 15.61 -26.90
CA VAL J 54 12.95 14.75 -27.37
C VAL J 54 11.69 15.58 -27.39
N ASP J 55 10.98 15.57 -28.51
CA ASP J 55 9.61 16.03 -28.46
C ASP J 55 8.80 14.79 -28.16
N LEU J 56 8.45 14.65 -26.90
CA LEU J 56 7.59 13.57 -26.47
C LEU J 56 6.15 14.04 -26.37
N ILE J 57 5.93 15.34 -26.45
CA ILE J 57 4.57 15.85 -26.48
C ILE J 57 3.85 15.32 -27.69
N GLU J 58 4.58 15.14 -28.79
CA GLU J 58 3.98 14.59 -29.99
C GLU J 58 3.23 13.32 -29.69
N LYS J 59 3.83 12.40 -28.95
CA LYS J 59 3.09 11.23 -28.54
C LYS J 59 1.86 11.59 -27.73
N PHE J 60 1.98 12.53 -26.78
CA PHE J 60 0.82 12.94 -26.03
C PHE J 60 -0.29 13.44 -26.93
N LEU J 61 0.05 14.31 -27.87
CA LEU J 61 -0.96 14.87 -28.75
C LEU J 61 -1.77 13.80 -29.42
N ARG J 62 -1.21 12.61 -29.62
CA ARG J 62 -1.96 11.54 -30.24
C ARG J 62 -3.17 11.15 -29.42
N TYR J 63 -3.16 11.41 -28.12
CA TYR J 63 -4.31 11.10 -27.29
C TYR J 63 -5.06 12.40 -27.06
N ASN J 64 -6.18 12.57 -27.76
CA ASN J 64 -7.00 13.75 -27.57
C ASN J 64 -8.39 13.36 -27.10
N PRO J 65 -8.73 13.59 -25.84
CA PRO J 65 -10.09 13.28 -25.39
C PRO J 65 -11.13 14.17 -26.02
N LEU J 66 -10.75 15.27 -26.64
CA LEU J 66 -11.72 16.24 -27.09
C LEU J 66 -12.21 15.99 -28.51
N GLU J 67 -11.84 14.88 -29.12
CA GLU J 67 -12.22 14.64 -30.50
C GLU J 67 -12.52 13.17 -30.73
N LYS J 68 -13.34 12.92 -31.74
CA LYS J 68 -13.52 11.57 -32.26
C LYS J 68 -12.20 11.04 -32.78
N ARG J 69 -12.12 9.73 -32.90
CA ARG J 69 -10.95 9.05 -33.46
C ARG J 69 -10.35 9.76 -34.65
N PRO K 42 15.38 57.74 4.63
CA PRO K 42 16.69 57.20 5.01
C PRO K 42 16.57 55.88 5.75
N ASP K 43 16.97 54.79 5.10
CA ASP K 43 16.87 53.46 5.69
C ASP K 43 17.88 53.34 6.82
N ARG K 44 17.38 52.97 8.00
CA ARG K 44 18.27 52.61 9.10
C ARG K 44 18.44 51.11 9.25
N GLU K 45 17.75 50.31 8.43
CA GLU K 45 17.86 48.87 8.53
C GLU K 45 18.90 48.29 7.59
N LYS K 46 19.42 49.08 6.67
CA LYS K 46 20.34 48.57 5.66
C LYS K 46 21.63 48.09 6.29
N ILE K 47 22.30 48.96 7.02
CA ILE K 47 23.59 48.68 7.63
C ILE K 47 23.47 48.93 9.12
N LYS K 48 24.24 48.21 9.91
CA LYS K 48 24.33 48.47 11.33
C LYS K 48 25.67 48.04 11.86
N LEU K 49 26.28 48.92 12.64
CA LEU K 49 27.53 48.64 13.31
C LEU K 49 27.29 47.54 14.33
N LEU K 50 28.22 46.62 14.46
CA LEU K 50 28.09 45.55 15.43
C LEU K 50 28.96 45.87 16.63
N THR K 51 28.32 46.24 17.73
CA THR K 51 29.04 46.84 18.84
C THR K 51 29.93 45.86 19.57
N GLN K 52 29.65 44.56 19.47
CA GLN K 52 30.41 43.59 20.25
C GLN K 52 31.89 43.63 19.89
N ALA K 53 32.19 43.64 18.61
CA ALA K 53 33.57 43.55 18.15
C ALA K 53 34.20 44.90 17.87
N THR K 54 33.48 45.99 18.09
CA THR K 54 34.02 47.32 17.88
C THR K 54 34.76 47.76 19.13
N SER K 55 35.93 48.36 18.94
CA SER K 55 36.64 48.96 20.05
C SER K 55 35.94 50.25 20.46
N GLU K 56 36.44 50.87 21.53
CA GLU K 56 35.79 52.07 22.03
C GLU K 56 36.13 53.28 21.19
N ASP K 57 37.37 53.36 20.73
CA ASP K 57 37.79 54.43 19.85
C ASP K 57 37.14 54.34 18.47
N GLY K 58 36.81 53.14 18.01
CA GLY K 58 36.23 53.00 16.70
C GLY K 58 37.22 52.68 15.61
N THR K 59 38.49 52.58 15.93
CA THR K 59 39.50 52.18 14.97
C THR K 59 39.25 50.80 14.40
N SER K 60 38.69 49.91 15.19
CA SER K 60 38.31 48.59 14.73
C SER K 60 36.82 48.43 14.88
N ALA K 61 36.14 48.13 13.78
CA ALA K 61 34.69 48.02 13.82
C ALA K 61 34.26 46.75 13.12
N SER K 62 33.00 46.40 13.30
CA SER K 62 32.39 45.26 12.62
C SER K 62 31.05 45.72 12.10
N PHE K 63 30.90 45.74 10.79
CA PHE K 63 29.68 46.21 10.18
C PHE K 63 28.89 45.04 9.64
N GLN K 64 27.58 45.15 9.71
CA GLN K 64 26.69 44.18 9.09
C GLN K 64 25.82 44.92 8.10
N ILE K 65 25.70 44.36 6.92
CA ILE K 65 24.91 44.97 5.86
C ILE K 65 23.97 43.92 5.31
N VAL K 66 22.73 44.32 5.05
CA VAL K 66 21.74 43.35 4.61
C VAL K 66 21.75 43.36 3.08
N GLU K 67 21.06 42.43 2.46
CA GLU K 67 20.81 42.46 1.03
C GLU K 67 22.12 42.44 0.23
N GLU K 68 23.14 41.80 0.78
CA GLU K 68 24.43 41.82 0.12
C GLU K 68 25.00 40.42 -0.01
N ASP K 69 26.22 40.36 -0.51
CA ASP K 69 26.83 39.12 -0.97
C ASP K 69 28.30 39.41 -1.21
N HIS K 70 29.01 38.41 -1.73
CA HIS K 70 30.38 38.63 -2.17
C HIS K 70 30.49 39.82 -3.09
N THR K 71 29.49 40.00 -3.97
CA THR K 71 29.52 41.02 -4.99
C THR K 71 29.95 42.36 -4.40
N LEU K 72 29.08 42.94 -3.58
CA LEU K 72 29.42 44.23 -3.03
C LEU K 72 30.65 44.16 -2.14
N GLY K 73 30.73 43.17 -1.27
CA GLY K 73 31.82 43.11 -0.32
C GLY K 73 33.17 42.97 -0.96
N ASN K 74 33.37 41.92 -1.74
CA ASN K 74 34.68 41.68 -2.33
C ASN K 74 35.16 42.85 -3.15
N ALA K 75 34.25 43.59 -3.77
CA ALA K 75 34.65 44.85 -4.38
C ALA K 75 34.85 45.93 -3.36
N LEU K 76 34.00 46.00 -2.34
CA LEU K 76 34.18 47.00 -1.31
C LEU K 76 35.53 46.85 -0.63
N ARG K 77 35.82 45.65 -0.13
CA ARG K 77 37.07 45.45 0.59
C ARG K 77 38.26 45.86 -0.25
N TYR K 78 38.21 45.60 -1.55
CA TYR K 78 39.32 45.97 -2.41
C TYR K 78 39.56 47.46 -2.40
N VAL K 79 38.50 48.24 -2.59
CA VAL K 79 38.64 49.68 -2.49
C VAL K 79 39.17 50.07 -1.12
N ILE K 80 38.64 49.44 -0.07
CA ILE K 80 39.04 49.83 1.27
C ILE K 80 40.50 49.50 1.52
N MET K 81 40.90 48.26 1.24
CA MET K 81 42.28 47.87 1.47
C MET K 81 43.26 48.81 0.78
N LYS K 82 42.82 49.50 -0.27
CA LYS K 82 43.68 50.50 -0.88
C LYS K 82 43.91 51.70 0.01
N ASN K 83 43.09 51.88 1.03
CA ASN K 83 43.31 52.98 1.95
C ASN K 83 44.51 52.68 2.83
N PRO K 84 45.56 53.51 2.79
CA PRO K 84 46.79 53.17 3.53
C PRO K 84 46.60 53.10 5.02
N ASP K 85 45.59 53.74 5.57
CA ASP K 85 45.40 53.66 7.02
C ASP K 85 44.70 52.38 7.46
N VAL K 86 44.16 51.60 6.54
CA VAL K 86 43.46 50.39 6.93
C VAL K 86 44.49 49.36 7.33
N GLU K 87 44.42 48.94 8.59
CA GLU K 87 45.30 47.89 9.06
C GLU K 87 44.75 46.52 8.70
N PHE K 88 43.42 46.38 8.72
CA PHE K 88 42.78 45.11 8.45
C PHE K 88 41.43 45.37 7.79
N CYS K 89 41.07 44.51 6.85
CA CYS K 89 39.74 44.57 6.27
C CYS K 89 39.42 43.21 5.69
N GLY K 90 38.13 42.93 5.52
CA GLY K 90 37.70 41.64 5.02
C GLY K 90 36.21 41.56 5.22
N TYR K 91 35.60 40.57 4.58
CA TYR K 91 34.16 40.41 4.70
C TYR K 91 33.84 38.95 4.85
N SER K 92 32.79 38.68 5.61
CA SER K 92 32.32 37.32 5.73
C SER K 92 30.83 37.33 5.46
N ILE K 93 30.32 36.17 5.07
CA ILE K 93 28.90 35.95 4.85
C ILE K 93 28.45 34.86 5.80
N PRO K 94 27.94 35.23 6.97
CA PRO K 94 27.80 34.26 8.05
C PRO K 94 27.08 33.00 7.63
N HIS K 95 25.95 33.13 6.96
CA HIS K 95 25.40 31.98 6.32
C HIS K 95 24.93 32.45 4.95
N PRO K 96 25.18 31.66 3.92
CA PRO K 96 24.90 32.15 2.57
C PRO K 96 23.42 32.20 2.27
N SER K 97 22.63 31.34 2.91
CA SER K 97 21.19 31.31 2.65
C SER K 97 20.59 32.68 2.88
N GLU K 98 20.54 33.10 4.14
CA GLU K 98 20.15 34.47 4.44
C GLU K 98 21.19 35.43 3.89
N ASN K 99 20.77 36.64 3.55
CA ASN K 99 21.67 37.60 2.92
C ASN K 99 22.15 38.58 3.97
N LEU K 100 23.39 38.40 4.41
CA LEU K 100 24.01 39.29 5.38
C LEU K 100 25.49 39.36 5.06
N LEU K 101 26.03 40.56 5.17
CA LEU K 101 27.44 40.76 4.89
C LEU K 101 28.07 41.44 6.09
N ASN K 102 29.08 40.81 6.65
CA ASN K 102 29.79 41.37 7.78
C ASN K 102 31.15 41.88 7.36
N ILE K 103 31.54 43.03 7.88
CA ILE K 103 32.75 43.71 7.47
C ILE K 103 33.59 44.02 8.70
N ARG K 104 34.88 43.73 8.63
CA ARG K 104 35.83 44.26 9.59
C ARG K 104 36.60 45.38 8.93
N ILE K 105 36.80 46.45 9.67
CA ILE K 105 37.79 47.45 9.32
C ILE K 105 38.58 47.76 10.57
N GLN K 106 39.86 47.44 10.55
CA GLN K 106 40.74 47.80 11.65
C GLN K 106 41.73 48.80 11.10
N THR K 107 41.83 49.95 11.75
CA THR K 107 42.64 51.02 11.23
C THR K 107 43.81 51.26 12.16
N TYR K 108 44.88 51.81 11.60
CA TYR K 108 46.02 52.12 12.44
C TYR K 108 45.73 53.22 13.44
N GLY K 109 44.54 53.80 13.40
CA GLY K 109 44.15 54.79 14.37
C GLY K 109 44.15 56.20 13.84
N GLU K 110 44.69 56.41 12.63
CA GLU K 110 44.61 57.73 12.04
C GLU K 110 43.17 58.19 11.90
N THR K 111 42.28 57.28 11.56
CA THR K 111 40.86 57.59 11.49
C THR K 111 40.08 56.47 12.13
N THR K 112 38.77 56.64 12.18
CA THR K 112 37.93 55.57 12.64
C THR K 112 37.71 54.59 11.50
N ALA K 113 36.98 53.52 11.79
CA ALA K 113 36.64 52.60 10.72
C ALA K 113 35.62 53.21 9.78
N VAL K 114 34.53 53.73 10.35
CA VAL K 114 33.50 54.38 9.54
C VAL K 114 34.13 55.40 8.60
N ASP K 115 35.05 56.21 9.11
CA ASP K 115 35.76 57.15 8.26
C ASP K 115 36.33 56.44 7.05
N ALA K 116 37.06 55.36 7.27
CA ALA K 116 37.56 54.58 6.15
C ALA K 116 36.43 54.05 5.30
N LEU K 117 35.38 53.55 5.96
CA LEU K 117 34.27 52.98 5.22
C LEU K 117 33.68 53.99 4.26
N GLN K 118 33.22 55.12 4.79
CA GLN K 118 32.73 56.16 3.89
C GLN K 118 33.82 56.65 2.95
N LYS K 119 35.06 56.72 3.41
CA LYS K 119 36.12 57.00 2.45
C LYS K 119 36.17 55.91 1.40
N GLY K 120 36.04 54.66 1.81
CA GLY K 120 35.98 53.59 0.84
C GLY K 120 34.84 53.72 -0.15
N LEU K 121 33.62 53.82 0.33
CA LEU K 121 32.48 54.02 -0.53
C LEU K 121 32.67 55.16 -1.51
N LYS K 122 33.06 56.33 -1.02
CA LYS K 122 33.33 57.45 -1.91
C LYS K 122 34.19 57.02 -3.07
N ASP K 123 35.39 56.54 -2.77
CA ASP K 123 36.29 56.05 -3.80
C ASP K 123 35.62 55.06 -4.75
N LEU K 124 34.90 54.07 -4.22
CA LEU K 124 34.26 53.10 -5.08
C LEU K 124 33.29 53.77 -6.03
N MET K 125 32.47 54.68 -5.52
CA MET K 125 31.62 55.49 -6.39
C MET K 125 32.44 56.13 -7.49
N ASP K 126 33.48 56.87 -7.11
CA ASP K 126 34.35 57.47 -8.11
C ASP K 126 35.01 56.42 -8.99
N LEU K 127 35.21 55.22 -8.46
CA LEU K 127 35.83 54.19 -9.29
C LEU K 127 34.91 53.81 -10.45
N CYS K 128 33.63 53.60 -10.17
CA CYS K 128 32.70 53.30 -11.25
C CYS K 128 32.74 54.37 -12.32
N ASP K 129 32.57 55.64 -11.93
CA ASP K 129 32.47 56.72 -12.90
C ASP K 129 33.64 56.70 -13.88
N VAL K 130 34.81 56.29 -13.40
CA VAL K 130 35.95 56.14 -14.29
C VAL K 130 35.60 55.18 -15.42
N VAL K 131 35.18 53.98 -15.06
CA VAL K 131 34.76 53.01 -16.07
C VAL K 131 33.63 53.58 -16.90
N GLU K 132 32.59 54.08 -16.22
CA GLU K 132 31.49 54.73 -16.93
C GLU K 132 32.01 55.75 -17.93
N SER K 133 32.92 56.61 -17.50
CA SER K 133 33.52 57.56 -18.44
C SER K 133 34.20 56.83 -19.58
N LYS K 134 35.24 56.06 -19.29
CA LYS K 134 36.00 55.37 -20.33
C LYS K 134 35.09 54.60 -21.26
N PHE K 135 34.26 53.73 -20.68
CA PHE K 135 33.43 52.86 -21.49
C PHE K 135 32.56 53.64 -22.45
N THR K 136 31.96 54.73 -22.00
CA THR K 136 31.19 55.57 -22.91
C THR K 136 32.06 56.06 -24.06
N GLU K 137 33.27 56.51 -23.74
CA GLU K 137 34.16 57.00 -24.78
C GLU K 137 34.40 55.95 -25.84
N LYS K 138 34.80 54.75 -25.43
CA LYS K 138 35.17 53.74 -26.40
C LYS K 138 34.00 53.34 -27.27
N ILE K 139 32.78 53.40 -26.75
CA ILE K 139 31.62 53.19 -27.62
C ILE K 139 31.60 54.22 -28.74
N LYS K 140 31.39 55.48 -28.38
CA LYS K 140 31.16 56.50 -29.39
C LYS K 140 32.39 56.66 -30.28
N SER K 141 33.57 56.41 -29.73
CA SER K 141 34.76 56.45 -30.56
C SER K 141 34.80 55.29 -31.54
N MET K 142 34.08 54.21 -31.23
CA MET K 142 34.02 53.08 -32.15
C MET K 142 32.76 53.17 -33.00
N LEU L 27 -23.21 21.50 -20.76
CA LEU L 27 -22.25 20.60 -21.38
C LEU L 27 -21.05 20.43 -20.48
N LYS L 28 -21.28 19.77 -19.35
CA LYS L 28 -20.22 19.65 -18.37
C LYS L 28 -19.34 18.45 -18.64
N TYR L 29 -19.77 17.54 -19.49
CA TYR L 29 -19.18 16.22 -19.51
C TYR L 29 -18.83 15.78 -20.91
N ILE L 30 -18.03 14.73 -20.97
CA ILE L 30 -17.54 14.20 -22.23
C ILE L 30 -17.59 12.68 -22.14
N CYS L 31 -18.10 12.06 -23.20
CA CYS L 31 -17.99 10.63 -23.31
C CYS L 31 -16.53 10.23 -23.19
N ALA L 32 -16.25 9.35 -22.24
CA ALA L 32 -14.89 8.86 -22.09
C ALA L 32 -14.42 8.14 -23.33
N GLU L 33 -15.31 7.88 -24.27
CA GLU L 33 -14.96 7.14 -25.47
C GLU L 33 -15.14 7.97 -26.74
N CYS L 34 -16.38 8.17 -27.19
CA CYS L 34 -16.57 8.90 -28.43
C CYS L 34 -16.29 10.38 -28.29
N SER L 35 -15.97 10.85 -27.09
CA SER L 35 -15.59 12.22 -26.85
C SER L 35 -16.79 13.14 -27.00
N SER L 36 -17.96 12.61 -27.32
CA SER L 36 -19.13 13.46 -27.50
C SER L 36 -19.39 14.29 -26.25
N LYS L 37 -19.45 15.59 -26.45
CA LYS L 37 -19.76 16.51 -25.35
C LYS L 37 -21.19 16.29 -24.91
N LEU L 38 -21.42 16.42 -23.61
CA LEU L 38 -22.79 16.28 -23.11
C LEU L 38 -22.89 16.97 -21.77
N SER L 39 -24.13 17.19 -21.36
CA SER L 39 -24.46 17.62 -20.02
C SER L 39 -25.37 16.57 -19.40
N LEU L 40 -25.48 16.60 -18.09
CA LEU L 40 -26.35 15.66 -17.39
C LEU L 40 -27.36 16.40 -16.52
N SER L 41 -28.16 15.61 -15.82
CA SER L 41 -29.18 16.13 -14.93
C SER L 41 -29.17 15.28 -13.66
N ARG L 42 -30.01 15.66 -12.70
CA ARG L 42 -30.17 14.87 -11.50
C ARG L 42 -30.86 13.56 -11.87
N THR L 43 -30.39 12.46 -11.27
CA THR L 43 -30.92 11.13 -11.54
C THR L 43 -31.02 10.92 -13.04
N ASP L 44 -29.88 10.82 -13.70
CA ASP L 44 -29.83 10.56 -15.13
C ASP L 44 -28.91 9.37 -15.37
N ALA L 45 -29.22 8.61 -16.40
CA ALA L 45 -28.39 7.48 -16.76
C ALA L 45 -26.98 7.98 -17.06
N VAL L 46 -26.00 7.42 -16.38
CA VAL L 46 -24.62 7.85 -16.62
C VAL L 46 -24.03 6.94 -17.68
N ARG L 47 -23.84 7.48 -18.88
CA ARG L 47 -23.43 6.74 -20.06
C ARG L 47 -23.51 7.72 -21.21
N CYS L 48 -22.87 7.35 -22.32
CA CYS L 48 -22.92 8.24 -23.46
C CYS L 48 -24.25 8.07 -24.15
N LYS L 49 -25.02 9.17 -24.23
CA LYS L 49 -26.27 9.12 -24.96
C LYS L 49 -26.06 8.59 -26.38
N ASP L 50 -24.86 8.73 -26.92
CA ASP L 50 -24.53 8.12 -28.20
C ASP L 50 -23.98 6.71 -28.02
N CYS L 51 -22.79 6.60 -27.44
CA CYS L 51 -22.17 5.29 -27.31
C CYS L 51 -22.76 4.48 -26.17
N GLY L 52 -22.94 5.09 -25.01
CA GLY L 52 -23.37 4.35 -23.86
C GLY L 52 -22.28 3.96 -22.89
N HIS L 53 -21.04 4.37 -23.15
CA HIS L 53 -19.99 4.14 -22.18
C HIS L 53 -20.32 4.83 -20.87
N ARG L 54 -20.34 4.04 -19.81
CA ARG L 54 -20.85 4.48 -18.52
C ARG L 54 -19.79 5.24 -17.74
N ILE L 55 -18.63 5.45 -18.32
CA ILE L 55 -17.61 6.31 -17.73
C ILE L 55 -17.64 7.64 -18.45
N LEU L 56 -17.60 8.73 -17.69
CA LEU L 56 -17.71 10.07 -18.23
C LEU L 56 -16.65 10.97 -17.65
N LEU L 57 -16.24 11.95 -18.42
CA LEU L 57 -15.22 12.90 -18.04
C LEU L 57 -15.87 14.23 -17.74
N LYS L 58 -15.29 14.98 -16.81
CA LYS L 58 -15.76 16.32 -16.57
C LYS L 58 -14.91 17.31 -17.36
N ALA L 59 -15.54 17.99 -18.30
CA ALA L 59 -14.80 18.92 -19.14
C ALA L 59 -14.40 20.16 -18.35
N ARG L 60 -13.23 20.68 -18.67
CA ARG L 60 -12.77 21.90 -18.05
C ARG L 60 -13.42 23.08 -18.76
N THR L 61 -13.83 24.09 -17.98
CA THR L 61 -14.54 25.23 -18.51
C THR L 61 -13.80 26.51 -18.17
N LYS L 62 -14.16 27.59 -18.85
CA LYS L 62 -13.49 28.85 -18.58
C LYS L 62 -13.65 29.21 -17.12
N ARG L 63 -12.53 29.34 -16.43
CA ARG L 63 -12.54 29.69 -15.02
C ARG L 63 -11.19 30.31 -14.70
N LEU L 64 -11.17 31.20 -13.73
CA LEU L 64 -9.96 31.97 -13.48
C LEU L 64 -9.10 31.24 -12.47
N VAL L 65 -7.92 30.80 -12.90
CA VAL L 65 -6.96 30.14 -12.03
C VAL L 65 -5.65 30.87 -12.14
N GLN L 66 -5.02 31.14 -11.01
CA GLN L 66 -3.79 31.89 -10.94
C GLN L 66 -2.58 30.98 -10.90
N PHE L 67 -1.53 31.37 -11.61
CA PHE L 67 -0.24 30.75 -11.45
C PHE L 67 0.84 31.81 -11.53
N GLU L 68 1.87 31.63 -10.72
CA GLU L 68 3.07 32.43 -10.77
C GLU L 68 4.00 31.81 -11.80
N ALA L 69 4.69 32.65 -12.56
CA ALA L 69 5.55 32.13 -13.62
C ALA L 69 6.85 31.64 -13.00
N ARG L 70 6.97 31.78 -11.69
CA ARG L 70 8.12 31.26 -11.00
C ARG L 70 7.85 29.83 -10.55
N SER M 8 37.50 -56.49 -43.42
CA SER M 8 37.85 -56.87 -44.78
C SER M 8 36.67 -56.66 -45.72
N GLU M 9 36.19 -57.75 -46.30
CA GLU M 9 35.06 -57.75 -47.20
C GLU M 9 34.27 -59.02 -47.01
N ILE M 10 32.94 -58.91 -47.02
CA ILE M 10 32.06 -60.04 -46.77
C ILE M 10 30.97 -60.06 -47.84
N GLU M 11 30.97 -61.10 -48.66
CA GLU M 11 29.98 -61.23 -49.71
C GLU M 11 28.60 -61.51 -49.11
N ILE M 12 27.58 -60.97 -49.76
CA ILE M 12 26.21 -61.10 -49.30
C ILE M 12 25.47 -62.01 -50.27
N GLU M 13 25.17 -63.22 -49.81
CA GLU M 13 24.48 -64.18 -50.68
C GLU M 13 22.99 -63.87 -50.77
N SER M 14 22.34 -63.71 -49.63
CA SER M 14 20.89 -63.78 -49.59
C SER M 14 20.35 -62.81 -48.55
N VAL M 15 19.21 -62.23 -48.87
CA VAL M 15 18.46 -61.38 -47.95
C VAL M 15 17.05 -61.92 -47.92
N GLN M 16 16.65 -62.49 -46.78
CA GLN M 16 15.30 -63.00 -46.65
C GLN M 16 14.40 -61.93 -46.06
N ASP M 17 13.50 -61.41 -46.88
CA ASP M 17 12.60 -60.34 -46.46
C ASP M 17 11.29 -60.84 -45.90
N GLN M 18 11.13 -62.14 -45.78
CA GLN M 18 9.98 -62.72 -45.12
C GLN M 18 10.41 -63.43 -43.86
N PRO M 19 9.51 -63.57 -42.89
CA PRO M 19 9.91 -64.16 -41.61
C PRO M 19 10.57 -65.52 -41.76
N SER M 20 11.72 -65.67 -41.13
CA SER M 20 12.40 -66.95 -41.07
C SER M 20 12.75 -67.24 -39.61
N VAL M 21 13.59 -66.40 -39.02
CA VAL M 21 13.95 -66.52 -37.63
C VAL M 21 13.61 -65.23 -36.89
N ALA M 22 13.82 -65.25 -35.59
CA ALA M 22 13.44 -64.14 -34.73
C ALA M 22 14.35 -64.11 -33.51
N VAL M 23 14.59 -62.89 -33.02
CA VAL M 23 15.43 -62.66 -31.87
C VAL M 23 14.55 -62.17 -30.74
N GLY M 24 14.82 -62.64 -29.53
CA GLY M 24 14.04 -62.22 -28.39
C GLY M 24 14.89 -62.15 -27.14
N SER M 25 14.38 -61.46 -26.13
CA SER M 25 15.13 -61.17 -24.93
C SER M 25 14.29 -61.55 -23.72
N PHE M 26 14.86 -62.33 -22.81
CA PHE M 26 14.22 -62.70 -21.57
C PHE M 26 15.09 -62.28 -20.38
N PHE M 27 16.15 -63.01 -20.14
CA PHE M 27 17.18 -62.70 -19.16
C PHE M 27 18.30 -63.67 -19.42
N LYS M 28 19.41 -63.51 -18.71
CA LYS M 28 20.50 -64.44 -18.90
C LYS M 28 20.18 -65.75 -18.21
N GLY M 29 20.52 -66.85 -18.87
CA GLY M 29 20.20 -68.16 -18.34
C GLY M 29 18.80 -68.62 -18.58
N PHE M 30 17.95 -67.77 -19.16
CA PHE M 30 16.60 -68.19 -19.50
C PHE M 30 16.63 -69.42 -20.39
N ARG M 31 15.92 -70.46 -19.97
CA ARG M 31 15.83 -71.68 -20.75
C ARG M 31 14.43 -72.26 -20.64
N ALA M 32 13.99 -72.87 -21.72
CA ALA M 32 12.71 -73.52 -21.82
C ALA M 32 12.91 -74.97 -22.23
N PRO M 33 11.95 -75.84 -21.95
CA PRO M 33 12.04 -77.22 -22.43
C PRO M 33 12.09 -77.28 -23.95
N SER M 34 12.60 -78.40 -24.47
CA SER M 34 12.73 -78.54 -25.92
C SER M 34 11.38 -78.42 -26.61
N ASP M 35 10.34 -78.99 -26.00
CA ASP M 35 9.02 -79.00 -26.63
C ASP M 35 8.41 -77.61 -26.64
N THR M 36 9.03 -76.66 -25.95
CA THR M 36 8.45 -75.34 -25.90
C THR M 36 8.58 -74.67 -27.27
N THR M 37 7.45 -74.29 -27.84
CA THR M 37 7.42 -73.64 -29.13
C THR M 37 6.87 -72.24 -28.96
N PHE M 38 6.77 -71.52 -30.06
CA PHE M 38 6.45 -70.09 -30.02
C PHE M 38 5.54 -69.76 -31.18
N ASP M 39 4.46 -69.04 -30.90
CA ASP M 39 3.49 -68.70 -31.91
C ASP M 39 3.73 -67.27 -32.36
N LEU M 40 4.24 -67.11 -33.56
CA LEU M 40 4.57 -65.79 -34.09
C LEU M 40 3.36 -65.22 -34.79
N TYR M 41 2.92 -64.06 -34.33
CA TYR M 41 1.77 -63.39 -34.91
C TYR M 41 2.26 -62.14 -35.63
N LYS M 42 1.58 -61.81 -36.71
CA LYS M 42 2.05 -60.74 -37.58
C LYS M 42 0.89 -59.85 -37.97
N LYS M 43 1.05 -58.55 -37.77
CA LYS M 43 0.19 -57.54 -38.34
C LYS M 43 0.94 -56.87 -39.47
N LYS M 44 0.21 -56.45 -40.50
CA LYS M 44 0.75 -55.50 -41.45
C LYS M 44 0.15 -54.15 -41.09
N LYS M 45 0.97 -53.29 -40.50
CA LYS M 45 0.51 -52.04 -39.93
C LYS M 45 1.34 -50.92 -40.52
N SER M 46 0.70 -50.06 -41.31
CA SER M 46 1.41 -49.13 -42.18
C SER M 46 2.42 -49.97 -42.95
N GLU M 47 3.68 -49.54 -43.06
CA GLU M 47 4.76 -50.41 -43.51
C GLU M 47 5.29 -51.28 -42.37
N LYS M 48 5.23 -50.76 -41.14
CA LYS M 48 5.78 -51.42 -39.97
C LYS M 48 5.22 -52.83 -39.83
N ASP M 49 6.09 -53.77 -39.51
CA ASP M 49 5.70 -55.16 -39.30
C ASP M 49 5.89 -55.48 -37.84
N GLU M 50 4.79 -55.61 -37.11
CA GLU M 50 4.82 -55.78 -35.67
C GLU M 50 4.56 -57.24 -35.32
N PHE M 51 5.55 -57.86 -34.70
CA PHE M 51 5.47 -59.28 -34.41
C PHE M 51 5.25 -59.50 -32.94
N VAL M 52 4.20 -60.24 -32.62
CA VAL M 52 3.90 -60.63 -31.25
C VAL M 52 4.13 -62.13 -31.14
N LEU M 53 4.77 -62.53 -30.05
CA LEU M 53 5.18 -63.92 -29.89
C LEU M 53 4.52 -64.51 -28.66
N HIS M 54 3.73 -65.55 -28.88
CA HIS M 54 3.19 -66.33 -27.77
C HIS M 54 3.96 -67.63 -27.68
N GLY M 55 4.76 -67.77 -26.64
CA GLY M 55 5.41 -69.03 -26.37
C GLY M 55 4.53 -69.85 -25.46
N GLU M 56 4.68 -71.17 -25.50
CA GLU M 56 3.81 -72.03 -24.73
C GLU M 56 4.56 -73.24 -24.22
N ASN M 57 4.35 -73.57 -22.95
CA ASN M 57 4.73 -74.89 -22.46
C ASN M 57 3.74 -75.33 -21.41
N GLU M 58 4.03 -76.41 -20.71
CA GLU M 58 3.06 -77.00 -19.80
C GLU M 58 2.63 -76.02 -18.73
N ARG M 59 3.52 -75.71 -17.78
CA ARG M 59 3.14 -74.90 -16.62
C ARG M 59 3.54 -73.44 -16.77
N LEU M 60 4.19 -73.07 -17.86
CA LEU M 60 4.72 -71.71 -18.00
C LEU M 60 4.17 -71.10 -19.28
N GLU M 61 4.17 -69.78 -19.33
CA GLU M 61 3.75 -69.03 -20.50
C GLU M 61 4.77 -67.98 -20.87
N TYR M 62 5.18 -67.98 -22.13
CA TYR M 62 6.14 -67.04 -22.64
C TYR M 62 5.41 -66.12 -23.59
N GLU M 63 5.34 -64.85 -23.25
CA GLU M 63 4.69 -63.88 -24.10
C GLU M 63 5.64 -62.74 -24.38
N GLY M 64 5.82 -62.46 -25.66
CA GLY M 64 6.72 -61.42 -26.08
C GLY M 64 6.26 -60.77 -27.36
N TYR M 65 6.73 -59.56 -27.62
CA TYR M 65 6.32 -58.82 -28.79
C TYR M 65 7.41 -57.81 -29.16
N THR M 66 7.47 -57.48 -30.44
CA THR M 66 8.39 -56.47 -30.92
C THR M 66 7.99 -55.11 -30.38
N ASP M 67 8.98 -54.26 -30.16
CA ASP M 67 8.70 -52.90 -29.78
C ASP M 67 8.24 -52.12 -31.00
N SER M 68 7.27 -51.23 -30.81
CA SER M 68 6.84 -50.37 -31.90
C SER M 68 7.86 -49.26 -32.17
N SER M 69 8.25 -48.53 -31.14
CA SER M 69 9.11 -47.36 -31.33
C SER M 69 10.47 -47.74 -31.90
N SER M 70 11.02 -48.88 -31.46
CA SER M 70 12.35 -49.26 -31.90
C SER M 70 12.38 -49.60 -33.38
N GLN M 71 11.52 -50.52 -33.81
CA GLN M 71 11.55 -50.99 -35.19
C GLN M 71 11.26 -49.91 -36.20
N ALA M 72 10.80 -48.73 -35.76
CA ALA M 72 10.62 -47.62 -36.68
C ALA M 72 11.87 -47.35 -37.49
N SER M 73 12.93 -46.81 -36.87
CA SER M 73 14.16 -46.56 -37.59
C SER M 73 15.18 -47.66 -37.47
N ASN M 74 14.95 -48.70 -36.68
CA ASN M 74 15.89 -49.78 -36.50
C ASN M 74 15.55 -50.91 -37.44
N GLN M 75 16.57 -51.57 -37.95
CA GLN M 75 16.38 -52.79 -38.72
C GLN M 75 17.48 -53.76 -38.35
N TYR M 76 17.10 -54.95 -37.94
CA TYR M 76 18.05 -55.97 -37.54
C TYR M 76 18.05 -57.12 -38.53
N VAL M 77 19.25 -57.53 -38.93
CA VAL M 77 19.37 -58.68 -39.80
C VAL M 77 20.39 -59.64 -39.21
N VAL M 78 19.92 -60.79 -38.82
CA VAL M 78 20.78 -61.91 -38.47
C VAL M 78 21.31 -62.48 -39.77
N GLY M 79 22.41 -63.19 -39.72
CA GLY M 79 22.97 -63.82 -40.91
C GLY M 79 23.73 -65.09 -40.58
N LEU M 80 23.76 -66.00 -41.55
CA LEU M 80 24.49 -67.25 -41.45
C LEU M 80 25.77 -67.10 -42.24
N PHE M 81 26.89 -67.01 -41.54
CA PHE M 81 28.16 -66.67 -42.14
C PHE M 81 29.00 -67.91 -42.30
N ASN M 82 29.49 -68.13 -43.52
CA ASN M 82 30.43 -69.21 -43.77
C ASN M 82 31.83 -68.64 -43.63
N PRO M 83 32.55 -68.97 -42.55
CA PRO M 83 33.91 -68.44 -42.42
C PRO M 83 34.89 -69.00 -43.42
N GLU M 84 34.68 -70.22 -43.89
CA GLU M 84 35.48 -70.78 -44.98
C GLU M 84 35.33 -69.88 -46.22
N LYS M 85 34.11 -69.42 -46.42
CA LYS M 85 33.84 -68.44 -47.47
C LYS M 85 34.00 -67.04 -46.91
N LYS M 86 33.79 -66.04 -47.76
CA LYS M 86 33.60 -64.66 -47.33
C LYS M 86 32.11 -64.30 -47.26
N SER M 87 31.25 -65.28 -47.45
CA SER M 87 29.83 -65.04 -47.66
C SER M 87 29.03 -65.29 -46.38
N ILE M 88 27.95 -64.52 -46.24
CA ILE M 88 26.99 -64.69 -45.16
C ILE M 88 25.59 -64.64 -45.77
N GLN M 89 24.68 -65.42 -45.18
CA GLN M 89 23.29 -65.46 -45.62
C GLN M 89 22.47 -64.60 -44.67
N LEU M 90 22.03 -63.45 -45.14
CA LEU M 90 21.43 -62.44 -44.28
C LEU M 90 19.92 -62.64 -44.20
N TYR M 91 19.40 -62.68 -42.97
CA TYR M 91 17.99 -62.91 -42.73
C TYR M 91 17.46 -61.83 -41.82
N LYS M 92 16.46 -61.08 -42.29
CA LYS M 92 15.78 -60.15 -41.43
C LYS M 92 15.08 -60.91 -40.31
N ALA M 93 15.18 -60.39 -39.10
CA ALA M 93 14.53 -61.02 -37.97
C ALA M 93 14.08 -59.91 -37.04
N PRO M 94 13.01 -60.12 -36.29
CA PRO M 94 12.57 -59.11 -35.33
C PRO M 94 13.35 -59.20 -34.03
N VAL M 95 13.05 -58.26 -33.15
CA VAL M 95 13.58 -58.26 -31.79
C VAL M 95 12.39 -58.25 -30.85
N LEU M 96 12.27 -59.30 -30.05
CA LEU M 96 11.09 -59.52 -29.23
C LEU M 96 11.39 -59.21 -27.78
N VAL M 97 10.81 -58.12 -27.29
CA VAL M 97 10.75 -57.88 -25.85
C VAL M 97 9.81 -58.92 -25.27
N SER M 98 10.31 -59.71 -24.34
CA SER M 98 9.59 -60.89 -23.90
C SER M 98 9.66 -61.03 -22.40
N LYS M 99 8.66 -61.70 -21.84
CA LYS M 99 8.62 -62.01 -20.43
C LYS M 99 8.15 -63.44 -20.26
N VAL M 100 8.03 -63.85 -19.00
CA VAL M 100 7.75 -65.24 -18.65
C VAL M 100 6.71 -65.25 -17.54
N VAL M 101 5.74 -66.15 -17.66
CA VAL M 101 4.71 -66.34 -16.65
C VAL M 101 4.51 -67.84 -16.46
N SER M 102 4.35 -68.27 -15.21
CA SER M 102 3.86 -69.60 -14.93
C SER M 102 2.34 -69.55 -14.83
N LYS M 103 1.69 -70.51 -15.47
CA LYS M 103 0.24 -70.48 -15.56
C LYS M 103 -0.40 -70.51 -14.19
N SER M 104 0.09 -71.39 -13.30
CA SER M 104 -0.50 -71.48 -11.98
C SER M 104 -0.19 -70.24 -11.16
N SER M 105 0.94 -69.60 -11.45
CA SER M 105 1.26 -68.31 -10.86
C SER M 105 0.53 -67.17 -11.53
N LYS M 106 0.05 -67.39 -12.76
CA LYS M 106 -0.50 -66.30 -13.55
C LYS M 106 -1.71 -65.66 -12.90
N ASN M 107 -2.74 -66.46 -12.63
CA ASN M 107 -4.04 -65.92 -12.26
C ASN M 107 -4.14 -65.60 -10.79
N LEU M 108 -3.05 -65.76 -10.04
CA LEU M 108 -3.08 -65.48 -8.61
C LEU M 108 -3.56 -64.05 -8.38
N ARG M 109 -4.62 -63.93 -7.58
CA ARG M 109 -5.27 -62.64 -7.44
C ARG M 109 -5.93 -62.57 -6.07
N GLY M 110 -6.03 -61.35 -5.54
CA GLY M 110 -6.73 -61.13 -4.30
C GLY M 110 -8.08 -60.49 -4.50
N PRO M 111 -8.87 -60.46 -3.43
CA PRO M 111 -10.18 -59.82 -3.49
C PRO M 111 -10.05 -58.31 -3.56
N LYS M 112 -11.17 -57.65 -3.88
CA LYS M 112 -11.16 -56.20 -4.00
C LYS M 112 -10.79 -55.53 -2.69
N ILE M 113 -11.56 -55.78 -1.63
CA ILE M 113 -11.34 -55.11 -0.36
C ILE M 113 -11.14 -56.14 0.73
N LYS M 114 -10.11 -55.94 1.55
CA LYS M 114 -9.85 -56.84 2.67
C LYS M 114 -10.58 -56.30 3.90
N SER M 115 -11.56 -57.06 4.37
CA SER M 115 -12.38 -56.65 5.50
C SER M 115 -12.41 -57.74 6.57
N SER N 24 -3.23 -65.81 -26.78
CA SER N 24 -4.28 -65.40 -27.71
C SER N 24 -3.70 -64.57 -28.84
N ILE N 25 -4.54 -64.25 -29.81
CA ILE N 25 -4.12 -63.44 -30.97
C ILE N 25 -4.84 -62.11 -30.94
N PRO N 26 -4.16 -61.02 -30.64
CA PRO N 26 -4.79 -59.70 -30.70
C PRO N 26 -5.07 -59.28 -32.13
N ASP N 27 -5.61 -58.07 -32.26
CA ASP N 27 -6.16 -57.59 -33.52
C ASP N 27 -5.05 -57.39 -34.55
N GLY N 28 -5.42 -57.50 -35.82
CA GLY N 28 -4.51 -57.29 -36.92
C GLY N 28 -3.49 -58.38 -37.11
N PHE N 29 -3.40 -59.33 -36.19
CA PHE N 29 -2.33 -60.30 -36.19
C PHE N 29 -2.75 -61.55 -36.95
N LYS N 30 -2.13 -61.76 -38.09
CA LYS N 30 -2.22 -63.01 -38.82
C LYS N 30 -0.98 -63.82 -38.51
N LYS N 31 -1.17 -64.92 -37.80
CA LYS N 31 -0.05 -65.79 -37.46
C LYS N 31 0.66 -66.22 -38.72
N CYS N 32 1.98 -66.37 -38.62
CA CYS N 32 2.78 -66.76 -39.78
C CYS N 32 2.42 -68.19 -40.14
N LYS N 33 2.00 -68.39 -41.38
CA LYS N 33 1.56 -69.70 -41.85
C LYS N 33 2.77 -70.56 -42.18
N HIS N 34 3.52 -70.13 -43.18
CA HIS N 34 4.70 -70.87 -43.64
C HIS N 34 5.91 -69.99 -43.39
N LEU N 35 6.72 -70.41 -42.42
CA LEU N 35 7.97 -69.72 -42.14
C LEU N 35 9.00 -70.09 -43.19
N LYS N 36 9.91 -69.17 -43.50
CA LYS N 36 10.94 -69.47 -44.47
C LYS N 36 11.97 -70.41 -43.85
N ASN N 37 12.95 -70.79 -44.66
CA ASN N 37 13.95 -71.74 -44.23
C ASN N 37 15.15 -71.02 -43.62
N PHE N 38 15.71 -71.64 -42.59
CA PHE N 38 16.90 -71.12 -41.93
C PHE N 38 17.95 -72.21 -41.89
N PRO N 39 18.83 -72.24 -42.88
CA PRO N 39 19.81 -73.33 -42.97
C PRO N 39 20.89 -73.27 -41.91
N LEU N 40 20.54 -73.67 -40.69
CA LEU N 40 21.51 -73.74 -39.61
C LEU N 40 22.27 -75.06 -39.72
N ASN N 41 23.26 -75.28 -38.84
CA ASN N 41 23.99 -76.54 -38.79
C ASN N 41 24.35 -76.90 -37.36
N LYS N 49 35.83 -76.32 -38.42
CA LYS N 49 35.22 -75.00 -38.43
C LYS N 49 33.86 -75.02 -39.11
N GLN N 50 32.83 -74.60 -38.39
CA GLN N 50 31.49 -74.55 -38.92
C GLN N 50 31.11 -73.11 -39.26
N GLN N 51 29.89 -72.95 -39.75
CA GLN N 51 29.34 -71.65 -40.12
C GLN N 51 29.22 -70.76 -38.89
N GLN N 52 29.17 -69.45 -39.14
CA GLN N 52 29.07 -68.47 -38.07
C GLN N 52 27.74 -67.75 -38.16
N VAL N 53 27.30 -67.23 -37.02
CA VAL N 53 25.98 -66.62 -36.87
C VAL N 53 26.16 -65.22 -36.33
N TRP N 54 25.77 -64.22 -37.11
CA TRP N 54 25.98 -62.83 -36.76
C TRP N 54 24.67 -62.07 -36.71
N LEU N 55 24.41 -61.47 -35.55
CA LEU N 55 23.33 -60.51 -35.38
C LEU N 55 23.86 -59.12 -35.69
N ILE N 56 23.20 -58.43 -36.60
CA ILE N 56 23.69 -57.15 -37.09
C ILE N 56 22.53 -56.15 -37.17
N LYS N 57 22.69 -55.02 -36.53
CA LYS N 57 21.73 -53.92 -36.56
C LYS N 57 21.92 -53.14 -37.85
N PHE N 58 20.86 -52.48 -38.30
CA PHE N 58 20.92 -51.53 -39.40
C PHE N 58 19.91 -50.40 -39.20
N PRO N 59 20.19 -49.23 -39.74
CA PRO N 59 19.14 -48.22 -39.88
C PRO N 59 18.08 -48.73 -40.84
N SER N 60 16.82 -48.53 -40.46
CA SER N 60 15.73 -49.04 -41.29
C SER N 60 15.76 -48.44 -42.69
N ASN N 61 16.14 -47.17 -42.81
CA ASN N 61 16.22 -46.50 -44.09
C ASN N 61 17.17 -47.18 -45.06
N VAL N 62 18.17 -47.90 -44.57
CA VAL N 62 19.10 -48.63 -45.41
C VAL N 62 18.33 -49.75 -46.10
N ASP N 63 18.62 -49.97 -47.38
CA ASP N 63 18.05 -51.11 -48.07
C ASP N 63 19.01 -52.29 -47.96
N ILE N 64 18.61 -53.29 -47.18
CA ILE N 64 19.46 -54.44 -46.97
C ILE N 64 19.33 -55.43 -48.13
N SER N 65 18.18 -55.43 -48.80
CA SER N 65 17.98 -56.31 -49.95
C SER N 65 19.05 -56.14 -51.00
N LYS N 66 19.51 -54.92 -51.26
CA LYS N 66 20.63 -54.69 -52.17
C LYS N 66 21.83 -54.23 -51.36
N LEU N 67 22.79 -55.15 -51.19
CA LEU N 67 24.06 -54.92 -50.51
C LEU N 67 25.03 -55.99 -50.97
N LYS N 68 26.33 -55.74 -50.80
CA LYS N 68 27.31 -56.65 -51.33
C LYS N 68 28.40 -57.03 -50.34
N SER N 69 29.25 -56.08 -49.98
CA SER N 69 30.40 -56.36 -49.14
C SER N 69 30.18 -55.84 -47.73
N LEU N 70 31.20 -55.99 -46.90
CA LEU N 70 31.16 -55.59 -45.50
C LEU N 70 32.51 -55.85 -44.84
N PRO N 71 33.03 -54.91 -44.07
CA PRO N 71 34.34 -55.08 -43.44
C PRO N 71 34.29 -55.88 -42.15
N VAL N 72 35.44 -55.92 -41.48
CA VAL N 72 35.61 -56.61 -40.20
C VAL N 72 36.40 -55.73 -39.25
N THR N 78 34.67 -50.99 -36.97
CA THR N 78 35.29 -50.37 -38.14
C THR N 78 34.25 -49.62 -38.96
N THR N 79 34.69 -49.06 -40.09
CA THR N 79 33.85 -48.17 -40.88
C THR N 79 33.68 -48.69 -42.30
N MET N 80 32.66 -48.17 -42.97
CA MET N 80 32.42 -48.48 -44.37
C MET N 80 31.47 -47.43 -44.94
N THR N 81 31.03 -47.67 -46.18
CA THR N 81 30.06 -46.81 -46.84
C THR N 81 28.94 -47.66 -47.41
N ILE N 82 27.72 -47.14 -47.34
CA ILE N 82 26.53 -47.82 -47.87
C ILE N 82 25.64 -46.75 -48.48
N ASP N 83 25.11 -47.01 -49.67
CA ASP N 83 24.22 -46.07 -50.35
C ASP N 83 24.86 -44.69 -50.42
N LYS N 84 26.16 -44.69 -50.68
CA LYS N 84 26.96 -43.49 -50.90
C LYS N 84 27.11 -42.67 -49.62
N HIS N 85 26.30 -43.00 -48.61
CA HIS N 85 26.58 -42.57 -47.26
C HIS N 85 27.60 -43.52 -46.65
N ASP N 86 28.30 -43.06 -45.64
CA ASP N 86 29.25 -43.88 -44.90
C ASP N 86 28.66 -44.28 -43.56
N TYR N 87 29.07 -45.43 -43.07
CA TYR N 87 28.56 -46.00 -41.83
C TYR N 87 29.71 -46.62 -41.05
N LYS N 88 29.43 -46.99 -39.80
CA LYS N 88 30.46 -47.53 -38.92
C LYS N 88 29.92 -48.80 -38.27
N ILE N 89 30.82 -49.58 -37.67
CA ILE N 89 30.40 -50.78 -36.97
C ILE N 89 30.76 -50.70 -35.49
N ASN N 106 22.86 -62.38 -24.12
CA ASN N 106 21.91 -61.34 -23.75
C ASN N 106 20.55 -61.65 -24.34
N MET N 107 20.56 -62.07 -25.60
CA MET N 107 19.37 -62.31 -26.37
C MET N 107 19.35 -63.74 -26.88
N THR N 108 18.17 -64.17 -27.29
CA THR N 108 17.96 -65.55 -27.72
C THR N 108 17.55 -65.55 -29.17
N LEU N 109 17.76 -66.69 -29.83
CA LEU N 109 17.40 -66.86 -31.23
C LEU N 109 16.38 -67.98 -31.38
N LEU N 110 15.38 -67.74 -32.22
CA LEU N 110 14.31 -68.69 -32.43
C LEU N 110 14.35 -69.18 -33.87
N VAL N 111 14.16 -70.47 -34.05
CA VAL N 111 14.21 -71.07 -35.39
C VAL N 111 12.81 -71.53 -35.72
N PRO N 112 12.44 -71.60 -37.00
CA PRO N 112 11.10 -72.05 -37.35
C PRO N 112 10.88 -73.49 -36.94
N SER N 113 9.62 -73.88 -36.85
CA SER N 113 9.29 -75.27 -36.61
C SER N 113 9.53 -76.07 -37.89
N GLU N 114 9.36 -77.37 -37.83
CA GLU N 114 9.38 -78.16 -39.05
C GLU N 114 8.07 -77.92 -39.77
N SER N 115 7.03 -77.61 -39.01
CA SER N 115 5.77 -77.16 -39.57
C SER N 115 5.98 -75.80 -40.24
N LYS N 116 6.94 -75.04 -39.71
CA LYS N 116 7.22 -73.68 -40.17
C LYS N 116 6.00 -72.79 -40.02
N GLU N 117 5.07 -73.17 -39.15
CA GLU N 117 4.05 -72.23 -38.68
C GLU N 117 4.39 -71.68 -37.30
N SER N 118 5.43 -72.19 -36.65
CA SER N 118 5.73 -71.81 -35.27
C SER N 118 7.24 -71.82 -35.09
N LEU N 119 7.67 -71.43 -33.90
CA LEU N 119 9.07 -71.11 -33.65
C LEU N 119 9.66 -72.04 -32.61
N LYS N 120 10.85 -72.55 -32.92
CA LYS N 120 11.61 -73.41 -32.04
C LYS N 120 12.85 -72.64 -31.59
N ILE N 121 13.33 -72.97 -30.40
CA ILE N 121 14.52 -72.33 -29.86
C ILE N 121 15.70 -72.72 -30.73
N ALA N 122 16.71 -71.86 -30.82
CA ALA N 122 17.94 -72.23 -31.50
C ALA N 122 18.88 -72.92 -30.53
N SER N 123 19.19 -74.18 -30.80
CA SER N 123 20.23 -74.89 -30.06
C SER N 123 21.07 -75.73 -31.02
N THR N 124 22.37 -75.43 -31.05
CA THR N 124 23.30 -76.23 -31.84
C THR N 124 24.05 -77.28 -31.04
N ALA N 125 23.91 -77.33 -29.71
CA ALA N 125 24.67 -78.28 -28.91
C ALA N 125 24.20 -79.71 -29.09
N LYS N 126 22.98 -79.91 -29.59
CA LYS N 126 22.30 -81.21 -29.63
C LYS N 126 21.96 -81.66 -28.21
N ASP N 127 22.57 -80.99 -27.24
CA ASP N 127 22.13 -81.06 -25.86
C ASP N 127 20.84 -80.30 -25.63
N ASN N 128 20.34 -79.55 -26.62
CA ASN N 128 19.25 -78.59 -26.52
C ASN N 128 19.64 -77.38 -25.69
N ALA N 129 20.85 -77.35 -25.15
CA ALA N 129 21.40 -76.15 -24.55
C ALA N 129 21.35 -75.02 -25.56
N PRO N 130 20.91 -73.82 -25.17
CA PRO N 130 20.58 -72.79 -26.15
C PRO N 130 21.76 -72.39 -27.01
N LEU N 131 21.55 -72.42 -28.33
CA LEU N 131 22.47 -71.75 -29.24
C LEU N 131 22.36 -70.24 -29.07
N GLN N 132 23.50 -69.59 -28.96
CA GLN N 132 23.54 -68.19 -28.57
C GLN N 132 24.44 -67.43 -29.54
N PHE N 133 24.16 -66.14 -29.67
CA PHE N 133 24.67 -65.35 -30.79
C PHE N 133 26.19 -65.33 -30.81
N ASP N 134 26.77 -65.66 -31.97
CA ASP N 134 28.22 -65.74 -32.08
C ASP N 134 28.86 -64.36 -32.04
N LYS N 135 28.48 -63.47 -32.93
CA LYS N 135 29.12 -62.17 -33.04
C LYS N 135 28.06 -61.11 -33.27
N VAL N 136 28.33 -59.93 -32.73
CA VAL N 136 27.43 -58.79 -32.81
C VAL N 136 28.16 -57.64 -33.50
N PHE N 137 27.60 -57.18 -34.61
CA PHE N 137 28.14 -56.04 -35.33
C PHE N 137 27.03 -55.02 -35.48
N SER N 138 27.19 -53.86 -34.84
CA SER N 138 26.18 -52.82 -34.92
C SER N 138 26.55 -51.90 -36.05
N VAL N 139 25.77 -51.97 -37.13
CA VAL N 139 26.03 -51.13 -38.28
C VAL N 139 25.04 -49.98 -38.23
N SER N 140 25.54 -48.80 -37.94
CA SER N 140 24.69 -47.65 -37.65
C SER N 140 25.12 -46.46 -38.48
N GLU N 141 24.44 -45.34 -38.29
CA GLU N 141 24.70 -44.19 -39.13
C GLU N 141 25.75 -43.30 -38.50
N THR N 142 26.94 -43.28 -39.08
CA THR N 142 27.90 -42.24 -38.77
C THR N 142 27.59 -41.02 -39.64
N ALA N 143 28.00 -39.85 -39.18
CA ALA N 143 27.93 -38.64 -39.98
C ALA N 143 29.24 -37.89 -39.83
N LYS N 144 29.48 -36.96 -40.75
CA LYS N 144 30.71 -36.18 -40.75
C LYS N 144 30.40 -34.73 -40.50
N ILE N 145 31.38 -34.05 -39.91
CA ILE N 145 31.16 -32.71 -39.36
C ILE N 145 32.13 -31.76 -40.05
N PRO N 146 31.65 -30.58 -40.41
CA PRO N 146 32.54 -29.57 -40.98
C PRO N 146 33.58 -29.12 -39.98
N ALA N 147 34.82 -28.92 -40.43
CA ALA N 147 35.85 -28.44 -39.54
C ALA N 147 35.72 -26.94 -39.34
N ILE N 148 36.12 -26.48 -38.16
CA ILE N 148 36.10 -25.05 -37.89
C ILE N 148 37.20 -24.39 -38.70
N ASP N 149 36.86 -23.29 -39.36
CA ASP N 149 37.88 -22.52 -40.08
C ASP N 149 38.23 -21.33 -39.21
N TYR N 150 39.40 -21.41 -38.59
CA TYR N 150 39.80 -20.38 -37.65
C TYR N 150 40.16 -19.09 -38.35
N SER N 151 40.72 -19.18 -39.55
CA SER N 151 41.14 -17.98 -40.26
C SER N 151 39.96 -17.06 -40.52
N LYS N 152 38.81 -17.63 -40.88
CA LYS N 152 37.64 -16.81 -41.09
C LYS N 152 37.07 -16.28 -39.78
N VAL N 153 36.85 -17.16 -38.82
CA VAL N 153 36.07 -16.84 -37.64
C VAL N 153 36.88 -16.04 -36.62
N ARG N 154 38.15 -16.38 -36.41
CA ARG N 154 38.95 -15.62 -35.45
C ARG N 154 39.34 -14.34 -36.18
N VAL N 155 38.83 -13.23 -35.68
CA VAL N 155 38.95 -11.95 -36.35
C VAL N 155 39.72 -11.00 -35.46
N PRO N 156 40.88 -10.49 -35.88
CA PRO N 156 41.54 -9.45 -35.11
C PRO N 156 40.60 -8.28 -34.85
N ARG N 157 40.62 -7.80 -33.61
CA ARG N 157 39.69 -6.76 -33.19
C ARG N 157 39.77 -5.53 -34.07
N LYS N 158 38.61 -4.94 -34.33
CA LYS N 158 38.54 -3.66 -35.01
C LYS N 158 38.30 -2.56 -33.99
N ASP N 159 39.22 -1.60 -33.95
CA ASP N 159 39.14 -0.53 -32.98
C ASP N 159 37.93 0.35 -33.25
N VAL N 160 37.54 1.10 -32.22
CA VAL N 160 36.42 2.03 -32.33
C VAL N 160 36.68 2.94 -33.50
N PRO N 161 35.78 3.00 -34.46
CA PRO N 161 36.01 3.86 -35.63
C PRO N 161 36.10 5.32 -35.23
N LYS N 162 37.16 5.97 -35.65
CA LYS N 162 37.27 7.40 -35.44
C LYS N 162 36.22 8.11 -36.28
N VAL N 163 35.55 9.08 -35.67
CA VAL N 163 34.54 9.84 -36.39
C VAL N 163 35.29 10.85 -37.26
N GLU N 164 35.11 10.73 -38.58
CA GLU N 164 35.85 11.56 -39.50
C GLU N 164 35.18 12.92 -39.65
N GLY N 165 35.98 13.92 -40.03
CA GLY N 165 35.45 15.23 -40.27
C GLY N 165 35.02 15.95 -39.02
N LEU N 166 35.90 16.01 -38.03
CA LEU N 166 35.65 16.78 -36.83
C LEU N 166 36.52 18.02 -36.84
N LYS N 167 35.90 19.17 -37.05
CA LYS N 167 36.62 20.43 -37.06
C LYS N 167 36.58 21.04 -35.67
N LEU N 168 37.05 22.28 -35.57
CA LEU N 168 36.95 22.98 -34.30
C LEU N 168 35.54 23.51 -34.13
N GLU N 169 34.84 22.99 -33.12
CA GLU N 169 33.57 23.57 -32.71
C GLU N 169 33.78 24.72 -31.74
N HIS N 170 34.90 24.73 -31.03
CA HIS N 170 35.14 25.68 -29.96
C HIS N 170 36.01 26.81 -30.47
N PHE N 171 35.63 28.03 -30.11
CA PHE N 171 36.43 29.21 -30.43
C PHE N 171 36.33 30.20 -29.29
N ALA N 172 37.42 30.92 -29.07
CA ALA N 172 37.46 31.87 -27.97
C ALA N 172 36.41 32.94 -28.19
N THR N 173 36.00 33.57 -27.09
CA THR N 173 34.94 34.56 -27.15
C THR N 173 35.25 35.62 -28.20
N GLY N 174 34.24 35.98 -28.98
CA GLY N 174 34.37 36.99 -30.01
C GLY N 174 35.07 36.54 -31.27
N TYR N 175 34.88 35.31 -31.70
CA TYR N 175 35.48 34.82 -32.93
C TYR N 175 34.57 33.77 -33.54
N ASP N 176 34.76 33.51 -34.84
CA ASP N 176 33.91 32.59 -35.57
C ASP N 176 34.74 31.39 -35.98
N ALA N 177 34.13 30.53 -36.81
CA ALA N 177 34.88 29.41 -37.37
C ALA N 177 35.88 29.89 -38.41
N GLU N 178 35.48 30.81 -39.28
CA GLU N 178 36.30 31.23 -40.41
C GLU N 178 37.64 31.81 -40.00
N ASP N 179 37.70 32.46 -38.83
CA ASP N 179 38.92 33.14 -38.38
C ASP N 179 40.09 32.18 -38.19
N PHE N 180 39.85 30.88 -38.25
CA PHE N 180 40.85 29.90 -37.88
C PHE N 180 41.06 28.84 -38.95
N SER O 48 -60.13 19.25 46.50
CA SER O 48 -58.98 19.96 45.94
C SER O 48 -57.96 20.25 47.02
N ALA O 49 -58.14 21.38 47.71
CA ALA O 49 -57.22 21.79 48.76
C ALA O 49 -57.07 20.70 49.81
N ALA O 50 -58.19 20.28 50.40
CA ALA O 50 -58.18 19.16 51.32
C ALA O 50 -57.69 17.87 50.66
N MET O 51 -58.08 17.62 49.41
CA MET O 51 -57.53 16.51 48.66
C MET O 51 -56.03 16.63 48.54
N TYR O 52 -55.56 17.75 47.98
CA TYR O 52 -54.14 17.96 47.78
C TYR O 52 -53.36 17.80 49.08
N SER O 53 -53.92 18.30 50.18
CA SER O 53 -53.27 18.16 51.49
C SER O 53 -53.14 16.70 51.87
N ARG O 54 -54.25 15.97 51.90
CA ARG O 54 -54.20 14.55 52.22
C ARG O 54 -53.39 13.78 51.18
N PHE O 55 -53.36 14.30 49.95
CA PHE O 55 -52.56 13.68 48.90
C PHE O 55 -51.08 13.71 49.25
N VAL O 56 -50.56 14.89 49.58
CA VAL O 56 -49.13 15.02 49.87
C VAL O 56 -48.82 14.44 51.24
N LYS O 57 -49.76 14.53 52.18
CA LYS O 57 -49.55 13.93 53.49
C LYS O 57 -49.43 12.42 53.38
N SER O 58 -50.27 11.80 52.54
CA SER O 58 -50.11 10.39 52.24
C SER O 58 -48.79 10.14 51.52
N ALA O 59 -48.40 11.06 50.64
CA ALA O 59 -47.14 10.92 49.92
C ALA O 59 -45.97 10.87 50.87
N LEU O 60 -46.00 11.69 51.93
CA LEU O 60 -44.92 11.69 52.89
C LEU O 60 -44.81 10.34 53.60
N ASP O 61 -45.94 9.72 53.88
CA ASP O 61 -45.93 8.40 54.50
C ASP O 61 -45.40 7.36 53.54
N ASP O 62 -45.67 7.53 52.24
CA ASP O 62 -45.04 6.69 51.23
C ASP O 62 -43.53 6.77 51.32
N LEU O 63 -42.99 7.97 51.53
CA LEU O 63 -41.57 8.12 51.79
C LEU O 63 -41.21 7.65 53.20
N ASP O 64 -42.11 7.88 54.17
CA ASP O 64 -41.92 7.26 55.48
C ASP O 64 -41.91 5.74 55.37
N LYS O 65 -42.66 5.19 54.43
CA LYS O 65 -42.60 3.77 54.10
C LYS O 65 -41.69 3.49 52.92
N ASN O 66 -40.96 4.51 52.44
CA ASN O 66 -39.87 4.37 51.47
C ASN O 66 -40.40 4.21 50.04
N ASP O 67 -41.72 4.19 49.88
CA ASP O 67 -42.29 4.18 48.53
C ASP O 67 -41.78 5.35 47.69
N SER O 68 -42.00 6.58 48.17
CA SER O 68 -41.44 7.78 47.56
C SER O 68 -41.97 8.06 46.16
N THR O 69 -42.82 7.16 45.64
CA THR O 69 -43.33 7.34 44.28
C THR O 69 -44.13 8.63 44.17
N GLN O 70 -45.15 8.78 45.02
CA GLN O 70 -45.92 10.02 45.05
C GLN O 70 -44.99 11.20 45.29
N ILE O 71 -43.99 11.02 46.16
CA ILE O 71 -42.99 12.05 46.37
C ILE O 71 -42.37 12.47 45.06
N GLY O 72 -41.91 11.48 44.28
CA GLY O 72 -41.34 11.79 42.98
C GLY O 72 -42.34 12.40 42.03
N ILE O 73 -43.55 11.84 41.96
CA ILE O 73 -44.57 12.38 41.09
C ILE O 73 -44.89 13.82 41.45
N ILE O 74 -45.01 14.10 42.74
CA ILE O 74 -45.11 15.48 43.20
C ILE O 74 -43.89 16.26 42.76
N ALA O 75 -42.70 15.70 42.98
CA ALA O 75 -41.47 16.37 42.57
C ALA O 75 -41.43 16.53 41.06
N ASN O 76 -42.09 15.63 40.33
CA ASN O 76 -42.20 15.80 38.89
C ASN O 76 -42.96 17.07 38.55
N GLN O 77 -44.18 17.21 39.06
CA GLN O 77 -44.99 18.40 38.80
C GLN O 77 -44.23 19.68 39.08
N VAL O 78 -43.68 19.82 40.28
CA VAL O 78 -43.01 21.05 40.67
C VAL O 78 -41.74 21.30 39.87
N ALA O 79 -41.17 20.26 39.25
CA ALA O 79 -39.97 20.45 38.46
C ALA O 79 -40.26 20.93 37.04
N LEU O 80 -41.54 21.09 36.70
CA LEU O 80 -41.89 21.56 35.37
C LEU O 80 -41.44 23.01 35.16
N PRO O 81 -41.10 23.37 33.93
CA PRO O 81 -40.66 24.74 33.66
C PRO O 81 -41.77 25.73 33.91
N SER O 82 -41.38 27.00 34.01
CA SER O 82 -42.33 28.07 34.22
C SER O 82 -43.31 28.17 33.05
N LYS O 83 -42.89 27.70 31.88
CA LYS O 83 -43.73 27.79 30.69
C LYS O 83 -44.84 26.76 30.67
N ASN O 84 -44.60 25.58 31.21
CA ASN O 84 -45.55 24.49 31.11
C ASN O 84 -46.77 24.79 31.97
N PRO O 85 -47.97 24.86 31.39
CA PRO O 85 -49.17 25.11 32.20
C PRO O 85 -49.43 24.07 33.26
N GLU O 86 -48.81 22.90 33.14
CA GLU O 86 -48.99 21.83 34.12
C GLU O 86 -48.13 22.02 35.35
N ARG O 87 -47.35 23.09 35.42
CA ARG O 87 -46.60 23.43 36.61
C ARG O 87 -47.57 23.56 37.79
N ILE O 88 -47.09 23.20 38.98
CA ILE O 88 -47.90 23.26 40.18
C ILE O 88 -48.48 24.67 40.36
N ASN O 89 -49.76 24.74 40.70
CA ASN O 89 -50.38 26.04 40.93
C ASN O 89 -49.92 26.61 42.27
N ASP O 90 -50.11 27.92 42.41
CA ASP O 90 -49.62 28.62 43.58
C ASP O 90 -50.24 28.07 44.86
N LYS O 91 -51.56 27.85 44.84
CA LYS O 91 -52.26 27.46 46.05
C LYS O 91 -51.81 26.08 46.54
N ASN O 92 -51.64 25.12 45.61
CA ASN O 92 -51.10 23.83 46.01
C ASN O 92 -49.71 23.99 46.62
N LEU O 93 -48.84 24.71 45.91
CA LEU O 93 -47.52 24.97 46.46
C LEU O 93 -47.62 25.65 47.82
N ASN O 94 -48.55 26.60 47.96
CA ASN O 94 -48.79 27.21 49.26
C ASN O 94 -49.10 26.15 50.30
N ILE O 95 -50.03 25.24 50.00
CA ILE O 95 -50.33 24.15 50.90
C ILE O 95 -49.07 23.32 51.17
N LEU O 96 -48.37 22.96 50.10
CA LEU O 96 -47.24 22.07 50.20
C LEU O 96 -46.12 22.68 51.03
N LEU O 97 -45.74 23.92 50.71
CA LEU O 97 -44.66 24.59 51.43
C LEU O 97 -44.87 24.52 52.94
N ASP O 98 -46.05 24.95 53.40
CA ASP O 98 -46.31 24.95 54.83
C ASP O 98 -46.31 23.53 55.39
N ILE O 99 -46.89 22.58 54.66
CA ILE O 99 -46.80 21.19 55.07
C ILE O 99 -45.34 20.76 55.16
N LEU O 100 -44.55 21.09 54.15
CA LEU O 100 -43.13 20.76 54.23
C LEU O 100 -42.45 21.61 55.28
N SER O 101 -42.93 22.84 55.47
CA SER O 101 -42.38 23.69 56.53
C SER O 101 -42.90 23.27 57.90
N SER O 102 -43.83 22.32 57.95
CA SER O 102 -44.34 21.86 59.23
C SER O 102 -43.33 20.97 59.94
N ASN O 103 -43.11 19.76 59.44
CA ASN O 103 -41.95 18.97 59.86
C ASN O 103 -41.08 18.81 58.62
N ILE O 104 -39.94 19.50 58.61
CA ILE O 104 -38.98 19.33 57.54
C ILE O 104 -38.18 18.05 57.75
N ASN O 105 -38.03 17.63 59.01
CA ASN O 105 -37.24 16.44 59.30
C ASN O 105 -37.96 15.17 58.89
N ARG O 106 -39.26 15.26 58.62
CA ARG O 106 -39.98 14.17 57.98
C ARG O 106 -39.51 13.95 56.56
N ILE O 107 -39.03 15.01 55.90
CA ILE O 107 -38.55 14.92 54.52
C ILE O 107 -37.16 14.34 54.42
N GLU O 108 -36.23 14.74 55.30
CA GLU O 108 -34.81 14.48 55.12
C GLU O 108 -34.52 13.00 54.92
N SER O 109 -33.87 12.69 53.80
CA SER O 109 -33.50 11.34 53.42
C SER O 109 -32.91 11.40 52.02
N SER O 110 -32.37 10.28 51.56
CA SER O 110 -32.04 10.16 50.15
C SER O 110 -33.29 10.25 49.29
N ARG O 111 -34.43 9.84 49.83
CA ARG O 111 -35.67 9.85 49.07
C ARG O 111 -36.28 11.24 48.97
N GLY O 112 -36.37 11.95 50.10
CA GLY O 112 -36.93 13.29 50.09
C GLY O 112 -36.04 14.24 49.33
N THR O 113 -34.82 13.79 49.08
CA THR O 113 -33.82 14.59 48.38
C THR O 113 -34.32 15.12 47.05
N PHE O 114 -34.74 14.20 46.17
CA PHE O 114 -35.13 14.62 44.82
C PHE O 114 -36.27 15.62 44.85
N LEU O 115 -37.23 15.42 45.76
CA LEU O 115 -38.24 16.44 45.97
C LEU O 115 -37.60 17.79 46.23
N ILE O 116 -36.67 17.82 47.19
CA ILE O 116 -36.04 19.08 47.59
C ILE O 116 -35.40 19.76 46.39
N GLN O 117 -34.75 18.97 45.54
CA GLN O 117 -34.14 19.53 44.33
C GLN O 117 -35.17 20.26 43.49
N SER O 118 -36.23 19.56 43.08
CA SER O 118 -37.28 20.18 42.29
C SER O 118 -37.82 21.43 42.97
N ILE O 119 -38.01 21.37 44.28
CA ILE O 119 -38.34 22.56 45.05
C ILE O 119 -37.34 23.67 44.80
N ILE O 120 -36.05 23.39 44.99
CA ILE O 120 -35.03 24.42 44.82
C ILE O 120 -34.86 24.75 43.35
N ASN O 121 -34.96 23.74 42.49
CA ASN O 121 -34.81 23.93 41.06
C ASN O 121 -36.06 24.45 40.40
N PHE O 122 -37.12 24.68 41.18
CA PHE O 122 -38.31 25.30 40.64
C PHE O 122 -37.97 26.66 40.08
N GLU O 123 -38.32 26.90 38.82
CA GLU O 123 -37.87 28.11 38.13
C GLU O 123 -38.61 29.33 38.61
N LYS O 124 -37.95 30.48 38.50
CA LYS O 124 -38.56 31.80 38.63
C LYS O 124 -39.35 31.91 39.93
N TRP O 125 -38.84 31.26 40.97
CA TRP O 125 -39.46 31.34 42.28
C TRP O 125 -39.59 32.79 42.74
N TRP O 126 -38.67 33.65 42.31
CA TRP O 126 -38.75 35.05 42.70
C TRP O 126 -39.89 35.78 42.01
N GLU O 127 -40.55 35.15 41.04
CA GLU O 127 -41.66 35.77 40.32
C GLU O 127 -43.01 35.37 40.89
N LEU O 128 -43.02 34.49 41.89
CA LEU O 128 -44.22 33.95 42.49
C LEU O 128 -45.01 35.03 43.21
N PRO O 129 -46.31 34.78 43.46
CA PRO O 129 -47.05 35.71 44.30
C PRO O 129 -46.44 35.76 45.69
N PRO O 130 -46.49 36.92 46.35
CA PRO O 130 -45.69 37.12 47.56
C PRO O 130 -45.92 36.07 48.63
N HIS O 131 -47.19 35.74 48.90
CA HIS O 131 -47.48 34.73 49.90
C HIS O 131 -46.83 33.40 49.54
N THR O 132 -47.00 32.98 48.30
CA THR O 132 -46.23 31.84 47.82
C THR O 132 -44.74 32.10 47.95
N LEU O 133 -44.30 33.27 47.46
CA LEU O 133 -42.89 33.62 47.60
C LEU O 133 -42.46 33.66 49.06
N SER O 134 -43.28 34.24 49.92
CA SER O 134 -42.96 34.27 51.34
C SER O 134 -42.81 32.87 51.91
N LYS O 135 -43.83 32.03 51.73
CA LYS O 135 -43.74 30.65 52.20
C LYS O 135 -42.54 29.95 51.59
N TYR O 136 -42.26 30.21 50.31
CA TYR O 136 -41.05 29.69 49.69
C TYR O 136 -39.82 30.16 50.45
N ILE O 137 -39.66 31.48 50.57
CA ILE O 137 -38.58 32.03 51.38
C ILE O 137 -38.62 31.45 52.79
N TYR O 138 -39.79 31.51 53.42
CA TYR O 138 -39.92 30.96 54.76
C TYR O 138 -39.57 29.48 54.78
N PHE O 139 -39.77 28.78 53.67
CA PHE O 139 -39.38 27.38 53.61
C PHE O 139 -37.88 27.24 53.49
N ILE O 140 -37.28 27.99 52.57
CA ILE O 140 -35.83 27.90 52.35
C ILE O 140 -35.09 28.16 53.64
N LYS O 141 -35.56 29.14 54.42
CA LYS O 141 -34.92 29.45 55.69
C LYS O 141 -34.93 28.23 56.61
N ILE O 142 -36.03 27.49 56.61
CA ILE O 142 -36.16 26.36 57.54
C ILE O 142 -35.17 25.26 57.20
N LEU O 143 -35.21 24.77 55.96
CA LEU O 143 -34.36 23.64 55.58
C LEU O 143 -32.89 23.99 55.70
N CYS O 144 -32.49 25.10 55.08
CA CYS O 144 -31.12 25.55 55.22
C CYS O 144 -30.70 25.70 56.67
N SER O 145 -31.61 26.10 57.56
CA SER O 145 -31.27 26.16 58.98
C SER O 145 -31.26 24.75 59.57
N SER O 146 -32.08 23.86 59.03
CA SER O 146 -32.06 22.48 59.51
C SER O 146 -30.80 21.77 59.04
N ILE O 147 -30.55 21.76 57.73
CA ILE O 147 -29.37 21.12 57.16
C ILE O 147 -28.72 22.11 56.21
N PRO O 148 -27.73 22.88 56.61
CA PRO O 148 -27.19 23.88 55.69
C PRO O 148 -26.35 23.23 54.59
N LYS O 149 -26.83 22.10 54.10
CA LYS O 149 -26.31 21.48 52.90
C LYS O 149 -26.86 22.06 51.63
N TRP O 150 -28.18 22.19 51.54
CA TRP O 150 -28.81 22.68 50.32
C TRP O 150 -28.55 24.14 50.08
N TRP O 151 -28.26 24.91 51.13
CA TRP O 151 -27.94 26.32 50.97
C TRP O 151 -26.93 26.54 49.87
N GLN O 152 -26.00 25.62 49.71
CA GLN O 152 -24.95 25.80 48.70
C GLN O 152 -25.54 26.00 47.31
N ASP O 153 -26.30 25.02 46.82
CA ASP O 153 -26.90 25.20 45.49
C ASP O 153 -28.05 26.16 45.52
N VAL O 154 -28.69 26.32 46.69
CA VAL O 154 -29.59 27.46 46.86
C VAL O 154 -28.83 28.75 46.56
N SER O 155 -27.73 28.95 47.27
CA SER O 155 -26.87 30.09 46.99
C SER O 155 -26.42 30.11 45.54
N MET O 156 -26.03 28.94 45.01
CA MET O 156 -25.65 28.85 43.62
C MET O 156 -26.71 29.49 42.73
N ILE O 157 -27.96 29.10 42.93
CA ILE O 157 -29.04 29.73 42.18
C ILE O 157 -29.07 31.22 42.47
N LEU O 158 -28.99 31.60 43.75
CA LEU O 158 -28.98 33.01 44.12
C LEU O 158 -27.86 33.74 43.39
N VAL O 159 -26.66 33.16 43.40
CA VAL O 159 -25.56 33.74 42.65
C VAL O 159 -25.92 33.84 41.18
N SER O 160 -26.40 32.72 40.62
CA SER O 160 -26.73 32.68 39.20
C SER O 160 -27.67 33.80 38.80
N CYS O 161 -28.49 34.27 39.73
CA CYS O 161 -29.45 35.32 39.42
C CYS O 161 -28.81 36.70 39.33
N PHE O 162 -27.58 36.86 39.82
CA PHE O 162 -26.96 38.18 39.84
C PHE O 162 -26.93 38.81 38.45
N ILE O 163 -26.97 38.00 37.39
CA ILE O 163 -27.06 38.50 36.03
C ILE O 163 -28.31 39.33 35.78
N LEU O 164 -29.29 39.24 36.64
CA LEU O 164 -30.53 39.98 36.48
C LEU O 164 -30.35 41.42 36.98
N PRO O 165 -31.26 42.31 36.65
CA PRO O 165 -31.21 43.65 37.25
C PRO O 165 -31.44 43.61 38.74
N ILE O 166 -31.32 44.76 39.40
CA ILE O 166 -31.41 44.81 40.85
C ILE O 166 -32.75 44.35 41.39
N LYS O 167 -33.84 44.79 40.76
CA LYS O 167 -35.19 44.52 41.23
C LYS O 167 -35.45 43.03 41.43
N GLN O 168 -35.29 42.22 40.38
CA GLN O 168 -35.53 40.80 40.53
C GLN O 168 -34.63 40.15 41.56
N THR O 169 -33.45 40.71 41.82
CA THR O 169 -32.48 40.07 42.69
C THR O 169 -32.55 40.51 44.14
N VAL O 170 -33.49 41.38 44.50
CA VAL O 170 -33.46 41.95 45.85
C VAL O 170 -33.67 40.86 46.89
N CYS O 171 -34.70 40.01 46.69
CA CYS O 171 -34.95 38.91 47.62
C CYS O 171 -33.72 38.01 47.74
N HIS O 172 -33.07 37.77 46.61
CA HIS O 172 -31.81 37.04 46.60
C HIS O 172 -30.82 37.68 47.56
N HIS O 173 -30.41 38.91 47.26
CA HIS O 173 -29.55 39.67 48.17
C HIS O 173 -30.11 39.65 49.59
N ASP O 174 -31.43 39.80 49.72
CA ASP O 174 -32.05 39.72 51.03
C ASP O 174 -31.85 38.34 51.63
N MET O 175 -32.05 37.30 50.82
CA MET O 175 -31.78 35.95 51.29
C MET O 175 -30.32 35.80 51.71
N LEU O 176 -29.41 36.28 50.86
CA LEU O 176 -27.98 36.11 51.14
C LEU O 176 -27.58 36.83 52.41
N LYS O 177 -27.82 38.14 52.47
CA LYS O 177 -27.23 38.95 53.53
C LYS O 177 -27.67 38.48 54.91
N TYR O 178 -28.70 37.64 54.94
CA TYR O 178 -29.07 36.98 56.19
C TYR O 178 -28.18 35.76 56.45
N PHE O 179 -28.30 34.74 55.59
CA PHE O 179 -27.55 33.51 55.77
C PHE O 179 -26.05 33.72 55.89
N LEU O 180 -25.46 34.61 55.09
CA LEU O 180 -24.03 34.84 55.21
C LEU O 180 -23.64 35.15 56.63
N ARG O 181 -24.29 36.14 57.25
CA ARG O 181 -24.00 36.44 58.64
C ARG O 181 -24.38 35.28 59.54
N MET O 182 -25.44 34.56 59.17
CA MET O 182 -25.89 33.44 59.98
C MET O 182 -25.11 32.17 59.72
N ILE O 183 -24.73 31.90 58.48
CA ILE O 183 -23.97 30.71 58.13
C ILE O 183 -22.63 31.20 57.61
N PRO O 184 -21.71 31.57 58.49
CA PRO O 184 -20.50 32.27 58.04
C PRO O 184 -19.67 31.46 57.08
N SER O 185 -19.59 30.14 57.26
CA SER O 185 -18.79 29.30 56.38
C SER O 185 -19.24 29.40 54.93
N SER O 186 -20.46 29.85 54.69
CA SER O 186 -20.89 30.05 53.31
C SER O 186 -19.98 30.97 52.55
N MET O 187 -19.41 31.97 53.24
CA MET O 187 -18.64 33.03 52.59
C MET O 187 -17.60 32.47 51.64
N GLY O 188 -16.99 31.36 52.00
CA GLY O 188 -15.95 30.83 51.15
C GLY O 188 -16.44 30.36 49.80
N PHE O 189 -17.37 29.40 49.80
CA PHE O 189 -17.72 28.78 48.53
C PHE O 189 -18.67 29.65 47.73
N ILE O 190 -19.44 30.51 48.39
CA ILE O 190 -20.26 31.41 47.60
C ILE O 190 -19.38 32.30 46.75
N ASP O 191 -18.21 32.69 47.26
CA ASP O 191 -17.29 33.47 46.46
C ASP O 191 -16.87 32.71 45.21
N THR O 192 -16.58 31.42 45.37
CA THR O 192 -16.33 30.59 44.20
C THR O 192 -17.50 30.68 43.24
N TYR O 193 -18.71 30.77 43.76
CA TYR O 193 -19.86 30.89 42.88
C TYR O 193 -19.90 32.27 42.24
N LEU O 194 -19.47 33.30 42.98
CA LEU O 194 -19.18 34.56 42.33
C LEU O 194 -18.17 34.36 41.22
N ALA O 195 -17.18 33.51 41.46
CA ALA O 195 -16.17 33.22 40.46
C ALA O 195 -16.74 32.30 39.39
N LYS O 196 -17.14 31.10 39.78
CA LYS O 196 -17.61 30.09 38.84
C LYS O 196 -18.69 30.64 37.93
N PHE O 197 -19.47 31.60 38.43
CA PHE O 197 -20.47 32.26 37.61
C PHE O 197 -20.04 33.70 37.42
N PHE O 198 -19.56 33.99 36.22
CA PHE O 198 -19.37 35.36 35.79
C PHE O 198 -19.65 35.29 34.30
N PRO O 199 -20.23 36.30 33.71
CA PRO O 199 -20.46 36.25 32.26
C PRO O 199 -19.16 36.36 31.48
N ASN O 200 -19.03 35.56 30.42
CA ASN O 200 -17.86 35.66 29.55
C ASN O 200 -17.79 37.03 28.92
N LYS O 201 -16.57 37.42 28.52
CA LYS O 201 -16.39 38.61 27.71
C LYS O 201 -17.36 38.58 26.55
N ASN O 202 -17.23 37.55 25.71
CA ASN O 202 -18.08 37.39 24.55
C ASN O 202 -19.56 37.32 24.90
N ASP O 203 -19.89 37.03 26.15
CA ASP O 203 -21.29 37.04 26.56
C ASP O 203 -21.84 38.47 26.50
N THR O 204 -23.17 38.55 26.42
CA THR O 204 -23.83 39.85 26.30
C THR O 204 -23.60 40.71 27.53
N ARG O 205 -23.67 42.03 27.32
CA ARG O 205 -23.52 42.97 28.43
C ARG O 205 -24.66 42.84 29.42
N ARG O 206 -25.86 42.50 28.94
CA ARG O 206 -27.04 42.43 29.79
C ARG O 206 -26.75 41.65 31.06
N LYS O 207 -26.17 40.47 30.92
CA LYS O 207 -25.73 39.74 32.11
C LYS O 207 -24.66 40.52 32.84
N LEU O 208 -23.56 40.83 32.14
CA LEU O 208 -22.42 41.49 32.77
C LEU O 208 -22.84 42.69 33.60
N VAL O 209 -23.31 43.76 32.96
CA VAL O 209 -23.53 45.01 33.65
C VAL O 209 -24.58 44.84 34.74
N ASN O 210 -25.51 43.90 34.56
CA ASN O 210 -26.45 43.61 35.64
C ASN O 210 -25.80 42.70 36.67
N TYR O 211 -24.96 41.76 36.22
CA TYR O 211 -24.23 40.92 37.17
C TYR O 211 -23.30 41.74 38.04
N THR O 212 -22.38 42.49 37.43
CA THR O 212 -21.52 43.41 38.15
C THR O 212 -22.27 44.29 39.13
N SER O 213 -23.36 44.91 38.66
CA SER O 213 -24.17 45.73 39.56
C SER O 213 -24.69 44.90 40.72
N ASN O 214 -25.18 43.69 40.44
CA ASN O 214 -25.63 42.82 41.52
C ASN O 214 -24.52 42.54 42.51
N LEU O 215 -23.29 42.39 42.02
CA LEU O 215 -22.16 42.24 42.93
C LEU O 215 -22.01 43.48 43.80
N LEU O 216 -21.99 44.66 43.18
CA LEU O 216 -22.00 45.89 43.94
C LEU O 216 -23.13 45.89 44.97
N LYS O 217 -24.30 45.42 44.56
CA LYS O 217 -25.43 45.31 45.47
C LYS O 217 -25.07 44.45 46.67
N LEU O 218 -24.53 43.27 46.44
CA LEU O 218 -24.14 42.40 47.54
C LEU O 218 -22.92 42.95 48.26
N ARG O 219 -22.06 43.64 47.52
CA ARG O 219 -20.81 44.12 48.10
C ARG O 219 -21.02 44.83 49.43
N GLY O 220 -21.99 45.72 49.50
CA GLY O 220 -22.33 46.31 50.77
C GLY O 220 -22.89 45.36 51.80
N TYR O 221 -23.63 44.34 51.36
CA TYR O 221 -24.25 43.41 52.29
C TYR O 221 -23.22 42.59 53.04
N CYS O 222 -22.11 42.27 52.40
CA CYS O 222 -21.01 41.55 53.04
C CYS O 222 -19.72 42.32 52.78
N SER O 223 -19.16 42.91 53.84
CA SER O 223 -17.86 43.54 53.71
C SER O 223 -16.75 42.56 54.02
N GLU O 224 -17.11 41.40 54.57
CA GLU O 224 -16.13 40.39 54.90
C GLU O 224 -15.38 39.94 53.66
N LEU O 225 -16.10 39.47 52.63
CA LEU O 225 -15.45 39.21 51.37
C LEU O 225 -14.77 40.47 50.83
N GLY O 226 -15.54 41.41 50.30
CA GLY O 226 -15.09 42.77 50.15
C GLY O 226 -13.93 42.93 49.19
N PHE O 227 -13.36 41.81 48.75
CA PHE O 227 -12.06 41.84 48.10
C PHE O 227 -12.08 41.06 46.80
N GLN O 228 -12.25 39.74 46.92
CA GLN O 228 -12.30 38.88 45.76
C GLN O 228 -13.38 39.35 44.79
N ILE O 229 -14.39 40.04 45.32
CA ILE O 229 -15.31 40.78 44.46
C ILE O 229 -14.50 41.63 43.48
N TRP O 230 -13.80 42.64 44.02
CA TRP O 230 -12.95 43.48 43.18
C TRP O 230 -12.00 42.65 42.35
N SER O 231 -11.34 41.67 42.97
CA SER O 231 -10.45 40.81 42.24
C SER O 231 -11.15 40.21 41.02
N LEU O 232 -12.29 39.56 41.24
CA LEU O 232 -13.08 39.09 40.11
C LEU O 232 -13.43 40.23 39.18
N LEU O 233 -13.87 41.36 39.74
CA LEU O 233 -14.17 42.52 38.92
C LEU O 233 -12.96 42.93 38.09
N ILE O 234 -11.91 43.41 38.77
CA ILE O 234 -10.82 44.08 38.07
C ILE O 234 -10.28 43.21 36.95
N GLU O 235 -10.18 41.90 37.19
CA GLU O 235 -9.71 41.01 36.13
C GLU O 235 -10.54 41.17 34.88
N LYS O 236 -11.81 40.78 34.93
CA LYS O 236 -12.71 40.97 33.81
C LYS O 236 -12.68 42.41 33.33
N ILE O 237 -12.67 43.35 34.26
CA ILE O 237 -12.49 44.75 33.92
C ILE O 237 -11.23 44.92 33.08
N ILE O 238 -10.10 44.43 33.60
CA ILE O 238 -8.88 44.45 32.79
C ILE O 238 -9.07 43.63 31.53
N SER O 239 -9.65 42.44 31.67
CA SER O 239 -9.78 41.53 30.54
C SER O 239 -10.49 42.20 29.37
N ILE O 240 -11.45 43.08 29.68
CA ILE O 240 -12.10 43.83 28.62
C ILE O 240 -11.22 45.01 28.19
N ASP O 241 -10.55 45.63 29.16
CA ASP O 241 -9.74 46.81 28.88
C ASP O 241 -8.74 46.52 27.76
N VAL O 242 -7.98 45.44 27.92
CA VAL O 242 -6.90 45.17 26.99
C VAL O 242 -7.44 44.89 25.59
N GLU O 243 -8.67 44.40 25.53
CA GLU O 243 -9.30 44.12 24.24
C GLU O 243 -9.39 45.38 23.38
N LEU O 244 -9.67 46.51 24.01
CA LEU O 244 -9.92 47.72 23.24
C LEU O 244 -8.64 48.31 22.67
N GLN O 245 -7.61 48.45 23.50
CA GLN O 245 -6.44 49.26 23.15
C GLN O 245 -5.85 48.84 21.82
N ASN O 246 -5.66 47.54 21.62
CA ASN O 246 -5.07 47.05 20.38
C ASN O 246 -6.00 47.24 19.19
N GLU O 247 -7.29 47.49 19.46
CA GLU O 247 -8.23 47.74 18.38
C GLU O 247 -8.11 49.15 17.82
N LEU O 248 -7.41 50.04 18.51
CA LEU O 248 -7.21 51.39 18.00
C LEU O 248 -5.73 51.61 17.71
N GLY O 324 -17.45 43.94 16.79
CA GLY O 324 -17.26 43.69 18.21
C GLY O 324 -16.69 44.88 18.95
N ILE O 325 -15.95 45.72 18.22
CA ILE O 325 -15.34 46.93 18.78
C ILE O 325 -16.42 47.78 19.42
N LYS O 326 -17.44 48.13 18.64
CA LYS O 326 -18.55 48.90 19.17
C LYS O 326 -19.20 48.23 20.36
N GLU O 327 -19.15 46.90 20.41
CA GLU O 327 -19.82 46.18 21.49
C GLU O 327 -19.09 46.36 22.81
N LEU O 328 -17.88 45.82 22.91
CA LEU O 328 -17.12 45.93 24.15
C LEU O 328 -16.92 47.38 24.55
N SER O 329 -16.77 48.27 23.57
CA SER O 329 -16.78 49.70 23.83
C SER O 329 -17.97 50.04 24.70
N THR O 330 -19.17 49.78 24.18
CA THR O 330 -20.38 49.94 24.99
C THR O 330 -20.33 49.09 26.24
N LYS O 331 -20.04 47.79 26.11
CA LYS O 331 -19.99 46.87 27.23
C LYS O 331 -19.13 47.45 28.35
N LEU O 332 -17.86 47.67 28.05
CA LEU O 332 -16.95 48.21 29.06
C LEU O 332 -17.44 49.54 29.60
N ASP O 333 -17.84 50.46 28.74
CA ASP O 333 -18.23 51.79 29.19
C ASP O 333 -19.41 51.70 30.15
N SER O 334 -20.35 50.80 29.87
CA SER O 334 -21.46 50.59 30.79
C SER O 334 -20.97 50.23 32.17
N ILE O 335 -19.96 49.37 32.25
CA ILE O 335 -19.54 48.83 33.53
C ILE O 335 -18.66 49.84 34.27
N LEU O 336 -17.72 50.44 33.55
CA LEU O 336 -16.84 51.43 34.20
C LEU O 336 -17.64 52.55 34.82
N THR O 337 -18.48 53.20 34.02
CA THR O 337 -19.33 54.25 34.56
C THR O 337 -20.23 53.69 35.66
N LEU O 338 -20.63 52.43 35.53
CA LEU O 338 -21.34 51.77 36.63
C LEU O 338 -20.46 51.69 37.86
N VAL O 339 -19.18 51.35 37.68
CA VAL O 339 -18.28 51.15 38.80
C VAL O 339 -17.93 52.49 39.40
N SER O 340 -17.25 53.33 38.62
CA SER O 340 -16.80 54.63 39.11
C SER O 340 -17.91 55.36 39.84
N THR O 341 -19.14 55.26 39.32
CA THR O 341 -20.28 55.78 40.07
C THR O 341 -20.42 55.10 41.42
N HIS O 342 -20.60 53.79 41.44
CA HIS O 342 -20.64 53.07 42.70
C HIS O 342 -19.43 53.40 43.56
N VAL O 343 -18.28 53.57 42.93
CA VAL O 343 -17.10 53.98 43.68
C VAL O 343 -17.30 55.35 44.30
N GLU O 344 -17.54 56.37 43.45
CA GLU O 344 -17.70 57.72 43.96
C GLU O 344 -18.85 57.81 44.95
N GLU O 345 -19.83 56.92 44.82
CA GLU O 345 -20.87 56.80 45.84
C GLU O 345 -20.28 56.31 47.16
N GLN O 346 -19.55 55.20 47.12
CA GLN O 346 -19.01 54.64 48.35
C GLN O 346 -17.83 55.46 48.84
N VAL O 347 -17.21 56.23 47.94
CA VAL O 347 -16.06 57.06 48.30
C VAL O 347 -16.56 58.45 48.67
N THR O 348 -16.49 58.78 49.96
CA THR O 348 -16.88 60.07 50.47
C THR O 348 -16.05 60.35 51.71
N PRO O 349 -15.78 61.63 52.03
CA PRO O 349 -14.98 61.92 53.23
C PRO O 349 -15.54 61.29 54.49
N GLU O 350 -16.87 61.16 54.59
CA GLU O 350 -17.46 60.49 55.75
C GLU O 350 -17.14 59.01 55.72
N SER O 351 -16.93 58.46 54.53
CA SER O 351 -16.39 57.11 54.42
C SER O 351 -14.89 57.07 54.70
N LEU O 352 -14.20 58.21 54.56
CA LEU O 352 -12.78 58.26 54.84
C LEU O 352 -12.48 58.24 56.33
N GLU O 353 -13.51 58.30 57.17
CA GLU O 353 -13.28 58.32 58.61
C GLU O 353 -13.84 57.09 59.29
N SER O 354 -15.16 57.01 59.46
CA SER O 354 -15.78 55.83 60.04
C SER O 354 -16.18 54.80 58.98
N GLY O 355 -16.17 55.19 57.71
CA GLY O 355 -16.49 54.28 56.63
C GLY O 355 -15.33 53.36 56.32
N GLU O 356 -15.58 52.43 55.41
CA GLU O 356 -14.58 51.45 55.00
C GLU O 356 -13.81 51.88 53.77
N GLY O 357 -14.16 53.04 53.20
CA GLY O 357 -13.48 53.49 51.99
C GLY O 357 -11.98 53.48 52.12
N VAL O 358 -11.47 53.72 53.33
CA VAL O 358 -10.02 53.63 53.57
C VAL O 358 -9.50 52.27 53.15
N GLY O 359 -9.92 51.21 53.85
CA GLY O 359 -9.54 49.87 53.45
C GLY O 359 -9.94 49.59 52.00
N VAL O 360 -11.10 50.10 51.60
CA VAL O 360 -11.48 50.00 50.19
C VAL O 360 -10.47 50.70 49.31
N PHE O 361 -10.14 51.95 49.65
CA PHE O 361 -9.07 52.63 48.92
C PHE O 361 -7.80 51.82 48.97
N ASN O 362 -7.53 51.17 50.10
CA ASN O 362 -6.36 50.30 50.18
C ASN O 362 -6.50 49.14 49.22
N THR O 363 -7.61 48.41 49.30
CA THR O 363 -7.76 47.22 48.46
C THR O 363 -7.82 47.60 46.99
N LEU O 364 -8.20 48.83 46.68
CA LEU O 364 -8.17 49.28 45.30
C LEU O 364 -6.73 49.55 44.85
N THR O 365 -5.96 50.22 45.70
CA THR O 365 -4.56 50.47 45.37
C THR O 365 -3.80 49.17 45.18
N THR O 366 -3.99 48.23 46.11
CA THR O 366 -3.34 46.93 45.96
C THR O 366 -3.68 46.31 44.63
N LEU O 367 -4.97 46.21 44.31
CA LEU O 367 -5.37 45.63 43.03
C LEU O 367 -4.81 46.44 41.86
N PHE O 368 -4.80 47.76 41.99
CA PHE O 368 -4.08 48.57 41.01
C PHE O 368 -2.62 48.14 40.96
N LYS O 369 -1.96 48.16 42.11
CA LYS O 369 -0.57 47.75 42.18
C LYS O 369 -0.39 46.33 41.66
N THR O 370 -1.10 45.37 42.25
CA THR O 370 -0.91 43.98 41.86
C THR O 370 -1.41 43.70 40.45
N HIS O 371 -2.69 43.95 40.20
CA HIS O 371 -3.27 43.58 38.91
C HIS O 371 -3.05 44.61 37.82
N VAL O 372 -3.31 45.89 38.08
CA VAL O 372 -3.34 46.89 37.02
C VAL O 372 -1.96 47.28 36.54
N LEU O 373 -1.04 47.55 37.45
CA LEU O 373 0.30 48.00 37.12
C LEU O 373 1.01 47.09 36.11
N PRO O 374 0.99 45.76 36.29
CA PRO O 374 1.74 44.89 35.37
C PRO O 374 1.19 44.79 33.95
N THR O 375 -0.07 45.14 33.74
CA THR O 375 -0.64 45.02 32.41
C THR O 375 0.08 45.96 31.45
N TYR O 376 0.01 45.66 30.16
CA TYR O 376 0.84 46.36 29.19
C TYR O 376 0.06 47.23 28.23
N TYR O 377 0.50 48.47 28.07
CA TYR O 377 -0.16 49.41 27.17
C TYR O 377 -1.68 49.39 27.38
N THR O 378 -2.08 49.27 28.64
CA THR O 378 -3.51 49.23 28.98
C THR O 378 -3.96 50.56 29.59
N ARG O 379 -4.68 51.35 28.80
CA ARG O 379 -5.18 52.64 29.25
C ARG O 379 -6.69 52.75 29.08
N SER O 380 -7.43 52.13 29.99
CA SER O 380 -8.89 52.14 29.94
C SER O 380 -9.49 52.18 31.34
N ILE O 381 -8.89 51.42 32.26
CA ILE O 381 -9.37 51.37 33.62
C ILE O 381 -8.36 51.89 34.64
N GLN O 382 -7.18 52.31 34.20
CA GLN O 382 -6.25 52.89 35.16
C GLN O 382 -6.73 54.29 35.51
N TYR O 383 -7.71 54.80 34.75
CA TYR O 383 -8.35 56.05 35.10
C TYR O 383 -9.24 55.91 36.33
N ILE O 384 -9.60 54.68 36.69
CA ILE O 384 -10.44 54.44 37.85
C ILE O 384 -9.80 55.07 39.08
N MET O 385 -8.62 54.58 39.45
CA MET O 385 -7.89 55.24 40.54
C MET O 385 -7.68 56.71 40.26
N PHE O 386 -7.36 57.06 39.01
CA PHE O 386 -7.30 58.47 38.63
C PHE O 386 -8.63 59.17 38.92
N HIS O 387 -9.74 58.50 38.63
CA HIS O 387 -11.05 59.05 38.93
C HIS O 387 -11.29 59.18 40.43
N VAL O 388 -11.12 58.08 41.17
CA VAL O 388 -11.46 58.11 42.59
C VAL O 388 -10.49 58.99 43.36
N SER O 389 -9.19 58.86 43.10
CA SER O 389 -8.20 59.60 43.86
C SER O 389 -8.36 61.11 43.67
N GLN O 390 -9.11 61.51 42.65
CA GLN O 390 -9.52 62.89 42.48
C GLN O 390 -10.80 63.22 43.22
N GLN O 391 -11.45 62.24 43.84
CA GLN O 391 -12.62 62.56 44.66
C GLN O 391 -12.19 63.23 45.95
N GLN O 392 -11.09 62.78 46.54
CA GLN O 392 -10.54 63.39 47.74
C GLN O 392 -9.03 63.55 47.60
N LEU O 393 -8.50 64.58 48.25
CA LEU O 393 -7.07 64.84 48.12
C LEU O 393 -6.27 63.90 49.02
N GLU O 394 -6.90 63.41 50.10
CA GLU O 394 -6.31 62.31 50.85
C GLU O 394 -6.15 61.09 49.96
N LEU O 395 -7.22 60.72 49.26
CA LEU O 395 -7.11 59.73 48.19
C LEU O 395 -5.97 60.09 47.25
N MET O 396 -5.95 61.33 46.77
CA MET O 396 -4.82 61.80 45.97
C MET O 396 -3.51 61.57 46.71
N ASP O 397 -3.41 62.06 47.94
CA ASP O 397 -2.22 61.88 48.75
C ASP O 397 -1.88 60.42 48.93
N SER O 398 -2.76 59.67 49.60
CA SER O 398 -2.48 58.28 49.92
C SER O 398 -2.20 57.47 48.65
N PHE O 399 -2.79 57.87 47.53
CA PHE O 399 -2.48 57.21 46.26
C PHE O 399 -1.15 57.71 45.71
N LEU O 400 -0.79 58.95 46.02
CA LEU O 400 0.43 59.53 45.47
C LEU O 400 1.66 58.96 46.15
N VAL O 401 1.63 58.87 47.47
CA VAL O 401 2.76 58.32 48.21
C VAL O 401 3.09 56.92 47.73
N THR O 402 2.08 56.15 47.33
CA THR O 402 2.32 54.80 46.84
C THR O 402 3.13 54.83 45.55
N LEU O 403 2.66 55.59 44.56
CA LEU O 403 3.34 55.67 43.27
C LEU O 403 4.81 56.00 43.45
N ILE O 404 5.12 56.96 44.32
CA ILE O 404 6.51 57.33 44.55
C ILE O 404 7.26 56.17 45.18
N ASP O 405 6.63 55.49 46.14
CA ASP O 405 7.25 54.32 46.75
C ASP O 405 7.47 53.23 45.72
N ILE O 406 6.58 53.12 44.74
CA ILE O 406 6.73 52.11 43.70
C ILE O 406 7.87 52.47 42.77
N SER O 407 7.95 53.73 42.35
CA SER O 407 8.94 54.12 41.36
C SER O 407 10.36 53.89 41.86
N PHE O 408 10.65 54.28 43.09
CA PHE O 408 12.03 54.32 43.57
C PHE O 408 12.41 53.08 44.37
N ALA O 409 11.51 52.10 44.47
CA ALA O 409 11.85 50.86 45.16
C ALA O 409 13.08 50.22 44.52
N VAL O 410 13.88 49.55 45.36
CA VAL O 410 15.22 49.16 44.93
C VAL O 410 15.18 47.96 43.99
N ASN O 411 14.50 46.89 44.39
CA ASN O 411 14.65 45.64 43.68
C ASN O 411 13.68 45.50 42.51
N GLU O 412 12.76 46.45 42.38
CA GLU O 412 11.77 46.35 41.32
C GLU O 412 12.42 46.52 39.96
N ALA O 413 11.75 46.01 38.92
CA ALA O 413 12.27 46.09 37.56
C ALA O 413 12.37 47.54 37.12
N ALA O 414 13.48 47.91 36.50
CA ALA O 414 13.60 49.25 35.93
C ALA O 414 12.44 49.56 34.99
N GLU O 415 12.07 48.61 34.13
CA GLU O 415 10.87 48.77 33.32
C GLU O 415 9.63 48.99 34.15
N LYS O 416 9.49 48.27 35.27
CA LYS O 416 8.43 48.59 36.22
C LYS O 416 8.64 49.97 36.80
N LYS O 417 9.88 50.28 37.21
CA LYS O 417 10.21 51.64 37.62
C LYS O 417 9.86 52.64 36.54
N ILE O 418 10.29 52.38 35.30
CA ILE O 418 9.97 53.27 34.19
C ILE O 418 8.48 53.47 34.10
N LYS O 419 7.72 52.38 34.01
CA LYS O 419 6.27 52.50 33.87
C LYS O 419 5.65 53.07 35.15
N SER O 420 6.27 52.80 36.29
CA SER O 420 5.84 53.46 37.53
C SER O 420 5.85 54.96 37.35
N LEU O 421 6.88 55.49 36.68
CA LEU O 421 6.93 56.90 36.38
C LEU O 421 6.11 57.24 35.14
N GLN O 422 5.63 56.23 34.43
CA GLN O 422 4.71 56.48 33.34
C GLN O 422 3.28 56.64 33.87
N TYR O 423 2.90 55.80 34.84
CA TYR O 423 1.59 55.95 35.46
C TYR O 423 1.56 57.19 36.35
N LEU O 424 2.39 57.18 37.40
CA LEU O 424 2.55 58.36 38.23
C LEU O 424 2.88 59.60 37.41
N GLY O 425 3.73 59.45 36.40
CA GLY O 425 4.09 60.60 35.59
C GLY O 425 2.89 61.20 34.89
N SER O 426 2.20 60.39 34.08
CA SER O 426 1.11 60.90 33.26
C SER O 426 -0.14 61.10 34.11
N TYR O 427 -0.04 60.81 35.40
CA TYR O 427 -1.13 61.05 36.33
C TYR O 427 -1.29 62.53 36.63
N ILE O 428 -0.23 63.14 37.18
CA ILE O 428 -0.33 64.47 37.78
C ILE O 428 -0.91 65.49 36.82
N ALA O 429 -0.27 65.69 35.67
CA ALA O 429 -0.59 66.89 34.90
C ALA O 429 -1.82 66.71 34.04
N ARG O 430 -2.34 65.48 33.91
CA ARG O 430 -3.69 65.36 33.39
C ARG O 430 -4.72 65.38 34.51
N ALA O 431 -4.27 65.25 35.76
CA ALA O 431 -5.17 65.34 36.90
C ALA O 431 -5.54 66.79 37.21
N LYS O 432 -6.63 66.98 37.94
CA LYS O 432 -7.10 68.30 38.32
C LYS O 432 -7.01 68.60 39.80
N LYS O 433 -7.68 67.79 40.63
CA LYS O 433 -7.71 68.01 42.08
C LYS O 433 -6.48 67.52 42.84
N LEU O 434 -5.52 68.42 43.05
CA LEU O 434 -4.29 68.12 43.77
C LEU O 434 -3.58 69.41 44.16
N SER O 435 -3.17 69.52 45.42
CA SER O 435 -2.44 70.69 45.89
C SER O 435 -1.19 70.74 45.02
N ARG O 436 -1.01 71.83 44.27
CA ARG O 436 0.12 71.89 43.36
C ARG O 436 1.44 71.80 44.12
N THR O 437 1.53 72.46 45.27
CA THR O 437 2.76 72.45 46.05
C THR O 437 3.19 71.04 46.46
N GLN O 438 2.23 70.15 46.72
CA GLN O 438 2.57 68.78 47.04
C GLN O 438 3.39 68.14 45.93
N ILE O 439 3.12 68.55 44.69
CA ILE O 439 3.71 67.90 43.53
C ILE O 439 5.21 68.15 43.49
N ILE O 440 5.60 69.40 43.70
CA ILE O 440 6.91 69.87 43.26
C ILE O 440 8.02 69.21 44.08
N PHE O 441 7.85 69.12 45.40
CA PHE O 441 8.99 68.87 46.27
C PHE O 441 9.65 67.53 45.97
N VAL O 442 8.89 66.44 46.04
CA VAL O 442 9.51 65.15 45.75
C VAL O 442 9.92 65.07 44.29
N ALA O 443 9.13 65.71 43.42
CA ALA O 443 9.57 65.89 42.03
C ALA O 443 10.82 66.74 41.97
N SER O 444 10.98 67.66 42.92
CA SER O 444 12.25 68.35 43.06
C SER O 444 13.25 67.50 43.81
N TYR O 445 12.79 66.72 44.79
CA TYR O 445 13.67 65.70 45.34
C TYR O 445 14.07 64.71 44.26
N LEU O 446 13.15 64.42 43.34
CA LEU O 446 13.53 63.71 42.13
C LEU O 446 14.73 64.38 41.47
N THR O 447 14.67 65.70 41.29
CA THR O 447 15.82 66.41 40.76
C THR O 447 17.02 66.23 41.67
N SER O 448 16.81 66.29 42.98
CA SER O 448 17.86 65.91 43.92
C SER O 448 18.24 64.45 43.74
N TRP O 449 17.24 63.58 43.63
CA TRP O 449 17.44 62.19 43.26
C TRP O 449 18.21 62.13 41.94
N LEU O 450 17.88 63.02 41.02
CA LEU O 450 18.61 63.10 39.76
C LEU O 450 20.03 63.60 40.00
N ASN O 451 20.20 64.47 41.00
CA ASN O 451 21.52 65.02 41.27
C ASN O 451 22.41 64.00 41.96
N ARG O 452 21.86 63.30 42.95
CA ARG O 452 22.58 62.16 43.51
C ARG O 452 22.82 61.10 42.45
N TYR O 453 21.96 61.08 41.42
CA TYR O 453 22.09 60.11 40.34
C TYR O 453 23.27 60.46 39.44
N VAL O 454 23.38 61.73 39.06
CA VAL O 454 24.35 62.13 38.04
C VAL O 454 25.78 61.97 38.54
N ILE O 455 25.96 62.02 39.86
CA ILE O 455 27.31 62.04 40.43
C ILE O 455 28.00 60.70 40.19
N GLU O 456 27.37 59.61 40.61
CA GLU O 456 27.95 58.27 40.60
C GLU O 456 28.06 57.68 39.20
N ARG O 457 27.55 58.38 38.20
CA ARG O 457 27.16 57.73 36.94
C ARG O 457 27.88 58.27 35.72
N GLU O 458 27.89 59.59 35.50
CA GLU O 458 28.62 60.14 34.35
C GLU O 458 30.01 59.53 34.23
N GLU O 459 30.63 59.20 35.37
CA GLU O 459 31.86 58.42 35.32
C GLU O 459 31.66 57.07 34.64
N GLU O 460 30.51 56.43 34.84
CA GLU O 460 30.20 55.19 34.15
C GLU O 460 29.83 55.42 32.69
N VAL O 461 29.34 56.61 32.34
CA VAL O 461 29.06 56.94 30.94
C VAL O 461 30.28 56.69 30.07
N ASP O 462 31.41 57.28 30.43
CA ASP O 462 32.63 57.07 29.68
C ASP O 462 33.18 55.66 29.81
N GLN O 463 32.70 54.88 30.78
CA GLN O 463 33.12 53.50 30.92
C GLN O 463 32.52 52.64 29.82
N ARG O 464 32.82 51.35 29.87
CA ARG O 464 32.37 50.44 28.83
C ARG O 464 30.88 50.15 29.01
N GLY O 465 30.09 50.53 28.02
CA GLY O 465 28.66 50.37 28.04
C GLY O 465 28.00 51.46 27.23
N GLY O 466 26.67 51.36 27.14
CA GLY O 466 25.87 52.34 26.42
C GLY O 466 25.12 53.26 27.37
N MET O 467 24.32 54.13 26.77
CA MET O 467 23.55 55.08 27.57
C MET O 467 22.27 54.49 28.12
N GLU O 468 21.77 53.41 27.51
CA GLU O 468 20.55 52.76 28.00
C GLU O 468 20.75 52.16 29.38
N ARG O 469 21.99 52.06 29.83
CA ARG O 469 22.30 51.64 31.21
C ARG O 469 21.60 52.57 32.19
N PHE O 470 21.40 53.81 31.76
CA PHE O 470 20.89 54.89 32.60
C PHE O 470 19.39 55.06 32.46
N LYS O 471 18.74 54.10 31.78
CA LYS O 471 17.34 54.22 31.36
C LYS O 471 16.41 54.69 32.46
N HIS O 472 16.69 54.32 33.72
CA HIS O 472 15.83 54.77 34.81
C HIS O 472 15.85 56.28 34.95
N PHE O 473 16.98 56.91 34.64
CA PHE O 473 17.05 58.36 34.64
C PHE O 473 16.15 58.97 33.58
N TYR O 474 16.35 58.57 32.32
CA TYR O 474 15.55 59.13 31.24
C TYR O 474 14.07 58.92 31.50
N ALA O 475 13.71 57.82 32.15
CA ALA O 475 12.34 57.64 32.61
C ALA O 475 11.97 58.72 33.61
N ALA O 476 12.80 58.93 34.63
CA ALA O 476 12.61 60.06 35.52
C ALA O 476 12.71 61.37 34.75
N PHE O 477 13.52 61.40 33.69
CA PHE O 477 13.57 62.59 32.86
C PHE O 477 12.35 62.67 31.96
N GLN O 478 11.92 61.55 31.38
CA GLN O 478 10.63 61.53 30.71
C GLN O 478 9.52 61.88 31.68
N ALA O 479 9.69 61.53 32.96
CA ALA O 479 8.75 62.00 33.97
C ALA O 479 8.75 63.52 34.05
N LEU O 480 9.93 64.14 34.03
CA LEU O 480 9.99 65.58 34.26
C LEU O 480 9.55 66.38 33.03
N CYS O 481 9.86 65.89 31.82
CA CYS O 481 9.37 66.61 30.64
C CYS O 481 7.85 66.52 30.56
N TYR O 482 7.25 65.55 31.24
CA TYR O 482 5.81 65.58 31.40
C TYR O 482 5.42 66.55 32.51
N ILE O 483 6.22 66.60 33.57
CA ILE O 483 6.05 67.62 34.60
C ILE O 483 6.05 69.01 33.97
N PHE O 484 6.75 69.14 32.85
CA PHE O 484 6.86 70.40 32.14
C PHE O 484 5.49 70.91 31.69
N CYS O 485 4.50 70.01 31.65
CA CYS O 485 3.15 70.36 31.23
C CYS O 485 2.52 71.37 32.20
N PHE O 486 2.79 71.20 33.49
CA PHE O 486 2.25 72.09 34.51
C PHE O 486 2.90 73.46 34.46
N ARG O 487 4.16 73.50 34.02
CA ARG O 487 4.90 74.75 33.92
C ARG O 487 4.12 75.79 33.09
N HIS O 488 3.65 75.36 31.93
CA HIS O 488 2.89 76.24 31.04
C HIS O 488 1.70 76.85 31.77
N ASN O 489 0.94 76.02 32.47
CA ASN O 489 -0.23 76.48 33.21
C ASN O 489 0.16 77.40 34.35
N ILE O 490 0.80 76.84 35.37
CA ILE O 490 1.23 77.62 36.53
C ILE O 490 2.56 77.11 37.07
N PHE O 491 3.58 77.96 37.03
CA PHE O 491 4.91 77.59 37.52
C PHE O 491 5.65 78.81 38.04
N ARG O 492 5.76 79.84 37.21
CA ARG O 492 6.46 81.06 37.59
C ARG O 492 5.89 81.63 38.88
N ASP O 493 6.55 81.32 40.00
CA ASP O 493 6.12 81.80 41.30
C ASP O 493 5.72 83.26 41.20
N THR O 494 5.51 83.88 42.37
CA THR O 494 5.19 85.30 42.42
C THR O 494 6.30 86.13 41.77
N ASP O 495 7.55 85.71 41.96
CA ASP O 495 8.67 86.47 41.41
C ASP O 495 8.96 86.08 39.97
N GLY O 496 8.30 85.05 39.46
CA GLY O 496 8.57 84.55 38.14
C GLY O 496 9.65 83.50 38.08
N ASN O 497 10.51 83.42 39.09
CA ASN O 497 11.60 82.46 39.14
C ASN O 497 11.06 81.04 39.18
N TRP O 498 11.81 80.14 38.57
CA TRP O 498 11.39 78.75 38.44
C TRP O 498 11.75 77.99 39.71
N GLU O 499 10.83 77.15 40.17
CA GLU O 499 11.02 76.46 41.44
C GLU O 499 12.31 75.66 41.42
N CYS O 500 13.17 75.93 42.40
CA CYS O 500 14.46 75.27 42.55
C CYS O 500 15.39 75.51 41.36
N GLU O 501 15.40 76.74 40.80
CA GLU O 501 16.40 77.16 39.82
C GLU O 501 16.38 76.28 38.57
N LEU O 502 15.18 76.08 38.00
CA LEU O 502 15.05 75.14 36.91
C LEU O 502 15.91 75.51 35.71
N ASP O 503 15.95 76.79 35.36
CA ASP O 503 16.69 77.24 34.17
C ASP O 503 18.13 76.75 34.21
N LYS O 504 18.84 77.03 35.30
CA LYS O 504 20.22 76.58 35.40
C LYS O 504 20.32 75.09 35.72
N PHE O 505 19.33 74.55 36.43
CA PHE O 505 19.38 73.14 36.80
C PHE O 505 19.44 72.24 35.57
N PHE O 506 18.51 72.40 34.64
CA PHE O 506 18.45 71.48 33.50
C PHE O 506 19.57 71.75 32.52
N GLN O 507 19.79 73.03 32.18
CA GLN O 507 20.75 73.37 31.14
C GLN O 507 22.10 72.72 31.39
N ARG O 508 22.48 72.57 32.66
CA ARG O 508 23.60 71.71 33.02
C ARG O 508 23.30 70.24 32.82
N MET O 509 22.19 69.75 33.38
CA MET O 509 21.78 68.36 33.24
C MET O 509 21.44 68.01 31.79
N VAL O 510 21.00 69.00 31.02
CA VAL O 510 20.70 68.77 29.61
C VAL O 510 21.96 68.45 28.82
N ILE O 511 23.03 69.21 29.01
CA ILE O 511 24.25 69.01 28.25
C ILE O 511 25.12 67.99 28.98
N SER O 512 24.60 67.41 30.05
CA SER O 512 25.31 66.41 30.81
C SER O 512 25.52 65.17 29.94
N LYS O 513 26.44 64.29 30.35
CA LYS O 513 26.68 63.06 29.59
C LYS O 513 25.40 62.27 29.36
N PHE O 514 24.36 62.54 30.15
CA PHE O 514 23.06 61.95 29.89
C PHE O 514 22.51 62.41 28.54
N ASN O 515 22.72 63.67 28.21
CA ASN O 515 22.05 64.32 27.09
C ASN O 515 20.57 63.91 27.06
N PRO O 516 19.82 64.23 28.10
CA PRO O 516 18.50 63.61 28.27
C PRO O 516 17.50 64.00 27.19
N LEU O 517 17.78 65.05 26.42
CA LEU O 517 16.85 65.43 25.37
C LEU O 517 16.75 64.36 24.30
N LYS O 518 17.87 63.73 23.96
CA LYS O 518 17.92 62.79 22.85
C LYS O 518 17.14 61.52 23.12
N PHE O 519 17.14 61.05 24.36
CA PHE O 519 16.72 59.70 24.68
C PHE O 519 15.25 59.56 25.07
N CYS O 520 14.51 60.67 25.19
CA CYS O 520 13.14 60.58 25.68
C CYS O 520 12.15 60.74 24.53
N ASN O 521 10.87 60.79 24.88
CA ASN O 521 9.77 60.69 23.93
C ASN O 521 9.81 61.75 22.83
N GLU O 522 9.35 61.39 21.63
CA GLU O 522 9.36 62.31 20.50
C GLU O 522 8.41 63.48 20.68
N ASN O 523 7.28 63.28 21.34
CA ASN O 523 6.31 64.35 21.52
C ASN O 523 6.60 65.23 22.73
N VAL O 524 6.55 64.67 23.94
CA VAL O 524 6.59 65.48 25.15
C VAL O 524 7.93 66.20 25.28
N MET O 525 8.99 65.64 24.69
CA MET O 525 10.22 66.41 24.61
C MET O 525 10.05 67.61 23.70
N LEU O 526 9.48 67.41 22.51
CA LEU O 526 9.09 68.53 21.68
C LEU O 526 8.06 69.39 22.38
N MET O 527 7.19 68.78 23.19
CA MET O 527 6.28 69.55 24.03
C MET O 527 7.07 70.41 24.99
N PHE O 528 7.95 69.78 25.79
CA PHE O 528 8.86 70.49 26.68
C PHE O 528 9.62 71.57 25.93
N ALA O 529 9.90 71.33 24.65
CA ALA O 529 10.70 72.27 23.87
C ALA O 529 10.03 73.63 23.77
N ARG O 530 8.80 73.64 23.24
CA ARG O 530 8.13 74.89 22.90
C ARG O 530 7.96 75.82 24.11
N ILE O 531 7.10 75.43 25.04
CA ILE O 531 6.62 76.38 26.05
C ILE O 531 7.72 76.72 27.04
N ALA O 532 8.72 75.85 27.16
CA ALA O 532 9.85 76.14 28.04
C ALA O 532 10.52 77.47 27.68
N GLN O 533 11.08 77.55 26.48
CA GLN O 533 11.69 78.80 26.03
C GLN O 533 10.64 79.91 25.93
N GLN O 534 9.40 79.55 25.61
CA GLN O 534 8.31 80.51 25.69
C GLN O 534 8.18 81.05 27.11
N GLU O 535 8.25 80.16 28.10
CA GLU O 535 8.32 80.55 29.50
C GLU O 535 9.75 80.87 29.94
N SER O 536 10.72 80.74 29.04
CA SER O 536 12.12 81.00 29.32
C SER O 536 12.67 80.00 30.35
N VAL O 537 12.08 78.82 30.41
CA VAL O 537 12.60 77.75 31.28
C VAL O 537 14.04 77.42 30.90
N ALA O 538 14.24 76.84 29.72
CA ALA O 538 15.57 76.46 29.30
C ALA O 538 15.65 76.58 27.78
N TYR O 539 16.75 76.08 27.23
CA TYR O 539 17.00 76.17 25.80
C TYR O 539 17.31 74.79 25.24
N CYS O 540 16.57 74.44 24.20
CA CYS O 540 16.41 73.06 23.75
C CYS O 540 16.70 72.89 22.27
N PHE O 541 15.92 73.57 21.42
CA PHE O 541 16.01 73.39 19.98
C PHE O 541 17.45 73.43 19.48
N SER O 542 18.28 74.26 20.10
CA SER O 542 19.71 74.21 19.82
C SER O 542 20.28 72.84 20.12
N ILE O 543 20.02 72.33 21.32
CA ILE O 543 20.55 71.02 21.70
C ILE O 543 19.72 69.91 21.08
N ILE O 544 18.45 70.18 20.76
CA ILE O 544 17.64 69.21 20.05
C ILE O 544 18.24 68.89 18.69
N GLU O 545 18.72 69.92 18.00
CA GLU O 545 19.44 69.70 16.74
C GLU O 545 20.74 68.95 17.00
N ASN O 546 21.35 69.18 18.15
CA ASN O 546 22.53 68.40 18.52
C ASN O 546 22.17 66.95 18.77
N ASN O 547 20.88 66.65 19.00
CA ASN O 547 20.47 65.27 19.22
C ASN O 547 20.34 64.52 17.91
N ASN O 548 19.78 65.15 16.88
CA ASN O 548 19.48 64.46 15.64
C ASN O 548 20.70 64.26 14.75
N ASN O 549 21.66 65.19 14.76
CA ASN O 549 22.84 65.04 13.92
C ASN O 549 23.74 63.92 14.43
N GLU O 550 24.00 63.90 15.74
CA GLU O 550 24.71 62.77 16.31
C GLU O 550 23.91 61.48 16.20
N ARG O 551 22.59 61.60 16.07
CA ARG O 551 21.74 60.43 15.85
C ARG O 551 21.90 59.89 14.44
N THR O 581 16.92 44.97 22.64
CA THR O 581 16.82 45.85 23.78
C THR O 581 16.66 47.29 23.32
N ARG O 582 17.08 47.55 22.08
CA ARG O 582 17.11 48.92 21.60
C ARG O 582 15.72 49.47 21.35
N GLN O 583 14.92 48.75 20.55
CA GLN O 583 13.60 49.25 20.16
C GLN O 583 12.58 49.08 21.27
N GLN O 584 12.65 47.96 22.00
CA GLN O 584 11.82 47.79 23.18
C GLN O 584 11.96 48.99 24.11
N PHE O 585 13.20 49.40 24.35
CA PHE O 585 13.48 50.59 25.15
C PHE O 585 12.74 51.81 24.62
N ILE O 586 12.75 52.00 23.31
CA ILE O 586 12.01 53.11 22.71
C ILE O 586 10.53 53.01 23.06
N ASP O 587 9.98 51.80 22.97
CA ASP O 587 8.54 51.61 23.17
C ASP O 587 8.17 51.84 24.63
N LEU O 588 9.14 51.66 25.54
CA LEU O 588 8.84 51.69 26.97
C LEU O 588 8.29 53.05 27.39
N GLN O 589 9.04 54.12 27.14
CA GLN O 589 8.69 55.46 27.57
C GLN O 589 7.54 56.06 26.76
N SER O 590 7.49 55.77 25.46
CA SER O 590 6.59 56.43 24.52
C SER O 590 5.14 56.42 24.96
N TYR O 591 4.73 55.44 25.75
CA TYR O 591 3.34 55.31 26.16
C TYR O 591 3.12 55.97 27.51
N PHE O 592 2.11 56.83 27.57
CA PHE O 592 1.77 57.56 28.78
C PHE O 592 0.43 57.06 29.27
N PRO O 593 0.38 56.31 30.34
CA PRO O 593 -0.89 55.65 30.69
C PRO O 593 -1.91 56.62 31.25
N TYR O 594 -2.01 57.79 30.62
CA TYR O 594 -3.16 58.66 30.72
C TYR O 594 -3.18 59.49 29.44
N ASP O 595 -4.36 59.82 28.96
CA ASP O 595 -4.53 60.33 27.62
C ASP O 595 -6.01 60.62 27.45
N PRO O 596 -6.41 61.54 26.58
CA PRO O 596 -7.84 61.74 26.33
C PRO O 596 -8.54 60.44 25.98
N LEU O 597 -9.64 60.18 26.68
CA LEU O 597 -10.37 58.94 26.53
C LEU O 597 -11.14 58.91 25.22
N PHE O 598 -11.35 57.70 24.71
CA PHE O 598 -12.14 57.52 23.50
C PHE O 598 -13.58 57.19 23.88
N LEU O 599 -13.87 57.22 25.17
CA LEU O 599 -15.22 56.98 25.66
C LEU O 599 -15.89 58.34 25.82
N LYS O 600 -17.09 58.33 26.40
CA LYS O 600 -17.94 59.52 26.37
C LYS O 600 -18.53 59.94 27.71
N ASN O 601 -19.48 59.20 28.29
CA ASN O 601 -20.08 59.55 29.57
C ASN O 601 -19.05 59.65 30.69
N TYR O 602 -18.21 58.63 30.84
CA TYR O 602 -17.14 58.70 31.81
C TYR O 602 -16.14 59.78 31.44
N LYS O 603 -15.95 60.02 30.15
CA LYS O 603 -15.06 61.09 29.69
C LYS O 603 -15.47 62.42 30.30
N ILE O 604 -16.77 62.68 30.36
CA ILE O 604 -17.25 63.95 30.92
C ILE O 604 -17.19 63.90 32.44
N LEU O 605 -17.40 62.71 33.01
CA LEU O 605 -17.14 62.54 34.44
C LEU O 605 -15.73 62.98 34.79
N MET O 606 -14.82 62.90 33.83
CA MET O 606 -13.45 63.31 34.07
C MET O 606 -13.17 64.72 33.58
N LYS O 607 -14.18 65.40 33.03
CA LYS O 607 -13.93 66.72 32.46
C LYS O 607 -13.43 67.69 33.51
N GLU O 608 -14.10 67.71 34.67
CA GLU O 608 -13.52 68.36 35.84
C GLU O 608 -12.10 67.90 36.10
N TYR O 609 -11.84 66.61 35.94
CA TYR O 609 -10.59 65.98 36.32
C TYR O 609 -9.50 66.15 35.27
N TYR O 610 -9.86 66.49 34.05
CA TYR O 610 -8.93 66.52 32.93
C TYR O 610 -8.55 67.95 32.61
N ILE O 611 -7.32 68.12 32.14
CA ILE O 611 -6.83 69.41 31.69
C ILE O 611 -6.73 69.36 30.18
N GLU O 612 -7.61 70.07 29.50
CA GLU O 612 -7.51 70.18 28.05
C GLU O 612 -6.18 70.83 27.68
N TRP O 613 -5.47 70.19 26.76
CA TRP O 613 -4.14 70.69 26.42
C TRP O 613 -4.21 72.04 25.73
N SER O 614 -5.31 72.31 25.03
CA SER O 614 -5.51 73.59 24.37
C SER O 614 -5.39 74.76 25.32
N VAL P 20 -26.25 -19.02 -54.31
CA VAL P 20 -25.11 -18.67 -53.49
C VAL P 20 -24.48 -19.94 -52.88
N GLN P 21 -25.33 -20.79 -52.30
CA GLN P 21 -24.86 -21.91 -51.48
C GLN P 21 -23.94 -22.84 -52.26
N GLY P 22 -24.37 -23.25 -53.46
CA GLY P 22 -23.55 -24.14 -54.29
C GLY P 22 -22.50 -23.43 -55.10
N ALA P 23 -22.81 -22.22 -55.59
CA ALA P 23 -21.88 -21.47 -56.43
C ALA P 23 -20.58 -21.14 -55.69
N SER P 24 -20.65 -20.87 -54.38
CA SER P 24 -19.46 -20.64 -53.58
C SER P 24 -19.17 -21.73 -52.56
N LEU P 25 -19.93 -22.84 -52.55
CA LEU P 25 -19.37 -24.11 -52.09
C LEU P 25 -18.37 -24.66 -53.12
N TYR P 26 -18.59 -24.35 -54.41
CA TYR P 26 -17.84 -24.95 -55.51
C TYR P 26 -16.36 -24.63 -55.50
N CYS P 27 -15.91 -23.67 -54.70
CA CYS P 27 -14.53 -23.20 -54.85
C CYS P 27 -13.51 -24.25 -54.40
N THR P 49 -24.20 -11.89 -55.63
CA THR P 49 -25.24 -11.74 -54.62
C THR P 49 -26.65 -11.65 -55.20
N LEU P 50 -26.81 -11.71 -56.52
CA LEU P 50 -28.12 -11.58 -57.15
C LEU P 50 -28.62 -12.93 -57.65
N ALA P 51 -29.82 -12.92 -58.20
CA ALA P 51 -30.48 -14.13 -58.66
C ALA P 51 -29.92 -14.58 -60.00
N GLU P 52 -30.19 -15.83 -60.34
CA GLU P 52 -29.87 -16.32 -61.69
C GLU P 52 -30.48 -15.37 -62.73
N ASP P 53 -31.81 -15.29 -62.77
CA ASP P 53 -32.53 -14.65 -63.88
C ASP P 53 -32.90 -13.21 -63.59
N ALA P 54 -33.44 -12.56 -64.62
CA ALA P 54 -33.95 -11.19 -64.53
C ALA P 54 -35.43 -11.24 -64.14
N LEU P 55 -36.08 -10.09 -64.13
CA LEU P 55 -37.32 -9.91 -63.38
C LEU P 55 -38.53 -10.27 -64.25
N ASP P 56 -38.99 -11.54 -64.11
CA ASP P 56 -40.17 -12.12 -64.74
C ASP P 56 -41.45 -11.87 -63.91
N LEU P 57 -42.61 -11.84 -64.61
CA LEU P 57 -43.92 -11.54 -64.03
C LEU P 57 -45.06 -12.48 -64.49
N HIS P 58 -46.14 -11.98 -65.10
CA HIS P 58 -47.40 -12.72 -65.15
C HIS P 58 -48.57 -12.01 -65.87
N ILE P 59 -49.10 -12.59 -66.96
CA ILE P 59 -50.15 -11.97 -67.78
C ILE P 59 -51.31 -12.97 -67.89
N VAL P 60 -52.49 -12.49 -68.33
CA VAL P 60 -53.68 -13.34 -68.50
C VAL P 60 -53.95 -13.67 -69.98
N VAL P 61 -55.01 -14.48 -70.24
CA VAL P 61 -55.66 -14.88 -71.53
C VAL P 61 -56.85 -15.79 -71.18
N LYS P 62 -58.10 -15.36 -71.43
CA LYS P 62 -59.27 -15.93 -70.77
C LYS P 62 -60.32 -16.49 -71.74
N SER P 63 -61.04 -17.54 -71.29
CA SER P 63 -62.14 -18.09 -72.07
C SER P 63 -63.22 -18.69 -71.17
N LEU P 64 -64.45 -18.60 -71.63
CA LEU P 64 -65.61 -19.21 -71.02
C LEU P 64 -65.63 -20.71 -71.28
N LEU P 65 -66.14 -21.50 -70.32
CA LEU P 65 -66.15 -22.95 -70.51
C LEU P 65 -67.44 -23.70 -70.17
N CYS P 66 -67.87 -23.75 -68.91
CA CYS P 66 -68.95 -24.66 -68.56
C CYS P 66 -70.32 -24.02 -68.41
N ASP P 67 -70.70 -23.74 -67.16
CA ASP P 67 -71.90 -23.09 -66.64
C ASP P 67 -73.07 -24.03 -66.33
N THR P 68 -72.86 -24.92 -65.38
CA THR P 68 -73.90 -25.52 -64.54
C THR P 68 -75.37 -25.02 -64.72
N ASN P 180 -79.62 -19.97 -36.38
CA ASN P 180 -78.46 -20.38 -37.17
C ASN P 180 -77.81 -19.16 -37.82
N ARG P 181 -77.89 -19.10 -39.16
CA ARG P 181 -77.50 -17.94 -39.96
C ARG P 181 -75.99 -17.78 -40.11
N LEU P 182 -75.23 -18.87 -40.09
CA LEU P 182 -73.79 -18.78 -39.89
C LEU P 182 -72.96 -19.19 -41.09
N ASP P 183 -72.69 -18.22 -41.94
CA ASP P 183 -71.58 -18.32 -42.87
C ASP P 183 -70.53 -17.29 -42.48
N SER P 184 -69.92 -17.57 -41.31
CA SER P 184 -68.59 -17.07 -40.97
C SER P 184 -67.63 -18.23 -40.80
N GLN P 185 -68.08 -19.47 -41.04
CA GLN P 185 -67.26 -20.68 -41.10
C GLN P 185 -67.59 -21.46 -42.38
N TYR P 186 -66.89 -22.58 -42.60
CA TYR P 186 -67.10 -23.38 -43.79
C TYR P 186 -66.74 -24.85 -43.48
N ILE P 187 -67.35 -25.81 -44.24
CA ILE P 187 -67.04 -27.25 -44.09
C ILE P 187 -65.73 -27.56 -44.79
N GLN P 188 -65.55 -28.84 -45.08
CA GLN P 188 -64.33 -29.33 -45.70
C GLN P 188 -64.70 -30.25 -46.87
N THR P 189 -64.43 -29.72 -48.08
CA THR P 189 -64.93 -30.12 -49.42
C THR P 189 -64.02 -29.53 -50.53
N ALA P 190 -63.92 -30.25 -51.67
CA ALA P 190 -63.44 -29.75 -52.97
C ALA P 190 -64.40 -30.30 -54.03
N SER P 191 -64.29 -29.92 -55.32
CA SER P 191 -65.54 -30.22 -56.07
C SER P 191 -65.57 -30.10 -57.58
N ASP P 192 -64.48 -30.46 -58.29
CA ASP P 192 -64.45 -30.43 -59.77
C ASP P 192 -63.17 -30.93 -60.42
N LEU P 193 -63.25 -31.79 -61.46
CA LEU P 193 -62.02 -32.26 -62.11
C LEU P 193 -62.09 -32.15 -63.64
N ARG P 194 -60.87 -32.15 -64.22
CA ARG P 194 -60.59 -32.21 -65.67
C ARG P 194 -59.31 -33.02 -65.85
N ASN P 195 -59.39 -34.15 -66.55
CA ASN P 195 -58.21 -35.00 -66.73
C ASN P 195 -58.41 -35.90 -67.96
N TYR P 196 -57.29 -36.13 -68.67
CA TYR P 196 -57.26 -37.05 -69.80
C TYR P 196 -57.30 -38.47 -69.25
N ARG P 197 -58.19 -39.31 -69.78
CA ARG P 197 -58.19 -40.72 -69.39
C ARG P 197 -58.36 -41.64 -70.60
N ASP P 198 -57.84 -42.86 -70.47
CA ASP P 198 -57.84 -43.82 -71.57
C ASP P 198 -59.10 -44.68 -71.51
N GLY P 199 -60.06 -44.42 -72.39
CA GLY P 199 -61.25 -45.24 -72.45
C GLY P 199 -60.96 -46.66 -72.88
N THR P 200 -60.59 -46.86 -74.14
CA THR P 200 -60.43 -48.20 -74.70
C THR P 200 -59.08 -48.80 -74.39
N GLU P 201 -58.06 -48.34 -75.14
CA GLU P 201 -56.66 -48.78 -75.08
C GLU P 201 -56.41 -49.92 -76.07
N ILE P 202 -57.17 -49.97 -77.17
CA ILE P 202 -56.79 -50.79 -78.32
C ILE P 202 -55.90 -49.90 -79.18
N ILE P 203 -54.68 -49.68 -78.67
CA ILE P 203 -53.68 -48.75 -79.21
C ILE P 203 -54.33 -47.42 -79.52
N ALA P 204 -54.78 -46.72 -78.47
CA ALA P 204 -55.45 -45.42 -78.55
C ALA P 204 -54.81 -44.46 -77.56
N TYR P 205 -55.21 -43.19 -77.65
CA TYR P 205 -54.64 -42.12 -76.86
C TYR P 205 -55.61 -41.73 -75.72
N ALA P 206 -55.25 -40.69 -74.99
CA ALA P 206 -56.06 -40.20 -73.88
C ALA P 206 -57.00 -39.09 -74.36
N SER P 207 -58.11 -38.90 -73.65
CA SER P 207 -59.08 -37.86 -73.97
C SER P 207 -59.36 -36.98 -72.77
N GLY P 208 -59.13 -35.68 -72.91
CA GLY P 208 -59.34 -34.67 -71.88
C GLY P 208 -60.79 -34.54 -71.50
N LYS P 209 -61.14 -35.01 -70.30
CA LYS P 209 -62.51 -35.08 -69.82
C LYS P 209 -62.75 -34.05 -68.72
N THR P 210 -63.99 -33.54 -68.60
CA THR P 210 -64.40 -32.81 -67.41
C THR P 210 -65.50 -33.58 -66.69
N GLY P 211 -65.36 -33.60 -65.35
CA GLY P 211 -66.38 -34.09 -64.45
C GLY P 211 -66.77 -32.91 -63.58
N SER P 212 -68.00 -32.44 -63.77
CA SER P 212 -68.53 -31.20 -63.21
C SER P 212 -69.81 -31.50 -62.42
N VAL P 213 -70.45 -30.45 -61.93
CA VAL P 213 -71.53 -30.59 -60.95
C VAL P 213 -72.67 -29.61 -61.26
N LEU P 214 -73.88 -30.13 -61.55
CA LEU P 214 -74.99 -29.25 -61.97
C LEU P 214 -75.68 -28.59 -60.78
N ASN P 215 -75.57 -29.16 -59.57
CA ASN P 215 -76.01 -28.49 -58.36
C ASN P 215 -77.39 -27.83 -58.49
N ILE P 216 -77.41 -26.49 -58.47
CA ILE P 216 -78.64 -25.73 -58.26
C ILE P 216 -79.28 -26.32 -57.02
N ALA P 217 -80.22 -27.24 -57.21
CA ALA P 217 -80.56 -28.16 -56.13
C ALA P 217 -79.42 -29.15 -55.97
N VAL P 218 -78.56 -28.88 -54.98
CA VAL P 218 -77.42 -29.67 -54.50
C VAL P 218 -76.76 -30.78 -55.35
N LEU P 219 -77.55 -31.71 -55.93
CA LEU P 219 -77.21 -33.14 -55.89
C LEU P 219 -76.72 -33.81 -57.18
N THR P 220 -76.19 -33.08 -58.16
CA THR P 220 -76.07 -33.63 -59.52
C THR P 220 -74.62 -33.88 -59.95
N ARG P 221 -74.45 -34.70 -60.99
CA ARG P 221 -73.12 -35.02 -61.52
C ARG P 221 -73.07 -34.98 -63.05
N GLN P 222 -72.08 -34.28 -63.61
CA GLN P 222 -71.98 -34.09 -65.05
C GLN P 222 -70.69 -34.68 -65.56
N ASN P 223 -70.76 -35.31 -66.74
CA ASN P 223 -69.55 -35.75 -67.45
C ASN P 223 -69.61 -35.31 -68.90
N THR P 224 -68.49 -34.79 -69.42
CA THR P 224 -68.43 -34.62 -70.87
C THR P 224 -66.98 -34.39 -71.33
N LEU P 225 -66.72 -34.77 -72.58
CA LEU P 225 -65.44 -34.63 -73.20
C LEU P 225 -65.18 -33.20 -73.63
N HIS P 226 -63.91 -32.88 -73.75
CA HIS P 226 -63.49 -31.53 -74.14
C HIS P 226 -62.44 -31.65 -75.24
N LEU P 227 -62.77 -31.21 -76.46
CA LEU P 227 -61.78 -31.12 -77.53
C LEU P 227 -60.91 -29.90 -77.29
N ASN P 228 -59.60 -30.12 -77.20
CA ASN P 228 -58.64 -29.16 -76.64
C ASN P 228 -58.21 -28.06 -77.61
N ARG P 229 -57.39 -28.42 -78.61
CA ARG P 229 -56.59 -27.52 -79.43
C ARG P 229 -56.15 -26.22 -78.70
N HIS P 230 -57.03 -25.25 -78.50
CA HIS P 230 -56.63 -23.98 -77.89
C HIS P 230 -57.84 -23.25 -77.29
N ASN P 231 -58.85 -22.97 -78.11
CA ASN P 231 -60.17 -22.64 -77.59
C ASN P 231 -60.80 -23.93 -77.08
N ASN P 232 -61.01 -24.00 -75.76
CA ASN P 232 -61.32 -25.25 -75.08
C ASN P 232 -62.82 -25.35 -74.86
N VAL P 233 -63.41 -26.39 -75.45
CA VAL P 233 -64.86 -26.43 -75.64
C VAL P 233 -65.37 -27.80 -75.14
N THR P 234 -66.44 -28.29 -75.77
CA THR P 234 -67.14 -29.53 -75.45
C THR P 234 -67.71 -30.08 -76.75
N SER P 235 -68.65 -31.02 -76.67
CA SER P 235 -69.64 -31.05 -77.74
C SER P 235 -71.04 -30.84 -77.16
N ILE P 236 -71.64 -31.90 -76.62
CA ILE P 236 -72.99 -31.84 -76.08
C ILE P 236 -73.02 -32.70 -74.82
N GLU P 237 -73.88 -32.28 -73.88
CA GLU P 237 -73.80 -32.61 -72.46
C GLU P 237 -74.30 -34.02 -72.15
N LEU P 238 -73.94 -34.52 -70.97
CA LEU P 238 -74.49 -35.77 -70.47
C LEU P 238 -74.33 -35.89 -68.96
N HIS P 239 -75.44 -36.17 -68.28
CA HIS P 239 -75.67 -35.82 -66.88
C HIS P 239 -76.33 -36.96 -66.13
N SER P 240 -76.24 -36.90 -64.78
CA SER P 240 -76.81 -37.89 -63.86
C SER P 240 -76.65 -37.53 -62.38
N PRO P 241 -77.78 -37.45 -61.61
CA PRO P 241 -77.67 -37.04 -60.20
C PRO P 241 -77.53 -38.20 -59.21
N ILE P 242 -77.37 -37.86 -57.93
CA ILE P 242 -77.40 -38.80 -56.81
C ILE P 242 -78.19 -38.15 -55.68
N LYS P 243 -78.90 -38.97 -54.91
CA LYS P 243 -79.85 -38.46 -53.92
C LYS P 243 -79.25 -37.54 -52.86
N SER P 244 -77.93 -37.31 -52.87
CA SER P 244 -77.34 -36.37 -51.91
C SER P 244 -76.36 -35.38 -52.53
N ILE P 245 -75.58 -34.70 -51.69
CA ILE P 245 -74.85 -33.49 -52.04
C ILE P 245 -73.40 -33.85 -52.34
N LYS P 246 -72.83 -33.34 -53.44
CA LYS P 246 -71.48 -33.77 -53.81
C LYS P 246 -70.42 -32.97 -53.05
N ILE P 247 -69.52 -33.66 -52.38
CA ILE P 247 -68.54 -33.04 -51.48
C ILE P 247 -67.14 -32.98 -52.11
N PRO P 248 -66.53 -34.09 -52.79
CA PRO P 248 -65.62 -33.87 -53.93
C PRO P 248 -65.73 -34.84 -55.11
N GLY P 249 -65.58 -34.33 -56.34
CA GLY P 249 -65.34 -35.16 -57.49
C GLY P 249 -63.85 -35.20 -57.74
N ALA P 250 -63.29 -36.42 -57.81
CA ALA P 250 -61.87 -36.63 -58.11
C ALA P 250 -61.70 -37.77 -59.12
N SER P 251 -60.66 -37.69 -59.95
CA SER P 251 -60.29 -38.77 -60.88
C SER P 251 -58.78 -38.81 -61.05
N GLU P 252 -58.17 -39.96 -60.77
CA GLU P 252 -56.74 -39.98 -60.55
C GLU P 252 -56.01 -40.60 -61.73
N SER P 253 -54.68 -40.47 -61.70
CA SER P 253 -53.77 -41.15 -62.62
C SER P 253 -52.43 -41.36 -61.94
N ILE P 254 -52.16 -42.61 -61.56
CA ILE P 254 -50.78 -43.02 -61.33
C ILE P 254 -50.03 -42.83 -62.65
N GLY P 255 -48.72 -42.56 -62.56
CA GLY P 255 -47.92 -42.10 -63.67
C GLY P 255 -47.31 -43.24 -64.46
N ARG P 256 -46.27 -42.89 -65.23
CA ARG P 256 -45.67 -43.81 -66.20
C ARG P 256 -44.64 -44.74 -65.58
N ARG P 257 -45.04 -45.36 -64.49
CA ARG P 257 -44.73 -46.74 -64.30
C ARG P 257 -45.53 -47.60 -65.26
N SER P 258 -46.61 -47.06 -65.80
CA SER P 258 -47.69 -47.93 -66.23
C SER P 258 -48.68 -47.20 -67.13
N ASN P 259 -49.18 -47.91 -68.16
CA ASN P 259 -50.61 -47.91 -68.52
C ASN P 259 -51.38 -46.65 -68.09
N LEU P 260 -51.28 -45.57 -68.87
CA LEU P 260 -51.73 -44.24 -68.44
C LEU P 260 -53.25 -44.09 -68.58
N VAL P 261 -53.99 -44.36 -67.51
CA VAL P 261 -55.43 -44.48 -67.63
C VAL P 261 -56.12 -44.06 -66.33
N GLY P 262 -57.45 -44.11 -66.34
CA GLY P 262 -58.18 -44.05 -65.10
C GLY P 262 -59.65 -44.34 -65.34
N ILE P 263 -60.41 -43.98 -64.31
CA ILE P 263 -61.85 -43.68 -64.36
C ILE P 263 -62.16 -42.79 -63.17
N ILE P 264 -63.45 -42.65 -62.82
CA ILE P 264 -63.89 -41.49 -62.05
C ILE P 264 -64.40 -41.89 -60.68
N THR P 265 -64.39 -40.93 -59.73
CA THR P 265 -64.75 -41.20 -58.34
C THR P 265 -65.29 -39.93 -57.68
N GLU P 266 -66.22 -40.10 -56.74
CA GLU P 266 -66.68 -38.93 -56.02
C GLU P 266 -67.33 -39.32 -54.69
N ASN P 267 -67.22 -38.40 -53.72
CA ASN P 267 -67.56 -38.62 -52.31
C ASN P 267 -68.54 -37.53 -51.87
N SER P 268 -69.39 -37.87 -50.90
CA SER P 268 -70.55 -37.02 -50.68
C SER P 268 -71.17 -37.23 -49.30
N PHE P 269 -71.71 -36.16 -48.75
CA PHE P 269 -72.69 -36.22 -47.67
C PHE P 269 -73.49 -37.52 -47.73
N GLN P 270 -73.14 -38.48 -46.89
CA GLN P 270 -73.85 -39.76 -46.81
C GLN P 270 -73.95 -40.45 -48.17
N ILE P 271 -72.77 -40.84 -48.70
CA ILE P 271 -72.57 -41.79 -49.81
C ILE P 271 -71.17 -41.66 -50.42
N PHE P 272 -70.60 -42.77 -50.90
CA PHE P 272 -69.31 -42.72 -51.57
C PHE P 272 -69.27 -43.65 -52.80
N ARG P 273 -69.14 -43.07 -54.01
CA ARG P 273 -69.31 -43.78 -55.27
C ARG P 273 -68.08 -43.71 -56.15
N ILE P 274 -67.98 -44.69 -57.07
CA ILE P 274 -66.94 -44.73 -58.10
C ILE P 274 -67.54 -45.23 -59.43
N GLU P 275 -67.23 -44.52 -60.54
CA GLU P 275 -67.79 -44.74 -61.87
C GLU P 275 -66.73 -45.18 -62.91
N SER P 276 -67.18 -46.01 -63.86
CA SER P 276 -66.46 -46.38 -65.06
C SER P 276 -67.04 -45.66 -66.29
N VAL P 277 -66.36 -45.78 -67.43
CA VAL P 277 -66.78 -45.07 -68.63
C VAL P 277 -66.27 -45.77 -69.87
N HIS P 278 -67.07 -45.74 -70.93
CA HIS P 278 -66.67 -45.97 -72.30
C HIS P 278 -67.15 -44.77 -73.12
N SER P 279 -66.51 -44.52 -74.26
CA SER P 279 -66.92 -43.37 -75.07
C SER P 279 -66.55 -43.59 -76.54
N ARG P 280 -67.44 -43.14 -77.43
CA ARG P 280 -67.24 -43.22 -78.88
C ARG P 280 -68.22 -42.27 -79.57
N SER P 281 -67.72 -41.49 -80.54
CA SER P 281 -68.46 -40.59 -81.47
C SER P 281 -68.82 -39.23 -80.87
N CYS P 282 -68.30 -38.90 -79.69
CA CYS P 282 -68.39 -37.67 -78.88
C CYS P 282 -69.50 -37.74 -77.84
N ASP P 283 -70.33 -38.78 -77.87
CA ASP P 283 -71.11 -39.15 -76.71
C ASP P 283 -70.21 -39.86 -75.70
N VAL P 284 -70.57 -39.74 -74.42
CA VAL P 284 -69.86 -40.39 -73.33
C VAL P 284 -70.86 -41.23 -72.54
N MET P 285 -70.52 -42.47 -72.26
CA MET P 285 -71.40 -43.31 -71.47
C MET P 285 -70.62 -43.81 -70.27
N VAL P 286 -71.06 -43.41 -69.07
CA VAL P 286 -70.42 -43.83 -67.81
C VAL P 286 -71.37 -44.76 -67.05
N SER P 287 -70.89 -45.31 -65.93
CA SER P 287 -71.46 -46.55 -65.41
C SER P 287 -71.08 -46.68 -63.94
N SER P 288 -72.08 -46.51 -63.06
CA SER P 288 -71.86 -46.28 -61.63
C SER P 288 -71.62 -47.58 -60.88
N SER P 289 -70.35 -47.94 -60.72
CA SER P 289 -70.03 -49.03 -59.82
C SER P 289 -70.49 -48.64 -58.41
N GLU P 290 -71.41 -49.44 -57.86
CA GLU P 290 -72.22 -49.28 -56.65
C GLU P 290 -71.66 -48.32 -55.59
N PRO P 291 -72.53 -47.56 -54.89
CA PRO P 291 -72.02 -46.77 -53.76
C PRO P 291 -71.69 -47.64 -52.58
N LEU P 292 -71.56 -46.99 -51.45
CA LEU P 292 -71.79 -47.64 -50.17
C LEU P 292 -72.26 -46.55 -49.23
N TYR P 293 -73.54 -46.59 -48.85
CA TYR P 293 -73.99 -45.62 -47.88
C TYR P 293 -73.17 -45.83 -46.61
N PHE P 294 -73.07 -44.78 -45.81
CA PHE P 294 -72.06 -44.76 -44.75
C PHE P 294 -72.36 -45.83 -43.72
N VAL P 295 -71.52 -46.87 -43.78
CA VAL P 295 -71.62 -48.04 -42.91
C VAL P 295 -71.74 -47.59 -41.45
N GLU P 296 -70.69 -46.97 -40.91
CA GLU P 296 -70.86 -46.22 -39.66
C GLU P 296 -71.44 -44.85 -39.99
N ILE P 297 -72.08 -44.23 -39.01
CA ILE P 297 -72.70 -42.94 -39.30
C ILE P 297 -71.63 -41.85 -39.24
N ASP P 298 -70.47 -42.12 -39.86
CA ASP P 298 -69.43 -41.12 -40.03
C ASP P 298 -69.54 -40.49 -41.42
N ASP P 299 -68.43 -39.97 -41.93
CA ASP P 299 -68.39 -39.15 -43.14
C ASP P 299 -66.94 -39.00 -43.53
N LEU P 300 -66.64 -39.25 -44.81
CA LEU P 300 -65.27 -39.36 -45.28
C LEU P 300 -64.78 -38.01 -45.78
N GLN P 301 -63.66 -37.55 -45.23
CA GLN P 301 -62.95 -36.43 -45.79
C GLN P 301 -62.51 -36.81 -47.19
N VAL P 302 -61.37 -37.50 -47.33
CA VAL P 302 -60.72 -37.53 -48.64
C VAL P 302 -60.77 -38.95 -49.19
N VAL P 303 -60.84 -39.04 -50.50
CA VAL P 303 -60.62 -40.26 -51.29
C VAL P 303 -59.25 -40.12 -51.95
N ASP P 304 -58.50 -41.19 -51.98
CA ASP P 304 -57.34 -41.23 -52.85
C ASP P 304 -57.33 -42.57 -53.56
N PHE P 305 -56.77 -42.57 -54.76
CA PHE P 305 -56.93 -43.69 -55.65
C PHE P 305 -55.62 -44.00 -56.35
N GLN P 314 -55.63 -51.38 -58.02
CA GLN P 314 -56.59 -50.26 -58.09
C GLN P 314 -57.43 -49.98 -56.81
N PHE P 315 -56.96 -48.97 -56.07
CA PHE P 315 -57.13 -48.84 -54.62
C PHE P 315 -58.02 -47.66 -54.25
N ALA P 316 -59.29 -47.92 -53.96
CA ALA P 316 -60.14 -46.94 -53.28
C ALA P 316 -59.69 -46.83 -51.84
N ILE P 317 -59.21 -45.67 -51.44
CA ILE P 317 -58.80 -45.40 -50.05
C ILE P 317 -59.65 -44.26 -49.52
N ILE P 318 -60.33 -44.52 -48.40
CA ILE P 318 -61.17 -43.50 -47.79
C ILE P 318 -60.50 -43.05 -46.50
N ASP P 319 -60.73 -41.77 -46.19
CA ASP P 319 -60.45 -41.17 -44.90
C ASP P 319 -61.68 -40.38 -44.47
N ILE P 320 -62.10 -40.64 -43.22
CA ILE P 320 -63.25 -40.02 -42.56
C ILE P 320 -62.76 -39.55 -41.21
N LYS P 321 -63.05 -38.29 -40.84
CA LYS P 321 -62.83 -37.76 -39.49
C LYS P 321 -61.87 -38.53 -38.56
N GLY P 322 -60.72 -38.96 -39.11
CA GLY P 322 -59.71 -39.71 -38.37
C GLY P 322 -59.35 -41.08 -38.94
N ASN P 323 -60.34 -41.94 -39.05
CA ASN P 323 -60.09 -43.34 -39.34
C ASN P 323 -60.21 -43.63 -40.83
N TRP P 324 -59.31 -44.50 -41.30
CA TRP P 324 -59.08 -44.72 -42.70
C TRP P 324 -59.17 -46.19 -43.03
N SER P 325 -59.24 -46.45 -44.35
CA SER P 325 -59.39 -47.81 -44.87
C SER P 325 -58.84 -47.87 -46.29
N ILE P 326 -58.02 -48.93 -46.59
CA ILE P 326 -57.71 -49.33 -47.96
C ILE P 326 -58.80 -50.29 -48.42
N GLY P 327 -59.10 -50.24 -49.71
CA GLY P 327 -60.22 -50.97 -50.27
C GLY P 327 -60.12 -50.99 -51.77
N ARG P 328 -60.92 -51.85 -52.40
CA ARG P 328 -60.84 -52.11 -53.83
C ARG P 328 -62.21 -52.03 -54.49
N ILE P 329 -62.18 -51.77 -55.79
CA ILE P 329 -63.35 -51.50 -56.61
C ILE P 329 -63.70 -52.77 -57.36
N PRO P 330 -64.93 -52.97 -57.83
CA PRO P 330 -65.25 -54.17 -58.61
C PRO P 330 -64.75 -54.03 -60.05
N LYS P 331 -64.64 -55.18 -60.71
CA LYS P 331 -64.59 -55.15 -62.15
C LYS P 331 -66.00 -55.29 -62.72
N ASN P 332 -66.20 -54.59 -63.82
CA ASN P 332 -67.41 -53.93 -64.33
C ASN P 332 -68.78 -54.15 -63.66
N PHE P 333 -69.21 -55.39 -63.35
CA PHE P 333 -70.65 -55.53 -63.15
C PHE P 333 -71.17 -56.15 -61.85
N ASN P 334 -72.44 -56.60 -61.91
CA ASN P 334 -73.36 -56.47 -60.78
C ASN P 334 -72.85 -57.13 -59.51
N ASN P 335 -72.07 -58.21 -59.64
CA ASN P 335 -71.58 -58.92 -58.47
C ASN P 335 -72.75 -59.46 -57.64
N GLN P 342 -70.51 -54.06 -53.02
CA GLN P 342 -69.91 -54.23 -54.34
C GLN P 342 -68.42 -53.89 -54.36
N LEU P 343 -68.02 -53.02 -53.42
CA LEU P 343 -66.64 -52.63 -53.20
C LEU P 343 -66.30 -52.90 -51.73
N ILE P 344 -65.22 -53.65 -51.49
CA ILE P 344 -64.94 -54.14 -50.13
C ILE P 344 -63.70 -53.46 -49.55
N ASP P 345 -63.25 -53.91 -48.38
CA ASP P 345 -61.98 -53.41 -47.83
C ASP P 345 -61.38 -54.45 -46.90
N ASN P 346 -60.09 -54.26 -46.57
CA ASN P 346 -59.47 -54.75 -45.32
C ASN P 346 -58.37 -53.76 -44.97
N LEU P 347 -57.45 -54.15 -44.08
CA LEU P 347 -56.37 -53.25 -43.65
C LEU P 347 -56.92 -51.86 -43.32
N HIS P 348 -57.50 -51.69 -42.15
CA HIS P 348 -57.98 -50.37 -41.81
C HIS P 348 -56.98 -49.68 -40.90
N GLY P 349 -57.39 -48.55 -40.35
CA GLY P 349 -56.54 -47.88 -39.39
C GLY P 349 -57.23 -46.61 -38.97
N THR P 350 -56.51 -45.82 -38.18
CA THR P 350 -57.03 -44.53 -37.78
C THR P 350 -55.87 -43.66 -37.31
N ILE P 351 -55.88 -42.42 -37.76
CA ILE P 351 -55.27 -41.37 -36.97
C ILE P 351 -56.40 -40.87 -36.11
N PHE P 352 -56.06 -40.16 -35.03
CA PHE P 352 -57.11 -39.56 -34.24
C PHE P 352 -56.51 -38.76 -33.10
N ASP P 353 -57.13 -37.64 -32.85
CA ASP P 353 -56.51 -36.66 -32.02
C ASP P 353 -57.62 -35.85 -31.40
N PRO P 354 -58.19 -36.28 -30.27
CA PRO P 354 -59.32 -35.55 -29.67
C PRO P 354 -59.18 -34.04 -29.77
N GLU P 355 -57.94 -33.56 -29.66
CA GLU P 355 -57.69 -32.13 -29.70
C GLU P 355 -57.55 -31.58 -31.14
N GLU P 356 -57.90 -32.35 -32.16
CA GLU P 356 -58.14 -31.83 -33.50
C GLU P 356 -59.62 -31.52 -33.64
N LEU P 357 -60.00 -30.29 -33.29
CA LEU P 357 -61.41 -29.93 -33.41
C LEU P 357 -61.85 -29.93 -34.87
N SER P 358 -61.00 -29.45 -35.78
CA SER P 358 -61.44 -29.36 -37.17
C SER P 358 -61.52 -30.73 -37.80
N SER P 359 -62.47 -30.85 -38.72
CA SER P 359 -62.92 -32.14 -39.18
C SER P 359 -62.12 -32.67 -40.35
N TRP P 360 -61.34 -31.85 -41.03
CA TRP P 360 -60.68 -32.32 -42.24
C TRP P 360 -59.42 -33.08 -41.89
N LYS P 361 -59.32 -34.26 -42.49
CA LYS P 361 -58.13 -35.07 -42.58
C LYS P 361 -57.94 -35.39 -44.07
N ARG P 362 -56.80 -35.94 -44.47
CA ARG P 362 -56.61 -36.15 -45.90
C ARG P 362 -55.68 -37.33 -46.19
N ILE P 363 -55.94 -38.10 -47.26
CA ILE P 363 -55.05 -39.20 -47.65
C ILE P 363 -54.56 -39.08 -49.10
N GLU P 364 -53.25 -39.27 -49.29
CA GLU P 364 -52.70 -39.34 -50.63
C GLU P 364 -51.42 -40.17 -50.65
N TRP P 365 -51.30 -41.02 -51.68
CA TRP P 365 -50.10 -41.74 -52.06
C TRP P 365 -48.82 -40.96 -51.83
N PHE P 366 -47.76 -41.66 -51.49
CA PHE P 366 -46.43 -41.08 -51.59
C PHE P 366 -45.52 -42.20 -52.06
N SER P 367 -44.50 -41.85 -52.87
CA SER P 367 -43.75 -42.82 -53.68
C SER P 367 -44.78 -43.57 -54.51
N HIS P 368 -44.92 -44.90 -54.38
CA HIS P 368 -45.94 -45.58 -55.17
C HIS P 368 -46.45 -46.84 -54.47
N PHE P 369 -45.58 -47.65 -53.90
CA PHE P 369 -46.00 -48.96 -53.43
C PHE P 369 -46.36 -48.87 -51.93
N GLN P 370 -47.66 -48.77 -51.66
CA GLN P 370 -48.24 -48.98 -50.33
C GLN P 370 -47.71 -48.01 -49.29
N LYS P 371 -47.29 -46.81 -49.68
CA LYS P 371 -46.94 -45.77 -48.72
C LYS P 371 -47.88 -44.60 -48.90
N ILE P 372 -48.71 -44.37 -47.87
CA ILE P 372 -49.70 -43.31 -47.91
C ILE P 372 -49.32 -42.24 -46.91
N LEU P 373 -49.93 -41.08 -47.14
CA LEU P 373 -49.91 -39.95 -46.23
C LEU P 373 -51.32 -39.69 -45.74
N VAL P 374 -51.47 -39.60 -44.43
CA VAL P 374 -52.71 -39.20 -43.80
C VAL P 374 -52.42 -37.96 -42.98
N PHE P 375 -53.31 -36.96 -43.09
CA PHE P 375 -53.11 -35.57 -42.71
C PHE P 375 -54.23 -35.13 -41.78
N ASP P 376 -53.92 -34.29 -40.81
CA ASP P 376 -54.97 -33.41 -40.28
C ASP P 376 -54.32 -32.07 -39.99
N ARG P 377 -55.15 -31.05 -39.73
CA ARG P 377 -54.60 -29.69 -39.71
C ARG P 377 -53.55 -29.53 -38.63
N SER P 378 -53.06 -30.64 -38.07
CA SER P 378 -52.04 -30.64 -37.02
C SER P 378 -50.80 -31.41 -37.41
N LYS P 379 -50.93 -32.55 -38.10
CA LYS P 379 -49.78 -33.41 -38.27
C LYS P 379 -49.85 -34.18 -39.58
N MET P 380 -48.67 -34.74 -39.93
CA MET P 380 -48.40 -35.48 -41.16
C MET P 380 -47.90 -36.87 -40.79
N ILE P 381 -48.66 -37.88 -41.20
CA ILE P 381 -48.47 -39.24 -40.76
C ILE P 381 -48.19 -40.07 -42.00
N GLU P 382 -46.98 -40.64 -42.06
CA GLU P 382 -46.60 -41.60 -43.09
C GLU P 382 -47.03 -42.97 -42.63
N ILE P 383 -47.79 -43.68 -43.45
CA ILE P 383 -48.27 -45.00 -43.05
C ILE P 383 -47.93 -45.99 -44.14
N ASP P 384 -47.10 -46.97 -43.80
CA ASP P 384 -46.64 -47.98 -44.75
C ASP P 384 -47.48 -49.20 -44.42
N PHE P 385 -48.56 -49.40 -45.19
CA PHE P 385 -49.33 -50.61 -45.03
C PHE P 385 -48.73 -51.67 -45.94
N MET P 386 -49.26 -52.89 -45.82
CA MET P 386 -48.69 -54.09 -46.43
C MET P 386 -47.33 -54.43 -45.84
N ASN P 387 -46.79 -53.50 -45.04
CA ASN P 387 -45.96 -53.77 -43.89
C ASN P 387 -46.77 -53.26 -42.70
N ASN P 388 -46.12 -52.91 -41.61
CA ASN P 388 -46.82 -52.26 -40.50
C ASN P 388 -46.01 -51.05 -40.10
N TRP P 389 -46.49 -49.86 -40.44
CA TRP P 389 -45.57 -48.75 -40.24
C TRP P 389 -46.35 -47.46 -40.08
N GLN P 390 -45.77 -46.52 -39.32
CA GLN P 390 -46.45 -45.29 -38.96
C GLN P 390 -45.44 -44.28 -38.41
N THR P 391 -45.42 -43.04 -38.94
CA THR P 391 -44.55 -42.00 -38.40
C THR P 391 -45.24 -40.64 -38.40
N GLU P 392 -45.09 -39.93 -37.28
CA GLU P 392 -45.32 -38.49 -37.17
C GLU P 392 -44.06 -37.81 -37.68
N VAL P 393 -44.16 -37.15 -38.84
CA VAL P 393 -43.01 -36.73 -39.64
C VAL P 393 -41.93 -35.91 -38.94
N VAL P 394 -42.08 -34.58 -38.77
CA VAL P 394 -41.07 -33.84 -38.01
C VAL P 394 -41.58 -32.53 -37.41
N GLN P 395 -42.70 -32.02 -37.88
CA GLN P 395 -43.32 -31.01 -37.03
C GLN P 395 -44.71 -31.54 -36.64
N ALA P 396 -45.56 -30.62 -36.16
CA ALA P 396 -47.00 -30.73 -35.98
C ALA P 396 -47.45 -29.70 -34.96
N LYS P 397 -48.72 -29.23 -35.03
CA LYS P 397 -49.47 -28.85 -33.82
C LYS P 397 -48.69 -27.88 -32.92
N ALA P 398 -48.32 -26.70 -33.44
CA ALA P 398 -47.39 -25.88 -32.68
C ALA P 398 -47.41 -24.39 -33.04
N TRP P 399 -46.90 -24.06 -34.24
CA TRP P 399 -46.96 -22.72 -34.77
C TRP P 399 -47.70 -22.61 -36.09
N SER P 400 -48.11 -23.73 -36.69
CA SER P 400 -48.79 -23.67 -37.96
C SER P 400 -49.69 -24.88 -38.10
N ASN P 401 -50.53 -24.83 -39.12
CA ASN P 401 -51.49 -25.88 -39.45
C ASN P 401 -51.16 -26.40 -40.83
N ILE P 402 -51.17 -27.71 -41.01
CA ILE P 402 -51.28 -28.24 -42.37
C ILE P 402 -52.47 -27.56 -43.00
N ARG P 403 -52.25 -26.84 -44.08
CA ARG P 403 -53.35 -26.13 -44.69
C ARG P 403 -53.80 -26.82 -45.96
N ASP P 404 -52.87 -27.35 -46.75
CA ASP P 404 -53.23 -28.33 -47.78
C ASP P 404 -52.01 -29.12 -48.16
N TYR P 405 -52.26 -30.19 -48.90
CA TYR P 405 -51.23 -31.00 -49.52
C TYR P 405 -51.83 -31.63 -50.76
N LYS P 406 -51.13 -31.47 -51.88
CA LYS P 406 -51.46 -32.10 -53.14
C LYS P 406 -50.18 -32.72 -53.70
N ARG P 407 -50.30 -33.90 -54.33
CA ARG P 407 -49.13 -34.64 -54.77
C ARG P 407 -48.73 -34.21 -56.18
N ILE P 408 -47.51 -33.65 -56.29
CA ILE P 408 -46.96 -33.29 -57.57
C ILE P 408 -46.20 -34.48 -58.12
N ASP P 409 -46.08 -34.52 -59.45
CA ASP P 409 -45.02 -35.32 -60.04
C ASP P 409 -45.51 -36.75 -60.20
N ASP P 410 -45.04 -37.40 -61.28
CA ASP P 410 -45.52 -38.71 -61.69
C ASP P 410 -45.84 -39.57 -60.48
N LYS P 411 -44.87 -39.71 -59.58
CA LYS P 411 -45.14 -40.39 -58.33
C LYS P 411 -44.43 -39.68 -57.17
N ASN P 412 -43.16 -39.32 -57.35
CA ASN P 412 -42.30 -39.05 -56.21
C ASN P 412 -42.25 -37.57 -55.78
N GLY P 413 -43.26 -36.73 -56.07
CA GLY P 413 -43.24 -35.32 -55.69
C GLY P 413 -44.42 -34.95 -54.82
N ILE P 414 -44.21 -33.97 -53.93
CA ILE P 414 -45.22 -33.63 -52.92
C ILE P 414 -45.22 -32.13 -52.61
N LEU P 415 -46.39 -31.51 -52.58
CA LEU P 415 -46.45 -30.08 -52.27
C LEU P 415 -47.44 -29.84 -51.13
N LEU P 416 -46.93 -29.24 -50.04
CA LEU P 416 -47.67 -28.98 -48.80
C LEU P 416 -47.67 -27.48 -48.51
N THR P 417 -48.87 -26.91 -48.22
CA THR P 417 -49.08 -25.52 -47.79
C THR P 417 -49.28 -25.54 -46.29
N SER P 418 -48.42 -24.85 -45.55
CA SER P 418 -48.61 -24.74 -44.10
C SER P 418 -48.36 -23.30 -43.65
N ARG P 419 -49.44 -22.55 -43.41
CA ARG P 419 -49.30 -21.13 -43.10
C ARG P 419 -48.54 -20.49 -44.25
N GLU P 420 -47.33 -19.99 -43.99
CA GLU P 420 -46.58 -19.33 -45.02
C GLU P 420 -45.55 -20.24 -45.65
N ILE P 421 -45.15 -21.31 -45.00
CA ILE P 421 -44.16 -22.17 -45.63
C ILE P 421 -44.81 -22.90 -46.80
N ILE P 422 -44.12 -22.89 -47.94
CA ILE P 422 -44.41 -23.77 -49.06
C ILE P 422 -43.41 -24.92 -48.99
N ILE P 423 -43.89 -26.16 -48.87
CA ILE P 423 -43.03 -27.32 -48.64
C ILE P 423 -43.09 -28.28 -49.82
N VAL P 424 -41.93 -28.59 -50.37
CA VAL P 424 -41.79 -29.63 -51.38
C VAL P 424 -41.19 -30.82 -50.67
N GLY P 425 -41.97 -31.85 -50.43
CA GLY P 425 -41.41 -33.15 -50.09
C GLY P 425 -41.32 -33.96 -51.37
N ALA P 426 -40.62 -35.08 -51.27
CA ALA P 426 -40.33 -35.95 -52.42
C ALA P 426 -39.55 -37.13 -51.86
N SER P 427 -39.27 -38.12 -52.70
CA SER P 427 -38.73 -39.39 -52.24
C SER P 427 -37.20 -39.37 -52.15
N GLU P 428 -36.66 -40.44 -51.55
CA GLU P 428 -35.27 -40.57 -51.10
C GLU P 428 -35.08 -41.89 -50.35
N SER P 429 -33.89 -42.51 -50.45
CA SER P 429 -33.69 -43.89 -49.97
C SER P 429 -34.72 -44.82 -50.59
N ASN P 430 -35.12 -44.51 -51.82
CA ASN P 430 -36.34 -45.03 -52.46
C ASN P 430 -37.50 -44.49 -51.62
N ASP P 431 -38.32 -45.33 -51.04
CA ASP P 431 -39.21 -44.92 -49.96
C ASP P 431 -38.37 -44.55 -48.73
N PRO P 432 -38.97 -43.91 -47.72
CA PRO P 432 -40.16 -43.16 -47.32
C PRO P 432 -39.74 -41.95 -46.48
N VAL P 433 -39.83 -40.73 -47.04
CA VAL P 433 -38.91 -39.67 -46.69
C VAL P 433 -39.61 -38.33 -46.50
N ARG P 434 -38.89 -37.38 -45.90
CA ARG P 434 -39.26 -35.97 -45.99
C ARG P 434 -38.18 -35.14 -46.70
N ARG P 435 -38.51 -33.87 -46.97
CA ARG P 435 -37.57 -32.86 -47.44
C ARG P 435 -37.62 -31.64 -46.54
N ILE P 436 -36.44 -31.24 -46.02
CA ILE P 436 -36.17 -29.97 -45.34
C ILE P 436 -35.14 -29.26 -46.23
N SER P 437 -35.23 -29.57 -47.53
CA SER P 437 -34.48 -28.90 -48.58
C SER P 437 -34.61 -27.38 -48.43
N TRP P 438 -35.76 -26.83 -48.86
CA TRP P 438 -36.26 -25.57 -48.33
C TRP P 438 -37.59 -25.11 -48.92
N LYS P 439 -37.93 -23.86 -48.61
CA LYS P 439 -39.29 -23.35 -48.60
C LYS P 439 -39.28 -21.83 -48.77
N HIS P 440 -40.42 -21.30 -49.21
CA HIS P 440 -40.68 -19.87 -49.15
C HIS P 440 -41.76 -19.65 -48.10
N ASP P 441 -41.98 -18.39 -47.68
CA ASP P 441 -43.02 -18.12 -46.69
C ASP P 441 -43.94 -16.96 -47.11
N LEU P 442 -45.25 -17.27 -47.24
CA LEU P 442 -46.29 -16.44 -47.81
C LEU P 442 -47.55 -16.38 -46.92
N ASP P 443 -48.18 -15.20 -46.78
CA ASP P 443 -48.37 -14.64 -45.43
C ASP P 443 -49.77 -14.41 -44.76
N PRO P 444 -50.50 -15.51 -44.26
CA PRO P 444 -51.74 -15.29 -43.46
C PRO P 444 -52.10 -16.11 -42.19
N ASP P 445 -53.41 -16.35 -42.08
CA ASP P 445 -54.08 -16.87 -40.87
C ASP P 445 -55.45 -17.40 -41.27
N ASP P 446 -55.94 -16.91 -42.41
CA ASP P 446 -56.91 -17.54 -43.31
C ASP P 446 -56.91 -19.06 -43.25
N THR P 447 -57.95 -19.65 -42.67
CA THR P 447 -58.02 -21.11 -42.65
C THR P 447 -58.18 -21.67 -44.06
N THR P 448 -58.95 -20.97 -44.90
CA THR P 448 -59.09 -21.33 -46.30
C THR P 448 -57.81 -20.93 -47.02
N LEU P 449 -57.18 -21.88 -47.67
CA LEU P 449 -55.96 -21.68 -48.43
C LEU P 449 -55.77 -23.05 -49.00
N ARG P 450 -55.68 -23.15 -50.32
CA ARG P 450 -55.37 -24.42 -50.94
C ARG P 450 -54.24 -24.19 -51.90
N ILE P 451 -53.66 -25.29 -52.37
CA ILE P 451 -52.56 -25.24 -53.32
C ILE P 451 -52.85 -26.15 -54.48
N THR P 452 -52.20 -25.83 -55.60
CA THR P 452 -52.14 -26.67 -56.77
C THR P 452 -50.84 -26.34 -57.50
N VAL P 453 -50.26 -27.37 -58.16
CA VAL P 453 -49.05 -27.21 -58.95
C VAL P 453 -49.38 -27.48 -60.40
N GLN P 454 -48.70 -26.75 -61.31
CA GLN P 454 -48.53 -27.12 -62.71
C GLN P 454 -47.04 -27.28 -62.94
N LYS P 455 -46.68 -28.13 -63.90
CA LYS P 455 -45.28 -28.48 -64.18
C LYS P 455 -44.97 -28.16 -65.63
N VAL P 456 -43.77 -27.64 -65.90
CA VAL P 456 -43.26 -27.56 -67.27
C VAL P 456 -41.79 -27.97 -67.30
N LYS P 457 -41.31 -28.22 -68.52
CA LYS P 457 -40.00 -28.80 -68.77
C LYS P 457 -39.13 -27.84 -69.57
N LYS P 458 -37.92 -28.31 -69.90
CA LYS P 458 -36.88 -27.70 -70.70
C LYS P 458 -35.61 -28.51 -70.47
N PRO P 459 -34.46 -28.16 -71.08
CA PRO P 459 -33.26 -28.97 -70.86
C PRO P 459 -32.64 -28.79 -69.49
N ASP P 460 -32.45 -27.54 -69.06
CA ASP P 460 -31.64 -27.18 -67.89
C ASP P 460 -32.45 -27.06 -66.60
N HIS P 461 -33.72 -27.43 -66.61
CA HIS P 461 -34.53 -27.36 -65.41
C HIS P 461 -35.86 -28.06 -65.67
N ILE P 462 -36.66 -28.20 -64.59
CA ILE P 462 -38.01 -28.79 -64.61
C ILE P 462 -38.90 -28.06 -63.59
N LEU P 463 -39.61 -27.00 -63.99
CA LEU P 463 -40.21 -26.08 -63.01
C LEU P 463 -41.66 -26.37 -62.59
N LEU P 464 -41.87 -26.21 -61.29
CA LEU P 464 -43.15 -26.35 -60.62
C LEU P 464 -43.68 -24.95 -60.31
N VAL P 465 -44.92 -24.70 -60.70
CA VAL P 465 -45.60 -23.45 -60.43
C VAL P 465 -46.66 -23.72 -59.38
N ALA P 466 -46.58 -22.95 -58.29
CA ALA P 466 -47.23 -23.18 -57.01
C ALA P 466 -48.30 -22.11 -56.87
N PHE P 467 -49.56 -22.54 -56.92
CA PHE P 467 -50.73 -21.67 -56.83
C PHE P 467 -51.38 -21.85 -55.46
N VAL P 468 -51.28 -20.83 -54.61
CA VAL P 468 -52.01 -20.82 -53.35
C VAL P 468 -53.10 -19.76 -53.45
N TYR P 469 -54.35 -20.20 -53.22
CA TYR P 469 -55.53 -19.39 -53.39
C TYR P 469 -56.47 -19.54 -52.19
N SER P 470 -57.41 -18.61 -52.06
CA SER P 470 -58.17 -18.46 -50.83
C SER P 470 -59.67 -18.48 -51.13
N MET P 471 -60.49 -18.36 -50.08
CA MET P 471 -61.93 -18.26 -50.26
C MET P 471 -62.41 -16.87 -49.93
N ARG P 472 -61.49 -16.01 -49.54
CA ARG P 472 -61.77 -14.69 -49.03
C ARG P 472 -61.48 -13.56 -50.02
N HIS P 473 -60.47 -13.72 -50.87
CA HIS P 473 -60.16 -12.75 -51.90
C HIS P 473 -59.69 -13.52 -53.11
N LYS P 474 -59.95 -12.98 -54.28
CA LYS P 474 -59.68 -13.59 -55.59
C LYS P 474 -58.25 -13.39 -56.04
N ARG P 475 -57.36 -12.90 -55.17
CA ARG P 475 -55.94 -12.90 -55.51
C ARG P 475 -55.42 -14.34 -55.53
N ILE P 476 -54.47 -14.61 -56.43
CA ILE P 476 -53.79 -15.88 -56.56
C ILE P 476 -52.33 -15.63 -56.28
N TYR P 477 -51.73 -16.50 -55.47
CA TYR P 477 -50.39 -16.27 -54.93
C TYR P 477 -49.47 -17.36 -55.43
N MET P 478 -48.41 -16.95 -56.15
CA MET P 478 -47.61 -17.85 -56.97
C MET P 478 -46.13 -17.82 -56.60
N HIS P 479 -45.55 -19.03 -56.56
CA HIS P 479 -44.12 -19.24 -56.46
C HIS P 479 -43.70 -20.29 -57.48
N VAL P 480 -42.38 -20.38 -57.73
CA VAL P 480 -41.83 -21.25 -58.78
C VAL P 480 -40.60 -21.96 -58.26
N PHE P 481 -40.58 -23.27 -58.40
CA PHE P 481 -39.40 -24.03 -58.09
C PHE P 481 -38.95 -24.70 -59.37
N SER P 482 -37.73 -25.19 -59.40
CA SER P 482 -37.33 -26.00 -60.53
C SER P 482 -36.58 -27.22 -60.02
N HIS P 483 -36.66 -28.29 -60.81
CA HIS P 483 -36.13 -29.61 -60.52
C HIS P 483 -34.92 -29.79 -61.45
N ARG P 484 -33.73 -29.74 -60.86
CA ARG P 484 -32.51 -30.06 -61.58
C ARG P 484 -32.24 -31.55 -61.46
N LYS P 485 -31.80 -32.17 -62.55
CA LYS P 485 -31.67 -33.63 -62.67
C LYS P 485 -31.31 -34.31 -61.35
N ALA P 486 -30.36 -33.75 -60.60
CA ALA P 486 -29.83 -34.42 -59.41
C ALA P 486 -30.49 -33.89 -58.14
N ASN P 487 -31.79 -34.21 -58.02
CA ASN P 487 -32.61 -33.84 -56.86
C ASN P 487 -32.21 -32.46 -56.34
N LEU P 488 -32.66 -31.40 -57.01
CA LEU P 488 -32.15 -30.06 -56.74
C LEU P 488 -33.26 -29.05 -57.01
N PHE P 489 -33.44 -28.11 -56.08
CA PHE P 489 -34.56 -27.17 -56.11
C PHE P 489 -34.09 -25.79 -55.65
N GLN P 490 -34.56 -24.72 -56.31
CA GLN P 490 -34.39 -23.38 -55.79
C GLN P 490 -35.59 -22.52 -56.19
N SER P 491 -35.54 -21.25 -55.79
CA SER P 491 -36.67 -20.32 -55.80
C SER P 491 -36.16 -18.92 -56.18
N LEU P 492 -37.06 -17.93 -56.29
CA LEU P 492 -36.67 -16.67 -56.92
C LEU P 492 -37.30 -15.36 -56.36
N GLY P 493 -38.60 -15.33 -56.11
CA GLY P 493 -39.24 -14.12 -55.57
C GLY P 493 -40.74 -14.20 -55.81
N CYS P 494 -41.57 -13.72 -54.86
CA CYS P 494 -43.02 -13.93 -54.90
C CYS P 494 -43.71 -13.15 -56.03
N SER P 495 -44.81 -13.71 -56.57
CA SER P 495 -45.67 -12.87 -57.42
C SER P 495 -47.15 -13.24 -57.26
N THR P 496 -48.02 -12.22 -57.35
CA THR P 496 -49.44 -12.35 -57.02
C THR P 496 -50.34 -11.57 -57.98
N VAL P 497 -51.48 -12.19 -58.38
CA VAL P 497 -52.43 -11.56 -59.29
C VAL P 497 -53.82 -11.54 -58.67
N LEU P 498 -54.74 -10.70 -59.22
CA LEU P 498 -56.16 -10.65 -58.88
C LEU P 498 -56.98 -11.23 -60.04
N GLU P 499 -58.30 -11.06 -59.98
CA GLU P 499 -59.20 -10.89 -61.12
C GLU P 499 -60.56 -10.48 -60.57
N ILE P 500 -61.47 -10.16 -61.49
CA ILE P 500 -62.76 -9.49 -61.27
C ILE P 500 -63.38 -9.69 -59.87
N PRO P 501 -64.04 -8.66 -59.30
CA PRO P 501 -64.33 -8.69 -57.85
C PRO P 501 -65.76 -9.01 -57.41
N GLY P 502 -65.94 -9.16 -56.09
CA GLY P 502 -67.21 -9.47 -55.46
C GLY P 502 -67.53 -10.92 -55.24
N GLY P 503 -66.55 -11.72 -54.79
CA GLY P 503 -66.62 -13.18 -54.82
C GLY P 503 -65.26 -13.79 -54.50
N THR P 504 -65.10 -15.14 -54.72
CA THR P 504 -63.82 -15.85 -54.49
C THR P 504 -63.75 -17.34 -54.91
N PRO P 505 -62.57 -17.99 -54.99
CA PRO P 505 -62.50 -19.27 -55.72
C PRO P 505 -62.61 -20.57 -54.93
N THR P 506 -63.36 -21.51 -55.50
CA THR P 506 -63.42 -22.85 -54.94
C THR P 506 -62.60 -23.86 -55.73
N GLY P 507 -62.35 -23.62 -57.02
CA GLY P 507 -61.47 -24.42 -57.83
C GLY P 507 -60.44 -23.54 -58.50
N ILE P 508 -59.18 -23.79 -58.23
CA ILE P 508 -58.06 -23.41 -59.08
C ILE P 508 -57.34 -24.70 -59.47
N GLU P 509 -57.36 -25.07 -60.74
CA GLU P 509 -56.72 -26.34 -61.05
C GLU P 509 -56.09 -26.33 -62.43
N THR P 510 -54.90 -26.93 -62.51
CA THR P 510 -53.95 -26.85 -63.60
C THR P 510 -53.96 -28.18 -64.36
N ILE P 511 -53.07 -28.27 -65.39
CA ILE P 511 -52.98 -29.45 -66.28
C ILE P 511 -51.55 -29.76 -66.79
N PHE P 531 -37.22 -18.18 -73.13
CA PHE P 531 -37.13 -17.30 -71.97
C PHE P 531 -38.50 -16.80 -71.48
N GLU P 532 -39.49 -17.69 -71.47
CA GLU P 532 -40.84 -17.31 -71.05
C GLU P 532 -41.54 -18.52 -70.42
N LEU P 533 -42.70 -18.26 -69.79
CA LEU P 533 -43.49 -19.29 -69.12
C LEU P 533 -44.95 -19.22 -69.54
N VAL P 534 -45.53 -20.38 -69.86
CA VAL P 534 -46.96 -20.55 -70.11
C VAL P 534 -47.53 -21.44 -69.01
N VAL P 535 -48.41 -20.87 -68.18
CA VAL P 535 -49.11 -21.66 -67.16
C VAL P 535 -50.60 -21.49 -67.41
N ASP P 536 -51.35 -22.59 -67.38
CA ASP P 536 -52.75 -22.47 -67.73
C ASP P 536 -53.59 -23.43 -66.91
N PHE P 537 -54.86 -23.06 -66.70
CA PHE P 537 -55.68 -23.71 -65.68
C PHE P 537 -57.13 -23.30 -65.85
N LEU P 538 -57.96 -23.67 -64.87
CA LEU P 538 -59.31 -23.12 -64.81
C LEU P 538 -59.66 -22.75 -63.37
N VAL P 539 -60.58 -21.80 -63.23
CA VAL P 539 -61.11 -21.47 -61.91
C VAL P 539 -62.62 -21.52 -61.90
N LYS P 540 -63.16 -21.91 -60.75
CA LYS P 540 -64.54 -21.63 -60.40
C LYS P 540 -64.52 -20.61 -59.26
N LEU P 541 -65.61 -19.87 -59.13
CA LEU P 541 -65.74 -18.95 -58.01
C LEU P 541 -66.94 -19.32 -57.14
N ARG P 542 -66.85 -18.95 -55.87
CA ARG P 542 -67.97 -19.05 -54.97
C ARG P 542 -69.22 -18.59 -55.69
N ASN P 543 -70.28 -19.38 -55.59
CA ASN P 543 -71.63 -18.94 -56.01
C ASN P 543 -71.64 -18.26 -57.38
N SER P 544 -70.92 -18.86 -58.34
CA SER P 544 -71.07 -18.50 -59.75
C SER P 544 -70.88 -19.77 -60.56
N SER P 545 -71.98 -20.26 -61.14
CA SER P 545 -71.98 -21.52 -61.84
C SER P 545 -71.11 -21.47 -63.08
N GLU P 546 -69.85 -21.07 -62.95
CA GLU P 546 -69.09 -20.63 -64.11
C GLU P 546 -67.65 -21.12 -64.03
N VAL P 547 -67.20 -21.74 -65.13
CA VAL P 547 -65.85 -22.27 -65.29
C VAL P 547 -65.12 -21.42 -66.32
N TYR P 548 -63.91 -20.95 -65.96
CA TYR P 548 -63.15 -20.10 -66.87
C TYR P 548 -61.76 -20.64 -67.07
N TYR P 549 -61.45 -21.02 -68.33
CA TYR P 549 -60.08 -21.27 -68.76
C TYR P 549 -59.27 -20.00 -68.59
N TYR P 550 -58.08 -20.14 -68.00
CA TYR P 550 -57.13 -19.05 -67.95
C TYR P 550 -55.77 -19.52 -68.48
N ALA P 551 -55.00 -18.53 -68.90
CA ALA P 551 -53.71 -18.76 -69.52
C ALA P 551 -52.81 -17.59 -69.16
N LEU P 552 -51.58 -17.88 -68.74
CA LEU P 552 -50.67 -16.88 -68.24
C LEU P 552 -49.36 -16.93 -69.02
N SER P 553 -48.92 -15.76 -69.51
CA SER P 553 -47.71 -15.56 -70.29
C SER P 553 -46.72 -14.62 -69.60
N ASN P 554 -45.45 -14.76 -70.01
CA ASN P 554 -44.33 -13.99 -69.46
C ASN P 554 -44.26 -12.55 -70.02
N THR P 555 -44.44 -12.33 -71.31
CA THR P 555 -44.48 -10.94 -71.79
C THR P 555 -45.40 -10.84 -73.01
N GLN P 556 -45.17 -9.81 -73.84
CA GLN P 556 -46.20 -9.21 -74.68
C GLN P 556 -45.98 -9.28 -76.19
N ASN P 557 -44.82 -9.75 -76.67
CA ASN P 557 -44.62 -9.90 -78.10
C ASN P 557 -45.61 -10.89 -78.70
N SER P 558 -46.57 -10.40 -79.46
CA SER P 558 -47.56 -11.27 -80.11
C SER P 558 -48.13 -10.63 -81.37
N ILE P 567 -69.27 -4.21 -63.93
CA ILE P 567 -69.89 -5.16 -63.02
C ILE P 567 -71.28 -5.57 -63.54
N ILE P 568 -71.51 -6.87 -63.72
CA ILE P 568 -72.84 -7.41 -64.01
C ILE P 568 -73.66 -7.34 -62.72
N VAL P 569 -73.88 -6.13 -62.22
CA VAL P 569 -74.32 -5.94 -60.84
C VAL P 569 -75.64 -6.69 -60.62
N ASP P 570 -75.61 -7.59 -59.67
CA ASP P 570 -76.82 -8.15 -59.08
C ASP P 570 -76.61 -8.18 -57.58
N HIS P 571 -76.18 -7.05 -57.02
CA HIS P 571 -76.15 -6.89 -55.57
C HIS P 571 -77.58 -6.92 -55.07
N PRO P 572 -78.05 -8.07 -54.56
CA PRO P 572 -79.49 -8.20 -54.26
C PRO P 572 -79.95 -7.17 -53.26
N GLU P 573 -79.00 -6.56 -52.57
CA GLU P 573 -79.30 -5.54 -51.60
C GLU P 573 -79.62 -4.20 -52.26
N TRP P 574 -79.04 -3.92 -53.44
CA TRP P 574 -79.21 -2.62 -54.12
C TRP P 574 -80.30 -2.61 -55.19
N ALA P 575 -80.33 -3.60 -56.09
CA ALA P 575 -81.41 -3.66 -57.07
C ALA P 575 -82.77 -3.72 -56.37
N SER P 576 -82.86 -4.47 -55.26
CA SER P 576 -84.08 -4.45 -54.46
C SER P 576 -84.41 -3.04 -54.00
N LEU P 577 -83.43 -2.14 -54.01
CA LEU P 577 -83.69 -0.74 -53.71
C LEU P 577 -84.12 0.02 -54.96
N PHE P 578 -83.44 -0.20 -56.07
CA PHE P 578 -83.62 0.65 -57.24
C PHE P 578 -84.81 0.27 -58.09
N ASN P 579 -85.51 -0.82 -57.77
CA ASN P 579 -86.80 -1.10 -58.41
C ASN P 579 -87.96 -0.96 -57.43
N ASN P 580 -88.04 -1.82 -56.41
CA ASN P 580 -89.12 -1.88 -55.42
C ASN P 580 -90.44 -1.37 -56.02
N ALA P 581 -90.85 -1.94 -57.15
CA ALA P 581 -91.91 -1.37 -57.95
C ALA P 581 -92.93 -2.44 -58.34
N ASP P 582 -94.20 -2.16 -58.08
CA ASP P 582 -95.29 -2.76 -58.83
C ASP P 582 -95.36 -2.09 -60.19
N GLU P 583 -96.48 -2.26 -60.90
CA GLU P 583 -96.63 -1.50 -62.13
C GLU P 583 -97.02 -0.06 -61.85
N ARG P 584 -98.00 0.14 -60.97
CA ARG P 584 -98.30 1.50 -60.53
C ARG P 584 -97.16 2.09 -59.72
N GLU P 585 -96.13 1.30 -59.40
CA GLU P 585 -94.95 1.86 -58.77
C GLU P 585 -93.81 2.10 -59.75
N LYS P 586 -93.82 1.43 -60.91
CA LYS P 586 -93.04 1.88 -62.07
C LYS P 586 -93.53 3.24 -62.56
N GLU P 587 -94.82 3.35 -62.84
CA GLU P 587 -95.38 4.64 -63.23
C GLU P 587 -95.39 5.62 -62.05
N SER P 588 -95.42 5.09 -60.82
CA SER P 588 -95.28 5.95 -59.65
C SER P 588 -93.89 6.57 -59.60
N ILE P 589 -92.86 5.82 -60.01
CA ILE P 589 -91.54 6.44 -60.19
C ILE P 589 -91.58 7.47 -61.31
N GLY P 590 -92.18 7.11 -62.45
CA GLY P 590 -92.16 8.01 -63.61
C GLY P 590 -92.85 9.35 -63.37
N ALA P 591 -93.82 9.38 -62.47
CA ALA P 591 -94.52 10.59 -62.04
C ALA P 591 -93.62 11.80 -61.85
N LEU P 592 -92.92 11.86 -60.71
CA LEU P 592 -92.14 13.05 -60.37
C LEU P 592 -90.89 13.23 -61.24
N VAL P 593 -90.45 12.18 -61.94
CA VAL P 593 -89.49 12.36 -63.02
C VAL P 593 -90.04 13.35 -64.03
N SER P 594 -91.26 13.08 -64.54
CA SER P 594 -91.90 14.07 -65.40
C SER P 594 -92.14 15.39 -64.68
N GLN P 595 -92.53 15.33 -63.40
CA GLN P 595 -92.88 16.54 -62.66
C GLN P 595 -91.71 17.52 -62.63
N ILE P 596 -90.53 17.08 -62.17
CA ILE P 596 -89.40 18.00 -62.15
C ILE P 596 -88.73 18.08 -63.51
N LYS P 597 -89.15 17.29 -64.50
CA LYS P 597 -88.65 17.56 -65.84
C LYS P 597 -89.28 18.83 -66.41
N LEU P 598 -90.62 18.84 -66.51
CA LEU P 598 -91.28 20.08 -66.90
C LEU P 598 -90.98 21.21 -65.92
N LYS P 599 -90.81 20.89 -64.64
CA LYS P 599 -90.42 21.93 -63.69
C LYS P 599 -89.09 22.52 -64.07
N GLU P 600 -88.12 21.67 -64.37
CA GLU P 600 -86.82 22.20 -64.77
C GLU P 600 -86.97 23.05 -66.02
N ARG P 601 -87.97 22.75 -66.86
CA ARG P 601 -88.30 23.67 -67.95
C ARG P 601 -88.69 25.03 -67.38
N GLU P 602 -89.60 25.04 -66.39
CA GLU P 602 -89.98 26.29 -65.75
C GLU P 602 -88.76 27.07 -65.28
N ARG P 603 -87.82 26.40 -64.59
CA ARG P 603 -86.61 27.09 -64.16
C ARG P 603 -85.87 27.71 -65.35
N ILE P 604 -85.69 26.93 -66.42
CA ILE P 604 -84.84 27.36 -67.53
C ILE P 604 -85.44 28.60 -68.21
N SER P 605 -86.71 28.53 -68.61
CA SER P 605 -87.30 29.66 -69.31
C SER P 605 -87.41 30.86 -68.39
N ARG P 606 -87.68 30.62 -67.10
CA ARG P 606 -87.69 31.71 -66.12
C ARG P 606 -86.37 32.46 -66.11
N VAL P 607 -85.28 31.77 -65.78
CA VAL P 607 -84.01 32.48 -65.56
C VAL P 607 -83.52 33.13 -66.84
N GLN P 608 -83.80 32.51 -68.00
CA GLN P 608 -83.26 32.99 -69.26
C GLN P 608 -83.34 34.50 -69.41
N ASN P 609 -84.52 35.08 -69.23
CA ASN P 609 -84.67 36.53 -69.44
C ASN P 609 -83.86 37.32 -68.43
N LEU P 610 -83.83 36.87 -67.18
CA LEU P 610 -82.96 37.54 -66.22
C LEU P 610 -81.53 37.51 -66.73
N ILE P 611 -81.12 36.40 -67.35
CA ILE P 611 -79.80 36.37 -67.96
C ILE P 611 -79.70 37.41 -69.06
N GLU P 612 -80.78 37.60 -69.82
CA GLU P 612 -80.80 38.66 -70.83
C GLU P 612 -80.42 39.99 -70.24
N HIS P 613 -80.89 40.29 -69.03
CA HIS P 613 -80.76 41.65 -68.51
C HIS P 613 -79.44 41.91 -67.78
N GLU P 614 -78.44 41.05 -67.98
CA GLU P 614 -77.25 40.97 -67.13
C GLU P 614 -76.76 42.32 -66.58
N ASN P 615 -76.50 43.30 -67.43
CA ASN P 615 -75.92 44.55 -66.97
C ASN P 615 -76.83 45.76 -67.19
N SER P 616 -78.13 45.54 -67.40
CA SER P 616 -79.05 46.64 -67.67
C SER P 616 -79.03 47.67 -66.54
N HIS P 617 -79.54 48.87 -66.85
CA HIS P 617 -79.90 49.77 -65.76
C HIS P 617 -80.96 49.13 -64.88
N ASP P 618 -81.86 48.35 -65.46
CA ASP P 618 -82.90 47.66 -64.70
C ASP P 618 -82.31 46.85 -63.55
N GLU P 619 -81.40 45.92 -63.87
CA GLU P 619 -80.76 45.09 -62.85
C GLU P 619 -79.99 45.92 -61.82
N ASP P 620 -79.54 47.11 -62.20
CA ASP P 620 -78.99 47.97 -61.18
C ASP P 620 -80.11 48.47 -60.25
N LYS P 621 -81.26 48.85 -60.82
CA LYS P 621 -82.42 49.22 -60.01
C LYS P 621 -82.75 48.11 -59.04
N TYR P 622 -82.75 46.87 -59.51
CA TYR P 622 -83.12 45.75 -58.65
C TYR P 622 -82.08 45.50 -57.57
N LEU P 623 -80.79 45.57 -57.92
CA LEU P 623 -79.77 45.29 -56.90
C LEU P 623 -79.71 46.41 -55.86
N GLN P 624 -80.08 47.64 -56.26
CA GLN P 624 -80.25 48.75 -55.34
C GLN P 624 -81.42 48.48 -54.41
N ASP P 625 -82.65 48.65 -54.93
CA ASP P 625 -83.85 48.53 -54.09
C ASP P 625 -83.87 47.20 -53.36
N LEU P 626 -83.26 46.19 -53.94
CA LEU P 626 -83.16 44.91 -53.27
C LEU P 626 -82.13 44.97 -52.15
N GLY P 627 -80.98 45.60 -52.42
CA GLY P 627 -79.94 45.68 -51.40
C GLY P 627 -80.41 46.42 -50.17
N TYR P 628 -80.95 47.63 -50.35
CA TYR P 628 -81.30 48.32 -49.12
C TYR P 628 -82.73 48.03 -48.70
N ARG P 629 -83.51 47.37 -49.56
CA ARG P 629 -84.72 46.66 -49.19
C ARG P 629 -84.40 45.70 -48.05
N LEU P 630 -83.62 44.67 -48.43
CA LEU P 630 -83.02 43.81 -47.43
C LEU P 630 -82.60 44.62 -46.23
N SER P 631 -81.82 45.70 -46.44
CA SER P 631 -81.28 46.42 -45.29
C SER P 631 -82.38 46.86 -44.33
N ILE P 632 -83.54 47.28 -44.86
CA ILE P 632 -84.65 47.70 -43.98
C ILE P 632 -85.11 46.51 -43.14
N ALA P 633 -85.33 45.36 -43.78
CA ALA P 633 -85.79 44.20 -43.00
C ALA P 633 -84.73 43.77 -41.99
N THR P 634 -83.47 43.86 -42.39
CA THR P 634 -82.35 43.47 -41.56
C THR P 634 -82.29 44.30 -40.30
N ASN P 635 -82.54 45.60 -40.45
CA ASN P 635 -82.69 46.46 -39.28
C ASN P 635 -83.85 46.00 -38.40
N GLU P 636 -85.03 45.74 -39.02
CA GLU P 636 -86.19 45.31 -38.23
C GLU P 636 -85.87 44.12 -37.33
N LEU P 637 -85.31 43.06 -37.92
CA LEU P 637 -84.95 41.92 -37.10
C LEU P 637 -83.87 42.30 -36.09
N LEU P 638 -82.99 43.26 -36.40
CA LEU P 638 -82.02 43.70 -35.40
C LEU P 638 -82.72 44.36 -34.22
N GLU P 639 -83.84 45.05 -34.48
CA GLU P 639 -84.65 45.62 -33.40
C GLU P 639 -85.29 44.54 -32.55
N SER P 640 -86.03 43.62 -33.19
CA SER P 640 -86.52 42.55 -32.33
C SER P 640 -85.41 41.61 -31.87
N TRP P 641 -84.15 41.99 -32.10
CA TRP P 641 -83.01 41.48 -31.35
C TRP P 641 -82.61 42.39 -30.19
N GLN P 642 -82.96 43.67 -30.25
CA GLN P 642 -82.91 44.49 -29.05
C GLN P 642 -83.88 43.96 -28.01
N LYS P 643 -85.17 43.83 -28.39
CA LYS P 643 -86.23 43.57 -27.42
C LYS P 643 -85.99 42.30 -26.61
N THR P 644 -85.40 41.28 -27.23
CA THR P 644 -85.22 39.98 -26.61
C THR P 644 -83.74 39.67 -26.35
N LYS P 645 -82.91 40.70 -26.24
CA LYS P 645 -81.50 40.47 -25.95
C LYS P 645 -81.30 39.93 -24.54
N ASP P 646 -82.08 40.42 -23.59
CA ASP P 646 -81.70 40.13 -22.21
C ASP P 646 -81.85 38.70 -21.85
N GLU P 647 -82.08 37.81 -22.82
CA GLU P 647 -82.27 36.40 -22.49
C GLU P 647 -81.03 35.81 -21.83
N SER P 648 -79.91 35.80 -22.54
CA SER P 648 -78.64 35.35 -21.98
C SER P 648 -78.75 33.96 -21.34
N ILE P 649 -79.69 33.16 -21.85
CA ILE P 649 -79.72 31.73 -21.57
C ILE P 649 -79.12 30.94 -22.74
N LEU P 650 -79.11 31.50 -23.96
CA LEU P 650 -78.44 30.99 -25.15
C LEU P 650 -77.46 32.01 -25.76
N SER P 651 -76.98 31.74 -26.98
CA SER P 651 -76.28 32.73 -27.79
C SER P 651 -76.70 32.72 -29.23
N GLY P 652 -77.39 31.68 -29.69
CA GLY P 652 -78.02 31.64 -31.00
C GLY P 652 -79.40 32.27 -30.99
N SER P 653 -79.47 33.48 -31.52
CA SER P 653 -80.69 34.28 -31.43
C SER P 653 -81.74 33.79 -32.44
N LEU P 654 -82.98 33.63 -31.95
CA LEU P 654 -84.14 33.23 -32.76
C LEU P 654 -83.83 32.15 -33.81
N SER P 655 -84.21 32.47 -35.05
CA SER P 655 -83.76 31.78 -36.26
C SER P 655 -83.50 32.85 -37.30
N HIS P 656 -82.23 33.00 -37.70
CA HIS P 656 -81.76 34.21 -38.38
C HIS P 656 -81.44 34.04 -39.86
N SER P 657 -80.56 33.08 -40.22
CA SER P 657 -79.85 33.06 -41.50
C SER P 657 -80.75 32.99 -42.72
N LYS P 658 -81.27 34.13 -43.17
CA LYS P 658 -82.16 34.09 -44.31
C LYS P 658 -82.03 35.32 -45.23
N LEU P 659 -82.50 35.13 -46.46
CA LEU P 659 -83.04 36.22 -47.23
C LEU P 659 -83.91 37.12 -46.40
N LYS P 660 -84.29 36.67 -45.18
CA LYS P 660 -85.06 37.45 -44.21
C LYS P 660 -86.40 37.88 -44.79
N ASN P 661 -87.21 36.87 -45.11
CA ASN P 661 -88.56 37.02 -45.65
C ASN P 661 -88.72 38.23 -46.56
N LEU P 662 -87.97 38.20 -47.65
CA LEU P 662 -88.52 38.57 -48.94
C LEU P 662 -88.22 37.40 -49.83
N LEU P 663 -89.24 36.87 -50.50
CA LEU P 663 -89.03 35.83 -51.50
C LEU P 663 -88.80 36.42 -52.87
N GLU P 664 -89.44 37.56 -53.17
CA GLU P 664 -89.05 38.33 -54.33
C GLU P 664 -87.59 38.75 -54.25
N ASN P 665 -87.13 39.04 -53.03
CA ASN P 665 -85.75 39.41 -52.69
C ASN P 665 -84.69 38.75 -53.55
N SER P 666 -84.54 37.46 -53.32
CA SER P 666 -83.46 36.68 -53.90
C SER P 666 -83.48 36.64 -55.41
N ASP P 667 -84.35 35.81 -55.95
CA ASP P 667 -84.08 35.05 -57.16
C ASP P 667 -83.63 35.89 -58.34
N SER P 668 -83.93 37.19 -58.38
CA SER P 668 -84.21 37.83 -59.66
C SER P 668 -83.02 38.49 -60.36
N PHE P 669 -81.82 38.50 -59.80
CA PHE P 669 -80.71 39.07 -60.53
C PHE P 669 -80.00 38.03 -61.41
N ALA P 670 -78.95 38.46 -62.13
CA ALA P 670 -78.22 37.58 -63.05
C ALA P 670 -76.71 37.74 -62.94
N SER P 671 -76.23 38.97 -62.95
CA SER P 671 -74.80 39.19 -62.76
C SER P 671 -74.36 38.59 -61.45
N ILE P 672 -73.21 37.93 -61.47
CA ILE P 672 -72.64 37.48 -60.20
C ILE P 672 -71.70 38.54 -59.62
N PRO P 673 -70.84 39.22 -60.38
CA PRO P 673 -69.92 40.18 -59.74
C PRO P 673 -70.57 41.43 -59.20
N GLU P 674 -71.75 41.82 -59.70
CA GLU P 674 -72.44 42.97 -59.16
C GLU P 674 -73.28 42.61 -57.96
N PHE P 675 -73.60 41.33 -57.83
CA PHE P 675 -74.24 40.78 -56.63
C PHE P 675 -73.22 40.53 -55.51
N SER P 676 -72.05 40.01 -55.86
CA SER P 676 -70.94 40.02 -54.94
C SER P 676 -70.59 41.42 -54.50
N SER P 677 -70.63 42.40 -55.40
CA SER P 677 -70.37 43.77 -54.96
C SER P 677 -71.49 44.30 -54.06
N LEU P 678 -72.74 43.94 -54.36
CA LEU P 678 -73.85 44.25 -53.46
C LEU P 678 -73.52 43.82 -52.04
N LEU P 679 -73.32 42.51 -51.85
CA LEU P 679 -72.99 41.99 -50.55
C LEU P 679 -71.76 42.66 -49.97
N ASP P 680 -70.72 42.91 -50.75
CA ASP P 680 -69.55 43.53 -50.15
C ASP P 680 -69.88 44.91 -49.60
N GLN P 681 -70.82 45.61 -50.23
CA GLN P 681 -71.20 46.92 -49.74
C GLN P 681 -72.31 46.86 -48.68
N PHE P 682 -72.95 45.69 -48.48
CA PHE P 682 -73.91 45.51 -47.40
C PHE P 682 -73.21 45.15 -46.10
N PHE P 683 -72.35 44.14 -46.15
CA PHE P 683 -71.40 43.96 -45.05
C PHE P 683 -70.74 45.28 -44.72
N GLN P 684 -70.31 46.02 -45.76
CA GLN P 684 -69.80 47.36 -45.49
C GLN P 684 -70.83 48.23 -44.78
N TYR P 685 -72.13 48.05 -45.07
CA TYR P 685 -73.14 48.98 -44.55
C TYR P 685 -73.40 48.75 -43.07
N TYR P 686 -73.72 47.52 -42.69
CA TYR P 686 -73.97 47.19 -41.29
C TYR P 686 -72.68 47.02 -40.49
N GLN P 687 -71.57 47.55 -41.01
CA GLN P 687 -70.30 47.64 -40.31
C GLN P 687 -70.41 48.40 -39.00
N ASP P 688 -71.54 49.06 -38.74
CA ASP P 688 -71.86 49.50 -37.38
C ASP P 688 -71.98 48.28 -36.48
N GLN P 689 -71.43 48.39 -35.29
CA GLN P 689 -70.89 47.25 -34.58
C GLN P 689 -71.99 46.39 -33.95
N ASP P 690 -71.59 45.41 -33.14
CA ASP P 690 -72.45 44.33 -32.63
C ASP P 690 -73.23 43.68 -33.78
N VAL P 691 -72.49 43.05 -34.69
CA VAL P 691 -73.08 42.42 -35.86
C VAL P 691 -72.38 41.10 -36.16
N THR P 692 -73.15 40.13 -36.66
CA THR P 692 -72.57 38.98 -37.33
C THR P 692 -71.50 39.43 -38.32
N PHE P 693 -70.38 38.72 -38.32
CA PHE P 693 -69.41 38.86 -39.41
C PHE P 693 -68.90 37.50 -39.82
N ILE P 694 -68.79 37.27 -41.14
CA ILE P 694 -68.28 36.00 -41.67
C ILE P 694 -67.70 36.25 -43.06
N GLY P 695 -66.62 35.52 -43.36
CA GLY P 695 -65.87 35.74 -44.59
C GLY P 695 -65.90 34.59 -45.56
N PHE P 696 -66.62 34.77 -46.67
CA PHE P 696 -67.00 33.66 -47.53
C PHE P 696 -65.78 32.94 -48.09
N GLU P 697 -64.82 33.70 -48.64
CA GLU P 697 -63.71 33.14 -49.40
C GLU P 697 -63.04 31.97 -48.68
N LYS P 698 -62.57 32.23 -47.47
CA LYS P 698 -61.91 31.23 -46.65
C LYS P 698 -62.72 29.95 -46.56
N LEU P 699 -64.02 30.02 -46.86
CA LEU P 699 -64.93 28.89 -46.78
C LEU P 699 -65.17 28.20 -48.13
N LEU P 700 -65.18 28.96 -49.23
CA LEU P 700 -65.19 28.35 -50.55
C LEU P 700 -63.97 27.46 -50.72
N HIS P 701 -62.87 27.79 -50.02
CA HIS P 701 -61.78 26.86 -49.79
C HIS P 701 -62.26 25.43 -49.58
N LEU P 702 -63.24 25.23 -48.70
CA LEU P 702 -63.77 23.89 -48.47
C LEU P 702 -64.42 23.31 -49.71
N PHE P 703 -64.83 24.15 -50.65
CA PHE P 703 -65.66 23.73 -51.77
C PHE P 703 -64.80 23.22 -52.92
N LEU P 704 -63.98 24.10 -53.50
CA LEU P 704 -63.16 23.80 -54.69
C LEU P 704 -61.75 23.33 -54.32
N HIS P 705 -61.44 23.35 -53.03
CA HIS P 705 -60.17 22.87 -52.51
C HIS P 705 -59.01 23.66 -53.09
N GLU P 706 -59.18 24.95 -53.24
CA GLU P 706 -58.06 25.83 -53.51
C GLU P 706 -58.43 27.18 -52.94
N ASP P 707 -57.45 28.06 -52.80
CA ASP P 707 -57.78 29.41 -52.36
C ASP P 707 -58.75 30.02 -53.36
N VAL P 708 -59.91 30.43 -52.87
CA VAL P 708 -60.96 30.99 -53.71
C VAL P 708 -61.21 32.42 -53.26
N PRO P 709 -60.32 33.37 -53.56
CA PRO P 709 -60.45 34.75 -53.03
C PRO P 709 -61.79 35.37 -53.28
N GLY P 710 -62.08 35.70 -54.53
CA GLY P 710 -63.33 36.34 -54.84
C GLY P 710 -64.50 35.38 -54.90
N LEU P 711 -65.69 35.94 -54.67
CA LEU P 711 -66.91 35.21 -54.93
C LEU P 711 -66.97 34.80 -56.39
N ASP P 712 -66.28 35.53 -57.27
CA ASP P 712 -66.42 35.39 -58.70
C ASP P 712 -65.62 34.21 -59.23
N ILE P 713 -64.32 34.15 -58.94
CA ILE P 713 -63.45 33.08 -59.44
C ILE P 713 -64.10 31.75 -59.11
N PHE P 714 -64.98 31.77 -58.10
CA PHE P 714 -65.78 30.61 -57.73
C PHE P 714 -66.72 30.21 -58.88
N TYR P 715 -67.48 31.18 -59.34
CA TYR P 715 -68.30 31.02 -60.53
C TYR P 715 -67.46 30.64 -61.75
N ASN P 716 -66.31 31.30 -61.96
CA ASN P 716 -65.46 30.92 -63.09
C ASN P 716 -65.18 29.43 -63.07
N LYS P 717 -64.54 28.96 -62.01
CA LYS P 717 -64.14 27.55 -61.91
C LYS P 717 -65.32 26.63 -62.19
N LEU P 718 -66.45 26.90 -61.55
CA LEU P 718 -67.58 26.01 -61.82
C LEU P 718 -68.00 26.09 -63.25
N LEU P 719 -67.91 27.28 -63.85
CA LEU P 719 -68.41 27.47 -65.22
C LEU P 719 -67.50 26.82 -66.26
N GLN P 720 -66.18 26.84 -66.06
CA GLN P 720 -65.31 26.00 -66.86
C GLN P 720 -65.80 24.55 -66.83
N CYS P 721 -65.88 24.01 -65.61
CA CYS P 721 -66.25 22.60 -65.49
C CYS P 721 -67.56 22.30 -66.19
N TRP P 722 -68.56 23.12 -66.01
CA TRP P 722 -69.85 22.72 -66.51
C TRP P 722 -70.14 23.22 -67.90
N VAL P 723 -69.44 24.26 -68.36
CA VAL P 723 -69.51 24.61 -69.78
C VAL P 723 -68.99 23.45 -70.61
N LEU P 724 -68.07 22.65 -70.06
CA LEU P 724 -67.72 21.41 -70.79
C LEU P 724 -68.89 20.45 -70.96
N VAL P 725 -70.04 20.64 -70.30
CA VAL P 725 -71.01 19.57 -70.15
C VAL P 725 -72.46 20.09 -70.18
N SER P 726 -73.29 19.41 -70.97
CA SER P 726 -74.74 19.63 -71.04
C SER P 726 -75.17 21.10 -71.07
N PRO P 727 -74.33 22.01 -71.54
CA PRO P 727 -74.49 23.41 -71.14
C PRO P 727 -75.84 23.99 -71.44
N GLN P 728 -76.54 24.21 -70.34
CA GLN P 728 -77.07 25.50 -69.95
C GLN P 728 -76.16 26.08 -68.87
N ALA P 729 -74.89 25.67 -68.90
CA ALA P 729 -73.89 25.97 -67.88
C ALA P 729 -74.06 27.38 -67.39
N GLU P 730 -73.74 28.39 -68.22
CA GLU P 730 -73.87 29.80 -67.85
C GLU P 730 -75.05 30.09 -66.90
N LEU P 731 -76.24 29.63 -67.28
CA LEU P 731 -77.42 29.80 -66.45
C LEU P 731 -77.29 29.01 -65.15
N LEU P 732 -77.28 27.67 -65.22
CA LEU P 732 -77.27 26.88 -63.99
C LEU P 732 -76.14 27.32 -63.07
N THR P 733 -74.88 27.14 -63.47
CA THR P 733 -73.78 27.67 -62.67
C THR P 733 -74.09 29.02 -62.02
N LYS P 734 -74.73 29.97 -62.74
CA LYS P 734 -75.18 31.18 -62.03
C LYS P 734 -76.24 30.85 -60.98
N GLU P 735 -77.18 29.98 -61.33
CA GLU P 735 -78.31 29.65 -60.46
C GLU P 735 -77.84 28.90 -59.21
N ILE P 736 -76.75 28.16 -59.29
CA ILE P 736 -76.28 27.43 -58.13
C ILE P 736 -75.25 28.26 -57.38
N VAL P 737 -74.45 29.07 -58.05
CA VAL P 737 -73.66 29.97 -57.24
C VAL P 737 -74.58 30.92 -56.47
N LYS P 738 -75.78 31.19 -57.02
CA LYS P 738 -76.81 31.95 -56.32
C LYS P 738 -77.40 31.15 -55.16
N ASP P 739 -77.69 29.88 -55.37
CA ASP P 739 -78.20 29.08 -54.27
C ASP P 739 -77.17 28.94 -53.14
N ILE P 740 -75.91 28.70 -53.48
CA ILE P 740 -74.86 28.57 -52.47
C ILE P 740 -74.68 29.85 -51.72
N ILE P 741 -74.56 30.94 -52.46
CA ILE P 741 -74.32 32.22 -51.82
C ILE P 741 -75.50 32.59 -50.95
N TRP P 742 -76.69 32.05 -51.25
CA TRP P 742 -77.84 32.25 -50.37
C TRP P 742 -77.75 31.35 -49.13
N SER P 743 -77.90 30.04 -49.31
CA SER P 743 -77.59 29.02 -48.31
C SER P 743 -76.49 29.40 -47.32
N LEU P 744 -75.53 30.25 -47.72
CA LEU P 744 -74.43 30.57 -46.83
C LEU P 744 -74.49 31.96 -46.24
N ALA P 745 -75.27 32.86 -46.85
CA ALA P 745 -75.44 34.27 -46.48
C ALA P 745 -75.45 34.52 -44.99
N ARG P 746 -74.34 35.04 -44.44
CA ARG P 746 -74.08 35.00 -43.00
C ARG P 746 -75.04 35.82 -42.13
N LEU P 747 -76.31 35.91 -42.52
CA LEU P 747 -77.30 36.65 -41.74
C LEU P 747 -77.49 35.95 -40.38
N GLU P 748 -76.97 36.48 -39.26
CA GLU P 748 -76.97 35.65 -38.05
C GLU P 748 -76.70 36.51 -36.81
N LYS P 749 -76.59 35.84 -35.65
CA LYS P 749 -76.64 36.40 -34.29
C LYS P 749 -75.79 37.66 -34.06
N PRO P 750 -76.08 38.43 -33.01
CA PRO P 750 -75.14 39.48 -32.59
C PRO P 750 -73.89 38.86 -31.96
N SER P 751 -72.78 39.58 -32.11
CA SER P 751 -71.48 38.96 -31.99
C SER P 751 -70.83 39.22 -30.64
N LEU P 752 -69.55 38.82 -30.53
CA LEU P 752 -68.62 38.96 -29.42
C LEU P 752 -69.22 39.55 -28.14
N PHE P 753 -69.74 40.78 -28.28
CA PHE P 753 -70.50 41.43 -27.22
C PHE P 753 -71.55 40.51 -26.61
N GLU P 754 -71.97 39.47 -27.34
CA GLU P 754 -73.04 38.62 -26.83
C GLU P 754 -72.60 37.19 -26.52
N PRO P 755 -71.62 36.61 -27.23
CA PRO P 755 -70.98 35.40 -26.69
C PRO P 755 -70.36 35.59 -25.30
N ILE P 756 -69.59 36.65 -25.08
CA ILE P 756 -68.88 36.77 -23.80
C ILE P 756 -69.84 37.05 -22.64
N GLN P 757 -71.14 37.06 -22.93
CA GLN P 757 -72.18 37.31 -21.92
C GLN P 757 -72.79 36.01 -21.40
N ASN P 758 -73.32 35.18 -22.29
CA ASN P 758 -73.81 33.87 -21.87
C ASN P 758 -72.66 32.95 -21.47
N GLU P 759 -71.51 33.09 -22.15
CA GLU P 759 -70.32 32.35 -21.77
C GLU P 759 -70.08 32.43 -20.26
N ILE P 760 -70.16 33.64 -19.72
CA ILE P 760 -69.93 33.82 -18.29
C ILE P 760 -71.18 33.53 -17.47
N SER P 761 -72.39 33.78 -17.99
CA SER P 761 -73.59 33.53 -17.17
C SER P 761 -73.89 32.04 -16.99
N ARG P 762 -73.45 31.18 -17.91
CA ARG P 762 -73.46 29.75 -17.59
C ARG P 762 -72.18 29.34 -16.88
N SER P 763 -71.04 29.91 -17.32
CA SER P 763 -69.76 29.69 -16.65
C SER P 763 -69.85 29.88 -15.16
N LEU P 764 -70.87 30.60 -14.68
CA LEU P 764 -71.06 30.82 -13.26
C LEU P 764 -71.86 29.67 -12.63
N SER P 765 -73.11 29.47 -13.08
CA SER P 765 -74.03 28.48 -12.50
C SER P 765 -73.41 27.10 -12.35
N GLY P 766 -72.27 26.90 -12.99
CA GLY P 766 -71.42 25.75 -12.76
C GLY P 766 -70.46 26.03 -11.63
N PRO P 767 -70.63 25.31 -10.54
CA PRO P 767 -69.89 25.64 -9.31
C PRO P 767 -68.40 25.38 -9.40
N TYR P 768 -67.63 26.30 -8.82
CA TYR P 768 -66.40 25.96 -8.09
C TYR P 768 -65.24 25.47 -8.94
N GLN P 769 -64.76 24.27 -8.56
CA GLN P 769 -63.71 23.59 -9.32
C GLN P 769 -64.10 23.44 -10.79
N ASP P 770 -65.39 23.40 -11.09
CA ASP P 770 -65.74 23.44 -12.48
C ASP P 770 -65.71 24.87 -13.02
N ILE P 771 -65.83 25.88 -12.15
CA ILE P 771 -65.60 27.25 -12.61
C ILE P 771 -64.15 27.40 -13.05
N ILE P 772 -63.24 26.58 -12.51
CA ILE P 772 -61.88 26.64 -13.03
C ILE P 772 -61.61 25.58 -14.10
N SER P 773 -62.42 24.52 -14.14
CA SER P 773 -62.37 23.61 -15.29
C SER P 773 -62.67 24.36 -16.57
N SER P 774 -63.71 25.20 -16.55
CA SER P 774 -63.95 26.15 -17.64
C SER P 774 -62.72 27.03 -17.82
N TRP P 775 -61.75 26.53 -18.56
CA TRP P 775 -60.47 27.19 -18.74
C TRP P 775 -60.19 27.26 -20.23
N ASP P 776 -59.74 28.41 -20.71
CA ASP P 776 -59.29 28.50 -22.09
C ASP P 776 -57.91 29.13 -22.15
N MET P 777 -57.43 29.31 -23.38
CA MET P 777 -56.07 29.74 -23.73
C MET P 777 -55.01 29.03 -22.87
N ASP P 778 -54.92 27.72 -23.09
CA ASP P 778 -53.97 26.88 -22.37
C ASP P 778 -52.54 27.21 -22.74
N ASP P 779 -52.16 26.84 -23.97
CA ASP P 779 -50.81 26.94 -24.51
C ASP P 779 -50.78 26.19 -25.83
N THR Q 3 -14.12 26.55 11.14
CA THR Q 3 -14.14 25.13 11.50
C THR Q 3 -15.22 24.84 12.52
N PHE Q 4 -16.29 24.18 12.09
CA PHE Q 4 -17.42 23.90 12.95
C PHE Q 4 -17.66 22.40 13.09
N ILE Q 5 -17.80 21.94 14.33
CA ILE Q 5 -19.05 21.35 14.80
C ILE Q 5 -19.65 22.16 15.94
N ARG Q 6 -20.93 22.49 15.82
CA ARG Q 6 -21.63 23.24 16.85
C ARG Q 6 -21.56 22.53 18.20
N GLY Q 7 -21.89 21.25 18.19
CA GLY Q 7 -22.01 20.48 19.43
C GLY Q 7 -21.06 20.81 20.57
N PRO Q 8 -21.20 20.07 21.69
CA PRO Q 8 -20.39 20.23 22.90
C PRO Q 8 -20.14 21.70 23.30
N ILE Q 9 -21.17 22.55 23.32
CA ILE Q 9 -21.00 23.96 23.62
C ILE Q 9 -19.52 24.40 23.69
N CYS Q 10 -19.06 24.58 24.93
CA CYS Q 10 -17.72 25.04 25.22
C CYS Q 10 -17.48 24.72 26.69
N GLY Q 11 -16.35 24.11 27.03
CA GLY Q 11 -15.97 23.90 28.42
C GLY Q 11 -15.33 25.13 29.04
N THR Q 12 -15.95 26.28 28.86
CA THR Q 12 -15.54 27.53 29.49
C THR Q 12 -16.75 28.43 29.69
N ASP Q 13 -17.13 28.63 30.97
CA ASP Q 13 -18.36 29.28 31.42
C ASP Q 13 -18.44 30.80 31.15
N ASN Q 14 -17.71 31.30 30.16
CA ASN Q 14 -17.83 32.64 29.57
C ASN Q 14 -18.04 32.58 28.03
N CYS Q 15 -18.29 31.38 27.53
CA CYS Q 15 -18.99 31.11 26.28
C CYS Q 15 -20.52 30.70 26.62
N PRO Q 16 -21.14 29.74 25.95
CA PRO Q 16 -20.40 28.57 25.46
C PRO Q 16 -20.21 28.61 23.94
N SER Q 17 -18.96 28.60 23.50
CA SER Q 17 -18.60 29.05 22.18
C SER Q 17 -17.66 28.04 21.51
N ARG Q 18 -17.83 27.85 20.21
CA ARG Q 18 -18.57 26.70 19.72
C ARG Q 18 -17.62 25.69 19.08
N LEU Q 19 -17.69 24.45 19.55
CA LEU Q 19 -16.56 23.53 19.48
C LEU Q 19 -16.37 23.09 18.02
N TRP Q 20 -15.16 23.24 17.50
CA TRP Q 20 -14.61 22.43 16.42
C TRP Q 20 -13.44 21.61 16.96
N ARG Q 21 -13.34 20.34 16.56
CA ARG Q 21 -12.17 19.49 16.85
C ARG Q 21 -11.16 19.55 15.71
N ILE Q 22 -9.93 19.90 16.05
CA ILE Q 22 -8.77 19.67 15.17
C ILE Q 22 -8.29 18.23 15.32
N ILE Q 23 -7.72 17.64 14.27
CA ILE Q 23 -7.20 16.26 14.32
C ILE Q 23 -6.28 15.97 15.52
N ASP Q 24 -5.49 16.94 15.95
CA ASP Q 24 -4.58 16.84 17.10
C ASP Q 24 -5.25 16.75 18.48
N GLY Q 25 -6.56 16.94 18.51
CA GLY Q 25 -7.34 16.67 19.70
C GLY Q 25 -6.86 17.48 20.90
N ARG Q 26 -6.47 18.73 20.64
CA ARG Q 26 -7.23 19.88 21.12
C ARG Q 26 -8.61 19.93 20.46
N ARG Q 27 -9.61 20.34 21.23
CA ARG Q 27 -10.86 20.82 20.68
C ARG Q 27 -11.11 22.29 21.04
N THR Q 28 -11.42 23.09 20.03
CA THR Q 28 -11.16 24.53 20.09
C THR Q 28 -12.45 25.32 20.01
N CYS Q 29 -12.62 26.27 20.93
CA CYS Q 29 -13.78 27.15 20.92
C CYS Q 29 -13.36 28.59 20.65
N GLN Q 30 -14.27 29.39 20.09
CA GLN Q 30 -13.89 30.42 19.14
C GLN Q 30 -13.00 31.47 19.79
N TYR Q 31 -13.31 31.82 21.02
CA TYR Q 31 -12.51 32.78 21.77
C TYR Q 31 -11.10 32.30 22.01
N GLY Q 32 -10.95 31.01 22.33
CA GLY Q 32 -9.74 30.27 21.99
C GLY Q 32 -9.16 29.31 23.04
N HIS Q 33 -10.01 28.92 23.98
CA HIS Q 33 -9.84 27.71 24.78
C HIS Q 33 -9.56 26.52 23.87
N VAL Q 34 -8.51 25.79 24.22
CA VAL Q 34 -8.13 24.48 23.69
C VAL Q 34 -7.91 23.54 24.87
N MET Q 35 -8.76 22.54 24.95
CA MET Q 35 -8.93 21.61 26.06
C MET Q 35 -8.61 20.20 25.55
N LYS Q 94 -48.79 8.78 -6.76
CA LYS Q 94 -48.38 9.67 -7.85
C LYS Q 94 -49.58 10.37 -8.50
N LEU Q 95 -50.42 9.58 -9.19
CA LEU Q 95 -51.55 10.14 -9.91
C LEU Q 95 -52.76 10.35 -9.00
N ILE Q 96 -53.50 11.41 -9.30
CA ILE Q 96 -54.72 11.82 -8.60
C ILE Q 96 -55.69 10.65 -8.46
N GLY Q 97 -56.59 10.76 -7.50
CA GLY Q 97 -57.62 9.75 -7.32
C GLY Q 97 -59.00 10.37 -7.21
N HIS Q 98 -59.97 9.70 -7.84
CA HIS Q 98 -61.38 9.84 -7.47
C HIS Q 98 -61.92 11.23 -7.75
N GLU Q 99 -61.07 12.25 -7.85
CA GLU Q 99 -61.49 13.54 -8.39
C GLU Q 99 -60.48 14.09 -9.39
N ALA Q 100 -59.78 13.20 -10.10
CA ALA Q 100 -59.12 13.54 -11.33
C ALA Q 100 -60.09 13.77 -12.43
N LYS Q 101 -61.38 13.78 -12.09
CA LYS Q 101 -62.42 14.26 -12.98
C LYS Q 101 -61.98 15.62 -13.54
N LEU Q 102 -61.33 16.42 -12.69
CA LEU Q 102 -60.85 17.73 -13.12
C LEU Q 102 -59.77 17.62 -14.18
N LEU Q 103 -58.71 16.83 -13.93
CA LEU Q 103 -57.65 16.69 -14.91
C LEU Q 103 -58.16 16.07 -16.19
N PHE Q 104 -59.09 15.11 -16.07
CA PHE Q 104 -59.75 14.57 -17.24
C PHE Q 104 -60.37 15.69 -18.05
N LEU Q 105 -61.27 16.46 -17.45
CA LEU Q 105 -61.91 17.53 -18.21
C LEU Q 105 -60.90 18.58 -18.67
N LYS Q 106 -59.68 18.62 -18.09
CA LYS Q 106 -58.70 19.63 -18.48
C LYS Q 106 -57.81 19.21 -19.65
N SER Q 107 -57.48 17.92 -19.75
CA SER Q 107 -56.88 17.38 -20.97
C SER Q 107 -57.90 17.32 -22.10
N PHE Q 108 -59.18 17.11 -21.77
CA PHE Q 108 -60.21 17.08 -22.79
C PHE Q 108 -60.42 18.47 -23.36
N GLN Q 109 -60.83 19.40 -22.51
CA GLN Q 109 -60.94 20.80 -22.91
C GLN Q 109 -59.67 21.27 -23.63
N PHE Q 110 -58.50 21.00 -23.06
CA PHE Q 110 -57.24 21.39 -23.69
C PHE Q 110 -57.12 20.81 -25.09
N ILE Q 111 -57.44 19.52 -25.25
CA ILE Q 111 -57.26 18.90 -26.55
C ILE Q 111 -58.23 19.52 -27.56
N LEU Q 112 -59.46 19.81 -27.14
CA LEU Q 112 -60.39 20.51 -28.01
C LEU Q 112 -59.82 21.84 -28.47
N LYS Q 113 -59.51 22.74 -27.54
CA LYS Q 113 -58.95 24.03 -27.97
C LYS Q 113 -57.75 23.85 -28.90
N ARG Q 114 -56.93 22.81 -28.66
CA ARG Q 114 -55.85 22.50 -29.57
C ARG Q 114 -56.37 22.28 -30.99
N GLN Q 115 -57.43 21.49 -31.12
CA GLN Q 115 -58.01 21.23 -32.43
C GLN Q 115 -58.56 22.50 -33.08
N ILE Q 116 -59.16 23.40 -32.29
CA ILE Q 116 -59.68 24.63 -32.87
C ILE Q 116 -58.53 25.52 -33.39
N ARG Q 117 -57.48 25.66 -32.59
CA ARG Q 117 -56.27 26.32 -33.06
C ARG Q 117 -55.93 25.82 -34.44
N TRP Q 118 -55.94 24.51 -34.62
CA TRP Q 118 -55.60 23.99 -35.94
C TRP Q 118 -56.70 24.18 -36.98
N LEU Q 119 -57.97 24.37 -36.61
CA LEU Q 119 -58.92 24.56 -37.70
C LEU Q 119 -59.16 26.02 -38.10
N ILE Q 120 -59.08 27.00 -37.18
CA ILE Q 120 -59.05 28.39 -37.63
C ILE Q 120 -57.74 28.66 -38.36
N THR Q 121 -56.60 28.31 -37.74
CA THR Q 121 -55.32 28.46 -38.39
C THR Q 121 -55.30 27.74 -39.73
N GLU Q 122 -55.23 26.40 -39.69
CA GLU Q 122 -54.94 25.68 -40.93
C GLU Q 122 -56.15 25.52 -41.84
N MET Q 123 -57.38 25.61 -41.31
CA MET Q 123 -58.53 25.46 -42.18
C MET Q 123 -59.30 26.75 -42.35
N ARG Q 124 -58.71 27.88 -41.98
CA ARG Q 124 -59.30 29.16 -42.28
C ARG Q 124 -60.78 29.22 -41.88
N PHE Q 125 -61.08 28.76 -40.67
CA PHE Q 125 -62.37 28.97 -40.03
C PHE Q 125 -62.50 30.40 -39.53
N PRO Q 126 -63.69 30.80 -39.08
CA PRO Q 126 -63.84 32.10 -38.39
C PRO Q 126 -63.50 32.06 -36.89
N LYS Q 127 -63.03 33.21 -36.39
CA LYS Q 127 -62.75 33.35 -34.96
C LYS Q 127 -63.98 33.12 -34.12
N GLU Q 128 -65.17 33.32 -34.72
CA GLU Q 128 -66.44 33.15 -34.01
C GLU Q 128 -66.64 31.71 -33.57
N PHE Q 129 -66.10 30.76 -34.33
CA PHE Q 129 -66.31 29.35 -34.00
C PHE Q 129 -66.00 29.11 -32.53
N GLU Q 130 -64.86 29.64 -32.08
CA GLU Q 130 -64.40 29.44 -30.72
C GLU Q 130 -65.51 29.76 -29.74
N HIS Q 131 -65.99 31.01 -29.74
CA HIS Q 131 -67.05 31.36 -28.80
C HIS Q 131 -68.26 30.44 -28.95
N VAL Q 132 -68.56 29.99 -30.18
CA VAL Q 132 -69.68 29.06 -30.36
C VAL Q 132 -69.40 27.75 -29.62
N ALA Q 133 -68.13 27.33 -29.61
CA ALA Q 133 -67.68 26.08 -29.01
C ALA Q 133 -67.60 26.17 -27.48
N LYS Q 134 -66.98 27.24 -26.95
CA LYS Q 134 -67.07 27.55 -25.52
C LYS Q 134 -68.50 27.53 -25.04
N ILE Q 135 -69.45 27.99 -25.86
CA ILE Q 135 -70.84 27.93 -25.42
C ILE Q 135 -71.32 26.49 -25.36
N ILE Q 136 -71.10 25.68 -26.41
CA ILE Q 136 -71.72 24.35 -26.40
C ILE Q 136 -71.06 23.44 -25.34
N TRP Q 137 -69.73 23.41 -25.33
CA TRP Q 137 -68.98 22.65 -24.32
C TRP Q 137 -69.17 23.24 -22.94
N LEU Q 138 -69.45 24.53 -22.88
CA LEU Q 138 -69.89 25.16 -21.64
C LEU Q 138 -71.21 24.55 -21.18
N LYS Q 139 -72.19 24.47 -22.09
CA LYS Q 139 -73.49 23.91 -21.74
C LYS Q 139 -73.35 22.51 -21.18
N ILE Q 140 -72.59 21.65 -21.85
CA ILE Q 140 -72.55 20.27 -21.37
C ILE Q 140 -71.57 20.08 -20.20
N LEU Q 141 -70.52 20.92 -20.10
CA LEU Q 141 -69.71 20.93 -18.88
C LEU Q 141 -70.58 21.26 -17.68
N LYS Q 142 -71.39 22.31 -17.82
CA LYS Q 142 -72.33 22.68 -16.77
C LYS Q 142 -73.36 21.59 -16.52
N THR Q 143 -73.68 20.77 -17.52
CA THR Q 143 -74.65 19.74 -17.21
C THR Q 143 -74.02 18.53 -16.51
N ILE Q 144 -72.74 18.25 -16.77
CA ILE Q 144 -72.11 17.16 -16.02
C ILE Q 144 -71.70 17.63 -14.66
N ASN Q 145 -71.53 18.93 -14.48
CA ASN Q 145 -71.28 19.50 -13.16
C ASN Q 145 -72.56 19.97 -12.50
N ASP Q 146 -73.70 19.68 -13.10
CA ASP Q 146 -75.00 19.66 -12.42
C ASP Q 146 -75.57 18.26 -12.38
N GLN Q 147 -74.79 17.27 -12.81
CA GLN Q 147 -74.88 15.90 -12.31
C GLN Q 147 -73.48 15.39 -11.97
N PRO Q 148 -72.72 16.10 -11.08
CA PRO Q 148 -71.39 15.59 -10.71
C PRO Q 148 -71.40 14.90 -9.36
N GLN Q 149 -70.80 13.70 -9.33
CA GLN Q 149 -70.89 12.84 -8.15
C GLN Q 149 -69.77 11.79 -8.23
N GLU Q 150 -69.21 11.46 -7.06
CA GLU Q 150 -68.23 10.37 -7.01
C GLU Q 150 -68.81 9.08 -7.55
N GLU Q 151 -70.12 8.89 -7.39
CA GLU Q 151 -70.89 7.99 -8.25
C GLU Q 151 -70.93 8.63 -9.64
N LEU Q 152 -69.86 8.45 -10.42
CA LEU Q 152 -69.65 9.23 -11.63
C LEU Q 152 -70.05 8.45 -12.88
N LYS Q 153 -70.75 9.13 -13.79
CA LYS Q 153 -71.18 8.56 -15.07
C LYS Q 153 -70.76 9.53 -16.17
N LEU Q 154 -69.49 9.47 -16.55
CA LEU Q 154 -68.91 10.37 -17.55
C LEU Q 154 -68.50 9.56 -18.76
N GLN Q 155 -68.69 10.14 -19.96
CA GLN Q 155 -68.34 9.46 -21.21
C GLN Q 155 -67.83 10.46 -22.25
N LEU Q 156 -66.79 11.24 -21.90
CA LEU Q 156 -66.20 12.18 -22.84
C LEU Q 156 -65.22 11.41 -23.73
N HIS Q 157 -65.64 11.16 -24.96
CA HIS Q 157 -64.84 10.48 -25.97
C HIS Q 157 -64.38 11.48 -27.01
N MET Q 158 -63.42 11.03 -27.82
CA MET Q 158 -62.99 11.81 -28.98
C MET Q 158 -64.18 12.21 -29.86
N THR Q 159 -65.05 11.25 -30.08
CA THR Q 159 -66.37 11.43 -30.65
C THR Q 159 -67.11 12.64 -30.07
N SER Q 160 -66.95 12.93 -28.77
CA SER Q 160 -67.61 14.10 -28.19
C SER Q 160 -66.98 15.40 -28.70
N THR Q 161 -65.65 15.44 -28.75
CA THR Q 161 -64.92 16.55 -29.36
C THR Q 161 -65.44 16.86 -30.76
N ILE Q 162 -65.31 15.88 -31.66
CA ILE Q 162 -65.83 16.08 -33.01
C ILE Q 162 -67.30 16.48 -32.96
N SER Q 163 -68.08 15.87 -32.06
CA SER Q 163 -69.52 16.16 -32.04
C SER Q 163 -69.80 17.62 -31.73
N ILE Q 164 -68.98 18.25 -30.91
CA ILE Q 164 -69.30 19.65 -30.61
C ILE Q 164 -68.71 20.56 -31.66
N LEU Q 165 -67.60 20.18 -32.30
CA LEU Q 165 -67.20 20.92 -33.49
C LEU Q 165 -68.30 20.92 -34.53
N TYR Q 166 -68.74 19.73 -34.98
CA TYR Q 166 -69.85 19.65 -35.92
C TYR Q 166 -71.06 20.43 -35.41
N LEU Q 167 -71.53 20.12 -34.19
CA LEU Q 167 -72.66 20.82 -33.62
C LEU Q 167 -72.52 22.34 -33.82
N ALA Q 168 -71.38 22.90 -33.43
CA ALA Q 168 -71.18 24.34 -33.48
C ALA Q 168 -71.12 24.86 -34.93
N SER Q 169 -70.34 24.19 -35.78
CA SER Q 169 -70.32 24.49 -37.21
C SER Q 169 -71.73 24.58 -37.77
N THR Q 170 -72.58 23.63 -37.41
CA THR Q 170 -73.89 23.54 -38.02
C THR Q 170 -74.82 24.65 -37.56
N HIS Q 171 -74.75 25.04 -36.28
CA HIS Q 171 -75.43 26.29 -35.92
C HIS Q 171 -74.95 27.43 -36.82
N LEU Q 172 -73.63 27.55 -36.99
CA LEU Q 172 -73.08 28.60 -37.83
C LEU Q 172 -73.34 28.40 -39.32
N SER Q 173 -74.00 27.32 -39.73
CA SER Q 173 -74.38 27.16 -41.13
C SER Q 173 -73.16 27.16 -42.06
N LEU Q 174 -71.98 26.76 -41.56
CA LEU Q 174 -70.81 26.60 -42.42
C LEU Q 174 -71.02 25.37 -43.32
N PRO Q 175 -70.39 25.32 -44.46
CA PRO Q 175 -70.78 24.31 -45.44
C PRO Q 175 -69.95 23.09 -45.19
N VAL Q 176 -69.45 22.97 -43.97
CA VAL Q 176 -68.66 21.80 -43.59
C VAL Q 176 -69.59 20.67 -43.20
N TYR Q 177 -69.20 19.44 -43.52
CA TYR Q 177 -70.00 18.26 -43.27
C TYR Q 177 -69.14 17.20 -42.60
N THR Q 178 -69.82 16.18 -42.09
CA THR Q 178 -69.14 15.17 -41.29
C THR Q 178 -67.93 14.62 -42.02
N CYS Q 179 -68.08 14.39 -43.33
CA CYS Q 179 -67.04 13.76 -44.14
C CYS Q 179 -65.78 14.61 -44.17
N ASP Q 180 -65.94 15.94 -44.20
CA ASP Q 180 -64.82 16.84 -43.94
C ASP Q 180 -64.06 16.42 -42.67
N TYR Q 181 -64.82 16.20 -41.57
CA TYR Q 181 -64.19 15.87 -40.29
C TYR Q 181 -63.48 14.53 -40.36
N ILE Q 182 -64.16 13.50 -40.88
CA ILE Q 182 -63.52 12.20 -41.02
C ILE Q 182 -62.21 12.32 -41.80
N LYS Q 183 -62.25 12.93 -43.00
CA LYS Q 183 -61.03 13.12 -43.78
C LYS Q 183 -59.97 13.81 -42.94
N TRP Q 184 -60.38 14.87 -42.27
CA TRP Q 184 -59.48 15.67 -41.45
C TRP Q 184 -58.76 14.83 -40.39
N ILE Q 185 -59.49 13.96 -39.70
CA ILE Q 185 -58.88 13.29 -38.57
C ILE Q 185 -58.13 12.06 -39.03
N CYS Q 186 -58.68 11.34 -40.00
CA CYS Q 186 -58.01 10.18 -40.53
C CYS Q 186 -56.73 10.53 -41.25
N THR Q 187 -56.52 11.82 -41.58
CA THR Q 187 -55.30 12.21 -42.28
C THR Q 187 -54.21 12.71 -41.35
N ALA Q 188 -54.34 12.50 -40.05
CA ALA Q 188 -53.40 12.99 -39.04
C ALA Q 188 -53.19 14.49 -39.12
N LYS Q 189 -54.06 15.20 -39.82
CA LYS Q 189 -53.90 16.64 -39.94
C LYS Q 189 -54.54 17.33 -38.75
N MET Q 190 -55.83 17.14 -38.56
CA MET Q 190 -56.45 17.55 -37.31
C MET Q 190 -56.05 16.59 -36.20
N PRO Q 191 -55.33 17.06 -35.17
CA PRO Q 191 -54.83 16.18 -34.11
C PRO Q 191 -55.96 15.39 -33.49
N TYR Q 192 -55.70 14.10 -33.26
CA TYR Q 192 -56.70 13.10 -32.89
C TYR Q 192 -55.92 11.79 -32.93
N PHE Q 193 -56.49 10.73 -32.39
CA PHE Q 193 -55.94 9.38 -32.41
C PHE Q 193 -54.78 9.27 -31.44
N GLN Q 194 -54.80 10.08 -30.37
CA GLN Q 194 -53.99 9.90 -29.16
C GLN Q 194 -54.65 10.63 -28.01
N ALA Q 195 -54.22 10.27 -26.81
CA ALA Q 195 -54.13 11.22 -25.73
C ALA Q 195 -52.79 11.92 -25.90
N SER Q 196 -52.82 13.26 -25.95
CA SER Q 196 -51.65 14.12 -26.13
C SER Q 196 -50.50 13.41 -26.87
N GLU Q 197 -50.47 13.49 -28.20
CA GLU Q 197 -49.45 12.79 -28.99
C GLU Q 197 -48.06 13.00 -28.40
N ILE Q 198 -47.20 11.98 -28.53
CA ILE Q 198 -45.96 11.85 -27.77
C ILE Q 198 -45.16 13.16 -27.74
N LEU Q 199 -45.00 13.72 -26.53
CA LEU Q 199 -44.21 14.93 -26.35
C LEU Q 199 -43.53 14.87 -24.97
N GLN Q 225 -70.96 6.25 -35.81
CA GLN Q 225 -70.83 6.71 -34.45
C GLN Q 225 -70.72 8.22 -34.37
N LEU Q 226 -70.25 8.88 -35.42
CA LEU Q 226 -70.25 10.33 -35.39
C LEU Q 226 -71.68 10.85 -35.44
N TYR Q 227 -72.48 10.41 -36.41
CA TYR Q 227 -73.89 10.82 -36.47
C TYR Q 227 -74.60 10.54 -35.14
N ASN Q 228 -74.21 9.45 -34.46
CA ASN Q 228 -74.85 9.02 -33.22
C ASN Q 228 -74.39 9.81 -32.01
N LYS Q 229 -73.15 10.28 -31.99
CA LYS Q 229 -72.73 11.14 -30.90
C LYS Q 229 -73.10 12.60 -31.15
N ILE Q 230 -73.37 12.99 -32.40
CA ILE Q 230 -73.88 14.33 -32.58
C ILE Q 230 -75.36 14.37 -32.23
N ALA Q 231 -76.12 13.30 -32.49
CA ALA Q 231 -77.49 13.30 -31.98
C ALA Q 231 -77.49 13.16 -30.47
N LEU Q 232 -76.55 12.38 -29.93
CA LEU Q 232 -76.48 12.20 -28.48
C LEU Q 232 -76.21 13.53 -27.80
N THR Q 233 -75.08 14.18 -28.11
CA THR Q 233 -74.87 15.55 -27.65
C THR Q 233 -76.08 16.44 -27.94
N CYS Q 234 -76.75 16.20 -29.08
CA CYS Q 234 -77.85 17.04 -29.55
C CYS Q 234 -79.09 16.88 -28.71
N GLY Q 235 -79.15 15.85 -27.89
CA GLY Q 235 -80.13 15.82 -26.83
C GLY Q 235 -79.56 16.25 -25.48
N MET Q 236 -78.29 15.92 -25.24
CA MET Q 236 -77.61 16.27 -24.00
C MET Q 236 -77.84 17.73 -23.64
N ILE Q 237 -77.61 18.63 -24.59
CA ILE Q 237 -78.11 19.98 -24.46
C ILE Q 237 -78.95 20.24 -25.71
N HIS Q 238 -80.05 20.96 -25.56
CA HIS Q 238 -81.11 20.90 -26.58
C HIS Q 238 -80.78 21.78 -27.79
N PHE Q 239 -80.92 21.20 -29.00
CA PHE Q 239 -80.67 21.95 -30.23
C PHE Q 239 -81.69 23.07 -30.44
N LYS Q 240 -82.95 22.83 -30.10
CA LYS Q 240 -84.06 23.56 -30.72
C LYS Q 240 -84.10 25.01 -30.26
N GLU Q 241 -84.05 25.25 -28.95
CA GLU Q 241 -84.17 26.61 -28.43
C GLU Q 241 -82.84 27.13 -27.90
N PHE Q 242 -81.74 26.74 -28.54
CA PHE Q 242 -80.46 27.33 -28.20
C PHE Q 242 -79.64 27.59 -29.44
N PHE Q 243 -79.70 26.67 -30.39
CA PHE Q 243 -79.00 26.83 -31.65
C PHE Q 243 -79.97 26.53 -32.78
N ASN Q 244 -79.46 26.67 -33.98
CA ASN Q 244 -80.22 26.45 -35.19
C ASN Q 244 -79.57 25.24 -35.80
N SER Q 245 -80.35 24.17 -35.92
CA SER Q 245 -79.80 22.90 -36.34
C SER Q 245 -80.42 22.51 -37.67
N GLU Q 246 -80.45 23.48 -38.58
CA GLU Q 246 -80.60 23.19 -39.99
C GLU Q 246 -79.23 22.85 -40.54
N ILE Q 247 -79.15 21.79 -41.33
CA ILE Q 247 -77.89 21.47 -41.98
C ILE Q 247 -77.70 22.30 -43.24
N SER Q 248 -76.45 22.64 -43.55
CA SER Q 248 -76.14 23.45 -44.75
C SER Q 248 -76.30 22.59 -46.01
N CYS Q 249 -77.55 22.51 -46.50
CA CYS Q 249 -77.93 21.44 -47.41
C CYS Q 249 -77.30 21.59 -48.78
N GLN Q 250 -77.32 22.82 -49.29
CA GLN Q 250 -77.11 23.07 -50.70
C GLN Q 250 -75.65 22.92 -51.09
N GLY Q 251 -74.74 23.37 -50.23
CA GLY Q 251 -73.35 23.01 -50.40
C GLY Q 251 -73.07 21.52 -50.29
N LEU Q 252 -73.92 20.76 -49.58
CA LEU Q 252 -73.76 19.31 -49.57
C LEU Q 252 -74.08 18.77 -50.95
N LEU Q 253 -75.13 19.34 -51.57
CA LEU Q 253 -75.45 19.00 -52.96
C LEU Q 253 -74.28 19.31 -53.88
N LEU Q 254 -73.78 20.55 -53.85
CA LEU Q 254 -72.67 20.92 -54.70
C LEU Q 254 -71.49 20.00 -54.48
N LYS Q 255 -71.11 19.80 -53.23
CA LYS Q 255 -70.07 18.85 -52.88
C LYS Q 255 -70.30 17.51 -53.59
N LEU Q 256 -71.58 17.12 -53.70
CA LEU Q 256 -71.91 15.77 -54.16
C LEU Q 256 -71.88 15.64 -55.67
N VAL Q 257 -72.44 16.63 -56.38
CA VAL Q 257 -72.43 16.64 -57.84
C VAL Q 257 -71.00 16.75 -58.34
N MET Q 258 -70.24 17.73 -57.83
CA MET Q 258 -68.81 17.76 -58.09
C MET Q 258 -68.11 16.46 -57.71
N GLN Q 259 -68.58 15.78 -56.67
CA GLN Q 259 -67.84 14.59 -56.24
C GLN Q 259 -67.98 13.46 -57.26
N CYS Q 260 -69.19 13.24 -57.76
CA CYS Q 260 -69.36 12.55 -59.03
C CYS Q 260 -68.92 13.51 -60.11
N ALA Q 261 -69.14 13.20 -61.37
CA ALA Q 261 -68.96 14.26 -62.35
C ALA Q 261 -70.31 14.60 -62.92
N LEU Q 262 -71.28 14.62 -62.04
CA LEU Q 262 -72.63 14.83 -62.51
C LEU Q 262 -72.75 16.23 -63.08
N PRO Q 263 -73.53 16.41 -64.12
CA PRO Q 263 -73.71 17.72 -64.68
C PRO Q 263 -74.63 18.56 -63.81
N PRO Q 264 -74.48 19.89 -63.83
CA PRO Q 264 -75.12 20.72 -62.79
C PRO Q 264 -76.63 20.62 -62.76
N GLU Q 265 -77.23 19.91 -63.69
CA GLU Q 265 -78.67 19.74 -63.60
C GLU Q 265 -79.04 18.91 -62.38
N PHE Q 266 -78.25 17.87 -62.10
CA PHE Q 266 -78.60 16.97 -61.01
C PHE Q 266 -78.63 17.67 -59.65
N TYR Q 267 -77.92 18.79 -59.49
CA TYR Q 267 -78.07 19.54 -58.25
C TYR Q 267 -79.49 20.04 -58.11
N PHE Q 268 -80.08 20.47 -59.20
CA PHE Q 268 -81.46 20.92 -59.08
C PHE Q 268 -82.42 19.73 -59.05
N TYR Q 269 -82.14 18.69 -59.83
CA TYR Q 269 -82.88 17.43 -59.75
C TYR Q 269 -83.07 16.99 -58.30
N THR Q 270 -81.96 16.73 -57.62
CA THR Q 270 -82.03 16.30 -56.23
C THR Q 270 -82.64 17.38 -55.37
N LYS Q 271 -82.17 18.64 -55.47
CA LYS Q 271 -82.77 19.70 -54.64
C LYS Q 271 -84.28 19.66 -54.73
N GLN Q 272 -84.81 19.30 -55.89
CA GLN Q 272 -86.24 19.13 -56.03
C GLN Q 272 -86.73 17.96 -55.19
N VAL Q 273 -86.23 16.74 -55.42
CA VAL Q 273 -86.73 15.60 -54.65
C VAL Q 273 -86.67 15.91 -53.15
N ILE Q 274 -85.56 16.53 -52.74
CA ILE Q 274 -85.40 17.00 -51.36
C ILE Q 274 -86.62 17.81 -50.95
N GLU Q 275 -86.91 18.88 -51.70
CA GLU Q 275 -88.07 19.70 -51.39
C GLU Q 275 -89.36 18.87 -51.39
N PHE Q 276 -89.42 17.84 -52.23
CA PHE Q 276 -90.64 17.08 -52.44
C PHE Q 276 -91.04 16.34 -51.19
N GLU Q 277 -90.08 15.58 -50.61
CA GLU Q 277 -90.43 14.82 -49.41
C GLU Q 277 -90.33 15.68 -48.15
N GLU Q 278 -89.21 16.37 -47.94
CA GLU Q 278 -89.02 17.12 -46.71
C GLU Q 278 -89.69 18.48 -46.74
N THR Q 279 -89.69 19.16 -47.89
CA THR Q 279 -90.14 20.55 -48.00
C THR Q 279 -89.20 21.55 -47.31
N ASP Q 280 -87.90 21.15 -47.20
CA ASP Q 280 -86.72 22.00 -47.03
C ASP Q 280 -86.15 21.97 -45.61
N ILE Q 281 -86.80 21.22 -44.72
CA ILE Q 281 -86.62 21.27 -43.28
C ILE Q 281 -85.82 20.04 -42.79
N ARG Q 282 -84.71 20.30 -42.06
CA ARG Q 282 -83.73 19.28 -41.66
C ARG Q 282 -83.13 19.55 -40.27
N ASN Q 283 -83.03 18.48 -39.46
CA ASN Q 283 -82.78 18.63 -38.02
C ASN Q 283 -81.74 17.60 -37.55
N LEU Q 284 -81.38 17.71 -36.25
CA LEU Q 284 -80.22 17.05 -35.63
C LEU Q 284 -80.54 16.10 -34.44
N THR Q 285 -81.70 16.23 -33.79
CA THR Q 285 -82.09 15.25 -32.79
C THR Q 285 -83.02 14.24 -33.46
N LEU Q 286 -82.64 12.97 -33.38
CA LEU Q 286 -83.58 11.87 -33.24
C LEU Q 286 -83.37 11.30 -31.85
N TRP Q 287 -83.22 12.20 -30.89
CA TRP Q 287 -82.74 11.86 -29.56
C TRP Q 287 -83.89 12.03 -28.58
N GLU Q 288 -84.32 10.90 -28.03
CA GLU Q 288 -84.74 10.76 -26.65
C GLU Q 288 -83.80 9.73 -26.06
N ARG Q 289 -83.28 9.98 -24.85
CA ARG Q 289 -82.23 9.19 -24.22
C ARG Q 289 -82.21 7.72 -24.63
N THR Q 290 -83.38 7.19 -25.01
CA THR Q 290 -83.58 5.76 -25.22
C THR Q 290 -82.51 5.15 -26.10
N ASP Q 291 -82.28 3.88 -25.90
CA ASP Q 291 -81.35 3.13 -26.72
C ASP Q 291 -82.04 2.08 -27.58
N GLU Q 292 -83.11 1.45 -27.07
CA GLU Q 292 -83.80 0.41 -27.84
C GLU Q 292 -84.59 1.06 -28.98
N ARG Q 293 -83.96 1.17 -30.14
CA ARG Q 293 -84.53 1.79 -31.33
C ARG Q 293 -84.73 0.71 -32.40
N HIS Q 294 -85.94 0.68 -32.98
CA HIS Q 294 -86.22 -0.23 -34.09
C HIS Q 294 -87.37 0.32 -34.92
N THR Q 295 -87.09 0.65 -36.18
CA THR Q 295 -87.99 1.22 -37.19
C THR Q 295 -88.59 2.56 -36.76
N GLY Q 296 -88.18 3.05 -35.58
CA GLY Q 296 -88.71 4.31 -35.08
C GLY Q 296 -87.65 5.37 -34.80
N ARG Q 297 -87.62 6.39 -35.66
CA ARG Q 297 -86.80 7.60 -35.54
C ARG Q 297 -85.36 7.41 -36.00
N VAL Q 298 -85.04 6.35 -36.74
CA VAL Q 298 -83.68 6.12 -37.19
C VAL Q 298 -83.63 6.22 -38.71
N SER Q 299 -82.48 6.69 -39.23
CA SER Q 299 -82.42 7.51 -40.46
C SER Q 299 -83.16 8.81 -40.25
N ASN Q 300 -82.92 9.44 -39.10
CA ASN Q 300 -83.46 10.75 -38.81
C ASN Q 300 -82.32 11.75 -38.65
N HIS Q 301 -81.11 11.35 -39.01
CA HIS Q 301 -79.99 12.24 -39.19
C HIS Q 301 -79.91 12.63 -40.66
N ALA Q 302 -79.86 13.94 -40.91
CA ALA Q 302 -80.31 14.49 -42.19
C ALA Q 302 -79.39 14.12 -43.33
N GLU Q 303 -78.11 14.47 -43.19
CA GLU Q 303 -77.15 14.17 -44.24
C GLU Q 303 -77.41 12.83 -44.90
N LEU Q 304 -77.54 11.77 -44.09
CA LEU Q 304 -77.81 10.44 -44.61
C LEU Q 304 -79.02 10.43 -45.54
N ARG Q 305 -80.05 11.19 -45.19
CA ARG Q 305 -81.19 11.23 -46.08
C ARG Q 305 -80.85 11.97 -47.36
N VAL Q 306 -80.06 13.04 -47.25
CA VAL Q 306 -79.60 13.75 -48.44
C VAL Q 306 -78.88 12.81 -49.41
N LEU Q 307 -77.86 12.10 -48.92
CA LEU Q 307 -77.22 11.07 -49.74
C LEU Q 307 -78.24 10.08 -50.33
N SER Q 308 -79.22 9.66 -49.53
CA SER Q 308 -80.21 8.71 -50.02
C SER Q 308 -80.98 9.29 -51.20
N TYR Q 309 -81.62 10.45 -50.99
CA TYR Q 309 -82.22 11.25 -52.06
C TYR Q 309 -81.32 11.36 -53.28
N PHE Q 310 -80.06 11.73 -53.06
CA PHE Q 310 -79.09 11.87 -54.14
C PHE Q 310 -79.03 10.60 -54.99
N MET Q 311 -78.74 9.47 -54.34
CA MET Q 311 -78.80 8.18 -55.02
C MET Q 311 -80.11 7.99 -55.77
N LEU Q 312 -81.22 8.08 -55.03
CA LEU Q 312 -82.52 7.84 -55.64
C LEU Q 312 -82.68 8.67 -56.90
N THR Q 313 -82.54 9.99 -56.76
CA THR Q 313 -82.56 10.91 -57.89
C THR Q 313 -81.81 10.33 -59.08
N ILE Q 314 -80.49 10.10 -58.93
CA ILE Q 314 -79.72 9.56 -60.07
C ILE Q 314 -80.41 8.35 -60.67
N ASN Q 315 -80.97 7.49 -59.81
CA ASN Q 315 -81.52 6.22 -60.28
C ASN Q 315 -82.85 6.40 -61.01
N TRP Q 316 -83.82 7.01 -60.35
CA TRP Q 316 -85.07 7.35 -61.02
C TRP Q 316 -84.72 8.16 -62.24
N MET Q 317 -84.51 9.45 -62.02
CA MET Q 317 -84.00 10.40 -63.00
C MET Q 317 -83.31 9.79 -64.22
N LEU Q 318 -82.30 8.94 -64.04
CA LEU Q 318 -81.66 8.35 -65.21
C LEU Q 318 -82.54 7.25 -65.79
N SER Q 319 -82.72 6.17 -65.03
CA SER Q 319 -83.39 4.98 -65.54
C SER Q 319 -84.85 5.21 -65.91
N PHE Q 320 -85.36 6.44 -65.83
CA PHE Q 320 -86.76 6.68 -66.16
C PHE Q 320 -87.00 7.90 -67.03
N ASP Q 321 -85.99 8.69 -67.35
CA ASP Q 321 -86.19 9.69 -68.38
C ASP Q 321 -86.34 8.94 -69.69
N ARG Q 322 -87.60 8.68 -70.08
CA ARG Q 322 -87.88 8.17 -71.42
C ARG Q 322 -87.45 9.18 -72.46
N ASP Q 323 -87.54 10.46 -72.11
CA ASP Q 323 -86.74 11.48 -72.74
C ASP Q 323 -85.37 11.49 -72.06
N ARG Q 324 -85.22 10.01 -73.07
CA ARG Q 324 -83.85 9.92 -72.58
C ARG Q 324 -82.93 10.87 -73.33
N GLN Q 325 -82.84 12.11 -72.86
CA GLN Q 325 -81.75 12.98 -73.27
C GLN Q 325 -80.41 12.32 -73.04
N TYR Q 326 -80.37 11.33 -72.16
CA TYR Q 326 -79.15 10.70 -71.67
C TYR Q 326 -79.07 9.29 -72.25
N PRO Q 327 -78.21 9.07 -73.22
CA PRO Q 327 -78.37 7.91 -74.11
C PRO Q 327 -78.08 6.56 -73.48
N LEU Q 328 -77.82 5.60 -74.34
CA LEU Q 328 -77.47 4.25 -73.92
C LEU Q 328 -76.02 4.18 -73.46
N LYS Q 329 -75.21 5.16 -73.80
CA LYS Q 329 -73.76 5.06 -73.76
C LYS Q 329 -73.10 6.09 -72.85
N TRP Q 330 -73.59 7.33 -72.82
CA TRP Q 330 -73.01 8.32 -71.91
C TRP Q 330 -73.17 7.91 -70.45
N ILE Q 331 -74.09 6.98 -70.13
CA ILE Q 331 -74.04 6.34 -68.83
C ILE Q 331 -72.73 5.58 -68.70
N LEU Q 332 -72.33 4.91 -69.78
CA LEU Q 332 -71.04 4.24 -69.75
C LEU Q 332 -69.89 5.22 -69.62
N SER Q 333 -69.82 6.20 -70.55
CA SER Q 333 -68.68 7.13 -70.54
C SER Q 333 -68.60 7.85 -69.21
N LEU Q 334 -69.77 8.17 -68.66
CA LEU Q 334 -69.82 8.69 -67.30
C LEU Q 334 -69.16 7.71 -66.35
N THR Q 335 -69.56 6.45 -66.40
CA THR Q 335 -68.99 5.42 -65.53
C THR Q 335 -67.48 5.34 -65.67
N GLU Q 336 -66.96 5.47 -66.89
CA GLU Q 336 -65.53 5.24 -67.09
C GLU Q 336 -64.74 6.46 -66.63
N SER Q 337 -65.22 7.66 -66.96
CA SER Q 337 -64.55 8.87 -66.46
C SER Q 337 -64.63 8.98 -64.94
N LEU Q 338 -65.63 8.34 -64.34
CA LEU Q 338 -65.70 8.18 -62.89
C LEU Q 338 -64.67 7.16 -62.41
N THR Q 339 -64.40 6.13 -63.22
CA THR Q 339 -63.64 4.95 -62.79
C THR Q 339 -62.13 5.14 -62.91
N GLN Q 340 -61.69 6.03 -63.79
CA GLN Q 340 -60.27 6.21 -64.10
C GLN Q 340 -59.51 6.74 -62.88
N ARG Q 341 -58.66 5.89 -62.31
CA ARG Q 341 -57.83 6.28 -61.17
C ARG Q 341 -56.81 7.31 -61.63
N THR Q 342 -56.92 8.54 -61.13
CA THR Q 342 -56.03 9.60 -61.59
C THR Q 342 -55.70 10.58 -60.46
N THR Q 343 -54.42 10.89 -60.29
CA THR Q 343 -53.93 11.59 -59.10
C THR Q 343 -54.32 13.06 -59.14
N THR Q 344 -55.18 13.45 -58.21
CA THR Q 344 -55.33 14.81 -57.71
C THR Q 344 -55.26 14.75 -56.19
N SER Q 345 -55.35 15.90 -55.53
CA SER Q 345 -55.45 15.85 -54.08
C SER Q 345 -56.61 14.97 -53.64
N GLU Q 346 -57.79 15.16 -54.26
CA GLU Q 346 -59.00 14.51 -53.77
C GLU Q 346 -58.90 13.00 -53.87
N SER Q 347 -58.76 12.47 -55.09
CA SER Q 347 -58.74 11.02 -55.24
C SER Q 347 -57.68 10.40 -54.35
N ILE Q 348 -56.49 11.01 -54.29
CA ILE Q 348 -55.44 10.55 -53.39
C ILE Q 348 -55.97 10.47 -51.97
N GLY Q 349 -56.71 11.50 -51.55
CA GLY Q 349 -57.30 11.51 -50.23
C GLY Q 349 -58.18 10.30 -50.07
N ARG Q 350 -59.21 10.17 -50.92
CA ARG Q 350 -60.13 9.05 -50.81
C ARG Q 350 -59.39 7.73 -50.74
N ASN Q 351 -58.26 7.60 -51.43
CA ASN Q 351 -57.45 6.41 -51.20
C ASN Q 351 -56.98 6.33 -49.74
N ILE Q 352 -56.51 7.47 -49.18
CA ILE Q 352 -56.01 7.51 -47.81
C ILE Q 352 -57.11 7.18 -46.80
N VAL Q 353 -58.34 7.61 -47.10
CA VAL Q 353 -59.48 7.20 -46.29
C VAL Q 353 -59.73 5.71 -46.48
N LYS Q 354 -59.69 5.22 -47.72
CA LYS Q 354 -59.99 3.82 -48.01
C LYS Q 354 -59.13 2.93 -47.15
N VAL Q 355 -57.90 3.35 -46.86
CA VAL Q 355 -57.00 2.50 -46.10
C VAL Q 355 -57.51 2.24 -44.68
N VAL Q 356 -58.39 3.08 -44.12
CA VAL Q 356 -58.88 2.93 -42.75
C VAL Q 356 -60.39 2.74 -42.68
N TYR Q 357 -60.94 2.37 -43.65
CA TYR Q 357 -62.35 2.04 -43.75
C TYR Q 357 -62.53 0.57 -43.41
N PRO Q 358 -63.52 0.31 -42.53
CA PRO Q 358 -63.65 -1.01 -41.92
C PRO Q 358 -63.83 -2.18 -42.87
N ASP Q 359 -64.64 -2.03 -43.91
CA ASP Q 359 -65.09 -3.18 -44.71
C ASP Q 359 -64.31 -3.35 -46.03
N LYS Q 360 -63.99 -4.61 -46.36
CA LYS Q 360 -63.73 -4.97 -47.75
C LYS Q 360 -65.07 -4.87 -48.45
N PRO Q 361 -65.06 -4.55 -49.76
CA PRO Q 361 -63.92 -4.44 -50.64
C PRO Q 361 -62.98 -3.23 -50.48
N THR Q 362 -63.33 -2.13 -49.80
CA THR Q 362 -62.59 -0.89 -50.04
C THR Q 362 -61.10 -0.98 -49.68
N SER Q 363 -60.56 -2.17 -49.53
CA SER Q 363 -59.14 -2.33 -49.29
C SER Q 363 -58.45 -3.17 -50.37
N SER Q 364 -59.17 -4.14 -50.96
CA SER Q 364 -58.82 -4.58 -52.31
C SER Q 364 -58.43 -3.37 -53.16
N ASP Q 365 -58.95 -2.21 -52.78
CA ASP Q 365 -58.68 -0.99 -53.52
C ASP Q 365 -57.19 -0.63 -53.48
N TYR Q 366 -56.58 -0.61 -52.28
CA TYR Q 366 -55.16 -0.30 -52.28
C TYR Q 366 -54.42 -1.35 -53.06
N PHE Q 367 -54.96 -2.56 -53.10
CA PHE Q 367 -54.35 -3.56 -53.97
C PHE Q 367 -54.29 -3.07 -55.41
N GLN Q 368 -55.34 -2.39 -55.88
CA GLN Q 368 -55.43 -2.02 -57.29
C GLN Q 368 -54.90 -0.60 -57.60
N TRP Q 369 -54.06 -0.03 -56.75
CA TRP Q 369 -53.55 1.33 -56.95
C TRP Q 369 -52.60 1.37 -58.13
N SER Q 370 -52.47 2.54 -58.76
CA SER Q 370 -51.51 2.71 -59.83
C SER Q 370 -50.19 3.21 -59.28
N GLU Q 371 -49.10 2.96 -60.02
CA GLU Q 371 -47.80 3.41 -59.53
C GLU Q 371 -47.83 4.88 -59.17
N GLU Q 372 -48.61 5.69 -59.89
CA GLU Q 372 -48.70 7.09 -59.54
C GLU Q 372 -49.43 7.25 -58.22
N GLU Q 373 -50.57 6.56 -58.08
CA GLU Q 373 -51.32 6.57 -56.83
C GLU Q 373 -50.42 6.13 -55.67
N THR Q 374 -49.75 4.98 -55.82
CA THR Q 374 -48.83 4.54 -54.78
C THR Q 374 -47.74 5.58 -54.51
N LEU Q 375 -47.33 6.31 -55.56
CA LEU Q 375 -46.23 7.25 -55.38
C LEU Q 375 -46.68 8.46 -54.57
N GLU Q 376 -47.76 9.12 -54.98
CA GLU Q 376 -48.29 10.16 -54.13
C GLU Q 376 -48.64 9.61 -52.76
N PHE Q 377 -48.85 8.28 -52.68
CA PHE Q 377 -49.13 7.68 -51.38
C PHE Q 377 -47.88 7.83 -50.54
N LEU Q 378 -46.79 7.16 -50.92
CA LEU Q 378 -45.58 7.26 -50.13
C LEU Q 378 -45.20 8.70 -49.86
N LYS Q 379 -45.50 9.60 -50.79
CA LYS Q 379 -45.29 11.01 -50.49
C LYS Q 379 -46.04 11.39 -49.23
N TRP Q 380 -47.36 11.18 -49.23
CA TRP Q 380 -48.16 11.53 -48.07
C TRP Q 380 -47.69 10.79 -46.83
N MET Q 381 -47.27 9.54 -47.02
CA MET Q 381 -46.69 8.71 -45.97
C MET Q 381 -45.55 9.44 -45.27
N GLU Q 382 -44.50 9.78 -46.01
CA GLU Q 382 -43.35 10.40 -45.37
C GLU Q 382 -43.63 11.83 -44.91
N LYS Q 383 -44.69 12.47 -45.40
CA LYS Q 383 -44.99 13.79 -44.87
C LYS Q 383 -45.74 13.69 -43.55
N GLN Q 384 -46.90 13.03 -43.54
CA GLN Q 384 -47.80 12.99 -42.38
C GLN Q 384 -47.62 11.78 -41.47
N PHE Q 385 -46.55 11.01 -41.67
CA PHE Q 385 -46.01 10.10 -40.68
C PHE Q 385 -44.63 10.55 -40.23
N LEU Q 386 -44.29 11.81 -40.47
CA LEU Q 386 -43.38 12.51 -39.57
C LEU Q 386 -44.29 12.92 -38.41
N PRO Q 387 -45.61 13.14 -38.65
CA PRO Q 387 -46.61 12.93 -37.58
C PRO Q 387 -46.80 11.48 -37.21
N THR Q 388 -45.72 10.80 -36.83
CA THR Q 388 -45.79 9.49 -36.22
C THR Q 388 -45.88 9.62 -34.70
N GLN Q 389 -46.16 8.50 -34.04
CA GLN Q 389 -46.30 8.45 -32.59
C GLN Q 389 -45.31 7.46 -32.00
N THR Q 390 -44.80 7.78 -30.81
CA THR Q 390 -43.63 7.12 -30.20
C THR Q 390 -42.46 7.09 -31.18
N ASP Q 405 -30.78 4.32 -23.39
CA ASP Q 405 -30.69 2.87 -23.57
C ASP Q 405 -31.26 2.41 -24.91
N GLN Q 406 -32.31 1.59 -24.85
CA GLN Q 406 -32.88 1.00 -26.06
C GLN Q 406 -33.63 2.04 -26.89
N LYS Q 407 -34.15 3.09 -26.25
CA LYS Q 407 -34.89 4.12 -27.00
C LYS Q 407 -33.97 4.87 -27.96
N ILE Q 408 -32.83 5.38 -27.46
CA ILE Q 408 -31.86 6.00 -28.35
C ILE Q 408 -31.21 4.94 -29.24
N ALA Q 409 -31.15 3.69 -28.76
CA ALA Q 409 -30.64 2.62 -29.61
C ALA Q 409 -31.49 2.44 -30.85
N ARG Q 410 -32.79 2.73 -30.77
CA ARG Q 410 -33.64 2.71 -31.94
C ARG Q 410 -33.76 4.07 -32.61
N ARG Q 411 -33.43 5.16 -31.90
CA ARG Q 411 -33.28 6.45 -32.56
C ARG Q 411 -32.12 6.39 -33.56
N LYS Q 412 -31.02 5.77 -33.16
CA LYS Q 412 -29.91 5.50 -34.07
C LYS Q 412 -30.28 4.37 -35.02
N LEU Q 413 -30.81 3.26 -34.47
CA LEU Q 413 -31.19 2.11 -35.29
C LEU Q 413 -32.03 2.53 -36.49
N TYR Q 414 -32.99 3.45 -36.29
CA TYR Q 414 -33.77 3.94 -37.43
C TYR Q 414 -33.02 5.01 -38.22
N LYS Q 415 -32.30 5.92 -37.55
CA LYS Q 415 -31.47 6.87 -38.28
C LYS Q 415 -30.20 6.21 -38.89
N ILE Q 416 -30.23 4.90 -39.14
CA ILE Q 416 -29.22 4.23 -39.95
C ILE Q 416 -29.69 4.07 -41.38
N PHE Q 417 -30.98 3.83 -41.55
CA PHE Q 417 -31.57 3.60 -42.86
C PHE Q 417 -32.71 4.59 -43.07
N PRO Q 418 -32.61 5.37 -44.15
CA PRO Q 418 -32.83 6.81 -44.17
C PRO Q 418 -34.27 7.27 -44.29
N LEU Q 419 -34.67 8.07 -43.30
CA LEU Q 419 -36.05 8.56 -43.20
C LEU Q 419 -36.43 9.43 -44.39
N ASP Q 420 -35.53 10.30 -44.84
CA ASP Q 420 -35.83 11.33 -45.86
C ASP Q 420 -36.86 12.33 -45.34
N SER Q 432 -43.87 23.37 -64.07
CA SER Q 432 -43.13 22.11 -63.90
C SER Q 432 -43.76 21.23 -62.80
N THR Q 433 -44.71 21.77 -62.04
CA THR Q 433 -45.50 20.94 -61.13
C THR Q 433 -46.40 20.01 -61.95
N HIS Q 434 -46.55 18.77 -61.47
CA HIS Q 434 -47.13 17.74 -62.33
C HIS Q 434 -48.63 17.58 -62.12
N GLN Q 435 -49.01 16.69 -61.19
CA GLN Q 435 -50.41 16.26 -61.05
C GLN Q 435 -51.32 17.45 -60.84
N LEU Q 436 -52.57 17.27 -61.25
CA LEU Q 436 -53.44 18.40 -61.55
C LEU Q 436 -54.54 18.61 -60.51
N THR Q 437 -55.11 19.81 -60.54
CA THR Q 437 -56.06 20.24 -59.55
C THR Q 437 -57.41 19.56 -59.73
N PHE Q 438 -58.34 19.93 -58.85
CA PHE Q 438 -59.68 19.37 -58.80
C PHE Q 438 -60.45 19.75 -60.05
N ILE Q 439 -60.69 21.05 -60.25
CA ILE Q 439 -61.50 21.48 -61.38
C ILE Q 439 -60.83 21.20 -62.71
N GLU Q 440 -59.50 21.04 -62.72
CA GLU Q 440 -58.85 20.53 -63.92
C GLU Q 440 -59.38 19.15 -64.28
N ASP Q 441 -59.11 18.18 -63.41
CA ASP Q 441 -59.66 16.84 -63.60
C ASP Q 441 -61.15 16.90 -63.94
N LEU Q 442 -61.89 17.73 -63.22
CA LEU Q 442 -63.34 17.82 -63.37
C LEU Q 442 -63.70 18.25 -64.78
N GLN Q 443 -63.11 19.37 -65.23
CA GLN Q 443 -63.16 19.75 -66.63
C GLN Q 443 -62.92 18.55 -67.52
N GLU Q 444 -61.77 17.91 -67.38
CA GLU Q 444 -61.42 16.98 -68.45
C GLU Q 444 -62.33 15.77 -68.48
N ARG Q 445 -62.99 15.40 -67.38
CA ARG Q 445 -63.97 14.33 -67.48
C ARG Q 445 -65.28 14.85 -68.06
N TYR Q 446 -65.59 16.11 -67.76
CA TYR Q 446 -66.73 16.72 -68.44
C TYR Q 446 -66.51 16.75 -69.94
N ALA Q 447 -65.28 16.92 -70.38
CA ALA Q 447 -64.99 16.90 -71.80
C ALA Q 447 -64.94 15.47 -72.31
N LYS Q 448 -64.27 14.59 -71.58
CA LYS Q 448 -64.22 13.18 -71.95
C LYS Q 448 -65.62 12.65 -72.17
N GLN Q 449 -66.65 13.35 -71.73
CA GLN Q 449 -67.99 12.97 -72.14
C GLN Q 449 -68.60 13.90 -73.19
N THR Q 450 -67.87 14.93 -73.67
CA THR Q 450 -68.45 16.07 -74.40
C THR Q 450 -69.11 15.65 -75.72
N PRO Q 451 -68.70 14.51 -76.39
CA PRO Q 451 -69.67 13.83 -77.26
C PRO Q 451 -70.91 13.37 -76.49
N PHE Q 452 -71.78 14.36 -76.34
CA PHE Q 452 -73.16 14.23 -75.92
C PHE Q 452 -74.07 14.26 -77.14
N PHE Q 453 -74.08 15.41 -77.82
CA PHE Q 453 -74.85 15.70 -79.04
C PHE Q 453 -74.36 14.88 -80.24
N PRO Q 469 -80.37 -2.40 -74.61
CA PRO Q 469 -81.10 -1.19 -74.17
C PRO Q 469 -81.94 -1.31 -72.86
N PRO Q 470 -82.02 -2.51 -72.24
CA PRO Q 470 -82.27 -2.55 -70.80
C PRO Q 470 -81.04 -3.09 -70.08
N ALA Q 471 -79.98 -3.33 -70.82
CA ALA Q 471 -78.66 -3.47 -70.22
C ALA Q 471 -77.98 -2.13 -70.01
N ARG Q 472 -78.73 -1.03 -70.20
CA ARG Q 472 -78.34 0.25 -69.62
C ARG Q 472 -78.76 0.34 -68.16
N LYS Q 473 -79.83 -0.37 -67.78
CA LYS Q 473 -80.12 -0.57 -66.37
C LYS Q 473 -78.87 -1.00 -65.62
N GLU Q 474 -78.09 -1.88 -66.23
CA GLU Q 474 -76.77 -2.25 -65.70
C GLU Q 474 -75.91 -1.01 -65.44
N ALA Q 475 -75.63 -0.24 -66.50
CA ALA Q 475 -74.79 0.93 -66.34
C ALA Q 475 -75.27 1.79 -65.19
N ILE Q 476 -76.59 1.96 -65.09
CA ILE Q 476 -77.18 2.67 -63.95
C ILE Q 476 -76.71 2.05 -62.65
N GLY Q 477 -76.82 0.72 -62.56
CA GLY Q 477 -76.52 0.06 -61.30
C GLY Q 477 -75.07 0.15 -60.90
N ARG Q 478 -74.15 -0.06 -61.83
CA ARG Q 478 -72.75 -0.02 -61.42
C ARG Q 478 -72.33 1.41 -61.09
N LEU Q 479 -72.90 2.40 -61.79
CA LEU Q 479 -72.64 3.80 -61.40
C LEU Q 479 -73.11 4.05 -59.99
N LEU Q 480 -74.37 3.71 -59.70
CA LEU Q 480 -74.92 3.83 -58.35
C LEU Q 480 -74.03 3.16 -57.32
N THR Q 481 -73.59 1.91 -57.57
CA THR Q 481 -72.82 1.20 -56.55
C THR Q 481 -71.44 1.76 -56.36
N HIS Q 482 -70.83 2.30 -57.43
CA HIS Q 482 -69.56 2.99 -57.26
C HIS Q 482 -69.72 4.24 -56.41
N ILE Q 483 -70.67 5.09 -56.80
CA ILE Q 483 -71.03 6.27 -56.00
C ILE Q 483 -71.20 5.86 -54.54
N ALA Q 484 -72.16 4.98 -54.28
CA ALA Q 484 -72.34 4.39 -52.96
C ALA Q 484 -71.00 4.12 -52.25
N SER Q 485 -70.12 3.35 -52.87
CA SER Q 485 -68.86 3.03 -52.20
C SER Q 485 -68.13 4.29 -51.77
N GLN Q 486 -67.94 5.24 -52.69
CA GLN Q 486 -67.27 6.47 -52.30
C GLN Q 486 -67.92 7.09 -51.07
N LEU Q 487 -69.25 7.00 -51.00
CA LEU Q 487 -69.99 7.63 -49.91
C LEU Q 487 -69.76 6.88 -48.59
N LEU Q 488 -69.82 5.56 -48.63
CA LEU Q 488 -69.54 4.77 -47.45
C LEU Q 488 -68.20 5.11 -46.83
N VAL Q 489 -67.11 5.13 -47.63
CA VAL Q 489 -65.85 5.49 -46.99
C VAL Q 489 -65.85 6.92 -46.55
N ASP Q 490 -66.49 7.79 -47.34
CA ASP Q 490 -66.33 9.23 -47.14
C ASP Q 490 -67.10 9.70 -45.91
N PHE Q 491 -68.23 9.08 -45.62
CA PHE Q 491 -69.15 9.46 -44.55
C PHE Q 491 -69.17 8.45 -43.41
N ALA Q 492 -68.08 7.71 -43.23
CA ALA Q 492 -67.89 6.66 -42.24
C ALA Q 492 -69.20 6.01 -41.79
N ILE Q 493 -69.80 5.18 -42.65
CA ILE Q 493 -70.93 4.35 -42.26
C ILE Q 493 -70.76 2.96 -42.88
N SER Q 494 -71.77 2.12 -42.73
CA SER Q 494 -71.73 0.78 -43.29
C SER Q 494 -72.56 0.72 -44.55
N LYS Q 495 -72.14 -0.15 -45.47
CA LYS Q 495 -73.01 -0.59 -46.55
C LYS Q 495 -74.44 -0.73 -46.04
N GLU Q 496 -74.61 -1.60 -45.05
CA GLU Q 496 -75.96 -1.96 -44.59
C GLU Q 496 -76.67 -0.76 -43.98
N GLN Q 497 -75.94 0.15 -43.35
CA GLN Q 497 -76.53 1.40 -42.85
C GLN Q 497 -77.14 2.22 -43.99
N LEU Q 498 -76.30 2.52 -44.99
CA LEU Q 498 -76.75 3.29 -46.14
C LEU Q 498 -78.01 2.70 -46.71
N LYS Q 499 -77.95 1.42 -47.13
CA LYS Q 499 -79.12 0.88 -47.80
C LYS Q 499 -80.32 0.76 -46.87
N ASP Q 500 -80.11 0.65 -45.55
CA ASP Q 500 -81.27 0.83 -44.68
C ASP Q 500 -81.88 2.20 -44.92
N CYS Q 501 -81.05 3.24 -44.97
CA CYS Q 501 -81.60 4.58 -45.07
C CYS Q 501 -82.27 4.80 -46.42
N ILE Q 502 -81.54 4.56 -47.52
CA ILE Q 502 -82.15 4.79 -48.82
C ILE Q 502 -83.37 3.89 -49.01
N SER Q 503 -83.33 2.68 -48.46
CA SER Q 503 -84.49 1.81 -48.55
C SER Q 503 -85.70 2.47 -47.90
N ARG Q 504 -85.55 2.82 -46.61
CA ARG Q 504 -86.62 3.41 -45.84
C ARG Q 504 -87.19 4.62 -46.55
N ILE Q 505 -86.32 5.51 -46.99
CA ILE Q 505 -86.76 6.78 -47.51
C ILE Q 505 -87.28 6.68 -48.94
N LYS Q 506 -86.91 5.61 -49.67
CA LYS Q 506 -87.48 5.34 -50.99
C LYS Q 506 -88.88 4.78 -50.88
N ASN Q 507 -89.11 3.87 -49.94
CA ASN Q 507 -90.49 3.53 -49.63
C ASN Q 507 -91.23 4.75 -49.09
N ALA Q 508 -90.50 5.66 -48.43
CA ALA Q 508 -91.07 6.91 -47.93
C ALA Q 508 -91.40 7.89 -49.05
N CYS Q 509 -90.82 7.69 -50.24
CA CYS Q 509 -91.18 8.52 -51.38
C CYS Q 509 -92.27 7.88 -52.24
N LEU Q 510 -92.17 6.58 -52.47
CA LEU Q 510 -93.26 5.86 -53.15
C LEU Q 510 -94.58 6.07 -52.41
N HIS Q 511 -94.55 5.97 -51.08
CA HIS Q 511 -95.80 6.04 -50.32
C HIS Q 511 -96.41 7.44 -50.35
N ARG Q 512 -95.56 8.48 -50.34
CA ARG Q 512 -96.06 9.86 -50.40
C ARG Q 512 -96.16 10.37 -51.82
N MET Q 513 -96.05 9.49 -52.83
CA MET Q 513 -96.53 9.74 -54.18
C MET Q 513 -97.63 8.79 -54.62
N ASN Q 514 -97.55 7.50 -54.26
CA ASN Q 514 -98.53 6.49 -54.67
C ASN Q 514 -99.94 6.86 -54.24
N MET R 1 -53.52 -9.92 -47.44
CA MET R 1 -53.63 -11.37 -47.65
C MET R 1 -52.31 -12.08 -47.36
N PHE R 2 -51.38 -11.31 -46.80
CA PHE R 2 -50.11 -11.82 -46.32
C PHE R 2 -49.99 -11.65 -44.80
N GLU R 3 -49.19 -12.54 -44.19
CA GLU R 3 -48.90 -12.48 -42.77
C GLU R 3 -48.47 -11.08 -42.38
N VAL R 4 -48.97 -10.60 -41.25
CA VAL R 4 -48.62 -9.26 -40.79
C VAL R 4 -47.38 -9.35 -39.92
N PRO R 5 -46.55 -8.34 -39.87
CA PRO R 5 -45.31 -8.45 -39.12
C PRO R 5 -45.38 -7.55 -37.92
N ILE R 6 -46.53 -7.56 -37.24
CA ILE R 6 -46.66 -6.93 -35.93
C ILE R 6 -47.36 -7.91 -34.98
N THR R 7 -47.07 -7.76 -33.68
CA THR R 7 -47.62 -8.64 -32.65
C THR R 7 -49.13 -8.72 -32.75
N LEU R 8 -49.65 -9.93 -32.85
CA LEU R 8 -50.97 -10.14 -33.47
C LEU R 8 -52.04 -9.21 -32.90
N THR R 9 -52.23 -9.21 -31.58
CA THR R 9 -53.41 -8.57 -31.01
C THR R 9 -53.38 -8.60 -29.49
N ASN R 10 -54.36 -7.94 -28.88
CA ASN R 10 -54.69 -8.09 -27.47
C ASN R 10 -55.81 -9.08 -27.28
N ARG R 11 -56.83 -8.82 -28.09
CA ARG R 11 -58.24 -8.83 -27.72
C ARG R 11 -58.89 -10.10 -27.11
N LYS R 12 -59.95 -10.50 -27.79
CA LYS R 12 -60.67 -11.73 -27.52
C LYS R 12 -59.71 -12.90 -27.46
N PHE R 13 -58.92 -13.04 -28.52
CA PHE R 13 -58.24 -14.26 -28.94
C PHE R 13 -57.65 -15.06 -27.80
N ALA R 14 -57.28 -14.36 -26.73
CA ALA R 14 -56.86 -15.04 -25.51
C ALA R 14 -58.01 -15.85 -24.90
N GLN R 15 -59.18 -15.24 -24.70
CA GLN R 15 -60.28 -15.99 -24.13
C GLN R 15 -60.71 -17.13 -25.03
N ARG R 16 -60.60 -16.97 -26.35
CA ARG R 16 -60.87 -18.08 -27.25
C ARG R 16 -59.88 -19.22 -27.05
N ARG R 17 -58.57 -18.90 -26.99
CA ARG R 17 -57.59 -19.95 -26.75
C ARG R 17 -57.82 -20.62 -25.40
N LYS R 18 -58.29 -19.85 -24.41
CA LYS R 18 -58.74 -20.37 -23.12
C LYS R 18 -59.74 -21.47 -23.38
N LEU R 19 -60.95 -21.07 -23.80
CA LEU R 19 -62.02 -22.02 -24.10
C LEU R 19 -61.47 -23.24 -24.83
N LYS R 20 -60.61 -23.00 -25.83
CA LYS R 20 -60.15 -24.09 -26.69
C LYS R 20 -59.32 -25.07 -25.90
N TYR R 21 -58.29 -24.59 -25.21
CA TYR R 21 -57.37 -25.54 -24.60
C TYR R 21 -57.96 -26.13 -23.32
N GLN R 22 -58.83 -25.38 -22.64
CA GLN R 22 -59.57 -25.91 -21.50
C GLN R 22 -60.43 -27.10 -21.90
N TYR R 23 -61.30 -26.91 -22.89
CA TYR R 23 -62.09 -28.01 -23.43
C TYR R 23 -61.21 -29.15 -23.94
N ILE R 24 -60.12 -28.81 -24.64
CA ILE R 24 -59.18 -29.84 -25.10
C ILE R 24 -58.78 -30.72 -23.94
N ASN R 25 -58.40 -30.08 -22.83
CA ASN R 25 -57.91 -30.81 -21.69
C ASN R 25 -59.01 -31.65 -21.06
N TYR R 26 -60.23 -31.15 -20.99
CA TYR R 26 -61.30 -31.97 -20.41
C TYR R 26 -61.54 -33.23 -21.24
N ILE R 27 -61.51 -33.10 -22.58
CA ILE R 27 -61.75 -34.27 -23.42
C ILE R 27 -60.58 -35.24 -23.35
N SER R 28 -59.34 -34.75 -23.40
CA SER R 28 -58.21 -35.67 -23.37
C SER R 28 -58.05 -36.32 -22.00
N ARG R 29 -58.38 -35.59 -20.94
CA ARG R 29 -58.43 -36.16 -19.60
C ARG R 29 -59.40 -37.33 -19.58
N ARG R 30 -60.66 -37.09 -19.95
CA ARG R 30 -61.60 -38.22 -19.88
C ARG R 30 -61.23 -39.32 -20.87
N PHE R 31 -60.42 -39.00 -21.87
CA PHE R 31 -60.05 -40.00 -22.85
C PHE R 31 -58.99 -40.97 -22.29
N ASP R 32 -57.97 -40.44 -21.61
CA ASP R 32 -57.05 -41.32 -20.88
C ASP R 32 -57.76 -42.00 -19.72
N ARG R 33 -58.73 -41.33 -19.11
CA ARG R 33 -59.60 -41.96 -18.13
C ARG R 33 -60.20 -43.24 -18.69
N ILE R 34 -60.79 -43.17 -19.90
CA ILE R 34 -61.43 -44.36 -20.45
C ILE R 34 -60.42 -45.33 -21.04
N SER R 35 -59.22 -44.86 -21.41
CA SER R 35 -58.21 -45.81 -21.92
C SER R 35 -57.63 -46.66 -20.80
N LYS R 36 -57.50 -46.11 -19.60
CA LYS R 36 -57.16 -46.93 -18.43
C LYS R 36 -58.20 -48.03 -18.26
N GLN R 74 -56.98 -19.85 -17.60
CA GLN R 74 -55.60 -19.75 -17.14
C GLN R 74 -54.57 -19.93 -18.25
N GLN R 75 -53.80 -18.87 -18.46
CA GLN R 75 -52.61 -18.88 -19.30
C GLN R 75 -51.80 -20.14 -19.01
N LYS R 76 -51.74 -20.53 -17.73
CA LYS R 76 -50.94 -21.68 -17.33
C LYS R 76 -51.58 -22.99 -17.75
N LYS R 77 -52.91 -23.11 -17.68
CA LYS R 77 -53.57 -24.31 -18.18
C LYS R 77 -53.30 -24.47 -19.67
N ARG R 78 -53.45 -23.39 -20.43
CA ARG R 78 -53.02 -23.42 -21.82
C ARG R 78 -51.55 -23.78 -21.96
N ARG R 79 -50.73 -23.42 -20.95
CA ARG R 79 -49.29 -23.57 -21.06
C ARG R 79 -48.88 -25.03 -20.89
N ARG R 80 -49.33 -25.67 -19.82
CA ARG R 80 -49.10 -27.09 -19.66
C ARG R 80 -49.69 -27.87 -20.83
N GLU R 81 -50.91 -27.49 -21.22
CA GLU R 81 -51.62 -28.12 -22.32
C GLU R 81 -50.80 -28.12 -23.60
N ARG R 82 -50.51 -26.95 -24.16
CA ARG R 82 -49.62 -26.88 -25.30
C ARG R 82 -48.24 -27.46 -24.99
N HIS R 83 -47.90 -27.58 -23.70
CA HIS R 83 -46.55 -27.98 -23.34
C HIS R 83 -46.29 -29.45 -23.65
N TRP R 84 -46.96 -30.37 -22.97
CA TRP R 84 -46.46 -31.76 -23.00
C TRP R 84 -46.66 -32.35 -24.39
N ARG R 85 -45.73 -31.99 -25.29
CA ARG R 85 -45.68 -32.33 -26.71
C ARG R 85 -44.38 -31.82 -27.29
N SER R 86 -43.72 -32.67 -28.10
CA SER R 86 -42.50 -32.33 -28.81
C SER R 86 -42.66 -30.97 -29.48
N VAL R 87 -41.91 -29.99 -28.99
CA VAL R 87 -42.23 -28.59 -29.20
C VAL R 87 -41.51 -28.00 -30.41
N SER R 137 -27.41 -35.21 -54.13
CA SER R 137 -26.20 -34.60 -54.67
C SER R 137 -26.03 -33.17 -54.17
N PHE R 138 -26.71 -32.84 -53.08
CA PHE R 138 -26.80 -31.47 -52.64
C PHE R 138 -27.18 -31.43 -51.17
N GLU R 139 -26.82 -30.32 -50.53
CA GLU R 139 -26.55 -30.18 -49.10
C GLU R 139 -27.76 -30.22 -48.14
N ILE R 140 -28.63 -31.22 -48.29
CA ILE R 140 -29.93 -31.25 -47.61
C ILE R 140 -29.78 -31.60 -46.13
N TRP R 141 -30.34 -30.77 -45.26
CA TRP R 141 -30.48 -31.11 -43.85
C TRP R 141 -31.40 -32.31 -43.66
N ARG R 142 -31.03 -33.48 -44.17
CA ARG R 142 -31.99 -34.58 -44.36
C ARG R 142 -32.85 -34.81 -43.12
N THR R 143 -34.10 -35.19 -43.35
CA THR R 143 -35.09 -35.37 -42.28
C THR R 143 -34.82 -36.66 -41.51
N VAL R 144 -35.69 -36.97 -40.54
CA VAL R 144 -35.65 -38.25 -39.85
C VAL R 144 -36.77 -39.13 -40.42
N SER R 145 -36.38 -40.19 -41.13
CA SER R 145 -37.29 -41.04 -41.88
C SER R 145 -37.83 -42.17 -41.01
N SER R 146 -38.74 -42.96 -41.58
CA SER R 146 -39.44 -44.03 -40.87
C SER R 146 -38.66 -45.33 -40.97
N GLN R 147 -38.26 -45.90 -39.82
CA GLN R 147 -37.74 -47.27 -39.85
C GLN R 147 -37.83 -47.95 -38.50
N ASN R 148 -37.36 -47.30 -37.44
CA ASN R 148 -37.49 -47.87 -36.11
C ASN R 148 -38.73 -47.36 -35.38
N LYS R 149 -39.62 -46.69 -36.10
CA LYS R 149 -40.84 -46.15 -35.51
C LYS R 149 -41.83 -47.29 -35.24
N GLN R 150 -43.15 -47.00 -35.27
CA GLN R 150 -44.04 -47.77 -34.40
C GLN R 150 -44.95 -48.81 -35.06
N PRO R 151 -45.97 -49.37 -34.34
CA PRO R 151 -46.92 -50.25 -35.03
C PRO R 151 -48.34 -49.73 -35.05
N ILE R 152 -49.24 -50.57 -35.56
CA ILE R 152 -50.55 -50.16 -36.04
C ILE R 152 -51.56 -50.16 -34.89
N ASN R 153 -52.59 -49.32 -35.04
CA ASN R 153 -53.72 -49.25 -34.13
C ASN R 153 -54.96 -49.76 -34.86
N LYS R 154 -56.02 -50.06 -34.12
CA LYS R 154 -57.27 -50.50 -34.73
C LYS R 154 -58.45 -49.98 -33.91
N GLN R 155 -59.48 -49.53 -34.64
CA GLN R 155 -60.53 -48.59 -34.23
C GLN R 155 -60.61 -48.31 -32.74
N LYS R 156 -60.63 -47.03 -32.39
CA LYS R 156 -60.89 -46.64 -31.02
C LYS R 156 -62.28 -46.06 -30.81
N MET R 157 -62.93 -45.59 -31.85
CA MET R 157 -63.93 -44.54 -31.61
C MET R 157 -65.21 -44.66 -32.42
N THR R 158 -66.13 -45.51 -31.94
CA THR R 158 -67.46 -45.51 -32.54
C THR R 158 -68.18 -44.21 -32.22
N TYR R 159 -69.36 -44.05 -32.80
CA TYR R 159 -70.22 -42.93 -32.48
C TYR R 159 -70.64 -42.98 -31.01
N HIS R 160 -71.38 -44.03 -30.64
CA HIS R 160 -71.88 -44.16 -29.28
C HIS R 160 -70.78 -44.03 -28.24
N ASN R 161 -69.53 -44.35 -28.62
CA ASN R 161 -68.43 -44.28 -27.67
C ASN R 161 -67.72 -42.94 -27.71
N PHE R 162 -67.64 -42.27 -28.85
CA PHE R 162 -67.14 -40.91 -28.82
C PHE R 162 -68.06 -40.01 -28.00
N LYS R 163 -69.37 -40.07 -28.28
CA LYS R 163 -70.30 -39.18 -27.59
C LYS R 163 -70.23 -39.40 -26.08
N LYS R 164 -69.85 -40.60 -25.64
CA LYS R 164 -69.44 -40.83 -24.27
C LYS R 164 -68.42 -39.77 -23.85
N ILE R 165 -67.21 -39.85 -24.40
CA ILE R 165 -66.17 -38.89 -24.02
C ILE R 165 -66.58 -37.44 -24.24
N GLU R 166 -67.47 -37.17 -25.19
CA GLU R 166 -67.83 -35.77 -25.45
C GLU R 166 -68.75 -35.21 -24.38
N LYS R 167 -69.69 -36.02 -23.87
CA LYS R 167 -70.91 -35.46 -23.28
C LYS R 167 -70.65 -34.62 -22.05
N ILE R 168 -69.74 -35.06 -21.19
CA ILE R 168 -69.49 -34.37 -19.91
C ILE R 168 -68.64 -33.13 -20.12
N PRO R 169 -67.42 -33.20 -20.71
CA PRO R 169 -66.59 -31.99 -20.75
C PRO R 169 -67.28 -30.83 -21.45
N LEU R 170 -68.13 -31.12 -22.44
CA LEU R 170 -68.91 -30.06 -23.08
C LEU R 170 -69.74 -29.26 -22.07
N ARG R 171 -70.15 -29.90 -20.97
CA ARG R 171 -70.97 -29.20 -19.98
C ARG R 171 -70.10 -28.32 -19.10
N LYS R 172 -69.06 -28.93 -18.51
CA LYS R 172 -68.11 -28.13 -17.74
C LYS R 172 -67.79 -26.88 -18.54
N MET R 173 -67.55 -27.06 -19.84
CA MET R 173 -67.48 -25.94 -20.75
C MET R 173 -68.72 -25.08 -20.68
N GLU R 174 -69.88 -25.67 -20.42
CA GLU R 174 -71.05 -24.80 -20.32
C GLU R 174 -70.89 -23.78 -19.20
N ILE R 175 -70.03 -24.01 -18.22
CA ILE R 175 -69.89 -23.01 -17.14
C ILE R 175 -69.16 -21.72 -17.55
N PRO R 176 -67.89 -21.76 -18.01
CA PRO R 176 -67.19 -20.50 -18.25
C PRO R 176 -67.51 -19.90 -19.60
N LEU R 177 -68.01 -20.72 -20.52
CA LEU R 177 -68.76 -20.24 -21.67
C LEU R 177 -69.81 -19.22 -21.27
N LEU R 178 -70.27 -19.29 -20.02
CA LEU R 178 -71.28 -18.36 -19.57
C LEU R 178 -70.69 -16.98 -19.30
N HIS R 179 -69.36 -16.91 -19.23
CA HIS R 179 -68.62 -15.70 -18.92
C HIS R 179 -67.93 -15.10 -20.12
N CYS R 180 -67.60 -15.88 -21.15
CA CYS R 180 -67.05 -15.32 -22.38
C CYS R 180 -68.17 -14.70 -23.21
N THR R 181 -67.77 -14.05 -24.30
CA THR R 181 -68.73 -13.24 -25.02
C THR R 181 -69.49 -14.07 -26.06
N LYS R 182 -70.59 -13.50 -26.54
CA LYS R 182 -71.48 -14.19 -27.48
C LYS R 182 -70.71 -14.74 -28.68
N GLU R 183 -69.97 -13.87 -29.36
CA GLU R 183 -69.14 -14.28 -30.49
C GLU R 183 -68.26 -15.47 -30.11
N ASN R 184 -67.74 -15.50 -28.90
CA ASN R 184 -66.87 -16.60 -28.54
C ASN R 184 -67.62 -17.81 -27.99
N LYS R 185 -68.82 -17.63 -27.42
CA LYS R 185 -69.74 -18.75 -27.28
C LYS R 185 -69.85 -19.50 -28.60
N LEU R 186 -70.23 -18.77 -29.65
CA LEU R 186 -70.51 -19.38 -30.95
C LEU R 186 -69.23 -19.92 -31.60
N TYR R 187 -68.14 -19.20 -31.41
CA TYR R 187 -66.84 -19.70 -31.81
C TYR R 187 -66.54 -21.05 -31.17
N PHE R 188 -66.56 -21.13 -29.84
CA PHE R 188 -66.30 -22.42 -29.20
C PHE R 188 -67.29 -23.46 -29.69
N GLN R 189 -68.56 -23.09 -29.79
CA GLN R 189 -69.59 -24.00 -30.26
C GLN R 189 -69.18 -24.68 -31.55
N SER R 190 -68.68 -23.88 -32.49
CA SER R 190 -68.43 -24.33 -33.84
C SER R 190 -67.12 -25.07 -33.93
N ILE R 191 -66.08 -24.57 -33.28
CA ILE R 191 -64.84 -25.31 -33.27
C ILE R 191 -65.04 -26.65 -32.61
N SER R 192 -66.05 -26.76 -31.75
CA SER R 192 -66.36 -27.99 -31.01
C SER R 192 -67.25 -28.93 -31.80
N ARG R 193 -68.18 -28.41 -32.61
CA ARG R 193 -68.75 -29.19 -33.70
C ARG R 193 -67.72 -29.62 -34.74
N GLY R 194 -66.49 -29.11 -34.67
CA GLY R 194 -65.54 -29.46 -35.69
C GLY R 194 -65.53 -28.56 -36.91
N LEU R 195 -66.43 -27.58 -37.00
CA LEU R 195 -66.24 -26.53 -37.97
C LEU R 195 -64.92 -25.82 -37.73
N GLU R 196 -64.54 -25.00 -38.72
CA GLU R 196 -63.33 -24.23 -38.78
C GLU R 196 -63.71 -22.83 -39.25
N PRO R 197 -63.16 -21.79 -38.61
CA PRO R 197 -63.64 -20.44 -38.89
C PRO R 197 -63.19 -20.01 -40.27
N LEU R 198 -63.96 -19.14 -40.92
CA LEU R 198 -63.44 -18.59 -42.18
C LEU R 198 -63.17 -17.09 -42.13
N LYS R 199 -63.14 -16.49 -40.95
CA LYS R 199 -62.43 -15.25 -40.74
C LYS R 199 -61.12 -15.56 -40.02
N THR R 200 -60.11 -14.72 -40.26
CA THR R 200 -58.79 -14.83 -39.66
C THR R 200 -58.65 -13.88 -38.48
N SER R 201 -57.64 -14.11 -37.65
CA SER R 201 -57.36 -13.12 -36.62
C SER R 201 -57.05 -11.76 -37.23
N THR R 202 -56.35 -11.71 -38.36
CA THR R 202 -56.16 -10.44 -39.07
C THR R 202 -57.50 -9.91 -39.59
N SER R 203 -58.26 -10.78 -40.27
CA SER R 203 -59.51 -10.37 -40.90
C SER R 203 -60.44 -9.70 -39.92
N GLU R 204 -60.46 -10.15 -38.68
CA GLU R 204 -61.42 -9.61 -37.75
C GLU R 204 -60.84 -8.56 -36.83
N VAL R 205 -59.52 -8.33 -36.85
CA VAL R 205 -58.98 -7.26 -36.01
C VAL R 205 -59.11 -5.93 -36.74
N ARG R 206 -60.26 -5.30 -36.59
CA ARG R 206 -60.52 -4.02 -37.18
C ARG R 206 -60.06 -2.93 -36.22
N ASN R 207 -59.94 -1.25 -38.41
CA ASN R 207 -59.40 -0.15 -37.63
C ASN R 207 -58.62 0.72 -38.61
N TYR R 208 -58.76 2.03 -38.55
CA TYR R 208 -58.00 2.92 -39.42
C TYR R 208 -56.54 2.47 -39.55
N ARG R 209 -55.81 2.54 -38.44
CA ARG R 209 -54.37 2.40 -38.43
C ARG R 209 -53.92 1.03 -38.95
N THR R 210 -54.53 -0.05 -38.47
CA THR R 210 -53.95 -1.34 -38.87
C THR R 210 -54.24 -1.65 -40.32
N ARG R 211 -55.41 -1.25 -40.82
CA ARG R 211 -55.72 -1.49 -42.21
C ARG R 211 -54.76 -0.71 -43.08
N HIS R 212 -54.32 0.44 -42.59
CA HIS R 212 -53.29 1.19 -43.30
C HIS R 212 -51.97 0.44 -43.31
N ILE R 213 -51.51 -0.01 -42.13
CA ILE R 213 -50.31 -0.84 -42.09
C ILE R 213 -50.44 -2.01 -43.05
N VAL R 214 -51.62 -2.62 -43.10
CA VAL R 214 -51.82 -3.78 -43.97
C VAL R 214 -51.56 -3.40 -45.42
N THR R 215 -52.06 -2.25 -45.85
CA THR R 215 -51.77 -1.82 -47.21
C THR R 215 -50.30 -1.47 -47.39
N LEU R 216 -49.69 -0.77 -46.42
CA LEU R 216 -48.28 -0.45 -46.49
C LEU R 216 -47.44 -1.70 -46.71
N THR R 217 -47.62 -2.70 -45.86
CA THR R 217 -46.83 -3.92 -45.97
C THR R 217 -47.13 -4.69 -47.25
N ASP R 218 -48.40 -4.74 -47.67
CA ASP R 218 -48.71 -5.34 -48.97
C ASP R 218 -47.89 -4.68 -50.06
N LEU R 219 -47.95 -3.36 -50.14
CA LEU R 219 -47.21 -2.68 -51.19
C LEU R 219 -45.74 -2.99 -51.09
N LEU R 220 -45.24 -3.16 -49.86
CA LEU R 220 -43.87 -3.63 -49.69
C LEU R 220 -43.67 -4.96 -50.41
N HIS R 221 -44.41 -5.99 -49.99
CA HIS R 221 -44.19 -7.32 -50.54
C HIS R 221 -44.41 -7.35 -52.05
N LEU R 222 -45.31 -6.51 -52.54
CA LEU R 222 -45.58 -6.49 -53.97
C LEU R 222 -44.44 -5.87 -54.71
N ASN R 223 -44.01 -4.67 -54.28
CA ASN R 223 -42.92 -3.98 -54.95
C ASN R 223 -41.64 -4.82 -54.95
N VAL R 224 -41.38 -5.54 -53.85
CA VAL R 224 -40.23 -6.43 -53.81
C VAL R 224 -40.42 -7.61 -54.77
N SER R 225 -41.65 -8.10 -54.94
CA SER R 225 -41.81 -9.13 -55.94
C SER R 225 -41.52 -8.59 -57.32
N ARG R 226 -41.80 -7.31 -57.54
CA ARG R 226 -41.71 -6.67 -58.85
C ARG R 226 -40.30 -6.19 -59.21
N HIS R 227 -39.30 -6.37 -58.35
CA HIS R 227 -37.96 -5.83 -58.55
C HIS R 227 -37.97 -4.30 -58.58
N ASN R 228 -39.00 -3.68 -57.99
CA ASN R 228 -39.12 -2.22 -57.96
C ASN R 228 -38.42 -1.64 -56.72
N TRP R 229 -37.12 -1.97 -56.62
CA TRP R 229 -36.36 -1.78 -55.40
C TRP R 229 -36.46 -0.37 -54.82
N SER R 230 -36.67 0.64 -55.67
CA SER R 230 -36.72 2.01 -55.18
C SER R 230 -37.95 2.23 -54.32
N LEU R 231 -39.13 2.09 -54.92
CA LEU R 231 -40.39 2.21 -54.19
C LEU R 231 -40.37 1.33 -52.95
N ALA R 232 -40.28 0.01 -53.15
CA ALA R 232 -39.96 -0.96 -52.14
C ALA R 232 -39.21 -0.33 -50.98
N TYR R 233 -38.01 0.18 -51.25
CA TYR R 233 -37.23 0.80 -50.18
C TYR R 233 -38.02 1.87 -49.45
N LYS R 234 -38.65 2.79 -50.20
CA LYS R 234 -39.47 3.81 -49.54
C LYS R 234 -40.48 3.16 -48.61
N ILE R 235 -41.12 2.10 -49.08
CA ILE R 235 -42.10 1.35 -48.33
C ILE R 235 -41.44 0.96 -47.02
N PHE R 236 -40.47 0.03 -47.09
CA PHE R 236 -39.77 -0.47 -45.93
C PHE R 236 -39.43 0.62 -44.93
N ALA R 237 -38.98 1.79 -45.40
CA ALA R 237 -38.58 2.85 -44.48
C ALA R 237 -39.78 3.44 -43.75
N THR R 238 -40.88 3.68 -44.46
CA THR R 238 -42.08 4.20 -43.79
C THR R 238 -42.68 3.17 -42.85
N LEU R 239 -42.65 1.90 -43.26
CA LEU R 239 -42.99 0.78 -42.39
C LEU R 239 -42.25 0.87 -41.07
N ILE R 240 -40.96 0.51 -41.06
CA ILE R 240 -40.20 0.42 -39.81
C ILE R 240 -40.30 1.75 -39.04
N ARG R 241 -40.57 2.86 -39.74
CA ARG R 241 -40.84 4.11 -39.01
C ARG R 241 -42.02 3.96 -38.06
N ILE R 242 -42.96 3.08 -38.40
CA ILE R 242 -44.23 3.02 -37.65
C ILE R 242 -44.00 2.31 -36.32
N PRO R 243 -44.61 2.80 -35.25
CA PRO R 243 -44.30 2.30 -33.92
C PRO R 243 -44.88 0.92 -33.62
N GLY R 244 -45.23 0.16 -34.65
CA GLY R 244 -45.82 -1.13 -34.37
C GLY R 244 -45.04 -2.30 -34.89
N VAL R 245 -44.29 -2.10 -35.97
CA VAL R 245 -43.69 -3.20 -36.71
C VAL R 245 -42.48 -3.72 -35.95
N GLN R 246 -42.51 -5.00 -35.60
CA GLN R 246 -41.24 -5.61 -35.20
C GLN R 246 -40.49 -6.07 -36.44
N ILE R 247 -39.18 -6.13 -36.29
CA ILE R 247 -38.20 -6.39 -37.33
C ILE R 247 -38.32 -7.77 -37.97
N LYS R 248 -39.51 -8.35 -37.97
CA LYS R 248 -39.67 -9.65 -38.60
C LYS R 248 -39.62 -9.58 -40.11
N SER R 249 -39.36 -8.39 -40.67
CA SER R 249 -39.25 -8.18 -42.10
C SER R 249 -37.82 -7.81 -42.47
N LEU R 250 -36.85 -8.61 -42.03
CA LEU R 250 -35.45 -8.26 -42.27
C LEU R 250 -34.97 -8.70 -43.66
N TRP R 251 -35.16 -9.97 -44.03
CA TRP R 251 -34.97 -10.43 -45.42
C TRP R 251 -35.58 -9.46 -46.41
N GLY R 252 -36.68 -8.79 -46.02
CA GLY R 252 -37.10 -7.52 -46.58
C GLY R 252 -35.91 -6.66 -46.97
N ILE R 253 -35.09 -6.21 -46.03
CA ILE R 253 -33.93 -5.42 -46.44
C ILE R 253 -32.86 -6.33 -47.04
N GLY R 254 -32.40 -7.33 -46.28
CA GLY R 254 -31.37 -8.29 -46.66
C GLY R 254 -31.36 -8.74 -48.11
N VAL R 255 -32.51 -8.64 -48.81
CA VAL R 255 -32.56 -8.70 -50.26
C VAL R 255 -32.84 -7.33 -50.86
N GLU R 256 -33.53 -6.46 -50.14
CA GLU R 256 -33.98 -5.20 -50.71
C GLU R 256 -32.83 -4.24 -50.89
N ILE R 257 -32.20 -3.86 -49.79
CA ILE R 257 -30.97 -3.10 -49.70
C ILE R 257 -29.84 -3.81 -50.44
N LEU R 258 -30.03 -5.10 -50.75
CA LEU R 258 -29.03 -5.89 -51.45
C LEU R 258 -29.03 -5.64 -52.95
N ASP R 259 -30.22 -5.56 -53.55
CA ASP R 259 -30.29 -5.09 -54.94
C ASP R 259 -30.38 -3.57 -55.02
N ASN R 260 -30.02 -2.86 -53.96
CA ASN R 260 -29.96 -1.40 -53.95
C ASN R 260 -28.54 -0.97 -53.60
N LEU R 261 -27.62 -1.23 -54.54
CA LEU R 261 -26.26 -0.70 -54.42
C LEU R 261 -26.29 0.80 -54.13
N SER R 262 -27.34 1.49 -54.62
CA SER R 262 -27.35 2.92 -54.89
C SER R 262 -26.71 3.81 -53.83
N ASN R 263 -27.35 3.99 -52.68
CA ASN R 263 -26.99 5.09 -51.80
C ASN R 263 -26.75 4.73 -50.35
N SER R 264 -27.17 3.56 -49.89
CA SER R 264 -27.23 3.30 -48.46
C SER R 264 -26.30 2.16 -48.08
N SER R 265 -25.60 2.31 -46.94
CA SER R 265 -24.95 1.17 -46.31
C SER R 265 -25.97 0.06 -46.17
N SER R 266 -25.54 -1.18 -46.38
CA SER R 266 -26.49 -2.19 -46.85
C SER R 266 -25.99 -3.60 -46.54
N GLY R 267 -26.85 -4.57 -46.90
CA GLY R 267 -26.50 -5.97 -47.04
C GLY R 267 -25.83 -6.52 -45.82
N LEU R 268 -24.51 -6.63 -45.88
CA LEU R 268 -23.78 -7.02 -44.67
C LEU R 268 -24.03 -6.03 -43.53
N ASP R 269 -24.09 -4.73 -43.83
CA ASP R 269 -24.40 -3.73 -42.80
C ASP R 269 -25.60 -4.18 -41.98
N PHE R 270 -26.75 -4.37 -42.65
CA PHE R 270 -27.93 -4.86 -41.94
C PHE R 270 -27.64 -6.19 -41.27
N LEU R 271 -27.16 -7.17 -42.03
CA LEU R 271 -26.99 -8.52 -41.52
C LEU R 271 -26.21 -8.55 -40.21
N GLN R 272 -24.93 -8.17 -40.25
CA GLN R 272 -24.14 -8.19 -39.03
C GLN R 272 -24.67 -7.21 -37.99
N TRP R 273 -25.43 -6.18 -38.39
CA TRP R 273 -26.12 -5.38 -37.39
C TRP R 273 -27.11 -6.24 -36.61
N MET R 274 -28.08 -6.84 -37.31
CA MET R 274 -29.05 -7.76 -36.71
C MET R 274 -28.37 -8.72 -35.76
N CYS R 275 -27.28 -9.33 -36.23
CA CYS R 275 -26.57 -10.29 -35.40
C CYS R 275 -26.07 -9.64 -34.12
N GLN R 276 -25.37 -8.52 -34.24
CA GLN R 276 -24.77 -7.92 -33.06
C GLN R 276 -25.84 -7.49 -32.06
N ILE R 277 -26.97 -6.95 -32.54
CA ILE R 277 -27.99 -6.45 -31.61
C ILE R 277 -28.74 -7.61 -30.97
N TYR R 278 -29.20 -8.58 -31.76
CA TYR R 278 -30.04 -9.66 -31.21
C TYR R 278 -29.24 -10.95 -31.05
N SER R 279 -28.19 -10.89 -30.21
CA SER R 279 -27.40 -12.06 -29.87
C SER R 279 -27.28 -12.25 -28.36
N SER R 280 -28.04 -11.52 -27.56
CA SER R 280 -27.92 -11.59 -26.11
C SER R 280 -29.24 -11.18 -25.47
N LYS R 281 -29.28 -11.26 -24.14
CA LYS R 281 -30.42 -10.83 -23.34
C LYS R 281 -30.47 -9.32 -23.15
N SER R 282 -29.74 -8.56 -23.95
CA SER R 282 -29.61 -7.12 -23.75
C SER R 282 -30.34 -6.31 -24.81
N ARG R 291 -43.31 -18.45 -24.63
CA ARG R 291 -44.08 -17.31 -25.15
C ARG R 291 -44.35 -17.47 -26.65
N SER R 292 -45.45 -16.90 -27.11
CA SER R 292 -45.80 -16.90 -28.53
C SER R 292 -45.34 -15.58 -29.16
N ILE R 293 -45.72 -15.39 -30.44
CA ILE R 293 -45.35 -14.23 -31.27
C ILE R 293 -43.88 -14.32 -31.66
N VAL R 294 -43.47 -15.48 -32.21
CA VAL R 294 -42.05 -15.78 -32.42
C VAL R 294 -41.70 -16.70 -33.64
N PRO R 295 -40.69 -17.57 -33.43
CA PRO R 295 -39.34 -17.45 -34.01
C PRO R 295 -38.99 -17.83 -35.47
N PRO R 296 -38.68 -19.14 -35.73
CA PRO R 296 -37.54 -19.48 -36.61
C PRO R 296 -36.75 -18.41 -37.33
N PHE R 297 -37.35 -17.35 -37.88
CA PHE R 297 -36.60 -16.35 -38.62
C PHE R 297 -36.35 -15.07 -37.81
N GLN R 298 -36.83 -15.02 -36.57
CA GLN R 298 -36.28 -14.17 -35.52
C GLN R 298 -36.05 -15.08 -34.33
N THR R 299 -35.15 -14.69 -33.43
CA THR R 299 -35.03 -15.38 -32.15
C THR R 299 -33.94 -14.72 -31.30
N GLY R 300 -33.86 -15.16 -30.03
CA GLY R 300 -32.83 -14.77 -29.12
C GLY R 300 -31.81 -15.86 -28.88
N SER R 301 -31.08 -15.74 -27.77
CA SER R 301 -29.86 -16.51 -27.51
C SER R 301 -30.10 -18.00 -27.25
N ARG R 302 -29.17 -18.60 -26.50
CA ARG R 302 -29.24 -19.93 -25.90
C ARG R 302 -29.68 -21.07 -26.83
N THR R 303 -30.30 -20.79 -27.97
CA THR R 303 -30.44 -21.81 -29.02
C THR R 303 -30.91 -21.11 -30.30
N HIS R 304 -30.63 -21.79 -31.42
CA HIS R 304 -30.09 -21.13 -32.60
C HIS R 304 -31.11 -20.28 -33.34
N THR R 305 -30.54 -19.52 -34.29
CA THR R 305 -31.00 -18.19 -34.66
C THR R 305 -30.86 -17.96 -36.15
N ALA R 306 -31.25 -18.96 -36.95
CA ALA R 306 -31.27 -18.94 -38.41
C ALA R 306 -30.82 -17.62 -39.00
N LYS R 307 -31.83 -16.81 -39.33
CA LYS R 307 -31.69 -15.57 -40.06
C LYS R 307 -30.33 -14.90 -39.94
N PHE R 308 -30.26 -13.87 -39.10
CA PHE R 308 -29.09 -13.01 -39.08
C PHE R 308 -27.79 -13.81 -39.06
N ALA R 309 -27.69 -14.79 -38.15
CA ALA R 309 -26.46 -15.55 -37.95
C ALA R 309 -25.94 -16.16 -39.25
N ILE R 310 -26.62 -17.19 -39.76
CA ILE R 310 -26.08 -17.86 -40.93
C ILE R 310 -26.03 -16.93 -42.12
N THR R 311 -26.95 -15.96 -42.21
CA THR R 311 -26.96 -15.13 -43.42
C THR R 311 -25.72 -14.25 -43.50
N TYR R 312 -25.39 -13.46 -42.47
CA TYR R 312 -24.13 -12.74 -42.56
C TYR R 312 -22.95 -13.71 -42.60
N LEU R 313 -23.12 -14.89 -41.98
CA LEU R 313 -22.01 -15.81 -41.73
C LEU R 313 -21.60 -16.57 -42.98
N TRP R 314 -22.48 -16.70 -43.96
CA TRP R 314 -22.01 -17.07 -45.28
C TRP R 314 -21.73 -15.84 -46.13
N SER R 315 -22.64 -14.86 -46.11
CA SER R 315 -22.57 -13.75 -47.06
C SER R 315 -21.23 -13.03 -46.98
N SER R 316 -20.58 -13.07 -45.82
CA SER R 316 -19.24 -12.49 -45.72
C SER R 316 -18.21 -13.36 -46.46
N LEU R 317 -18.37 -14.69 -46.38
CA LEU R 317 -17.57 -15.59 -47.21
C LEU R 317 -17.85 -15.38 -48.70
N ILE R 318 -19.04 -14.89 -49.05
CA ILE R 318 -19.29 -14.51 -50.43
C ILE R 318 -18.60 -13.18 -50.75
N ASN R 319 -18.54 -12.27 -49.77
CA ASN R 319 -17.67 -11.09 -49.90
C ASN R 319 -16.20 -11.48 -49.99
N CYS R 320 -15.84 -12.73 -49.71
CA CYS R 320 -14.51 -13.20 -50.09
C CYS R 320 -14.48 -13.93 -51.42
N GLN R 321 -15.58 -14.52 -51.90
CA GLN R 321 -15.57 -14.81 -53.32
C GLN R 321 -15.45 -13.54 -54.13
N LYS R 322 -15.74 -12.39 -53.51
CA LYS R 322 -15.42 -11.11 -54.12
C LYS R 322 -13.90 -10.97 -54.32
N SER R 323 -13.10 -11.62 -53.47
CA SER R 323 -11.66 -11.59 -53.64
C SER R 323 -11.22 -12.24 -54.94
N MET R 324 -11.14 -13.56 -54.96
CA MET R 324 -10.66 -14.29 -56.13
C MET R 324 -11.81 -14.73 -57.04
N LEU R 345 -9.63 -10.41 -44.95
CA LEU R 345 -11.04 -10.72 -44.79
C LEU R 345 -11.33 -12.09 -44.15
N ILE R 346 -10.71 -13.16 -44.66
CA ILE R 346 -11.03 -14.52 -44.20
C ILE R 346 -10.63 -14.70 -42.74
N ASP R 347 -9.35 -14.47 -42.42
CA ASP R 347 -8.89 -14.68 -41.05
C ASP R 347 -9.65 -13.80 -40.06
N LYS R 348 -10.27 -12.70 -40.53
CA LYS R 348 -11.21 -11.95 -39.70
C LYS R 348 -12.50 -12.72 -39.49
N ILE R 349 -13.12 -13.16 -40.59
CA ILE R 349 -14.37 -13.91 -40.50
C ILE R 349 -14.20 -15.16 -39.65
N SER R 350 -13.01 -15.74 -39.64
CA SER R 350 -12.75 -16.96 -38.89
C SER R 350 -12.20 -16.67 -37.50
N GLU R 351 -11.72 -15.45 -37.25
CA GLU R 351 -11.42 -15.07 -35.88
C GLU R 351 -12.72 -14.82 -35.10
N TRP R 352 -13.66 -14.09 -35.70
CA TRP R 352 -14.91 -13.80 -34.99
C TRP R 352 -16.00 -14.82 -35.25
N VAL R 353 -15.88 -15.63 -36.31
CA VAL R 353 -16.44 -16.97 -36.29
C VAL R 353 -15.80 -17.77 -35.17
N LEU R 354 -14.48 -17.59 -34.98
CA LEU R 354 -13.71 -18.27 -33.93
C LEU R 354 -13.87 -17.60 -32.57
N THR R 355 -14.89 -16.78 -32.40
CA THR R 355 -15.44 -16.63 -31.07
C THR R 355 -16.81 -17.30 -31.03
N PRO R 356 -16.85 -18.64 -30.98
CA PRO R 356 -17.98 -19.32 -30.35
C PRO R 356 -17.83 -19.07 -28.84
N PRO R 357 -18.66 -19.69 -27.99
CA PRO R 357 -19.67 -20.72 -28.22
C PRO R 357 -21.14 -20.41 -28.08
N PHE R 358 -21.83 -20.68 -29.17
CA PHE R 358 -22.91 -21.64 -29.06
C PHE R 358 -22.35 -23.03 -29.35
N MET R 359 -21.35 -23.08 -30.24
CA MET R 359 -20.49 -24.21 -30.62
C MET R 359 -21.18 -25.57 -30.76
N GLU R 360 -22.51 -25.62 -30.65
CA GLU R 360 -23.25 -26.70 -31.28
C GLU R 360 -23.76 -26.31 -32.64
N ASP R 361 -23.54 -25.07 -33.05
CA ASP R 361 -23.95 -24.62 -34.38
C ASP R 361 -23.11 -25.34 -35.43
N ALA R 362 -23.35 -26.64 -35.59
CA ALA R 362 -22.51 -27.46 -36.47
C ALA R 362 -22.37 -26.79 -37.83
N GLU R 363 -23.48 -26.32 -38.40
CA GLU R 363 -23.38 -25.64 -39.68
C GLU R 363 -22.37 -24.52 -39.63
N VAL R 364 -22.22 -23.83 -38.49
CA VAL R 364 -21.17 -22.83 -38.45
C VAL R 364 -19.83 -23.52 -38.40
N TRP R 365 -19.76 -24.74 -37.87
CA TRP R 365 -18.54 -25.51 -38.05
C TRP R 365 -18.21 -25.68 -39.53
N PHE R 366 -19.22 -25.93 -40.37
CA PHE R 366 -18.92 -26.02 -41.78
C PHE R 366 -18.57 -24.67 -42.38
N ILE R 367 -19.16 -23.57 -41.87
CA ILE R 367 -18.70 -22.25 -42.29
C ILE R 367 -17.23 -22.06 -41.98
N TYR R 368 -16.79 -22.55 -40.82
CA TYR R 368 -15.39 -22.44 -40.45
C TYR R 368 -14.52 -23.22 -41.43
N ALA R 369 -14.88 -24.49 -41.67
CA ALA R 369 -14.12 -25.32 -42.60
C ALA R 369 -14.07 -24.69 -43.99
N SER R 370 -15.15 -23.99 -44.37
CA SER R 370 -15.16 -23.25 -45.63
C SER R 370 -14.16 -22.10 -45.62
N CYS R 371 -14.09 -21.36 -44.50
CA CYS R 371 -13.07 -20.33 -44.36
C CYS R 371 -11.68 -20.89 -44.59
N HIS R 372 -11.45 -22.13 -44.13
CA HIS R 372 -10.13 -22.73 -44.33
C HIS R 372 -9.90 -23.21 -45.76
N LEU R 373 -10.94 -23.70 -46.44
CA LEU R 373 -10.74 -24.08 -47.83
C LEU R 373 -10.56 -22.86 -48.72
N LEU R 374 -11.11 -21.71 -48.32
CA LEU R 374 -10.89 -20.51 -49.10
C LEU R 374 -9.55 -19.87 -48.80
N LYS R 375 -9.07 -19.93 -47.54
CA LYS R 375 -7.69 -19.50 -47.31
C LYS R 375 -6.71 -20.39 -48.08
N ALA R 376 -6.99 -21.70 -48.16
CA ALA R 376 -6.14 -22.59 -48.93
C ALA R 376 -6.24 -22.32 -50.43
N ASP R 377 -7.35 -21.75 -50.88
CA ASP R 377 -7.56 -21.36 -52.28
C ASP R 377 -7.73 -22.57 -53.19
N ILE R 401 4.17 -21.83 -47.28
CA ILE R 401 3.83 -23.12 -47.86
C ILE R 401 3.36 -24.10 -46.77
N ASN R 402 4.21 -24.38 -45.78
CA ASN R 402 3.71 -25.11 -44.63
C ASN R 402 2.59 -24.37 -43.92
N GLN R 403 2.48 -23.05 -44.14
CA GLN R 403 1.30 -22.30 -43.72
C GLN R 403 0.05 -22.88 -44.37
N VAL R 404 0.05 -22.97 -45.71
CA VAL R 404 -1.09 -23.56 -46.42
C VAL R 404 -1.33 -24.98 -45.94
N ILE R 405 -0.26 -25.71 -45.60
CA ILE R 405 -0.45 -26.99 -44.93
C ILE R 405 -1.36 -26.82 -43.72
N LYS R 406 -0.94 -25.98 -42.76
CA LYS R 406 -1.73 -25.86 -41.53
C LYS R 406 -3.17 -25.44 -41.83
N HIS R 407 -3.41 -24.71 -42.92
CA HIS R 407 -4.78 -24.37 -43.29
C HIS R 407 -5.56 -25.58 -43.79
N ILE R 408 -4.88 -26.54 -44.44
CA ILE R 408 -5.59 -27.72 -44.94
C ILE R 408 -5.76 -28.78 -43.83
N HIS R 409 -4.73 -29.00 -43.02
CA HIS R 409 -4.89 -29.66 -41.74
C HIS R 409 -6.11 -29.11 -41.01
N TYR R 410 -6.19 -27.78 -40.97
CA TYR R 410 -7.23 -27.07 -40.25
C TYR R 410 -8.63 -27.45 -40.75
N VAL R 411 -8.86 -27.31 -42.07
CA VAL R 411 -10.18 -27.66 -42.60
C VAL R 411 -10.48 -29.14 -42.33
N ARG R 412 -9.47 -30.00 -42.48
CA ARG R 412 -9.67 -31.41 -42.14
C ARG R 412 -10.19 -31.58 -40.73
N THR R 413 -9.76 -30.71 -39.79
CA THR R 413 -10.23 -30.84 -38.40
C THR R 413 -11.69 -30.40 -38.26
N PHE R 414 -12.04 -29.22 -38.78
CA PHE R 414 -13.39 -28.72 -38.50
C PHE R 414 -14.47 -29.48 -39.23
N LEU R 415 -14.16 -30.11 -40.37
CA LEU R 415 -15.16 -30.92 -41.05
C LEU R 415 -15.69 -32.03 -40.14
N LYS R 416 -14.83 -32.70 -39.39
CA LYS R 416 -15.32 -33.78 -38.53
C LYS R 416 -15.80 -33.28 -37.17
N ILE R 417 -15.14 -32.26 -36.60
CA ILE R 417 -15.76 -31.67 -35.41
C ILE R 417 -17.13 -31.13 -35.75
N CYS R 418 -17.42 -30.96 -37.04
CA CYS R 418 -18.76 -30.77 -37.59
C CYS R 418 -19.43 -32.08 -37.99
N LEU R 419 -18.70 -33.19 -38.00
CA LEU R 419 -19.42 -34.44 -37.81
C LEU R 419 -19.96 -34.54 -36.40
N ASP R 420 -19.69 -33.53 -35.55
CA ASP R 420 -20.58 -33.15 -34.44
C ASP R 420 -21.96 -33.76 -34.65
N LYS R 421 -22.75 -33.17 -35.54
CA LYS R 421 -23.76 -33.88 -36.31
C LYS R 421 -24.14 -33.08 -37.56
N GLY R 422 -25.15 -32.21 -37.42
CA GLY R 422 -25.70 -31.51 -38.57
C GLY R 422 -25.98 -32.44 -39.74
N GLY R 423 -25.23 -32.32 -40.84
CA GLY R 423 -25.20 -33.32 -41.88
C GLY R 423 -25.00 -32.79 -43.28
N PHE R 424 -23.75 -32.54 -43.69
CA PHE R 424 -23.45 -31.84 -44.93
C PHE R 424 -22.49 -32.58 -45.85
N ALA R 425 -22.41 -32.06 -47.09
CA ALA R 425 -21.20 -32.06 -47.92
C ALA R 425 -20.99 -33.30 -48.78
N VAL R 426 -22.08 -33.99 -49.15
CA VAL R 426 -22.06 -35.41 -49.49
C VAL R 426 -20.77 -35.84 -50.20
N PRO R 427 -20.30 -37.02 -49.81
CA PRO R 427 -18.90 -37.22 -49.45
C PRO R 427 -18.08 -35.98 -49.19
N SER R 428 -17.70 -35.91 -47.91
CA SER R 428 -16.52 -35.19 -47.46
C SER R 428 -15.29 -35.63 -48.24
N ARG R 429 -15.41 -36.76 -48.96
CA ARG R 429 -14.40 -37.19 -49.92
C ARG R 429 -14.40 -36.33 -51.18
N LEU R 430 -15.47 -35.55 -51.42
CA LEU R 430 -15.38 -34.49 -52.43
C LEU R 430 -14.57 -33.33 -51.90
N ILE R 431 -14.94 -32.83 -50.71
CA ILE R 431 -14.15 -31.81 -50.03
C ILE R 431 -12.69 -32.23 -49.97
N GLU R 432 -12.45 -33.54 -49.84
CA GLU R 432 -11.14 -34.11 -49.61
C GLU R 432 -10.40 -34.42 -50.91
N ASN R 433 -11.13 -34.74 -51.97
CA ASN R 433 -10.54 -34.76 -53.30
C ASN R 433 -10.07 -33.36 -53.68
N GLN R 434 -10.88 -32.34 -53.35
CA GLN R 434 -10.41 -30.97 -53.47
C GLN R 434 -9.19 -30.74 -52.60
N LEU R 435 -9.21 -31.25 -51.38
CA LEU R 435 -8.07 -31.06 -50.49
C LEU R 435 -6.81 -31.77 -51.01
N LYS R 436 -6.97 -32.74 -51.91
CA LYS R 436 -5.83 -33.41 -52.55
C LYS R 436 -5.36 -32.66 -53.80
N SER R 437 -6.29 -32.12 -54.61
CA SER R 437 -5.91 -31.11 -55.58
C SER R 437 -5.06 -30.03 -54.91
N PHE R 438 -5.42 -29.67 -53.67
CA PHE R 438 -4.57 -28.80 -52.88
C PHE R 438 -3.26 -29.50 -52.53
N GLU R 439 -3.34 -30.76 -52.08
CA GLU R 439 -2.16 -31.47 -51.59
C GLU R 439 -1.07 -31.59 -52.65
N SER R 440 -1.41 -31.49 -53.91
CA SER R 440 -0.44 -31.31 -54.98
C SER R 440 0.57 -30.22 -54.62
#